data_9L2L
#
_entry.id   9L2L
#
loop_
_entity.id
_entity.type
_entity.pdbx_description
1 polymer 'Spike glycoprotein'
2 polymer 'XGi-198 heavy chain'
3 polymer 'XGi-198 light chain'
4 branched 2-acetamido-2-deoxy-beta-D-glucopyranose-(1-4)-2-acetamido-2-deoxy-beta-D-glucopyranose
5 branched beta-D-mannopyranose-(1-4)-2-acetamido-2-deoxy-beta-D-glucopyranose-(1-4)-2-acetamido-2-deoxy-beta-D-glucopyranose
6 non-polymer 2-acetamido-2-deoxy-beta-D-glucopyranose
#
loop_
_entity_poly.entity_id
_entity_poly.type
_entity_poly.pdbx_seq_one_letter_code
_entity_poly.pdbx_strand_id
1 'polypeptide(L)'
;MPMGSLQPLATLYLLGMLVASVLAQCVNLITRTQSYTNSFTRGVYYPDKVFRSSVLHSTHDLFLPFFSNVTWFHAIHVSG
TNGTKRFDNPALPFNDGVYFASTEKSNIIRGWIFGTTLDSKTQSLLIVNNATNVVIKVCEFQFCNDPFLDVYQKNNKSWM
ESEFRVYSSANNCTFEYVSQPFLMDLEGKEGNFKNLREFVFKNIDGYFKIYSKHTPINLERDLPQGFSALEPLVDLPIGI
NITRFQTLLALHRSYLTPVDSSSGWTAGAAAYYVGYLQPRTFLLKYNENGTITDAVDCALDPLSETKCTLKSFTVEKGIY
QTSNFRVQPTESIVRFPNITNLCPFHEVFNATTFASVYAWNRKRISNCVADYSVIYNFAPFFAFKCYGVSPTKLNDLCFT
NVYADSFVIRGNEVSQIAPGQTGNIADYNYKLPDDFTGCVIAWNSNKLDSKPSGNYNYLYRLLRKSKLKPFERDISTEIY
QAGNKPCNGVAGPNCYSPLQSYGFRPTYGVGHQPYRVVVLSFELLHAPATVCGPKKSTNLVKNKCVNFNFNGLTGTGVLT
ESNKKFLPFQQFGRDIADTTDAVRDPQTLEILDITPCSFGGVSVITPGTNTSNQVAVLYQGVNCTEVPVAIHADQLTPTW
RVYSTGSNVFQTRAGCLIGAEYVNNSYECDIPIGAGICASYQTQTKSHGSASSVASQSIIAYTMSLGAENSVAYSNNSIA
IPTNFTISVTTEILPVSMTKTSVDCTMYICGDSTECSNLLLQYGSFCTQLKRALTGIAVEQDKNTQEVFAQVKQIYKTPP
IKYFGGFNFSQILPDPSKPSKRSPIEDLLFNKVTLADAGFIKQYGDCLGDIAARDLICAQKFNGLTVLPPLLTDEMIAQY
TSALLAGTITSGWTFGAGPALQIPFPMQMAYRFNGIGVTQNVLYENQKLIANQFNSAIGKIQDSLSSTPSALGKLQDVVN
HNAQALNTLVKQLSSKFGAISSVLNDILSRLDPPEAEVQIDRLITGRLQSLQTYVTQQLIRAAEIRASANLAATKMSECV
LGQSKRVDFCGKGYHLMSFPQSAPHGVVFLHVTYVPAQEKNFTTAPAICHDGKAHFPREGVFVSNGTHWFVTQRNFYEPQ
IITTDNTFVSGNCDVVIGIVNNTVYDPLQPELDSFKEELDKYFKNHTSPDVDLGDISGINASVVNIQKEIDRLNEVAKNL
NESLIDLQELGKYEQGSGYIPEAPRDGQAYVRKDGEWVFLSTFLSGLEVLFQGPGGWSHPQFEKGGGSGGGSGGSAWSHP
QFEKGGSHHHHHHHH
;
D,E,F,A,B,C
2 'polypeptide(L)'
;QVQLQESGPGLVRPSQTLSLTCTVSGGSVRNEYYYWSWIRQPPGQGLEWIGYMHNSGNTYYNPSLKSRVAISVDMSKNQF
SLKLSSVTVADTAVYYCARVDVGGTLVSTFDHWGQGILVTVSSASTKGPSVFPLAPSSKSTSGGTAALGCLVKDYFPEPV
TVSWNSGALTSGVHTFPAVLQSSGLYSLSSVVTVPSSSLGTQTYICNVNHKPSNTKVDKRVEPKSCDKTHTCPPCPAPEL
LGGPSVFLFPPKPKDTLMISRTPEVTCVVVDVSHEDPEVKFNWYVDGVEVHNAKTKPREEQYNSTYRVVSVLTVLHQDWL
NGKEYKCKVSNKALPAPIEKTISKAKGQPREPQVYTLPPSREEMTKNQVSLTCLVKGFYPSDIAVEWESNGQPENNYKTT
PPVLDSDGSFFLYSKLTVDKSRWQQGNVFSCSVMHEALHNHYTQKSLSLSPGK
;
G,K,O,J,H,I
3 'polypeptide(L)'
;EFMLTQPHSVSESPEMTVTISCTGSSGSIADNYVQWYQQRPGSAPTTVIYENYQRPSGVPNRFSGSIDSSSNSASLTISG
LKTEDEADYYCQSYDNSNVAVFGGGTQLTVLGQPKAAPSVTLFPPSSEELQANKATLVCLISDFYPGAVTVAWKADSSPV
KAGVETTTPSKQSNNKYAASSYLSLTPEQWKSHRSYSCQVTHEGSTVEKTVAPTECS
;
P,Q,R,N,M,L
#
loop_
_chem_comp.id
_chem_comp.type
_chem_comp.name
_chem_comp.formula
BMA D-saccharide, beta linking beta-D-mannopyranose 'C6 H12 O6'
NAG D-saccharide, beta linking 2-acetamido-2-deoxy-beta-D-glucopyranose 'C8 H15 N O6'
#
# COMPACT_ATOMS: atom_id res chain seq x y z
N GLN A 25 9.92 62.75 -89.42
CA GLN A 25 8.96 62.91 -88.33
C GLN A 25 9.66 63.13 -87.00
N CYS A 26 9.08 64.02 -86.18
CA CYS A 26 9.59 64.30 -84.84
C CYS A 26 11.04 64.77 -84.88
N VAL A 27 11.25 65.93 -85.50
CA VAL A 27 12.60 66.48 -85.60
C VAL A 27 13.09 66.86 -84.20
N ASN A 28 14.41 67.01 -84.07
CA ASN A 28 15.01 67.34 -82.78
C ASN A 28 14.57 68.73 -82.31
N LEU A 29 14.62 68.93 -81.00
CA LEU A 29 14.14 70.16 -80.39
C LEU A 29 15.19 71.27 -80.54
N ILE A 30 14.78 72.41 -81.09
CA ILE A 30 15.63 73.58 -81.23
C ILE A 30 14.79 74.81 -80.90
N THR A 31 15.29 75.66 -80.00
CA THR A 31 14.60 76.88 -79.64
C THR A 31 14.66 77.86 -80.81
N ARG A 32 13.48 78.24 -81.32
CA ARG A 32 13.39 79.08 -82.50
C ARG A 32 12.27 80.09 -82.35
N THR A 33 12.26 81.07 -83.27
CA THR A 33 11.22 82.10 -83.40
C THR A 33 10.69 82.58 -82.05
N GLN A 34 11.58 83.09 -81.20
CA GLN A 34 11.22 83.62 -79.90
C GLN A 34 11.50 85.12 -79.85
N SER A 35 10.51 85.89 -79.43
CA SER A 35 10.62 87.34 -79.37
C SER A 35 9.63 87.88 -78.35
N TYR A 36 9.72 89.18 -78.11
CA TYR A 36 8.87 89.86 -77.14
C TYR A 36 8.01 90.91 -77.82
N THR A 37 6.82 91.15 -77.26
CA THR A 37 5.88 92.10 -77.80
C THR A 37 4.97 92.58 -76.68
N ASN A 38 4.44 93.79 -76.85
CA ASN A 38 3.51 94.39 -75.89
C ASN A 38 2.15 94.56 -76.56
N SER A 39 1.10 94.12 -75.86
CA SER A 39 -0.26 94.24 -76.35
C SER A 39 -1.11 94.94 -75.30
N PHE A 40 -2.29 95.40 -75.71
CA PHE A 40 -3.12 96.19 -74.81
C PHE A 40 -4.53 95.62 -74.67
N THR A 41 -5.04 94.96 -75.71
CA THR A 41 -6.43 94.51 -75.72
C THR A 41 -6.49 93.13 -76.34
N ARG A 42 -7.69 92.73 -76.77
CA ARG A 42 -8.05 91.49 -77.45
C ARG A 42 -8.12 90.31 -76.48
N GLY A 43 -8.18 90.54 -75.18
CA GLY A 43 -8.27 89.44 -74.23
C GLY A 43 -9.53 89.44 -73.39
N VAL A 44 -10.66 89.81 -74.01
CA VAL A 44 -11.95 89.88 -73.32
C VAL A 44 -12.85 88.80 -73.91
N TYR A 45 -13.58 88.10 -73.03
CA TYR A 45 -14.48 87.04 -73.43
C TYR A 45 -15.72 87.06 -72.55
N TYR A 46 -16.72 86.28 -72.93
CA TYR A 46 -17.96 86.20 -72.17
C TYR A 46 -17.72 85.46 -70.86
N PRO A 47 -18.02 86.04 -69.71
CA PRO A 47 -17.80 85.34 -68.45
C PRO A 47 -18.83 84.27 -68.14
N ASP A 48 -20.03 84.36 -68.72
CA ASP A 48 -21.08 83.39 -68.47
C ASP A 48 -22.08 83.45 -69.62
N LYS A 49 -23.00 82.49 -69.60
CA LYS A 49 -24.00 82.35 -70.66
C LYS A 49 -25.28 83.12 -70.37
N VAL A 50 -25.19 84.42 -70.11
CA VAL A 50 -26.35 85.25 -69.80
C VAL A 50 -26.38 86.45 -70.73
N PHE A 51 -27.56 87.02 -70.91
CA PHE A 51 -27.75 88.21 -71.73
C PHE A 51 -28.00 89.43 -70.85
N ARG A 52 -27.49 90.57 -71.29
CA ARG A 52 -27.67 91.83 -70.59
C ARG A 52 -27.89 92.94 -71.61
N SER A 53 -28.85 93.82 -71.33
CA SER A 53 -29.18 94.89 -72.27
C SER A 53 -28.33 96.13 -72.03
N SER A 54 -28.36 96.68 -70.82
CA SER A 54 -27.58 97.87 -70.50
C SER A 54 -26.86 97.70 -69.16
N VAL A 55 -26.84 96.48 -68.65
CA VAL A 55 -26.25 96.22 -67.34
C VAL A 55 -24.73 96.34 -67.43
N LEU A 56 -24.16 97.15 -66.53
CA LEU A 56 -22.70 97.29 -66.44
C LEU A 56 -22.15 96.27 -65.43
N HIS A 57 -22.26 95.01 -65.81
CA HIS A 57 -21.92 93.91 -64.91
C HIS A 57 -20.41 93.83 -64.67
N SER A 58 -20.05 93.42 -63.46
CA SER A 58 -18.65 93.28 -63.08
C SER A 58 -18.43 91.85 -62.59
N THR A 59 -17.19 91.38 -62.73
CA THR A 59 -16.85 90.02 -62.35
C THR A 59 -15.38 89.96 -61.99
N HIS A 60 -15.01 88.88 -61.29
CA HIS A 60 -13.64 88.63 -60.86
C HIS A 60 -13.27 87.21 -61.29
N ASP A 61 -12.72 87.09 -62.50
CA ASP A 61 -12.39 85.79 -63.06
C ASP A 61 -11.04 85.91 -63.76
N LEU A 62 -10.68 84.86 -64.51
CA LEU A 62 -9.42 84.85 -65.24
C LEU A 62 -9.55 85.62 -66.54
N PHE A 63 -8.67 86.59 -66.76
CA PHE A 63 -8.68 87.40 -67.95
C PHE A 63 -7.25 87.73 -68.35
N LEU A 64 -7.10 88.31 -69.55
CA LEU A 64 -5.81 88.78 -70.01
C LEU A 64 -5.62 90.23 -69.57
N PRO A 65 -4.63 90.53 -68.74
CA PRO A 65 -4.45 91.92 -68.29
C PRO A 65 -4.02 92.82 -69.43
N PHE A 66 -4.54 94.05 -69.42
CA PHE A 66 -4.17 95.02 -70.42
C PHE A 66 -2.72 95.49 -70.18
N PHE A 67 -2.08 95.92 -71.27
CA PHE A 67 -0.67 96.33 -71.24
C PHE A 67 0.21 95.21 -70.67
N SER A 68 0.18 94.08 -71.37
CA SER A 68 0.85 92.88 -70.90
C SER A 68 2.06 92.58 -71.77
N ASN A 69 2.83 91.57 -71.36
CA ASN A 69 4.04 91.15 -72.05
C ASN A 69 3.74 89.89 -72.86
N VAL A 70 3.23 90.10 -74.07
CA VAL A 70 2.81 89.00 -74.92
C VAL A 70 4.02 88.50 -75.73
N THR A 71 4.33 87.22 -75.58
CA THR A 71 5.43 86.61 -76.31
C THR A 71 4.99 86.29 -77.73
N TRP A 72 5.81 86.67 -78.71
CA TRP A 72 5.48 86.51 -80.12
C TRP A 72 6.28 85.38 -80.73
N PHE A 73 5.66 84.64 -81.66
CA PHE A 73 6.31 83.56 -82.40
C PHE A 73 5.98 83.72 -83.87
N HIS A 74 6.99 84.02 -84.68
CA HIS A 74 6.80 84.20 -86.11
C HIS A 74 6.88 82.89 -86.89
N ALA A 75 7.21 81.79 -86.22
CA ALA A 75 7.23 80.46 -86.84
C ALA A 75 8.16 80.42 -88.05
N ILE A 76 9.45 80.66 -87.80
CA ILE A 76 10.52 80.65 -88.80
C ILE A 76 10.11 81.32 -90.11
N PRO A 90 10.62 74.89 -77.46
CA PRO A 90 9.89 73.86 -76.72
C PRO A 90 8.37 74.03 -76.82
N ALA A 91 7.64 73.52 -75.84
CA ALA A 91 6.20 73.61 -75.85
C ALA A 91 5.73 74.82 -75.05
N LEU A 92 4.48 75.23 -75.29
CA LEU A 92 3.94 76.40 -74.63
C LEU A 92 3.42 76.02 -73.24
N PRO A 93 3.90 76.67 -72.18
CA PRO A 93 3.40 76.36 -70.83
C PRO A 93 1.94 76.77 -70.67
N PHE A 94 1.32 76.25 -69.62
CA PHE A 94 -0.10 76.47 -69.33
C PHE A 94 -0.28 76.81 -67.86
N ASN A 95 0.55 77.75 -67.37
CA ASN A 95 0.56 78.08 -65.95
C ASN A 95 -0.82 78.44 -65.42
N ASP A 96 -1.45 79.47 -65.97
CA ASP A 96 -2.78 79.86 -65.52
C ASP A 96 -3.69 80.18 -66.69
N GLY A 97 -3.69 79.32 -67.71
CA GLY A 97 -4.47 79.55 -68.91
C GLY A 97 -3.79 80.51 -69.86
N VAL A 98 -3.91 80.21 -71.15
CA VAL A 98 -3.20 80.93 -72.19
C VAL A 98 -4.18 81.51 -73.19
N TYR A 99 -3.77 82.61 -73.82
CA TYR A 99 -4.53 83.25 -74.89
C TYR A 99 -3.76 83.12 -76.20
N PHE A 100 -4.36 82.47 -77.19
CA PHE A 100 -3.69 82.17 -78.44
C PHE A 100 -4.39 82.88 -79.59
N ALA A 101 -3.60 83.41 -80.52
CA ALA A 101 -4.16 84.09 -81.68
C ALA A 101 -3.16 84.01 -82.84
N SER A 102 -3.68 83.69 -84.02
CA SER A 102 -2.86 83.57 -85.22
C SER A 102 -3.23 84.67 -86.20
N THR A 103 -2.22 85.25 -86.84
CA THR A 103 -2.43 86.36 -87.76
C THR A 103 -2.89 85.92 -89.13
N GLU A 104 -3.02 84.62 -89.38
CA GLU A 104 -3.43 84.10 -90.68
C GLU A 104 -4.73 83.32 -90.54
N LYS A 105 -5.45 83.20 -91.65
CA LYS A 105 -6.70 82.44 -91.71
C LYS A 105 -6.61 81.24 -92.63
N SER A 106 -5.43 80.93 -93.16
CA SER A 106 -5.28 79.81 -94.07
C SER A 106 -5.43 78.48 -93.31
N ASN A 107 -5.52 77.40 -94.09
CA ASN A 107 -5.68 76.07 -93.52
C ASN A 107 -4.33 75.40 -93.33
N ILE A 108 -3.27 76.20 -93.14
CA ILE A 108 -1.94 75.67 -92.93
C ILE A 108 -1.82 74.86 -91.65
N ILE A 109 -2.72 75.06 -90.69
CA ILE A 109 -2.72 74.33 -89.44
C ILE A 109 -4.08 73.65 -89.27
N ARG A 110 -4.09 72.61 -88.46
CA ARG A 110 -5.30 71.84 -88.19
C ARG A 110 -5.66 71.95 -86.71
N GLY A 111 -6.66 71.17 -86.29
CA GLY A 111 -7.09 71.16 -84.91
C GLY A 111 -5.97 70.83 -83.94
N TRP A 112 -5.74 71.71 -82.98
CA TRP A 112 -4.68 71.53 -82.00
C TRP A 112 -5.02 70.40 -81.04
N ILE A 113 -4.05 70.05 -80.20
CA ILE A 113 -4.20 68.99 -79.21
C ILE A 113 -3.83 69.55 -77.84
N PHE A 114 -4.46 69.01 -76.81
CA PHE A 114 -4.22 69.43 -75.44
C PHE A 114 -3.89 68.22 -74.58
N GLY A 115 -3.30 68.49 -73.42
CA GLY A 115 -2.98 67.44 -72.49
C GLY A 115 -2.07 67.95 -71.39
N THR A 116 -1.85 67.09 -70.40
CA THR A 116 -0.94 67.41 -69.31
C THR A 116 0.51 67.37 -69.81
N THR A 117 1.44 67.67 -68.90
CA THR A 117 2.86 67.48 -69.19
C THR A 117 3.10 66.05 -69.65
N LEU A 118 3.89 65.90 -70.71
CA LEU A 118 4.02 64.61 -71.40
C LEU A 118 4.24 63.47 -70.41
N ASP A 119 5.42 63.42 -69.79
CA ASP A 119 5.71 62.53 -68.66
C ASP A 119 5.20 61.11 -68.88
N SER A 120 5.68 60.45 -69.94
CA SER A 120 5.38 59.04 -70.20
C SER A 120 3.89 58.80 -70.41
N LYS A 121 3.34 59.28 -71.53
CA LYS A 121 1.98 58.96 -71.95
C LYS A 121 0.92 59.41 -70.95
N THR A 122 0.80 60.71 -70.75
CA THR A 122 -0.26 61.26 -69.90
C THR A 122 -1.55 61.32 -70.72
N GLN A 123 -2.59 61.88 -70.09
CA GLN A 123 -3.85 62.08 -70.78
C GLN A 123 -3.70 63.11 -71.89
N SER A 124 -4.64 63.11 -72.82
CA SER A 124 -4.56 63.99 -73.98
C SER A 124 -5.94 64.44 -74.40
N LEU A 125 -5.96 65.43 -75.30
CA LEU A 125 -7.18 65.95 -75.90
C LEU A 125 -6.96 66.09 -77.39
N LEU A 126 -7.95 65.69 -78.19
CA LEU A 126 -7.78 65.63 -79.64
C LEU A 126 -8.92 66.38 -80.33
N ILE A 127 -8.52 67.25 -81.26
CA ILE A 127 -9.45 67.93 -82.15
C ILE A 127 -8.84 67.92 -83.55
N VAL A 128 -9.67 67.58 -84.54
CA VAL A 128 -9.23 67.43 -85.91
C VAL A 128 -9.92 68.48 -86.77
N ASN A 129 -9.22 68.94 -87.82
CA ASN A 129 -9.76 69.91 -88.75
C ASN A 129 -10.46 69.16 -89.87
N ASN A 130 -11.70 68.77 -89.60
CA ASN A 130 -12.51 68.03 -90.56
C ASN A 130 -13.12 68.98 -91.57
N ALA A 131 -13.74 68.40 -92.61
CA ALA A 131 -14.41 69.22 -93.62
C ALA A 131 -15.70 69.82 -93.09
N THR A 132 -16.61 68.99 -92.58
CA THR A 132 -17.86 69.48 -92.02
C THR A 132 -18.08 68.92 -90.62
N ASN A 133 -17.69 67.66 -90.40
CA ASN A 133 -17.92 67.01 -89.12
C ASN A 133 -16.67 67.02 -88.24
N VAL A 134 -16.37 68.18 -87.63
CA VAL A 134 -15.22 68.30 -86.74
C VAL A 134 -15.48 67.50 -85.48
N VAL A 135 -14.77 66.39 -85.31
CA VAL A 135 -14.98 65.53 -84.16
C VAL A 135 -13.92 65.82 -83.09
N ILE A 136 -14.30 65.56 -81.84
CA ILE A 136 -13.42 65.76 -80.69
C ILE A 136 -13.44 64.49 -79.85
N LYS A 137 -12.26 64.06 -79.41
CA LYS A 137 -12.15 62.81 -78.66
C LYS A 137 -11.06 62.95 -77.60
N VAL A 138 -11.16 62.11 -76.57
CA VAL A 138 -10.17 62.03 -75.51
C VAL A 138 -9.39 60.73 -75.69
N CYS A 139 -8.08 60.78 -75.54
CA CYS A 139 -7.25 59.60 -75.75
C CYS A 139 -5.98 59.73 -74.92
N GLU A 140 -5.12 58.72 -75.04
CA GLU A 140 -3.86 58.67 -74.33
C GLU A 140 -2.85 57.91 -75.18
N PHE A 141 -1.65 58.47 -75.32
CA PHE A 141 -0.65 57.93 -76.23
C PHE A 141 0.70 58.57 -75.92
N GLN A 142 1.70 58.21 -76.73
CA GLN A 142 3.03 58.78 -76.63
C GLN A 142 3.03 60.22 -77.15
N PHE A 143 4.18 60.87 -77.03
CA PHE A 143 4.33 62.26 -77.44
C PHE A 143 5.69 62.47 -78.09
N CYS A 144 5.74 63.44 -79.00
CA CYS A 144 6.98 63.87 -79.61
C CYS A 144 6.89 65.35 -79.97
N ASN A 145 7.79 65.83 -80.83
CA ASN A 145 7.89 67.27 -81.08
C ASN A 145 7.70 67.55 -82.57
N ASP A 146 7.25 68.77 -82.85
CA ASP A 146 7.16 69.35 -84.19
C ASP A 146 6.40 68.47 -85.18
N PRO A 147 5.07 68.36 -85.06
CA PRO A 147 4.28 67.68 -86.10
C PRO A 147 4.09 68.56 -87.34
N PHE A 148 5.18 68.79 -88.05
CA PHE A 148 5.17 69.74 -89.16
C PHE A 148 4.43 69.16 -90.37
N LEU A 149 4.05 70.05 -91.28
CA LEU A 149 3.39 69.69 -92.53
C LEU A 149 4.15 70.27 -93.70
N ASP A 150 4.18 69.55 -94.81
CA ASP A 150 4.87 70.00 -96.01
C ASP A 150 4.24 69.35 -97.23
N VAL A 151 4.30 70.05 -98.35
CA VAL A 151 3.72 69.56 -99.60
C VAL A 151 4.56 68.40 -100.14
N MET A 160 -0.85 68.91 -95.61
CA MET A 160 -0.74 68.00 -96.75
C MET A 160 -0.54 66.57 -96.29
N GLU A 161 -0.38 66.39 -94.98
CA GLU A 161 -0.20 65.09 -94.37
C GLU A 161 -1.14 64.96 -93.18
N SER A 162 -2.04 63.97 -93.24
CA SER A 162 -3.06 63.79 -92.21
C SER A 162 -2.78 62.61 -91.28
N GLU A 163 -1.63 61.97 -91.40
CA GLU A 163 -1.30 60.86 -90.52
C GLU A 163 -0.91 61.37 -89.14
N PHE A 164 -0.90 60.45 -88.17
CA PHE A 164 -0.48 60.78 -86.81
C PHE A 164 1.03 60.88 -86.76
N ARG A 165 1.55 62.10 -86.74
CA ARG A 165 2.99 62.34 -86.78
C ARG A 165 3.66 62.38 -85.41
N VAL A 166 2.88 62.55 -84.34
CA VAL A 166 3.41 62.62 -82.99
C VAL A 166 3.16 61.35 -82.21
N TYR A 167 1.95 60.79 -82.25
CA TYR A 167 1.61 59.60 -81.48
C TYR A 167 1.31 58.45 -82.42
N SER A 168 1.44 57.23 -81.89
CA SER A 168 1.17 56.03 -82.69
C SER A 168 0.43 54.97 -81.88
N SER A 169 -0.40 55.37 -80.94
CA SER A 169 -1.12 54.42 -80.11
C SER A 169 -2.41 55.07 -79.59
N ALA A 170 -3.26 54.24 -78.99
CA ALA A 170 -4.51 54.72 -78.40
C ALA A 170 -4.85 53.79 -77.24
N ASN A 171 -4.48 54.20 -76.02
CA ASN A 171 -4.72 53.35 -74.86
C ASN A 171 -6.03 53.73 -74.17
N ASN A 172 -6.14 54.97 -73.72
CA ASN A 172 -7.35 55.45 -73.04
C ASN A 172 -8.16 56.37 -73.96
N CYS A 173 -8.59 55.79 -75.09
CA CYS A 173 -9.34 56.54 -76.09
C CYS A 173 -10.83 56.51 -75.77
N THR A 174 -11.56 57.50 -76.27
CA THR A 174 -13.00 57.61 -76.07
C THR A 174 -13.68 57.82 -77.41
N PHE A 175 -15.01 57.73 -77.39
CA PHE A 175 -15.78 57.92 -78.61
C PHE A 175 -15.73 59.37 -79.06
N GLU A 176 -15.66 59.58 -80.36
CA GLU A 176 -15.56 60.92 -80.93
C GLU A 176 -16.93 61.58 -80.96
N TYR A 177 -16.99 62.84 -80.55
CA TYR A 177 -18.24 63.59 -80.57
C TYR A 177 -18.30 64.47 -81.82
N VAL A 178 -19.40 64.37 -82.55
CA VAL A 178 -19.60 65.10 -83.80
C VAL A 178 -20.07 66.52 -83.45
N SER A 179 -19.42 67.51 -84.06
CA SER A 179 -19.76 68.91 -83.81
C SER A 179 -19.38 69.74 -85.02
N GLN A 180 -20.01 70.90 -85.13
CA GLN A 180 -19.73 71.81 -86.23
C GLN A 180 -18.39 72.52 -86.01
N PRO A 181 -17.69 72.88 -87.10
CA PRO A 181 -16.40 73.58 -87.02
C PRO A 181 -16.49 74.89 -86.26
N ASN A 195 -8.10 87.18 -92.11
CA ASN A 195 -8.77 87.72 -90.94
C ASN A 195 -8.15 87.19 -89.65
N LEU A 196 -8.19 88.00 -88.60
CA LEU A 196 -7.62 87.62 -87.31
C LEU A 196 -8.62 86.80 -86.50
N ARG A 197 -8.12 85.73 -85.90
CA ARG A 197 -8.93 84.84 -85.08
C ARG A 197 -8.40 84.85 -83.65
N GLU A 198 -9.31 84.96 -82.69
CA GLU A 198 -8.96 84.97 -81.28
C GLU A 198 -9.32 83.64 -80.63
N PHE A 199 -8.53 83.23 -79.66
CA PHE A 199 -8.76 81.99 -78.93
C PHE A 199 -8.26 82.13 -77.50
N VAL A 200 -9.10 81.72 -76.55
CA VAL A 200 -8.76 81.76 -75.13
C VAL A 200 -8.93 80.36 -74.57
N PHE A 201 -7.91 79.91 -73.82
CA PHE A 201 -7.91 78.56 -73.25
C PHE A 201 -7.61 78.63 -71.76
N LYS A 202 -8.53 78.09 -70.97
CA LYS A 202 -8.34 77.96 -69.53
C LYS A 202 -9.03 76.70 -69.06
N ASN A 203 -8.43 76.03 -68.07
CA ASN A 203 -8.95 74.76 -67.56
C ASN A 203 -9.68 75.01 -66.26
N ILE A 204 -11.00 75.15 -66.36
CA ILE A 204 -11.83 75.30 -65.17
C ILE A 204 -11.93 73.95 -64.46
N ASP A 205 -12.31 73.98 -63.18
CA ASP A 205 -12.43 72.75 -62.41
C ASP A 205 -13.43 71.79 -63.03
N GLY A 206 -14.40 72.30 -63.77
CA GLY A 206 -15.37 71.46 -64.44
C GLY A 206 -15.04 71.24 -65.91
N TYR A 207 -15.84 71.85 -66.78
CA TYR A 207 -15.60 71.72 -68.22
C TYR A 207 -14.38 72.53 -68.64
N PHE A 208 -13.70 72.06 -69.68
CA PHE A 208 -12.60 72.81 -70.25
C PHE A 208 -13.15 73.96 -71.09
N LYS A 209 -12.57 75.15 -70.90
CA LYS A 209 -13.11 76.38 -71.48
C LYS A 209 -12.32 76.74 -72.74
N ILE A 210 -13.04 76.90 -73.84
CA ILE A 210 -12.45 77.29 -75.12
C ILE A 210 -13.32 78.36 -75.76
N TYR A 211 -12.69 79.45 -76.22
CA TYR A 211 -13.39 80.55 -76.86
C TYR A 211 -12.84 80.77 -78.26
N SER A 212 -13.62 81.45 -79.10
CA SER A 212 -13.24 81.70 -80.47
C SER A 212 -13.89 82.99 -80.95
N LYS A 213 -13.31 83.57 -82.00
CA LYS A 213 -13.81 84.79 -82.60
C LYS A 213 -13.17 84.97 -83.96
N HIS A 214 -13.83 85.76 -84.81
CA HIS A 214 -13.34 86.04 -86.16
C HIS A 214 -13.53 87.52 -86.45
N THR A 215 -12.42 88.25 -86.61
CA THR A 215 -12.45 89.67 -86.90
C THR A 215 -11.39 89.97 -87.95
N PRO A 216 -11.75 90.63 -89.05
CA PRO A 216 -10.75 90.92 -90.08
C PRO A 216 -9.85 92.08 -89.68
N ILE A 217 -8.61 92.02 -90.14
CA ILE A 217 -7.60 93.03 -89.86
C ILE A 217 -6.91 93.42 -91.16
N ASN A 218 -6.64 94.72 -91.32
CA ASN A 218 -5.95 95.20 -92.52
C ASN A 218 -4.94 96.29 -92.20
N LEU A 219 -4.33 96.24 -91.01
CA LEU A 219 -3.36 97.24 -90.59
C LEU A 219 -2.20 96.55 -89.88
N GLU A 220 -1.21 97.35 -89.49
CA GLU A 220 -0.04 96.83 -88.80
C GLU A 220 -0.37 96.45 -87.36
N PRO A 224 -4.03 94.70 -83.79
CA PRO A 224 -5.04 95.76 -83.79
C PRO A 224 -5.42 96.21 -82.38
N GLN A 225 -6.28 97.22 -82.27
CA GLN A 225 -6.75 97.71 -81.00
C GLN A 225 -8.27 97.84 -81.04
N GLY A 226 -8.92 97.29 -80.01
CA GLY A 226 -10.37 97.33 -79.95
C GLY A 226 -10.89 96.31 -78.96
N PHE A 227 -12.17 95.95 -79.14
CA PHE A 227 -12.83 94.96 -78.29
C PHE A 227 -13.51 93.93 -79.16
N SER A 228 -13.15 92.67 -78.96
CA SER A 228 -13.64 91.55 -79.77
C SER A 228 -14.05 90.41 -78.85
N ALA A 229 -14.91 90.73 -77.88
CA ALA A 229 -15.37 89.76 -76.88
C ALA A 229 -15.76 88.44 -77.54
N LEU A 230 -15.12 87.36 -77.12
CA LEU A 230 -15.30 86.07 -77.77
C LEU A 230 -16.56 85.38 -77.27
N GLU A 231 -16.89 84.26 -77.91
CA GLU A 231 -18.02 83.41 -77.57
C GLU A 231 -17.55 81.99 -77.31
N PRO A 232 -18.20 81.27 -76.38
CA PRO A 232 -17.75 79.90 -76.09
C PRO A 232 -17.93 79.00 -77.30
N LEU A 233 -16.90 78.20 -77.58
CA LEU A 233 -16.92 77.39 -78.79
C LEU A 233 -17.73 76.11 -78.59
N VAL A 234 -17.29 75.25 -77.66
CA VAL A 234 -18.01 74.01 -77.37
C VAL A 234 -18.16 73.81 -75.87
N ASP A 235 -17.04 73.73 -75.16
CA ASP A 235 -17.01 73.46 -73.72
C ASP A 235 -17.87 72.24 -73.38
N LEU A 236 -17.45 71.09 -73.89
CA LEU A 236 -18.17 69.83 -73.67
C LEU A 236 -17.65 69.16 -72.40
N PRO A 237 -18.33 68.14 -71.87
CA PRO A 237 -17.79 67.41 -70.71
C PRO A 237 -16.59 66.57 -71.10
N ILE A 238 -15.43 67.22 -71.17
CA ILE A 238 -14.22 66.62 -71.70
C ILE A 238 -13.23 66.37 -70.57
N GLY A 239 -12.07 65.80 -70.89
CA GLY A 239 -11.06 65.49 -69.88
C GLY A 239 -10.57 66.67 -69.08
N ILE A 240 -9.72 66.40 -68.08
CA ILE A 240 -9.26 67.41 -67.14
C ILE A 240 -7.76 67.25 -66.94
N ASN A 241 -7.19 68.17 -66.16
CA ASN A 241 -5.76 68.19 -65.83
C ASN A 241 -4.90 68.28 -67.10
N ILE A 242 -5.04 69.43 -67.77
CA ILE A 242 -4.28 69.75 -68.97
C ILE A 242 -3.32 70.88 -68.66
N THR A 243 -2.02 70.62 -68.84
CA THR A 243 -1.02 71.65 -68.58
C THR A 243 0.01 71.82 -69.69
N ARG A 244 -0.15 71.15 -70.84
CA ARG A 244 0.81 71.27 -71.92
C ARG A 244 0.07 71.60 -73.21
N PHE A 245 0.67 72.46 -74.04
CA PHE A 245 0.06 72.93 -75.27
C PHE A 245 1.13 73.17 -76.32
N GLN A 246 0.82 72.80 -77.56
CA GLN A 246 1.74 72.99 -78.68
C GLN A 246 0.94 73.00 -79.97
N THR A 247 1.36 73.82 -80.92
CA THR A 247 0.69 74.00 -82.19
C THR A 247 1.55 73.47 -83.33
N LEU A 248 0.90 72.86 -84.32
CA LEU A 248 1.60 72.40 -85.50
C LEU A 248 1.91 73.59 -86.42
N LEU A 249 2.90 73.40 -87.28
CA LEU A 249 3.34 74.45 -88.19
C LEU A 249 3.67 73.85 -89.54
N ALA A 250 3.79 74.73 -90.54
CA ALA A 250 4.14 74.32 -91.89
C ALA A 250 5.56 74.81 -92.21
N LEU A 251 6.42 73.89 -92.63
CA LEU A 251 7.79 74.25 -92.93
C LEU A 251 7.89 74.94 -94.29
N HIS A 252 9.09 75.43 -94.59
CA HIS A 252 9.36 76.11 -95.85
C HIS A 252 9.33 75.12 -97.02
N ALA A 271 3.68 82.67 -87.14
CA ALA A 271 3.17 84.04 -87.05
C ALA A 271 2.03 84.13 -86.04
N TYR A 272 2.34 83.88 -84.77
CA TYR A 272 1.33 83.89 -83.72
C TYR A 272 1.95 84.46 -82.45
N TYR A 273 1.15 84.46 -81.39
CA TYR A 273 1.57 84.99 -80.09
C TYR A 273 0.68 84.41 -79.01
N VAL A 274 1.25 84.23 -77.82
CA VAL A 274 0.54 83.64 -76.70
C VAL A 274 0.76 84.51 -75.46
N GLY A 275 -0.11 84.33 -74.46
CA GLY A 275 -0.02 85.07 -73.23
C GLY A 275 -0.83 84.42 -72.11
N TYR A 276 -0.25 84.35 -70.92
CA TYR A 276 -0.88 83.66 -69.80
C TYR A 276 -1.84 84.59 -69.06
N LEU A 277 -2.85 83.98 -68.44
CA LEU A 277 -3.85 84.73 -67.70
C LEU A 277 -3.53 84.77 -66.21
N GLN A 278 -4.31 85.54 -65.47
CA GLN A 278 -4.18 85.67 -64.03
C GLN A 278 -5.46 86.25 -63.48
N PRO A 279 -5.78 85.99 -62.21
CA PRO A 279 -7.01 86.54 -61.63
C PRO A 279 -6.96 88.07 -61.56
N ARG A 280 -7.87 88.71 -62.29
CA ARG A 280 -7.94 90.16 -62.37
C ARG A 280 -9.39 90.59 -62.27
N THR A 281 -9.63 91.69 -61.55
CA THR A 281 -10.97 92.23 -61.44
C THR A 281 -11.29 93.04 -62.70
N PHE A 282 -12.48 92.79 -63.28
CA PHE A 282 -12.84 93.38 -64.55
C PHE A 282 -14.26 93.95 -64.47
N LEU A 283 -14.56 94.81 -65.45
CA LEU A 283 -15.89 95.38 -65.63
C LEU A 283 -16.27 95.27 -67.10
N LEU A 284 -17.42 94.68 -67.37
CA LEU A 284 -17.85 94.38 -68.74
C LEU A 284 -19.16 95.10 -69.02
N LYS A 285 -19.19 95.92 -70.07
CA LYS A 285 -20.38 96.69 -70.39
C LYS A 285 -21.09 96.10 -71.61
N TYR A 286 -22.38 95.83 -71.46
CA TYR A 286 -23.26 95.49 -72.58
C TYR A 286 -24.08 96.73 -72.91
N ASN A 287 -23.77 97.36 -74.04
CA ASN A 287 -24.31 98.69 -74.31
C ASN A 287 -25.78 98.63 -74.70
N GLU A 288 -26.10 98.05 -75.86
CA GLU A 288 -27.49 97.88 -76.23
C GLU A 288 -27.79 96.59 -76.97
N ASN A 289 -26.81 95.70 -77.19
CA ASN A 289 -27.05 94.51 -77.97
C ASN A 289 -26.46 93.25 -77.34
N GLY A 290 -26.12 93.28 -76.06
CA GLY A 290 -25.50 92.12 -75.44
C GLY A 290 -24.06 91.88 -75.82
N THR A 291 -23.40 92.86 -76.45
CA THR A 291 -22.01 92.74 -76.84
C THR A 291 -21.14 93.57 -75.88
N ILE A 292 -20.04 92.99 -75.43
CA ILE A 292 -19.16 93.65 -74.48
C ILE A 292 -18.31 94.68 -75.21
N THR A 293 -18.20 95.86 -74.62
CA THR A 293 -17.40 96.94 -75.20
C THR A 293 -16.93 97.85 -74.09
N ASP A 294 -15.80 98.51 -74.34
CA ASP A 294 -15.18 99.48 -73.44
C ASP A 294 -14.84 98.89 -72.07
N ALA A 295 -14.52 97.59 -72.01
CA ALA A 295 -14.16 96.96 -70.74
C ALA A 295 -12.86 97.52 -70.18
N VAL A 296 -12.69 97.46 -68.86
CA VAL A 296 -11.49 97.97 -68.20
C VAL A 296 -11.01 96.95 -67.18
N ASP A 297 -9.71 96.95 -66.93
CA ASP A 297 -9.10 96.08 -65.92
C ASP A 297 -8.83 96.91 -64.67
N CYS A 298 -9.37 96.47 -63.53
CA CYS A 298 -9.32 97.27 -62.32
C CYS A 298 -7.90 97.41 -61.77
N ALA A 299 -7.14 96.32 -61.69
CA ALA A 299 -5.81 96.36 -61.10
C ALA A 299 -4.73 96.84 -62.06
N LEU A 300 -5.10 97.30 -63.26
CA LEU A 300 -4.10 97.76 -64.21
C LEU A 300 -3.46 99.07 -63.74
N ASP A 301 -4.26 100.11 -63.58
CA ASP A 301 -3.77 101.41 -63.15
C ASP A 301 -4.70 101.93 -62.07
N PRO A 302 -4.22 102.84 -61.21
CA PRO A 302 -5.10 103.35 -60.14
C PRO A 302 -6.31 104.10 -60.67
N LEU A 303 -6.25 104.59 -61.91
CA LEU A 303 -7.41 105.25 -62.50
C LEU A 303 -8.58 104.28 -62.64
N SER A 304 -8.31 103.06 -63.11
CA SER A 304 -9.37 102.09 -63.29
C SER A 304 -9.92 101.57 -61.97
N GLU A 305 -9.15 101.68 -60.88
CA GLU A 305 -9.68 101.33 -59.57
C GLU A 305 -10.83 102.25 -59.19
N THR A 306 -10.77 103.52 -59.60
CA THR A 306 -11.91 104.41 -59.41
C THR A 306 -13.09 103.98 -60.27
N LYS A 307 -12.82 103.52 -61.49
CA LYS A 307 -13.89 103.07 -62.37
C LYS A 307 -14.56 101.81 -61.83
N CYS A 308 -13.83 100.99 -61.09
CA CYS A 308 -14.40 99.79 -60.49
C CYS A 308 -14.96 100.03 -59.10
N THR A 309 -14.43 101.03 -58.37
CA THR A 309 -15.07 101.44 -57.13
C THR A 309 -16.46 102.01 -57.40
N LEU A 310 -16.59 102.82 -58.45
CA LEU A 310 -17.89 103.24 -58.95
C LEU A 310 -18.45 102.15 -59.85
N LYS A 311 -19.48 102.46 -60.62
CA LYS A 311 -20.03 101.47 -61.54
C LYS A 311 -20.20 102.07 -62.93
N SER A 312 -19.19 102.82 -63.39
CA SER A 312 -19.23 103.43 -64.70
C SER A 312 -17.81 103.78 -65.13
N PHE A 313 -17.62 103.90 -66.45
CA PHE A 313 -16.31 104.28 -66.96
C PHE A 313 -16.13 105.80 -66.93
N THR A 314 -17.21 106.53 -67.14
CA THR A 314 -17.15 107.99 -67.05
C THR A 314 -16.92 108.42 -65.62
N VAL A 315 -15.83 109.17 -65.39
CA VAL A 315 -15.45 109.63 -64.06
C VAL A 315 -15.40 111.15 -64.08
N GLU A 316 -15.98 111.78 -63.06
CA GLU A 316 -15.96 113.23 -62.94
C GLU A 316 -14.80 113.66 -62.05
N LYS A 317 -14.65 114.98 -61.91
CA LYS A 317 -13.58 115.53 -61.11
C LYS A 317 -13.79 115.23 -59.64
N GLY A 318 -12.72 115.37 -58.86
CA GLY A 318 -12.75 115.21 -57.42
C GLY A 318 -11.94 114.02 -56.99
N ILE A 319 -11.83 113.84 -55.68
CA ILE A 319 -11.11 112.71 -55.11
C ILE A 319 -12.04 111.52 -55.00
N TYR A 320 -11.47 110.32 -55.07
CA TYR A 320 -12.23 109.08 -54.97
C TYR A 320 -11.41 108.04 -54.23
N GLN A 321 -11.94 107.57 -53.10
CA GLN A 321 -11.31 106.51 -52.32
C GLN A 321 -11.67 105.17 -52.95
N THR A 322 -10.66 104.36 -53.26
CA THR A 322 -10.86 103.11 -53.98
C THR A 322 -10.63 101.88 -53.13
N SER A 323 -9.46 101.76 -52.51
CA SER A 323 -9.14 100.57 -51.72
C SER A 323 -8.21 100.95 -50.59
N ASN A 324 -8.05 100.03 -49.64
CA ASN A 324 -7.18 100.25 -48.50
C ASN A 324 -5.81 99.63 -48.76
N PHE A 325 -4.77 100.30 -48.24
CA PHE A 325 -3.40 99.81 -48.36
C PHE A 325 -3.20 98.63 -47.41
N ARG A 326 -3.62 97.46 -47.88
CA ARG A 326 -3.57 96.24 -47.08
C ARG A 326 -2.20 95.58 -47.24
N VAL A 327 -1.26 96.07 -46.43
CA VAL A 327 0.11 95.56 -46.44
C VAL A 327 0.14 94.13 -45.91
N GLN A 328 0.92 93.27 -46.56
CA GLN A 328 1.03 91.87 -46.17
C GLN A 328 2.32 91.64 -45.38
N PRO A 329 2.31 90.69 -44.45
CA PRO A 329 3.51 90.42 -43.66
C PRO A 329 4.58 89.73 -44.49
N THR A 330 5.75 89.56 -43.87
CA THR A 330 6.88 88.95 -44.56
C THR A 330 7.02 87.47 -44.24
N GLU A 331 7.00 87.10 -42.97
CA GLU A 331 7.16 85.71 -42.57
C GLU A 331 6.18 85.38 -41.45
N SER A 332 6.24 84.15 -40.97
CA SER A 332 5.46 83.70 -39.84
C SER A 332 6.37 82.96 -38.86
N ILE A 333 6.51 83.51 -37.66
CA ILE A 333 7.40 82.96 -36.65
C ILE A 333 6.57 82.34 -35.54
N VAL A 334 7.12 81.31 -34.90
CA VAL A 334 6.50 80.65 -33.76
C VAL A 334 7.46 80.76 -32.59
N ARG A 335 7.00 81.37 -31.50
CA ARG A 335 7.85 81.66 -30.35
C ARG A 335 7.20 81.07 -29.10
N PHE A 336 7.71 79.93 -28.66
CA PHE A 336 7.24 79.23 -27.48
C PHE A 336 8.39 79.03 -26.51
N PRO A 337 8.09 78.77 -25.22
CA PRO A 337 9.17 78.50 -24.26
C PRO A 337 9.93 77.23 -24.63
N ASN A 338 11.06 77.03 -23.97
CA ASN A 338 11.94 75.90 -24.29
C ASN A 338 11.24 74.58 -24.06
N ILE A 339 11.37 73.68 -25.04
CA ILE A 339 10.86 72.33 -24.90
C ILE A 339 11.95 71.44 -24.30
N THR A 340 11.64 70.81 -23.17
CA THR A 340 12.59 69.96 -22.49
C THR A 340 11.83 68.90 -21.70
N ASN A 341 12.58 67.92 -21.20
CA ASN A 341 12.03 66.81 -20.42
C ASN A 341 10.95 66.06 -21.22
N LEU A 342 11.39 65.48 -22.34
CA LEU A 342 10.48 64.71 -23.18
C LEU A 342 9.90 63.54 -22.40
N CYS A 343 8.66 63.18 -22.73
CA CYS A 343 8.03 62.06 -22.04
C CYS A 343 8.77 60.77 -22.36
N PRO A 344 8.92 59.86 -21.38
CA PRO A 344 9.69 58.63 -21.57
C PRO A 344 9.03 57.61 -22.50
N PHE A 345 8.74 58.03 -23.74
CA PHE A 345 8.23 57.10 -24.72
C PHE A 345 9.28 56.07 -25.12
N HIS A 346 10.56 56.41 -24.96
CA HIS A 346 11.62 55.46 -25.24
C HIS A 346 11.59 54.29 -24.25
N GLU A 347 11.31 54.58 -22.98
CA GLU A 347 11.30 53.52 -21.98
C GLU A 347 10.12 52.57 -22.18
N VAL A 348 8.96 53.11 -22.53
CA VAL A 348 7.77 52.26 -22.65
C VAL A 348 7.82 51.44 -23.93
N PHE A 349 8.55 51.89 -24.96
CA PHE A 349 8.65 51.15 -26.20
C PHE A 349 9.93 50.33 -26.31
N ASN A 350 10.95 50.65 -25.52
CA ASN A 350 12.20 49.90 -25.56
C ASN A 350 12.50 49.28 -24.20
N ALA A 351 11.50 48.63 -23.61
CA ALA A 351 11.69 47.90 -22.37
C ALA A 351 12.31 46.52 -22.58
N THR A 352 12.27 46.01 -23.82
CA THR A 352 12.87 44.74 -24.23
C THR A 352 12.17 43.54 -23.57
N THR A 353 11.23 43.81 -22.67
CA THR A 353 10.46 42.75 -22.01
C THR A 353 9.17 43.38 -21.48
N PHE A 354 8.04 43.02 -22.09
CA PHE A 354 6.76 43.53 -21.63
C PHE A 354 6.10 42.54 -20.69
N ALA A 355 5.31 43.08 -19.75
CA ALA A 355 4.60 42.24 -18.81
C ALA A 355 3.47 41.49 -19.51
N SER A 356 2.86 40.57 -18.79
CA SER A 356 1.75 39.81 -19.36
C SER A 356 0.45 40.57 -19.22
N VAL A 357 -0.57 40.13 -19.92
CA VAL A 357 -1.87 40.79 -19.87
C VAL A 357 -2.49 40.66 -18.49
N TYR A 358 -2.12 39.60 -17.76
CA TYR A 358 -2.62 39.41 -16.40
C TYR A 358 -2.10 40.51 -15.47
N ALA A 359 -0.91 41.03 -15.76
CA ALA A 359 -0.26 42.05 -14.94
C ALA A 359 0.24 43.20 -15.82
N TRP A 360 -0.64 43.69 -16.69
CA TRP A 360 -0.27 44.77 -17.60
C TRP A 360 0.22 45.99 -16.83
N ASN A 361 1.41 46.46 -17.19
CA ASN A 361 2.08 47.54 -16.47
C ASN A 361 1.53 48.88 -16.96
N ARG A 362 0.82 49.59 -16.09
CA ARG A 362 0.32 50.92 -16.42
C ARG A 362 1.36 51.98 -16.10
N LYS A 363 1.41 53.02 -16.93
CA LYS A 363 2.34 54.12 -16.75
C LYS A 363 1.60 55.44 -16.83
N ARG A 364 2.04 56.39 -16.01
CA ARG A 364 1.46 57.73 -16.00
C ARG A 364 2.35 58.70 -16.76
N ILE A 365 1.73 59.77 -17.27
CA ILE A 365 2.42 60.79 -18.05
C ILE A 365 1.99 62.14 -17.53
N SER A 366 2.94 62.93 -17.04
CA SER A 366 2.65 64.24 -16.47
C SER A 366 3.92 65.08 -16.47
N ASN A 367 3.75 66.37 -16.76
CA ASN A 367 4.84 67.35 -16.74
C ASN A 367 5.98 66.94 -17.67
N CYS A 368 5.63 66.64 -18.92
CA CYS A 368 6.61 66.30 -19.93
C CYS A 368 6.03 66.61 -21.32
N VAL A 369 6.93 66.85 -22.26
CA VAL A 369 6.53 67.14 -23.63
C VAL A 369 6.27 65.83 -24.35
N ALA A 370 5.04 65.66 -24.84
CA ALA A 370 4.61 64.42 -25.50
C ALA A 370 5.20 64.40 -26.91
N ASP A 371 6.42 63.87 -27.02
CA ASP A 371 7.12 63.77 -28.30
C ASP A 371 6.67 62.51 -29.05
N TYR A 372 5.58 62.66 -29.80
CA TYR A 372 5.03 61.54 -30.56
C TYR A 372 5.84 61.22 -31.80
N SER A 373 6.93 61.95 -32.06
CA SER A 373 7.74 61.68 -33.24
C SER A 373 8.50 60.36 -33.11
N VAL A 374 8.62 59.83 -31.89
CA VAL A 374 9.39 58.62 -31.69
C VAL A 374 8.51 57.37 -31.69
N ILE A 375 7.20 57.52 -31.45
CA ILE A 375 6.33 56.36 -31.38
C ILE A 375 6.14 55.70 -32.74
N TYR A 376 6.44 56.42 -33.83
CA TYR A 376 6.32 55.84 -35.16
C TYR A 376 7.55 55.04 -35.56
N ASN A 377 8.63 55.13 -34.79
CA ASN A 377 9.87 54.44 -35.15
C ASN A 377 9.95 53.06 -34.49
N PHE A 378 9.67 52.98 -33.20
CA PHE A 378 9.80 51.72 -32.47
C PHE A 378 8.67 50.75 -32.81
N ALA A 379 7.66 51.22 -33.54
CA ALA A 379 6.46 50.41 -33.79
C ALA A 379 6.20 50.28 -35.29
N PRO A 380 6.56 49.16 -35.92
CA PRO A 380 6.11 48.91 -37.30
C PRO A 380 4.64 48.52 -37.29
N PHE A 381 3.76 49.53 -37.21
CA PHE A 381 2.35 49.37 -36.88
C PHE A 381 1.67 48.23 -37.63
N PHE A 382 1.21 47.23 -36.88
CA PHE A 382 0.36 46.19 -37.45
C PHE A 382 -1.12 46.49 -37.20
N ALA A 383 -1.42 47.11 -36.06
CA ALA A 383 -2.77 47.53 -35.73
C ALA A 383 -2.71 48.90 -35.07
N PHE A 384 -3.02 49.93 -35.85
CA PHE A 384 -2.98 51.30 -35.36
C PHE A 384 -4.34 51.92 -35.60
N LYS A 385 -5.09 52.16 -34.52
CA LYS A 385 -6.44 52.68 -34.64
C LYS A 385 -6.72 53.61 -33.46
N CYS A 386 -6.92 54.89 -33.76
CA CYS A 386 -7.32 55.89 -32.78
C CYS A 386 -8.84 56.01 -32.82
N TYR A 387 -9.49 55.71 -31.69
CA TYR A 387 -10.95 55.64 -31.66
C TYR A 387 -11.63 56.98 -31.52
N GLY A 388 -10.93 58.00 -31.01
CA GLY A 388 -11.58 59.29 -30.81
C GLY A 388 -10.70 60.49 -31.10
N VAL A 389 -9.50 60.25 -31.65
CA VAL A 389 -8.56 61.31 -31.97
C VAL A 389 -7.93 61.04 -33.33
N SER A 390 -7.15 62.01 -33.81
CA SER A 390 -6.45 61.90 -35.06
C SER A 390 -4.94 61.95 -34.82
N PRO A 391 -4.15 61.17 -35.57
CA PRO A 391 -2.70 61.20 -35.34
C PRO A 391 -2.07 62.57 -35.59
N THR A 392 -2.49 63.27 -36.63
CA THR A 392 -1.93 64.59 -36.92
C THR A 392 -2.38 65.64 -35.90
N LYS A 393 -3.53 65.43 -35.26
CA LYS A 393 -4.01 66.39 -34.27
C LYS A 393 -3.39 66.18 -32.90
N LEU A 394 -2.59 65.13 -32.72
CA LEU A 394 -1.98 64.87 -31.42
C LEU A 394 -0.99 65.97 -31.04
N ASN A 395 -0.28 66.53 -32.02
CA ASN A 395 0.66 67.59 -31.75
C ASN A 395 0.00 68.91 -31.39
N ASP A 396 -1.31 69.03 -31.58
CA ASP A 396 -2.04 70.25 -31.27
C ASP A 396 -3.03 70.06 -30.13
N LEU A 397 -2.89 68.99 -29.35
CA LEU A 397 -3.76 68.72 -28.22
C LEU A 397 -2.95 68.62 -26.93
N CYS A 398 -3.58 68.98 -25.83
CA CYS A 398 -2.97 68.95 -24.51
C CYS A 398 -3.87 68.22 -23.52
N PHE A 399 -4.37 67.05 -23.91
CA PHE A 399 -5.25 66.27 -23.05
C PHE A 399 -4.57 65.96 -21.72
N THR A 400 -5.35 65.99 -20.65
CA THR A 400 -4.83 65.89 -19.30
C THR A 400 -4.90 64.45 -18.80
N ASN A 401 -4.09 64.18 -17.78
CA ASN A 401 -4.02 62.87 -17.13
C ASN A 401 -3.73 61.77 -18.16
N VAL A 402 -2.63 61.95 -18.89
CA VAL A 402 -2.25 60.97 -19.90
C VAL A 402 -1.69 59.72 -19.22
N TYR A 403 -2.24 58.57 -19.60
CA TYR A 403 -1.78 57.29 -19.09
C TYR A 403 -1.43 56.38 -20.28
N ALA A 404 -0.72 55.29 -19.97
CA ALA A 404 -0.31 54.34 -20.99
C ALA A 404 -0.16 52.97 -20.34
N ASP A 405 0.09 51.96 -21.17
CA ASP A 405 0.26 50.59 -20.69
C ASP A 405 1.00 49.79 -21.75
N SER A 406 1.43 48.60 -21.36
CA SER A 406 2.14 47.69 -22.25
C SER A 406 2.00 46.27 -21.74
N PHE A 407 1.59 45.37 -22.63
CA PHE A 407 1.42 43.97 -22.29
C PHE A 407 1.49 43.16 -23.59
N VAL A 408 1.43 41.84 -23.44
CA VAL A 408 1.58 40.92 -24.56
C VAL A 408 0.38 39.99 -24.62
N ILE A 409 -0.22 39.86 -25.80
CA ILE A 409 -1.34 38.97 -26.05
C ILE A 409 -1.12 38.31 -27.40
N ARG A 410 -1.96 37.32 -27.71
CA ARG A 410 -1.89 36.65 -29.00
C ARG A 410 -2.32 37.60 -30.11
N GLY A 411 -1.94 37.26 -31.34
CA GLY A 411 -2.36 38.04 -32.49
C GLY A 411 -3.86 38.06 -32.68
N ASN A 412 -4.51 36.93 -32.37
CA ASN A 412 -5.97 36.87 -32.46
C ASN A 412 -6.64 37.68 -31.37
N GLU A 413 -5.94 37.95 -30.26
CA GLU A 413 -6.50 38.71 -29.15
C GLU A 413 -6.26 40.20 -29.26
N VAL A 414 -5.52 40.66 -30.29
CA VAL A 414 -5.28 42.08 -30.47
C VAL A 414 -6.57 42.84 -30.76
N SER A 415 -7.51 42.20 -31.47
CA SER A 415 -8.77 42.87 -31.77
C SER A 415 -9.62 43.04 -30.52
N GLN A 416 -9.37 42.26 -29.47
CA GLN A 416 -10.14 42.39 -28.24
C GLN A 416 -9.82 43.65 -27.46
N ILE A 417 -8.75 44.37 -27.82
CA ILE A 417 -8.44 45.65 -27.21
C ILE A 417 -9.18 46.73 -27.98
N ALA A 418 -10.44 46.95 -27.66
CA ALA A 418 -11.30 47.86 -28.38
C ALA A 418 -12.55 48.11 -27.56
N PRO A 419 -13.17 49.29 -27.68
CA PRO A 419 -14.40 49.55 -26.93
C PRO A 419 -15.52 48.61 -27.35
N GLY A 420 -16.30 48.18 -26.36
CA GLY A 420 -17.44 47.32 -26.61
C GLY A 420 -17.12 45.94 -27.12
N GLN A 421 -15.94 45.41 -26.82
CA GLN A 421 -15.54 44.09 -27.29
C GLN A 421 -15.67 43.07 -26.16
N THR A 422 -15.98 41.83 -26.56
CA THR A 422 -16.14 40.73 -25.62
C THR A 422 -15.10 39.66 -25.89
N GLY A 423 -14.75 38.91 -24.85
CA GLY A 423 -13.76 37.86 -24.96
C GLY A 423 -12.99 37.64 -23.67
N ASN A 424 -12.01 36.75 -23.71
CA ASN A 424 -11.20 36.46 -22.52
C ASN A 424 -10.40 37.68 -22.09
N ILE A 425 -9.63 38.25 -23.01
CA ILE A 425 -8.81 39.41 -22.69
C ILE A 425 -9.68 40.64 -22.46
N ALA A 426 -10.81 40.73 -23.17
CA ALA A 426 -11.66 41.90 -23.06
C ALA A 426 -12.46 41.88 -21.76
N ASP A 427 -13.19 40.79 -21.51
CA ASP A 427 -14.12 40.78 -20.39
C ASP A 427 -13.46 40.39 -19.08
N TYR A 428 -12.48 39.47 -19.12
CA TYR A 428 -11.90 38.91 -17.90
C TYR A 428 -10.47 39.36 -17.64
N ASN A 429 -9.85 40.09 -18.57
CA ASN A 429 -8.47 40.53 -18.33
C ASN A 429 -8.24 42.02 -18.53
N TYR A 430 -8.85 42.66 -19.52
CA TYR A 430 -8.60 44.09 -19.77
C TYR A 430 -9.81 44.64 -20.53
N LYS A 431 -10.61 45.44 -19.83
CA LYS A 431 -11.86 45.97 -20.38
C LYS A 431 -11.70 47.44 -20.71
N LEU A 432 -12.07 47.82 -21.92
CA LEU A 432 -12.09 49.23 -22.31
C LEU A 432 -13.52 49.77 -22.27
N PRO A 433 -13.71 51.01 -21.83
CA PRO A 433 -15.06 51.57 -21.77
C PRO A 433 -15.64 51.80 -23.16
N ASP A 434 -16.93 52.07 -23.20
CA ASP A 434 -17.63 52.28 -24.47
C ASP A 434 -17.35 53.66 -25.03
N ASP A 435 -16.53 54.45 -24.33
CA ASP A 435 -16.19 55.79 -24.79
C ASP A 435 -14.69 56.07 -24.65
N PHE A 436 -13.83 55.12 -25.02
CA PHE A 436 -12.40 55.30 -24.85
C PHE A 436 -11.88 56.39 -25.79
N THR A 437 -10.86 57.10 -25.32
CA THR A 437 -10.22 58.16 -26.10
C THR A 437 -8.72 57.93 -26.09
N GLY A 438 -8.15 57.72 -27.27
CA GLY A 438 -6.73 57.47 -27.39
C GLY A 438 -6.44 56.66 -28.64
N CYS A 439 -5.27 56.04 -28.65
CA CYS A 439 -4.82 55.23 -29.78
C CYS A 439 -4.28 53.91 -29.27
N VAL A 440 -4.42 52.87 -30.07
CA VAL A 440 -3.91 51.53 -29.76
C VAL A 440 -2.79 51.20 -30.74
N ILE A 441 -1.63 50.84 -30.21
CA ILE A 441 -0.45 50.53 -31.02
C ILE A 441 -0.02 49.10 -30.69
N ALA A 442 0.00 48.24 -31.70
CA ALA A 442 0.41 46.85 -31.56
C ALA A 442 1.37 46.48 -32.67
N TRP A 443 2.42 45.74 -32.31
CA TRP A 443 3.40 45.28 -33.27
C TRP A 443 3.85 43.87 -32.92
N ASN A 444 4.27 43.12 -33.93
CA ASN A 444 4.70 41.75 -33.73
C ASN A 444 6.07 41.70 -33.07
N SER A 445 6.24 40.76 -32.14
CA SER A 445 7.50 40.56 -31.45
C SER A 445 7.85 39.08 -31.33
N ASN A 446 7.67 38.33 -32.41
CA ASN A 446 7.96 36.90 -32.37
C ASN A 446 9.46 36.64 -32.31
N LYS A 447 10.23 37.43 -33.05
CA LYS A 447 11.68 37.25 -33.09
C LYS A 447 12.35 38.05 -31.98
N LEU A 448 11.56 38.48 -31.00
CA LEU A 448 12.10 39.27 -29.90
C LEU A 448 11.60 38.77 -28.55
N ASP A 449 10.47 38.06 -28.53
CA ASP A 449 9.89 37.59 -27.29
C ASP A 449 9.70 36.08 -27.22
N SER A 450 9.53 35.40 -28.34
CA SER A 450 9.35 33.95 -28.31
C SER A 450 10.65 33.25 -27.95
N LYS A 451 10.51 32.07 -27.36
CA LYS A 451 11.64 31.27 -26.91
C LYS A 451 11.54 29.88 -27.51
N PRO A 452 12.67 29.25 -27.84
CA PRO A 452 12.62 27.90 -28.41
C PRO A 452 12.04 26.87 -27.47
N SER A 453 12.40 26.91 -26.18
CA SER A 453 11.85 25.96 -25.21
C SER A 453 10.46 26.35 -24.74
N GLY A 454 9.91 27.46 -25.23
CA GLY A 454 8.59 27.89 -24.81
C GLY A 454 8.63 28.95 -23.72
N ASN A 455 8.14 30.15 -24.04
CA ASN A 455 8.12 31.25 -23.07
C ASN A 455 6.81 31.24 -22.29
N TYR A 456 6.81 30.42 -21.22
CA TYR A 456 5.62 30.27 -20.39
C TYR A 456 5.57 31.34 -19.31
N ASN A 457 6.41 32.37 -19.42
CA ASN A 457 6.41 33.45 -18.45
C ASN A 457 5.15 34.30 -18.56
N TYR A 458 4.54 34.35 -19.75
CA TYR A 458 3.34 35.14 -19.97
C TYR A 458 2.11 34.33 -19.56
N LEU A 459 1.27 34.91 -18.71
CA LEU A 459 0.07 34.26 -18.22
C LEU A 459 -1.16 35.13 -18.50
N TYR A 460 -2.31 34.47 -18.63
CA TYR A 460 -3.56 35.17 -18.85
C TYR A 460 -4.66 34.50 -18.05
N ARG A 461 -5.53 35.31 -17.44
CA ARG A 461 -6.62 34.80 -16.63
C ARG A 461 -7.73 34.27 -17.53
N LEU A 462 -8.19 33.05 -17.26
CA LEU A 462 -9.22 32.45 -18.09
C LEU A 462 -10.62 32.81 -17.60
N LEU A 463 -10.83 32.84 -16.29
CA LEU A 463 -12.14 33.14 -15.73
C LEU A 463 -11.96 33.97 -14.47
N ARG A 464 -12.97 34.84 -14.20
CA ARG A 464 -12.90 35.73 -13.05
C ARG A 464 -14.23 35.77 -12.30
N LYS A 465 -15.18 34.92 -12.69
CA LYS A 465 -16.48 34.79 -12.04
C LYS A 465 -17.34 36.05 -12.20
N SER A 466 -16.81 37.05 -12.89
CA SER A 466 -17.52 38.31 -13.10
C SER A 466 -16.79 39.13 -14.15
N LYS A 467 -17.55 40.02 -14.81
CA LYS A 467 -16.96 40.89 -15.80
C LYS A 467 -16.12 41.97 -15.14
N LEU A 468 -15.03 42.34 -15.82
CA LEU A 468 -14.15 43.37 -15.29
C LEU A 468 -14.64 44.76 -15.64
N LYS A 469 -14.50 45.69 -14.71
CA LYS A 469 -14.80 47.08 -14.98
C LYS A 469 -13.69 47.70 -15.82
N PRO A 470 -13.97 48.83 -16.49
CA PRO A 470 -12.92 49.49 -17.28
C PRO A 470 -11.69 49.86 -16.46
N PHE A 471 -10.52 49.40 -16.93
CA PHE A 471 -9.23 49.74 -16.34
C PHE A 471 -9.11 49.31 -14.89
N GLU A 472 -9.56 48.10 -14.56
CA GLU A 472 -9.35 47.58 -13.21
C GLU A 472 -8.50 46.32 -13.27
N ARG A 473 -7.72 46.09 -12.21
CA ARG A 473 -6.81 44.96 -12.16
C ARG A 473 -7.40 43.81 -11.35
N ASP A 474 -6.78 42.63 -11.49
CA ASP A 474 -7.09 41.46 -10.68
C ASP A 474 -5.81 40.65 -10.54
N ILE A 475 -5.09 40.91 -9.45
CA ILE A 475 -3.85 40.18 -9.15
C ILE A 475 -4.11 39.29 -7.93
N SER A 476 -4.43 38.02 -8.17
CA SER A 476 -4.76 37.11 -7.09
C SER A 476 -4.60 35.66 -7.52
N THR A 477 -3.91 34.87 -6.71
CA THR A 477 -3.76 33.43 -6.97
C THR A 477 -4.94 32.61 -6.47
N GLU A 478 -6.09 33.24 -6.22
CA GLU A 478 -7.26 32.52 -5.73
C GLU A 478 -7.70 31.46 -6.74
N ILE A 479 -7.78 30.21 -6.26
CA ILE A 479 -8.14 29.11 -7.13
C ILE A 479 -9.61 29.20 -7.50
N TYR A 480 -9.94 28.75 -8.70
CA TYR A 480 -11.32 28.74 -9.16
C TYR A 480 -12.00 27.43 -8.78
N GLN A 481 -13.31 27.48 -8.64
CA GLN A 481 -14.12 26.31 -8.31
C GLN A 481 -15.46 26.41 -9.02
N ALA A 482 -15.72 25.49 -9.94
CA ALA A 482 -16.99 25.44 -10.65
C ALA A 482 -18.04 24.62 -9.92
N GLY A 483 -17.65 23.84 -8.91
CA GLY A 483 -18.61 23.02 -8.18
C GLY A 483 -19.20 23.73 -6.97
N ASN A 484 -19.26 23.05 -5.84
CA ASN A 484 -19.81 23.64 -4.63
C ASN A 484 -18.97 23.34 -3.39
N LYS A 485 -17.71 22.93 -3.56
CA LYS A 485 -16.82 22.70 -2.44
C LYS A 485 -15.46 23.29 -2.78
N PRO A 486 -14.88 24.11 -1.91
CA PRO A 486 -13.60 24.73 -2.23
C PRO A 486 -12.43 23.77 -2.02
N CYS A 487 -11.31 24.11 -2.65
CA CYS A 487 -10.08 23.35 -2.50
C CYS A 487 -8.94 24.31 -2.22
N ASN A 488 -7.90 23.79 -1.55
CA ASN A 488 -6.75 24.60 -1.19
C ASN A 488 -5.49 23.75 -1.28
N GLY A 489 -4.36 24.43 -1.44
CA GLY A 489 -3.07 23.76 -1.52
C GLY A 489 -2.69 23.34 -2.92
N VAL A 490 -3.64 22.74 -3.64
CA VAL A 490 -3.40 22.26 -5.00
C VAL A 490 -4.74 22.10 -5.69
N ALA A 491 -4.72 22.13 -7.02
CA ALA A 491 -5.93 21.97 -7.80
C ALA A 491 -6.50 20.57 -7.65
N GLY A 492 -7.77 20.42 -7.99
CA GLY A 492 -8.46 19.15 -7.89
C GLY A 492 -9.68 19.08 -8.78
N PRO A 493 -10.62 18.21 -8.42
CA PRO A 493 -11.86 18.09 -9.20
C PRO A 493 -12.65 19.40 -9.19
N ASN A 494 -12.88 19.95 -10.39
CA ASN A 494 -13.62 21.18 -10.60
C ASN A 494 -12.92 22.38 -9.96
N CYS A 495 -11.72 22.16 -9.42
CA CYS A 495 -10.92 23.24 -8.84
C CYS A 495 -9.86 23.68 -9.86
N TYR A 496 -10.36 24.26 -10.95
CA TYR A 496 -9.50 24.61 -12.07
C TYR A 496 -8.63 25.81 -11.73
N SER A 497 -7.46 25.87 -12.38
CA SER A 497 -6.54 26.97 -12.15
C SER A 497 -7.04 28.23 -12.86
N PRO A 498 -6.88 29.41 -12.26
CA PRO A 498 -7.39 30.63 -12.88
C PRO A 498 -6.46 31.18 -13.95
N LEU A 499 -5.17 30.88 -13.84
CA LEU A 499 -4.15 31.43 -14.74
C LEU A 499 -3.71 30.38 -15.74
N GLN A 500 -3.82 30.70 -17.02
CA GLN A 500 -3.33 29.85 -18.09
C GLN A 500 -2.11 30.50 -18.75
N SER A 501 -1.24 29.66 -19.30
CA SER A 501 0.03 30.12 -19.86
C SER A 501 -0.01 30.06 -21.38
N TYR A 502 0.71 30.98 -22.02
CA TYR A 502 0.85 30.97 -23.47
C TYR A 502 2.03 30.09 -23.88
N GLY A 503 2.01 29.64 -25.13
CA GLY A 503 3.14 28.92 -25.68
C GLY A 503 4.26 29.85 -26.11
N PHE A 504 3.95 30.71 -27.10
CA PHE A 504 4.88 31.74 -27.58
C PHE A 504 6.20 31.11 -28.06
N ARG A 505 6.09 30.28 -29.10
CA ARG A 505 7.27 29.70 -29.72
C ARG A 505 7.56 30.41 -31.05
N PRO A 506 8.80 30.37 -31.53
CA PRO A 506 9.11 31.03 -32.80
C PRO A 506 8.31 30.51 -33.98
N THR A 507 7.87 29.25 -33.94
CA THR A 507 7.02 28.69 -34.98
C THR A 507 5.57 28.50 -34.53
N TYR A 508 5.15 29.22 -33.50
CA TYR A 508 3.82 29.03 -32.91
C TYR A 508 2.76 29.82 -33.70
N GLY A 509 2.65 29.47 -34.98
CA GLY A 509 1.67 30.09 -35.85
C GLY A 509 1.95 31.56 -36.12
N VAL A 510 0.88 32.30 -36.37
CA VAL A 510 0.96 33.75 -36.55
C VAL A 510 -0.01 34.42 -35.60
N GLY A 511 -1.28 34.00 -35.65
CA GLY A 511 -2.28 34.54 -34.74
C GLY A 511 -2.03 34.22 -33.28
N HIS A 512 -1.14 33.27 -32.99
CA HIS A 512 -0.79 32.91 -31.64
C HIS A 512 0.56 33.46 -31.20
N GLN A 513 1.24 34.21 -32.06
CA GLN A 513 2.54 34.77 -31.72
C GLN A 513 2.38 35.90 -30.70
N PRO A 514 3.42 36.15 -29.90
CA PRO A 514 3.35 37.25 -28.93
C PRO A 514 3.34 38.61 -29.63
N TYR A 515 2.30 39.38 -29.36
CA TYR A 515 2.14 40.72 -29.92
C TYR A 515 2.21 41.74 -28.81
N ARG A 516 3.20 42.63 -28.88
CA ARG A 516 3.31 43.70 -27.90
C ARG A 516 2.29 44.80 -28.20
N VAL A 517 1.42 45.05 -27.24
CA VAL A 517 0.34 46.03 -27.38
C VAL A 517 0.56 47.15 -26.38
N VAL A 518 0.82 48.36 -26.90
CA VAL A 518 1.00 49.55 -26.09
C VAL A 518 -0.17 50.49 -26.38
N VAL A 519 -1.02 50.68 -25.38
CA VAL A 519 -2.22 51.50 -25.49
C VAL A 519 -1.98 52.81 -24.75
N LEU A 520 -2.29 53.92 -25.41
CA LEU A 520 -2.18 55.25 -24.81
C LEU A 520 -3.55 55.69 -24.33
N SER A 521 -3.65 56.07 -23.05
CA SER A 521 -4.90 56.47 -22.43
C SER A 521 -4.91 58.00 -22.32
N PHE A 522 -5.92 58.63 -22.92
CA PHE A 522 -6.08 60.07 -22.88
C PHE A 522 -7.36 60.41 -22.13
N GLU A 523 -7.24 61.21 -21.08
CA GLU A 523 -8.36 61.61 -20.25
C GLU A 523 -8.79 63.04 -20.57
N LEU A 524 -9.86 63.47 -19.92
CA LEU A 524 -10.43 64.80 -20.13
C LEU A 524 -10.85 65.47 -18.82
N LEU A 525 -10.15 65.19 -17.73
CA LEU A 525 -10.51 65.78 -16.44
C LEU A 525 -10.32 67.30 -16.46
N HIS A 526 -11.03 67.97 -15.56
CA HIS A 526 -10.96 69.43 -15.48
C HIS A 526 -9.59 69.92 -15.03
N ALA A 527 -8.85 69.11 -14.29
CA ALA A 527 -7.51 69.49 -13.86
C ALA A 527 -6.59 69.61 -15.06
N PRO A 528 -6.05 70.78 -15.36
CA PRO A 528 -5.21 70.92 -16.56
C PRO A 528 -3.84 70.27 -16.37
N ALA A 529 -3.20 69.99 -17.50
CA ALA A 529 -1.88 69.37 -17.52
C ALA A 529 -1.02 70.07 -18.56
N THR A 530 0.27 70.22 -18.25
CA THR A 530 1.21 70.88 -19.15
C THR A 530 1.73 69.97 -20.26
N VAL A 531 1.21 68.75 -20.36
CA VAL A 531 1.67 67.80 -21.38
C VAL A 531 1.06 68.22 -22.72
N CYS A 532 1.92 68.59 -23.67
CA CYS A 532 1.47 68.96 -25.00
C CYS A 532 2.44 68.39 -26.03
N GLY A 533 2.21 68.75 -27.28
CA GLY A 533 3.05 68.31 -28.37
C GLY A 533 4.33 69.12 -28.47
N PRO A 534 5.28 68.65 -29.29
CA PRO A 534 6.53 69.39 -29.48
C PRO A 534 6.37 70.59 -30.38
N LYS A 535 5.90 71.71 -29.82
CA LYS A 535 5.67 72.93 -30.59
C LYS A 535 7.03 73.54 -30.94
N LYS A 536 7.47 73.26 -32.17
CA LYS A 536 8.77 73.72 -32.62
C LYS A 536 8.78 75.23 -32.75
N SER A 537 9.76 75.86 -32.10
CA SER A 537 9.91 77.31 -32.17
C SER A 537 10.77 77.70 -33.37
N THR A 538 10.78 79.00 -33.67
CA THR A 538 11.55 79.54 -34.78
C THR A 538 12.36 80.74 -34.30
N ASN A 539 13.15 81.30 -35.21
CA ASN A 539 13.97 82.45 -34.88
C ASN A 539 13.11 83.70 -34.70
N LEU A 540 13.63 84.65 -33.95
CA LEU A 540 12.93 85.91 -33.67
C LEU A 540 13.38 86.97 -34.67
N VAL A 541 12.41 87.69 -35.23
CA VAL A 541 12.66 88.70 -36.25
C VAL A 541 12.32 90.06 -35.65
N LYS A 542 13.18 91.04 -35.89
CA LYS A 542 12.98 92.38 -35.36
C LYS A 542 12.64 93.37 -36.47
N ASN A 543 11.92 94.42 -36.08
CA ASN A 543 11.57 95.56 -36.96
C ASN A 543 11.10 95.12 -38.34
N LYS A 544 10.30 94.06 -38.40
CA LYS A 544 9.74 93.59 -39.66
C LYS A 544 8.30 93.12 -39.41
N CYS A 545 7.46 93.30 -40.43
CA CYS A 545 6.07 92.89 -40.34
C CYS A 545 5.97 91.37 -40.44
N VAL A 546 5.89 90.71 -39.29
CA VAL A 546 5.88 89.25 -39.21
C VAL A 546 4.69 88.83 -38.37
N ASN A 547 4.05 87.73 -38.78
CA ASN A 547 2.93 87.14 -38.06
C ASN A 547 3.47 86.57 -36.75
N PHE A 548 3.06 87.16 -35.63
CA PHE A 548 3.60 86.79 -34.33
C PHE A 548 2.82 85.65 -33.71
N ASN A 549 3.53 84.83 -32.93
CA ASN A 549 2.90 83.75 -32.14
C ASN A 549 3.77 83.58 -30.88
N PHE A 550 3.36 84.25 -29.81
CA PHE A 550 4.09 84.23 -28.55
C PHE A 550 3.23 83.55 -27.49
N ASN A 551 3.45 82.25 -27.30
CA ASN A 551 2.73 81.45 -26.31
C ASN A 551 1.21 81.54 -26.52
N GLY A 552 0.79 81.54 -27.78
CA GLY A 552 -0.62 81.64 -28.11
C GLY A 552 -1.09 83.01 -28.53
N LEU A 553 -0.34 84.06 -28.20
CA LEU A 553 -0.71 85.42 -28.58
C LEU A 553 -0.41 85.61 -30.07
N THR A 554 -1.47 85.64 -30.88
CA THR A 554 -1.34 85.75 -32.33
C THR A 554 -1.73 87.15 -32.78
N GLY A 555 -0.94 87.71 -33.68
CA GLY A 555 -1.21 89.03 -34.20
C GLY A 555 -0.09 89.51 -35.10
N THR A 556 -0.47 90.12 -36.21
CA THR A 556 0.48 90.61 -37.20
C THR A 556 0.88 92.05 -36.87
N GLY A 557 2.18 92.29 -36.83
CA GLY A 557 2.66 93.63 -36.53
C GLY A 557 4.16 93.73 -36.66
N VAL A 558 4.70 94.79 -36.08
CA VAL A 558 6.14 95.07 -36.11
C VAL A 558 6.69 94.87 -34.71
N LEU A 559 7.68 93.99 -34.58
CA LEU A 559 8.32 93.76 -33.30
C LEU A 559 9.39 94.82 -33.04
N THR A 560 9.39 95.35 -31.83
CA THR A 560 10.31 96.40 -31.45
C THR A 560 10.62 96.29 -29.95
N GLU A 561 11.90 96.47 -29.62
CA GLU A 561 12.30 96.48 -28.21
C GLU A 561 11.96 97.84 -27.59
N SER A 562 11.80 97.82 -26.27
CA SER A 562 11.44 99.04 -25.54
C SER A 562 11.89 98.91 -24.09
N ASN A 563 11.82 100.03 -23.37
CA ASN A 563 12.16 100.08 -21.96
C ASN A 563 10.97 99.79 -21.05
N LYS A 564 9.89 99.24 -21.59
CA LYS A 564 8.69 98.98 -20.81
C LYS A 564 8.89 97.75 -19.93
N LYS A 565 9.67 97.90 -18.86
CA LYS A 565 10.01 96.78 -17.98
C LYS A 565 8.78 96.19 -17.32
N PHE A 566 8.49 94.92 -17.60
CA PHE A 566 7.34 94.26 -17.00
C PHE A 566 7.70 93.63 -15.66
N LEU A 567 6.68 93.31 -14.88
CA LEU A 567 6.86 92.54 -13.67
C LEU A 567 7.16 91.08 -14.04
N PRO A 568 7.84 90.34 -13.16
CA PRO A 568 8.22 88.95 -13.51
C PRO A 568 7.04 88.02 -13.73
N PHE A 569 5.81 88.42 -13.39
CA PHE A 569 4.67 87.55 -13.60
C PHE A 569 3.82 87.94 -14.80
N GLN A 570 4.03 89.13 -15.36
CA GLN A 570 3.23 89.59 -16.48
C GLN A 570 3.68 88.90 -17.76
N GLN A 571 2.71 88.36 -18.51
CA GLN A 571 3.01 87.69 -19.76
C GLN A 571 3.13 88.68 -20.91
N PHE A 572 2.12 89.53 -21.10
CA PHE A 572 2.10 90.47 -22.20
C PHE A 572 1.41 91.75 -21.74
N GLY A 573 1.35 92.73 -22.64
CA GLY A 573 0.71 94.00 -22.34
C GLY A 573 -0.45 94.31 -23.26
N ARG A 574 -1.32 95.23 -22.83
CA ARG A 574 -2.47 95.65 -23.61
C ARG A 574 -2.64 97.16 -23.52
N ASP A 575 -3.20 97.75 -24.56
CA ASP A 575 -3.45 99.18 -24.59
C ASP A 575 -4.79 99.50 -23.91
N ILE A 576 -5.12 100.79 -23.88
CA ILE A 576 -6.37 101.23 -23.27
C ILE A 576 -7.57 100.67 -24.02
N ALA A 577 -7.44 100.42 -25.32
CA ALA A 577 -8.52 99.86 -26.11
C ALA A 577 -8.54 98.34 -26.10
N ASP A 578 -7.97 97.71 -25.07
CA ASP A 578 -7.90 96.24 -24.93
C ASP A 578 -7.14 95.58 -26.07
N THR A 579 -6.27 96.32 -26.75
CA THR A 579 -5.46 95.76 -27.82
C THR A 579 -4.04 95.51 -27.32
N THR A 580 -3.48 94.36 -27.69
CA THR A 580 -2.14 94.01 -27.25
C THR A 580 -1.11 94.92 -27.89
N ASP A 581 -0.20 95.43 -27.05
CA ASP A 581 0.83 96.34 -27.54
C ASP A 581 2.24 95.94 -27.12
N ALA A 582 2.42 94.93 -26.27
CA ALA A 582 3.74 94.52 -25.83
C ALA A 582 3.71 93.07 -25.40
N VAL A 583 4.86 92.41 -25.49
CA VAL A 583 4.98 91.01 -25.12
C VAL A 583 6.42 90.76 -24.69
N ARG A 584 6.63 89.67 -23.95
CA ARG A 584 7.96 89.31 -23.47
C ARG A 584 8.34 87.96 -24.05
N ASP A 585 9.58 87.85 -24.52
CA ASP A 585 10.07 86.62 -25.14
C ASP A 585 10.13 85.50 -24.11
N PRO A 586 9.42 84.39 -24.32
CA PRO A 586 9.47 83.29 -23.34
C PRO A 586 10.85 82.65 -23.23
N GLN A 587 11.70 82.86 -24.22
CA GLN A 587 13.02 82.23 -24.27
C GLN A 587 14.12 83.16 -23.77
N THR A 588 14.27 84.33 -24.39
CA THR A 588 15.34 85.25 -24.02
C THR A 588 14.96 86.19 -22.88
N LEU A 589 13.70 86.15 -22.42
CA LEU A 589 13.23 86.94 -21.29
C LEU A 589 13.38 88.45 -21.52
N GLU A 590 13.47 88.87 -22.77
CA GLU A 590 13.55 90.29 -23.08
C GLU A 590 12.17 90.87 -23.33
N ILE A 591 12.04 92.17 -23.10
CA ILE A 591 10.78 92.89 -23.27
C ILE A 591 10.69 93.38 -24.71
N LEU A 592 9.51 93.22 -25.30
CA LEU A 592 9.27 93.59 -26.69
C LEU A 592 8.03 94.46 -26.77
N ASP A 593 7.80 95.02 -27.96
CA ASP A 593 6.64 95.86 -28.22
C ASP A 593 6.19 95.65 -29.65
N ILE A 594 4.89 95.50 -29.85
CA ILE A 594 4.31 95.25 -31.17
C ILE A 594 3.57 96.51 -31.63
N THR A 595 3.67 96.81 -32.92
CA THR A 595 3.03 97.97 -33.52
C THR A 595 2.42 97.57 -34.86
N PRO A 596 1.34 98.23 -35.27
CA PRO A 596 0.75 97.92 -36.58
C PRO A 596 1.69 98.24 -37.72
N CYS A 597 1.33 97.77 -38.91
CA CYS A 597 2.16 97.92 -40.10
C CYS A 597 1.72 99.07 -41.00
N SER A 598 1.15 100.12 -40.42
CA SER A 598 0.86 101.37 -41.12
C SER A 598 -0.06 101.15 -42.33
N PHE A 599 -1.28 100.72 -42.03
CA PHE A 599 -2.30 100.62 -43.08
C PHE A 599 -2.89 102.00 -43.37
N GLY A 600 -3.73 102.05 -44.39
CA GLY A 600 -4.35 103.30 -44.76
C GLY A 600 -5.35 103.12 -45.88
N GLY A 601 -5.78 104.24 -46.45
CA GLY A 601 -6.73 104.25 -47.55
C GLY A 601 -6.17 105.00 -48.74
N VAL A 602 -6.40 104.46 -49.93
CA VAL A 602 -5.89 105.03 -51.17
C VAL A 602 -7.00 105.86 -51.80
N SER A 603 -6.70 107.13 -52.06
CA SER A 603 -7.66 108.06 -52.68
C SER A 603 -7.07 108.53 -54.00
N VAL A 604 -7.70 108.14 -55.09
CA VAL A 604 -7.23 108.51 -56.43
C VAL A 604 -7.77 109.88 -56.79
N ILE A 605 -6.89 110.73 -57.33
CA ILE A 605 -7.26 112.08 -57.77
C ILE A 605 -7.28 112.08 -59.28
N THR A 606 -8.42 112.43 -59.86
CA THR A 606 -8.60 112.39 -61.31
C THR A 606 -9.20 113.69 -61.81
N PRO A 607 -8.75 114.19 -62.97
CA PRO A 607 -9.34 115.40 -63.54
C PRO A 607 -10.60 115.14 -64.36
N GLY A 608 -11.06 113.91 -64.46
CA GLY A 608 -12.24 113.59 -65.22
C GLY A 608 -11.95 112.78 -66.47
N THR A 609 -12.92 111.95 -66.85
CA THR A 609 -12.75 111.09 -68.01
C THR A 609 -12.69 111.90 -69.31
N ASN A 610 -13.53 112.92 -69.43
CA ASN A 610 -13.56 113.72 -70.64
C ASN A 610 -12.34 114.62 -70.79
N THR A 611 -11.55 114.78 -69.72
CA THR A 611 -10.41 115.69 -69.75
C THR A 611 -9.09 114.95 -70.01
N SER A 612 -8.74 113.98 -69.17
CA SER A 612 -7.47 113.29 -69.29
C SER A 612 -7.52 112.00 -68.50
N ASN A 613 -6.49 111.18 -68.68
CA ASN A 613 -6.40 109.89 -68.00
C ASN A 613 -5.28 109.85 -66.96
N GLN A 614 -4.39 110.84 -66.94
CA GLN A 614 -3.34 110.87 -65.92
C GLN A 614 -3.96 111.19 -64.57
N VAL A 615 -3.61 110.39 -63.57
CA VAL A 615 -4.20 110.49 -62.24
C VAL A 615 -3.11 110.48 -61.18
N ALA A 616 -3.48 110.96 -59.99
CA ALA A 616 -2.62 110.94 -58.83
C ALA A 616 -3.32 110.20 -57.69
N VAL A 617 -2.53 109.68 -56.76
CA VAL A 617 -3.04 108.90 -55.64
C VAL A 617 -2.49 109.47 -54.35
N LEU A 618 -3.31 109.49 -53.31
CA LEU A 618 -2.92 109.96 -51.99
C LEU A 618 -3.12 108.85 -50.97
N TYR A 619 -2.02 108.34 -50.43
CA TYR A 619 -2.08 107.34 -49.37
C TYR A 619 -2.37 108.04 -48.05
N GLN A 620 -3.60 107.88 -47.56
CA GLN A 620 -4.03 108.59 -46.36
C GLN A 620 -3.31 108.06 -45.13
N GLY A 621 -2.47 108.92 -44.54
CA GLY A 621 -1.77 108.57 -43.30
C GLY A 621 -0.56 107.70 -43.49
N VAL A 622 -0.44 107.05 -44.66
CA VAL A 622 0.69 106.18 -44.92
C VAL A 622 1.93 107.02 -45.17
N ASN A 623 3.02 106.68 -44.48
CA ASN A 623 4.28 107.38 -44.67
C ASN A 623 4.84 107.10 -46.06
N CYS A 624 5.52 108.10 -46.63
CA CYS A 624 6.11 107.93 -47.95
C CYS A 624 7.19 106.86 -47.95
N THR A 625 7.82 106.62 -46.81
CA THR A 625 8.90 105.66 -46.72
C THR A 625 8.39 104.22 -46.74
N GLU A 626 7.06 104.05 -46.71
CA GLU A 626 6.48 102.72 -46.69
C GLU A 626 5.27 102.60 -47.61
N VAL A 627 5.23 103.33 -48.72
CA VAL A 627 4.11 103.25 -49.64
C VAL A 627 4.14 101.94 -50.42
N SER A 647 6.67 115.64 -57.69
CA SER A 647 6.42 114.90 -58.92
C SER A 647 6.18 113.41 -58.61
N ASN A 648 6.94 112.88 -57.66
CA ASN A 648 6.82 111.48 -57.28
C ASN A 648 6.66 111.24 -55.79
N VAL A 649 7.12 112.14 -54.93
CA VAL A 649 7.00 111.98 -53.48
C VAL A 649 6.61 113.32 -52.87
N PHE A 650 5.61 113.29 -52.00
CA PHE A 650 5.15 114.51 -51.33
C PHE A 650 4.47 114.08 -50.03
N GLN A 651 5.18 114.26 -48.91
CA GLN A 651 4.64 113.92 -47.60
C GLN A 651 3.95 115.15 -47.00
N THR A 652 2.69 114.99 -46.61
CA THR A 652 1.92 116.08 -46.01
C THR A 652 1.12 115.52 -44.84
N ARG A 653 0.34 116.41 -44.22
CA ARG A 653 -0.49 116.00 -43.09
C ARG A 653 -1.56 115.00 -43.50
N ALA A 654 -2.05 115.10 -44.73
CA ALA A 654 -3.06 114.17 -45.24
C ALA A 654 -2.49 112.83 -45.66
N GLY A 655 -1.16 112.68 -45.65
CA GLY A 655 -0.53 111.43 -46.04
C GLY A 655 0.54 111.62 -47.08
N CYS A 656 0.79 110.58 -47.89
CA CYS A 656 1.77 110.64 -48.96
C CYS A 656 1.05 110.75 -50.30
N LEU A 657 1.43 111.76 -51.08
CA LEU A 657 0.78 112.05 -52.36
C LEU A 657 1.70 111.62 -53.49
N ILE A 658 1.24 110.65 -54.29
CA ILE A 658 2.00 110.13 -55.43
C ILE A 658 1.29 110.56 -56.71
N GLY A 659 2.07 110.97 -57.70
CA GLY A 659 1.51 111.39 -58.97
C GLY A 659 1.22 112.86 -59.09
N ALA A 660 1.60 113.67 -58.11
CA ALA A 660 1.39 115.11 -58.15
C ALA A 660 2.65 115.82 -57.69
N GLU A 661 2.84 117.04 -58.17
CA GLU A 661 4.02 117.85 -57.86
C GLU A 661 3.61 119.06 -57.06
N TYR A 662 4.40 119.39 -56.04
CA TYR A 662 4.11 120.56 -55.21
C TYR A 662 4.73 121.81 -55.83
N VAL A 663 4.01 122.93 -55.67
CA VAL A 663 4.42 124.21 -56.24
C VAL A 663 4.49 125.23 -55.12
N ASN A 664 4.87 126.46 -55.49
CA ASN A 664 5.00 127.55 -54.54
C ASN A 664 3.79 128.48 -54.55
N ASN A 665 3.23 128.75 -55.73
CA ASN A 665 2.08 129.62 -55.82
C ASN A 665 0.84 128.94 -55.25
N SER A 666 -0.13 129.77 -54.84
CA SER A 666 -1.37 129.30 -54.23
C SER A 666 -2.54 129.70 -55.13
N TYR A 667 -3.21 128.71 -55.70
CA TYR A 667 -4.36 128.94 -56.56
C TYR A 667 -5.65 128.61 -55.81
N GLU A 668 -6.78 128.84 -56.48
CA GLU A 668 -8.07 128.52 -55.89
C GLU A 668 -8.26 127.00 -55.84
N CYS A 669 -8.83 126.53 -54.74
CA CYS A 669 -9.04 125.11 -54.56
C CYS A 669 -10.08 124.59 -55.56
N ASP A 670 -9.76 123.45 -56.18
CA ASP A 670 -10.65 122.84 -57.15
C ASP A 670 -10.95 121.39 -56.77
N ILE A 671 -9.95 120.71 -56.21
CA ILE A 671 -10.08 119.33 -55.76
C ILE A 671 -9.62 119.27 -54.30
N PRO A 672 -10.51 119.01 -53.35
CA PRO A 672 -10.10 118.98 -51.93
C PRO A 672 -9.23 117.78 -51.64
N ILE A 673 -8.06 118.03 -51.04
CA ILE A 673 -7.13 116.96 -50.69
C ILE A 673 -7.13 116.78 -49.18
N GLY A 674 -6.79 117.83 -48.44
CA GLY A 674 -6.79 117.77 -46.99
C GLY A 674 -5.71 118.62 -46.36
N ALA A 675 -6.01 119.18 -45.19
CA ALA A 675 -5.06 119.98 -44.42
C ALA A 675 -4.54 121.17 -45.23
N GLY A 676 -5.46 121.85 -45.91
CA GLY A 676 -5.12 123.04 -46.65
C GLY A 676 -4.42 122.81 -47.98
N ILE A 677 -4.56 121.63 -48.57
CA ILE A 677 -3.93 121.30 -49.84
C ILE A 677 -5.02 120.98 -50.86
N CYS A 678 -4.85 121.46 -52.09
CA CYS A 678 -5.76 121.15 -53.18
C CYS A 678 -4.96 120.95 -54.46
N ALA A 679 -5.57 120.29 -55.43
CA ALA A 679 -4.95 119.98 -56.70
C ALA A 679 -5.78 120.53 -57.85
N SER A 680 -5.11 120.78 -58.98
CA SER A 680 -5.77 121.28 -60.17
C SER A 680 -4.92 120.93 -61.39
N TYR A 681 -5.59 120.80 -62.54
CA TYR A 681 -4.90 120.48 -63.77
C TYR A 681 -4.12 121.68 -64.27
N GLN A 682 -2.87 121.44 -64.68
CA GLN A 682 -2.00 122.53 -65.12
C GLN A 682 -1.16 122.03 -66.30
N THR A 683 -0.88 122.94 -67.22
CA THR A 683 -0.06 122.62 -68.39
C THR A 683 1.38 122.36 -68.00
N SER A 698 0.08 118.23 -66.43
CA SER A 698 0.33 117.49 -65.20
C SER A 698 -0.64 117.98 -64.13
N ILE A 699 -0.77 117.18 -63.08
CA ILE A 699 -1.63 117.49 -61.95
C ILE A 699 -0.74 118.00 -60.83
N ILE A 700 -0.80 119.31 -60.56
CA ILE A 700 0.03 119.90 -59.52
C ILE A 700 -0.73 119.91 -58.19
N ALA A 701 0.04 120.01 -57.11
CA ALA A 701 -0.50 120.10 -55.76
C ALA A 701 -0.09 121.45 -55.17
N TYR A 702 -1.07 122.21 -54.68
CA TYR A 702 -0.83 123.56 -54.18
C TYR A 702 -1.61 123.77 -52.89
N THR A 703 -1.04 124.60 -52.02
CA THR A 703 -1.76 125.04 -50.83
C THR A 703 -2.92 125.93 -51.26
N MET A 704 -4.14 125.54 -50.88
CA MET A 704 -5.33 126.26 -51.33
C MET A 704 -5.28 127.71 -50.86
N SER A 705 -5.49 128.62 -51.81
CA SER A 705 -5.41 130.04 -51.51
C SER A 705 -6.64 130.49 -50.74
N LEU A 706 -6.43 131.37 -49.76
CA LEU A 706 -7.55 131.90 -48.99
C LEU A 706 -8.47 132.74 -49.86
N GLY A 707 -7.91 133.52 -50.77
CA GLY A 707 -8.69 134.36 -51.64
C GLY A 707 -7.90 135.59 -52.02
N ALA A 708 -8.57 136.46 -52.79
CA ALA A 708 -7.95 137.71 -53.21
C ALA A 708 -7.76 138.62 -52.01
N GLU A 709 -6.50 138.79 -51.59
CA GLU A 709 -6.20 139.62 -50.44
C GLU A 709 -6.49 141.09 -50.73
N ASN A 710 -6.84 141.83 -49.68
CA ASN A 710 -7.18 143.24 -49.81
C ASN A 710 -6.78 143.97 -48.54
N SER A 711 -6.56 145.27 -48.68
CA SER A 711 -6.17 146.14 -47.56
C SER A 711 -6.95 147.45 -47.69
N VAL A 712 -8.07 147.55 -46.97
CA VAL A 712 -8.88 148.76 -47.03
C VAL A 712 -8.19 149.87 -46.25
N ALA A 713 -8.19 151.07 -46.82
CA ALA A 713 -7.55 152.20 -46.16
C ALA A 713 -8.36 152.63 -44.95
N TYR A 714 -7.67 152.93 -43.85
CA TYR A 714 -8.29 153.33 -42.61
C TYR A 714 -7.81 154.72 -42.22
N SER A 715 -8.74 155.56 -41.79
CA SER A 715 -8.44 156.91 -41.32
C SER A 715 -9.65 157.42 -40.55
N ASN A 716 -9.39 158.30 -39.58
CA ASN A 716 -10.45 158.84 -38.75
C ASN A 716 -11.14 160.03 -39.43
N ASN A 717 -10.82 160.26 -40.70
CA ASN A 717 -11.44 161.36 -41.44
C ASN A 717 -11.76 160.95 -42.88
N SER A 718 -11.69 159.65 -43.17
CA SER A 718 -11.92 159.15 -44.52
C SER A 718 -13.12 158.21 -44.55
N ILE A 719 -13.92 158.33 -45.60
CA ILE A 719 -15.11 157.50 -45.78
C ILE A 719 -15.25 157.20 -47.27
N ALA A 720 -16.01 156.14 -47.57
CA ALA A 720 -16.29 155.74 -48.94
C ALA A 720 -17.79 155.73 -49.17
N ILE A 721 -18.23 156.39 -50.24
CA ILE A 721 -19.64 156.47 -50.59
C ILE A 721 -19.82 155.94 -52.01
N PRO A 722 -20.70 154.98 -52.25
CA PRO A 722 -20.90 154.46 -53.61
C PRO A 722 -21.50 155.51 -54.52
N THR A 723 -20.97 155.60 -55.73
CA THR A 723 -21.48 156.54 -56.72
C THR A 723 -22.38 155.88 -57.76
N ASN A 724 -22.29 154.56 -57.92
CA ASN A 724 -23.08 153.84 -58.91
C ASN A 724 -23.59 152.56 -58.28
N PHE A 725 -24.32 151.78 -59.07
CA PHE A 725 -24.92 150.54 -58.57
C PHE A 725 -25.32 149.68 -59.76
N THR A 726 -25.41 148.37 -59.50
CA THR A 726 -25.81 147.40 -60.51
C THR A 726 -26.79 146.42 -59.90
N ILE A 727 -27.94 146.25 -60.56
CA ILE A 727 -28.93 145.28 -60.10
C ILE A 727 -28.39 143.88 -60.33
N SER A 728 -28.01 143.21 -59.26
CA SER A 728 -27.43 141.86 -59.33
C SER A 728 -28.46 140.84 -58.88
N VAL A 729 -28.66 139.82 -59.69
CA VAL A 729 -29.58 138.72 -59.40
C VAL A 729 -28.75 137.49 -59.07
N THR A 730 -29.05 136.86 -57.94
CA THR A 730 -28.33 135.67 -57.49
C THR A 730 -29.35 134.58 -57.19
N THR A 731 -29.11 133.40 -57.75
CA THR A 731 -30.03 132.28 -57.57
C THR A 731 -29.70 131.53 -56.29
N GLU A 732 -30.74 130.94 -55.69
CA GLU A 732 -30.61 130.10 -54.51
C GLU A 732 -31.51 128.89 -54.68
N ILE A 733 -30.92 127.70 -54.64
CA ILE A 733 -31.63 126.45 -54.88
C ILE A 733 -31.73 125.69 -53.56
N LEU A 734 -32.95 125.38 -53.16
CA LEU A 734 -33.20 124.65 -51.92
C LEU A 734 -34.13 123.48 -52.21
N PRO A 735 -33.78 122.26 -51.83
CA PRO A 735 -34.71 121.14 -52.01
C PRO A 735 -35.93 121.29 -51.12
N VAL A 736 -37.09 120.91 -51.65
CA VAL A 736 -38.33 121.02 -50.91
C VAL A 736 -38.93 119.66 -50.56
N SER A 737 -38.72 118.63 -51.37
CA SER A 737 -39.32 117.32 -51.11
C SER A 737 -38.40 116.25 -51.65
N MET A 738 -38.73 115.00 -51.31
CA MET A 738 -37.99 113.84 -51.77
C MET A 738 -38.96 112.81 -52.33
N THR A 739 -38.39 111.75 -52.89
CA THR A 739 -39.20 110.72 -53.53
C THR A 739 -40.02 109.97 -52.48
N LYS A 740 -41.34 109.98 -52.66
CA LYS A 740 -42.27 109.31 -51.75
C LYS A 740 -42.28 107.82 -52.04
N THR A 741 -41.32 107.12 -51.42
CA THR A 741 -41.19 105.70 -51.63
C THR A 741 -41.96 104.92 -50.58
N SER A 742 -42.55 103.81 -51.01
CA SER A 742 -43.25 102.89 -50.12
C SER A 742 -42.67 101.50 -50.31
N VAL A 743 -42.54 100.77 -49.20
CA VAL A 743 -41.90 99.46 -49.20
C VAL A 743 -42.89 98.44 -48.64
N ASP A 744 -43.22 97.44 -49.45
CA ASP A 744 -44.08 96.34 -49.01
C ASP A 744 -43.22 95.39 -48.17
N CYS A 745 -43.38 95.45 -46.84
CA CYS A 745 -42.56 94.65 -45.95
C CYS A 745 -42.87 93.16 -46.09
N THR A 746 -44.03 92.82 -46.66
CA THR A 746 -44.38 91.41 -46.82
C THR A 746 -43.80 90.86 -48.12
N MET A 747 -43.99 91.58 -49.23
CA MET A 747 -43.54 91.09 -50.53
C MET A 747 -42.02 91.12 -50.65
N TYR A 748 -41.38 92.11 -50.00
CA TYR A 748 -39.93 92.23 -50.11
C TYR A 748 -39.22 91.01 -49.51
N ILE A 749 -39.75 90.49 -48.40
CA ILE A 749 -39.07 89.38 -47.72
C ILE A 749 -39.59 88.05 -48.24
N CYS A 750 -40.90 87.91 -48.41
CA CYS A 750 -41.50 86.65 -48.81
C CYS A 750 -41.76 86.55 -50.31
N GLY A 751 -42.47 87.51 -50.91
CA GLY A 751 -42.77 87.42 -52.33
C GLY A 751 -43.80 86.36 -52.67
N ASP A 752 -45.00 86.50 -52.10
CA ASP A 752 -46.15 85.62 -52.35
C ASP A 752 -45.90 84.18 -51.92
N SER A 753 -44.94 83.94 -51.03
CA SER A 753 -44.71 82.60 -50.52
C SER A 753 -45.50 82.38 -49.24
N THR A 754 -46.19 81.24 -49.15
CA THR A 754 -47.06 81.00 -48.01
C THR A 754 -46.26 80.61 -46.77
N GLU A 755 -45.23 79.78 -46.93
CA GLU A 755 -44.44 79.32 -45.79
C GLU A 755 -43.71 80.47 -45.13
N CYS A 756 -43.26 81.45 -45.93
CA CYS A 756 -42.54 82.60 -45.38
C CYS A 756 -43.50 83.51 -44.62
N SER A 757 -44.77 83.52 -44.98
CA SER A 757 -45.73 84.41 -44.35
C SER A 757 -45.90 84.07 -42.87
N ASN A 758 -45.92 82.77 -42.54
CA ASN A 758 -46.11 82.37 -41.15
C ASN A 758 -44.85 82.62 -40.32
N LEU A 759 -43.67 82.63 -40.97
CA LEU A 759 -42.43 82.85 -40.25
C LEU A 759 -42.17 84.34 -40.04
N LEU A 760 -42.76 85.19 -40.87
CA LEU A 760 -42.53 86.62 -40.75
C LEU A 760 -43.30 87.20 -39.58
N LEU A 761 -44.54 86.74 -39.37
CA LEU A 761 -45.38 87.28 -38.30
C LEU A 761 -44.86 86.92 -36.91
N GLN A 762 -43.83 86.07 -36.81
CA GLN A 762 -43.27 85.75 -35.50
C GLN A 762 -42.46 86.90 -34.93
N TYR A 763 -42.02 87.83 -35.79
CA TYR A 763 -41.24 88.98 -35.33
C TYR A 763 -42.10 90.09 -34.76
N GLY A 764 -43.42 89.98 -34.85
CA GLY A 764 -44.31 90.97 -34.27
C GLY A 764 -44.60 92.16 -35.16
N SER A 765 -44.44 93.36 -34.60
CA SER A 765 -44.80 94.60 -35.30
C SER A 765 -43.61 95.25 -36.01
N PHE A 766 -42.62 94.47 -36.44
CA PHE A 766 -41.50 95.06 -37.18
C PHE A 766 -41.96 95.59 -38.53
N CYS A 767 -42.76 94.81 -39.26
CA CYS A 767 -43.21 95.24 -40.58
C CYS A 767 -44.15 96.44 -40.48
N THR A 768 -45.05 96.44 -39.50
CA THR A 768 -45.99 97.54 -39.35
C THR A 768 -45.29 98.82 -38.92
N GLN A 769 -44.27 98.72 -38.06
CA GLN A 769 -43.52 99.90 -37.65
C GLN A 769 -42.80 100.53 -38.84
N LEU A 770 -42.29 99.71 -39.76
CA LEU A 770 -41.63 100.24 -40.94
C LEU A 770 -42.65 100.87 -41.89
N LYS A 771 -43.87 100.34 -41.91
CA LYS A 771 -44.90 100.88 -42.78
C LYS A 771 -45.33 102.27 -42.32
N ARG A 772 -45.50 102.46 -41.01
CA ARG A 772 -45.92 103.75 -40.48
C ARG A 772 -44.82 104.80 -40.58
N ALA A 773 -43.55 104.38 -40.56
CA ALA A 773 -42.47 105.35 -40.68
C ALA A 773 -42.38 105.91 -42.10
N LEU A 774 -42.69 105.10 -43.10
CA LEU A 774 -42.68 105.59 -44.48
C LEU A 774 -43.86 106.51 -44.74
N THR A 775 -45.05 106.14 -44.26
CA THR A 775 -46.20 107.01 -44.41
C THR A 775 -46.02 108.31 -43.63
N GLY A 776 -45.21 108.29 -42.58
CA GLY A 776 -44.89 109.53 -41.88
C GLY A 776 -44.08 110.48 -42.72
N ILE A 777 -43.32 109.93 -43.68
CA ILE A 777 -42.56 110.78 -44.60
C ILE A 777 -43.41 111.14 -45.81
N ALA A 778 -44.30 110.25 -46.22
CA ALA A 778 -45.12 110.48 -47.41
C ALA A 778 -45.99 111.71 -47.24
N VAL A 779 -46.79 111.76 -46.18
CA VAL A 779 -47.64 112.91 -45.94
C VAL A 779 -46.84 114.13 -45.50
N GLU A 780 -45.61 113.92 -45.02
CA GLU A 780 -44.77 115.06 -44.63
C GLU A 780 -44.22 115.78 -45.85
N GLN A 781 -43.84 115.04 -46.89
CA GLN A 781 -43.30 115.67 -48.09
C GLN A 781 -44.35 116.56 -48.76
N ASP A 782 -45.62 116.16 -48.71
CA ASP A 782 -46.69 117.00 -49.23
C ASP A 782 -46.93 118.20 -48.32
N LYS A 783 -46.65 118.06 -47.02
CA LYS A 783 -46.78 119.17 -46.10
C LYS A 783 -45.68 120.20 -46.32
N ASN A 784 -44.48 119.73 -46.70
CA ASN A 784 -43.37 120.64 -46.93
C ASN A 784 -43.57 121.45 -48.20
N THR A 785 -44.34 120.91 -49.15
CA THR A 785 -44.58 121.64 -50.39
C THR A 785 -45.62 122.74 -50.19
N GLN A 786 -46.70 122.44 -49.47
CA GLN A 786 -47.76 123.42 -49.26
C GLN A 786 -47.25 124.59 -48.44
N GLU A 787 -46.27 124.37 -47.56
CA GLU A 787 -45.71 125.45 -46.77
C GLU A 787 -44.88 126.42 -47.61
N VAL A 788 -44.58 126.07 -48.84
CA VAL A 788 -43.74 126.92 -49.69
C VAL A 788 -44.57 127.57 -50.78
N PHE A 789 -45.33 126.76 -51.52
CA PHE A 789 -46.06 127.26 -52.68
C PHE A 789 -47.49 127.70 -52.34
N ALA A 790 -48.16 126.98 -51.45
CA ALA A 790 -49.54 127.26 -51.11
C ALA A 790 -49.70 128.36 -50.07
N GLN A 791 -48.67 129.20 -49.86
CA GLN A 791 -48.78 130.27 -48.87
C GLN A 791 -49.78 131.33 -49.30
N VAL A 792 -49.98 131.51 -50.60
CA VAL A 792 -50.94 132.49 -51.08
C VAL A 792 -52.35 131.91 -51.01
N LYS A 793 -53.32 132.77 -50.67
CA LYS A 793 -54.70 132.31 -50.56
C LYS A 793 -55.44 132.37 -51.89
N GLN A 794 -55.09 133.32 -52.75
CA GLN A 794 -55.75 133.49 -54.04
C GLN A 794 -54.72 133.40 -55.16
N ILE A 795 -55.19 132.99 -56.34
CA ILE A 795 -54.34 132.86 -57.52
C ILE A 795 -54.44 134.18 -58.28
N TYR A 796 -53.40 134.99 -58.16
CA TYR A 796 -53.37 136.27 -58.86
C TYR A 796 -52.99 136.07 -60.33
N LYS A 797 -53.71 136.76 -61.20
CA LYS A 797 -53.48 136.68 -62.64
C LYS A 797 -52.82 137.96 -63.12
N THR A 798 -51.72 137.81 -63.87
CA THR A 798 -51.04 138.96 -64.42
C THR A 798 -51.91 139.63 -65.47
N PRO A 799 -51.91 140.96 -65.56
CA PRO A 799 -52.74 141.65 -66.55
C PRO A 799 -52.29 141.32 -67.96
N PRO A 800 -53.21 141.32 -68.93
CA PRO A 800 -52.82 141.03 -70.31
C PRO A 800 -51.82 142.02 -70.88
N ILE A 801 -51.87 143.28 -70.44
CA ILE A 801 -50.91 144.28 -70.89
C ILE A 801 -49.64 144.14 -70.06
N LYS A 802 -48.65 143.44 -70.61
CA LYS A 802 -47.42 143.15 -69.88
C LYS A 802 -46.46 144.34 -69.88
N TYR A 803 -46.94 145.48 -69.39
CA TYR A 803 -46.11 146.67 -69.25
C TYR A 803 -45.99 147.05 -67.78
N PHE A 804 -44.76 147.11 -67.27
CA PHE A 804 -44.50 147.40 -65.86
C PHE A 804 -43.40 148.45 -65.75
N GLY A 805 -43.53 149.51 -66.55
CA GLY A 805 -42.59 150.62 -66.47
C GLY A 805 -41.19 150.27 -66.94
N GLY A 806 -41.07 149.64 -68.10
CA GLY A 806 -39.77 149.30 -68.65
C GLY A 806 -39.23 147.95 -68.25
N PHE A 807 -39.67 147.40 -67.12
CA PHE A 807 -39.20 146.08 -66.71
C PHE A 807 -39.76 145.01 -67.62
N ASN A 808 -38.98 143.95 -67.82
CA ASN A 808 -39.31 142.88 -68.77
C ASN A 808 -39.31 141.55 -68.01
N PHE A 809 -40.50 141.08 -67.65
CA PHE A 809 -40.67 139.83 -66.93
C PHE A 809 -41.11 138.68 -67.83
N SER A 810 -40.90 138.77 -69.14
CA SER A 810 -41.38 137.74 -70.05
C SER A 810 -40.66 136.41 -69.85
N GLN A 811 -39.47 136.44 -69.24
CA GLN A 811 -38.67 135.24 -69.06
C GLN A 811 -38.94 134.53 -67.74
N ILE A 812 -39.52 135.21 -66.76
CA ILE A 812 -39.85 134.55 -65.50
C ILE A 812 -41.34 134.24 -65.38
N LEU A 813 -42.17 134.93 -66.15
CA LEU A 813 -43.61 134.70 -66.18
C LEU A 813 -43.96 133.63 -67.19
N PRO A 814 -45.06 132.90 -66.97
CA PRO A 814 -45.46 131.86 -67.91
C PRO A 814 -46.04 132.44 -69.19
N ASP A 815 -46.21 131.57 -70.18
CA ASP A 815 -46.78 131.92 -71.47
C ASP A 815 -47.62 130.77 -71.98
N PRO A 816 -48.84 131.04 -72.49
CA PRO A 816 -49.70 129.95 -72.95
C PRO A 816 -49.27 129.36 -74.29
N SER A 817 -48.23 129.88 -74.93
CA SER A 817 -47.77 129.38 -76.22
C SER A 817 -46.87 128.16 -76.10
N LYS A 818 -46.75 127.56 -74.92
CA LYS A 818 -45.93 126.38 -74.72
C LYS A 818 -46.63 125.47 -73.72
N PRO A 819 -46.42 124.17 -73.81
CA PRO A 819 -47.07 123.24 -72.88
C PRO A 819 -46.50 123.37 -71.48
N SER A 820 -47.24 122.81 -70.52
CA SER A 820 -46.89 122.75 -69.10
C SER A 820 -46.93 124.12 -68.44
N LYS A 821 -47.19 125.17 -69.23
CA LYS A 821 -47.42 126.52 -68.73
C LYS A 821 -46.31 127.02 -67.80
N ARG A 822 -45.08 126.54 -67.99
CA ARG A 822 -43.98 126.98 -67.15
C ARG A 822 -43.12 128.01 -67.89
N SER A 823 -42.41 128.82 -67.11
CA SER A 823 -41.58 129.88 -67.66
C SER A 823 -40.33 129.28 -68.31
N PRO A 824 -39.67 130.04 -69.19
CA PRO A 824 -38.41 129.55 -69.77
C PRO A 824 -37.37 129.14 -68.74
N ILE A 825 -37.23 129.92 -67.67
CA ILE A 825 -36.32 129.53 -66.59
C ILE A 825 -36.77 128.23 -65.96
N GLU A 826 -38.06 128.10 -65.68
CA GLU A 826 -38.60 126.85 -65.16
C GLU A 826 -38.41 125.72 -66.16
N ASP A 827 -38.54 126.01 -67.46
CA ASP A 827 -38.33 124.99 -68.47
C ASP A 827 -36.89 124.48 -68.44
N LEU A 828 -35.92 125.39 -68.34
CA LEU A 828 -34.53 124.98 -68.26
C LEU A 828 -34.25 124.20 -66.98
N LEU A 829 -34.82 124.64 -65.87
CA LEU A 829 -34.60 123.94 -64.59
C LEU A 829 -35.23 122.55 -64.61
N PHE A 830 -36.35 122.39 -65.32
CA PHE A 830 -36.98 121.07 -65.39
C PHE A 830 -36.26 120.16 -66.37
N ASN A 831 -35.69 120.73 -67.43
CA ASN A 831 -34.98 119.91 -68.41
C ASN A 831 -33.60 119.51 -67.92
N LYS A 832 -32.95 120.34 -67.11
CA LYS A 832 -31.60 120.07 -66.64
C LYS A 832 -31.57 119.33 -65.30
N VAL A 833 -32.62 118.56 -64.99
CA VAL A 833 -32.63 117.76 -63.77
C VAL A 833 -33.05 116.34 -64.10
N LYS A 861 -38.30 98.04 -58.09
CA LYS A 861 -39.73 98.35 -58.04
C LYS A 861 -40.56 97.09 -57.94
N PHE A 862 -40.13 96.05 -58.66
CA PHE A 862 -40.89 94.79 -58.69
C PHE A 862 -40.96 94.12 -57.32
N ASN A 863 -40.09 94.48 -56.39
CA ASN A 863 -40.10 93.90 -55.05
C ASN A 863 -41.13 94.56 -54.14
N GLY A 864 -41.99 95.43 -54.66
CA GLY A 864 -42.93 96.14 -53.83
C GLY A 864 -42.48 97.52 -53.42
N LEU A 865 -41.63 98.17 -54.21
CA LEU A 865 -41.07 99.48 -53.90
C LEU A 865 -41.69 100.59 -54.72
N THR A 866 -43.00 100.53 -54.95
CA THR A 866 -43.69 101.51 -55.79
C THR A 866 -43.51 102.92 -55.24
N VAL A 867 -43.60 103.90 -56.13
CA VAL A 867 -43.41 105.30 -55.80
C VAL A 867 -44.76 105.99 -55.75
N LEU A 868 -44.94 106.86 -54.76
CA LEU A 868 -46.17 107.60 -54.55
C LEU A 868 -46.11 108.95 -55.26
N PRO A 869 -47.11 109.28 -56.07
CA PRO A 869 -47.11 110.56 -56.75
C PRO A 869 -47.37 111.68 -55.76
N PRO A 870 -46.77 112.86 -55.98
CA PRO A 870 -47.04 113.98 -55.09
C PRO A 870 -48.46 114.49 -55.25
N LEU A 871 -48.97 115.11 -54.19
CA LEU A 871 -50.32 115.67 -54.24
C LEU A 871 -50.38 116.87 -55.17
N LEU A 872 -49.41 117.78 -55.05
CA LEU A 872 -49.33 118.95 -55.92
C LEU A 872 -48.46 118.62 -57.12
N THR A 873 -49.08 118.50 -58.29
CA THR A 873 -48.34 118.17 -59.50
C THR A 873 -47.50 119.36 -59.95
N ASP A 874 -46.66 119.11 -60.95
CA ASP A 874 -45.77 120.17 -61.45
C ASP A 874 -46.55 121.30 -62.08
N GLU A 875 -47.75 121.02 -62.60
CA GLU A 875 -48.58 122.08 -63.19
C GLU A 875 -49.14 122.99 -62.11
N MET A 876 -49.61 122.41 -61.00
CA MET A 876 -50.20 123.21 -59.93
C MET A 876 -49.12 123.99 -59.18
N ILE A 877 -47.93 123.41 -59.03
CA ILE A 877 -46.82 124.13 -58.44
C ILE A 877 -46.46 125.33 -59.31
N ALA A 878 -46.50 125.16 -60.62
CA ALA A 878 -46.27 126.28 -61.53
C ALA A 878 -47.36 127.35 -61.38
N GLN A 879 -48.59 126.92 -61.13
CA GLN A 879 -49.68 127.88 -60.92
C GLN A 879 -49.44 128.68 -59.64
N TYR A 880 -49.05 128.00 -58.57
CA TYR A 880 -48.76 128.70 -57.32
C TYR A 880 -47.59 129.66 -57.50
N THR A 881 -46.57 129.24 -58.26
CA THR A 881 -45.43 130.11 -58.51
C THR A 881 -45.84 131.34 -59.30
N SER A 882 -46.65 131.16 -60.34
CA SER A 882 -47.12 132.29 -61.12
C SER A 882 -47.99 133.23 -60.30
N ALA A 883 -48.80 132.68 -59.38
CA ALA A 883 -49.60 133.53 -58.52
C ALA A 883 -48.71 134.36 -57.59
N LEU A 884 -47.58 133.81 -57.16
CA LEU A 884 -46.64 134.56 -56.36
C LEU A 884 -45.99 135.69 -57.17
N LEU A 885 -45.65 135.40 -58.43
CA LEU A 885 -45.05 136.42 -59.28
C LEU A 885 -46.07 137.48 -59.67
N ALA A 886 -47.25 137.05 -60.12
CA ALA A 886 -48.28 138.01 -60.53
C ALA A 886 -48.71 138.89 -59.36
N GLY A 887 -48.58 138.39 -58.14
CA GLY A 887 -48.91 139.15 -56.97
C GLY A 887 -47.83 140.15 -56.57
N THR A 888 -46.57 139.75 -56.72
CA THR A 888 -45.47 140.62 -56.28
C THR A 888 -45.12 141.67 -57.31
N ILE A 889 -45.50 141.49 -58.58
CA ILE A 889 -45.23 142.49 -59.61
C ILE A 889 -46.37 143.46 -59.80
N THR A 890 -47.54 143.19 -59.22
CA THR A 890 -48.70 144.06 -59.34
C THR A 890 -49.19 144.62 -58.02
N SER A 891 -48.82 144.02 -56.89
CA SER A 891 -49.29 144.48 -55.59
C SER A 891 -48.18 144.69 -54.57
N GLY A 892 -46.93 144.35 -54.90
CA GLY A 892 -45.87 144.51 -53.93
C GLY A 892 -45.97 143.50 -52.81
N TRP A 893 -45.69 143.96 -51.59
CA TRP A 893 -45.78 143.09 -50.43
C TRP A 893 -47.12 143.22 -49.70
N THR A 894 -48.16 143.70 -50.38
CA THR A 894 -49.44 143.91 -49.69
C THR A 894 -50.34 142.68 -49.77
N PHE A 895 -50.15 141.84 -50.78
CA PHE A 895 -51.02 140.67 -50.93
C PHE A 895 -50.73 139.60 -49.88
N GLY A 896 -49.52 139.59 -49.31
CA GLY A 896 -49.21 138.60 -48.29
C GLY A 896 -49.81 138.95 -46.94
N ALA A 897 -49.84 140.25 -46.62
CA ALA A 897 -50.37 140.67 -45.33
C ALA A 897 -51.89 140.72 -45.31
N GLY A 898 -52.51 140.82 -46.48
CA GLY A 898 -53.95 140.93 -46.56
C GLY A 898 -54.47 140.96 -47.97
N PRO A 899 -55.37 141.89 -48.26
CA PRO A 899 -55.97 141.99 -49.60
C PRO A 899 -54.96 142.46 -50.64
N ALA A 900 -55.35 142.31 -51.90
CA ALA A 900 -54.50 142.70 -53.03
C ALA A 900 -54.61 144.21 -53.24
N LEU A 901 -53.54 144.92 -52.88
CA LEU A 901 -53.48 146.37 -53.06
C LEU A 901 -52.59 146.66 -54.26
N GLN A 902 -53.21 147.01 -55.39
CA GLN A 902 -52.45 147.27 -56.61
C GLN A 902 -51.59 148.51 -56.45
N ILE A 903 -50.43 148.51 -57.10
CA ILE A 903 -49.48 149.61 -57.03
C ILE A 903 -48.61 149.58 -58.28
N PRO A 904 -48.38 150.73 -58.93
CA PRO A 904 -47.50 150.73 -60.11
C PRO A 904 -46.10 150.25 -59.75
N PHE A 905 -45.54 149.42 -60.64
CA PHE A 905 -44.23 148.83 -60.37
C PHE A 905 -43.11 149.86 -60.23
N PRO A 906 -43.05 150.94 -61.03
CA PRO A 906 -42.05 151.98 -60.74
C PRO A 906 -42.20 152.58 -59.36
N MET A 907 -43.42 152.60 -58.81
CA MET A 907 -43.60 153.07 -57.44
C MET A 907 -43.27 151.97 -56.44
N GLN A 908 -43.61 150.72 -56.77
CA GLN A 908 -43.30 149.60 -55.89
C GLN A 908 -41.79 149.49 -55.67
N MET A 909 -41.02 149.56 -56.75
CA MET A 909 -39.57 149.50 -56.61
C MET A 909 -39.01 150.74 -55.92
N ALA A 910 -39.74 151.85 -55.99
CA ALA A 910 -39.25 153.08 -55.36
C ALA A 910 -39.20 152.96 -53.84
N TYR A 911 -40.22 152.32 -53.24
CA TYR A 911 -40.24 152.21 -51.79
C TYR A 911 -39.33 151.08 -51.32
N ARG A 912 -39.03 150.12 -52.18
CA ARG A 912 -38.01 149.13 -51.84
C ARG A 912 -36.63 149.78 -51.76
N PHE A 913 -36.33 150.69 -52.68
CA PHE A 913 -35.12 151.47 -52.58
C PHE A 913 -35.13 152.34 -51.32
N ASN A 914 -36.30 152.88 -50.97
CA ASN A 914 -36.42 153.60 -49.71
C ASN A 914 -36.12 152.69 -48.53
N GLY A 915 -36.45 151.41 -48.65
CA GLY A 915 -36.14 150.47 -47.58
C GLY A 915 -34.67 150.15 -47.49
N ILE A 916 -34.00 149.99 -48.64
CA ILE A 916 -32.58 149.65 -48.61
C ILE A 916 -31.71 150.83 -48.17
N GLY A 917 -32.19 152.06 -48.32
CA GLY A 917 -31.45 153.20 -47.80
C GLY A 917 -31.22 154.34 -48.77
N VAL A 918 -31.93 154.34 -49.91
CA VAL A 918 -31.82 155.39 -50.90
C VAL A 918 -33.21 155.94 -51.20
N THR A 919 -33.31 157.25 -51.35
CA THR A 919 -34.61 157.88 -51.54
C THR A 919 -35.23 157.50 -52.89
N GLN A 920 -36.45 157.96 -53.11
CA GLN A 920 -37.18 157.61 -54.32
C GLN A 920 -36.63 158.32 -55.55
N ASN A 921 -35.94 159.45 -55.35
CA ASN A 921 -35.40 160.19 -56.49
C ASN A 921 -34.30 159.42 -57.17
N VAL A 922 -33.57 158.58 -56.43
CA VAL A 922 -32.48 157.80 -57.00
C VAL A 922 -32.99 156.80 -58.03
N LEU A 923 -34.17 156.23 -57.81
CA LEU A 923 -34.74 155.28 -58.76
C LEU A 923 -35.30 155.98 -59.99
N TYR A 924 -36.04 157.07 -59.77
CA TYR A 924 -36.70 157.76 -60.88
C TYR A 924 -35.68 158.39 -61.81
N GLU A 925 -34.61 158.96 -61.25
CA GLU A 925 -33.56 159.55 -62.09
C GLU A 925 -32.78 158.52 -62.87
N ASN A 926 -32.87 157.24 -62.51
CA ASN A 926 -32.21 156.16 -63.23
C ASN A 926 -33.15 155.00 -63.51
N GLN A 927 -34.42 155.29 -63.79
CA GLN A 927 -35.39 154.22 -64.02
C GLN A 927 -35.06 153.41 -65.26
N LYS A 928 -34.60 154.07 -66.33
CA LYS A 928 -34.24 153.36 -67.54
C LYS A 928 -33.01 152.48 -67.32
N LEU A 929 -32.04 152.98 -66.56
CA LEU A 929 -30.83 152.20 -66.31
C LEU A 929 -31.13 150.97 -65.47
N ILE A 930 -31.89 151.14 -64.39
CA ILE A 930 -32.20 150.02 -63.50
C ILE A 930 -33.06 148.99 -64.22
N ALA A 931 -33.98 149.46 -65.07
CA ALA A 931 -34.81 148.54 -65.83
C ALA A 931 -33.96 147.74 -66.82
N ASN A 932 -32.93 148.37 -67.40
CA ASN A 932 -32.05 147.65 -68.31
C ASN A 932 -31.10 146.73 -67.56
N GLN A 933 -30.62 147.17 -66.40
CA GLN A 933 -29.75 146.31 -65.60
C GLN A 933 -30.50 145.08 -65.09
N PHE A 934 -31.80 145.21 -64.87
CA PHE A 934 -32.60 144.08 -64.43
C PHE A 934 -32.79 143.07 -65.55
N ASN A 935 -33.14 143.54 -66.74
CA ASN A 935 -33.36 142.64 -67.87
C ASN A 935 -32.06 141.95 -68.29
N SER A 936 -30.93 142.62 -68.10
CA SER A 936 -29.64 142.02 -68.45
C SER A 936 -29.21 141.02 -67.40
N ALA A 937 -29.50 141.30 -66.12
CA ALA A 937 -29.10 140.38 -65.05
C ALA A 937 -29.87 139.08 -65.12
N ILE A 938 -31.17 139.15 -65.45
CA ILE A 938 -31.97 137.93 -65.57
C ILE A 938 -31.50 137.10 -66.75
N GLY A 939 -31.13 137.75 -67.86
CA GLY A 939 -30.61 137.05 -69.01
C GLY A 939 -29.32 136.30 -68.69
N LYS A 940 -28.40 136.98 -67.98
CA LYS A 940 -27.20 136.31 -67.54
C LYS A 940 -27.52 135.16 -66.60
N ILE A 941 -28.53 135.32 -65.75
CA ILE A 941 -28.90 134.26 -64.81
C ILE A 941 -29.39 133.02 -65.54
N GLN A 942 -30.29 133.20 -66.51
CA GLN A 942 -30.79 132.06 -67.24
C GLN A 942 -29.72 131.43 -68.13
N ASP A 943 -28.86 132.25 -68.73
CA ASP A 943 -27.76 131.72 -69.52
C ASP A 943 -26.82 130.90 -68.64
N SER A 944 -26.57 131.36 -67.42
CA SER A 944 -25.69 130.63 -66.51
C SER A 944 -26.33 129.31 -66.08
N LEU A 945 -27.60 129.35 -65.66
CA LEU A 945 -28.25 128.12 -65.21
C LEU A 945 -28.50 127.15 -66.36
N SER A 946 -28.44 127.63 -67.60
CA SER A 946 -28.55 126.73 -68.75
C SER A 946 -27.19 126.26 -69.24
N SER A 947 -26.11 126.96 -68.89
CA SER A 947 -24.78 126.60 -69.36
C SER A 947 -23.88 126.00 -68.29
N THR A 948 -24.18 126.21 -67.00
CA THR A 948 -23.35 125.64 -65.97
C THR A 948 -23.55 124.12 -65.88
N PRO A 949 -22.48 123.37 -65.67
CA PRO A 949 -22.62 121.90 -65.64
C PRO A 949 -23.39 121.40 -64.42
N SER A 950 -23.09 121.92 -63.23
CA SER A 950 -23.73 121.38 -62.02
C SER A 950 -24.22 122.46 -61.06
N ALA A 951 -24.89 123.51 -61.54
CA ALA A 951 -25.43 124.51 -60.63
C ALA A 951 -26.59 123.96 -59.82
N LEU A 952 -27.28 122.94 -60.34
CA LEU A 952 -28.40 122.33 -59.64
C LEU A 952 -27.96 121.04 -58.95
N GLY A 953 -26.74 121.02 -58.44
CA GLY A 953 -26.21 119.80 -57.85
C GLY A 953 -26.99 119.36 -56.62
N LYS A 954 -27.51 120.32 -55.86
CA LYS A 954 -28.27 119.99 -54.65
C LYS A 954 -29.48 119.13 -54.97
N LEU A 955 -30.29 119.57 -55.94
CA LEU A 955 -31.41 118.74 -56.40
C LEU A 955 -30.90 117.44 -57.01
N GLN A 956 -29.77 117.50 -57.72
CA GLN A 956 -29.19 116.28 -58.28
C GLN A 956 -28.71 115.34 -57.17
N ASP A 957 -28.09 115.88 -56.13
CA ASP A 957 -27.68 115.05 -55.01
C ASP A 957 -28.88 114.44 -54.30
N VAL A 958 -29.98 115.17 -54.23
CA VAL A 958 -31.19 114.64 -53.60
C VAL A 958 -31.77 113.51 -54.43
N VAL A 959 -31.90 113.72 -55.74
CA VAL A 959 -32.52 112.68 -56.57
C VAL A 959 -31.57 111.51 -56.77
N ASN A 960 -30.28 111.69 -56.49
CA ASN A 960 -29.34 110.57 -56.62
C ASN A 960 -29.29 109.74 -55.34
N HIS A 961 -29.33 110.39 -54.18
CA HIS A 961 -29.26 109.67 -52.91
C HIS A 961 -30.47 108.76 -52.74
N ASN A 962 -31.63 109.17 -53.25
CA ASN A 962 -32.82 108.34 -53.13
C ASN A 962 -32.73 107.09 -54.00
N ALA A 963 -32.27 107.26 -55.24
CA ALA A 963 -32.19 106.12 -56.15
C ALA A 963 -31.03 105.20 -55.78
N GLN A 964 -29.91 105.78 -55.32
CA GLN A 964 -28.75 104.96 -54.98
C GLN A 964 -29.03 104.10 -53.76
N ALA A 965 -29.72 104.65 -52.76
CA ALA A 965 -30.07 103.87 -51.57
C ALA A 965 -31.13 102.83 -51.90
N LEU A 966 -32.05 103.17 -52.82
CA LEU A 966 -33.10 102.22 -53.19
C LEU A 966 -32.53 101.07 -54.01
N ASN A 967 -31.58 101.35 -54.91
CA ASN A 967 -30.96 100.29 -55.70
C ASN A 967 -30.15 99.35 -54.83
N THR A 968 -29.56 99.85 -53.75
CA THR A 968 -28.83 98.99 -52.83
C THR A 968 -29.78 98.03 -52.11
N LEU A 969 -30.99 98.49 -51.81
CA LEU A 969 -31.99 97.61 -51.20
C LEU A 969 -32.39 96.48 -52.14
N VAL A 970 -32.48 96.77 -53.44
CA VAL A 970 -32.77 95.73 -54.42
C VAL A 970 -31.55 94.84 -54.61
N LYS A 971 -30.35 95.42 -54.51
CA LYS A 971 -29.13 94.63 -54.63
C LYS A 971 -29.02 93.60 -53.51
N GLN A 972 -29.33 94.01 -52.28
CA GLN A 972 -29.26 93.08 -51.16
C GLN A 972 -30.37 92.04 -51.17
N LEU A 973 -31.39 92.20 -52.03
CA LEU A 973 -32.41 91.18 -52.14
C LEU A 973 -31.87 89.91 -52.79
N SER A 974 -30.91 90.06 -53.72
CA SER A 974 -30.29 88.89 -54.34
C SER A 974 -29.15 88.33 -53.49
N SER A 975 -28.82 88.98 -52.39
CA SER A 975 -27.77 88.48 -51.50
C SER A 975 -28.30 87.35 -50.64
N LYS A 976 -27.62 86.20 -50.69
CA LYS A 976 -28.01 85.03 -49.91
C LYS A 976 -27.31 85.08 -48.56
N PHE A 977 -28.06 85.43 -47.53
CA PHE A 977 -27.51 85.54 -46.18
C PHE A 977 -27.26 84.17 -45.57
N GLY A 978 -26.07 83.62 -45.81
CA GLY A 978 -25.71 82.33 -45.23
C GLY A 978 -26.65 81.19 -45.56
N ALA A 979 -27.27 81.24 -46.74
CA ALA A 979 -28.20 80.21 -47.15
C ALA A 979 -27.71 79.57 -48.44
N ILE A 980 -28.37 78.47 -48.81
CA ILE A 980 -28.00 77.75 -50.03
C ILE A 980 -28.44 78.51 -51.27
N SER A 981 -29.45 79.38 -51.13
CA SER A 981 -29.96 80.14 -52.25
C SER A 981 -30.61 81.42 -51.72
N SER A 982 -30.64 82.44 -52.58
CA SER A 982 -31.25 83.71 -52.24
C SER A 982 -32.71 83.80 -52.67
N VAL A 983 -33.15 82.95 -53.58
CA VAL A 983 -34.53 82.94 -54.04
C VAL A 983 -35.34 82.02 -53.15
N LEU A 984 -36.45 82.53 -52.62
CA LEU A 984 -37.29 81.72 -51.74
C LEU A 984 -37.89 80.53 -52.48
N ASN A 985 -38.03 80.60 -53.80
CA ASN A 985 -38.55 79.48 -54.55
C ASN A 985 -37.51 78.38 -54.70
N ASP A 986 -36.21 78.73 -54.66
CA ASP A 986 -35.17 77.73 -54.81
C ASP A 986 -35.01 76.90 -53.55
N ILE A 987 -35.07 77.55 -52.37
CA ILE A 987 -34.93 76.83 -51.11
C ILE A 987 -36.14 75.93 -50.88
N LEU A 988 -37.33 76.43 -51.20
CA LEU A 988 -38.54 75.63 -51.02
C LEU A 988 -38.57 74.44 -51.97
N SER A 989 -37.91 74.56 -53.13
CA SER A 989 -37.89 73.46 -54.09
C SER A 989 -36.80 72.44 -53.80
N ARG A 990 -35.89 72.73 -52.88
CA ARG A 990 -34.78 71.81 -52.60
C ARG A 990 -34.88 71.16 -51.23
N LEU A 991 -35.40 71.86 -50.23
CA LEU A 991 -35.40 71.37 -48.86
C LEU A 991 -36.82 71.16 -48.37
N ASP A 992 -36.95 70.36 -47.31
CA ASP A 992 -38.21 70.15 -46.62
C ASP A 992 -38.50 71.31 -45.67
N PRO A 993 -39.76 71.52 -45.30
CA PRO A 993 -40.11 72.63 -44.40
C PRO A 993 -39.30 72.64 -43.12
N PRO A 994 -39.10 71.49 -42.43
CA PRO A 994 -38.29 71.53 -41.21
C PRO A 994 -36.83 71.89 -41.46
N GLU A 995 -36.32 71.69 -42.68
CA GLU A 995 -34.92 72.03 -42.95
C GLU A 995 -34.79 73.37 -43.67
N ALA A 996 -35.82 73.74 -44.44
CA ALA A 996 -35.75 75.01 -45.17
C ALA A 996 -35.91 76.20 -44.23
N GLU A 997 -36.57 75.99 -43.09
CA GLU A 997 -36.77 77.09 -42.15
C GLU A 997 -35.45 77.60 -41.58
N VAL A 998 -34.45 76.72 -41.46
CA VAL A 998 -33.16 77.14 -40.95
C VAL A 998 -32.51 78.16 -41.88
N GLN A 999 -32.74 78.04 -43.19
CA GLN A 999 -32.20 79.01 -44.13
C GLN A 999 -33.12 80.22 -44.26
N ILE A 1000 -34.43 80.00 -44.15
CA ILE A 1000 -35.38 81.10 -44.28
C ILE A 1000 -35.20 82.10 -43.14
N ASP A 1001 -35.10 81.60 -41.91
CA ASP A 1001 -34.92 82.49 -40.76
C ASP A 1001 -33.62 83.26 -40.86
N ARG A 1002 -32.59 82.68 -41.47
CA ARG A 1002 -31.34 83.40 -41.66
C ARG A 1002 -31.45 84.42 -42.79
N LEU A 1003 -32.28 84.15 -43.79
CA LEU A 1003 -32.54 85.14 -44.83
C LEU A 1003 -33.35 86.31 -44.30
N ILE A 1004 -34.39 86.00 -43.51
CA ILE A 1004 -35.24 87.06 -42.97
C ILE A 1004 -34.44 87.95 -42.02
N THR A 1005 -33.57 87.34 -41.20
CA THR A 1005 -32.74 88.12 -40.29
C THR A 1005 -31.88 89.12 -41.06
N GLY A 1006 -31.34 88.69 -42.21
CA GLY A 1006 -30.55 89.60 -43.03
C GLY A 1006 -31.40 90.60 -43.79
N ARG A 1007 -32.59 90.17 -44.25
CA ARG A 1007 -33.44 91.08 -45.02
C ARG A 1007 -34.14 92.08 -44.11
N LEU A 1008 -34.43 91.70 -42.86
CA LEU A 1008 -35.01 92.65 -41.92
C LEU A 1008 -34.04 93.78 -41.61
N GLN A 1009 -32.76 93.45 -41.44
CA GLN A 1009 -31.76 94.48 -41.21
C GLN A 1009 -31.59 95.38 -42.41
N SER A 1010 -31.93 94.89 -43.60
CA SER A 1010 -31.89 95.72 -44.80
C SER A 1010 -33.01 96.75 -44.79
N LEU A 1011 -34.24 96.30 -44.52
CA LEU A 1011 -35.38 97.22 -44.50
C LEU A 1011 -35.27 98.21 -43.35
N GLN A 1012 -34.80 97.75 -42.19
CA GLN A 1012 -34.64 98.65 -41.06
C GLN A 1012 -33.59 99.72 -41.35
N THR A 1013 -32.46 99.31 -41.94
CA THR A 1013 -31.43 100.28 -42.31
C THR A 1013 -31.96 101.26 -43.35
N TYR A 1014 -32.73 100.77 -44.32
CA TYR A 1014 -33.29 101.65 -45.34
C TYR A 1014 -34.24 102.66 -44.72
N VAL A 1015 -35.10 102.22 -43.81
CA VAL A 1015 -36.07 103.12 -43.18
C VAL A 1015 -35.35 104.14 -42.31
N THR A 1016 -34.31 103.71 -41.58
CA THR A 1016 -33.55 104.64 -40.76
C THR A 1016 -32.85 105.68 -41.63
N GLN A 1017 -32.25 105.27 -42.74
CA GLN A 1017 -31.61 106.22 -43.63
C GLN A 1017 -32.63 107.17 -44.25
N GLN A 1018 -33.81 106.66 -44.60
CA GLN A 1018 -34.85 107.51 -45.15
C GLN A 1018 -35.31 108.55 -44.14
N LEU A 1019 -35.46 108.15 -42.88
CA LEU A 1019 -35.85 109.09 -41.84
C LEU A 1019 -34.77 110.14 -41.61
N ILE A 1020 -33.51 109.72 -41.57
CA ILE A 1020 -32.42 110.66 -41.35
C ILE A 1020 -32.32 111.65 -42.50
N ARG A 1021 -32.53 111.19 -43.73
CA ARG A 1021 -32.49 112.09 -44.88
C ARG A 1021 -33.71 112.99 -44.93
N ALA A 1022 -34.88 112.48 -44.54
CA ALA A 1022 -36.08 113.31 -44.51
C ALA A 1022 -35.98 114.38 -43.42
N ALA A 1023 -35.19 114.12 -42.38
CA ALA A 1023 -34.92 115.18 -41.41
C ALA A 1023 -34.27 116.38 -42.07
N GLU A 1024 -33.21 116.17 -42.85
CA GLU A 1024 -32.56 117.27 -43.55
C GLU A 1024 -33.46 117.84 -44.65
N ILE A 1025 -34.26 116.99 -45.28
CA ILE A 1025 -35.20 117.47 -46.29
C ILE A 1025 -36.18 118.46 -45.66
N ARG A 1026 -36.72 118.14 -44.48
CA ARG A 1026 -37.63 119.04 -43.80
C ARG A 1026 -36.90 120.28 -43.31
N ALA A 1027 -35.65 120.11 -42.86
CA ALA A 1027 -34.86 121.26 -42.42
C ALA A 1027 -34.63 122.26 -43.55
N SER A 1028 -34.47 121.76 -44.78
CA SER A 1028 -34.30 122.64 -45.92
C SER A 1028 -35.64 123.19 -46.42
N ALA A 1029 -36.71 122.38 -46.32
CA ALA A 1029 -38.01 122.83 -46.76
C ALA A 1029 -38.55 123.93 -45.86
N ASN A 1030 -38.27 123.86 -44.56
CA ASN A 1030 -38.66 124.93 -43.66
C ASN A 1030 -37.89 126.21 -43.96
N LEU A 1031 -36.61 126.09 -44.29
CA LEU A 1031 -35.84 127.27 -44.70
C LEU A 1031 -36.36 127.85 -45.99
N ALA A 1032 -36.84 127.00 -46.90
CA ALA A 1032 -37.43 127.49 -48.15
C ALA A 1032 -38.76 128.18 -47.89
N ALA A 1033 -39.56 127.64 -46.97
CA ALA A 1033 -40.83 128.26 -46.63
C ALA A 1033 -40.61 129.61 -45.94
N THR A 1034 -39.62 129.69 -45.07
CA THR A 1034 -39.25 130.98 -44.48
C THR A 1034 -38.70 131.93 -45.54
N LYS A 1035 -38.05 131.38 -46.57
CA LYS A 1035 -37.55 132.18 -47.67
C LYS A 1035 -38.69 132.75 -48.50
N MET A 1036 -39.74 131.96 -48.72
CA MET A 1036 -40.88 132.43 -49.50
C MET A 1036 -41.63 133.52 -48.76
N SER A 1037 -41.79 133.36 -47.45
CA SER A 1037 -42.56 134.34 -46.68
C SER A 1037 -41.79 135.64 -46.50
N GLU A 1038 -40.47 135.56 -46.34
CA GLU A 1038 -39.68 136.75 -46.02
C GLU A 1038 -39.12 137.42 -47.26
N CYS A 1039 -38.62 136.65 -48.23
CA CYS A 1039 -37.98 137.22 -49.41
C CYS A 1039 -38.97 137.48 -50.55
N VAL A 1040 -39.97 136.62 -50.72
CA VAL A 1040 -40.93 136.78 -51.81
C VAL A 1040 -42.13 137.61 -51.38
N LEU A 1041 -42.78 137.24 -50.28
CA LEU A 1041 -43.94 137.95 -49.80
C LEU A 1041 -43.61 139.33 -49.21
N GLY A 1042 -42.34 139.64 -49.01
CA GLY A 1042 -41.96 140.93 -48.48
C GLY A 1042 -40.49 141.24 -48.67
N GLN A 1043 -39.99 142.25 -47.97
CA GLN A 1043 -38.58 142.62 -48.04
C GLN A 1043 -37.95 142.38 -46.68
N SER A 1044 -36.81 141.69 -46.69
CA SER A 1044 -36.15 141.25 -45.46
C SER A 1044 -34.84 141.99 -45.28
N LYS A 1045 -34.65 142.56 -44.08
CA LYS A 1045 -33.38 143.18 -43.74
C LYS A 1045 -32.33 142.17 -43.31
N ARG A 1046 -32.66 140.87 -43.29
CA ARG A 1046 -31.72 139.84 -42.87
C ARG A 1046 -30.59 139.76 -43.88
N VAL A 1047 -29.37 139.99 -43.41
CA VAL A 1047 -28.18 140.00 -44.27
C VAL A 1047 -27.93 138.60 -44.80
N ASP A 1048 -27.74 138.49 -46.12
CA ASP A 1048 -27.38 137.27 -46.83
C ASP A 1048 -28.47 136.20 -46.75
N PHE A 1049 -29.66 136.53 -46.27
CA PHE A 1049 -30.74 135.55 -46.25
C PHE A 1049 -31.52 135.56 -47.56
N CYS A 1050 -31.66 136.73 -48.19
CA CYS A 1050 -32.39 136.82 -49.44
C CYS A 1050 -31.44 137.23 -50.57
N GLY A 1051 -30.26 136.63 -50.60
CA GLY A 1051 -29.29 136.90 -51.65
C GLY A 1051 -28.17 137.82 -51.17
N LYS A 1052 -27.06 137.75 -51.90
CA LYS A 1052 -25.91 138.58 -51.59
C LYS A 1052 -26.20 140.04 -51.93
N GLY A 1053 -25.86 140.92 -50.98
CA GLY A 1053 -26.09 142.33 -51.16
C GLY A 1053 -27.30 142.85 -50.41
N TYR A 1054 -28.07 143.74 -51.04
CA TYR A 1054 -29.28 144.31 -50.46
C TYR A 1054 -30.48 143.82 -51.25
N HIS A 1055 -31.36 143.08 -50.56
CA HIS A 1055 -32.49 142.45 -51.23
C HIS A 1055 -33.56 143.47 -51.58
N LEU A 1056 -34.02 143.43 -52.83
CA LEU A 1056 -35.15 144.25 -53.28
C LEU A 1056 -36.44 143.43 -53.34
N MET A 1057 -36.43 142.36 -54.12
CA MET A 1057 -37.58 141.46 -54.22
C MET A 1057 -37.07 140.12 -54.73
N SER A 1058 -37.90 139.09 -54.58
CA SER A 1058 -37.54 137.74 -54.96
C SER A 1058 -38.66 137.12 -55.79
N PHE A 1059 -38.27 136.24 -56.71
CA PHE A 1059 -39.19 135.55 -57.58
C PHE A 1059 -38.97 134.04 -57.46
N PRO A 1060 -39.93 133.28 -56.94
CA PRO A 1060 -39.77 131.83 -56.88
C PRO A 1060 -39.85 131.21 -58.26
N GLN A 1061 -39.26 130.02 -58.37
CA GLN A 1061 -39.29 129.26 -59.61
C GLN A 1061 -39.49 127.79 -59.28
N SER A 1062 -40.40 127.14 -60.00
CA SER A 1062 -40.65 125.72 -59.80
C SER A 1062 -39.45 124.91 -60.28
N ALA A 1063 -39.16 123.82 -59.56
CA ALA A 1063 -38.05 122.94 -59.89
C ALA A 1063 -38.42 121.53 -59.44
N PRO A 1064 -37.91 120.51 -60.14
CA PRO A 1064 -38.23 119.13 -59.74
C PRO A 1064 -37.74 118.80 -58.33
N HIS A 1065 -38.70 118.55 -57.43
CA HIS A 1065 -38.40 118.22 -56.03
C HIS A 1065 -37.57 119.32 -55.36
N GLY A 1066 -37.82 120.57 -55.75
CA GLY A 1066 -37.10 121.70 -55.17
C GLY A 1066 -37.72 123.03 -55.52
N VAL A 1067 -36.96 124.11 -55.30
CA VAL A 1067 -37.41 125.45 -55.64
C VAL A 1067 -36.19 126.32 -55.84
N VAL A 1068 -36.32 127.32 -56.72
CA VAL A 1068 -35.25 128.26 -57.03
C VAL A 1068 -35.79 129.66 -56.84
N PHE A 1069 -35.07 130.47 -56.06
CA PHE A 1069 -35.45 131.86 -55.79
C PHE A 1069 -34.50 132.79 -56.54
N LEU A 1070 -35.07 133.67 -57.35
CA LEU A 1070 -34.29 134.67 -58.09
C LEU A 1070 -34.22 135.93 -57.23
N HIS A 1071 -33.17 136.02 -56.41
CA HIS A 1071 -33.01 137.14 -55.50
C HIS A 1071 -32.55 138.37 -56.26
N VAL A 1072 -33.47 139.30 -56.54
CA VAL A 1072 -33.10 140.57 -57.14
C VAL A 1072 -32.50 141.46 -56.07
N THR A 1073 -31.18 141.66 -56.14
CA THR A 1073 -30.46 142.35 -55.09
C THR A 1073 -29.85 143.65 -55.62
N TYR A 1074 -29.83 144.66 -54.77
CA TYR A 1074 -29.19 145.92 -55.08
C TYR A 1074 -27.76 145.91 -54.55
N VAL A 1075 -26.79 145.86 -55.45
CA VAL A 1075 -25.37 145.79 -55.10
C VAL A 1075 -24.69 147.05 -55.60
N PRO A 1076 -24.16 147.89 -54.72
CA PRO A 1076 -23.50 149.12 -55.18
C PRO A 1076 -22.13 148.82 -55.79
N ALA A 1077 -21.64 149.78 -56.57
CA ALA A 1077 -20.35 149.66 -57.23
C ALA A 1077 -19.82 151.05 -57.54
N GLN A 1078 -18.58 151.09 -58.02
CA GLN A 1078 -17.90 152.34 -58.38
C GLN A 1078 -17.86 153.30 -57.19
N GLU A 1079 -17.30 152.82 -56.08
CA GLU A 1079 -17.20 153.63 -54.89
C GLU A 1079 -16.10 154.68 -55.02
N LYS A 1080 -16.28 155.80 -54.33
CA LYS A 1080 -15.32 156.88 -54.33
C LYS A 1080 -15.07 157.33 -52.90
N ASN A 1081 -13.80 157.60 -52.57
CA ASN A 1081 -13.44 158.03 -51.23
C ASN A 1081 -13.63 159.53 -51.07
N PHE A 1082 -14.05 159.94 -49.88
CA PHE A 1082 -14.27 161.34 -49.56
C PHE A 1082 -13.86 161.60 -48.13
N THR A 1083 -13.44 162.84 -47.87
CA THR A 1083 -13.12 163.26 -46.51
C THR A 1083 -14.40 163.61 -45.76
N THR A 1084 -14.49 163.15 -44.52
CA THR A 1084 -15.70 163.33 -43.73
C THR A 1084 -15.32 163.67 -42.29
N ALA A 1085 -16.33 164.15 -41.56
CA ALA A 1085 -16.21 164.45 -40.15
C ALA A 1085 -17.41 163.87 -39.41
N PRO A 1086 -17.25 163.51 -38.13
CA PRO A 1086 -18.40 162.98 -37.37
C PRO A 1086 -19.59 163.93 -37.35
N ALA A 1087 -19.35 165.23 -37.27
CA ALA A 1087 -20.43 166.22 -37.30
C ALA A 1087 -19.86 167.57 -37.70
N ILE A 1088 -20.74 168.55 -37.87
CA ILE A 1088 -20.37 169.89 -38.30
C ILE A 1088 -21.04 170.90 -37.37
N CYS A 1089 -20.26 171.87 -36.90
CA CYS A 1089 -20.75 172.88 -35.97
C CYS A 1089 -21.14 174.16 -36.71
N HIS A 1090 -22.23 174.77 -36.25
CA HIS A 1090 -22.56 176.14 -36.61
C HIS A 1090 -21.95 177.05 -35.55
N ASP A 1091 -22.36 178.32 -35.52
CA ASP A 1091 -21.87 179.26 -34.52
C ASP A 1091 -22.39 178.84 -33.14
N GLY A 1092 -21.51 178.27 -32.32
CA GLY A 1092 -21.85 177.89 -30.97
C GLY A 1092 -22.73 176.67 -30.83
N LYS A 1093 -23.03 175.95 -31.92
CA LYS A 1093 -23.89 174.79 -31.85
C LYS A 1093 -23.43 173.75 -32.88
N ALA A 1094 -23.63 172.49 -32.54
CA ALA A 1094 -23.20 171.38 -33.39
C ALA A 1094 -24.42 170.72 -34.03
N HIS A 1095 -24.39 170.54 -35.34
CA HIS A 1095 -25.46 169.89 -36.07
C HIS A 1095 -25.05 168.46 -36.46
N PHE A 1096 -26.05 167.60 -36.58
CA PHE A 1096 -25.85 166.21 -36.94
C PHE A 1096 -26.75 165.85 -38.11
N PRO A 1097 -26.29 164.97 -39.00
CA PRO A 1097 -27.11 164.61 -40.18
C PRO A 1097 -28.34 163.82 -39.78
N ARG A 1098 -29.51 164.31 -40.19
CA ARG A 1098 -30.76 163.63 -39.88
C ARG A 1098 -30.85 162.30 -40.61
N GLU A 1099 -30.51 162.28 -41.90
CA GLU A 1099 -30.51 161.06 -42.68
C GLU A 1099 -29.36 161.13 -43.67
N GLY A 1100 -28.49 160.12 -43.61
CA GLY A 1100 -27.30 160.11 -44.43
C GLY A 1100 -26.07 160.48 -43.63
N VAL A 1101 -25.00 160.83 -44.38
CA VAL A 1101 -23.72 161.18 -43.78
C VAL A 1101 -23.18 162.42 -44.48
N PHE A 1102 -22.22 163.07 -43.80
CA PHE A 1102 -21.55 164.23 -44.37
C PHE A 1102 -20.34 163.80 -45.18
N VAL A 1103 -20.13 164.47 -46.32
CA VAL A 1103 -19.01 164.20 -47.20
C VAL A 1103 -18.40 165.53 -47.65
N SER A 1104 -17.15 165.47 -48.09
CA SER A 1104 -16.43 166.63 -48.61
C SER A 1104 -15.63 166.23 -49.83
N ASN A 1105 -15.82 166.96 -50.93
CA ASN A 1105 -15.10 166.70 -52.16
C ASN A 1105 -13.71 167.33 -52.19
N GLY A 1106 -13.26 167.90 -51.07
CA GLY A 1106 -11.96 168.54 -50.98
C GLY A 1106 -12.00 169.99 -50.55
N THR A 1107 -12.99 170.76 -51.02
CA THR A 1107 -13.11 172.17 -50.64
C THR A 1107 -14.46 172.52 -50.03
N HIS A 1108 -15.52 171.78 -50.31
CA HIS A 1108 -16.84 172.06 -49.77
C HIS A 1108 -17.42 170.80 -49.16
N TRP A 1109 -18.29 170.98 -48.17
CA TRP A 1109 -18.94 169.88 -47.47
C TRP A 1109 -20.38 169.75 -47.94
N PHE A 1110 -20.80 168.52 -48.20
CA PHE A 1110 -22.15 168.24 -48.67
C PHE A 1110 -22.73 167.08 -47.87
N VAL A 1111 -24.06 166.98 -47.90
CA VAL A 1111 -24.80 165.90 -47.27
C VAL A 1111 -25.35 164.99 -48.36
N THR A 1112 -25.16 163.69 -48.20
CA THR A 1112 -25.58 162.71 -49.19
C THR A 1112 -26.16 161.49 -48.51
N GLN A 1113 -26.78 160.63 -49.31
CA GLN A 1113 -27.31 159.37 -48.79
C GLN A 1113 -26.18 158.42 -48.45
N ARG A 1114 -26.46 157.47 -47.56
CA ARG A 1114 -25.42 156.57 -47.09
C ARG A 1114 -25.11 155.46 -48.10
N ASN A 1115 -25.98 155.23 -49.07
CA ASN A 1115 -25.78 154.19 -50.07
C ASN A 1115 -25.62 154.74 -51.48
N PHE A 1116 -25.56 156.07 -51.63
CA PHE A 1116 -25.42 156.68 -52.95
C PHE A 1116 -24.85 158.08 -52.78
N TYR A 1117 -24.00 158.49 -53.71
CA TYR A 1117 -23.37 159.81 -53.67
C TYR A 1117 -24.30 160.82 -54.33
N GLU A 1118 -25.03 161.58 -53.50
CA GLU A 1118 -25.90 162.66 -53.98
C GLU A 1118 -25.60 163.90 -53.15
N PRO A 1119 -24.60 164.67 -53.56
CA PRO A 1119 -24.19 165.85 -52.78
C PRO A 1119 -25.26 166.94 -52.80
N GLN A 1120 -25.70 167.33 -51.62
CA GLN A 1120 -26.66 168.41 -51.45
C GLN A 1120 -26.16 169.40 -50.42
N ILE A 1121 -26.72 170.60 -50.45
CA ILE A 1121 -26.30 171.64 -49.52
C ILE A 1121 -26.74 171.28 -48.10
N ILE A 1122 -25.91 171.64 -47.14
CA ILE A 1122 -26.21 171.36 -45.73
C ILE A 1122 -27.15 172.42 -45.21
N THR A 1123 -28.41 172.05 -44.98
CA THR A 1123 -29.43 172.95 -44.51
C THR A 1123 -29.91 172.51 -43.13
N THR A 1124 -30.72 173.36 -42.50
CA THR A 1124 -31.27 173.06 -41.18
C THR A 1124 -32.43 172.07 -41.24
N ASP A 1125 -32.84 171.65 -42.44
CA ASP A 1125 -33.96 170.72 -42.58
C ASP A 1125 -33.50 169.27 -42.52
N ASN A 1126 -32.46 168.93 -43.28
CA ASN A 1126 -31.96 167.57 -43.32
C ASN A 1126 -30.92 167.32 -42.22
N THR A 1127 -30.82 168.25 -41.28
CA THR A 1127 -29.90 168.11 -40.15
C THR A 1127 -30.60 168.56 -38.88
N PHE A 1128 -30.14 168.04 -37.75
CA PHE A 1128 -30.65 168.42 -36.44
C PHE A 1128 -29.50 168.82 -35.55
N VAL A 1129 -29.76 169.79 -34.67
CA VAL A 1129 -28.75 170.37 -33.80
C VAL A 1129 -29.12 170.06 -32.35
N SER A 1130 -28.16 169.58 -31.58
CA SER A 1130 -28.37 169.27 -30.17
C SER A 1130 -27.03 169.25 -29.46
N GLY A 1131 -26.97 169.94 -28.33
CA GLY A 1131 -25.75 170.00 -27.54
C GLY A 1131 -24.77 171.05 -28.02
N ASN A 1132 -23.67 171.23 -27.29
CA ASN A 1132 -22.67 172.21 -27.65
C ASN A 1132 -21.73 171.66 -28.72
N CYS A 1133 -20.63 172.37 -28.96
CA CYS A 1133 -19.71 172.00 -30.02
C CYS A 1133 -18.38 171.49 -29.48
N ASP A 1134 -17.87 172.10 -28.41
CA ASP A 1134 -16.51 171.81 -27.95
C ASP A 1134 -16.36 170.45 -27.30
N VAL A 1135 -17.42 169.64 -27.25
CA VAL A 1135 -17.30 168.31 -26.67
C VAL A 1135 -16.73 167.29 -27.66
N VAL A 1136 -17.01 167.44 -28.95
CA VAL A 1136 -16.53 166.48 -29.94
C VAL A 1136 -15.08 166.82 -30.29
N ILE A 1137 -14.23 165.79 -30.36
CA ILE A 1137 -12.82 166.01 -30.63
C ILE A 1137 -12.53 166.14 -32.11
N GLY A 1138 -13.31 165.49 -32.97
CA GLY A 1138 -13.11 165.56 -34.40
C GLY A 1138 -14.11 166.39 -35.17
N ILE A 1139 -14.62 167.48 -34.59
CA ILE A 1139 -15.65 168.27 -35.24
C ILE A 1139 -15.02 169.46 -35.94
N VAL A 1140 -15.74 170.04 -36.91
CA VAL A 1140 -15.24 171.13 -37.73
C VAL A 1140 -16.31 172.21 -37.84
N ASN A 1141 -15.97 173.28 -38.54
CA ASN A 1141 -16.88 174.40 -38.77
C ASN A 1141 -17.27 174.49 -40.24
N ASN A 1142 -18.51 174.88 -40.47
CA ASN A 1142 -19.03 175.09 -41.82
C ASN A 1142 -20.37 175.80 -41.71
N THR A 1143 -20.69 176.59 -42.73
CA THR A 1143 -21.95 177.32 -42.74
C THR A 1143 -23.10 176.40 -43.13
N VAL A 1144 -24.28 176.67 -42.57
CA VAL A 1144 -25.49 175.89 -42.82
C VAL A 1144 -26.51 176.81 -43.45
N TYR A 1145 -26.97 176.47 -44.65
CA TYR A 1145 -27.95 177.28 -45.34
C TYR A 1145 -29.29 177.26 -44.61
N ASP A 1146 -29.83 178.43 -44.34
CA ASP A 1146 -31.11 178.56 -43.64
C ASP A 1146 -32.09 179.28 -44.55
N PRO A 1147 -33.23 178.68 -44.89
CA PRO A 1147 -34.18 179.34 -45.80
C PRO A 1147 -34.74 180.65 -45.26
N LEU A 1148 -34.66 180.89 -43.95
CA LEU A 1148 -35.20 182.13 -43.40
C LEU A 1148 -34.32 183.33 -43.70
N GLN A 1149 -33.07 183.11 -44.13
CA GLN A 1149 -32.18 184.24 -44.40
C GLN A 1149 -32.59 185.00 -45.66
N PRO A 1150 -32.74 184.37 -46.83
CA PRO A 1150 -33.14 185.15 -48.01
C PRO A 1150 -34.62 185.46 -48.07
N GLU A 1151 -35.47 184.65 -47.43
CA GLU A 1151 -36.91 184.87 -47.47
C GLU A 1151 -37.38 185.69 -46.28
N GLN B 25 -0.62 60.30 18.66
CA GLN B 25 0.35 60.92 17.78
C GLN B 25 0.35 62.43 17.95
N CYS B 26 -0.76 63.07 17.57
CA CYS B 26 -0.88 64.51 17.68
C CYS B 26 -1.42 64.91 19.06
N VAL B 27 -1.55 66.21 19.27
CA VAL B 27 -2.10 66.76 20.51
C VAL B 27 -3.20 67.74 20.16
N ASN B 28 -4.23 67.80 21.00
CA ASN B 28 -5.39 68.66 20.78
C ASN B 28 -5.40 69.89 21.67
N LEU B 29 -4.23 70.47 21.95
CA LEU B 29 -4.17 71.63 22.84
C LEU B 29 -3.95 72.93 22.07
N ILE B 30 -4.06 72.91 20.74
CA ILE B 30 -3.77 74.11 19.97
C ILE B 30 -5.04 74.89 19.64
N THR B 31 -6.20 74.25 19.72
CA THR B 31 -7.44 74.91 19.37
C THR B 31 -7.75 76.05 20.34
N ARG B 32 -8.15 77.20 19.80
CA ARG B 32 -8.46 78.37 20.63
C ARG B 32 -9.42 79.27 19.85
N THR B 33 -10.16 80.08 20.58
CA THR B 33 -11.17 80.95 19.99
C THR B 33 -10.51 82.12 19.27
N GLN B 34 -11.32 82.85 18.51
CA GLN B 34 -10.83 83.96 17.72
C GLN B 34 -11.48 85.28 18.15
N SER B 35 -10.93 86.38 17.65
CA SER B 35 -11.46 87.71 17.88
C SER B 35 -11.85 88.35 16.55
N TYR B 36 -12.24 89.62 16.62
CA TYR B 36 -12.66 90.37 15.44
C TYR B 36 -12.05 91.76 15.48
N THR B 37 -11.72 92.29 14.30
CA THR B 37 -11.11 93.60 14.20
C THR B 37 -11.43 94.20 12.83
N ASN B 38 -11.12 95.49 12.69
CA ASN B 38 -11.35 96.19 11.44
C ASN B 38 -10.16 96.03 10.50
N SER B 39 -10.36 96.39 9.25
CA SER B 39 -9.32 96.25 8.23
C SER B 39 -9.28 97.46 7.30
N PHE B 40 -8.61 97.30 6.16
CA PHE B 40 -8.47 98.38 5.19
C PHE B 40 -8.66 97.78 3.80
N THR B 41 -8.26 98.51 2.76
CA THR B 41 -8.40 98.03 1.39
C THR B 41 -7.32 96.99 1.08
N ARG B 42 -7.40 95.84 1.73
CA ARG B 42 -6.44 94.77 1.50
C ARG B 42 -7.02 93.73 0.57
N GLY B 43 -6.25 92.66 0.34
CA GLY B 43 -6.68 91.58 -0.52
C GLY B 43 -6.66 91.88 -2.00
N VAL B 44 -6.08 93.01 -2.40
CA VAL B 44 -6.02 93.35 -3.82
C VAL B 44 -5.00 92.46 -4.52
N TYR B 45 -5.42 91.77 -5.57
CA TYR B 45 -4.55 90.89 -6.33
C TYR B 45 -4.81 91.08 -7.81
N TYR B 46 -3.79 90.81 -8.61
CA TYR B 46 -3.91 90.95 -10.06
C TYR B 46 -4.82 89.86 -10.62
N PRO B 47 -5.96 90.21 -11.23
CA PRO B 47 -6.86 89.17 -11.75
C PRO B 47 -6.31 88.47 -12.98
N ASP B 48 -5.33 89.05 -13.67
CA ASP B 48 -4.78 88.44 -14.87
C ASP B 48 -3.29 88.79 -14.96
N LYS B 49 -2.56 87.94 -15.67
CA LYS B 49 -1.11 88.10 -15.84
C LYS B 49 -0.81 88.93 -17.10
N VAL B 50 -1.27 90.18 -17.07
CA VAL B 50 -1.10 91.10 -18.18
C VAL B 50 -0.50 92.40 -17.67
N PHE B 51 -0.22 93.31 -18.61
CA PHE B 51 0.31 94.62 -18.28
C PHE B 51 -0.66 95.71 -18.73
N ARG B 52 -0.81 96.73 -17.90
CA ARG B 52 -1.65 97.88 -18.21
C ARG B 52 -0.95 99.13 -17.71
N SER B 53 -0.97 100.19 -18.54
CA SER B 53 -0.29 101.43 -18.23
C SER B 53 -1.27 102.59 -18.22
N SER B 54 -1.47 103.17 -17.03
CA SER B 54 -2.25 104.39 -16.86
C SER B 54 -3.72 104.22 -17.23
N VAL B 55 -4.19 102.97 -17.29
CA VAL B 55 -5.60 102.76 -17.62
C VAL B 55 -6.38 102.35 -16.38
N LEU B 56 -7.70 102.39 -16.49
CA LEU B 56 -8.61 101.98 -15.43
C LEU B 56 -9.42 100.79 -15.91
N HIS B 57 -9.08 99.60 -15.41
CA HIS B 57 -9.71 98.36 -15.83
C HIS B 57 -10.66 97.88 -14.72
N SER B 58 -11.85 97.45 -15.13
CA SER B 58 -12.86 96.96 -14.21
C SER B 58 -13.00 95.46 -14.38
N THR B 59 -12.67 94.71 -13.34
CA THR B 59 -12.71 93.25 -13.36
C THR B 59 -13.82 92.75 -12.46
N HIS B 60 -14.29 91.53 -12.74
CA HIS B 60 -15.35 90.89 -11.97
C HIS B 60 -14.93 89.46 -11.66
N ASP B 61 -14.58 89.21 -10.41
CA ASP B 61 -14.11 87.89 -9.97
C ASP B 61 -14.26 87.83 -8.45
N LEU B 62 -13.67 86.79 -7.87
CA LEU B 62 -13.71 86.63 -6.41
C LEU B 62 -12.70 87.58 -5.77
N PHE B 63 -13.19 88.46 -4.91
CA PHE B 63 -12.34 89.44 -4.23
C PHE B 63 -12.76 89.55 -2.78
N LEU B 64 -11.94 90.24 -1.99
CA LEU B 64 -12.26 90.54 -0.61
C LEU B 64 -12.85 91.94 -0.53
N PRO B 65 -14.10 92.11 -0.08
CA PRO B 65 -14.69 93.45 -0.03
C PRO B 65 -13.92 94.38 0.88
N PHE B 66 -13.76 95.62 0.44
CA PHE B 66 -13.05 96.61 1.22
C PHE B 66 -13.83 96.95 2.49
N PHE B 67 -13.09 97.28 3.55
CA PHE B 67 -13.65 97.61 4.85
C PHE B 67 -14.59 96.50 5.34
N SER B 68 -14.01 95.30 5.49
CA SER B 68 -14.76 94.12 5.89
C SER B 68 -14.34 93.67 7.28
N ASN B 69 -15.28 93.02 7.98
CA ASN B 69 -15.04 92.52 9.32
C ASN B 69 -14.19 91.25 9.23
N VAL B 70 -12.90 91.36 9.55
CA VAL B 70 -11.96 90.25 9.43
C VAL B 70 -11.76 89.62 10.80
N THR B 71 -11.82 88.29 10.84
CA THR B 71 -11.61 87.56 12.09
C THR B 71 -10.13 87.54 12.43
N TRP B 72 -9.79 87.92 13.65
CA TRP B 72 -8.41 87.97 14.12
C TRP B 72 -8.22 86.89 15.18
N PHE B 73 -7.49 85.84 14.83
CA PHE B 73 -7.19 84.79 15.79
C PHE B 73 -6.08 85.25 16.73
N HIS B 74 -6.48 85.75 17.90
CA HIS B 74 -5.53 86.29 18.86
C HIS B 74 -5.85 85.75 20.25
N ALA B 75 -4.80 85.50 21.02
CA ALA B 75 -4.95 84.97 22.37
C ALA B 75 -5.46 86.04 23.32
N ARG B 86 -4.88 76.99 22.34
CA ARG B 86 -3.95 77.76 23.15
C ARG B 86 -3.06 78.64 22.29
N PHE B 87 -2.66 78.12 21.12
CA PHE B 87 -1.80 78.83 20.19
C PHE B 87 -2.61 79.36 19.02
N ASP B 88 -3.93 79.44 19.19
CA ASP B 88 -4.87 80.04 18.25
C ASP B 88 -4.88 79.37 16.88
N ASN B 89 -5.15 78.06 16.80
CA ASN B 89 -5.20 77.33 15.54
C ASN B 89 -6.38 76.36 15.55
N PRO B 90 -7.59 76.86 15.36
CA PRO B 90 -8.75 75.98 15.21
C PRO B 90 -8.98 75.62 13.74
N ALA B 91 -10.06 74.89 13.50
CA ALA B 91 -10.43 74.51 12.14
C ALA B 91 -11.37 75.55 11.52
N LEU B 92 -11.14 75.85 10.25
CA LEU B 92 -11.92 76.84 9.52
C LEU B 92 -12.40 76.26 8.20
N PRO B 93 -13.61 76.60 7.77
CA PRO B 93 -14.11 76.11 6.49
C PRO B 93 -13.61 76.96 5.33
N PHE B 94 -13.65 76.37 4.14
CA PHE B 94 -13.24 77.02 2.90
C PHE B 94 -14.45 77.07 1.98
N ASN B 95 -15.07 78.26 1.88
CA ASN B 95 -16.26 78.39 1.06
C ASN B 95 -15.93 78.53 -0.41
N ASP B 96 -15.19 79.59 -0.78
CA ASP B 96 -14.74 79.77 -2.15
C ASP B 96 -13.29 80.25 -2.17
N GLY B 97 -12.90 81.00 -1.15
CA GLY B 97 -11.56 81.54 -1.08
C GLY B 97 -11.32 82.18 0.26
N VAL B 98 -10.09 82.07 0.75
CA VAL B 98 -9.72 82.58 2.06
C VAL B 98 -8.52 83.51 1.90
N TYR B 99 -8.53 84.58 2.69
CA TYR B 99 -7.40 85.51 2.72
C TYR B 99 -6.61 85.30 4.01
N PHE B 100 -5.34 84.94 3.88
CA PHE B 100 -4.49 84.66 5.02
C PHE B 100 -3.47 85.78 5.16
N ALA B 101 -3.23 86.20 6.40
CA ALA B 101 -2.28 87.27 6.67
C ALA B 101 -1.72 87.09 8.07
N SER B 102 -0.45 87.45 8.24
CA SER B 102 0.22 87.30 9.53
C SER B 102 1.38 88.28 9.59
N THR B 103 1.73 88.68 10.81
CA THR B 103 2.80 89.62 11.09
C THR B 103 3.80 89.02 12.06
N GLU B 104 4.20 87.78 11.81
CA GLU B 104 5.13 87.09 12.70
C GLU B 104 6.52 87.70 12.59
N LYS B 105 7.22 87.74 13.72
CA LYS B 105 8.62 88.19 13.75
C LYS B 105 9.54 86.99 13.51
N SER B 106 9.40 85.96 14.35
CA SER B 106 10.12 84.72 14.12
C SER B 106 9.23 83.73 13.39
N ASN B 107 9.86 82.87 12.59
CA ASN B 107 9.11 81.90 11.79
C ASN B 107 8.49 80.84 12.70
N ILE B 108 7.16 80.91 12.82
CA ILE B 108 6.42 79.93 13.62
C ILE B 108 5.37 79.27 12.73
N ILE B 109 4.97 79.96 11.66
CA ILE B 109 4.03 79.40 10.71
C ILE B 109 4.81 78.76 9.57
N ARG B 110 4.51 77.49 9.28
CA ARG B 110 5.24 76.75 8.26
C ARG B 110 4.33 76.01 7.29
N GLY B 111 3.22 76.61 6.91
CA GLY B 111 2.40 76.04 5.85
C GLY B 111 0.92 76.13 6.19
N TRP B 112 0.13 75.50 5.32
CA TRP B 112 -1.32 75.47 5.45
C TRP B 112 -1.83 74.11 5.04
N ILE B 113 -3.06 73.80 5.45
CA ILE B 113 -3.69 72.52 5.16
C ILE B 113 -5.02 72.79 4.46
N PHE B 114 -5.24 72.11 3.33
CA PHE B 114 -6.47 72.25 2.57
C PHE B 114 -7.03 70.88 2.26
N GLY B 115 -8.34 70.81 2.09
CA GLY B 115 -8.99 69.55 1.77
C GLY B 115 -10.45 69.59 2.14
N THR B 116 -11.12 68.46 1.89
CA THR B 116 -12.54 68.33 2.22
C THR B 116 -12.77 67.57 3.52
N THR B 117 -12.20 66.37 3.64
CA THR B 117 -12.34 65.58 4.85
C THR B 117 -11.10 64.72 5.02
N LEU B 118 -10.63 64.63 6.26
CA LEU B 118 -9.40 63.91 6.58
C LEU B 118 -9.62 62.41 6.75
N ASP B 119 -10.79 61.88 6.37
CA ASP B 119 -11.09 60.46 6.52
C ASP B 119 -10.49 59.60 5.42
N SER B 120 -9.54 60.14 4.64
CA SER B 120 -8.85 59.41 3.57
C SER B 120 -9.82 58.97 2.47
N LYS B 121 -11.05 59.49 2.49
CA LYS B 121 -12.02 59.20 1.45
C LYS B 121 -12.03 60.27 0.36
N THR B 122 -11.37 61.40 0.58
CA THR B 122 -11.29 62.46 -0.41
C THR B 122 -9.90 63.08 -0.32
N GLN B 123 -9.31 63.31 -1.50
CA GLN B 123 -7.95 63.82 -1.56
C GLN B 123 -7.89 65.25 -1.00
N SER B 124 -6.71 65.60 -0.49
CA SER B 124 -6.52 66.89 0.16
C SER B 124 -5.18 67.48 -0.26
N LEU B 125 -5.03 68.79 -0.02
CA LEU B 125 -3.84 69.52 -0.38
C LEU B 125 -2.97 69.73 0.86
N LEU B 126 -1.69 69.39 0.75
CA LEU B 126 -0.74 69.54 1.83
C LEU B 126 0.31 70.58 1.45
N ILE B 127 0.43 71.63 2.27
CA ILE B 127 1.42 72.67 2.05
C ILE B 127 2.27 72.81 3.30
N VAL B 128 3.50 72.32 3.24
CA VAL B 128 4.44 72.42 4.35
C VAL B 128 5.60 73.28 3.90
N ASN B 129 5.94 74.29 4.70
CA ASN B 129 7.02 75.22 4.37
C ASN B 129 8.28 74.79 5.11
N ASN B 130 9.24 74.23 4.36
CA ASN B 130 10.52 73.86 4.94
C ASN B 130 11.37 75.11 5.17
N ALA B 131 12.55 74.90 5.76
CA ALA B 131 13.43 76.03 6.08
C ALA B 131 13.93 76.71 4.81
N THR B 132 14.09 75.97 3.72
CA THR B 132 14.61 76.53 2.47
C THR B 132 13.68 76.34 1.28
N ASN B 133 12.54 75.70 1.46
CA ASN B 133 11.62 75.48 0.35
C ASN B 133 10.24 75.16 0.92
N VAL B 134 9.31 74.85 0.02
CA VAL B 134 7.96 74.44 0.38
C VAL B 134 7.60 73.18 -0.42
N VAL B 135 7.15 72.15 0.29
CA VAL B 135 6.85 70.86 -0.37
C VAL B 135 5.36 70.86 -0.66
N ILE B 136 5.01 71.35 -1.85
CA ILE B 136 3.63 71.30 -2.32
C ILE B 136 3.32 69.86 -2.72
N LYS B 137 2.30 69.28 -2.09
CA LYS B 137 1.95 67.89 -2.37
C LYS B 137 0.46 67.69 -2.11
N VAL B 138 -0.16 66.86 -2.95
CA VAL B 138 -1.58 66.53 -2.86
C VAL B 138 -1.68 65.02 -2.70
N CYS B 139 -2.28 64.58 -1.60
CA CYS B 139 -2.36 63.16 -1.28
C CYS B 139 -3.55 62.93 -0.38
N GLU B 140 -3.96 61.66 -0.26
CA GLU B 140 -5.18 61.28 0.45
C GLU B 140 -4.84 60.22 1.50
N PHE B 141 -4.79 60.63 2.77
CA PHE B 141 -4.60 59.68 3.86
C PHE B 141 -5.34 60.22 5.08
N GLN B 142 -5.06 59.60 6.23
CA GLN B 142 -5.75 59.93 7.47
C GLN B 142 -4.91 60.93 8.27
N PHE B 143 -5.40 62.17 8.35
CA PHE B 143 -4.77 63.16 9.21
C PHE B 143 -5.25 62.98 10.65
N CYS B 144 -4.70 63.80 11.54
CA CYS B 144 -5.19 63.83 12.92
C CYS B 144 -6.06 65.07 13.12
N ASN B 145 -6.69 65.13 14.29
CA ASN B 145 -7.64 66.21 14.57
C ASN B 145 -6.95 67.57 14.62
N ASP B 146 -5.73 67.64 15.15
CA ASP B 146 -4.98 68.89 15.27
C ASP B 146 -3.55 68.64 14.81
N PRO B 147 -3.28 68.74 13.51
CA PRO B 147 -1.92 68.55 13.02
C PRO B 147 -1.06 69.77 13.28
N PHE B 148 0.24 69.52 13.47
CA PHE B 148 1.20 70.59 13.70
C PHE B 148 2.55 70.18 13.15
N LEU B 149 3.40 71.17 12.92
CA LEU B 149 4.75 70.94 12.39
C LEU B 149 5.70 70.78 13.57
N ASP B 150 5.94 69.54 13.95
CA ASP B 150 6.85 69.26 15.07
C ASP B 150 8.29 69.51 14.65
N VAL B 151 9.09 70.03 15.57
CA VAL B 151 10.50 70.33 15.34
C VAL B 151 11.34 69.38 16.19
N TYR B 152 12.44 68.91 15.63
CA TYR B 152 13.32 67.95 16.29
C TYR B 152 12.56 66.69 16.71
N MET B 160 19.22 69.14 11.19
CA MET B 160 18.36 69.20 12.36
C MET B 160 16.97 69.72 11.99
N GLU B 161 16.09 69.80 12.99
CA GLU B 161 14.73 70.31 12.83
C GLU B 161 13.91 69.47 11.87
N SER B 162 14.39 68.26 11.56
CA SER B 162 13.68 67.36 10.68
C SER B 162 12.69 66.49 11.45
N GLU B 163 11.40 66.80 11.34
CA GLU B 163 10.37 66.05 12.05
C GLU B 163 9.03 66.29 11.37
N PHE B 164 8.24 65.23 11.29
CA PHE B 164 6.92 65.31 10.66
C PHE B 164 5.93 64.53 11.50
N ARG B 165 4.78 65.16 11.78
CA ARG B 165 3.75 64.51 12.57
C ARG B 165 2.34 64.81 12.07
N VAL B 166 2.16 65.34 10.86
CA VAL B 166 0.83 65.78 10.43
C VAL B 166 -0.07 64.64 10.02
N TYR B 167 0.47 63.53 9.51
CA TYR B 167 -0.35 62.39 9.13
C TYR B 167 0.36 61.10 9.52
N SER B 168 -0.33 59.98 9.30
CA SER B 168 0.19 58.68 9.70
C SER B 168 1.14 58.12 8.66
N SER B 169 0.64 57.89 7.45
CA SER B 169 1.46 57.26 6.40
C SER B 169 1.11 57.89 5.06
N ALA B 170 1.99 57.66 4.09
CA ALA B 170 1.82 58.24 2.76
C ALA B 170 0.80 57.45 1.94
N ASN B 171 0.52 57.98 0.75
CA ASN B 171 -0.44 57.37 -0.17
C ASN B 171 -0.05 57.65 -1.60
N ASN B 172 -1.00 57.53 -2.53
CA ASN B 172 -0.78 57.78 -3.95
C ASN B 172 0.07 59.03 -4.22
N CYS B 173 -0.37 60.18 -3.72
CA CYS B 173 0.37 61.43 -3.83
C CYS B 173 0.63 61.77 -5.30
N THR B 174 -0.48 62.00 -6.02
CA THR B 174 -0.42 62.17 -7.46
C THR B 174 0.30 63.45 -7.87
N PHE B 175 0.41 64.42 -6.96
CA PHE B 175 1.06 65.68 -7.28
C PHE B 175 2.13 65.99 -6.24
N GLU B 176 3.22 66.59 -6.70
CA GLU B 176 4.32 66.99 -5.83
C GLU B 176 5.12 68.08 -6.52
N TYR B 177 5.51 69.10 -5.76
CA TYR B 177 6.25 70.22 -6.30
C TYR B 177 6.98 70.92 -5.16
N VAL B 178 8.13 71.51 -5.50
CA VAL B 178 8.96 72.24 -4.55
C VAL B 178 9.38 73.57 -5.16
N SER B 179 9.56 74.57 -4.31
CA SER B 179 9.99 75.90 -4.73
C SER B 179 10.41 76.67 -3.49
N GLN B 180 11.07 77.81 -3.72
CA GLN B 180 11.52 78.64 -2.61
C GLN B 180 10.32 79.28 -1.91
N PRO B 181 10.42 79.51 -0.59
CA PRO B 181 9.34 80.12 0.19
C PRO B 181 9.01 81.54 -0.25
N ASN B 195 7.14 92.76 8.12
CA ASN B 195 7.05 91.31 8.26
C ASN B 195 5.61 90.84 8.08
N LEU B 196 4.88 91.51 7.18
CA LEU B 196 3.49 91.17 6.93
C LEU B 196 3.40 90.25 5.71
N ARG B 197 3.16 88.98 5.96
CA ARG B 197 2.88 88.03 4.88
C ARG B 197 1.39 87.98 4.61
N GLU B 198 1.03 87.87 3.33
CA GLU B 198 -0.36 87.79 2.91
C GLU B 198 -0.51 86.72 1.85
N PHE B 199 -1.60 85.95 1.94
CA PHE B 199 -1.86 84.87 1.00
C PHE B 199 -3.34 84.80 0.69
N VAL B 200 -3.66 84.41 -0.55
CA VAL B 200 -5.02 84.25 -1.03
C VAL B 200 -5.09 82.98 -1.85
N PHE B 201 -6.04 82.10 -1.52
CA PHE B 201 -6.22 80.82 -2.19
C PHE B 201 -7.57 80.80 -2.88
N LYS B 202 -7.60 80.35 -4.14
CA LYS B 202 -8.82 80.34 -4.93
C LYS B 202 -8.91 79.05 -5.72
N ASN B 203 -10.10 78.45 -5.74
CA ASN B 203 -10.36 77.27 -6.55
C ASN B 203 -11.46 77.55 -7.57
N ILE B 204 -11.14 77.36 -8.84
CA ILE B 204 -12.11 77.61 -9.91
C ILE B 204 -11.72 76.83 -11.16
N ASP B 205 -12.70 76.16 -11.76
CA ASP B 205 -12.53 75.43 -13.03
C ASP B 205 -11.40 74.42 -12.97
N GLY B 206 -11.17 73.81 -11.81
CA GLY B 206 -10.09 72.85 -11.66
C GLY B 206 -8.71 73.45 -11.46
N TYR B 207 -8.63 74.74 -11.14
CA TYR B 207 -7.35 75.39 -10.88
C TYR B 207 -7.19 75.68 -9.39
N PHE B 208 -5.99 76.12 -9.03
CA PHE B 208 -5.71 76.56 -7.66
C PHE B 208 -4.59 77.59 -7.73
N LYS B 209 -4.95 78.87 -7.64
CA LYS B 209 -4.00 79.96 -7.76
C LYS B 209 -3.72 80.55 -6.38
N ILE B 210 -2.47 80.99 -6.18
CA ILE B 210 -2.03 81.56 -4.93
C ILE B 210 -1.42 82.93 -5.20
N TYR B 211 -1.85 83.94 -4.45
CA TYR B 211 -1.31 85.29 -4.53
C TYR B 211 -0.67 85.64 -3.21
N SER B 212 0.46 86.34 -3.27
CA SER B 212 1.21 86.66 -2.06
C SER B 212 2.01 87.93 -2.28
N LYS B 213 2.37 88.57 -1.17
CA LYS B 213 3.18 89.79 -1.18
C LYS B 213 3.66 90.03 0.24
N HIS B 214 4.82 90.69 0.34
CA HIS B 214 5.46 90.96 1.62
C HIS B 214 5.52 92.46 1.84
N THR B 215 5.11 92.90 3.03
CA THR B 215 5.13 94.32 3.39
C THR B 215 5.86 94.48 4.72
N PRO B 216 6.97 95.22 4.77
CA PRO B 216 7.71 95.37 6.03
C PRO B 216 7.03 96.38 6.95
N ILE B 217 6.69 95.94 8.17
CA ILE B 217 6.10 96.80 9.18
C ILE B 217 6.72 96.44 10.52
N ASN B 218 6.93 97.46 11.35
CA ASN B 218 7.54 97.26 12.67
C ASN B 218 6.81 98.08 13.73
N LEU B 219 5.48 98.08 13.68
CA LEU B 219 4.68 98.80 14.65
C LEU B 219 3.37 98.05 14.89
N GLU B 220 2.55 98.60 15.77
CA GLU B 220 1.23 98.03 16.01
C GLU B 220 0.38 98.07 14.74
N ARG B 221 -0.17 96.93 14.36
CA ARG B 221 -0.88 96.83 13.10
C ARG B 221 -2.28 96.29 13.33
N ASP B 222 -3.23 96.87 12.60
CA ASP B 222 -4.61 96.42 12.57
C ASP B 222 -5.06 96.42 11.11
N LEU B 223 -4.25 95.82 10.24
CA LEU B 223 -4.34 95.97 8.79
C LEU B 223 -4.18 97.45 8.48
N PRO B 224 -2.96 97.99 8.57
CA PRO B 224 -2.78 99.44 8.51
C PRO B 224 -3.30 100.05 7.22
N GLN B 225 -3.54 101.36 7.26
CA GLN B 225 -4.12 102.09 6.14
C GLN B 225 -3.06 102.27 5.05
N GLY B 226 -2.86 101.20 4.28
CA GLY B 226 -1.91 101.23 3.19
C GLY B 226 -2.32 100.26 2.11
N PHE B 227 -2.22 100.72 0.86
CA PHE B 227 -2.60 99.90 -0.29
C PHE B 227 -1.47 98.97 -0.68
N SER B 228 -1.82 97.76 -1.06
CA SER B 228 -0.84 96.76 -1.50
C SER B 228 -1.52 95.78 -2.43
N ALA B 229 -0.78 95.37 -3.45
CA ALA B 229 -1.26 94.41 -4.44
C ALA B 229 -0.58 93.07 -4.22
N LEU B 230 -1.31 91.99 -4.48
CA LEU B 230 -0.82 90.63 -4.29
C LEU B 230 -0.44 90.04 -5.65
N GLU B 231 0.81 89.62 -5.78
CA GLU B 231 1.28 89.00 -7.00
C GLU B 231 1.09 87.48 -6.95
N PRO B 232 0.79 86.85 -8.09
CA PRO B 232 0.60 85.39 -8.09
C PRO B 232 1.91 84.67 -7.80
N LEU B 233 1.90 83.91 -6.70
CA LEU B 233 3.10 83.15 -6.34
C LEU B 233 3.29 81.94 -7.24
N VAL B 234 2.28 81.07 -7.31
CA VAL B 234 2.37 79.87 -8.13
C VAL B 234 0.94 79.39 -8.37
N ASP B 235 0.74 78.67 -9.47
CA ASP B 235 -0.56 78.11 -9.83
C ASP B 235 -0.49 76.59 -9.74
N LEU B 236 -1.46 76.00 -9.05
CA LEU B 236 -1.52 74.55 -8.92
C LEU B 236 -2.63 74.01 -9.81
N PRO B 237 -2.32 73.19 -10.81
CA PRO B 237 -3.37 72.66 -11.69
C PRO B 237 -4.08 71.46 -11.10
N ILE B 238 -3.94 71.26 -9.78
CA ILE B 238 -4.47 70.08 -9.12
C ILE B 238 -5.99 69.98 -9.25
N GLY B 239 -6.72 71.03 -8.88
CA GLY B 239 -8.17 71.01 -8.95
C GLY B 239 -8.79 69.98 -8.04
N ILE B 240 -8.51 70.08 -6.74
CA ILE B 240 -9.01 69.14 -5.74
C ILE B 240 -10.09 69.84 -4.92
N ASN B 241 -11.13 69.09 -4.54
CA ASN B 241 -12.20 69.62 -3.70
C ASN B 241 -11.64 70.12 -2.37
N ILE B 242 -11.75 71.42 -2.12
CA ILE B 242 -11.27 72.04 -0.90
C ILE B 242 -12.43 72.73 -0.21
N THR B 243 -12.77 72.24 0.99
CA THR B 243 -13.83 72.86 1.79
C THR B 243 -13.40 73.18 3.21
N ARG B 244 -12.17 72.86 3.60
CA ARG B 244 -11.67 73.13 4.94
C ARG B 244 -10.39 73.95 4.84
N PHE B 245 -9.93 74.44 5.99
CA PHE B 245 -8.71 75.23 6.05
C PHE B 245 -8.19 75.22 7.48
N GLN B 246 -6.96 74.76 7.65
CA GLN B 246 -6.32 74.68 8.95
C GLN B 246 -4.89 75.19 8.86
N THR B 247 -4.54 76.12 9.75
CA THR B 247 -3.20 76.68 9.76
C THR B 247 -2.21 75.67 10.35
N LEU B 248 -1.01 75.65 9.80
CA LEU B 248 0.04 74.73 10.21
C LEU B 248 1.11 75.51 10.95
N LEU B 249 1.10 75.44 12.28
CA LEU B 249 2.08 76.12 13.11
C LEU B 249 3.24 75.18 13.42
N ALA B 250 4.35 75.76 13.88
CA ALA B 250 5.55 75.02 14.22
C ALA B 250 5.86 75.19 15.70
N LEU B 251 6.26 74.08 16.33
CA LEU B 251 6.61 74.09 17.75
C LEU B 251 7.41 72.83 18.05
N HIS B 252 8.08 72.85 19.19
CA HIS B 252 8.89 71.72 19.63
C HIS B 252 8.02 70.67 20.32
N ALA B 269 3.32 85.66 18.11
CA ALA B 269 3.55 85.58 16.67
C ALA B 269 2.59 84.58 16.03
N ALA B 270 1.83 83.86 16.86
CA ALA B 270 0.90 82.86 16.37
C ALA B 270 -0.41 83.48 15.89
N ALA B 271 -0.57 84.80 16.00
CA ALA B 271 -1.79 85.46 15.56
C ALA B 271 -1.80 85.61 14.05
N TYR B 272 -2.99 85.54 13.45
CA TYR B 272 -3.15 85.69 12.02
C TYR B 272 -4.58 86.09 11.72
N TYR B 273 -4.83 86.44 10.46
CA TYR B 273 -6.14 86.89 10.00
C TYR B 273 -6.65 85.95 8.91
N VAL B 274 -7.96 85.71 8.92
CA VAL B 274 -8.61 84.88 7.93
C VAL B 274 -9.83 85.63 7.40
N GLY B 275 -9.86 85.85 6.08
CA GLY B 275 -10.96 86.55 5.45
C GLY B 275 -11.50 85.81 4.24
N TYR B 276 -12.82 85.75 4.12
CA TYR B 276 -13.49 85.01 3.06
C TYR B 276 -13.79 85.95 1.89
N LEU B 277 -13.58 85.46 0.67
CA LEU B 277 -13.82 86.26 -0.51
C LEU B 277 -15.24 86.06 -1.02
N GLN B 278 -15.73 87.07 -1.72
CA GLN B 278 -17.08 87.07 -2.30
C GLN B 278 -17.01 87.71 -3.68
N PRO B 279 -17.93 87.33 -4.58
CA PRO B 279 -17.95 87.95 -5.91
C PRO B 279 -18.21 89.44 -5.86
N ARG B 280 -17.24 90.24 -6.28
CA ARG B 280 -17.37 91.69 -6.25
C ARG B 280 -16.77 92.28 -7.53
N THR B 281 -17.11 93.54 -7.79
CA THR B 281 -16.62 94.27 -8.94
C THR B 281 -15.72 95.40 -8.46
N PHE B 282 -14.52 95.49 -9.03
CA PHE B 282 -13.52 96.47 -8.63
C PHE B 282 -13.02 97.25 -9.83
N LEU B 283 -12.63 98.50 -9.59
CA LEU B 283 -12.01 99.34 -10.59
C LEU B 283 -10.55 99.56 -10.20
N LEU B 284 -9.64 99.00 -10.98
CA LEU B 284 -8.22 99.01 -10.67
C LEU B 284 -7.52 100.14 -11.41
N LYS B 285 -6.62 100.83 -10.71
CA LYS B 285 -5.82 101.90 -11.29
C LYS B 285 -4.37 101.43 -11.40
N TYR B 286 -3.79 101.60 -12.59
CA TYR B 286 -2.40 101.24 -12.84
C TYR B 286 -1.58 102.50 -13.00
N ASN B 287 -0.51 102.62 -12.22
CA ASN B 287 0.39 103.76 -12.34
C ASN B 287 1.25 103.61 -13.59
N GLU B 288 2.15 104.57 -13.80
CA GLU B 288 3.11 104.45 -14.89
C GLU B 288 4.29 103.60 -14.46
N ASN B 289 4.00 102.48 -13.82
CA ASN B 289 5.04 101.55 -13.38
C ASN B 289 4.66 100.12 -13.75
N GLY B 290 3.37 99.89 -13.94
CA GLY B 290 2.84 98.57 -14.22
C GLY B 290 2.22 97.85 -13.05
N THR B 291 2.10 98.52 -11.90
CA THR B 291 1.55 97.91 -10.69
C THR B 291 0.26 98.62 -10.30
N ILE B 292 -0.60 97.91 -9.57
CA ILE B 292 -1.87 98.50 -9.14
C ILE B 292 -1.61 99.45 -7.98
N THR B 293 -2.19 100.65 -8.07
CA THR B 293 -2.02 101.67 -7.04
C THR B 293 -3.30 102.02 -6.29
N ASP B 294 -4.44 102.16 -6.97
CA ASP B 294 -5.68 102.49 -6.30
C ASP B 294 -6.78 101.55 -6.79
N ALA B 295 -7.74 101.29 -5.92
CA ALA B 295 -8.86 100.42 -6.26
C ALA B 295 -10.11 100.91 -5.51
N VAL B 296 -11.26 100.60 -6.08
CA VAL B 296 -12.55 101.00 -5.52
C VAL B 296 -13.49 99.80 -5.57
N ASP B 297 -14.04 99.43 -4.41
CA ASP B 297 -15.04 98.36 -4.32
C ASP B 297 -16.38 98.96 -4.69
N CYS B 298 -16.84 98.67 -5.91
CA CYS B 298 -18.05 99.31 -6.43
C CYS B 298 -19.28 99.00 -5.60
N ALA B 299 -19.39 97.80 -5.04
CA ALA B 299 -20.57 97.41 -4.27
C ALA B 299 -20.50 97.82 -2.81
N LEU B 300 -19.60 98.74 -2.45
CA LEU B 300 -19.48 99.16 -1.06
C LEU B 300 -20.52 100.22 -0.71
N ASP B 301 -20.52 101.33 -1.43
CA ASP B 301 -21.44 102.43 -1.16
C ASP B 301 -21.89 103.02 -2.50
N PRO B 302 -23.01 103.74 -2.52
CA PRO B 302 -23.46 104.33 -3.78
C PRO B 302 -22.45 105.27 -4.42
N LEU B 303 -21.60 105.92 -3.62
CA LEU B 303 -20.52 106.71 -4.19
C LEU B 303 -19.59 105.85 -5.04
N SER B 304 -19.28 104.64 -4.56
CA SER B 304 -18.46 103.73 -5.35
C SER B 304 -19.18 103.27 -6.60
N GLU B 305 -20.51 103.08 -6.52
CA GLU B 305 -21.27 102.74 -7.71
C GLU B 305 -21.19 103.85 -8.74
N THR B 306 -21.28 105.11 -8.30
CA THR B 306 -21.13 106.24 -9.21
C THR B 306 -19.72 106.29 -9.80
N LYS B 307 -18.71 106.05 -8.97
CA LYS B 307 -17.33 106.09 -9.46
C LYS B 307 -17.08 104.99 -10.49
N CYS B 308 -17.72 103.82 -10.32
CA CYS B 308 -17.54 102.74 -11.28
C CYS B 308 -18.46 102.90 -12.48
N THR B 309 -19.48 103.76 -12.37
CA THR B 309 -20.38 103.98 -13.49
C THR B 309 -19.68 104.65 -14.67
N LEU B 310 -18.99 105.76 -14.42
CA LEU B 310 -18.25 106.47 -15.46
C LEU B 310 -16.77 106.08 -15.50
N LYS B 311 -16.38 105.08 -14.72
CA LYS B 311 -15.03 104.53 -14.72
C LYS B 311 -13.99 105.62 -14.43
N SER B 312 -14.08 106.20 -13.24
CA SER B 312 -13.14 107.23 -12.82
C SER B 312 -13.13 107.31 -11.31
N PHE B 313 -12.04 107.84 -10.76
CA PHE B 313 -11.90 108.03 -9.33
C PHE B 313 -12.39 109.40 -8.86
N THR B 314 -12.75 110.29 -9.78
CA THR B 314 -13.29 111.59 -9.45
C THR B 314 -14.65 111.78 -10.12
N VAL B 315 -15.58 112.36 -9.38
CA VAL B 315 -16.93 112.61 -9.86
C VAL B 315 -17.25 114.09 -9.64
N GLU B 316 -18.01 114.67 -10.56
CA GLU B 316 -18.40 116.06 -10.50
C GLU B 316 -19.87 116.20 -10.14
N LYS B 317 -20.34 117.45 -10.11
CA LYS B 317 -21.72 117.77 -9.81
C LYS B 317 -22.67 117.15 -10.83
N GLY B 318 -23.67 116.42 -10.34
CA GLY B 318 -24.66 115.85 -11.23
C GLY B 318 -25.29 114.63 -10.60
N ILE B 319 -26.25 114.07 -11.34
CA ILE B 319 -26.94 112.84 -10.98
C ILE B 319 -26.50 111.75 -11.96
N TYR B 320 -26.40 110.52 -11.46
CA TYR B 320 -25.94 109.40 -12.25
C TYR B 320 -26.72 108.15 -11.88
N GLN B 321 -27.30 107.50 -12.90
CA GLN B 321 -28.06 106.27 -12.72
C GLN B 321 -27.06 105.12 -12.59
N THR B 322 -27.04 104.48 -11.43
CA THR B 322 -26.07 103.44 -11.15
C THR B 322 -26.66 102.04 -11.20
N SER B 323 -27.88 101.85 -10.68
CA SER B 323 -28.47 100.53 -10.62
C SER B 323 -29.99 100.65 -10.64
N ASN B 324 -30.66 99.54 -10.38
CA ASN B 324 -32.12 99.45 -10.37
C ASN B 324 -32.54 98.66 -9.14
N PHE B 325 -33.59 99.11 -8.48
CA PHE B 325 -34.01 98.49 -7.23
C PHE B 325 -35.10 97.45 -7.48
N ARG B 326 -34.96 96.29 -6.84
CA ARG B 326 -35.95 95.23 -6.88
C ARG B 326 -35.61 94.23 -5.79
N VAL B 327 -36.62 93.89 -4.98
CA VAL B 327 -36.37 93.10 -3.76
C VAL B 327 -36.79 91.64 -3.95
N GLN B 328 -38.08 91.41 -4.17
CA GLN B 328 -38.66 90.07 -4.29
C GLN B 328 -38.24 89.19 -3.10
N PRO B 329 -38.77 89.44 -1.91
CA PRO B 329 -38.24 88.80 -0.70
C PRO B 329 -38.91 87.51 -0.26
N THR B 330 -40.03 87.10 -0.88
CA THR B 330 -40.80 85.97 -0.36
C THR B 330 -40.91 84.87 -1.41
N GLU B 331 -41.52 83.76 -1.00
CA GLU B 331 -41.58 82.56 -1.81
C GLU B 331 -42.88 82.51 -2.63
N SER B 332 -43.15 81.32 -3.17
CA SER B 332 -44.26 81.10 -4.09
C SER B 332 -45.56 80.85 -3.32
N ILE B 333 -46.67 80.80 -4.07
CA ILE B 333 -48.02 80.66 -3.53
C ILE B 333 -48.71 79.51 -4.27
N VAL B 334 -50.00 79.31 -3.95
CA VAL B 334 -50.86 78.27 -4.51
C VAL B 334 -50.71 78.18 -6.03
N ARG B 335 -50.66 76.96 -6.56
CA ARG B 335 -50.42 76.75 -7.98
C ARG B 335 -51.48 75.90 -8.68
N PHE B 336 -52.50 75.41 -7.97
CA PHE B 336 -53.49 74.54 -8.59
C PHE B 336 -54.75 74.58 -7.77
N PRO B 337 -55.91 74.26 -8.37
CA PRO B 337 -57.19 74.32 -7.64
C PRO B 337 -57.37 73.21 -6.63
N ASN B 338 -58.58 73.11 -6.06
CA ASN B 338 -58.88 72.09 -5.07
C ASN B 338 -58.72 70.68 -5.65
N ILE B 339 -58.61 69.71 -4.75
CA ILE B 339 -58.63 68.30 -5.15
C ILE B 339 -60.09 67.86 -5.28
N THR B 340 -60.43 67.28 -6.44
CA THR B 340 -61.83 66.97 -6.73
C THR B 340 -62.00 65.47 -6.77
N ASN B 341 -61.26 64.75 -7.61
CA ASN B 341 -61.48 63.32 -7.80
C ASN B 341 -60.19 62.56 -7.55
N LEU B 342 -60.06 61.98 -6.36
CA LEU B 342 -58.92 61.13 -6.06
C LEU B 342 -58.96 59.88 -6.92
N CYS B 343 -57.79 59.46 -7.41
CA CYS B 343 -57.72 58.24 -8.19
C CYS B 343 -58.05 57.04 -7.31
N PRO B 344 -58.79 56.06 -7.84
CA PRO B 344 -59.21 54.93 -7.02
C PRO B 344 -58.09 53.97 -6.66
N PHE B 345 -57.12 54.44 -5.86
CA PHE B 345 -56.05 53.57 -5.41
C PHE B 345 -56.48 52.76 -4.20
N HIS B 346 -57.49 53.25 -3.46
CA HIS B 346 -57.95 52.54 -2.27
C HIS B 346 -58.66 51.25 -2.64
N GLU B 347 -59.55 51.31 -3.63
CA GLU B 347 -60.33 50.13 -4.00
C GLU B 347 -59.54 49.12 -4.80
N VAL B 348 -58.25 49.36 -5.05
CA VAL B 348 -57.41 48.40 -5.78
C VAL B 348 -56.41 47.78 -4.82
N PHE B 349 -55.73 48.63 -4.05
CA PHE B 349 -54.75 48.13 -3.08
C PHE B 349 -55.41 47.52 -1.85
N ASN B 350 -56.54 48.06 -1.41
CA ASN B 350 -57.22 47.57 -0.21
C ASN B 350 -58.47 46.78 -0.58
N ALA B 351 -58.52 46.24 -1.79
CA ALA B 351 -59.65 45.42 -2.20
C ALA B 351 -59.61 44.08 -1.46
N THR B 352 -60.77 43.42 -1.42
CA THR B 352 -60.87 42.13 -0.73
C THR B 352 -60.54 40.98 -1.68
N THR B 353 -61.27 40.88 -2.78
CA THR B 353 -61.02 39.81 -3.75
C THR B 353 -59.91 40.21 -4.70
N PHE B 354 -58.90 39.34 -4.81
CA PHE B 354 -57.76 39.57 -5.69
C PHE B 354 -57.78 38.58 -6.83
N ALA B 355 -57.39 39.05 -8.01
CA ALA B 355 -57.39 38.21 -9.20
C ALA B 355 -56.19 37.28 -9.21
N SER B 356 -56.33 36.18 -9.95
CA SER B 356 -55.25 35.22 -10.06
C SER B 356 -54.13 35.76 -10.95
N VAL B 357 -52.99 35.09 -10.94
CA VAL B 357 -51.84 35.57 -11.71
C VAL B 357 -52.05 35.32 -13.20
N TYR B 358 -52.76 34.26 -13.56
CA TYR B 358 -53.02 33.98 -14.96
C TYR B 358 -54.17 34.81 -15.53
N ALA B 359 -54.95 35.47 -14.67
CA ALA B 359 -56.04 36.33 -15.11
C ALA B 359 -55.98 37.65 -14.35
N TRP B 360 -54.79 38.26 -14.32
CA TRP B 360 -54.53 39.47 -13.56
C TRP B 360 -55.51 40.59 -13.91
N ASN B 361 -55.78 41.47 -12.95
CA ASN B 361 -56.77 42.51 -13.14
C ASN B 361 -56.22 43.63 -14.03
N ARG B 362 -57.13 44.27 -14.75
CA ARG B 362 -56.77 45.37 -15.66
C ARG B 362 -57.78 46.48 -15.45
N LYS B 363 -57.38 47.52 -14.72
CA LYS B 363 -58.25 48.65 -14.41
C LYS B 363 -57.63 49.92 -14.95
N ARG B 364 -58.33 50.58 -15.88
CA ARG B 364 -57.84 51.82 -16.45
C ARG B 364 -58.10 52.97 -15.48
N ILE B 365 -57.05 53.70 -15.13
CA ILE B 365 -57.12 54.82 -14.19
C ILE B 365 -56.79 56.09 -14.96
N SER B 366 -57.75 57.02 -15.02
CA SER B 366 -57.55 58.27 -15.73
C SER B 366 -58.57 59.29 -15.24
N ASN B 367 -58.30 60.55 -15.54
CA ASN B 367 -59.16 61.68 -15.18
C ASN B 367 -59.35 61.75 -13.66
N CYS B 368 -58.24 61.86 -12.95
CA CYS B 368 -58.25 61.93 -11.49
C CYS B 368 -56.89 62.40 -11.01
N VAL B 369 -56.82 62.76 -9.73
CA VAL B 369 -55.55 63.13 -9.10
C VAL B 369 -55.02 61.91 -8.37
N ALA B 370 -53.76 61.57 -8.62
CA ALA B 370 -53.15 60.34 -8.11
C ALA B 370 -52.40 60.65 -6.82
N ASP B 371 -53.11 60.51 -5.70
CA ASP B 371 -52.51 60.68 -4.38
C ASP B 371 -51.85 59.36 -3.99
N TYR B 372 -50.56 59.24 -4.29
CA TYR B 372 -49.84 58.00 -4.03
C TYR B 372 -49.51 57.80 -2.56
N SER B 373 -49.90 58.72 -1.68
CA SER B 373 -49.61 58.56 -0.27
C SER B 373 -50.36 57.37 0.33
N VAL B 374 -51.50 57.01 -0.26
CA VAL B 374 -52.27 55.87 0.24
C VAL B 374 -51.51 54.58 0.01
N ILE B 375 -50.63 54.54 -1.00
CA ILE B 375 -49.83 53.34 -1.24
C ILE B 375 -48.82 53.15 -0.11
N TYR B 376 -48.15 54.24 0.29
CA TYR B 376 -47.23 54.18 1.41
C TYR B 376 -47.94 54.03 2.75
N ASN B 377 -49.22 54.39 2.83
CA ASN B 377 -49.97 54.29 4.08
C ASN B 377 -50.57 52.91 4.30
N PHE B 378 -50.80 52.13 3.24
CA PHE B 378 -51.46 50.84 3.40
C PHE B 378 -50.50 49.77 3.92
N ALA B 379 -49.26 49.78 3.47
CA ALA B 379 -48.32 48.71 3.79
C ALA B 379 -46.93 49.31 3.87
N PRO B 380 -45.98 48.61 4.52
CA PRO B 380 -44.59 49.10 4.53
C PRO B 380 -43.87 48.99 3.19
N PHE B 381 -44.57 48.62 2.12
CA PHE B 381 -44.06 48.50 0.76
C PHE B 381 -42.67 47.87 0.71
N PHE B 382 -42.56 46.62 1.16
CA PHE B 382 -41.30 45.89 1.14
C PHE B 382 -40.72 45.80 -0.26
N ALA B 383 -41.53 45.39 -1.23
CA ALA B 383 -41.05 45.21 -2.59
C ALA B 383 -41.24 46.45 -3.46
N PHE B 384 -41.33 47.64 -2.87
CA PHE B 384 -41.48 48.86 -3.64
C PHE B 384 -40.24 49.16 -4.46
N LYS B 385 -40.36 49.09 -5.77
CA LYS B 385 -39.24 49.37 -6.68
C LYS B 385 -39.79 49.94 -7.98
N CYS B 386 -39.27 51.10 -8.37
CA CYS B 386 -39.72 51.79 -9.57
C CYS B 386 -38.66 51.69 -10.65
N TYR B 387 -39.08 51.79 -11.91
CA TYR B 387 -38.18 51.66 -13.04
C TYR B 387 -38.19 52.83 -14.01
N GLY B 388 -39.28 53.60 -14.08
CA GLY B 388 -39.33 54.73 -15.00
C GLY B 388 -39.16 56.07 -14.31
N VAL B 389 -39.73 56.20 -13.11
CA VAL B 389 -39.65 57.44 -12.34
C VAL B 389 -39.08 57.12 -10.98
N SER B 390 -38.38 58.09 -10.39
CA SER B 390 -37.85 57.92 -9.04
C SER B 390 -39.00 57.72 -8.05
N PRO B 391 -38.76 56.98 -6.96
CA PRO B 391 -39.86 56.66 -6.04
C PRO B 391 -40.42 57.85 -5.28
N THR B 392 -39.95 59.07 -5.54
CA THR B 392 -40.46 60.25 -4.87
C THR B 392 -41.02 61.30 -5.81
N LYS B 393 -40.70 61.24 -7.10
CA LYS B 393 -41.18 62.25 -8.04
C LYS B 393 -42.49 61.87 -8.72
N LEU B 394 -43.25 60.92 -8.16
CA LEU B 394 -44.51 60.55 -8.77
C LEU B 394 -45.54 61.67 -8.72
N ASN B 395 -45.39 62.60 -7.76
CA ASN B 395 -46.35 63.67 -7.61
C ASN B 395 -45.95 64.94 -8.37
N ASP B 396 -44.78 64.95 -9.00
CA ASP B 396 -44.28 66.15 -9.67
C ASP B 396 -44.39 66.07 -11.19
N LEU B 397 -44.91 64.97 -11.74
CA LEU B 397 -45.09 64.84 -13.18
C LEU B 397 -46.50 64.34 -13.45
N CYS B 398 -46.76 64.01 -14.72
CA CYS B 398 -48.09 63.59 -15.15
C CYS B 398 -47.97 62.46 -16.15
N PHE B 399 -49.08 61.76 -16.38
CA PHE B 399 -49.14 60.69 -17.36
C PHE B 399 -50.52 60.71 -18.03
N THR B 400 -50.60 60.04 -19.17
CA THR B 400 -51.86 59.99 -19.91
C THR B 400 -52.82 58.96 -19.34
N ASN B 401 -52.36 57.72 -19.16
CA ASN B 401 -53.16 56.67 -18.56
C ASN B 401 -52.28 55.80 -17.67
N VAL B 402 -52.83 55.39 -16.53
CA VAL B 402 -52.14 54.55 -15.57
C VAL B 402 -52.92 53.24 -15.44
N TYR B 403 -52.24 52.13 -15.69
CA TYR B 403 -52.84 50.80 -15.62
C TYR B 403 -52.33 50.09 -14.37
N ALA B 404 -53.27 49.62 -13.55
CA ALA B 404 -52.94 48.90 -12.32
C ALA B 404 -53.23 47.43 -12.52
N ASP B 405 -52.19 46.60 -12.43
CA ASP B 405 -52.31 45.16 -12.57
C ASP B 405 -52.08 44.49 -11.22
N SER B 406 -53.08 43.75 -10.75
CA SER B 406 -53.03 43.15 -9.43
C SER B 406 -53.12 41.63 -9.56
N PHE B 407 -52.31 40.93 -8.78
CA PHE B 407 -52.27 39.47 -8.77
C PHE B 407 -51.57 39.02 -7.50
N VAL B 408 -51.70 37.73 -7.20
CA VAL B 408 -51.13 37.13 -6.01
C VAL B 408 -50.10 36.08 -6.43
N ILE B 409 -48.88 36.19 -5.91
CA ILE B 409 -47.81 35.24 -6.19
C ILE B 409 -47.08 34.94 -4.88
N ARG B 410 -46.07 34.09 -4.98
CA ARG B 410 -45.26 33.76 -3.81
C ARG B 410 -44.27 34.87 -3.50
N GLY B 411 -43.55 34.70 -2.39
CA GLY B 411 -42.56 35.69 -1.99
C GLY B 411 -41.30 35.66 -2.81
N ASN B 412 -40.90 34.49 -3.32
CA ASN B 412 -39.72 34.42 -4.16
C ASN B 412 -40.04 34.79 -5.61
N GLU B 413 -41.31 34.70 -6.00
CA GLU B 413 -41.70 35.07 -7.36
C GLU B 413 -41.82 36.58 -7.53
N VAL B 414 -41.67 37.36 -6.46
CA VAL B 414 -41.73 38.81 -6.57
C VAL B 414 -40.56 39.33 -7.40
N SER B 415 -39.42 38.64 -7.35
CA SER B 415 -38.27 39.06 -8.14
C SER B 415 -38.49 38.86 -9.64
N GLN B 416 -39.52 38.12 -10.03
CA GLN B 416 -39.79 37.88 -11.45
C GLN B 416 -40.53 39.04 -12.10
N ILE B 417 -41.12 39.94 -11.31
CA ILE B 417 -41.83 41.10 -11.86
C ILE B 417 -40.82 42.22 -12.10
N ALA B 418 -40.21 42.21 -13.28
CA ALA B 418 -39.19 43.18 -13.65
C ALA B 418 -39.03 43.13 -15.16
N PRO B 419 -38.48 44.20 -15.77
CA PRO B 419 -38.29 44.17 -17.23
C PRO B 419 -37.17 43.22 -17.63
N GLY B 420 -37.54 42.05 -18.14
CA GLY B 420 -36.59 41.05 -18.55
C GLY B 420 -36.32 40.07 -17.42
N GLN B 421 -36.93 38.89 -17.48
CA GLN B 421 -36.81 37.90 -16.42
C GLN B 421 -37.07 36.51 -16.99
N THR B 422 -36.89 35.51 -16.13
CA THR B 422 -37.13 34.11 -16.47
C THR B 422 -37.60 33.38 -15.22
N GLY B 423 -38.72 32.69 -15.33
CA GLY B 423 -39.31 31.98 -14.21
C GLY B 423 -40.69 31.47 -14.55
N ASN B 424 -41.34 30.86 -13.55
CA ASN B 424 -42.65 30.27 -13.76
C ASN B 424 -43.69 31.34 -14.11
N ILE B 425 -43.62 32.49 -13.45
CA ILE B 425 -44.59 33.55 -13.70
C ILE B 425 -44.10 34.48 -14.79
N ALA B 426 -42.80 34.81 -14.77
CA ALA B 426 -42.23 35.76 -15.73
C ALA B 426 -42.04 35.17 -17.12
N ASP B 427 -42.58 33.98 -17.40
CA ASP B 427 -42.48 33.40 -18.73
C ASP B 427 -43.85 32.96 -19.25
N TYR B 428 -44.73 32.52 -18.35
CA TYR B 428 -46.01 31.95 -18.76
C TYR B 428 -47.21 32.58 -18.08
N ASN B 429 -47.01 33.50 -17.14
CA ASN B 429 -48.14 34.09 -16.42
C ASN B 429 -48.22 35.60 -16.63
N TYR B 430 -47.11 36.30 -16.45
CA TYR B 430 -47.12 37.75 -16.54
C TYR B 430 -45.69 38.22 -16.83
N LYS B 431 -45.52 38.95 -17.92
CA LYS B 431 -44.21 39.42 -18.36
C LYS B 431 -44.24 40.93 -18.58
N LEU B 432 -43.23 41.62 -18.06
CA LEU B 432 -43.09 43.04 -18.28
C LEU B 432 -42.14 43.30 -19.46
N PRO B 433 -42.47 44.24 -20.34
CA PRO B 433 -41.56 44.57 -21.44
C PRO B 433 -40.31 45.25 -20.93
N ASP B 434 -39.27 45.21 -21.75
CA ASP B 434 -37.99 45.81 -21.37
C ASP B 434 -38.08 47.33 -21.23
N ASP B 435 -39.04 47.97 -21.90
CA ASP B 435 -39.25 49.40 -21.79
C ASP B 435 -40.23 49.76 -20.68
N PHE B 436 -40.38 48.92 -19.67
CA PHE B 436 -41.33 49.15 -18.59
C PHE B 436 -40.94 50.39 -17.78
N THR B 437 -41.80 51.40 -17.79
CA THR B 437 -41.59 52.63 -17.01
C THR B 437 -42.70 52.72 -15.97
N GLY B 438 -42.40 52.27 -14.76
CA GLY B 438 -43.39 52.29 -13.71
C GLY B 438 -42.82 51.78 -12.40
N CYS B 439 -43.71 51.43 -11.49
CA CYS B 439 -43.34 50.95 -10.16
C CYS B 439 -43.98 49.59 -9.91
N VAL B 440 -43.34 48.81 -9.05
CA VAL B 440 -43.83 47.50 -8.63
C VAL B 440 -44.03 47.51 -7.13
N ILE B 441 -45.26 47.22 -6.70
CA ILE B 441 -45.62 47.25 -5.29
C ILE B 441 -46.10 45.86 -4.90
N ALA B 442 -45.57 45.33 -3.79
CA ALA B 442 -45.94 44.01 -3.32
C ALA B 442 -45.70 43.94 -1.82
N TRP B 443 -46.58 43.21 -1.14
CA TRP B 443 -46.50 43.06 0.31
C TRP B 443 -47.07 41.71 0.71
N ASN B 444 -46.76 41.29 1.93
CA ASN B 444 -47.21 39.99 2.41
C ASN B 444 -48.72 39.99 2.64
N SER B 445 -49.37 38.88 2.27
CA SER B 445 -50.82 38.75 2.41
C SER B 445 -51.21 37.37 2.92
N ASN B 446 -50.39 36.74 3.75
CA ASN B 446 -50.67 35.40 4.27
C ASN B 446 -51.81 35.39 5.28
N LYS B 447 -52.23 36.55 5.79
CA LYS B 447 -53.26 36.58 6.83
C LYS B 447 -54.68 36.41 6.27
N LEU B 448 -54.88 36.56 4.97
CA LEU B 448 -56.22 36.48 4.40
C LEU B 448 -56.28 35.47 3.26
N ASP B 449 -55.20 35.38 2.48
CA ASP B 449 -55.16 34.53 1.30
C ASP B 449 -54.74 33.10 1.59
N SER B 450 -54.92 32.62 2.83
CA SER B 450 -54.52 31.27 3.21
C SER B 450 -55.63 30.64 4.03
N LYS B 451 -55.61 29.31 4.08
CA LYS B 451 -56.56 28.53 4.86
C LYS B 451 -55.89 27.22 5.24
N PRO B 452 -56.30 26.60 6.35
CA PRO B 452 -55.61 25.39 6.81
C PRO B 452 -55.73 24.22 5.84
N SER B 453 -56.87 24.07 5.16
CA SER B 453 -57.04 22.94 4.25
C SER B 453 -56.39 23.18 2.89
N GLY B 454 -55.83 24.36 2.65
CA GLY B 454 -55.19 24.65 1.38
C GLY B 454 -56.04 25.50 0.46
N ASN B 455 -55.61 26.73 0.21
CA ASN B 455 -56.36 27.63 -0.65
C ASN B 455 -56.16 27.24 -2.11
N TYR B 456 -57.27 27.05 -2.82
CA TYR B 456 -57.23 26.55 -4.19
C TYR B 456 -57.75 27.55 -5.22
N ASN B 457 -58.18 28.74 -4.80
CA ASN B 457 -58.70 29.71 -5.75
C ASN B 457 -57.60 30.41 -6.54
N TYR B 458 -56.34 30.26 -6.15
CA TYR B 458 -55.22 30.86 -6.86
C TYR B 458 -54.42 29.77 -7.54
N LEU B 459 -54.23 29.91 -8.85
CA LEU B 459 -53.47 28.95 -9.64
C LEU B 459 -52.49 29.71 -10.52
N TYR B 460 -51.48 28.99 -11.02
CA TYR B 460 -50.49 29.55 -11.92
C TYR B 460 -50.28 28.61 -13.10
N ARG B 461 -50.19 29.18 -14.29
CA ARG B 461 -50.03 28.40 -15.51
C ARG B 461 -48.57 28.00 -15.69
N LEU B 462 -48.38 26.77 -16.18
CA LEU B 462 -47.04 26.23 -16.37
C LEU B 462 -47.01 25.42 -17.67
N LEU B 463 -45.81 25.26 -18.21
CA LEU B 463 -45.55 24.41 -19.38
C LEU B 463 -46.32 24.89 -20.61
N ARG B 464 -46.21 26.18 -20.94
CA ARG B 464 -46.81 26.70 -22.16
C ARG B 464 -45.84 26.55 -23.32
N LYS B 465 -46.37 26.22 -24.50
CA LYS B 465 -45.54 25.95 -25.67
C LYS B 465 -44.82 27.19 -26.18
N SER B 466 -45.27 28.39 -25.81
CA SER B 466 -44.63 29.62 -26.28
C SER B 466 -44.72 30.67 -25.18
N LYS B 467 -43.65 31.46 -25.07
CA LYS B 467 -43.62 32.53 -24.08
C LYS B 467 -44.62 33.63 -24.44
N LEU B 468 -45.34 34.10 -23.43
CA LEU B 468 -46.32 35.16 -23.66
C LEU B 468 -45.64 36.49 -23.96
N LYS B 469 -46.24 37.25 -24.86
CA LYS B 469 -45.74 38.59 -25.14
C LYS B 469 -46.00 39.49 -23.93
N PRO B 470 -45.25 40.60 -23.82
CA PRO B 470 -45.48 41.52 -22.71
C PRO B 470 -46.93 42.00 -22.66
N PHE B 471 -47.49 42.01 -21.45
CA PHE B 471 -48.88 42.43 -21.22
C PHE B 471 -49.86 41.57 -22.00
N GLU B 472 -49.73 40.25 -21.88
CA GLU B 472 -50.67 39.34 -22.52
C GLU B 472 -51.44 38.55 -21.46
N ARG B 473 -52.66 38.15 -21.82
CA ARG B 473 -53.53 37.40 -20.92
C ARG B 473 -54.25 36.33 -21.72
N ASP B 474 -54.02 35.07 -21.35
CA ASP B 474 -54.65 33.93 -22.02
C ASP B 474 -55.74 33.37 -21.12
N ILE B 475 -56.99 33.46 -21.59
CA ILE B 475 -58.13 32.95 -20.82
C ILE B 475 -58.39 31.47 -21.07
N SER B 476 -57.93 30.94 -22.21
CA SER B 476 -58.16 29.54 -22.53
C SER B 476 -57.46 28.64 -21.52
N THR B 477 -58.09 27.50 -21.22
CA THR B 477 -57.55 26.54 -20.27
C THR B 477 -57.60 25.11 -20.81
N GLU B 478 -57.36 24.92 -22.10
CA GLU B 478 -57.38 23.60 -22.69
C GLU B 478 -56.22 22.75 -22.18
N ILE B 479 -56.29 21.46 -22.48
CA ILE B 479 -55.23 20.54 -22.05
C ILE B 479 -53.95 20.82 -22.82
N TYR B 480 -52.83 20.41 -22.25
CA TYR B 480 -51.51 20.64 -22.84
C TYR B 480 -51.09 19.37 -23.59
N GLN B 481 -51.19 19.43 -24.92
CA GLN B 481 -50.79 18.30 -25.75
C GLN B 481 -49.27 18.23 -25.81
N ALA B 482 -48.71 17.10 -25.39
CA ALA B 482 -47.26 16.92 -25.36
C ALA B 482 -46.89 15.59 -26.01
N GLY B 483 -47.49 15.30 -27.16
CA GLY B 483 -47.20 14.08 -27.87
C GLY B 483 -47.94 13.96 -29.19
N ASN B 484 -47.36 13.22 -30.13
CA ASN B 484 -47.98 13.00 -31.44
C ASN B 484 -49.15 12.04 -31.38
N LYS B 485 -49.43 11.44 -30.23
CA LYS B 485 -50.62 10.62 -30.02
C LYS B 485 -51.47 11.27 -28.94
N PRO B 486 -52.17 12.36 -29.25
CA PRO B 486 -52.87 13.12 -28.21
C PRO B 486 -54.10 12.40 -27.69
N CYS B 487 -54.62 12.92 -26.59
CA CYS B 487 -55.82 12.36 -25.98
C CYS B 487 -57.06 12.73 -26.78
N ASN B 488 -58.19 12.16 -26.40
CA ASN B 488 -59.47 12.51 -27.00
C ASN B 488 -60.15 13.60 -26.18
N GLY B 489 -59.44 14.69 -25.94
CA GLY B 489 -59.96 15.80 -25.16
C GLY B 489 -59.95 15.62 -23.67
N VAL B 490 -59.86 14.39 -23.17
CA VAL B 490 -59.85 14.15 -21.74
C VAL B 490 -58.44 14.27 -21.20
N ALA B 491 -58.31 14.98 -20.08
CA ALA B 491 -56.99 15.20 -19.48
C ALA B 491 -56.40 13.88 -19.00
N GLY B 492 -55.07 13.77 -19.07
CA GLY B 492 -54.37 12.59 -18.67
C GLY B 492 -52.97 12.53 -19.23
N PRO B 493 -52.56 11.34 -19.68
CA PRO B 493 -51.23 11.21 -20.30
C PRO B 493 -51.11 12.08 -21.55
N ASN B 494 -50.03 12.85 -21.62
CA ASN B 494 -49.75 13.80 -22.70
C ASN B 494 -50.80 14.88 -22.84
N CYS B 495 -51.71 15.00 -21.87
CA CYS B 495 -52.74 16.02 -21.85
C CYS B 495 -52.85 16.59 -20.43
N TYR B 496 -51.70 16.90 -19.84
CA TYR B 496 -51.63 17.36 -18.47
C TYR B 496 -52.33 18.71 -18.31
N SER B 497 -52.75 18.98 -17.08
CA SER B 497 -53.45 20.24 -16.80
C SER B 497 -52.44 21.39 -16.80
N PRO B 498 -52.75 22.50 -17.49
CA PRO B 498 -51.79 23.62 -17.52
C PRO B 498 -51.79 24.47 -16.26
N LEU B 499 -52.88 24.46 -15.49
CA LEU B 499 -52.99 25.28 -14.30
C LEU B 499 -52.69 24.46 -13.06
N GLN B 500 -51.75 24.92 -12.24
CA GLN B 500 -51.37 24.27 -11.00
C GLN B 500 -51.72 25.18 -9.83
N SER B 501 -52.42 24.63 -8.83
CA SER B 501 -52.88 25.43 -7.71
C SER B 501 -51.72 25.79 -6.80
N TYR B 502 -51.79 27.00 -6.22
CA TYR B 502 -50.78 27.44 -5.27
C TYR B 502 -50.91 26.67 -3.96
N GLY B 503 -49.78 26.49 -3.28
CA GLY B 503 -49.77 25.86 -1.98
C GLY B 503 -49.98 26.79 -0.81
N PHE B 504 -50.89 27.76 -0.95
CA PHE B 504 -51.12 28.75 0.10
C PHE B 504 -51.69 28.10 1.35
N ARG B 505 -50.88 28.07 2.41
CA ARG B 505 -51.29 27.56 3.72
C ARG B 505 -50.54 28.33 4.81
N PRO B 506 -51.10 28.40 6.02
CA PRO B 506 -50.40 29.08 7.11
C PRO B 506 -49.10 28.37 7.49
N THR B 507 -48.31 29.02 8.36
CA THR B 507 -47.05 28.49 8.87
C THR B 507 -46.00 28.33 7.77
N TYR B 508 -46.33 28.70 6.54
CA TYR B 508 -45.36 28.64 5.46
C TYR B 508 -44.33 29.74 5.60
N GLY B 509 -43.24 29.60 4.86
CA GLY B 509 -42.15 30.57 4.88
C GLY B 509 -42.34 31.67 3.85
N VAL B 510 -41.33 32.55 3.80
CA VAL B 510 -41.37 33.67 2.86
C VAL B 510 -41.30 33.16 1.42
N GLY B 511 -40.81 31.93 1.22
CA GLY B 511 -40.67 31.41 -0.12
C GLY B 511 -41.98 30.99 -0.75
N HIS B 512 -43.00 30.73 0.07
CA HIS B 512 -44.27 30.23 -0.45
C HIS B 512 -45.50 30.94 0.07
N GLN B 513 -45.39 31.90 0.97
CA GLN B 513 -46.56 32.61 1.45
C GLN B 513 -47.15 33.45 0.32
N PRO B 514 -48.47 33.66 0.32
CA PRO B 514 -49.09 34.48 -0.73
C PRO B 514 -48.73 35.94 -0.57
N TYR B 515 -48.30 36.55 -1.67
CA TYR B 515 -47.96 37.97 -1.71
C TYR B 515 -48.78 38.66 -2.78
N ARG B 516 -49.52 39.69 -2.39
CA ARG B 516 -50.31 40.47 -3.33
C ARG B 516 -49.43 41.54 -3.98
N VAL B 517 -49.40 41.54 -5.30
CA VAL B 517 -48.55 42.44 -6.07
C VAL B 517 -49.43 43.32 -6.94
N VAL B 518 -49.09 44.61 -7.00
CA VAL B 518 -49.77 45.58 -7.84
C VAL B 518 -48.72 46.25 -8.73
N VAL B 519 -48.96 46.23 -10.04
CA VAL B 519 -48.03 46.80 -11.02
C VAL B 519 -48.68 48.03 -11.62
N LEU B 520 -48.01 49.17 -11.49
CA LEU B 520 -48.51 50.45 -11.99
C LEU B 520 -47.73 50.81 -13.25
N SER B 521 -48.34 50.54 -14.40
CA SER B 521 -47.70 50.84 -15.68
C SER B 521 -48.13 52.22 -16.16
N PHE B 522 -47.14 53.04 -16.53
CA PHE B 522 -47.39 54.38 -17.03
C PHE B 522 -47.31 54.39 -18.56
N GLU B 523 -48.22 55.13 -19.19
CA GLU B 523 -48.32 55.18 -20.64
C GLU B 523 -48.36 56.63 -21.11
N LEU B 524 -47.71 56.90 -22.25
CA LEU B 524 -47.74 58.20 -22.89
C LEU B 524 -48.07 58.02 -24.37
N LEU B 525 -49.06 58.77 -24.83
CA LEU B 525 -49.58 58.66 -26.19
C LEU B 525 -50.27 59.98 -26.54
N HIS B 526 -51.06 59.98 -27.60
CA HIS B 526 -51.84 61.18 -27.92
C HIS B 526 -52.94 61.37 -26.89
N ALA B 527 -53.75 62.41 -27.09
CA ALA B 527 -54.70 62.88 -26.08
C ALA B 527 -53.93 63.20 -24.80
N PRO B 528 -53.33 64.38 -24.72
CA PRO B 528 -52.29 64.66 -23.71
C PRO B 528 -52.74 64.37 -22.29
N ALA B 529 -51.75 64.29 -21.40
CA ALA B 529 -51.95 63.81 -20.04
C ALA B 529 -53.05 64.58 -19.32
N THR B 530 -53.90 63.84 -18.61
CA THR B 530 -55.00 64.43 -17.85
C THR B 530 -55.06 63.94 -16.41
N VAL B 531 -54.27 62.94 -16.03
CA VAL B 531 -54.27 62.40 -14.67
C VAL B 531 -52.88 62.64 -14.08
N CYS B 532 -52.78 63.64 -13.21
CA CYS B 532 -51.51 64.00 -12.58
C CYS B 532 -51.64 63.88 -11.06
N GLY B 533 -50.50 64.03 -10.39
CA GLY B 533 -50.48 64.02 -8.95
C GLY B 533 -50.86 65.36 -8.36
N PRO B 534 -51.25 65.38 -7.09
CA PRO B 534 -51.60 66.64 -6.44
C PRO B 534 -50.41 67.58 -6.37
N LYS B 535 -50.69 68.88 -6.40
CA LYS B 535 -49.64 69.89 -6.36
C LYS B 535 -49.48 70.54 -5.00
N LYS B 536 -50.37 70.23 -4.05
CA LYS B 536 -50.27 70.73 -2.68
C LYS B 536 -50.28 72.27 -2.66
N SER B 537 -51.39 72.86 -3.05
CA SER B 537 -51.51 74.31 -3.06
C SER B 537 -51.31 74.89 -1.66
N THR B 538 -50.67 76.05 -1.60
CA THR B 538 -50.37 76.69 -0.34
C THR B 538 -51.39 77.78 -0.02
N ASN B 539 -51.24 78.39 1.14
CA ASN B 539 -52.13 79.46 1.56
C ASN B 539 -51.84 80.74 0.78
N LEU B 540 -52.88 81.54 0.56
CA LEU B 540 -52.74 82.75 -0.21
C LEU B 540 -52.12 83.87 0.63
N VAL B 541 -51.19 84.60 0.01
CA VAL B 541 -50.53 85.72 0.65
C VAL B 541 -50.82 86.99 -0.15
N LYS B 542 -51.18 88.06 0.56
CA LYS B 542 -51.58 89.31 -0.07
C LYS B 542 -50.72 90.44 0.46
N ASN B 543 -50.73 91.56 -0.28
CA ASN B 543 -50.02 92.79 0.07
C ASN B 543 -48.52 92.58 0.22
N LYS B 544 -47.97 91.57 -0.46
CA LYS B 544 -46.54 91.29 -0.41
C LYS B 544 -46.04 90.94 -1.80
N CYS B 545 -44.75 91.15 -2.03
CA CYS B 545 -44.12 90.87 -3.32
C CYS B 545 -43.82 89.37 -3.43
N VAL B 546 -44.90 88.61 -3.54
CA VAL B 546 -44.81 87.15 -3.61
C VAL B 546 -44.87 86.71 -5.07
N ASN B 547 -44.24 85.57 -5.35
CA ASN B 547 -44.35 84.96 -6.67
C ASN B 547 -45.58 84.07 -6.72
N PHE B 548 -46.40 84.28 -7.76
CA PHE B 548 -47.65 83.56 -7.89
C PHE B 548 -47.56 82.61 -9.07
N ASN B 549 -48.26 81.48 -8.95
CA ASN B 549 -48.30 80.49 -10.01
C ASN B 549 -49.71 79.92 -10.22
N PHE B 550 -50.73 80.77 -10.17
CA PHE B 550 -52.10 80.32 -10.32
C PHE B 550 -52.31 79.65 -11.67
N ASN B 551 -52.55 78.33 -11.65
CA ASN B 551 -52.74 77.53 -12.85
C ASN B 551 -51.62 77.75 -13.87
N GLY B 552 -50.38 77.82 -13.38
CA GLY B 552 -49.24 77.99 -14.26
C GLY B 552 -48.88 79.41 -14.60
N LEU B 553 -49.64 80.39 -14.12
CA LEU B 553 -49.33 81.79 -14.39
C LEU B 553 -48.17 82.26 -13.53
N THR B 554 -46.94 82.04 -14.01
CA THR B 554 -45.77 82.45 -13.25
C THR B 554 -45.58 83.96 -13.34
N GLY B 555 -45.40 84.59 -12.19
CA GLY B 555 -45.19 86.03 -12.16
C GLY B 555 -44.87 86.51 -10.76
N THR B 556 -44.82 87.83 -10.63
CA THR B 556 -44.54 88.48 -9.36
C THR B 556 -45.26 89.82 -9.31
N GLY B 557 -45.91 90.10 -8.18
CA GLY B 557 -46.62 91.36 -8.04
C GLY B 557 -47.29 91.45 -6.68
N VAL B 558 -47.84 92.63 -6.41
CA VAL B 558 -48.56 92.89 -5.18
C VAL B 558 -49.98 92.36 -5.35
N LEU B 559 -50.26 91.20 -4.78
CA LEU B 559 -51.60 90.63 -4.84
C LEU B 559 -52.51 91.36 -3.86
N THR B 560 -53.37 92.22 -4.38
CA THR B 560 -54.32 92.97 -3.58
C THR B 560 -55.74 92.66 -4.03
N GLU B 561 -56.69 92.77 -3.11
CA GLU B 561 -58.08 92.51 -3.43
C GLU B 561 -58.58 93.47 -4.50
N SER B 562 -59.29 92.92 -5.48
CA SER B 562 -59.75 93.69 -6.63
C SER B 562 -61.28 93.74 -6.64
N ASN B 563 -61.80 94.77 -7.28
CA ASN B 563 -63.24 94.96 -7.44
C ASN B 563 -63.70 94.76 -8.88
N LYS B 564 -62.77 94.49 -9.80
CA LYS B 564 -63.11 94.26 -11.20
C LYS B 564 -63.70 92.86 -11.33
N LYS B 565 -65.02 92.78 -11.23
CA LYS B 565 -65.73 91.51 -11.27
C LYS B 565 -65.60 90.89 -12.65
N PHE B 566 -65.13 89.65 -12.71
CA PHE B 566 -64.96 88.96 -13.98
C PHE B 566 -66.23 88.20 -14.34
N LEU B 567 -66.14 87.42 -15.41
CA LEU B 567 -67.21 86.53 -15.81
C LEU B 567 -66.99 85.15 -15.19
N PRO B 568 -68.05 84.35 -15.04
CA PRO B 568 -67.89 83.05 -14.38
C PRO B 568 -66.95 82.10 -15.10
N PHE B 569 -66.76 82.26 -16.41
CA PHE B 569 -65.90 81.36 -17.18
C PHE B 569 -64.53 81.94 -17.46
N GLN B 570 -64.20 83.09 -16.89
CA GLN B 570 -62.91 83.74 -17.12
C GLN B 570 -62.05 83.65 -15.87
N GLN B 571 -60.76 83.37 -16.05
CA GLN B 571 -59.84 83.16 -14.94
C GLN B 571 -58.72 84.20 -14.87
N PHE B 572 -58.31 84.76 -16.01
CA PHE B 572 -57.20 85.69 -16.05
C PHE B 572 -57.65 87.00 -16.69
N GLY B 573 -56.80 88.02 -16.56
CA GLY B 573 -57.09 89.31 -17.14
C GLY B 573 -55.84 90.02 -17.63
N ARG B 574 -55.91 90.62 -18.82
CA ARG B 574 -54.77 91.28 -19.44
C ARG B 574 -55.16 92.66 -19.92
N ASP B 575 -54.16 93.55 -20.01
CA ASP B 575 -54.37 94.90 -20.48
C ASP B 575 -54.11 94.98 -21.98
N ILE B 576 -53.99 96.22 -22.48
CA ILE B 576 -53.69 96.43 -23.90
C ILE B 576 -52.33 95.84 -24.25
N ALA B 577 -51.36 95.95 -23.35
CA ALA B 577 -49.99 95.50 -23.59
C ALA B 577 -49.82 94.00 -23.49
N ASP B 578 -50.93 93.24 -23.48
CA ASP B 578 -50.90 91.78 -23.37
C ASP B 578 -50.25 91.30 -22.07
N THR B 579 -50.19 92.16 -21.07
CA THR B 579 -49.60 91.80 -19.79
C THR B 579 -50.70 91.46 -18.80
N THR B 580 -50.56 90.30 -18.15
CA THR B 580 -51.56 89.87 -17.18
C THR B 580 -51.49 90.75 -15.94
N ASP B 581 -52.61 91.39 -15.60
CA ASP B 581 -52.66 92.27 -14.45
C ASP B 581 -53.71 91.89 -13.42
N ALA B 582 -54.45 90.80 -13.63
CA ALA B 582 -55.46 90.35 -12.68
C ALA B 582 -55.68 88.85 -12.85
N VAL B 583 -55.87 88.17 -11.72
CA VAL B 583 -56.03 86.72 -11.71
C VAL B 583 -56.95 86.34 -10.56
N ARG B 584 -57.72 85.27 -10.77
CA ARG B 584 -58.61 84.76 -9.74
C ARG B 584 -58.00 83.56 -9.03
N ASP B 585 -58.16 83.53 -7.72
CA ASP B 585 -57.74 82.38 -6.94
C ASP B 585 -58.62 81.18 -7.31
N PRO B 586 -58.05 80.09 -7.84
CA PRO B 586 -58.88 78.95 -8.25
C PRO B 586 -59.62 78.27 -7.11
N GLN B 587 -59.32 78.62 -5.86
CA GLN B 587 -60.03 78.04 -4.72
C GLN B 587 -61.34 78.75 -4.42
N THR B 588 -61.48 80.02 -4.80
CA THR B 588 -62.68 80.79 -4.53
C THR B 588 -63.04 81.67 -5.73
N LEU B 589 -63.93 82.63 -5.53
CA LEU B 589 -64.25 83.62 -6.56
C LEU B 589 -63.50 84.93 -6.35
N GLU B 590 -62.51 84.95 -5.48
CA GLU B 590 -61.77 86.18 -5.20
C GLU B 590 -60.89 86.56 -6.38
N ILE B 591 -60.82 87.85 -6.66
CA ILE B 591 -60.04 88.40 -7.77
C ILE B 591 -58.96 89.30 -7.20
N LEU B 592 -57.75 89.16 -7.73
CA LEU B 592 -56.59 89.91 -7.24
C LEU B 592 -55.92 90.63 -8.40
N ASP B 593 -55.57 91.90 -8.20
CA ASP B 593 -54.89 92.68 -9.21
C ASP B 593 -53.39 92.44 -9.14
N ILE B 594 -52.75 92.30 -10.29
CA ILE B 594 -51.31 92.06 -10.36
C ILE B 594 -50.60 93.36 -10.70
N THR B 595 -50.15 94.09 -9.69
CA THR B 595 -49.46 95.35 -9.93
C THR B 595 -47.96 95.13 -9.93
N PRO B 596 -47.19 95.86 -10.74
CA PRO B 596 -45.73 95.71 -10.71
C PRO B 596 -45.17 96.11 -9.35
N CYS B 597 -44.42 95.20 -8.74
CA CYS B 597 -43.97 95.37 -7.36
C CYS B 597 -43.07 96.58 -7.18
N SER B 598 -41.88 96.55 -7.78
CA SER B 598 -40.94 97.65 -7.59
C SER B 598 -39.79 97.57 -8.60
N PHE B 599 -39.53 98.69 -9.28
CA PHE B 599 -38.38 98.81 -10.18
C PHE B 599 -38.20 100.26 -10.54
N GLY B 600 -36.94 100.70 -10.56
CA GLY B 600 -36.61 102.07 -10.87
C GLY B 600 -35.15 102.37 -10.69
N GLY B 601 -34.57 103.13 -11.62
CA GLY B 601 -33.16 103.47 -11.56
C GLY B 601 -32.84 104.41 -10.41
N VAL B 602 -31.87 104.01 -9.59
CA VAL B 602 -31.45 104.81 -8.43
C VAL B 602 -30.34 105.76 -8.89
N SER B 603 -30.56 107.05 -8.70
CA SER B 603 -29.61 108.08 -9.08
C SER B 603 -28.93 108.63 -7.83
N VAL B 604 -27.61 108.69 -7.86
CA VAL B 604 -26.81 109.10 -6.70
C VAL B 604 -26.43 110.56 -6.89
N ILE B 605 -26.97 111.43 -6.03
CA ILE B 605 -26.62 112.84 -6.05
C ILE B 605 -25.22 113.01 -5.47
N THR B 606 -24.31 113.56 -6.27
CA THR B 606 -22.92 113.72 -5.86
C THR B 606 -22.54 115.19 -5.98
N PRO B 607 -22.17 115.84 -4.87
CA PRO B 607 -21.72 117.23 -4.98
C PRO B 607 -20.33 117.36 -5.59
N GLY B 608 -19.60 116.26 -5.71
CA GLY B 608 -18.27 116.29 -6.30
C GLY B 608 -17.21 116.01 -5.26
N THR B 609 -16.30 115.10 -5.58
CA THR B 609 -15.23 114.74 -4.65
C THR B 609 -14.25 115.89 -4.47
N ASN B 610 -14.29 116.89 -5.36
CA ASN B 610 -13.42 118.06 -5.21
C ASN B 610 -13.77 118.85 -3.96
N THR B 611 -15.03 118.77 -3.50
CA THR B 611 -15.49 119.52 -2.34
C THR B 611 -15.67 118.61 -1.13
N SER B 612 -16.44 117.54 -1.27
CA SER B 612 -16.73 116.65 -0.15
C SER B 612 -17.00 115.26 -0.68
N ASN B 613 -17.18 114.32 0.25
CA ASN B 613 -17.42 112.92 -0.07
C ASN B 613 -18.82 112.46 0.28
N GLN B 614 -19.59 113.26 1.02
CA GLN B 614 -20.95 112.88 1.38
C GLN B 614 -21.87 112.97 0.17
N VAL B 615 -22.63 111.91 -0.09
CA VAL B 615 -23.51 111.82 -1.23
C VAL B 615 -24.90 111.41 -0.76
N ALA B 616 -25.86 111.47 -1.69
CA ALA B 616 -27.23 111.07 -1.43
C ALA B 616 -27.73 110.22 -2.59
N VAL B 617 -28.84 109.54 -2.37
CA VAL B 617 -29.43 108.64 -3.36
C VAL B 617 -30.87 109.07 -3.62
N LEU B 618 -31.40 108.63 -4.76
CA LEU B 618 -32.76 108.96 -5.17
C LEU B 618 -33.40 107.72 -5.79
N TYR B 619 -34.48 107.24 -5.16
CA TYR B 619 -35.23 106.08 -5.63
C TYR B 619 -36.41 106.60 -6.45
N GLN B 620 -36.24 106.60 -7.77
CA GLN B 620 -37.23 107.21 -8.65
C GLN B 620 -38.45 106.32 -8.82
N GLY B 621 -39.63 106.89 -8.54
CA GLY B 621 -40.88 106.20 -8.84
C GLY B 621 -41.36 105.22 -7.79
N VAL B 622 -40.82 105.27 -6.58
CA VAL B 622 -41.24 104.37 -5.51
C VAL B 622 -41.36 105.15 -4.21
N ASN B 623 -42.22 104.66 -3.32
CA ASN B 623 -42.38 105.26 -2.01
C ASN B 623 -41.15 105.03 -1.15
N CYS B 624 -41.06 105.78 -0.05
CA CYS B 624 -40.00 105.57 0.92
C CYS B 624 -40.28 104.38 1.84
N THR B 625 -41.51 103.84 1.82
CA THR B 625 -41.88 102.74 2.68
C THR B 625 -41.55 101.38 2.09
N GLU B 626 -41.12 101.32 0.83
CA GLU B 626 -40.77 100.06 0.19
C GLU B 626 -39.29 100.01 -0.18
N VAL B 627 -38.46 100.74 0.56
CA VAL B 627 -37.02 100.75 0.34
C VAL B 627 -36.32 100.58 1.68
N PRO B 628 -35.14 99.93 1.67
CA PRO B 628 -34.34 99.74 2.90
C PRO B 628 -33.91 101.06 3.52
N SER B 647 -32.19 108.29 7.27
CA SER B 647 -32.32 109.25 8.37
C SER B 647 -33.01 110.53 7.89
N ASN B 648 -32.58 111.02 6.72
CA ASN B 648 -33.17 112.23 6.13
C ASN B 648 -34.05 111.91 4.94
N VAL B 649 -34.85 110.84 5.03
CA VAL B 649 -35.67 110.44 3.89
C VAL B 649 -36.78 111.45 3.64
N PHE B 650 -37.14 111.61 2.37
CA PHE B 650 -38.24 112.49 1.97
C PHE B 650 -38.75 112.03 0.62
N GLN B 651 -40.05 111.75 0.54
CA GLN B 651 -40.66 111.23 -0.69
C GLN B 651 -41.10 112.41 -1.54
N THR B 652 -40.29 112.76 -2.54
CA THR B 652 -40.69 113.77 -3.50
C THR B 652 -41.71 113.21 -4.48
N ARG B 653 -42.32 114.11 -5.25
CA ARG B 653 -43.29 113.68 -6.26
C ARG B 653 -42.64 112.93 -7.41
N ALA B 654 -41.31 112.94 -7.50
CA ALA B 654 -40.61 112.17 -8.52
C ALA B 654 -40.05 110.86 -7.98
N GLY B 655 -40.05 110.67 -6.67
CA GLY B 655 -39.52 109.46 -6.07
C GLY B 655 -38.94 109.69 -4.69
N CYS B 656 -38.59 108.60 -3.99
CA CYS B 656 -38.05 108.72 -2.65
C CYS B 656 -36.58 109.14 -2.72
N LEU B 657 -36.21 110.10 -1.86
CA LEU B 657 -34.84 110.59 -1.78
C LEU B 657 -34.32 110.33 -0.37
N ILE B 658 -33.17 109.67 -0.28
CA ILE B 658 -32.53 109.36 1.00
C ILE B 658 -31.19 110.07 1.05
N GLY B 659 -30.97 110.84 2.11
CA GLY B 659 -29.72 111.57 2.29
C GLY B 659 -29.84 113.08 2.22
N ALA B 660 -31.03 113.61 1.93
CA ALA B 660 -31.23 115.05 1.83
C ALA B 660 -32.64 115.38 2.31
N GLU B 661 -32.73 116.29 3.28
CA GLU B 661 -34.02 116.69 3.81
C GLU B 661 -34.59 117.86 3.01
N TYR B 662 -35.92 117.92 2.96
CA TYR B 662 -36.60 118.97 2.22
C TYR B 662 -36.72 120.24 3.06
N VAL B 663 -36.33 121.36 2.47
CA VAL B 663 -36.41 122.66 3.13
C VAL B 663 -37.35 123.55 2.33
N ASN B 664 -37.97 124.52 3.01
CA ASN B 664 -38.92 125.40 2.36
C ASN B 664 -38.26 126.60 1.70
N ASN B 665 -36.99 126.86 1.99
CA ASN B 665 -36.29 127.99 1.39
C ASN B 665 -36.10 127.74 -0.10
N SER B 666 -36.69 128.62 -0.92
CA SER B 666 -36.60 128.47 -2.36
C SER B 666 -35.33 129.12 -2.89
N TYR B 667 -34.44 128.31 -3.46
CA TYR B 667 -33.21 128.80 -4.05
C TYR B 667 -33.16 128.39 -5.51
N GLU B 668 -32.14 128.88 -6.21
CA GLU B 668 -31.97 128.55 -7.62
C GLU B 668 -31.61 127.07 -7.78
N CYS B 669 -32.04 126.49 -8.89
CA CYS B 669 -31.79 125.08 -9.14
C CYS B 669 -30.32 124.83 -9.43
N ASP B 670 -29.79 123.76 -8.84
CA ASP B 670 -28.39 123.39 -9.02
C ASP B 670 -28.28 122.03 -9.70
N ILE B 671 -28.95 121.03 -9.15
CA ILE B 671 -28.95 119.68 -9.71
C ILE B 671 -30.39 119.24 -9.95
N PRO B 672 -30.77 118.94 -11.20
CA PRO B 672 -32.13 118.48 -11.47
C PRO B 672 -32.46 117.18 -10.76
N ILE B 673 -33.39 117.21 -9.82
CA ILE B 673 -33.77 116.03 -9.06
C ILE B 673 -35.08 115.44 -9.55
N GLY B 674 -36.08 116.29 -9.77
CA GLY B 674 -37.38 115.82 -10.19
C GLY B 674 -38.28 116.98 -10.55
N ALA B 675 -39.57 116.78 -10.31
CA ALA B 675 -40.56 117.79 -10.65
C ALA B 675 -40.48 118.99 -9.71
N GLY B 676 -39.80 120.04 -10.15
CA GLY B 676 -39.72 121.27 -9.39
C GLY B 676 -38.76 121.26 -8.22
N ILE B 677 -38.09 120.14 -7.97
CA ILE B 677 -37.19 120.00 -6.82
C ILE B 677 -35.77 119.88 -7.34
N CYS B 678 -34.85 120.64 -6.73
CA CYS B 678 -33.43 120.54 -7.03
C CYS B 678 -32.66 120.48 -5.72
N ALA B 679 -31.40 120.03 -5.82
CA ALA B 679 -30.56 119.82 -4.65
C ALA B 679 -29.22 120.52 -4.84
N SER B 680 -28.58 120.83 -3.72
CA SER B 680 -27.28 121.49 -3.73
C SER B 680 -26.60 121.25 -2.39
N TYR B 681 -25.31 121.51 -2.36
CA TYR B 681 -24.49 121.31 -1.16
C TYR B 681 -24.39 122.63 -0.41
N GLN B 682 -25.04 122.70 0.75
CA GLN B 682 -25.12 123.92 1.54
C GLN B 682 -24.87 123.60 3.00
N THR B 683 -24.33 124.57 3.72
CA THR B 683 -24.05 124.42 5.15
C THR B 683 -25.35 124.25 5.94
N GLN B 697 -21.37 120.64 6.42
CA GLN B 697 -22.34 120.87 5.36
C GLN B 697 -22.96 119.54 4.91
N SER B 698 -24.21 119.61 4.44
CA SER B 698 -24.92 118.43 3.99
C SER B 698 -25.74 118.76 2.75
N ILE B 699 -26.21 117.71 2.07
CA ILE B 699 -27.03 117.90 0.88
C ILE B 699 -28.46 118.18 1.30
N ILE B 700 -29.06 119.20 0.69
CA ILE B 700 -30.45 119.57 0.99
C ILE B 700 -31.23 119.64 -0.31
N ALA B 701 -32.53 119.37 -0.21
CA ALA B 701 -33.44 119.43 -1.34
C ALA B 701 -34.44 120.56 -1.13
N TYR B 702 -34.68 121.34 -2.18
CA TYR B 702 -35.58 122.47 -2.10
C TYR B 702 -36.28 122.66 -3.43
N THR B 703 -37.43 123.33 -3.39
CA THR B 703 -38.15 123.68 -4.60
C THR B 703 -37.42 124.80 -5.34
N MET B 704 -37.21 124.61 -6.64
CA MET B 704 -36.43 125.56 -7.42
C MET B 704 -37.14 126.91 -7.48
N SER B 705 -36.35 127.98 -7.59
CA SER B 705 -36.91 129.31 -7.73
C SER B 705 -36.87 129.72 -9.20
N LEU B 706 -38.00 130.20 -9.71
CA LEU B 706 -38.10 130.63 -11.10
C LEU B 706 -37.61 132.05 -11.31
N GLY B 707 -36.85 132.60 -10.37
CA GLY B 707 -36.38 133.97 -10.45
C GLY B 707 -37.00 134.86 -9.39
N ALA B 708 -36.37 136.02 -9.20
CA ALA B 708 -36.85 136.96 -8.20
C ALA B 708 -38.20 137.55 -8.63
N GLU B 709 -39.19 137.42 -7.75
CA GLU B 709 -40.52 137.92 -8.05
C GLU B 709 -40.57 139.42 -7.91
N ASN B 710 -41.22 140.07 -8.88
CA ASN B 710 -41.38 141.52 -8.86
C ASN B 710 -42.67 141.88 -9.57
N SER B 711 -43.09 143.12 -9.42
CA SER B 711 -44.32 143.62 -10.02
C SER B 711 -44.04 144.98 -10.65
N VAL B 712 -44.61 145.19 -11.85
CA VAL B 712 -44.44 146.46 -12.54
C VAL B 712 -45.48 147.44 -12.01
N ALA B 713 -45.01 148.62 -11.61
CA ALA B 713 -45.89 149.68 -11.09
C ALA B 713 -46.63 150.32 -12.27
N TYR B 714 -47.57 149.56 -12.82
CA TYR B 714 -48.30 150.01 -14.00
C TYR B 714 -49.23 151.16 -13.65
N SER B 715 -49.32 152.12 -14.57
CA SER B 715 -50.24 153.24 -14.43
C SER B 715 -50.50 153.82 -15.81
N ASN B 716 -51.71 154.33 -16.02
CA ASN B 716 -52.12 154.83 -17.32
C ASN B 716 -51.69 156.27 -17.53
N ASN B 717 -50.74 156.75 -16.74
CA ASN B 717 -50.27 158.12 -16.91
C ASN B 717 -48.76 158.28 -16.75
N SER B 718 -48.01 157.21 -16.55
CA SER B 718 -46.57 157.30 -16.33
C SER B 718 -45.82 156.47 -17.36
N ILE B 719 -44.57 156.85 -17.62
CA ILE B 719 -43.70 156.15 -18.55
C ILE B 719 -42.29 156.14 -17.97
N ALA B 720 -41.54 155.08 -18.25
CA ALA B 720 -40.16 154.94 -17.78
C ALA B 720 -39.20 155.10 -18.95
N ILE B 721 -38.24 156.00 -18.79
CA ILE B 721 -37.25 156.28 -19.84
C ILE B 721 -35.85 156.12 -19.26
N PRO B 722 -35.00 155.28 -19.86
CA PRO B 722 -33.65 155.10 -19.32
C PRO B 722 -32.81 156.36 -19.50
N THR B 723 -31.85 156.54 -18.58
CA THR B 723 -30.95 157.68 -18.62
C THR B 723 -29.49 157.29 -18.81
N ASN B 724 -29.18 155.99 -18.80
CA ASN B 724 -27.81 155.53 -18.95
C ASN B 724 -27.84 154.18 -19.65
N PHE B 725 -26.66 153.63 -19.88
CA PHE B 725 -26.53 152.37 -20.59
C PHE B 725 -25.19 151.73 -20.27
N THR B 726 -25.06 150.46 -20.66
CA THR B 726 -23.84 149.69 -20.45
C THR B 726 -23.58 148.82 -21.68
N ILE B 727 -22.33 148.81 -22.13
CA ILE B 727 -21.93 148.02 -23.30
C ILE B 727 -21.47 146.65 -22.84
N SER B 728 -22.40 145.70 -22.79
CA SER B 728 -22.07 144.35 -22.32
C SER B 728 -21.66 143.47 -23.49
N VAL B 729 -20.70 142.59 -23.25
CA VAL B 729 -20.21 141.64 -24.25
C VAL B 729 -20.60 140.24 -23.80
N THR B 730 -21.24 139.48 -24.70
CA THR B 730 -21.71 138.14 -24.40
C THR B 730 -21.00 137.14 -25.29
N THR B 731 -20.85 135.91 -24.79
CA THR B 731 -20.15 134.84 -25.50
C THR B 731 -21.14 133.72 -25.78
N GLU B 732 -21.22 133.31 -27.04
CA GLU B 732 -22.07 132.21 -27.47
C GLU B 732 -21.23 131.16 -28.20
N ILE B 733 -21.39 129.91 -27.83
CA ILE B 733 -20.60 128.81 -28.36
C ILE B 733 -21.49 127.94 -29.24
N LEU B 734 -21.05 127.68 -30.46
CA LEU B 734 -21.77 126.84 -31.41
C LEU B 734 -20.77 126.00 -32.20
N PRO B 735 -20.90 124.67 -32.18
CA PRO B 735 -20.00 123.84 -33.00
C PRO B 735 -20.27 124.05 -34.48
N VAL B 736 -19.25 123.79 -35.29
CA VAL B 736 -19.36 123.98 -36.73
C VAL B 736 -19.22 122.63 -37.44
N SER B 737 -18.45 121.72 -36.84
CA SER B 737 -18.19 120.43 -37.46
C SER B 737 -17.69 119.45 -36.42
N MET B 738 -17.67 118.18 -36.80
CA MET B 738 -17.18 117.11 -35.95
C MET B 738 -15.95 116.47 -36.58
N THR B 739 -15.24 115.68 -35.78
CA THR B 739 -14.01 115.03 -36.26
C THR B 739 -14.35 113.99 -37.32
N LYS B 740 -13.81 114.19 -38.53
CA LYS B 740 -14.04 113.25 -39.61
C LYS B 740 -13.30 111.94 -39.36
N THR B 741 -14.02 110.83 -39.48
CA THR B 741 -13.45 109.51 -39.25
C THR B 741 -13.81 108.59 -40.41
N SER B 742 -13.00 107.56 -40.59
CA SER B 742 -13.24 106.53 -41.59
C SER B 742 -12.72 105.20 -41.08
N VAL B 743 -13.51 104.14 -41.31
CA VAL B 743 -13.18 102.83 -40.80
C VAL B 743 -13.29 101.83 -41.94
N ASP B 744 -12.38 100.85 -41.94
CA ASP B 744 -12.37 99.79 -42.94
C ASP B 744 -13.35 98.70 -42.47
N CYS B 745 -14.49 98.60 -43.16
CA CYS B 745 -15.54 97.68 -42.74
C CYS B 745 -15.12 96.23 -42.83
N THR B 746 -14.16 95.90 -43.71
CA THR B 746 -13.70 94.52 -43.82
C THR B 746 -12.58 94.24 -42.83
N MET B 747 -11.69 95.20 -42.60
CA MET B 747 -10.57 94.99 -41.71
C MET B 747 -11.01 94.94 -40.25
N TYR B 748 -12.00 95.76 -39.89
CA TYR B 748 -12.43 95.81 -38.49
C TYR B 748 -13.15 94.53 -38.08
N ILE B 749 -13.99 93.99 -38.95
CA ILE B 749 -14.79 92.83 -38.57
C ILE B 749 -13.94 91.57 -38.52
N CYS B 750 -13.12 91.34 -39.55
CA CYS B 750 -12.35 90.10 -39.66
C CYS B 750 -10.91 90.22 -39.18
N GLY B 751 -10.24 91.35 -39.44
CA GLY B 751 -8.85 91.48 -39.02
C GLY B 751 -7.89 90.69 -39.89
N ASP B 752 -7.94 90.90 -41.21
CA ASP B 752 -7.07 90.25 -42.19
C ASP B 752 -7.16 88.74 -42.17
N SER B 753 -8.28 88.19 -41.69
CA SER B 753 -8.48 86.73 -41.67
C SER B 753 -9.09 86.31 -43.01
N THR B 754 -8.38 85.42 -43.72
CA THR B 754 -8.85 84.99 -45.03
C THR B 754 -10.13 84.17 -44.96
N GLU B 755 -10.23 83.27 -43.98
CA GLU B 755 -11.42 82.44 -43.85
C GLU B 755 -12.63 83.29 -43.45
N CYS B 756 -12.40 84.34 -42.66
CA CYS B 756 -13.51 85.19 -42.22
C CYS B 756 -14.06 86.03 -43.36
N SER B 757 -13.23 86.38 -44.34
CA SER B 757 -13.69 87.22 -45.44
C SER B 757 -14.71 86.50 -46.30
N ASN B 758 -14.61 85.18 -46.40
CA ASN B 758 -15.57 84.42 -47.20
C ASN B 758 -16.96 84.45 -46.60
N LEU B 759 -17.06 84.66 -45.29
CA LEU B 759 -18.36 84.70 -44.63
C LEU B 759 -18.91 86.12 -44.57
N LEU B 760 -18.03 87.12 -44.57
CA LEU B 760 -18.48 88.51 -44.52
C LEU B 760 -19.16 88.92 -45.83
N LEU B 761 -18.60 88.48 -46.96
CA LEU B 761 -19.19 88.78 -48.26
C LEU B 761 -20.52 88.08 -48.47
N GLN B 762 -20.89 87.14 -47.60
CA GLN B 762 -22.16 86.43 -47.75
C GLN B 762 -23.36 87.32 -47.43
N TYR B 763 -23.15 88.44 -46.74
CA TYR B 763 -24.24 89.32 -46.35
C TYR B 763 -24.55 90.36 -47.40
N GLY B 764 -23.66 90.58 -48.35
CA GLY B 764 -23.91 91.49 -49.46
C GLY B 764 -23.10 92.77 -49.34
N SER B 765 -23.72 93.90 -49.68
CA SER B 765 -23.04 95.19 -49.70
C SER B 765 -23.26 96.01 -48.44
N PHE B 766 -23.41 95.38 -47.28
CA PHE B 766 -23.56 96.15 -46.04
C PHE B 766 -22.34 97.01 -45.77
N CYS B 767 -21.15 96.54 -46.16
CA CYS B 767 -19.94 97.33 -45.96
C CYS B 767 -19.86 98.50 -46.93
N THR B 768 -20.67 98.48 -48.00
CA THR B 768 -20.62 99.55 -48.98
C THR B 768 -21.42 100.77 -48.52
N GLN B 769 -22.58 100.53 -47.89
CA GLN B 769 -23.41 101.64 -47.43
C GLN B 769 -22.71 102.47 -46.37
N LEU B 770 -21.99 101.80 -45.45
CA LEU B 770 -21.33 102.51 -44.37
C LEU B 770 -20.25 103.44 -44.90
N LYS B 771 -19.53 103.01 -45.95
CA LYS B 771 -18.50 103.86 -46.54
C LYS B 771 -19.12 105.11 -47.16
N ARG B 772 -20.22 104.94 -47.89
CA ARG B 772 -20.89 106.11 -48.49
C ARG B 772 -21.41 107.05 -47.41
N ALA B 773 -21.96 106.50 -46.33
CA ALA B 773 -22.44 107.34 -45.24
C ALA B 773 -21.30 108.12 -44.60
N LEU B 774 -20.18 107.44 -44.35
CA LEU B 774 -19.03 108.11 -43.75
C LEU B 774 -18.48 109.21 -44.66
N THR B 775 -18.43 108.94 -45.97
CA THR B 775 -17.94 109.97 -46.89
C THR B 775 -18.89 111.16 -46.95
N GLY B 776 -20.19 110.90 -46.97
CA GLY B 776 -21.16 111.98 -46.96
C GLY B 776 -21.09 112.82 -45.69
N ILE B 777 -20.83 112.16 -44.55
CA ILE B 777 -20.65 112.89 -43.30
C ILE B 777 -19.37 113.72 -43.35
N ALA B 778 -18.29 113.14 -43.89
CA ALA B 778 -16.99 113.81 -43.89
C ALA B 778 -17.01 115.05 -44.77
N VAL B 779 -17.55 114.93 -45.99
CA VAL B 779 -17.59 116.08 -46.88
C VAL B 779 -18.53 117.15 -46.32
N GLU B 780 -19.54 116.73 -45.54
CA GLU B 780 -20.49 117.68 -44.99
C GLU B 780 -19.86 118.57 -43.94
N GLN B 781 -18.87 118.06 -43.19
CA GLN B 781 -18.19 118.88 -42.20
C GLN B 781 -17.40 120.01 -42.88
N ASP B 782 -16.68 119.68 -43.95
CA ASP B 782 -15.96 120.71 -44.70
C ASP B 782 -16.93 121.69 -45.35
N LYS B 783 -18.06 121.19 -45.85
CA LYS B 783 -19.06 122.08 -46.43
C LYS B 783 -19.59 123.07 -45.39
N ASN B 784 -19.86 122.57 -44.17
CA ASN B 784 -20.36 123.43 -43.11
C ASN B 784 -19.32 124.46 -42.70
N THR B 785 -18.05 124.02 -42.57
CA THR B 785 -16.99 124.97 -42.22
C THR B 785 -16.85 126.05 -43.28
N GLN B 786 -16.94 125.67 -44.55
CA GLN B 786 -16.87 126.64 -45.64
C GLN B 786 -18.04 127.62 -45.58
N GLU B 787 -19.25 127.11 -45.34
CA GLU B 787 -20.42 127.98 -45.29
C GLU B 787 -20.40 128.88 -44.07
N VAL B 788 -19.72 128.49 -43.00
CA VAL B 788 -19.70 129.30 -41.79
C VAL B 788 -18.61 130.36 -41.88
N PHE B 789 -17.36 129.94 -42.12
CA PHE B 789 -16.22 130.84 -42.01
C PHE B 789 -15.81 131.49 -43.33
N ALA B 790 -16.08 130.85 -44.47
CA ALA B 790 -15.62 131.36 -45.74
C ALA B 790 -16.71 132.15 -46.45
N GLN B 791 -17.56 132.85 -45.68
CA GLN B 791 -18.62 133.64 -46.29
C GLN B 791 -18.08 134.80 -47.11
N VAL B 792 -16.90 135.31 -46.76
CA VAL B 792 -16.30 136.43 -47.48
C VAL B 792 -15.43 135.86 -48.60
N LYS B 793 -15.64 136.35 -49.82
CA LYS B 793 -14.80 135.92 -50.94
C LYS B 793 -13.41 136.55 -50.83
N GLN B 794 -13.35 137.88 -50.79
CA GLN B 794 -12.07 138.57 -50.65
C GLN B 794 -11.59 138.51 -49.21
N ILE B 795 -10.33 138.09 -49.04
CA ILE B 795 -9.74 137.96 -47.72
C ILE B 795 -9.14 139.31 -47.32
N TYR B 796 -9.93 140.13 -46.63
CA TYR B 796 -9.45 141.43 -46.20
C TYR B 796 -8.43 141.28 -45.08
N LYS B 797 -7.56 142.29 -44.95
CA LYS B 797 -6.53 142.29 -43.93
C LYS B 797 -6.65 143.55 -43.09
N THR B 798 -6.25 143.44 -41.82
CA THR B 798 -6.34 144.58 -40.92
C THR B 798 -5.34 145.66 -41.33
N PRO B 799 -5.75 146.91 -41.38
CA PRO B 799 -4.81 148.00 -41.72
C PRO B 799 -3.75 148.15 -40.64
N PRO B 800 -2.69 148.94 -40.90
CA PRO B 800 -1.73 149.24 -39.83
C PRO B 800 -2.40 149.75 -38.57
N ILE B 801 -2.11 149.11 -37.44
CA ILE B 801 -2.84 149.40 -36.21
C ILE B 801 -2.61 150.84 -35.77
N LYS B 802 -3.72 151.56 -35.57
CA LYS B 802 -3.68 152.94 -35.10
C LYS B 802 -4.68 153.09 -33.96
N TYR B 803 -4.84 154.32 -33.49
CA TYR B 803 -5.79 154.62 -32.43
C TYR B 803 -7.20 154.66 -33.02
N PHE B 804 -8.03 153.69 -32.64
CA PHE B 804 -9.38 153.58 -33.19
C PHE B 804 -10.37 154.44 -32.41
N GLY B 805 -9.86 155.41 -31.64
CA GLY B 805 -10.72 156.27 -30.87
C GLY B 805 -11.01 155.79 -29.46
N GLY B 806 -10.25 154.83 -28.94
CA GLY B 806 -10.45 154.28 -27.62
C GLY B 806 -10.76 152.80 -27.59
N PHE B 807 -11.32 152.25 -28.66
CA PHE B 807 -11.64 150.83 -28.70
C PHE B 807 -10.36 150.01 -28.85
N ASN B 808 -10.22 148.98 -28.01
CA ASN B 808 -9.02 148.14 -27.96
C ASN B 808 -9.43 146.73 -28.37
N PHE B 809 -9.11 146.35 -29.60
CA PHE B 809 -9.45 145.04 -30.14
C PHE B 809 -8.33 144.01 -29.96
N SER B 810 -7.44 144.21 -28.99
CA SER B 810 -6.32 143.29 -28.82
C SER B 810 -6.78 141.88 -28.45
N GLN B 811 -8.01 141.72 -27.98
CA GLN B 811 -8.49 140.39 -27.63
C GLN B 811 -8.93 139.59 -28.85
N ILE B 812 -9.33 140.28 -29.93
CA ILE B 812 -9.86 139.61 -31.11
C ILE B 812 -8.86 139.71 -32.27
N LEU B 813 -8.01 140.73 -32.24
CA LEU B 813 -7.02 140.89 -33.29
C LEU B 813 -5.92 139.84 -33.14
N PRO B 814 -5.63 139.06 -34.18
CA PRO B 814 -4.55 138.07 -34.09
C PRO B 814 -3.19 138.75 -34.00
N ASP B 815 -2.52 138.55 -32.88
CA ASP B 815 -1.22 139.18 -32.65
C ASP B 815 -0.17 138.59 -33.57
N PRO B 816 0.59 139.42 -34.30
CA PRO B 816 1.64 138.87 -35.18
C PRO B 816 2.84 138.32 -34.43
N SER B 817 3.01 138.64 -33.15
CA SER B 817 4.12 138.15 -32.35
C SER B 817 3.94 136.73 -31.85
N LYS B 818 2.97 135.99 -32.39
CA LYS B 818 2.68 134.63 -31.97
C LYS B 818 2.35 133.80 -33.21
N PRO B 819 2.89 132.59 -33.31
CA PRO B 819 2.63 131.77 -34.49
C PRO B 819 1.17 131.36 -34.60
N SER B 820 0.84 130.80 -35.77
CA SER B 820 -0.49 130.31 -36.13
C SER B 820 -1.50 131.45 -36.28
N LYS B 821 -1.08 132.68 -35.99
CA LYS B 821 -1.87 133.88 -36.22
C LYS B 821 -3.27 133.77 -35.63
N ARG B 822 -3.33 133.50 -34.33
CA ARG B 822 -4.59 133.41 -33.61
C ARG B 822 -4.62 134.41 -32.47
N SER B 823 -5.80 134.96 -32.21
CA SER B 823 -6.01 135.94 -31.14
C SER B 823 -5.87 135.27 -29.78
N PRO B 824 -5.62 136.02 -28.72
CA PRO B 824 -5.55 135.41 -27.38
C PRO B 824 -6.79 134.64 -26.98
N ILE B 825 -7.98 135.10 -27.41
CA ILE B 825 -9.21 134.35 -27.15
C ILE B 825 -9.17 133.00 -27.87
N GLU B 826 -8.79 133.02 -29.14
CA GLU B 826 -8.63 131.76 -29.88
C GLU B 826 -7.53 130.89 -29.28
N ASP B 827 -6.47 131.51 -28.76
CA ASP B 827 -5.42 130.74 -28.11
C ASP B 827 -5.95 130.02 -26.89
N LEU B 828 -6.70 130.73 -26.04
CA LEU B 828 -7.29 130.09 -24.87
C LEU B 828 -8.29 129.01 -25.26
N LEU B 829 -9.05 129.24 -26.34
CA LEU B 829 -10.00 128.23 -26.79
C LEU B 829 -9.29 126.97 -27.25
N PHE B 830 -8.19 127.12 -28.00
CA PHE B 830 -7.45 125.96 -28.46
C PHE B 830 -6.70 125.27 -27.33
N ASN B 831 -6.33 126.03 -26.29
CA ASN B 831 -5.62 125.42 -25.17
C ASN B 831 -6.56 124.68 -24.23
N LYS B 832 -7.79 125.17 -24.07
CA LYS B 832 -8.76 124.53 -23.18
C LYS B 832 -9.54 123.42 -23.87
N VAL B 833 -9.88 123.59 -25.14
CA VAL B 833 -10.61 122.56 -25.87
C VAL B 833 -9.63 121.64 -26.60
N LYS B 861 -4.98 102.95 -31.37
CA LYS B 861 -6.29 103.36 -31.88
C LYS B 861 -6.46 102.92 -33.33
N PHE B 862 -5.36 102.49 -33.95
CA PHE B 862 -5.37 102.08 -35.35
C PHE B 862 -5.79 100.62 -35.49
N ASN B 863 -7.05 100.36 -35.15
CA ASN B 863 -7.64 99.03 -35.26
C ASN B 863 -8.54 98.90 -36.49
N GLY B 864 -8.19 99.57 -37.59
CA GLY B 864 -9.01 99.56 -38.78
C GLY B 864 -9.82 100.82 -39.01
N LEU B 865 -9.72 101.80 -38.11
CA LEU B 865 -10.43 103.07 -38.24
C LEU B 865 -9.42 104.20 -38.30
N THR B 866 -9.63 105.13 -39.23
CA THR B 866 -8.72 106.24 -39.44
C THR B 866 -9.45 107.56 -39.28
N VAL B 867 -8.70 108.59 -38.93
CA VAL B 867 -9.23 109.94 -38.74
C VAL B 867 -8.74 110.81 -39.89
N LEU B 868 -9.67 111.45 -40.59
CA LEU B 868 -9.35 112.31 -41.71
C LEU B 868 -9.15 113.74 -41.21
N PRO B 869 -8.02 114.36 -41.49
CA PRO B 869 -7.78 115.74 -41.01
C PRO B 869 -8.70 116.71 -41.71
N PRO B 870 -9.02 117.84 -41.07
CA PRO B 870 -9.90 118.83 -41.70
C PRO B 870 -9.29 119.39 -42.98
N LEU B 871 -10.14 119.75 -43.93
CA LEU B 871 -9.68 120.37 -45.16
C LEU B 871 -8.99 121.69 -44.87
N LEU B 872 -9.72 122.64 -44.28
CA LEU B 872 -9.13 123.90 -43.87
C LEU B 872 -8.44 123.71 -42.52
N THR B 873 -7.13 123.96 -42.49
CA THR B 873 -6.37 123.80 -41.27
C THR B 873 -6.73 124.88 -40.26
N ASP B 874 -6.22 124.73 -39.04
CA ASP B 874 -6.48 125.70 -37.98
C ASP B 874 -5.92 127.07 -38.33
N GLU B 875 -4.87 127.10 -39.16
CA GLU B 875 -4.29 128.38 -39.57
C GLU B 875 -5.18 129.09 -40.58
N MET B 876 -5.78 128.34 -41.52
CA MET B 876 -6.63 128.97 -42.51
C MET B 876 -7.91 129.53 -41.90
N ILE B 877 -8.50 128.80 -40.94
CA ILE B 877 -9.70 129.29 -40.27
C ILE B 877 -9.38 130.55 -39.47
N ALA B 878 -8.19 130.62 -38.89
CA ALA B 878 -7.78 131.84 -38.19
C ALA B 878 -7.66 133.01 -39.15
N GLN B 879 -7.16 132.75 -40.37
CA GLN B 879 -7.06 133.81 -41.36
C GLN B 879 -8.44 134.25 -41.83
N TYR B 880 -9.37 133.31 -41.98
CA TYR B 880 -10.74 133.68 -42.34
C TYR B 880 -11.39 134.52 -41.25
N THR B 881 -11.15 134.14 -39.99
CA THR B 881 -11.70 134.93 -38.88
C THR B 881 -11.10 136.33 -38.84
N SER B 882 -9.79 136.43 -39.05
CA SER B 882 -9.16 137.75 -39.09
C SER B 882 -9.67 138.59 -40.25
N ALA B 883 -9.95 137.95 -41.39
CA ALA B 883 -10.52 138.67 -42.52
C ALA B 883 -11.92 139.18 -42.23
N LEU B 884 -12.77 138.33 -41.63
CA LEU B 884 -14.10 138.77 -41.22
C LEU B 884 -14.01 139.95 -40.25
N LEU B 885 -13.07 139.86 -39.30
CA LEU B 885 -12.89 140.93 -38.33
C LEU B 885 -12.46 142.23 -39.00
N ALA B 886 -11.44 142.17 -39.85
CA ALA B 886 -10.95 143.36 -40.54
C ALA B 886 -12.03 143.96 -41.41
N GLY B 887 -12.88 143.12 -42.01
CA GLY B 887 -13.96 143.63 -42.83
C GLY B 887 -15.05 144.30 -42.01
N THR B 888 -15.35 143.73 -40.83
CA THR B 888 -16.46 144.26 -40.05
C THR B 888 -16.03 145.47 -39.22
N ILE B 889 -14.72 145.69 -39.06
CA ILE B 889 -14.30 146.85 -38.29
C ILE B 889 -14.13 148.08 -39.19
N THR B 890 -13.72 147.89 -40.44
CA THR B 890 -13.48 149.02 -41.34
C THR B 890 -14.59 149.23 -42.36
N SER B 891 -15.53 148.29 -42.44
CA SER B 891 -16.61 148.39 -43.43
C SER B 891 -17.99 148.29 -42.78
N GLY B 892 -18.12 147.43 -41.78
CA GLY B 892 -19.43 147.25 -41.15
C GLY B 892 -20.37 146.41 -42.00
N TRP B 893 -21.56 146.94 -42.25
CA TRP B 893 -22.61 146.25 -42.97
C TRP B 893 -22.50 146.41 -44.48
N THR B 894 -21.38 146.92 -44.99
CA THR B 894 -21.24 147.24 -46.41
C THR B 894 -20.43 146.19 -47.16
N PHE B 895 -19.29 145.77 -46.63
CA PHE B 895 -18.42 144.81 -47.34
C PHE B 895 -19.09 143.46 -47.55
N GLY B 896 -20.00 143.07 -46.67
CA GLY B 896 -20.74 141.83 -46.89
C GLY B 896 -21.75 141.95 -48.02
N ALA B 897 -22.08 143.18 -48.41
CA ALA B 897 -23.02 143.40 -49.51
C ALA B 897 -22.29 143.69 -50.81
N GLY B 898 -21.20 144.44 -50.74
CA GLY B 898 -20.45 144.82 -51.91
C GLY B 898 -19.04 145.25 -51.59
N PRO B 899 -18.56 146.29 -52.27
CA PRO B 899 -17.20 146.78 -51.99
C PRO B 899 -17.05 147.25 -50.55
N ALA B 900 -15.87 147.02 -49.99
CA ALA B 900 -15.59 147.34 -48.59
C ALA B 900 -15.46 148.85 -48.44
N LEU B 901 -16.58 149.49 -48.14
CA LEU B 901 -16.60 150.94 -47.95
C LEU B 901 -15.90 151.30 -46.65
N GLN B 902 -14.88 152.13 -46.74
CA GLN B 902 -14.13 152.54 -45.56
C GLN B 902 -14.98 153.47 -44.70
N ILE B 903 -14.87 153.30 -43.38
CA ILE B 903 -15.62 154.10 -42.41
C ILE B 903 -14.90 154.04 -41.07
N PRO B 904 -14.66 155.18 -40.42
CA PRO B 904 -14.02 155.14 -39.11
C PRO B 904 -14.87 154.41 -38.08
N PHE B 905 -14.21 153.67 -37.19
CA PHE B 905 -14.95 152.93 -36.16
C PHE B 905 -15.73 153.83 -35.22
N PRO B 906 -15.21 154.99 -34.76
CA PRO B 906 -16.08 155.90 -33.99
C PRO B 906 -17.31 156.35 -34.76
N MET B 907 -17.18 156.53 -36.08
CA MET B 907 -18.34 156.89 -36.89
C MET B 907 -19.22 155.69 -37.17
N GLN B 908 -18.64 154.48 -37.23
CA GLN B 908 -19.43 153.29 -37.46
C GLN B 908 -20.26 152.94 -36.23
N MET B 909 -19.64 153.00 -35.05
CA MET B 909 -20.39 152.73 -33.82
C MET B 909 -21.44 153.80 -33.58
N ALA B 910 -21.22 155.01 -34.09
CA ALA B 910 -22.20 156.08 -33.92
C ALA B 910 -23.45 155.82 -34.77
N TYR B 911 -23.26 155.35 -36.00
CA TYR B 911 -24.39 155.08 -36.88
C TYR B 911 -25.22 153.91 -36.35
N ARG B 912 -24.55 152.91 -35.78
CA ARG B 912 -25.25 151.69 -35.36
C ARG B 912 -26.24 151.94 -34.23
N PHE B 913 -26.14 153.08 -33.55
CA PHE B 913 -27.14 153.41 -32.54
C PHE B 913 -28.48 153.76 -33.17
N ASN B 914 -28.46 154.25 -34.41
CA ASN B 914 -29.69 154.64 -35.08
C ASN B 914 -30.55 153.42 -35.43
N GLY B 915 -29.93 152.25 -35.56
CA GLY B 915 -30.68 151.05 -35.89
C GLY B 915 -31.60 150.60 -34.77
N ILE B 916 -31.19 150.82 -33.51
CA ILE B 916 -31.99 150.41 -32.37
C ILE B 916 -32.87 151.53 -31.84
N GLY B 917 -32.77 152.73 -32.39
CA GLY B 917 -33.60 153.84 -31.98
C GLY B 917 -32.92 154.90 -31.15
N VAL B 918 -31.61 155.08 -31.28
CA VAL B 918 -30.87 156.09 -30.52
C VAL B 918 -30.15 156.99 -31.52
N THR B 919 -30.31 158.30 -31.35
CA THR B 919 -29.63 159.25 -32.21
C THR B 919 -28.12 159.19 -31.99
N GLN B 920 -27.37 159.67 -32.99
CA GLN B 920 -25.92 159.60 -32.92
C GLN B 920 -25.34 160.61 -31.94
N ASN B 921 -26.17 161.55 -31.46
CA ASN B 921 -25.67 162.59 -30.56
C ASN B 921 -25.20 162.02 -29.23
N VAL B 922 -25.76 160.87 -28.81
CA VAL B 922 -25.42 160.32 -27.50
C VAL B 922 -23.98 159.80 -27.49
N LEU B 923 -23.50 159.26 -28.61
CA LEU B 923 -22.18 158.64 -28.63
C LEU B 923 -21.07 159.67 -28.55
N TYR B 924 -21.19 160.76 -29.32
CA TYR B 924 -20.11 161.74 -29.40
C TYR B 924 -19.90 162.44 -28.07
N GLU B 925 -20.98 162.79 -27.37
CA GLU B 925 -20.84 163.44 -26.08
C GLU B 925 -20.37 162.47 -25.00
N ASN B 926 -20.57 161.17 -25.18
CA ASN B 926 -20.10 160.16 -24.24
C ASN B 926 -18.97 159.32 -24.80
N GLN B 927 -18.20 159.86 -25.75
CA GLN B 927 -17.13 159.08 -26.37
C GLN B 927 -15.98 158.80 -25.41
N LYS B 928 -15.81 159.63 -24.38
CA LYS B 928 -14.72 159.42 -23.44
C LYS B 928 -14.98 158.25 -22.50
N LEU B 929 -16.18 157.68 -22.52
CA LEU B 929 -16.52 156.60 -21.61
C LEU B 929 -17.03 155.37 -22.35
N ILE B 930 -17.74 155.59 -23.47
CA ILE B 930 -18.30 154.46 -24.21
C ILE B 930 -17.20 153.60 -24.80
N ALA B 931 -16.02 154.19 -25.05
CA ALA B 931 -14.90 153.41 -25.54
C ALA B 931 -14.21 152.65 -24.41
N ASN B 932 -14.22 153.22 -23.20
CA ASN B 932 -13.59 152.55 -22.06
C ASN B 932 -14.45 151.40 -21.54
N GLN B 933 -15.78 151.52 -21.68
CA GLN B 933 -16.67 150.45 -21.22
C GLN B 933 -16.47 149.19 -22.04
N PHE B 934 -16.31 149.34 -23.36
CA PHE B 934 -16.10 148.18 -24.22
C PHE B 934 -14.77 147.51 -23.91
N ASN B 935 -13.73 148.30 -23.65
CA ASN B 935 -12.43 147.72 -23.29
C ASN B 935 -12.51 147.00 -21.95
N SER B 936 -13.26 147.54 -21.00
CA SER B 936 -13.42 146.88 -19.71
C SER B 936 -14.34 145.67 -19.82
N ALA B 937 -15.26 145.68 -20.80
CA ALA B 937 -16.16 144.55 -20.97
C ALA B 937 -15.46 143.40 -21.69
N ILE B 938 -14.69 143.71 -22.74
CA ILE B 938 -13.96 142.68 -23.45
C ILE B 938 -12.78 142.18 -22.62
N GLY B 939 -12.34 142.98 -21.64
CA GLY B 939 -11.23 142.56 -20.80
C GLY B 939 -11.61 141.42 -19.86
N LYS B 940 -12.85 141.43 -19.38
CA LYS B 940 -13.33 140.39 -18.47
C LYS B 940 -13.71 139.11 -19.20
N ILE B 941 -13.44 139.02 -20.50
CA ILE B 941 -13.73 137.78 -21.23
C ILE B 941 -12.60 136.78 -21.06
N GLN B 942 -11.39 137.26 -20.78
CA GLN B 942 -10.23 136.37 -20.63
C GLN B 942 -10.44 135.40 -19.48
N ASP B 943 -10.67 135.91 -18.27
CA ASP B 943 -10.82 135.05 -17.11
C ASP B 943 -12.11 134.24 -17.16
N SER B 944 -13.13 134.76 -17.82
CA SER B 944 -14.40 134.05 -17.90
C SER B 944 -14.37 132.91 -18.92
N LEU B 945 -13.45 132.98 -19.89
CA LEU B 945 -13.36 131.96 -20.93
C LEU B 945 -12.14 131.05 -20.75
N SER B 946 -11.27 131.36 -19.78
CA SER B 946 -10.11 130.51 -19.51
C SER B 946 -10.32 129.71 -18.24
N SER B 947 -10.68 130.39 -17.16
CA SER B 947 -11.00 129.70 -15.91
C SER B 947 -12.37 129.03 -16.03
N THR B 948 -12.59 128.05 -15.15
CA THR B 948 -13.81 127.23 -15.14
C THR B 948 -14.06 126.65 -16.53
N PRO B 949 -13.28 125.65 -16.95
CA PRO B 949 -13.43 125.11 -18.31
C PRO B 949 -14.80 124.50 -18.58
N SER B 950 -15.66 124.38 -17.57
CA SER B 950 -17.00 123.85 -17.79
C SER B 950 -17.84 124.78 -18.66
N ALA B 951 -17.45 126.05 -18.79
CA ALA B 951 -18.20 126.98 -19.64
C ALA B 951 -18.12 126.58 -21.11
N LEU B 952 -17.00 125.99 -21.52
CA LEU B 952 -16.83 125.52 -22.90
C LEU B 952 -17.42 124.14 -23.13
N GLY B 953 -18.32 123.68 -22.25
CA GLY B 953 -18.84 122.33 -22.38
C GLY B 953 -19.59 122.10 -23.69
N LYS B 954 -20.26 123.14 -24.19
CA LYS B 954 -21.02 123.00 -25.43
C LYS B 954 -20.15 122.57 -26.59
N LEU B 955 -18.88 122.95 -26.58
CA LEU B 955 -17.91 122.53 -27.60
C LEU B 955 -17.01 121.41 -27.13
N GLN B 956 -16.69 121.37 -25.83
CA GLN B 956 -15.85 120.31 -25.30
C GLN B 956 -16.52 118.94 -25.39
N ASP B 957 -17.85 118.91 -25.32
CA ASP B 957 -18.56 117.64 -25.37
C ASP B 957 -18.49 117.01 -26.76
N VAL B 958 -18.25 117.82 -27.79
CA VAL B 958 -18.19 117.28 -29.15
C VAL B 958 -17.03 116.32 -29.32
N VAL B 959 -15.82 116.76 -28.95
CA VAL B 959 -14.65 115.89 -29.09
C VAL B 959 -14.76 114.70 -28.14
N ASN B 960 -15.41 114.89 -26.98
CA ASN B 960 -15.59 113.76 -26.06
C ASN B 960 -16.51 112.71 -26.65
N HIS B 961 -17.62 113.13 -27.26
CA HIS B 961 -18.52 112.19 -27.89
C HIS B 961 -17.88 111.52 -29.10
N ASN B 962 -17.01 112.26 -29.82
CA ASN B 962 -16.31 111.66 -30.94
C ASN B 962 -15.29 110.62 -30.48
N ALA B 963 -14.62 110.89 -29.36
CA ALA B 963 -13.61 109.95 -28.86
C ALA B 963 -14.25 108.72 -28.25
N GLN B 964 -15.29 108.91 -27.41
CA GLN B 964 -15.91 107.77 -26.76
C GLN B 964 -16.65 106.88 -27.76
N ALA B 965 -17.06 107.43 -28.90
CA ALA B 965 -17.68 106.62 -29.94
C ALA B 965 -16.66 105.69 -30.58
N LEU B 966 -15.45 106.20 -30.83
CA LEU B 966 -14.39 105.37 -31.39
C LEU B 966 -13.89 104.36 -30.36
N ASN B 967 -13.79 104.78 -29.10
CA ASN B 967 -13.33 103.88 -28.05
C ASN B 967 -14.34 102.76 -27.81
N THR B 968 -15.62 103.05 -27.95
CA THR B 968 -16.64 102.03 -27.77
C THR B 968 -16.67 101.06 -28.94
N LEU B 969 -16.44 101.56 -30.16
CA LEU B 969 -16.46 100.70 -31.33
C LEU B 969 -15.32 99.69 -31.29
N VAL B 970 -14.13 100.13 -30.89
CA VAL B 970 -12.99 99.23 -30.81
C VAL B 970 -13.12 98.33 -29.58
N LYS B 971 -13.84 98.78 -28.56
CA LYS B 971 -14.02 97.96 -27.37
C LYS B 971 -14.88 96.73 -27.65
N GLN B 972 -15.85 96.86 -28.56
CA GLN B 972 -16.68 95.73 -28.93
C GLN B 972 -15.91 94.64 -29.67
N LEU B 973 -14.69 94.93 -30.11
CA LEU B 973 -13.88 93.91 -30.78
C LEU B 973 -13.53 92.79 -29.82
N SER B 974 -13.13 93.14 -28.60
CA SER B 974 -12.77 92.15 -27.58
C SER B 974 -13.97 91.48 -26.93
N SER B 975 -15.19 91.78 -27.36
CA SER B 975 -16.37 91.14 -26.79
C SER B 975 -16.53 89.73 -27.35
N LYS B 976 -17.34 88.93 -26.65
CA LYS B 976 -17.57 87.54 -27.03
C LYS B 976 -18.85 87.33 -27.82
N PHE B 977 -19.90 88.12 -27.56
CA PHE B 977 -21.18 88.00 -28.25
C PHE B 977 -21.77 86.60 -28.12
N GLY B 978 -21.51 85.94 -27.00
CA GLY B 978 -22.00 84.59 -26.79
C GLY B 978 -21.19 83.51 -27.47
N ALA B 979 -20.06 83.84 -28.07
CA ALA B 979 -19.23 82.86 -28.74
C ALA B 979 -18.21 82.26 -27.76
N ILE B 980 -17.40 81.34 -28.27
CA ILE B 980 -16.41 80.67 -27.43
C ILE B 980 -15.25 81.62 -27.12
N SER B 981 -14.79 82.38 -28.10
CA SER B 981 -13.67 83.28 -27.89
C SER B 981 -13.88 84.56 -28.69
N SER B 982 -13.12 85.59 -28.33
CA SER B 982 -13.24 86.88 -29.01
C SER B 982 -12.28 87.00 -30.18
N VAL B 983 -11.09 86.42 -30.07
CA VAL B 983 -10.07 86.46 -31.11
C VAL B 983 -10.39 85.38 -32.14
N LEU B 984 -10.03 85.64 -33.39
CA LEU B 984 -10.34 84.70 -34.46
C LEU B 984 -9.27 83.62 -34.59
N ASN B 985 -8.05 83.91 -34.15
CA ASN B 985 -6.97 82.93 -34.28
C ASN B 985 -7.20 81.72 -33.39
N ASP B 986 -7.79 81.93 -32.22
CA ASP B 986 -8.09 80.84 -31.29
C ASP B 986 -9.32 80.05 -31.66
N ILE B 987 -9.97 80.38 -32.79
CA ILE B 987 -11.13 79.63 -33.26
C ILE B 987 -10.69 78.77 -34.44
N LEU B 988 -9.84 79.32 -35.30
CA LEU B 988 -9.35 78.58 -36.46
C LEU B 988 -8.37 77.49 -36.09
N SER B 989 -7.74 77.58 -34.91
CA SER B 989 -6.75 76.61 -34.47
C SER B 989 -7.22 75.77 -33.30
N ARG B 990 -8.51 75.84 -32.95
CA ARG B 990 -9.03 75.05 -31.84
C ARG B 990 -10.33 74.32 -32.15
N LEU B 991 -11.13 74.76 -33.11
CA LEU B 991 -12.41 74.13 -33.42
C LEU B 991 -12.41 73.69 -34.88
N ASP B 992 -13.33 72.79 -35.20
CA ASP B 992 -13.46 72.29 -36.55
C ASP B 992 -14.11 73.33 -37.45
N PRO B 993 -13.82 73.31 -38.75
CA PRO B 993 -14.40 74.30 -39.68
C PRO B 993 -15.93 74.30 -39.65
N PRO B 994 -16.60 73.14 -39.54
CA PRO B 994 -18.07 73.20 -39.40
C PRO B 994 -18.53 74.02 -38.21
N GLU B 995 -17.78 74.02 -37.11
CA GLU B 995 -18.13 74.85 -35.95
C GLU B 995 -17.43 76.20 -35.98
N ALA B 996 -16.27 76.28 -36.64
CA ALA B 996 -15.57 77.55 -36.74
C ALA B 996 -16.36 78.55 -37.56
N GLU B 997 -17.02 78.09 -38.62
CA GLU B 997 -17.82 79.01 -39.44
C GLU B 997 -19.02 79.53 -38.67
N VAL B 998 -19.58 78.73 -37.76
CA VAL B 998 -20.69 79.20 -36.95
C VAL B 998 -20.21 80.14 -35.86
N GLN B 999 -19.03 79.88 -35.30
CA GLN B 999 -18.50 80.74 -34.26
C GLN B 999 -18.09 82.09 -34.82
N ILE B 1000 -17.54 82.11 -36.04
CA ILE B 1000 -17.17 83.38 -36.68
C ILE B 1000 -18.43 84.15 -37.06
N ASP B 1001 -19.45 83.45 -37.56
CA ASP B 1001 -20.70 84.11 -37.92
C ASP B 1001 -21.32 84.81 -36.71
N ARG B 1002 -21.15 84.23 -35.52
CA ARG B 1002 -21.64 84.88 -34.31
C ARG B 1002 -20.84 86.14 -34.01
N LEU B 1003 -19.54 86.13 -34.30
CA LEU B 1003 -18.73 87.32 -34.09
C LEU B 1003 -18.92 88.33 -35.21
N ILE B 1004 -19.28 87.87 -36.41
CA ILE B 1004 -19.53 88.79 -37.52
C ILE B 1004 -20.80 89.60 -37.26
N THR B 1005 -21.89 88.90 -36.93
CA THR B 1005 -23.15 89.59 -36.65
C THR B 1005 -23.04 90.54 -35.47
N GLY B 1006 -22.16 90.22 -34.50
CA GLY B 1006 -21.97 91.12 -33.39
C GLY B 1006 -21.23 92.38 -33.78
N ARG B 1007 -20.21 92.24 -34.63
CA ARG B 1007 -19.46 93.40 -35.08
C ARG B 1007 -20.17 94.14 -36.21
N LEU B 1008 -20.91 93.42 -37.04
CA LEU B 1008 -21.68 94.07 -38.10
C LEU B 1008 -22.80 94.92 -37.51
N GLN B 1009 -23.42 94.46 -36.42
CA GLN B 1009 -24.47 95.23 -35.77
C GLN B 1009 -23.89 96.43 -35.03
N SER B 1010 -22.65 96.34 -34.56
CA SER B 1010 -22.02 97.47 -33.90
C SER B 1010 -21.69 98.58 -34.89
N LEU B 1011 -21.24 98.20 -36.10
CA LEU B 1011 -20.95 99.20 -37.12
C LEU B 1011 -22.21 99.93 -37.56
N GLN B 1012 -23.33 99.21 -37.67
CA GLN B 1012 -24.59 99.84 -38.04
C GLN B 1012 -25.02 100.85 -36.98
N THR B 1013 -24.94 100.48 -35.71
CA THR B 1013 -25.29 101.40 -34.63
C THR B 1013 -24.36 102.61 -34.63
N TYR B 1014 -23.06 102.38 -34.85
CA TYR B 1014 -22.12 103.50 -34.91
C TYR B 1014 -22.46 104.45 -36.04
N VAL B 1015 -22.78 103.92 -37.22
CA VAL B 1015 -23.09 104.76 -38.36
C VAL B 1015 -24.38 105.52 -38.12
N THR B 1016 -25.37 104.88 -37.50
CA THR B 1016 -26.63 105.58 -37.21
C THR B 1016 -26.42 106.70 -36.21
N GLN B 1017 -25.66 106.45 -35.14
CA GLN B 1017 -25.40 107.50 -34.16
C GLN B 1017 -24.58 108.63 -34.78
N GLN B 1018 -23.63 108.29 -35.66
CA GLN B 1018 -22.85 109.32 -36.32
C GLN B 1018 -23.71 110.15 -37.26
N LEU B 1019 -24.68 109.52 -37.94
CA LEU B 1019 -25.59 110.27 -38.81
C LEU B 1019 -26.47 111.21 -37.99
N ILE B 1020 -26.96 110.74 -36.85
CA ILE B 1020 -27.80 111.60 -36.00
C ILE B 1020 -27.00 112.78 -35.47
N ARG B 1021 -25.79 112.51 -34.96
CA ARG B 1021 -24.95 113.60 -34.47
C ARG B 1021 -24.52 114.53 -35.59
N ALA B 1022 -24.36 114.00 -36.81
CA ALA B 1022 -24.00 114.85 -37.94
C ALA B 1022 -25.15 115.75 -38.34
N ALA B 1023 -26.38 115.24 -38.27
CA ALA B 1023 -27.55 116.10 -38.51
C ALA B 1023 -27.65 117.19 -37.45
N GLU B 1024 -27.40 116.83 -36.18
CA GLU B 1024 -27.42 117.83 -35.12
C GLU B 1024 -26.36 118.90 -35.34
N ILE B 1025 -25.14 118.49 -35.64
CA ILE B 1025 -24.05 119.45 -35.85
C ILE B 1025 -24.29 120.24 -37.12
N ARG B 1026 -24.96 119.67 -38.11
CA ARG B 1026 -25.28 120.42 -39.32
C ARG B 1026 -26.30 121.51 -39.03
N ALA B 1027 -27.32 121.20 -38.25
CA ALA B 1027 -28.26 122.23 -37.82
C ALA B 1027 -27.54 123.32 -37.02
N SER B 1028 -26.62 122.92 -36.14
CA SER B 1028 -25.87 123.89 -35.36
C SER B 1028 -25.00 124.77 -36.25
N ALA B 1029 -24.40 124.19 -37.29
CA ALA B 1029 -23.53 124.95 -38.18
C ALA B 1029 -24.34 125.89 -39.06
N ASN B 1030 -25.52 125.45 -39.50
CA ASN B 1030 -26.41 126.35 -40.24
C ASN B 1030 -26.83 127.53 -39.37
N LEU B 1031 -27.19 127.26 -38.12
CA LEU B 1031 -27.54 128.34 -37.20
C LEU B 1031 -26.36 129.28 -36.98
N ALA B 1032 -25.16 128.71 -36.85
CA ALA B 1032 -23.98 129.54 -36.61
C ALA B 1032 -23.66 130.42 -37.82
N ALA B 1033 -23.79 129.87 -39.03
CA ALA B 1033 -23.54 130.66 -40.23
C ALA B 1033 -24.58 131.76 -40.39
N THR B 1034 -25.86 131.43 -40.14
CA THR B 1034 -26.90 132.45 -40.20
C THR B 1034 -26.64 133.57 -39.19
N LYS B 1035 -26.26 133.19 -37.97
CA LYS B 1035 -25.96 134.19 -36.94
C LYS B 1035 -24.75 135.03 -37.32
N MET B 1036 -23.71 134.40 -37.88
CA MET B 1036 -22.55 135.16 -38.37
C MET B 1036 -22.97 136.19 -39.40
N SER B 1037 -23.73 135.75 -40.41
CA SER B 1037 -24.11 136.65 -41.49
C SER B 1037 -25.03 137.77 -41.00
N GLU B 1038 -25.87 137.48 -40.00
CA GLU B 1038 -26.88 138.46 -39.60
C GLU B 1038 -26.38 139.39 -38.49
N CYS B 1039 -25.36 138.99 -37.74
CA CYS B 1039 -24.85 139.82 -36.66
C CYS B 1039 -23.49 140.45 -36.97
N VAL B 1040 -22.55 139.70 -37.53
CA VAL B 1040 -21.23 140.25 -37.81
C VAL B 1040 -21.27 141.14 -39.04
N LEU B 1041 -21.97 140.69 -40.09
CA LEU B 1041 -22.03 141.41 -41.36
C LEU B 1041 -23.14 142.46 -41.41
N GLY B 1042 -23.82 142.72 -40.30
CA GLY B 1042 -24.89 143.68 -40.32
C GLY B 1042 -25.44 143.95 -38.94
N GLN B 1043 -26.66 144.49 -38.91
CA GLN B 1043 -27.32 144.84 -37.66
C GLN B 1043 -28.77 144.38 -37.68
N SER B 1044 -28.98 143.08 -37.92
CA SER B 1044 -30.33 142.54 -37.99
C SER B 1044 -31.08 142.77 -36.69
N LYS B 1045 -32.30 143.30 -36.80
CA LYS B 1045 -33.14 143.59 -35.64
C LYS B 1045 -33.91 142.34 -35.21
N ARG B 1046 -33.20 141.45 -34.52
CA ARG B 1046 -33.79 140.22 -33.98
C ARG B 1046 -33.48 140.19 -32.49
N VAL B 1047 -34.54 140.25 -31.67
CA VAL B 1047 -34.35 140.33 -30.23
C VAL B 1047 -33.82 139.02 -29.69
N ASP B 1048 -32.82 139.09 -28.82
CA ASP B 1048 -32.23 137.94 -28.15
C ASP B 1048 -31.60 136.96 -29.13
N PHE B 1049 -31.33 137.40 -30.36
CA PHE B 1049 -30.65 136.55 -31.32
C PHE B 1049 -29.17 136.89 -31.41
N CYS B 1050 -28.85 138.14 -31.68
CA CYS B 1050 -27.47 138.62 -31.70
C CYS B 1050 -27.06 139.14 -30.33
N GLY B 1051 -27.26 138.34 -29.29
CA GLY B 1051 -26.90 138.73 -27.94
C GLY B 1051 -28.10 139.18 -27.12
N LYS B 1052 -27.81 139.54 -25.87
CA LYS B 1052 -28.86 139.94 -24.94
C LYS B 1052 -29.29 141.37 -25.20
N GLY B 1053 -30.52 141.53 -25.71
CA GLY B 1053 -31.08 142.84 -25.93
C GLY B 1053 -30.71 143.46 -27.27
N TYR B 1054 -30.47 144.76 -27.28
CA TYR B 1054 -30.15 145.48 -28.51
C TYR B 1054 -28.75 145.10 -28.98
N HIS B 1055 -28.62 144.92 -30.29
CA HIS B 1055 -27.38 144.46 -30.90
C HIS B 1055 -26.71 145.61 -31.64
N LEU B 1056 -25.44 145.86 -31.34
CA LEU B 1056 -24.65 146.85 -32.06
C LEU B 1056 -23.81 146.19 -33.16
N MET B 1057 -22.93 145.27 -32.78
CA MET B 1057 -22.08 144.56 -33.72
C MET B 1057 -21.58 143.29 -33.03
N SER B 1058 -20.89 142.45 -33.81
CA SER B 1058 -20.39 141.18 -33.32
C SER B 1058 -18.97 140.94 -33.82
N PHE B 1059 -18.24 140.12 -33.07
CA PHE B 1059 -16.88 139.73 -33.42
C PHE B 1059 -16.74 138.22 -33.31
N PRO B 1060 -16.52 137.50 -34.40
CA PRO B 1060 -16.36 136.05 -34.33
C PRO B 1060 -14.93 135.66 -33.97
N GLN B 1061 -14.81 134.44 -33.42
CA GLN B 1061 -13.52 133.88 -33.05
C GLN B 1061 -13.51 132.39 -33.40
N SER B 1062 -12.34 131.91 -33.80
CA SER B 1062 -12.17 130.51 -34.17
C SER B 1062 -11.97 129.65 -32.91
N ALA B 1063 -12.36 128.38 -33.02
CA ALA B 1063 -12.27 127.45 -31.92
C ALA B 1063 -12.18 126.05 -32.49
N PRO B 1064 -11.63 125.08 -31.74
CA PRO B 1064 -11.55 123.71 -32.24
C PRO B 1064 -12.92 123.12 -32.58
N HIS B 1065 -13.13 122.87 -33.87
CA HIS B 1065 -14.37 122.29 -34.40
C HIS B 1065 -15.60 123.13 -34.05
N GLY B 1066 -15.42 124.42 -33.79
CA GLY B 1066 -16.54 125.26 -33.42
C GLY B 1066 -16.19 126.73 -33.56
N VAL B 1067 -17.17 127.57 -33.21
CA VAL B 1067 -17.04 129.01 -33.31
C VAL B 1067 -17.63 129.66 -32.06
N VAL B 1068 -17.04 130.77 -31.64
CA VAL B 1068 -17.49 131.52 -30.48
C VAL B 1068 -17.74 132.96 -30.91
N PHE B 1069 -18.98 133.42 -30.77
CA PHE B 1069 -19.36 134.77 -31.15
C PHE B 1069 -19.27 135.70 -29.95
N LEU B 1070 -18.82 136.94 -30.19
CA LEU B 1070 -18.83 137.96 -29.16
C LEU B 1070 -19.83 139.03 -29.54
N HIS B 1071 -21.06 138.90 -29.05
CA HIS B 1071 -22.13 139.84 -29.34
C HIS B 1071 -21.98 141.07 -28.46
N VAL B 1072 -21.62 142.20 -29.07
CA VAL B 1072 -21.55 143.48 -28.37
C VAL B 1072 -22.96 144.06 -28.31
N THR B 1073 -23.55 144.05 -27.13
CA THR B 1073 -24.96 144.38 -26.97
C THR B 1073 -25.13 145.72 -26.26
N TYR B 1074 -26.29 146.33 -26.47
CA TYR B 1074 -26.66 147.58 -25.82
C TYR B 1074 -27.77 147.29 -24.81
N VAL B 1075 -27.52 147.64 -23.56
CA VAL B 1075 -28.45 147.38 -22.46
C VAL B 1075 -28.80 148.72 -21.81
N PRO B 1076 -30.06 149.13 -21.82
CA PRO B 1076 -30.44 150.38 -21.13
C PRO B 1076 -30.57 150.15 -19.63
N ALA B 1077 -30.20 151.16 -18.87
CA ALA B 1077 -30.26 151.08 -17.41
C ALA B 1077 -30.49 152.48 -16.84
N GLN B 1078 -30.66 152.53 -15.52
CA GLN B 1078 -30.88 153.77 -14.78
C GLN B 1078 -32.10 154.53 -15.32
N GLU B 1079 -33.26 153.90 -15.19
CA GLU B 1079 -34.49 154.48 -15.69
C GLU B 1079 -35.20 155.26 -14.60
N LYS B 1080 -36.02 156.24 -15.02
CA LYS B 1080 -36.83 157.04 -14.14
C LYS B 1080 -38.24 157.17 -14.71
N ASN B 1081 -39.20 157.40 -13.82
CA ASN B 1081 -40.60 157.48 -14.20
C ASN B 1081 -40.98 158.93 -14.49
N PHE B 1082 -41.81 159.12 -15.52
CA PHE B 1082 -42.27 160.44 -15.91
C PHE B 1082 -43.71 160.36 -16.39
N THR B 1083 -44.44 161.45 -16.19
CA THR B 1083 -45.84 161.50 -16.63
C THR B 1083 -45.91 161.65 -18.15
N THR B 1084 -46.81 160.88 -18.76
CA THR B 1084 -46.94 160.88 -20.21
C THR B 1084 -48.39 161.11 -20.60
N ALA B 1085 -48.58 161.57 -21.83
CA ALA B 1085 -49.90 161.81 -22.40
C ALA B 1085 -49.85 161.45 -23.88
N PRO B 1086 -50.92 160.85 -24.42
CA PRO B 1086 -50.89 160.43 -25.83
C PRO B 1086 -50.87 161.59 -26.82
N ALA B 1087 -51.27 162.80 -26.41
CA ALA B 1087 -51.28 163.92 -27.33
C ALA B 1087 -51.25 165.22 -26.53
N ILE B 1088 -50.97 166.31 -27.24
CA ILE B 1088 -50.90 167.65 -26.67
C ILE B 1088 -51.86 168.55 -27.44
N CYS B 1089 -52.70 169.27 -26.72
CA CYS B 1089 -53.67 170.18 -27.32
C CYS B 1089 -53.19 171.62 -27.14
N HIS B 1090 -53.03 172.34 -28.25
CA HIS B 1090 -52.57 173.72 -28.23
C HIS B 1090 -53.48 174.70 -28.94
N ASP B 1091 -54.11 174.32 -30.06
CA ASP B 1091 -54.99 175.22 -30.79
C ASP B 1091 -56.24 174.47 -31.24
N GLY B 1092 -56.84 173.70 -30.35
CA GLY B 1092 -58.00 172.90 -30.70
C GLY B 1092 -57.71 171.70 -31.57
N LYS B 1093 -56.43 171.40 -31.81
CA LYS B 1093 -56.03 170.27 -32.62
C LYS B 1093 -54.98 169.45 -31.89
N ALA B 1094 -55.09 168.13 -31.96
CA ALA B 1094 -54.19 167.25 -31.24
C ALA B 1094 -52.83 167.20 -31.93
N HIS B 1095 -51.77 167.18 -31.12
CA HIS B 1095 -50.40 167.06 -31.62
C HIS B 1095 -49.83 165.71 -31.21
N PHE B 1096 -49.17 165.04 -32.16
CA PHE B 1096 -48.59 163.74 -31.93
C PHE B 1096 -47.10 163.77 -32.28
N PRO B 1097 -46.25 163.21 -31.44
CA PRO B 1097 -44.81 163.28 -31.69
C PRO B 1097 -44.40 162.37 -32.85
N ARG B 1098 -43.68 162.96 -33.81
CA ARG B 1098 -43.16 162.18 -34.94
C ARG B 1098 -42.18 161.13 -34.46
N GLU B 1099 -41.07 161.56 -33.87
CA GLU B 1099 -40.09 160.66 -33.29
C GLU B 1099 -39.86 161.04 -31.84
N GLY B 1100 -39.87 160.04 -30.97
CA GLY B 1100 -39.73 160.27 -29.54
C GLY B 1100 -41.05 160.07 -28.80
N VAL B 1101 -40.98 160.28 -27.50
CA VAL B 1101 -42.13 160.11 -26.61
C VAL B 1101 -42.34 161.38 -25.80
N PHE B 1102 -43.58 161.63 -25.41
CA PHE B 1102 -43.89 162.77 -24.56
C PHE B 1102 -43.76 162.39 -23.09
N VAL B 1103 -43.01 163.19 -22.34
CA VAL B 1103 -42.79 162.97 -20.92
C VAL B 1103 -43.08 164.27 -20.18
N SER B 1104 -43.40 164.12 -18.88
CA SER B 1104 -43.68 165.25 -18.01
C SER B 1104 -43.13 164.96 -16.62
N ASN B 1105 -42.29 165.87 -16.13
CA ASN B 1105 -41.70 165.72 -14.81
C ASN B 1105 -42.52 166.37 -13.70
N GLY B 1106 -43.83 166.55 -13.94
CA GLY B 1106 -44.72 167.09 -12.93
C GLY B 1106 -45.27 168.48 -13.23
N THR B 1107 -44.47 169.36 -13.85
CA THR B 1107 -44.92 170.72 -14.11
C THR B 1107 -44.76 171.09 -15.57
N HIS B 1108 -43.72 170.58 -16.23
CA HIS B 1108 -43.48 170.88 -17.63
C HIS B 1108 -43.75 169.65 -18.49
N TRP B 1109 -43.62 169.82 -19.80
CA TRP B 1109 -43.78 168.74 -20.77
C TRP B 1109 -42.65 168.80 -21.79
N PHE B 1110 -42.05 167.64 -22.06
CA PHE B 1110 -40.94 167.56 -23.00
C PHE B 1110 -41.06 166.30 -23.83
N VAL B 1111 -40.40 166.31 -24.98
CA VAL B 1111 -40.36 165.17 -25.90
C VAL B 1111 -38.93 164.65 -25.92
N THR B 1112 -38.79 163.34 -25.67
CA THR B 1112 -37.49 162.70 -25.60
C THR B 1112 -37.51 161.39 -26.37
N GLN B 1113 -36.31 160.90 -26.69
CA GLN B 1113 -36.18 159.62 -27.39
C GLN B 1113 -36.76 158.51 -26.52
N ARG B 1114 -37.28 157.47 -27.19
CA ARG B 1114 -37.95 156.40 -26.46
C ARG B 1114 -36.95 155.52 -25.71
N ASN B 1115 -35.71 155.44 -26.19
CA ASN B 1115 -34.70 154.58 -25.58
C ASN B 1115 -33.60 155.36 -24.88
N PHE B 1116 -33.71 156.68 -24.80
CA PHE B 1116 -32.72 157.49 -24.09
C PHE B 1116 -33.36 158.81 -23.70
N TYR B 1117 -33.10 159.25 -22.47
CA TYR B 1117 -33.70 160.47 -21.95
C TYR B 1117 -32.99 161.70 -22.52
N GLU B 1118 -33.53 162.27 -23.59
CA GLU B 1118 -33.02 163.50 -24.20
C GLU B 1118 -34.10 164.56 -24.09
N PRO B 1119 -34.15 165.32 -23.01
CA PRO B 1119 -35.22 166.31 -22.83
C PRO B 1119 -35.07 167.46 -23.83
N GLN B 1120 -36.11 167.66 -24.64
CA GLN B 1120 -36.14 168.73 -25.63
C GLN B 1120 -37.50 169.42 -25.59
N ILE B 1121 -37.50 170.70 -25.94
CA ILE B 1121 -38.72 171.48 -25.95
C ILE B 1121 -39.64 170.96 -27.04
N ILE B 1122 -40.92 170.83 -26.72
CA ILE B 1122 -41.92 170.33 -27.67
C ILE B 1122 -42.21 171.41 -28.70
N THR B 1123 -41.61 171.29 -29.88
CA THR B 1123 -41.80 172.27 -30.93
C THR B 1123 -42.78 171.76 -31.98
N THR B 1124 -43.08 172.61 -32.96
CA THR B 1124 -44.04 172.25 -33.99
C THR B 1124 -43.45 171.23 -34.96
N ASP B 1125 -42.18 171.41 -35.34
CA ASP B 1125 -41.56 170.51 -36.30
C ASP B 1125 -41.36 169.10 -35.76
N ASN B 1126 -41.38 168.92 -34.45
CA ASN B 1126 -41.22 167.60 -33.86
C ASN B 1126 -42.55 166.93 -33.54
N THR B 1127 -43.68 167.52 -33.94
CA THR B 1127 -45.00 166.98 -33.66
C THR B 1127 -45.86 166.99 -34.90
N PHE B 1128 -46.73 165.99 -35.02
CA PHE B 1128 -47.73 165.95 -36.08
C PHE B 1128 -48.98 166.70 -35.66
N VAL B 1129 -49.99 166.67 -36.53
CA VAL B 1129 -51.28 167.30 -36.26
C VAL B 1129 -52.35 166.55 -37.03
N SER B 1130 -53.39 166.10 -36.31
CA SER B 1130 -54.51 165.41 -36.92
C SER B 1130 -55.66 165.35 -35.93
N GLY B 1131 -56.85 165.70 -36.38
CA GLY B 1131 -58.04 165.62 -35.57
C GLY B 1131 -58.10 166.68 -34.48
N ASN B 1132 -59.26 166.73 -33.83
CA ASN B 1132 -59.47 167.67 -32.74
C ASN B 1132 -58.97 167.08 -31.42
N CYS B 1133 -59.26 167.80 -30.34
CA CYS B 1133 -58.86 167.37 -29.00
C CYS B 1133 -60.02 166.72 -28.27
N ASP B 1134 -60.96 166.13 -29.01
CA ASP B 1134 -62.14 165.51 -28.44
C ASP B 1134 -62.13 163.99 -28.53
N VAL B 1135 -61.69 163.43 -29.65
CA VAL B 1135 -61.70 161.98 -29.80
C VAL B 1135 -60.42 161.34 -29.27
N VAL B 1136 -59.44 162.14 -28.87
CA VAL B 1136 -58.17 161.62 -28.36
C VAL B 1136 -58.35 161.43 -26.86
N ILE B 1137 -58.47 160.18 -26.44
CA ILE B 1137 -58.65 159.88 -25.02
C ILE B 1137 -57.30 159.99 -24.32
N GLY B 1138 -57.24 160.86 -23.30
CA GLY B 1138 -56.03 161.08 -22.55
C GLY B 1138 -55.27 162.33 -22.92
N ILE B 1139 -55.76 163.12 -23.87
CA ILE B 1139 -55.04 164.32 -24.28
C ILE B 1139 -55.10 165.38 -23.17
N VAL B 1140 -54.02 166.14 -23.06
CA VAL B 1140 -53.91 167.21 -22.07
C VAL B 1140 -53.60 168.52 -22.78
N ASN B 1141 -53.88 169.62 -22.09
CA ASN B 1141 -53.65 170.95 -22.64
C ASN B 1141 -52.23 171.41 -22.33
N ASN B 1142 -51.51 171.85 -23.36
CA ASN B 1142 -50.14 172.34 -23.19
C ASN B 1142 -49.77 173.13 -24.43
N THR B 1143 -48.84 174.06 -24.26
CA THR B 1143 -48.42 174.93 -25.36
C THR B 1143 -47.45 174.20 -26.29
N VAL B 1144 -47.40 174.65 -27.54
CA VAL B 1144 -46.48 174.13 -28.54
C VAL B 1144 -45.66 175.31 -29.06
N TYR B 1145 -44.37 175.29 -28.80
CA TYR B 1145 -43.51 176.42 -29.15
C TYR B 1145 -43.09 176.35 -30.61
N ASP B 1146 -42.82 177.52 -31.18
CA ASP B 1146 -42.35 177.63 -32.56
C ASP B 1146 -41.41 178.83 -32.67
N PRO B 1147 -40.10 178.60 -32.78
CA PRO B 1147 -39.15 179.73 -32.80
C PRO B 1147 -39.02 180.41 -34.16
N LEU B 1148 -39.58 179.84 -35.23
CA LEU B 1148 -39.40 180.41 -36.55
C LEU B 1148 -40.20 181.70 -36.72
N GLN B 1149 -41.42 181.73 -36.17
CA GLN B 1149 -42.28 182.89 -36.36
C GLN B 1149 -41.81 184.15 -35.64
N PRO B 1150 -41.40 184.12 -34.36
CA PRO B 1150 -41.00 185.37 -33.70
C PRO B 1150 -39.77 186.02 -34.33
N GLU B 1151 -38.99 185.29 -35.10
CA GLU B 1151 -37.80 185.86 -35.74
C GLU B 1151 -38.21 186.81 -36.86
N CYS C 26 -82.15 50.76 -33.80
CA CYS C 26 -81.38 51.57 -34.72
C CYS C 26 -81.68 51.19 -36.17
N VAL C 27 -82.89 51.48 -36.60
CA VAL C 27 -83.32 51.19 -37.97
C VAL C 27 -84.15 52.35 -38.48
N ASN C 28 -83.67 53.00 -39.53
CA ASN C 28 -84.35 54.14 -40.13
C ASN C 28 -83.72 54.44 -41.48
N LEU C 29 -84.51 55.06 -42.36
CA LEU C 29 -84.03 55.43 -43.68
C LEU C 29 -84.71 56.75 -44.06
N ILE C 30 -84.03 57.86 -43.80
CA ILE C 30 -84.54 59.19 -44.09
C ILE C 30 -83.40 60.03 -44.66
N THR C 31 -83.61 60.59 -45.85
CA THR C 31 -82.63 61.43 -46.49
C THR C 31 -83.32 62.38 -47.45
N ARG C 32 -82.77 63.58 -47.57
CA ARG C 32 -83.33 64.61 -48.45
C ARG C 32 -82.28 65.68 -48.68
N THR C 33 -82.51 66.50 -49.70
CA THR C 33 -81.57 67.57 -50.02
C THR C 33 -81.66 68.68 -48.98
N GLN C 34 -80.55 69.42 -48.83
CA GLN C 34 -80.49 70.50 -47.86
C GLN C 34 -80.90 71.82 -48.50
N SER C 35 -80.92 72.87 -47.69
CA SER C 35 -81.23 74.22 -48.14
C SER C 35 -80.16 75.18 -47.63
N TYR C 36 -80.28 76.45 -48.03
CA TYR C 36 -79.29 77.47 -47.68
C TYR C 36 -80.00 78.74 -47.28
N THR C 37 -79.47 79.42 -46.27
CA THR C 37 -80.03 80.67 -45.78
C THR C 37 -78.90 81.66 -45.52
N ASN C 38 -79.16 82.94 -45.81
CA ASN C 38 -78.17 83.97 -45.57
C ASN C 38 -77.97 84.18 -44.07
N SER C 39 -76.71 84.32 -43.67
CA SER C 39 -76.41 84.47 -42.25
C SER C 39 -76.16 85.93 -41.88
N PHE C 40 -76.46 86.26 -40.64
CA PHE C 40 -76.16 87.57 -40.07
C PHE C 40 -74.83 87.50 -39.32
N THR C 41 -74.49 88.56 -38.60
CA THR C 41 -73.24 88.62 -37.84
C THR C 41 -73.29 87.79 -36.56
N ARG C 42 -73.48 86.48 -36.67
CA ARG C 42 -73.52 85.62 -35.51
C ARG C 42 -72.29 84.71 -35.47
N GLY C 43 -72.12 84.04 -34.34
CA GLY C 43 -71.04 83.08 -34.17
C GLY C 43 -69.80 83.59 -33.48
N VAL C 44 -69.85 84.75 -32.85
CA VAL C 44 -68.70 85.31 -32.16
C VAL C 44 -68.63 84.72 -30.75
N TYR C 45 -67.44 84.27 -30.36
CA TYR C 45 -67.24 83.67 -29.06
C TYR C 45 -65.89 84.11 -28.51
N TYR C 46 -65.62 83.71 -27.27
CA TYR C 46 -64.36 84.04 -26.62
C TYR C 46 -63.26 83.10 -27.11
N PRO C 47 -62.15 83.63 -27.64
CA PRO C 47 -61.08 82.73 -28.09
C PRO C 47 -60.24 82.18 -26.95
N ASP C 48 -60.17 82.88 -25.82
CA ASP C 48 -59.34 82.46 -24.70
C ASP C 48 -60.09 82.72 -23.40
N LYS C 49 -59.45 82.32 -22.29
CA LYS C 49 -60.07 82.41 -20.98
C LYS C 49 -59.60 83.63 -20.22
N VAL C 50 -59.30 84.72 -20.93
CA VAL C 50 -58.80 85.94 -20.32
C VAL C 50 -59.91 86.97 -20.24
N PHE C 51 -59.71 87.99 -19.41
CA PHE C 51 -60.66 89.07 -19.23
C PHE C 51 -60.09 90.36 -19.80
N ARG C 52 -60.90 91.10 -20.53
CA ARG C 52 -60.52 92.39 -21.10
C ARG C 52 -61.66 93.38 -20.87
N SER C 53 -61.31 94.61 -20.50
CA SER C 53 -62.30 95.62 -20.15
C SER C 53 -61.95 96.93 -20.83
N SER C 54 -62.92 97.48 -21.58
CA SER C 54 -62.79 98.78 -22.21
C SER C 54 -61.59 98.84 -23.14
N VAL C 55 -61.29 97.72 -23.79
CA VAL C 55 -60.19 97.63 -24.76
C VAL C 55 -60.67 96.89 -25.99
N LEU C 56 -59.97 97.12 -27.10
CA LEU C 56 -60.25 96.45 -28.37
C LEU C 56 -59.14 95.45 -28.64
N HIS C 57 -59.53 94.20 -28.90
CA HIS C 57 -58.58 93.11 -29.09
C HIS C 57 -58.84 92.44 -30.42
N SER C 58 -57.76 91.95 -31.04
CA SER C 58 -57.83 91.25 -32.31
C SER C 58 -56.99 89.99 -32.25
N THR C 59 -57.53 88.90 -32.77
CA THR C 59 -56.83 87.62 -32.77
C THR C 59 -57.29 86.81 -33.98
N HIS C 60 -56.40 85.93 -34.43
CA HIS C 60 -56.64 85.08 -35.60
C HIS C 60 -57.02 83.69 -35.11
N ASP C 61 -58.30 83.33 -35.27
CA ASP C 61 -58.79 82.04 -34.83
C ASP C 61 -59.94 81.64 -35.74
N LEU C 62 -60.41 80.40 -35.56
CA LEU C 62 -61.47 79.85 -36.40
C LEU C 62 -62.82 80.45 -36.02
N PHE C 63 -63.12 81.63 -36.54
CA PHE C 63 -64.42 82.25 -36.31
C PHE C 63 -65.32 82.08 -37.53
N LEU C 64 -66.61 82.21 -37.31
CA LEU C 64 -67.57 82.08 -38.40
C LEU C 64 -67.56 83.34 -39.26
N PRO C 65 -67.41 83.21 -40.58
CA PRO C 65 -67.42 84.41 -41.43
C PRO C 65 -68.76 85.12 -41.40
N PHE C 66 -68.71 86.44 -41.32
CA PHE C 66 -69.93 87.23 -41.34
C PHE C 66 -70.61 87.15 -42.71
N PHE C 67 -71.95 87.12 -42.67
CA PHE C 67 -72.77 87.00 -43.88
C PHE C 67 -72.41 85.76 -44.69
N SER C 68 -72.20 84.64 -44.01
CA SER C 68 -71.84 83.40 -44.67
C SER C 68 -73.07 82.70 -45.24
N ASN C 69 -72.81 81.66 -46.04
CA ASN C 69 -73.87 80.88 -46.67
C ASN C 69 -74.14 79.63 -45.84
N VAL C 70 -74.79 79.86 -44.70
CA VAL C 70 -75.07 78.78 -43.75
C VAL C 70 -76.14 77.86 -44.32
N THR C 71 -75.88 76.56 -44.27
CA THR C 71 -76.83 75.57 -44.77
C THR C 71 -77.98 75.39 -43.78
N TRP C 72 -79.19 75.22 -44.31
CA TRP C 72 -80.38 75.03 -43.50
C TRP C 72 -80.98 73.66 -43.81
N PHE C 73 -81.49 72.99 -42.78
CA PHE C 73 -82.11 71.68 -42.93
C PHE C 73 -83.57 71.75 -42.47
N HIS C 74 -84.44 72.03 -43.44
CA HIS C 74 -85.86 72.22 -43.17
C HIS C 74 -86.57 70.90 -42.87
N ALA C 75 -86.25 70.31 -41.72
CA ALA C 75 -86.87 69.06 -41.28
C ALA C 75 -86.72 67.95 -42.31
N LYS C 85 -90.65 60.87 -38.64
CA LYS C 85 -89.20 60.81 -38.52
C LYS C 85 -88.52 61.57 -39.66
N ARG C 86 -89.23 62.57 -40.20
CA ARG C 86 -88.70 63.37 -41.29
C ARG C 86 -87.65 64.35 -40.77
N PHE C 87 -86.42 63.89 -40.64
CA PHE C 87 -85.34 64.70 -40.10
C PHE C 87 -84.35 65.19 -41.16
N ASP C 88 -84.26 64.51 -42.30
CA ASP C 88 -83.33 64.87 -43.37
C ASP C 88 -81.89 64.88 -42.85
N ASN C 89 -81.37 63.69 -42.53
CA ASN C 89 -80.05 63.56 -41.95
C ASN C 89 -79.11 62.90 -42.95
N PRO C 90 -78.37 63.66 -43.75
CA PRO C 90 -77.42 63.06 -44.70
C PRO C 90 -76.01 62.84 -44.15
N ALA C 91 -75.82 62.94 -42.84
CA ALA C 91 -74.51 62.75 -42.21
C ALA C 91 -73.47 63.72 -42.77
N LEU C 92 -73.69 65.01 -42.56
CA LEU C 92 -72.84 66.09 -43.05
C LEU C 92 -71.41 65.93 -42.53
N PRO C 93 -70.43 66.41 -43.28
CA PRO C 93 -69.04 66.33 -42.80
C PRO C 93 -68.74 67.39 -41.75
N PHE C 94 -67.54 67.31 -41.19
CA PHE C 94 -67.08 68.22 -40.16
C PHE C 94 -65.76 68.84 -40.59
N ASN C 95 -65.78 70.15 -40.85
CA ASN C 95 -64.56 70.88 -41.22
C ASN C 95 -63.83 71.34 -39.97
N ASP C 96 -62.84 72.23 -40.13
CA ASP C 96 -62.05 72.69 -39.00
C ASP C 96 -62.90 73.25 -37.87
N GLY C 97 -64.08 73.75 -38.18
CA GLY C 97 -64.97 74.25 -37.16
C GLY C 97 -66.39 74.37 -37.70
N VAL C 98 -67.34 74.08 -36.83
CA VAL C 98 -68.76 74.09 -37.18
C VAL C 98 -69.51 75.02 -36.23
N TYR C 99 -70.61 75.58 -36.72
CA TYR C 99 -71.47 76.45 -35.94
C TYR C 99 -72.88 75.89 -35.96
N PHE C 100 -73.38 75.49 -34.79
CA PHE C 100 -74.69 74.86 -34.68
C PHE C 100 -75.66 75.82 -34.01
N ALA C 101 -76.87 75.90 -34.56
CA ALA C 101 -77.91 76.74 -34.02
C ALA C 101 -79.26 76.13 -34.36
N SER C 102 -80.23 76.34 -33.47
CA SER C 102 -81.58 75.80 -33.67
C SER C 102 -82.58 76.65 -32.91
N THR C 103 -83.81 76.66 -33.41
CA THR C 103 -84.90 77.42 -32.82
C THR C 103 -86.10 76.52 -32.53
N GLU C 104 -85.87 75.36 -31.92
CA GLU C 104 -86.95 74.43 -31.63
C GLU C 104 -87.86 74.99 -30.54
N LYS C 105 -89.00 74.33 -30.36
CA LYS C 105 -89.96 74.78 -29.35
C LYS C 105 -89.48 74.47 -27.94
N SER C 106 -89.24 73.20 -27.63
CA SER C 106 -88.78 72.83 -26.30
C SER C 106 -87.88 71.60 -26.34
N ASN C 107 -86.57 71.82 -26.44
CA ASN C 107 -85.56 70.75 -26.37
C ASN C 107 -85.86 69.60 -27.33
N ILE C 108 -86.20 69.95 -28.59
CA ILE C 108 -86.43 68.91 -29.59
C ILE C 108 -85.11 68.29 -30.03
N ILE C 109 -84.09 69.11 -30.27
CA ILE C 109 -82.78 68.62 -30.66
C ILE C 109 -81.88 68.61 -29.44
N ARG C 110 -81.52 67.41 -28.97
CA ARG C 110 -80.68 67.29 -27.79
C ARG C 110 -79.64 66.18 -27.93
N GLY C 111 -79.13 65.96 -29.13
CA GLY C 111 -78.14 64.92 -29.33
C GLY C 111 -77.21 65.25 -30.49
N TRP C 112 -75.92 65.02 -30.25
CA TRP C 112 -74.89 65.15 -31.26
C TRP C 112 -73.90 64.01 -31.14
N ILE C 113 -73.33 63.61 -32.27
CA ILE C 113 -72.28 62.61 -32.31
C ILE C 113 -71.17 63.10 -33.23
N PHE C 114 -69.93 62.74 -32.91
CA PHE C 114 -68.77 63.14 -33.68
C PHE C 114 -67.85 61.94 -33.86
N GLY C 115 -67.16 61.91 -35.00
CA GLY C 115 -66.26 60.80 -35.28
C GLY C 115 -65.73 60.85 -36.69
N THR C 116 -65.02 59.79 -37.07
CA THR C 116 -64.42 59.71 -38.40
C THR C 116 -65.35 58.99 -39.36
N THR C 117 -65.71 57.75 -39.05
CA THR C 117 -66.59 56.99 -39.94
C THR C 117 -67.91 56.64 -39.27
N LEU C 118 -67.94 56.65 -37.93
CA LEU C 118 -69.15 56.37 -37.15
C LEU C 118 -69.69 54.96 -37.45
N ASP C 119 -68.77 53.98 -37.46
CA ASP C 119 -69.16 52.59 -37.67
C ASP C 119 -68.41 51.65 -36.73
N SER C 120 -68.07 52.12 -35.53
CA SER C 120 -67.41 51.33 -34.50
C SER C 120 -66.01 50.88 -34.91
N LYS C 121 -65.51 51.38 -36.05
CA LYS C 121 -64.14 51.08 -36.43
C LYS C 121 -63.15 51.96 -35.71
N THR C 122 -63.54 53.18 -35.33
CA THR C 122 -62.69 54.09 -34.57
C THR C 122 -63.52 54.69 -33.44
N GLN C 123 -62.83 55.23 -32.45
CA GLN C 123 -63.51 55.86 -31.33
C GLN C 123 -64.28 57.08 -31.80
N SER C 124 -65.51 57.23 -31.28
CA SER C 124 -66.40 58.31 -31.70
C SER C 124 -67.01 58.97 -30.48
N LEU C 125 -67.58 60.15 -30.68
CA LEU C 125 -68.19 60.90 -29.58
C LEU C 125 -69.66 60.55 -29.44
N LEU C 126 -70.21 60.84 -28.26
CA LEU C 126 -71.63 60.65 -27.98
C LEU C 126 -72.06 61.71 -26.98
N ILE C 127 -72.70 62.77 -27.46
CA ILE C 127 -73.20 63.84 -26.62
C ILE C 127 -74.72 63.75 -26.61
N VAL C 128 -75.27 63.07 -25.62
CA VAL C 128 -76.70 62.86 -25.49
C VAL C 128 -77.19 63.57 -24.24
N ASN C 129 -78.15 64.47 -24.41
CA ASN C 129 -78.73 65.24 -23.31
C ASN C 129 -80.09 64.66 -22.96
N ASN C 130 -80.34 64.49 -21.66
CA ASN C 130 -81.64 64.03 -21.18
C ASN C 130 -82.15 65.00 -20.13
N ALA C 131 -83.23 64.61 -19.45
CA ALA C 131 -83.97 65.54 -18.60
C ALA C 131 -83.12 66.13 -17.47
N THR C 132 -82.01 65.50 -17.11
CA THR C 132 -81.22 65.96 -15.96
C THR C 132 -79.79 66.34 -16.29
N ASN C 133 -79.08 65.57 -17.12
CA ASN C 133 -77.67 65.84 -17.36
C ASN C 133 -77.33 65.58 -18.83
N VAL C 134 -76.08 65.84 -19.18
CA VAL C 134 -75.55 65.58 -20.51
C VAL C 134 -74.50 64.49 -20.40
N VAL C 135 -74.77 63.34 -21.01
CA VAL C 135 -73.90 62.17 -20.92
C VAL C 135 -72.96 62.25 -22.12
N ILE C 136 -71.78 62.83 -21.91
CA ILE C 136 -70.75 62.90 -22.94
C ILE C 136 -69.76 61.77 -22.71
N LYS C 137 -69.70 60.83 -23.65
CA LYS C 137 -68.82 59.69 -23.52
C LYS C 137 -68.21 59.37 -24.88
N VAL C 138 -66.97 58.89 -24.87
CA VAL C 138 -66.23 58.57 -26.08
C VAL C 138 -65.99 57.07 -26.10
N CYS C 139 -66.49 56.40 -27.13
CA CYS C 139 -66.37 54.95 -27.22
C CYS C 139 -66.62 54.54 -28.66
N GLU C 140 -66.34 53.27 -28.95
CA GLU C 140 -66.55 52.70 -30.29
C GLU C 140 -67.99 52.18 -30.43
N PHE C 141 -68.92 53.13 -30.44
CA PHE C 141 -70.33 52.79 -30.55
C PHE C 141 -70.65 52.26 -31.94
N GLN C 142 -71.66 51.40 -32.01
CA GLN C 142 -72.12 50.85 -33.29
C GLN C 142 -73.34 51.66 -33.76
N PHE C 143 -73.04 52.78 -34.43
CA PHE C 143 -74.09 53.62 -34.98
C PHE C 143 -74.58 53.04 -36.30
N CYS C 144 -75.90 53.07 -36.49
CA CYS C 144 -76.49 52.61 -37.74
C CYS C 144 -76.50 53.74 -38.76
N ASN C 145 -77.21 53.53 -39.87
CA ASN C 145 -77.26 54.51 -40.94
C ASN C 145 -77.99 55.79 -40.54
N ASP C 146 -78.82 55.75 -39.49
CA ASP C 146 -79.55 56.94 -39.06
C ASP C 146 -79.77 56.90 -37.55
N PRO C 147 -78.95 57.60 -36.78
CA PRO C 147 -79.16 57.65 -35.32
C PRO C 147 -80.39 58.48 -34.97
N PHE C 148 -81.19 57.97 -34.05
CA PHE C 148 -82.42 58.64 -33.64
C PHE C 148 -82.78 58.20 -32.23
N LEU C 149 -83.37 59.12 -31.47
CA LEU C 149 -83.73 58.87 -30.07
C LEU C 149 -85.19 58.43 -29.98
N ASP C 150 -85.40 57.14 -30.22
CA ASP C 150 -86.73 56.54 -30.14
C ASP C 150 -87.04 56.20 -28.69
N VAL C 151 -87.93 56.97 -28.07
CA VAL C 151 -88.30 56.77 -26.68
C VAL C 151 -89.82 56.64 -26.59
N TYR C 152 -90.27 55.72 -25.73
CA TYR C 152 -91.69 55.38 -25.55
C TYR C 152 -92.47 55.34 -26.86
N MET C 160 -87.19 58.64 -18.96
CA MET C 160 -87.97 59.55 -19.79
C MET C 160 -87.07 60.43 -20.66
N GLU C 161 -87.50 60.66 -21.90
CA GLU C 161 -86.77 61.47 -22.87
C GLU C 161 -85.37 60.93 -23.11
N SER C 162 -85.19 59.63 -22.94
CA SER C 162 -83.90 58.99 -23.17
C SER C 162 -84.11 57.50 -23.40
N GLU C 163 -83.22 56.91 -24.19
CA GLU C 163 -83.33 55.49 -24.51
C GLU C 163 -81.98 54.99 -25.00
N PHE C 164 -81.71 53.72 -24.74
CA PHE C 164 -80.45 53.09 -25.11
C PHE C 164 -80.40 52.70 -26.58
N ARG C 165 -81.45 52.96 -27.35
CA ARG C 165 -81.51 52.53 -28.74
C ARG C 165 -80.63 53.40 -29.65
N VAL C 166 -79.83 54.28 -29.05
CA VAL C 166 -78.91 55.10 -29.85
C VAL C 166 -77.84 54.23 -30.50
N TYR C 167 -77.27 53.30 -29.74
CA TYR C 167 -76.26 52.39 -30.26
C TYR C 167 -76.52 51.00 -29.73
N SER C 168 -75.74 50.04 -30.22
CA SER C 168 -75.94 48.63 -29.85
C SER C 168 -74.77 48.04 -29.08
N SER C 169 -73.55 48.52 -29.30
CA SER C 169 -72.39 47.93 -28.65
C SER C 169 -71.38 49.02 -28.32
N ALA C 170 -70.39 48.65 -27.49
CA ALA C 170 -69.34 49.56 -27.07
C ALA C 170 -68.10 48.74 -26.76
N ASN C 171 -66.94 49.35 -27.00
CA ASN C 171 -65.68 48.62 -26.90
C ASN C 171 -64.77 49.13 -25.79
N ASN C 172 -64.29 50.37 -25.91
CA ASN C 172 -63.27 50.84 -24.97
C ASN C 172 -63.87 51.78 -23.93
N CYS C 173 -64.58 52.83 -24.37
CA CYS C 173 -65.25 53.78 -23.49
C CYS C 173 -64.27 54.40 -22.50
N THR C 174 -63.29 55.09 -23.08
CA THR C 174 -62.18 55.60 -22.29
C THR C 174 -62.52 56.92 -21.61
N PHE C 175 -63.57 57.60 -22.06
CA PHE C 175 -63.94 58.88 -21.49
C PHE C 175 -65.43 58.91 -21.20
N GLU C 176 -65.82 59.68 -20.19
CA GLU C 176 -67.22 59.80 -19.80
C GLU C 176 -67.40 61.12 -19.06
N TYR C 177 -68.49 61.81 -19.35
CA TYR C 177 -68.78 63.10 -18.73
C TYR C 177 -70.29 63.25 -18.61
N VAL C 178 -70.76 63.36 -17.37
CA VAL C 178 -72.20 63.33 -17.10
C VAL C 178 -72.64 64.55 -16.30
N SER C 179 -71.95 65.68 -16.50
CA SER C 179 -72.30 66.90 -15.79
C SER C 179 -73.64 67.44 -16.27
N GLN C 180 -74.11 68.49 -15.59
CA GLN C 180 -75.40 69.07 -15.92
C GLN C 180 -75.29 69.96 -17.17
N PRO C 181 -76.41 70.17 -17.88
CA PRO C 181 -76.41 71.03 -19.07
C PRO C 181 -76.03 72.48 -18.74
N ASN C 195 -85.88 81.38 -27.58
CA ASN C 195 -85.68 79.95 -27.69
C ASN C 195 -84.60 79.62 -28.72
N LEU C 196 -83.56 80.44 -28.75
CA LEU C 196 -82.45 80.27 -29.68
C LEU C 196 -81.24 79.72 -28.92
N ARG C 197 -80.76 78.56 -29.33
CA ARG C 197 -79.57 77.94 -28.76
C ARG C 197 -78.49 77.84 -29.82
N GLU C 198 -77.31 78.38 -29.52
CA GLU C 198 -76.20 78.39 -30.45
C GLU C 198 -75.03 77.62 -29.86
N PHE C 199 -74.35 76.85 -30.71
CA PHE C 199 -73.24 76.02 -30.26
C PHE C 199 -72.11 76.10 -31.28
N VAL C 200 -70.88 76.06 -30.78
CA VAL C 200 -69.69 76.11 -31.61
C VAL C 200 -68.73 75.01 -31.14
N PHE C 201 -68.35 74.12 -32.04
CA PHE C 201 -67.46 73.00 -31.74
C PHE C 201 -66.11 73.27 -32.39
N LYS C 202 -65.04 73.04 -31.64
CA LYS C 202 -63.68 73.29 -32.12
C LYS C 202 -62.77 72.20 -31.55
N ASN C 203 -62.24 71.36 -32.43
CA ASN C 203 -61.30 70.31 -32.04
C ASN C 203 -59.89 70.73 -32.43
N ILE C 204 -59.06 71.03 -31.43
CA ILE C 204 -57.70 71.48 -31.67
C ILE C 204 -56.84 71.11 -30.46
N ASP C 205 -55.63 70.64 -30.73
CA ASP C 205 -54.66 70.25 -29.70
C ASP C 205 -55.21 69.17 -28.78
N GLY C 206 -56.08 68.30 -29.30
CA GLY C 206 -56.68 67.25 -28.51
C GLY C 206 -57.88 67.67 -27.69
N TYR C 207 -58.04 68.96 -27.42
CA TYR C 207 -59.17 69.44 -26.64
C TYR C 207 -60.37 69.69 -27.55
N PHE C 208 -61.57 69.50 -26.99
CA PHE C 208 -62.82 69.74 -27.71
C PHE C 208 -63.37 71.07 -27.20
N LYS C 209 -62.92 72.16 -27.81
CA LYS C 209 -63.41 73.48 -27.43
C LYS C 209 -64.85 73.65 -27.87
N ILE C 210 -65.76 73.62 -26.90
CA ILE C 210 -67.19 73.73 -27.16
C ILE C 210 -67.71 75.02 -26.53
N TYR C 211 -68.43 75.80 -27.31
CA TYR C 211 -69.02 77.06 -26.85
C TYR C 211 -70.52 77.03 -27.04
N SER C 212 -71.24 77.65 -26.11
CA SER C 212 -72.69 77.63 -26.11
C SER C 212 -73.23 78.95 -25.58
N LYS C 213 -74.44 79.30 -26.04
CA LYS C 213 -75.12 80.50 -25.58
C LYS C 213 -76.60 80.37 -25.88
N HIS C 214 -77.44 80.71 -24.92
CA HIS C 214 -78.89 80.65 -25.05
C HIS C 214 -79.47 82.05 -24.88
N THR C 215 -80.16 82.54 -25.90
CA THR C 215 -80.78 83.86 -25.89
C THR C 215 -82.18 83.73 -26.44
N PRO C 216 -83.13 84.45 -25.86
CA PRO C 216 -84.52 84.40 -26.35
C PRO C 216 -84.67 85.16 -27.66
N ILE C 217 -85.78 84.89 -28.34
CA ILE C 217 -86.11 85.52 -29.61
C ILE C 217 -87.59 85.89 -29.63
N ASN C 218 -87.92 86.91 -30.40
CA ASN C 218 -89.30 87.35 -30.54
C ASN C 218 -89.67 87.50 -32.00
N LEU C 219 -88.67 87.73 -32.85
CA LEU C 219 -88.89 87.88 -34.27
C LEU C 219 -88.99 86.50 -34.93
N GLU C 220 -88.94 86.49 -36.26
CA GLU C 220 -89.01 85.23 -37.01
C GLU C 220 -87.85 84.34 -36.64
N ARG C 221 -88.14 83.04 -36.47
CA ARG C 221 -87.13 82.07 -36.05
C ARG C 221 -86.21 81.68 -37.19
N ASP C 222 -86.42 82.26 -38.37
CA ASP C 222 -85.61 81.97 -39.55
C ASP C 222 -84.28 82.70 -39.40
N LEU C 223 -83.39 82.16 -38.57
CA LEU C 223 -82.06 82.70 -38.32
C LEU C 223 -82.15 84.17 -37.91
N PRO C 224 -82.56 84.46 -36.68
CA PRO C 224 -82.73 85.86 -36.26
C PRO C 224 -81.41 86.61 -36.23
N GLN C 225 -81.52 87.93 -36.12
CA GLN C 225 -80.37 88.83 -36.12
C GLN C 225 -79.94 89.13 -34.68
N GLY C 226 -79.02 90.07 -34.54
CA GLY C 226 -78.49 90.44 -33.24
C GLY C 226 -77.03 90.10 -33.09
N PHE C 227 -76.53 90.27 -31.87
CA PHE C 227 -75.14 89.98 -31.53
C PHE C 227 -75.07 89.46 -30.10
N SER C 228 -74.34 88.37 -29.91
CA SER C 228 -74.16 87.79 -28.58
C SER C 228 -72.95 86.87 -28.61
N ALA C 229 -72.24 86.83 -27.49
CA ALA C 229 -71.05 86.00 -27.36
C ALA C 229 -71.39 84.65 -26.73
N LEU C 230 -70.64 83.64 -27.13
CA LEU C 230 -70.83 82.29 -26.61
C LEU C 230 -69.85 82.00 -25.49
N GLU C 231 -70.21 81.07 -24.62
CA GLU C 231 -69.42 80.78 -23.43
C GLU C 231 -68.74 79.41 -23.55
N PRO C 232 -67.51 79.28 -23.05
CA PRO C 232 -66.83 77.98 -23.10
C PRO C 232 -67.40 77.00 -22.08
N LEU C 233 -68.49 76.33 -22.47
CA LEU C 233 -69.25 75.50 -21.54
C LEU C 233 -68.43 74.33 -21.01
N VAL C 234 -67.98 73.46 -21.90
CA VAL C 234 -67.40 72.17 -21.53
C VAL C 234 -65.87 72.22 -21.53
N ASP C 235 -65.26 72.42 -22.71
CA ASP C 235 -63.81 72.47 -22.87
C ASP C 235 -63.11 71.25 -22.27
N LEU C 236 -63.33 70.07 -22.83
CA LEU C 236 -62.69 68.87 -22.32
C LEU C 236 -61.71 68.29 -23.34
N PRO C 237 -60.66 67.61 -22.86
CA PRO C 237 -59.72 66.97 -23.78
C PRO C 237 -60.17 65.56 -24.16
N ILE C 238 -60.12 65.28 -25.46
CA ILE C 238 -60.49 63.96 -25.98
C ILE C 238 -59.34 63.39 -26.78
N GLY C 239 -58.87 64.14 -27.78
CA GLY C 239 -57.69 63.77 -28.53
C GLY C 239 -57.92 62.94 -29.77
N ILE C 240 -59.16 62.66 -30.14
CA ILE C 240 -59.45 61.83 -31.30
C ILE C 240 -59.58 62.70 -32.55
N ASN C 241 -59.52 62.08 -33.73
CA ASN C 241 -59.78 62.77 -34.97
C ASN C 241 -61.28 62.92 -35.18
N ILE C 242 -61.68 64.10 -35.65
CA ILE C 242 -63.07 64.42 -35.94
C ILE C 242 -63.19 64.91 -37.37
N THR C 243 -63.87 64.13 -38.21
CA THR C 243 -64.05 64.51 -39.61
C THR C 243 -65.51 64.61 -40.05
N ARG C 244 -66.45 63.96 -39.35
CA ARG C 244 -67.86 64.06 -39.67
C ARG C 244 -68.67 64.18 -38.38
N PHE C 245 -69.76 64.94 -38.47
CA PHE C 245 -70.67 65.09 -37.35
C PHE C 245 -72.08 64.73 -37.81
N GLN C 246 -72.94 64.42 -36.84
CA GLN C 246 -74.30 64.02 -37.16
C GLN C 246 -75.22 64.38 -36.01
N THR C 247 -76.40 64.87 -36.35
CA THR C 247 -77.40 65.30 -35.37
C THR C 247 -78.54 64.31 -35.33
N LEU C 248 -78.90 63.86 -34.13
CA LEU C 248 -80.01 62.94 -33.91
C LEU C 248 -81.12 63.66 -33.16
N LEU C 249 -82.36 63.42 -33.58
CA LEU C 249 -83.53 64.03 -32.96
C LEU C 249 -84.37 62.97 -32.27
N ALA C 250 -85.17 63.42 -31.30
CA ALA C 250 -86.03 62.51 -30.56
C ALA C 250 -87.43 62.46 -31.17
N LEU C 251 -88.18 61.42 -30.80
CA LEU C 251 -89.53 61.23 -31.30
C LEU C 251 -90.28 60.31 -30.37
N HIS C 252 -91.54 60.05 -30.70
CA HIS C 252 -92.39 59.17 -29.90
C HIS C 252 -91.96 57.71 -30.06
N ALA C 269 -89.71 72.88 -33.19
CA ALA C 269 -89.39 72.64 -34.59
C ALA C 269 -88.33 71.55 -34.72
N ALA C 270 -88.15 71.06 -35.95
CA ALA C 270 -87.17 70.02 -36.25
C ALA C 270 -86.18 70.50 -37.30
N ALA C 271 -85.72 71.74 -37.17
CA ALA C 271 -84.78 72.33 -38.12
C ALA C 271 -83.63 72.94 -37.35
N TYR C 272 -82.46 73.00 -38.00
CA TYR C 272 -81.26 73.56 -37.40
C TYR C 272 -80.37 74.14 -38.48
N TYR C 273 -79.53 75.07 -38.07
CA TYR C 273 -78.61 75.76 -38.97
C TYR C 273 -77.18 75.32 -38.66
N VAL C 274 -76.45 74.92 -39.70
CA VAL C 274 -75.08 74.46 -39.58
C VAL C 274 -74.20 75.34 -40.45
N GLY C 275 -73.25 76.04 -39.81
CA GLY C 275 -72.28 76.81 -40.54
C GLY C 275 -70.87 76.33 -40.22
N TYR C 276 -69.99 76.51 -41.19
CA TYR C 276 -68.61 76.04 -41.09
C TYR C 276 -67.68 77.20 -40.76
N LEU C 277 -66.74 76.95 -39.85
CA LEU C 277 -65.82 77.99 -39.42
C LEU C 277 -64.55 78.00 -40.27
N GLN C 278 -63.94 79.17 -40.36
CA GLN C 278 -62.74 79.37 -41.16
C GLN C 278 -61.80 80.30 -40.41
N PRO C 279 -60.48 80.17 -40.61
CA PRO C 279 -59.54 81.06 -39.92
C PRO C 279 -59.57 82.47 -40.47
N ARG C 280 -60.16 83.40 -39.71
CA ARG C 280 -60.27 84.79 -40.10
C ARG C 280 -59.94 85.67 -38.91
N THR C 281 -59.31 86.82 -39.19
CA THR C 281 -58.96 87.76 -38.14
C THR C 281 -60.15 88.63 -37.81
N PHE C 282 -60.51 88.69 -36.53
CA PHE C 282 -61.64 89.47 -36.04
C PHE C 282 -61.18 90.51 -35.04
N LEU C 283 -61.90 91.62 -34.98
CA LEU C 283 -61.65 92.67 -34.00
C LEU C 283 -62.82 92.67 -33.01
N LEU C 284 -62.55 92.28 -31.78
CA LEU C 284 -63.57 92.11 -30.76
C LEU C 284 -63.55 93.29 -29.79
N LYS C 285 -64.72 93.83 -29.49
CA LYS C 285 -64.86 94.93 -28.54
C LYS C 285 -65.21 94.35 -27.17
N TYR C 286 -64.43 94.72 -26.16
CA TYR C 286 -64.64 94.26 -24.79
C TYR C 286 -65.16 95.42 -23.94
N ASN C 287 -66.37 95.26 -23.42
CA ASN C 287 -66.94 96.28 -22.55
C ASN C 287 -66.30 96.23 -21.17
N GLU C 288 -66.76 97.12 -20.30
CA GLU C 288 -66.20 97.20 -18.96
C GLU C 288 -66.48 95.94 -18.15
N ASN C 289 -67.48 95.16 -18.53
CA ASN C 289 -67.81 93.91 -17.84
C ASN C 289 -67.29 92.68 -18.58
N GLY C 290 -66.45 92.86 -19.59
CA GLY C 290 -65.86 91.75 -20.31
C GLY C 290 -66.75 91.13 -21.37
N THR C 291 -67.94 91.67 -21.60
CA THR C 291 -68.84 91.09 -22.58
C THR C 291 -68.49 91.57 -23.98
N ILE C 292 -68.31 90.64 -24.90
CA ILE C 292 -68.02 90.96 -26.29
C ILE C 292 -69.33 91.36 -26.97
N THR C 293 -69.51 92.66 -27.20
CA THR C 293 -70.75 93.17 -27.79
C THR C 293 -70.59 93.64 -29.23
N ASP C 294 -69.37 93.68 -29.76
CA ASP C 294 -69.16 94.10 -31.13
C ASP C 294 -68.01 93.30 -31.72
N ALA C 295 -68.11 93.02 -33.03
CA ALA C 295 -67.08 92.30 -33.75
C ALA C 295 -67.06 92.77 -35.20
N VAL C 296 -65.86 92.80 -35.78
CA VAL C 296 -65.67 93.20 -37.17
C VAL C 296 -64.74 92.19 -37.83
N ASP C 297 -65.23 91.56 -38.90
CA ASP C 297 -64.46 90.62 -39.70
C ASP C 297 -63.79 91.40 -40.83
N CYS C 298 -62.46 91.32 -40.91
CA CYS C 298 -61.72 92.07 -41.92
C CYS C 298 -61.69 91.35 -43.27
N ALA C 299 -62.85 90.94 -43.77
CA ALA C 299 -62.93 90.32 -45.08
C ALA C 299 -64.18 90.66 -45.86
N LEU C 300 -65.06 91.52 -45.35
CA LEU C 300 -66.33 91.78 -46.03
C LEU C 300 -66.20 92.96 -46.98
N ASP C 301 -65.73 94.11 -46.50
CA ASP C 301 -65.61 95.30 -47.31
C ASP C 301 -64.33 96.01 -46.92
N PRO C 302 -63.79 96.86 -47.80
CA PRO C 302 -62.56 97.61 -47.46
C PRO C 302 -62.70 98.44 -46.19
N LEU C 303 -63.91 98.88 -45.84
CA LEU C 303 -64.10 99.60 -44.59
C LEU C 303 -63.74 98.72 -43.40
N SER C 304 -64.06 97.42 -43.47
CA SER C 304 -63.67 96.51 -42.41
C SER C 304 -62.16 96.41 -42.28
N GLU C 305 -61.45 96.37 -43.42
CA GLU C 305 -59.99 96.35 -43.39
C GLU C 305 -59.44 97.62 -42.78
N THR C 306 -60.03 98.77 -43.12
CA THR C 306 -59.58 100.03 -42.55
C THR C 306 -59.82 100.07 -41.04
N LYS C 307 -60.95 99.53 -40.59
CA LYS C 307 -61.24 99.51 -39.15
C LYS C 307 -60.29 98.57 -38.43
N CYS C 308 -59.95 97.44 -39.06
CA CYS C 308 -59.02 96.50 -38.42
C CYS C 308 -57.61 97.07 -38.38
N THR C 309 -57.22 97.84 -39.40
CA THR C 309 -55.88 98.41 -39.42
C THR C 309 -55.72 99.50 -38.38
N LEU C 310 -56.73 100.35 -38.22
CA LEU C 310 -56.68 101.44 -37.25
C LEU C 310 -56.97 101.00 -35.83
N LYS C 311 -57.36 99.73 -35.63
CA LYS C 311 -57.64 99.19 -34.30
C LYS C 311 -58.76 99.98 -33.61
N SER C 312 -59.80 100.33 -34.37
CA SER C 312 -60.92 101.08 -33.83
C SER C 312 -62.13 100.89 -34.71
N PHE C 313 -63.30 101.15 -34.14
CA PHE C 313 -64.56 101.05 -34.87
C PHE C 313 -64.94 102.34 -35.59
N THR C 314 -64.51 103.48 -35.08
CA THR C 314 -64.77 104.78 -35.71
C THR C 314 -63.55 105.21 -36.51
N VAL C 315 -63.79 105.58 -37.77
CA VAL C 315 -62.74 105.97 -38.70
C VAL C 315 -62.92 107.44 -39.04
N GLU C 316 -61.85 108.22 -38.91
CA GLU C 316 -61.90 109.63 -39.24
C GLU C 316 -61.84 109.83 -40.76
N LYS C 317 -62.05 111.07 -41.18
CA LYS C 317 -62.06 111.39 -42.60
C LYS C 317 -60.63 111.38 -43.15
N GLY C 318 -60.43 110.68 -44.25
CA GLY C 318 -59.13 110.64 -44.88
C GLY C 318 -58.90 109.33 -45.60
N ILE C 319 -57.68 109.18 -46.10
CA ILE C 319 -57.24 107.97 -46.79
C ILE C 319 -56.40 107.15 -45.82
N TYR C 320 -56.48 105.83 -45.93
CA TYR C 320 -55.75 104.91 -45.08
C TYR C 320 -55.24 103.75 -45.92
N GLN C 321 -53.92 103.50 -45.85
CA GLN C 321 -53.32 102.40 -46.59
C GLN C 321 -53.58 101.08 -45.87
N THR C 322 -54.36 100.21 -46.48
CA THR C 322 -54.69 98.91 -45.94
C THR C 322 -53.66 97.89 -46.43
N SER C 323 -53.92 96.59 -46.39
CA SER C 323 -52.97 95.61 -46.89
C SER C 323 -52.71 95.82 -48.38
N ASN C 324 -51.60 95.24 -48.85
CA ASN C 324 -51.20 95.40 -50.23
C ASN C 324 -52.11 94.60 -51.17
N PHE C 325 -51.90 94.79 -52.46
CA PHE C 325 -52.70 94.15 -53.49
C PHE C 325 -51.85 93.16 -54.27
N ARG C 326 -52.45 92.03 -54.63
CA ARG C 326 -51.75 90.99 -55.36
C ARG C 326 -52.74 90.16 -56.15
N VAL C 327 -52.24 89.44 -57.14
CA VAL C 327 -53.05 88.57 -57.98
C VAL C 327 -52.45 87.17 -57.95
N GLN C 328 -53.32 86.16 -58.07
CA GLN C 328 -52.88 84.78 -58.05
C GLN C 328 -52.68 84.25 -59.46
N PRO C 329 -51.73 83.33 -59.65
CA PRO C 329 -51.52 82.75 -60.98
C PRO C 329 -52.72 81.93 -61.43
N THR C 330 -53.07 82.06 -62.71
CA THR C 330 -54.21 81.33 -63.25
C THR C 330 -53.91 79.86 -63.45
N GLU C 331 -52.67 79.52 -63.80
CA GLU C 331 -52.26 78.14 -64.03
C GLU C 331 -50.74 78.08 -63.93
N SER C 332 -50.17 76.96 -64.36
CA SER C 332 -48.73 76.77 -64.33
C SER C 332 -48.29 76.03 -65.59
N ILE C 333 -47.06 76.32 -66.03
CA ILE C 333 -46.51 75.72 -67.23
C ILE C 333 -45.16 75.10 -66.91
N VAL C 334 -44.76 74.11 -67.70
CA VAL C 334 -43.50 73.40 -67.53
C VAL C 334 -42.76 73.41 -68.85
N ARG C 335 -41.51 73.87 -68.83
CA ARG C 335 -40.68 73.96 -70.03
C ARG C 335 -39.33 73.32 -69.74
N PHE C 336 -39.04 72.20 -70.40
CA PHE C 336 -37.78 71.50 -70.27
C PHE C 336 -37.28 71.05 -71.64
N PRO C 337 -35.97 70.94 -71.83
CA PRO C 337 -35.43 70.61 -73.16
C PRO C 337 -35.86 69.22 -73.62
N ASN C 338 -35.62 68.97 -74.90
CA ASN C 338 -36.05 67.73 -75.55
C ASN C 338 -35.13 66.58 -75.20
N ILE C 339 -35.17 66.13 -73.95
CA ILE C 339 -34.38 64.97 -73.53
C ILE C 339 -35.29 63.79 -73.28
N THR C 340 -34.94 62.63 -73.85
CA THR C 340 -35.77 61.45 -73.69
C THR C 340 -34.96 60.18 -73.41
N ASN C 341 -33.72 60.28 -72.96
CA ASN C 341 -32.90 59.11 -72.68
C ASN C 341 -32.50 59.11 -71.21
N LEU C 342 -32.55 57.94 -70.59
CA LEU C 342 -32.22 57.82 -69.17
C LEU C 342 -30.74 58.03 -68.95
N CYS C 343 -30.37 58.24 -67.69
CA CYS C 343 -28.98 58.52 -67.32
C CYS C 343 -28.21 57.23 -67.10
N PRO C 344 -26.87 57.32 -67.07
CA PRO C 344 -26.05 56.12 -66.80
C PRO C 344 -25.96 55.78 -65.32
N PHE C 345 -26.88 56.32 -64.52
CA PHE C 345 -26.94 55.99 -63.09
C PHE C 345 -26.90 54.49 -62.86
N HIS C 346 -27.54 53.71 -63.75
CA HIS C 346 -27.56 52.26 -63.59
C HIS C 346 -26.18 51.65 -63.75
N GLU C 347 -25.23 52.39 -64.33
CA GLU C 347 -23.90 51.85 -64.57
C GLU C 347 -22.99 52.04 -63.36
N VAL C 348 -23.14 53.14 -62.62
CA VAL C 348 -22.24 53.41 -61.51
C VAL C 348 -22.56 52.54 -60.30
N PHE C 349 -23.79 52.02 -60.23
CA PHE C 349 -24.15 51.15 -59.12
C PHE C 349 -23.94 49.68 -59.46
N ASN C 350 -24.28 49.29 -60.69
CA ASN C 350 -24.23 47.90 -61.12
C ASN C 350 -22.95 47.59 -61.90
N ALA C 351 -21.85 48.27 -61.59
CA ALA C 351 -20.59 48.08 -62.31
C ALA C 351 -19.90 46.77 -61.95
N THR C 352 -20.29 46.12 -60.86
CA THR C 352 -19.75 44.83 -60.42
C THR C 352 -18.29 44.93 -60.01
N THR C 353 -17.70 46.12 -60.13
CA THR C 353 -16.33 46.38 -59.73
C THR C 353 -16.21 47.81 -59.24
N PHE C 354 -15.86 47.96 -57.96
CA PHE C 354 -15.72 49.26 -57.35
C PHE C 354 -14.27 49.49 -56.93
N ALA C 355 -13.81 50.71 -57.12
CA ALA C 355 -12.42 51.03 -56.85
C ALA C 355 -12.19 51.17 -55.35
N SER C 356 -10.92 51.38 -54.99
CA SER C 356 -10.55 51.56 -53.60
C SER C 356 -10.91 52.97 -53.12
N VAL C 357 -10.64 53.24 -51.84
CA VAL C 357 -10.97 54.53 -51.26
C VAL C 357 -9.92 55.59 -51.57
N TYR C 358 -8.69 55.19 -51.90
CA TYR C 358 -7.64 56.13 -52.24
C TYR C 358 -7.56 56.41 -53.73
N ALA C 359 -8.17 55.58 -54.56
CA ALA C 359 -8.23 55.78 -56.01
C ALA C 359 -9.67 55.72 -56.47
N TRP C 360 -10.56 56.44 -55.78
CA TRP C 360 -11.98 56.39 -56.05
C TRP C 360 -12.30 56.97 -57.43
N ASN C 361 -13.28 56.36 -58.08
CA ASN C 361 -13.72 56.81 -59.39
C ASN C 361 -14.66 58.00 -59.26
N ARG C 362 -14.74 58.80 -60.33
CA ARG C 362 -15.60 59.98 -60.37
C ARG C 362 -16.27 60.02 -61.75
N LYS C 363 -17.45 59.44 -61.85
CA LYS C 363 -18.19 59.43 -63.10
C LYS C 363 -18.92 60.74 -63.31
N ARG C 364 -18.88 61.25 -64.54
CA ARG C 364 -19.54 62.49 -64.90
C ARG C 364 -20.77 62.18 -65.75
N ILE C 365 -21.91 62.73 -65.34
CA ILE C 365 -23.19 62.44 -65.98
C ILE C 365 -23.78 63.75 -66.50
N SER C 366 -24.29 63.71 -67.74
CA SER C 366 -24.89 64.87 -68.36
C SER C 366 -25.73 64.42 -69.55
N ASN C 367 -26.55 65.34 -70.06
CA ASN C 367 -27.35 65.12 -71.26
C ASN C 367 -28.31 63.93 -71.10
N CYS C 368 -29.04 63.89 -69.99
CA CYS C 368 -29.99 62.82 -69.75
C CYS C 368 -30.95 63.24 -68.64
N VAL C 369 -32.10 62.58 -68.59
CA VAL C 369 -33.09 62.86 -67.56
C VAL C 369 -32.72 62.10 -66.30
N ALA C 370 -32.57 62.82 -65.19
CA ALA C 370 -32.15 62.22 -63.92
C ALA C 370 -33.36 61.60 -63.24
N ASP C 371 -33.71 60.39 -63.68
CA ASP C 371 -34.82 59.64 -63.11
C ASP C 371 -34.29 58.85 -61.93
N TYR C 372 -34.46 59.39 -60.72
CA TYR C 372 -33.98 58.73 -59.52
C TYR C 372 -34.87 57.59 -59.07
N SER C 373 -35.95 57.29 -59.80
CA SER C 373 -36.80 56.17 -59.43
C SER C 373 -36.14 54.83 -59.73
N VAL C 374 -35.12 54.82 -60.59
CA VAL C 374 -34.43 53.58 -60.94
C VAL C 374 -33.42 53.19 -59.87
N ILE C 375 -33.33 53.96 -58.78
CA ILE C 375 -32.37 53.65 -57.73
C ILE C 375 -33.02 52.78 -56.66
N TYR C 376 -34.31 52.99 -56.41
CA TYR C 376 -34.98 52.33 -55.29
C TYR C 376 -35.53 50.96 -55.67
N ASN C 377 -34.94 50.33 -56.70
CA ASN C 377 -35.30 48.96 -57.05
C ASN C 377 -34.12 48.01 -56.99
N PHE C 378 -32.97 48.45 -56.45
CA PHE C 378 -31.81 47.58 -56.32
C PHE C 378 -31.96 46.66 -55.12
N ALA C 379 -32.01 47.24 -53.92
CA ALA C 379 -32.07 46.49 -52.67
C ALA C 379 -32.31 47.48 -51.55
N PRO C 380 -32.83 47.02 -50.40
CA PRO C 380 -32.95 47.90 -49.23
C PRO C 380 -31.60 48.48 -48.81
N PHE C 381 -31.47 49.80 -48.92
CA PHE C 381 -30.20 50.45 -48.69
C PHE C 381 -29.85 50.49 -47.20
N PHE C 382 -28.68 51.06 -46.91
CA PHE C 382 -28.22 51.20 -45.54
C PHE C 382 -28.26 52.65 -45.06
N ALA C 383 -28.02 53.61 -45.95
CA ALA C 383 -28.03 55.01 -45.57
C ALA C 383 -28.30 55.86 -46.80
N PHE C 384 -29.16 56.87 -46.62
CA PHE C 384 -29.45 57.82 -47.69
C PHE C 384 -29.46 59.24 -47.13
N LYS C 385 -28.48 59.57 -46.30
CA LYS C 385 -28.41 60.87 -45.65
C LYS C 385 -28.00 61.96 -46.64
N CYS C 386 -28.99 62.65 -47.20
CA CYS C 386 -28.70 63.73 -48.14
C CYS C 386 -28.21 64.97 -47.40
N TYR C 387 -27.53 65.84 -48.15
CA TYR C 387 -27.01 67.08 -47.60
C TYR C 387 -27.22 68.19 -48.62
N GLY C 388 -27.74 69.33 -48.15
CA GLY C 388 -28.04 70.45 -49.01
C GLY C 388 -29.33 70.32 -49.80
N VAL C 389 -29.88 69.12 -49.93
CA VAL C 389 -31.13 68.88 -50.64
C VAL C 389 -31.96 67.88 -49.83
N SER C 390 -33.18 67.63 -50.30
CA SER C 390 -34.05 66.68 -49.64
C SER C 390 -34.21 65.43 -50.48
N PRO C 391 -34.26 64.25 -49.85
CA PRO C 391 -34.38 63.01 -50.63
C PRO C 391 -35.68 62.89 -51.41
N THR C 392 -36.70 63.68 -51.04
CA THR C 392 -38.00 63.56 -51.70
C THR C 392 -38.09 64.46 -52.94
N LYS C 393 -37.55 65.67 -52.86
CA LYS C 393 -37.68 66.64 -53.92
C LYS C 393 -36.53 66.59 -54.94
N LEU C 394 -35.87 65.44 -55.09
CA LEU C 394 -34.79 65.34 -56.07
C LEU C 394 -35.32 65.17 -57.48
N ASN C 395 -36.62 64.89 -57.62
CA ASN C 395 -37.18 64.62 -58.95
C ASN C 395 -37.27 65.89 -59.79
N ASP C 396 -38.03 66.88 -59.30
CA ASP C 396 -38.30 68.07 -60.09
C ASP C 396 -37.10 69.00 -60.22
N LEU C 397 -36.05 68.80 -59.43
CA LEU C 397 -34.89 69.68 -59.48
C LEU C 397 -34.05 69.44 -60.72
N CYS C 398 -33.06 70.31 -60.94
CA CYS C 398 -32.14 70.16 -62.06
C CYS C 398 -30.73 70.34 -61.54
N PHE C 399 -29.75 69.96 -62.36
CA PHE C 399 -28.35 70.03 -61.96
C PHE C 399 -27.50 70.44 -63.17
N THR C 400 -26.49 71.27 -62.91
CA THR C 400 -25.59 71.70 -63.96
C THR C 400 -24.63 70.57 -64.34
N ASN C 401 -23.92 70.01 -63.36
CA ASN C 401 -23.01 68.91 -63.60
C ASN C 401 -23.10 67.95 -62.42
N VAL C 402 -23.27 66.66 -62.72
CA VAL C 402 -23.46 65.64 -61.70
C VAL C 402 -22.22 64.74 -61.68
N TYR C 403 -21.66 64.54 -60.50
CA TYR C 403 -20.55 63.61 -60.29
C TYR C 403 -21.05 62.43 -59.47
N ALA C 404 -20.49 61.25 -59.75
CA ALA C 404 -20.86 60.02 -59.06
C ALA C 404 -19.59 59.35 -58.56
N ASP C 405 -19.26 59.59 -57.29
CA ASP C 405 -18.10 58.95 -56.68
C ASP C 405 -18.43 57.52 -56.29
N SER C 406 -17.40 56.68 -56.23
CA SER C 406 -17.59 55.27 -55.90
C SER C 406 -16.31 54.71 -55.31
N PHE C 407 -16.45 53.97 -54.22
CA PHE C 407 -15.33 53.32 -53.54
C PHE C 407 -15.89 52.28 -52.59
N VAL C 408 -15.01 51.63 -51.83
CA VAL C 408 -15.37 50.58 -50.89
C VAL C 408 -14.68 50.87 -49.57
N ILE C 409 -15.46 50.81 -48.48
CA ILE C 409 -14.96 50.99 -47.12
C ILE C 409 -15.61 49.96 -46.22
N ARG C 410 -15.22 49.96 -44.95
CA ARG C 410 -15.81 49.05 -43.98
C ARG C 410 -17.17 49.54 -43.54
N GLY C 411 -17.79 48.78 -42.64
CA GLY C 411 -19.10 49.17 -42.12
C GLY C 411 -19.01 50.30 -41.12
N ASN C 412 -18.03 50.24 -40.22
CA ASN C 412 -17.87 51.27 -39.20
C ASN C 412 -17.39 52.59 -39.77
N GLU C 413 -17.00 52.63 -41.04
CA GLU C 413 -16.51 53.84 -41.68
C GLU C 413 -17.54 54.50 -42.59
N VAL C 414 -18.75 53.93 -42.70
CA VAL C 414 -19.77 54.53 -43.55
C VAL C 414 -20.21 55.88 -43.00
N SER C 415 -20.21 56.04 -41.68
CA SER C 415 -20.60 57.32 -41.08
C SER C 415 -19.55 58.40 -41.36
N GLN C 416 -18.34 58.00 -41.72
CA GLN C 416 -17.26 58.96 -41.99
C GLN C 416 -17.42 59.67 -43.32
N ILE C 417 -18.37 59.26 -44.16
CA ILE C 417 -18.60 59.95 -45.43
C ILE C 417 -19.31 61.28 -45.23
N ALA C 418 -20.04 61.44 -44.14
CA ALA C 418 -20.75 62.68 -43.87
C ALA C 418 -19.78 63.84 -43.73
N PRO C 419 -20.23 65.06 -44.05
CA PRO C 419 -19.35 66.22 -43.89
C PRO C 419 -19.02 66.48 -42.44
N GLY C 420 -17.84 67.06 -42.21
CA GLY C 420 -17.38 67.37 -40.88
C GLY C 420 -16.97 66.18 -40.03
N GLN C 421 -16.89 64.99 -40.61
CA GLN C 421 -16.51 63.81 -39.85
C GLN C 421 -14.99 63.67 -39.81
N THR C 422 -14.49 63.18 -38.67
CA THR C 422 -13.07 62.96 -38.45
C THR C 422 -12.82 61.46 -38.40
N GLY C 423 -11.89 60.98 -39.22
CA GLY C 423 -11.58 59.57 -39.25
C GLY C 423 -10.50 59.28 -40.27
N ASN C 424 -10.21 57.98 -40.41
CA ASN C 424 -9.17 57.55 -41.34
C ASN C 424 -9.61 57.73 -42.79
N ILE C 425 -10.88 57.42 -43.08
CA ILE C 425 -11.38 57.55 -44.44
C ILE C 425 -11.53 59.01 -44.83
N ALA C 426 -12.00 59.83 -43.88
CA ALA C 426 -12.26 61.24 -44.19
C ALA C 426 -10.96 62.03 -44.29
N ASP C 427 -10.13 61.97 -43.25
CA ASP C 427 -8.98 62.85 -43.18
C ASP C 427 -7.80 62.35 -44.01
N TYR C 428 -7.85 61.10 -44.47
CA TYR C 428 -6.71 60.52 -45.16
C TYR C 428 -7.05 59.78 -46.45
N ASN C 429 -8.33 59.52 -46.73
CA ASN C 429 -8.67 58.78 -47.94
C ASN C 429 -9.69 59.52 -48.81
N TYR C 430 -10.69 60.14 -48.19
CA TYR C 430 -11.75 60.78 -48.94
C TYR C 430 -12.44 61.86 -48.12
N LYS C 431 -12.12 63.12 -48.37
CA LYS C 431 -12.67 64.22 -47.60
C LYS C 431 -13.74 64.95 -48.43
N LEU C 432 -14.94 65.09 -47.86
CA LEU C 432 -15.97 65.85 -48.52
C LEU C 432 -16.00 67.28 -47.98
N PRO C 433 -16.33 68.27 -48.80
CA PRO C 433 -16.41 69.65 -48.31
C PRO C 433 -17.55 69.82 -47.32
N ASP C 434 -17.42 70.83 -46.46
CA ASP C 434 -18.43 71.08 -45.44
C ASP C 434 -19.76 71.51 -46.06
N ASP C 435 -19.73 72.18 -47.20
CA ASP C 435 -20.92 72.65 -47.88
C ASP C 435 -21.38 71.71 -48.99
N PHE C 436 -21.17 70.41 -48.81
CA PHE C 436 -21.54 69.43 -49.82
C PHE C 436 -23.03 69.48 -50.12
N THR C 437 -23.37 69.43 -51.40
CA THR C 437 -24.75 69.43 -51.86
C THR C 437 -25.01 68.15 -52.63
N GLY C 438 -25.83 67.27 -52.06
CA GLY C 438 -26.13 66.01 -52.69
C GLY C 438 -26.64 64.95 -51.73
N CYS C 439 -26.33 63.69 -52.01
CA CYS C 439 -26.79 62.58 -51.18
C CYS C 439 -25.70 61.52 -51.10
N VAL C 440 -25.65 60.82 -49.97
CA VAL C 440 -24.71 59.73 -49.76
C VAL C 440 -25.48 58.42 -49.80
N ILE C 441 -25.04 57.49 -50.64
CA ILE C 441 -25.69 56.20 -50.83
C ILE C 441 -24.70 55.10 -50.48
N ALA C 442 -25.18 54.08 -49.77
CA ALA C 442 -24.34 52.96 -49.37
C ALA C 442 -25.20 51.71 -49.24
N TRP C 443 -24.61 50.57 -49.59
CA TRP C 443 -25.28 49.29 -49.46
C TRP C 443 -24.24 48.21 -49.17
N ASN C 444 -24.69 47.11 -48.58
CA ASN C 444 -23.78 46.03 -48.23
C ASN C 444 -23.44 45.20 -49.46
N SER C 445 -22.14 44.96 -49.65
CA SER C 445 -21.65 44.16 -50.77
C SER C 445 -20.78 43.01 -50.33
N ASN C 446 -21.00 42.49 -49.11
CA ASN C 446 -20.19 41.39 -48.61
C ASN C 446 -20.42 40.11 -49.41
N LYS C 447 -21.59 39.99 -50.05
CA LYS C 447 -21.90 38.81 -50.83
C LYS C 447 -21.03 38.70 -52.07
N LEU C 448 -20.53 39.82 -52.60
CA LEU C 448 -19.72 39.82 -53.81
C LEU C 448 -18.29 40.28 -53.57
N ASP C 449 -18.10 41.28 -52.71
CA ASP C 449 -16.77 41.87 -52.50
C ASP C 449 -15.90 41.05 -51.57
N SER C 450 -16.46 40.13 -50.78
CA SER C 450 -15.67 39.33 -49.86
C SER C 450 -15.35 37.97 -50.46
N LYS C 451 -14.23 37.40 -50.01
CA LYS C 451 -13.78 36.09 -50.45
C LYS C 451 -13.40 35.26 -49.23
N PRO C 452 -13.71 33.97 -49.23
CA PRO C 452 -13.36 33.13 -48.05
C PRO C 452 -11.87 33.10 -47.75
N SER C 453 -11.02 33.11 -48.77
CA SER C 453 -9.58 33.12 -48.54
C SER C 453 -9.05 34.50 -48.17
N GLY C 454 -9.83 35.54 -48.41
CA GLY C 454 -9.39 36.89 -48.10
C GLY C 454 -9.22 37.74 -49.34
N ASN C 455 -10.09 38.73 -49.53
CA ASN C 455 -10.05 39.62 -50.68
C ASN C 455 -9.28 40.87 -50.29
N TYR C 456 -8.06 41.00 -50.78
CA TYR C 456 -7.19 42.13 -50.48
C TYR C 456 -7.06 43.12 -51.63
N ASN C 457 -8.03 43.14 -52.54
CA ASN C 457 -7.96 44.07 -53.67
C ASN C 457 -8.29 45.50 -53.28
N TYR C 458 -8.78 45.73 -52.06
CA TYR C 458 -9.12 47.07 -51.59
C TYR C 458 -8.09 47.54 -50.58
N LEU C 459 -7.79 48.84 -50.61
CA LEU C 459 -6.76 49.41 -49.77
C LEU C 459 -7.23 50.77 -49.24
N TYR C 460 -6.51 51.26 -48.23
CA TYR C 460 -6.76 52.58 -47.67
C TYR C 460 -5.46 53.15 -47.13
N ARG C 461 -5.34 54.47 -47.16
CA ARG C 461 -4.16 55.16 -46.68
C ARG C 461 -4.28 55.39 -45.18
N LEU C 462 -3.22 55.07 -44.45
CA LEU C 462 -3.22 55.20 -42.99
C LEU C 462 -2.70 56.56 -42.53
N LEU C 463 -1.51 56.95 -42.97
CA LEU C 463 -0.89 58.20 -42.53
C LEU C 463 -0.32 58.94 -43.73
N ARG C 464 -0.32 60.27 -43.65
CA ARG C 464 0.25 61.12 -44.67
C ARG C 464 0.92 62.31 -43.99
N LYS C 465 1.60 63.12 -44.80
CA LYS C 465 2.29 64.29 -44.26
C LYS C 465 1.32 65.31 -43.71
N SER C 466 0.16 65.46 -44.33
CA SER C 466 -0.83 66.44 -43.89
C SER C 466 -2.23 65.91 -44.18
N LYS C 467 -3.23 66.59 -43.63
CA LYS C 467 -4.61 66.20 -43.84
C LYS C 467 -5.02 66.44 -45.29
N LEU C 468 -6.02 65.68 -45.73
CA LEU C 468 -6.49 65.80 -47.10
C LEU C 468 -7.44 66.98 -47.26
N LYS C 469 -7.26 67.72 -48.35
CA LYS C 469 -8.21 68.75 -48.73
C LYS C 469 -9.44 68.11 -49.37
N PRO C 470 -10.57 68.80 -49.39
CA PRO C 470 -11.77 68.23 -50.02
C PRO C 470 -11.56 67.97 -51.50
N PHE C 471 -12.01 66.80 -51.95
CA PHE C 471 -12.04 66.39 -53.35
C PHE C 471 -10.67 66.26 -53.98
N GLU C 472 -9.63 65.93 -53.19
CA GLU C 472 -8.32 65.66 -53.77
C GLU C 472 -8.00 64.18 -53.60
N ARG C 473 -7.34 63.60 -54.59
CA ARG C 473 -7.08 62.16 -54.63
C ARG C 473 -5.57 61.93 -54.67
N ASP C 474 -5.01 61.55 -53.52
CA ASP C 474 -3.58 61.29 -53.39
C ASP C 474 -3.34 59.81 -53.66
N ILE C 475 -3.05 59.50 -54.93
CA ILE C 475 -2.88 58.14 -55.38
C ILE C 475 -1.41 57.73 -55.28
N SER C 476 -0.60 58.60 -54.69
CA SER C 476 0.83 58.33 -54.56
C SER C 476 1.09 57.10 -53.71
N THR C 477 1.57 56.03 -54.33
CA THR C 477 1.86 54.79 -53.63
C THR C 477 3.31 54.70 -53.18
N GLU C 478 4.09 55.77 -53.33
CA GLU C 478 5.49 55.75 -52.93
C GLU C 478 5.59 55.63 -51.41
N ILE C 479 6.68 55.00 -50.96
CA ILE C 479 6.92 54.75 -49.54
C ILE C 479 6.94 56.07 -48.78
N TYR C 480 6.33 56.08 -47.60
CA TYR C 480 6.29 57.26 -46.74
C TYR C 480 7.42 57.16 -45.72
N GLN C 481 8.22 58.21 -45.65
CA GLN C 481 9.36 58.25 -44.72
C GLN C 481 8.85 58.52 -43.32
N ALA C 482 8.80 57.47 -42.49
CA ALA C 482 8.34 57.63 -41.12
C ALA C 482 9.50 57.88 -40.17
N GLY C 483 10.71 57.48 -40.54
CA GLY C 483 11.85 57.68 -39.68
C GLY C 483 12.39 59.09 -39.74
N ASN C 484 13.34 59.38 -38.83
CA ASN C 484 13.96 60.70 -38.78
C ASN C 484 15.01 60.90 -39.87
N LYS C 485 15.46 59.83 -40.51
CA LYS C 485 16.45 59.90 -41.57
C LYS C 485 15.91 59.20 -42.81
N PRO C 486 16.36 59.60 -44.00
CA PRO C 486 15.88 58.94 -45.22
C PRO C 486 16.24 57.46 -45.28
N CYS C 487 15.54 56.71 -46.12
CA CYS C 487 15.78 55.27 -46.24
C CYS C 487 15.95 54.83 -47.69
N ASN C 488 16.53 55.69 -48.53
CA ASN C 488 16.82 55.40 -49.94
C ASN C 488 15.55 55.08 -50.72
N GLY C 489 14.41 55.57 -50.25
CA GLY C 489 13.16 55.36 -50.95
C GLY C 489 12.71 53.92 -51.03
N VAL C 490 13.00 53.12 -50.01
CA VAL C 490 12.60 51.71 -49.97
C VAL C 490 12.13 51.37 -48.57
N ALA C 491 11.17 50.46 -48.48
CA ALA C 491 10.63 50.06 -47.19
C ALA C 491 11.67 49.27 -46.41
N GLY C 492 11.69 49.50 -45.10
CA GLY C 492 12.61 48.83 -44.22
C GLY C 492 12.62 49.41 -42.82
N PRO C 493 13.82 49.64 -42.27
CA PRO C 493 13.92 50.23 -40.93
C PRO C 493 13.30 51.62 -40.86
N ASN C 494 12.29 51.79 -40.01
CA ASN C 494 11.60 53.06 -39.81
C ASN C 494 10.97 53.59 -41.09
N CYS C 495 10.70 52.72 -42.06
CA CYS C 495 10.06 53.09 -43.31
C CYS C 495 9.07 52.02 -43.69
N TYR C 496 7.77 52.37 -43.67
CA TYR C 496 6.70 51.41 -43.86
C TYR C 496 5.95 51.73 -45.15
N SER C 497 5.08 50.80 -45.54
CA SER C 497 4.25 51.01 -46.71
C SER C 497 3.15 52.02 -46.39
N PRO C 498 2.80 52.91 -47.32
CA PRO C 498 1.79 53.93 -47.01
C PRO C 498 0.36 53.42 -47.01
N LEU C 499 0.08 52.34 -47.75
CA LEU C 499 -1.28 51.85 -47.91
C LEU C 499 -1.46 50.53 -47.18
N GLN C 500 -2.54 50.43 -46.41
CA GLN C 500 -2.93 49.20 -45.75
C GLN C 500 -4.10 48.57 -46.52
N SER C 501 -4.35 47.29 -46.25
CA SER C 501 -5.36 46.54 -46.98
C SER C 501 -6.46 46.09 -46.04
N TYR C 502 -7.57 45.67 -46.63
CA TYR C 502 -8.74 45.17 -45.91
C TYR C 502 -8.87 43.67 -46.12
N GLY C 503 -9.04 42.94 -45.02
CA GLY C 503 -9.28 41.51 -45.10
C GLY C 503 -10.75 41.16 -45.14
N PHE C 504 -11.43 41.50 -46.25
CA PHE C 504 -12.87 41.32 -46.34
C PHE C 504 -13.24 39.85 -46.49
N ARG C 505 -13.63 39.20 -45.37
CA ARG C 505 -14.07 37.82 -45.34
C ARG C 505 -15.55 37.75 -44.99
N PRO C 506 -16.26 36.73 -45.50
CA PRO C 506 -17.71 36.64 -45.26
C PRO C 506 -18.09 36.54 -43.79
N THR C 507 -17.30 35.83 -42.99
CA THR C 507 -17.62 35.61 -41.58
C THR C 507 -17.42 36.85 -40.73
N TYR C 508 -16.84 37.92 -41.27
CA TYR C 508 -16.60 39.13 -40.49
C TYR C 508 -17.92 39.79 -40.12
N GLY C 509 -17.88 40.62 -39.08
CA GLY C 509 -19.07 41.31 -38.64
C GLY C 509 -19.52 42.39 -39.62
N VAL C 510 -20.76 42.85 -39.41
CA VAL C 510 -21.33 43.86 -40.30
C VAL C 510 -20.51 45.15 -40.24
N GLY C 511 -19.90 45.44 -39.10
CA GLY C 511 -19.07 46.62 -38.98
C GLY C 511 -17.77 46.54 -39.75
N HIS C 512 -17.37 45.34 -40.17
CA HIS C 512 -16.14 45.14 -40.91
C HIS C 512 -16.35 44.59 -42.31
N GLN C 513 -17.60 44.38 -42.72
CA GLN C 513 -17.89 43.91 -44.07
C GLN C 513 -17.69 45.02 -45.09
N PRO C 514 -17.38 44.67 -46.33
CA PRO C 514 -17.20 45.70 -47.37
C PRO C 514 -18.51 46.38 -47.71
N TYR C 515 -18.53 47.71 -47.62
CA TYR C 515 -19.69 48.51 -47.94
C TYR C 515 -19.36 49.45 -49.09
N ARG C 516 -20.01 49.25 -50.23
CA ARG C 516 -19.84 50.14 -51.35
C ARG C 516 -20.61 51.44 -51.14
N VAL C 517 -19.94 52.56 -51.39
CA VAL C 517 -20.50 53.89 -51.14
C VAL C 517 -20.50 54.67 -52.44
N VAL C 518 -21.63 55.30 -52.75
CA VAL C 518 -21.78 56.15 -53.93
C VAL C 518 -22.22 57.52 -53.46
N VAL C 519 -21.43 58.54 -53.78
CA VAL C 519 -21.70 59.92 -53.36
C VAL C 519 -22.01 60.74 -54.60
N LEU C 520 -23.23 61.25 -54.67
CA LEU C 520 -23.67 62.07 -55.79
C LEU C 520 -23.48 63.54 -55.44
N SER C 521 -22.52 64.18 -56.10
CA SER C 521 -22.26 65.60 -55.93
C SER C 521 -23.05 66.39 -56.96
N PHE C 522 -23.80 67.38 -56.49
CA PHE C 522 -24.69 68.17 -57.34
C PHE C 522 -24.20 69.61 -57.37
N GLU C 523 -23.92 70.11 -58.58
CA GLU C 523 -23.52 71.50 -58.76
C GLU C 523 -24.73 72.35 -59.16
N LEU C 524 -25.67 72.44 -58.23
CA LEU C 524 -26.91 73.19 -58.46
C LEU C 524 -26.65 74.66 -58.16
N LEU C 525 -26.71 75.49 -59.20
CA LEU C 525 -26.48 76.93 -59.05
C LEU C 525 -27.15 77.64 -60.23
N HIS C 526 -27.01 78.97 -60.23
CA HIS C 526 -27.61 79.79 -61.27
C HIS C 526 -26.81 79.71 -62.56
N ALA C 527 -27.07 78.68 -63.36
CA ALA C 527 -26.37 78.46 -64.62
C ALA C 527 -27.23 77.55 -65.48
N PRO C 528 -27.06 77.60 -66.81
CA PRO C 528 -27.81 76.68 -67.69
C PRO C 528 -27.46 75.23 -67.37
N ALA C 529 -28.46 74.49 -66.90
CA ALA C 529 -28.23 73.11 -66.47
C ALA C 529 -28.42 72.14 -67.64
N THR C 530 -27.76 70.99 -67.53
CA THR C 530 -27.87 69.93 -68.52
C THR C 530 -28.51 68.66 -67.97
N VAL C 531 -28.68 68.56 -66.66
CA VAL C 531 -29.28 67.39 -66.03
C VAL C 531 -30.55 67.83 -65.31
N CYS C 532 -31.63 67.09 -65.51
CA CYS C 532 -32.91 67.43 -64.92
C CYS C 532 -33.73 66.17 -64.74
N GLY C 533 -34.89 66.33 -64.10
CA GLY C 533 -35.79 65.22 -63.85
C GLY C 533 -36.85 65.08 -64.93
N PRO C 534 -37.35 63.86 -65.11
CA PRO C 534 -38.37 63.63 -66.14
C PRO C 534 -39.75 64.09 -65.69
N LYS C 535 -40.40 64.89 -66.52
CA LYS C 535 -41.74 65.39 -66.23
C LYS C 535 -42.39 65.82 -67.54
N LYS C 536 -43.72 65.75 -67.56
CA LYS C 536 -44.50 66.08 -68.75
C LYS C 536 -44.57 67.61 -68.90
N SER C 537 -43.84 68.14 -69.89
CA SER C 537 -43.88 69.56 -70.15
C SER C 537 -45.21 69.95 -70.79
N THR C 538 -45.65 71.18 -70.53
CA THR C 538 -46.92 71.67 -71.04
C THR C 538 -46.68 72.75 -72.09
N ASN C 539 -47.78 73.26 -72.66
CA ASN C 539 -47.71 74.25 -73.71
C ASN C 539 -47.30 75.62 -73.15
N LEU C 540 -47.12 76.59 -74.05
CA LEU C 540 -46.77 77.94 -73.63
C LEU C 540 -48.00 78.83 -73.60
N VAL C 541 -47.99 79.78 -72.66
CA VAL C 541 -49.11 80.70 -72.46
C VAL C 541 -48.60 82.12 -72.66
N LYS C 542 -49.36 82.93 -73.39
CA LYS C 542 -48.97 84.28 -73.73
C LYS C 542 -49.83 85.29 -72.99
N ASN C 543 -49.18 86.28 -72.37
CA ASN C 543 -49.85 87.43 -71.74
C ASN C 543 -50.81 87.01 -70.63
N LYS C 544 -50.40 86.04 -69.82
CA LYS C 544 -51.19 85.62 -68.66
C LYS C 544 -50.25 85.35 -67.49
N CYS C 545 -50.75 85.65 -66.28
CA CYS C 545 -49.95 85.46 -65.09
C CYS C 545 -49.99 84.01 -64.63
N VAL C 546 -48.87 83.31 -64.80
CA VAL C 546 -48.76 81.90 -64.47
C VAL C 546 -47.46 81.68 -63.71
N ASN C 547 -47.27 80.45 -63.24
CA ASN C 547 -46.00 80.05 -62.65
C ASN C 547 -45.19 79.26 -63.66
N PHE C 548 -44.11 79.87 -64.14
CA PHE C 548 -43.31 79.30 -65.22
C PHE C 548 -42.18 78.45 -64.65
N ASN C 549 -41.72 77.50 -65.47
CA ASN C 549 -40.61 76.62 -65.12
C ASN C 549 -39.77 76.40 -66.37
N PHE C 550 -38.69 77.18 -66.51
CA PHE C 550 -37.83 77.13 -67.69
C PHE C 550 -36.50 76.47 -67.31
N ASN C 551 -36.47 75.14 -67.39
CA ASN C 551 -35.26 74.37 -67.18
C ASN C 551 -34.61 74.65 -65.83
N GLY C 552 -35.39 74.55 -64.76
CA GLY C 552 -34.81 74.62 -63.43
C GLY C 552 -35.14 75.87 -62.64
N LEU C 553 -35.25 77.00 -63.32
CA LEU C 553 -35.62 78.24 -62.63
C LEU C 553 -37.11 78.49 -62.74
N THR C 554 -37.70 79.04 -61.68
CA THR C 554 -39.13 79.29 -61.68
C THR C 554 -39.40 80.70 -61.17
N GLY C 555 -40.67 81.07 -61.14
CA GLY C 555 -41.05 82.38 -60.67
C GLY C 555 -42.49 82.67 -61.00
N THR C 556 -42.89 83.92 -60.78
CA THR C 556 -44.23 84.38 -61.06
C THR C 556 -44.15 85.68 -61.87
N GLY C 557 -44.73 85.66 -63.06
CA GLY C 557 -44.69 86.84 -63.91
C GLY C 557 -45.53 86.62 -65.16
N VAL C 558 -45.41 87.57 -66.08
CA VAL C 558 -46.13 87.55 -67.34
C VAL C 558 -45.17 87.08 -68.43
N LEU C 559 -45.60 86.11 -69.22
CA LEU C 559 -44.80 85.58 -70.32
C LEU C 559 -45.23 86.24 -71.63
N THR C 560 -44.41 87.17 -72.11
CA THR C 560 -44.72 87.93 -73.31
C THR C 560 -43.66 87.65 -74.37
N GLU C 561 -44.06 87.76 -75.64
CA GLU C 561 -43.14 87.54 -76.75
C GLU C 561 -42.08 88.65 -76.79
N SER C 562 -40.84 88.28 -76.49
CA SER C 562 -39.77 89.26 -76.44
C SER C 562 -39.31 89.65 -77.84
N ASN C 563 -38.62 90.79 -77.92
CA ASN C 563 -38.06 91.30 -79.16
C ASN C 563 -36.55 91.44 -79.11
N LYS C 564 -35.90 91.01 -78.03
CA LYS C 564 -34.45 91.12 -77.92
C LYS C 564 -33.76 90.13 -78.85
N LYS C 565 -32.43 90.17 -78.83
CA LYS C 565 -31.60 89.32 -79.69
C LYS C 565 -30.72 88.44 -78.79
N PHE C 566 -31.13 87.19 -78.62
CA PHE C 566 -30.35 86.25 -77.82
C PHE C 566 -29.38 85.48 -78.70
N LEU C 567 -28.15 85.34 -78.23
CA LEU C 567 -27.18 84.50 -78.90
C LEU C 567 -27.48 83.03 -78.62
N PRO C 568 -27.10 82.14 -79.54
CA PRO C 568 -27.32 80.71 -79.31
C PRO C 568 -26.63 80.19 -78.05
N PHE C 569 -25.60 80.89 -77.58
CA PHE C 569 -24.89 80.45 -76.39
C PHE C 569 -25.56 80.92 -75.10
N GLN C 570 -26.52 81.84 -75.20
CA GLN C 570 -27.21 82.40 -74.05
C GLN C 570 -28.59 81.79 -73.95
N GLN C 571 -28.93 81.29 -72.76
CA GLN C 571 -30.22 80.65 -72.53
C GLN C 571 -31.17 81.50 -71.69
N PHE C 572 -30.67 82.52 -70.99
CA PHE C 572 -31.51 83.40 -70.20
C PHE C 572 -30.78 84.71 -69.98
N GLY C 573 -31.54 85.75 -69.63
CA GLY C 573 -31.00 87.07 -69.41
C GLY C 573 -31.20 87.51 -67.97
N ARG C 574 -30.45 88.53 -67.57
CA ARG C 574 -30.51 89.08 -66.23
C ARG C 574 -30.32 90.58 -66.29
N ASP C 575 -31.18 91.32 -65.58
CA ASP C 575 -31.15 92.77 -65.61
C ASP C 575 -30.24 93.30 -64.50
N ILE C 576 -30.33 94.62 -64.27
CA ILE C 576 -29.46 95.27 -63.28
C ILE C 576 -29.77 94.81 -61.87
N ALA C 577 -31.01 94.39 -61.60
CA ALA C 577 -31.40 93.95 -60.27
C ALA C 577 -30.89 92.56 -59.92
N ASP C 578 -30.04 91.97 -60.77
CA ASP C 578 -29.47 90.64 -60.54
C ASP C 578 -30.57 89.58 -60.41
N THR C 579 -31.66 89.78 -61.14
CA THR C 579 -32.78 88.83 -61.16
C THR C 579 -33.11 88.47 -62.60
N THR C 580 -33.74 87.32 -62.78
CA THR C 580 -34.08 86.85 -64.12
C THR C 580 -35.20 87.70 -64.72
N ASP C 581 -34.92 88.28 -65.89
CA ASP C 581 -35.91 89.07 -66.60
C ASP C 581 -36.23 88.54 -68.00
N ALA C 582 -35.39 87.67 -68.56
CA ALA C 582 -35.66 87.05 -69.84
C ALA C 582 -34.99 85.69 -69.89
N VAL C 583 -35.60 84.78 -70.63
CA VAL C 583 -35.10 83.40 -70.72
C VAL C 583 -35.46 82.85 -72.09
N ARG C 584 -34.51 82.12 -72.70
CA ARG C 584 -34.76 81.44 -73.95
C ARG C 584 -35.45 80.12 -73.69
N ASP C 585 -36.46 79.81 -74.50
CA ASP C 585 -37.19 78.55 -74.39
C ASP C 585 -36.23 77.38 -74.53
N PRO C 586 -36.20 76.45 -73.59
CA PRO C 586 -35.35 75.26 -73.75
C PRO C 586 -35.73 74.41 -74.96
N GLN C 587 -37.01 74.37 -75.33
CA GLN C 587 -37.45 73.55 -76.45
C GLN C 587 -37.23 74.27 -77.77
N THR C 588 -37.90 75.41 -77.97
CA THR C 588 -37.81 76.13 -79.22
C THR C 588 -36.89 77.35 -79.09
N LEU C 589 -36.61 77.97 -80.23
CA LEU C 589 -35.75 79.15 -80.25
C LEU C 589 -36.48 80.43 -79.89
N GLU C 590 -37.66 80.35 -79.27
CA GLU C 590 -38.42 81.55 -78.94
C GLU C 590 -37.87 82.20 -77.68
N ILE C 591 -37.77 83.53 -77.71
CA ILE C 591 -37.30 84.33 -76.58
C ILE C 591 -38.49 85.07 -75.99
N LEU C 592 -38.62 85.02 -74.66
CA LEU C 592 -39.70 85.68 -73.96
C LEU C 592 -39.16 86.43 -72.76
N ASP C 593 -39.70 87.63 -72.53
CA ASP C 593 -39.31 88.46 -71.40
C ASP C 593 -40.19 88.15 -70.20
N ILE C 594 -39.60 88.14 -69.01
CA ILE C 594 -40.32 87.86 -67.77
C ILE C 594 -40.59 89.19 -67.08
N THR C 595 -41.86 89.59 -67.03
CA THR C 595 -42.26 90.82 -66.39
C THR C 595 -43.12 90.51 -65.17
N PRO C 596 -42.89 91.19 -64.05
CA PRO C 596 -43.67 90.90 -62.84
C PRO C 596 -45.14 91.24 -63.02
N CYS C 597 -45.98 90.46 -62.36
CA CYS C 597 -47.43 90.63 -62.49
C CYS C 597 -47.91 91.84 -61.69
N SER C 598 -49.20 92.13 -61.82
CA SER C 598 -49.78 93.32 -61.21
C SER C 598 -49.66 93.26 -59.69
N PHE C 599 -49.01 94.26 -59.11
CA PHE C 599 -48.85 94.37 -57.67
C PHE C 599 -49.01 95.83 -57.27
N GLY C 600 -49.20 96.05 -55.97
CA GLY C 600 -49.35 97.40 -55.47
C GLY C 600 -49.96 97.42 -54.08
N GLY C 601 -50.72 98.47 -53.81
CA GLY C 601 -51.37 98.61 -52.52
C GLY C 601 -52.76 99.17 -52.68
N VAL C 602 -53.58 98.92 -51.66
CA VAL C 602 -54.97 99.36 -51.64
C VAL C 602 -55.13 100.40 -50.53
N SER C 603 -55.45 101.63 -50.92
CA SER C 603 -55.76 102.70 -49.99
C SER C 603 -57.24 103.03 -50.08
N VAL C 604 -57.95 102.90 -48.96
CA VAL C 604 -59.39 103.06 -48.92
C VAL C 604 -59.73 104.52 -48.59
N ILE C 605 -60.61 105.12 -49.36
CA ILE C 605 -61.04 106.49 -49.14
C ILE C 605 -62.20 106.47 -48.15
N THR C 606 -61.96 106.95 -46.93
CA THR C 606 -62.96 106.95 -45.87
C THR C 606 -63.43 108.37 -45.62
N PRO C 607 -64.70 108.69 -45.92
CA PRO C 607 -65.20 110.04 -45.65
C PRO C 607 -65.64 110.23 -44.20
N GLY C 608 -65.28 109.27 -43.34
CA GLY C 608 -65.69 109.32 -41.96
C GLY C 608 -66.87 108.41 -41.66
N THR C 609 -66.71 107.52 -40.68
CA THR C 609 -67.79 106.61 -40.33
C THR C 609 -68.98 107.36 -39.76
N ASN C 610 -68.73 108.48 -39.06
CA ASN C 610 -69.82 109.26 -38.50
C ASN C 610 -70.74 109.81 -39.58
N THR C 611 -70.21 110.05 -40.78
CA THR C 611 -71.01 110.56 -41.89
C THR C 611 -71.69 109.44 -42.66
N SER C 612 -70.91 108.50 -43.19
CA SER C 612 -71.44 107.40 -43.97
C SER C 612 -70.41 106.28 -44.04
N ASN C 613 -70.89 105.07 -44.28
CA ASN C 613 -70.02 103.91 -44.42
C ASN C 613 -69.55 103.67 -45.84
N GLN C 614 -70.09 104.41 -46.81
CA GLN C 614 -69.66 104.26 -48.19
C GLN C 614 -68.22 104.75 -48.36
N VAL C 615 -67.39 103.89 -48.95
CA VAL C 615 -65.96 104.17 -49.10
C VAL C 615 -65.54 103.89 -50.54
N ALA C 616 -64.40 104.46 -50.92
CA ALA C 616 -63.80 104.24 -52.22
C ALA C 616 -62.42 103.63 -52.04
N VAL C 617 -61.91 103.02 -53.11
CA VAL C 617 -60.64 102.31 -53.07
C VAL C 617 -59.71 102.92 -54.12
N LEU C 618 -58.41 102.93 -53.81
CA LEU C 618 -57.38 103.43 -54.72
C LEU C 618 -56.28 102.39 -54.80
N TYR C 619 -56.24 101.63 -55.89
CA TYR C 619 -55.19 100.65 -56.11
C TYR C 619 -53.97 101.37 -56.68
N GLN C 620 -52.99 101.63 -55.81
CA GLN C 620 -51.85 102.46 -56.19
C GLN C 620 -51.02 101.78 -57.27
N GLY C 621 -50.77 102.50 -58.37
CA GLY C 621 -49.86 102.07 -59.40
C GLY C 621 -50.44 101.16 -60.47
N VAL C 622 -51.57 100.51 -60.21
CA VAL C 622 -52.12 99.56 -61.17
C VAL C 622 -53.02 100.30 -62.17
N ASN C 623 -53.33 99.63 -63.27
CA ASN C 623 -54.21 100.16 -64.30
C ASN C 623 -55.59 99.53 -64.17
N CYS C 624 -56.62 100.27 -64.59
CA CYS C 624 -57.98 99.77 -64.48
C CYS C 624 -58.27 98.60 -65.40
N THR C 625 -57.34 98.26 -66.31
CA THR C 625 -57.57 97.15 -67.23
C THR C 625 -57.13 95.82 -66.64
N GLU C 626 -56.13 95.82 -65.77
CA GLU C 626 -55.60 94.59 -65.20
C GLU C 626 -56.27 94.18 -63.89
N VAL C 627 -57.11 95.03 -63.33
CA VAL C 627 -57.82 94.71 -62.08
C VAL C 627 -58.89 93.66 -62.39
N PRO C 628 -59.19 92.76 -61.44
CA PRO C 628 -60.21 91.73 -61.66
C PRO C 628 -61.62 92.31 -61.66
N SER C 647 -69.77 101.51 -58.71
CA SER C 647 -69.56 100.53 -59.76
C SER C 647 -68.71 101.11 -60.89
N ASN C 648 -68.52 102.43 -60.87
CA ASN C 648 -67.73 103.09 -61.89
C ASN C 648 -66.24 103.00 -61.56
N VAL C 649 -65.42 103.25 -62.57
CA VAL C 649 -63.96 103.22 -62.43
C VAL C 649 -63.40 104.52 -62.95
N PHE C 650 -62.18 104.85 -62.49
CA PHE C 650 -61.50 106.07 -62.91
C PHE C 650 -60.00 105.84 -62.79
N GLN C 651 -59.28 105.98 -63.90
CA GLN C 651 -57.84 105.74 -63.93
C GLN C 651 -57.11 107.08 -63.85
N THR C 652 -56.63 107.40 -62.66
CA THR C 652 -55.78 108.57 -62.50
C THR C 652 -54.31 108.13 -62.43
N ARG C 653 -53.42 109.13 -62.38
CA ARG C 653 -51.99 108.82 -62.33
C ARG C 653 -51.59 108.15 -61.03
N ALA C 654 -52.42 108.25 -59.99
CA ALA C 654 -52.13 107.60 -58.72
C ALA C 654 -52.59 106.15 -58.68
N GLY C 655 -53.54 105.77 -59.51
CA GLY C 655 -54.03 104.41 -59.53
C GLY C 655 -55.45 104.37 -60.09
N CYS C 656 -56.04 103.18 -59.99
CA CYS C 656 -57.41 102.99 -60.47
C CYS C 656 -58.39 103.28 -59.33
N LEU C 657 -59.12 104.38 -59.46
CA LEU C 657 -60.09 104.81 -58.45
C LEU C 657 -61.44 104.16 -58.79
N ILE C 658 -61.86 103.23 -57.93
CA ILE C 658 -63.12 102.51 -58.11
C ILE C 658 -64.06 102.91 -56.99
N GLY C 659 -65.28 103.27 -57.35
CA GLY C 659 -66.29 103.63 -56.39
C GLY C 659 -66.54 105.11 -56.22
N ALA C 660 -65.90 105.96 -57.03
CA ALA C 660 -66.08 107.40 -56.96
C ALA C 660 -66.01 107.98 -58.37
N GLU C 661 -67.11 108.58 -58.81
CA GLU C 661 -67.15 109.17 -60.14
C GLU C 661 -66.36 110.48 -60.16
N TYR C 662 -65.89 110.86 -61.34
CA TYR C 662 -65.10 112.07 -61.50
C TYR C 662 -65.98 113.22 -61.97
N VAL C 663 -65.79 114.39 -61.38
CA VAL C 663 -66.52 115.60 -61.75
C VAL C 663 -65.52 116.66 -62.16
N ASN C 664 -65.96 117.59 -63.01
CA ASN C 664 -65.10 118.65 -63.52
C ASN C 664 -65.12 119.90 -62.67
N ASN C 665 -65.66 119.84 -61.45
CA ASN C 665 -65.74 121.01 -60.59
C ASN C 665 -64.36 121.32 -60.00
N SER C 666 -64.29 122.36 -59.17
CA SER C 666 -63.01 122.81 -58.64
C SER C 666 -63.11 123.06 -57.13
N TYR C 667 -63.67 122.11 -56.40
CA TYR C 667 -63.74 122.25 -54.95
C TYR C 667 -62.36 122.17 -54.33
N GLU C 668 -62.29 122.51 -53.05
CA GLU C 668 -61.03 122.40 -52.31
C GLU C 668 -60.72 120.94 -52.03
N CYS C 669 -59.42 120.64 -51.91
CA CYS C 669 -58.97 119.27 -51.69
C CYS C 669 -59.31 118.82 -50.28
N ASP C 670 -60.29 117.91 -50.16
CA ASP C 670 -60.67 117.38 -48.85
C ASP C 670 -59.82 116.17 -48.48
N ILE C 671 -59.85 115.15 -49.33
CA ILE C 671 -59.10 113.91 -49.11
C ILE C 671 -58.03 113.81 -50.19
N PRO C 672 -56.74 113.87 -49.84
CA PRO C 672 -55.67 113.81 -50.85
C PRO C 672 -55.57 112.43 -51.47
N ILE C 673 -55.74 112.37 -52.79
CA ILE C 673 -55.60 111.11 -53.53
C ILE C 673 -54.26 111.02 -54.24
N GLY C 674 -53.81 112.11 -54.85
CA GLY C 674 -52.53 112.13 -55.52
C GLY C 674 -52.58 112.66 -56.93
N ALA C 675 -51.45 113.21 -57.41
CA ALA C 675 -51.32 113.73 -58.77
C ALA C 675 -52.34 114.83 -59.06
N GLY C 676 -52.69 115.62 -58.06
CA GLY C 676 -53.62 116.71 -58.24
C GLY C 676 -55.08 116.33 -58.22
N ILE C 677 -55.42 115.13 -57.72
CA ILE C 677 -56.80 114.67 -57.63
C ILE C 677 -57.16 114.50 -56.16
N CYS C 678 -58.37 114.94 -55.80
CA CYS C 678 -58.88 114.75 -54.45
C CYS C 678 -60.35 114.40 -54.52
N ALA C 679 -60.84 113.78 -53.44
CA ALA C 679 -62.21 113.32 -53.36
C ALA C 679 -62.85 113.79 -52.07
N SER C 680 -64.18 113.77 -52.04
CA SER C 680 -64.93 114.18 -50.87
C SER C 680 -66.34 113.62 -50.95
N TYR C 681 -67.06 113.70 -49.84
CA TYR C 681 -68.44 113.24 -49.76
C TYR C 681 -69.36 114.43 -49.99
N GLN C 682 -70.20 114.35 -51.02
CA GLN C 682 -71.09 115.45 -51.38
C GLN C 682 -72.37 114.88 -51.99
N THR C 683 -73.49 115.47 -51.60
CA THR C 683 -74.79 115.05 -52.11
C THR C 683 -75.00 115.55 -53.55
N GLN C 697 -74.14 112.17 -50.50
CA GLN C 697 -74.85 111.03 -51.07
C GLN C 697 -73.88 110.02 -51.68
N SER C 698 -72.90 110.53 -52.43
CA SER C 698 -71.91 109.69 -53.08
C SER C 698 -70.58 110.42 -53.11
N ILE C 699 -69.50 109.64 -53.02
CA ILE C 699 -68.15 110.21 -53.06
C ILE C 699 -67.79 110.54 -54.50
N ILE C 700 -67.36 111.78 -54.72
CA ILE C 700 -67.00 112.25 -56.05
C ILE C 700 -65.52 112.61 -56.06
N ALA C 701 -64.89 112.42 -57.22
CA ALA C 701 -63.48 112.76 -57.42
C ALA C 701 -63.41 114.01 -58.29
N TYR C 702 -62.41 114.85 -58.03
CA TYR C 702 -62.29 116.11 -58.73
C TYR C 702 -60.83 116.55 -58.76
N THR C 703 -60.52 117.40 -59.72
CA THR C 703 -59.21 118.04 -59.77
C THR C 703 -59.16 119.17 -58.75
N MET C 704 -58.22 119.08 -57.80
CA MET C 704 -58.17 120.05 -56.72
C MET C 704 -57.82 121.43 -57.26
N SER C 705 -58.55 122.45 -56.79
CA SER C 705 -58.30 123.82 -57.20
C SER C 705 -57.29 124.48 -56.27
N LEU C 706 -56.53 125.41 -56.84
CA LEU C 706 -55.46 126.10 -56.10
C LEU C 706 -55.94 127.39 -55.45
N GLY C 707 -57.25 127.54 -55.25
CA GLY C 707 -57.81 128.75 -54.68
C GLY C 707 -58.58 129.56 -55.71
N ALA C 708 -59.27 130.58 -55.20
CA ALA C 708 -60.07 131.44 -56.07
C ALA C 708 -59.19 132.35 -56.90
N GLU C 709 -59.63 132.64 -58.11
CA GLU C 709 -58.88 133.52 -59.00
C GLU C 709 -59.12 134.98 -58.65
N ASN C 710 -58.11 135.81 -58.88
CA ASN C 710 -58.19 137.24 -58.56
C ASN C 710 -57.49 138.00 -59.68
N SER C 711 -58.27 138.66 -60.53
CA SER C 711 -57.73 139.48 -61.60
C SER C 711 -57.72 140.93 -61.13
N VAL C 712 -56.55 141.41 -60.71
CA VAL C 712 -56.43 142.78 -60.22
C VAL C 712 -56.49 143.75 -61.39
N ALA C 713 -56.93 144.98 -61.10
CA ALA C 713 -57.05 146.02 -62.13
C ALA C 713 -55.80 146.91 -62.14
N TYR C 714 -54.69 146.30 -62.55
CA TYR C 714 -53.43 147.01 -62.63
C TYR C 714 -53.43 147.97 -63.83
N SER C 715 -52.75 149.10 -63.66
CA SER C 715 -52.67 150.12 -64.69
C SER C 715 -51.43 150.96 -64.46
N ASN C 716 -51.26 151.98 -65.31
CA ASN C 716 -50.13 152.89 -65.16
C ASN C 716 -50.18 153.66 -63.85
N ASN C 717 -51.37 154.09 -63.43
CA ASN C 717 -51.49 154.93 -62.25
C ASN C 717 -52.61 154.47 -61.31
N SER C 718 -52.79 153.16 -61.13
CA SER C 718 -53.82 152.62 -60.25
C SER C 718 -53.18 152.20 -58.93
N ILE C 719 -53.71 152.72 -57.82
CA ILE C 719 -53.22 152.40 -56.50
C ILE C 719 -54.41 152.13 -55.59
N ALA C 720 -54.18 151.31 -54.56
CA ALA C 720 -55.21 150.95 -53.59
C ALA C 720 -54.72 151.26 -52.20
N ILE C 721 -55.48 152.08 -51.48
CA ILE C 721 -55.14 152.44 -50.10
C ILE C 721 -56.30 152.03 -49.20
N PRO C 722 -56.06 151.25 -48.14
CA PRO C 722 -57.16 150.77 -47.29
C PRO C 722 -57.72 151.91 -46.44
N THR C 723 -59.05 151.95 -46.34
CA THR C 723 -59.74 152.96 -45.54
C THR C 723 -60.09 152.46 -44.15
N ASN C 724 -59.91 151.17 -43.88
CA ASN C 724 -60.23 150.61 -42.57
C ASN C 724 -59.24 149.48 -42.27
N PHE C 725 -59.43 148.84 -41.13
CA PHE C 725 -58.55 147.74 -40.73
C PHE C 725 -59.27 146.88 -39.69
N THR C 726 -58.89 145.61 -39.65
CA THR C 726 -59.45 144.63 -38.72
C THR C 726 -58.32 143.93 -37.98
N ILE C 727 -58.29 144.08 -36.66
CA ILE C 727 -57.30 143.39 -35.85
C ILE C 727 -57.75 141.96 -35.61
N SER C 728 -56.85 141.01 -35.83
CA SER C 728 -57.17 139.59 -35.69
C SER C 728 -56.10 138.90 -34.86
N VAL C 729 -56.49 137.82 -34.20
CA VAL C 729 -55.59 137.02 -33.37
C VAL C 729 -55.50 135.62 -33.97
N THR C 730 -54.29 135.11 -34.10
CA THR C 730 -54.03 133.80 -34.69
C THR C 730 -53.34 132.91 -33.68
N THR C 731 -53.69 131.63 -33.68
CA THR C 731 -53.13 130.65 -32.77
C THR C 731 -52.10 129.79 -33.49
N GLU C 732 -50.93 129.62 -32.87
CA GLU C 732 -49.86 128.80 -33.42
C GLU C 732 -49.40 127.83 -32.32
N ILE C 733 -49.45 126.54 -32.62
CA ILE C 733 -49.09 125.50 -31.67
C ILE C 733 -47.75 124.90 -32.06
N LEU C 734 -46.83 124.83 -31.10
CA LEU C 734 -45.49 124.28 -31.32
C LEU C 734 -45.12 123.38 -30.15
N PRO C 735 -44.80 122.12 -30.39
CA PRO C 735 -44.38 121.24 -29.29
C PRO C 735 -43.03 121.67 -28.73
N VAL C 736 -42.84 121.48 -27.43
CA VAL C 736 -41.59 121.83 -26.76
C VAL C 736 -40.86 120.62 -26.20
N SER C 737 -41.55 119.56 -25.80
CA SER C 737 -40.90 118.41 -25.21
C SER C 737 -41.79 117.18 -25.36
N MET C 738 -41.25 116.03 -24.98
CA MET C 738 -42.00 114.78 -24.99
C MET C 738 -41.72 114.04 -23.69
N THR C 739 -42.47 112.96 -23.49
CA THR C 739 -42.39 112.19 -22.25
C THR C 739 -41.03 111.50 -22.14
N LYS C 740 -40.27 111.87 -21.10
CA LYS C 740 -38.97 111.26 -20.89
C LYS C 740 -39.12 109.84 -20.39
N THR C 741 -38.34 108.92 -20.96
CA THR C 741 -38.40 107.52 -20.62
C THR C 741 -37.01 107.02 -20.21
N SER C 742 -36.99 106.15 -19.21
CA SER C 742 -35.77 105.49 -18.76
C SER C 742 -36.02 103.99 -18.68
N VAL C 743 -35.36 103.25 -19.56
CA VAL C 743 -35.60 101.81 -19.71
C VAL C 743 -34.40 101.06 -19.14
N ASP C 744 -34.68 100.11 -18.25
CA ASP C 744 -33.64 99.24 -17.70
C ASP C 744 -33.32 98.17 -18.74
N CYS C 745 -32.06 98.10 -19.15
CA CYS C 745 -31.65 97.15 -20.18
C CYS C 745 -31.76 95.71 -19.69
N THR C 746 -31.21 95.43 -18.51
CA THR C 746 -31.19 94.06 -17.99
C THR C 746 -32.60 93.58 -17.66
N MET C 747 -33.43 94.46 -17.10
CA MET C 747 -34.78 94.05 -16.75
C MET C 747 -35.63 93.82 -18.00
N TYR C 748 -35.37 94.59 -19.06
CA TYR C 748 -36.14 94.41 -20.29
C TYR C 748 -35.70 93.16 -21.04
N ILE C 749 -34.39 92.96 -21.19
CA ILE C 749 -33.90 91.82 -21.95
C ILE C 749 -33.95 90.54 -21.12
N CYS C 750 -33.51 90.61 -19.86
CA CYS C 750 -33.37 89.44 -19.02
C CYS C 750 -34.09 89.60 -17.68
N GLY C 751 -35.34 90.05 -17.70
CA GLY C 751 -36.06 90.24 -16.45
C GLY C 751 -36.38 88.91 -15.78
N ASP C 752 -36.13 88.85 -14.47
CA ASP C 752 -36.43 87.67 -13.66
C ASP C 752 -35.72 86.43 -14.18
N SER C 753 -34.43 86.58 -14.49
CA SER C 753 -33.62 85.45 -14.97
C SER C 753 -32.16 85.75 -14.67
N THR C 754 -31.57 85.02 -13.72
CA THR C 754 -30.18 85.25 -13.36
C THR C 754 -29.23 84.72 -14.43
N GLU C 755 -29.53 83.55 -15.01
CA GLU C 755 -28.67 82.98 -16.03
C GLU C 755 -28.65 83.86 -17.28
N CYS C 756 -29.79 84.48 -17.60
CA CYS C 756 -29.87 85.35 -18.76
C CYS C 756 -28.98 86.58 -18.58
N SER C 757 -29.04 87.19 -17.39
CA SER C 757 -28.27 88.41 -17.15
C SER C 757 -26.77 88.15 -17.23
N ASN C 758 -26.35 86.95 -16.82
CA ASN C 758 -24.93 86.60 -16.90
C ASN C 758 -24.48 86.48 -18.34
N LEU C 759 -25.36 85.99 -19.21
CA LEU C 759 -25.01 85.86 -20.62
C LEU C 759 -25.00 87.20 -21.33
N LEU C 760 -25.75 88.17 -20.81
CA LEU C 760 -25.83 89.48 -21.44
C LEU C 760 -24.51 90.23 -21.35
N LEU C 761 -23.65 89.88 -20.40
CA LEU C 761 -22.38 90.57 -20.24
C LEU C 761 -21.43 90.30 -21.40
N GLN C 762 -21.70 89.28 -22.21
CA GLN C 762 -20.84 88.99 -23.37
C GLN C 762 -21.08 89.92 -24.53
N TYR C 763 -22.12 90.75 -24.48
CA TYR C 763 -22.41 91.70 -25.55
C TYR C 763 -21.66 93.03 -25.39
N GLY C 764 -20.89 93.19 -24.32
CA GLY C 764 -20.09 94.38 -24.13
C GLY C 764 -20.86 95.56 -23.58
N SER C 765 -20.67 96.73 -24.19
CA SER C 765 -21.29 97.96 -23.72
C SER C 765 -22.47 98.40 -24.58
N PHE C 766 -23.24 97.46 -25.11
CA PHE C 766 -24.43 97.81 -25.88
C PHE C 766 -25.46 98.48 -24.97
N CYS C 767 -25.71 97.89 -23.80
CA CYS C 767 -26.64 98.50 -22.85
C CYS C 767 -26.08 99.80 -22.30
N THR C 768 -24.76 99.89 -22.16
CA THR C 768 -24.12 101.09 -21.63
C THR C 768 -24.32 102.31 -22.53
N GLN C 769 -24.43 102.11 -23.85
CA GLN C 769 -24.68 103.20 -24.78
C GLN C 769 -26.15 103.54 -24.91
N LEU C 770 -27.04 102.55 -24.81
CA LEU C 770 -28.47 102.83 -24.85
C LEU C 770 -28.89 103.66 -23.65
N LYS C 771 -28.31 103.40 -22.48
CA LYS C 771 -28.61 104.20 -21.31
C LYS C 771 -28.16 105.64 -21.50
N ARG C 772 -26.97 105.84 -22.08
CA ARG C 772 -26.48 107.20 -22.31
C ARG C 772 -27.31 107.90 -23.38
N ALA C 773 -27.84 107.16 -24.34
CA ALA C 773 -28.69 107.76 -25.37
C ALA C 773 -30.04 108.17 -24.80
N LEU C 774 -30.61 107.32 -23.94
CA LEU C 774 -31.90 107.65 -23.34
C LEU C 774 -31.77 108.80 -22.34
N THR C 775 -30.70 108.81 -21.55
CA THR C 775 -30.48 109.90 -20.62
C THR C 775 -30.07 111.18 -21.36
N GLY C 776 -29.43 111.05 -22.52
CA GLY C 776 -29.10 112.23 -23.30
C GLY C 776 -30.34 112.95 -23.81
N ILE C 777 -31.42 112.20 -24.04
CA ILE C 777 -32.67 112.82 -24.43
C ILE C 777 -33.32 113.51 -23.24
N ALA C 778 -33.27 112.84 -22.07
CA ALA C 778 -33.93 113.38 -20.88
C ALA C 778 -33.32 114.72 -20.47
N VAL C 779 -32.00 114.83 -20.52
CA VAL C 779 -31.36 116.10 -20.17
C VAL C 779 -31.60 117.14 -21.26
N GLU C 780 -32.02 116.71 -22.44
CA GLU C 780 -32.31 117.66 -23.52
C GLU C 780 -33.76 118.12 -23.51
N GLN C 781 -34.69 117.23 -23.16
CA GLN C 781 -36.10 117.61 -23.12
C GLN C 781 -36.34 118.68 -22.07
N ASP C 782 -35.58 118.65 -20.97
CA ASP C 782 -35.73 119.68 -19.95
C ASP C 782 -35.09 120.99 -20.39
N LYS C 783 -34.00 120.92 -21.15
CA LYS C 783 -33.37 122.14 -21.65
C LYS C 783 -34.21 122.78 -22.74
N ASN C 784 -35.03 122.00 -23.44
CA ASN C 784 -35.93 122.56 -24.45
C ASN C 784 -36.94 123.50 -23.80
N THR C 785 -37.55 123.06 -22.69
CA THR C 785 -38.48 123.92 -21.97
C THR C 785 -37.77 125.10 -21.34
N GLN C 786 -36.51 124.90 -20.94
CA GLN C 786 -35.74 125.98 -20.33
C GLN C 786 -35.44 127.09 -21.35
N GLU C 787 -35.29 126.71 -22.62
CA GLU C 787 -34.96 127.70 -23.64
C GLU C 787 -36.21 128.40 -24.17
N VAL C 788 -37.40 127.86 -23.90
CA VAL C 788 -38.62 128.46 -24.43
C VAL C 788 -39.27 129.38 -23.41
N PHE C 789 -39.61 128.83 -22.24
CA PHE C 789 -40.37 129.58 -21.25
C PHE C 789 -39.49 130.38 -20.30
N ALA C 790 -38.25 129.95 -20.08
CA ALA C 790 -37.39 130.59 -19.08
C ALA C 790 -36.52 131.67 -19.69
N GLN C 791 -37.00 132.33 -20.75
CA GLN C 791 -36.25 133.40 -21.37
C GLN C 791 -36.10 134.62 -20.46
N VAL C 792 -36.95 134.74 -19.44
CA VAL C 792 -36.90 135.86 -18.49
C VAL C 792 -36.39 135.35 -17.15
N LYS C 793 -35.63 136.19 -16.46
CA LYS C 793 -35.08 135.84 -15.17
C LYS C 793 -35.84 136.45 -14.00
N GLN C 794 -36.79 137.35 -14.27
CA GLN C 794 -37.59 138.00 -13.24
C GLN C 794 -39.05 137.63 -13.43
N ILE C 795 -39.67 137.07 -12.38
CA ILE C 795 -41.07 136.71 -12.41
C ILE C 795 -41.91 137.97 -12.24
N TYR C 796 -42.41 138.52 -13.34
CA TYR C 796 -43.19 139.74 -13.29
C TYR C 796 -44.61 139.45 -12.81
N LYS C 797 -44.90 139.78 -11.55
CA LYS C 797 -46.24 139.59 -11.03
C LYS C 797 -47.19 140.61 -11.64
N THR C 798 -48.34 140.12 -12.12
CA THR C 798 -49.31 140.99 -12.76
C THR C 798 -49.96 141.90 -11.72
N PRO C 799 -50.28 143.14 -12.09
CA PRO C 799 -51.02 144.03 -11.18
C PRO C 799 -52.41 143.51 -10.91
N PRO C 800 -53.13 144.08 -9.95
CA PRO C 800 -54.51 143.65 -9.69
C PRO C 800 -55.36 143.67 -10.95
N ILE C 801 -56.26 142.71 -11.07
CA ILE C 801 -57.07 142.52 -12.27
C ILE C 801 -57.96 143.74 -12.47
N LYS C 802 -57.69 144.50 -13.52
CA LYS C 802 -58.44 145.72 -13.84
C LYS C 802 -58.46 145.86 -15.36
N TYR C 803 -58.78 147.05 -15.84
CA TYR C 803 -58.75 147.35 -17.27
C TYR C 803 -57.56 148.24 -17.56
N PHE C 804 -56.77 147.87 -18.57
CA PHE C 804 -55.60 148.66 -18.94
C PHE C 804 -55.98 149.85 -19.82
N GLY C 805 -56.54 149.59 -21.00
CA GLY C 805 -56.99 150.65 -21.88
C GLY C 805 -58.25 150.28 -22.63
N GLY C 806 -58.98 149.30 -22.13
CA GLY C 806 -60.15 148.77 -22.78
C GLY C 806 -59.98 147.36 -23.31
N PHE C 807 -58.78 146.80 -23.22
CA PHE C 807 -58.54 145.44 -23.69
C PHE C 807 -58.78 144.46 -22.56
N ASN C 808 -59.65 143.48 -22.81
CA ASN C 808 -60.08 142.52 -21.80
C ASN C 808 -59.12 141.34 -21.80
N PHE C 809 -58.17 141.36 -20.85
CA PHE C 809 -57.18 140.30 -20.74
C PHE C 809 -57.60 139.18 -19.80
N SER C 810 -58.89 139.06 -19.50
CA SER C 810 -59.36 138.01 -18.59
C SER C 810 -59.16 136.62 -19.19
N GLN C 811 -59.12 136.51 -20.52
CA GLN C 811 -58.95 135.20 -21.14
C GLN C 811 -57.50 134.73 -21.07
N ILE C 812 -56.55 135.65 -20.91
CA ILE C 812 -55.14 135.30 -20.89
C ILE C 812 -54.53 135.42 -19.49
N LEU C 813 -54.95 136.41 -18.69
CA LEU C 813 -54.40 136.56 -17.35
C LEU C 813 -54.89 135.43 -16.45
N PRO C 814 -54.04 134.98 -15.52
CA PRO C 814 -54.46 133.91 -14.60
C PRO C 814 -55.45 134.43 -13.58
N ASP C 815 -56.52 133.67 -13.37
CA ASP C 815 -57.57 134.05 -12.43
C ASP C 815 -57.40 133.29 -11.12
N PRO C 816 -57.44 133.97 -9.98
CA PRO C 816 -57.27 133.26 -8.70
C PRO C 816 -58.49 132.48 -8.25
N SER C 817 -59.60 132.53 -8.99
CA SER C 817 -60.79 131.79 -8.60
C SER C 817 -60.56 130.29 -8.65
N LYS C 818 -59.82 129.81 -9.65
CA LYS C 818 -59.52 128.39 -9.74
C LYS C 818 -58.22 128.07 -9.01
N PRO C 819 -58.13 126.89 -8.37
CA PRO C 819 -56.90 126.54 -7.66
C PRO C 819 -55.74 126.20 -8.58
N SER C 820 -56.01 125.88 -9.86
CA SER C 820 -54.95 125.54 -10.79
C SER C 820 -54.11 126.75 -11.21
N LYS C 821 -54.60 127.96 -10.96
CA LYS C 821 -53.92 129.21 -11.28
C LYS C 821 -53.64 129.37 -12.76
N ARG C 822 -54.40 128.71 -13.63
CA ARG C 822 -54.21 128.82 -15.06
C ARG C 822 -55.31 129.68 -15.68
N SER C 823 -55.02 130.22 -16.86
CA SER C 823 -55.97 131.06 -17.56
C SER C 823 -57.10 130.21 -18.13
N PRO C 824 -58.25 130.83 -18.45
CA PRO C 824 -59.35 130.06 -19.07
C PRO C 824 -58.96 129.39 -20.38
N ILE C 825 -58.03 129.97 -21.13
CA ILE C 825 -57.56 129.33 -22.36
C ILE C 825 -56.71 128.11 -22.02
N GLU C 826 -55.77 128.26 -21.09
CA GLU C 826 -54.94 127.14 -20.67
C GLU C 826 -55.77 126.02 -20.05
N ASP C 827 -56.90 126.37 -19.44
CA ASP C 827 -57.79 125.34 -18.91
C ASP C 827 -58.26 124.39 -20.01
N LEU C 828 -58.78 124.94 -21.11
CA LEU C 828 -59.20 124.11 -22.23
C LEU C 828 -58.02 123.42 -22.88
N LEU C 829 -56.89 124.12 -23.00
CA LEU C 829 -55.69 123.52 -23.59
C LEU C 829 -55.25 122.29 -22.81
N PHE C 830 -55.41 122.31 -21.48
CA PHE C 830 -55.04 121.15 -20.68
C PHE C 830 -56.14 120.09 -20.70
N ASN C 831 -57.41 120.52 -20.81
CA ASN C 831 -58.51 119.57 -20.78
C ASN C 831 -58.59 118.73 -22.05
N LYS C 832 -58.51 119.34 -23.23
CA LYS C 832 -58.66 118.61 -24.48
C LYS C 832 -57.34 118.09 -25.02
N VAL C 833 -56.29 118.07 -24.21
CA VAL C 833 -55.00 117.51 -24.63
C VAL C 833 -54.49 116.55 -23.56
N LYS C 861 -45.56 102.45 -14.73
CA LYS C 861 -44.42 101.74 -15.31
C LYS C 861 -44.66 100.22 -15.32
N PHE C 862 -44.27 99.58 -16.42
CA PHE C 862 -44.47 98.15 -16.58
C PHE C 862 -43.31 97.56 -17.36
N ASN C 863 -42.90 96.35 -16.96
CA ASN C 863 -41.86 95.58 -17.62
C ASN C 863 -40.53 96.33 -17.73
N GLY C 864 -40.24 97.22 -16.81
CA GLY C 864 -39.01 97.99 -16.84
C GLY C 864 -39.09 99.30 -17.59
N LEU C 865 -40.22 99.62 -18.20
CA LEU C 865 -40.41 100.86 -18.93
C LEU C 865 -40.95 101.93 -17.98
N THR C 866 -40.09 102.84 -17.56
CA THR C 866 -40.45 103.88 -16.61
C THR C 866 -40.56 105.23 -17.32
N VAL C 867 -41.50 106.04 -16.85
CA VAL C 867 -41.71 107.39 -17.36
C VAL C 867 -41.30 108.38 -16.28
N LEU C 868 -40.35 109.26 -16.60
CA LEU C 868 -39.86 110.25 -15.65
C LEU C 868 -40.66 111.53 -15.76
N PRO C 869 -40.89 112.22 -14.64
CA PRO C 869 -41.63 113.48 -14.68
C PRO C 869 -40.74 114.61 -15.15
N PRO C 870 -41.31 115.61 -15.80
CA PRO C 870 -40.50 116.75 -16.27
C PRO C 870 -39.92 117.53 -15.10
N LEU C 871 -38.78 118.18 -15.37
CA LEU C 871 -38.13 119.00 -14.33
C LEU C 871 -39.05 120.15 -13.91
N LEU C 872 -39.40 121.02 -14.85
CA LEU C 872 -40.32 122.11 -14.58
C LEU C 872 -41.75 121.59 -14.63
N THR C 873 -42.43 121.60 -13.49
CA THR C 873 -43.78 121.10 -13.41
C THR C 873 -44.75 122.05 -14.14
N ASP C 874 -45.99 121.58 -14.28
CA ASP C 874 -47.00 122.37 -14.99
C ASP C 874 -47.29 123.68 -14.27
N GLU C 875 -47.13 123.72 -12.95
CA GLU C 875 -47.38 124.94 -12.21
C GLU C 875 -46.34 126.01 -12.54
N MET C 876 -45.09 125.61 -12.72
CA MET C 876 -44.03 126.56 -13.03
C MET C 876 -44.09 127.03 -14.47
N ILE C 877 -44.55 126.19 -15.40
CA ILE C 877 -44.75 126.62 -16.77
C ILE C 877 -45.84 127.70 -16.83
N ALA C 878 -46.92 127.51 -16.06
CA ALA C 878 -47.96 128.53 -15.98
C ALA C 878 -47.41 129.81 -15.37
N GLN C 879 -46.52 129.70 -14.39
CA GLN C 879 -45.92 130.88 -13.78
C GLN C 879 -45.06 131.63 -14.79
N TYR C 880 -44.28 130.90 -15.58
CA TYR C 880 -43.46 131.55 -16.61
C TYR C 880 -44.34 132.21 -17.67
N THR C 881 -45.42 131.54 -18.07
CA THR C 881 -46.35 132.14 -19.03
C THR C 881 -46.98 133.41 -18.47
N SER C 882 -47.38 133.38 -17.20
CA SER C 882 -47.99 134.56 -16.60
C SER C 882 -46.97 135.70 -16.47
N ALA C 883 -45.71 135.37 -16.16
CA ALA C 883 -44.69 136.40 -16.08
C ALA C 883 -44.42 137.02 -17.44
N LEU C 884 -44.32 136.20 -18.49
CA LEU C 884 -44.15 136.74 -19.84
C LEU C 884 -45.33 137.63 -20.22
N LEU C 885 -46.54 137.19 -19.90
CA LEU C 885 -47.73 137.98 -20.22
C LEU C 885 -47.72 139.31 -19.49
N ALA C 886 -47.44 139.29 -18.19
CA ALA C 886 -47.42 140.54 -17.42
C ALA C 886 -46.29 141.46 -17.89
N GLY C 887 -45.19 140.88 -18.38
CA GLY C 887 -44.13 141.72 -18.90
C GLY C 887 -44.47 142.33 -20.26
N THR C 888 -45.26 141.61 -21.06
CA THR C 888 -45.56 142.10 -22.39
C THR C 888 -46.78 143.03 -22.39
N ILE C 889 -47.58 142.99 -21.33
CA ILE C 889 -48.75 143.89 -21.27
C ILE C 889 -48.41 145.16 -20.50
N THR C 890 -47.46 145.09 -19.57
CA THR C 890 -47.14 146.26 -18.77
C THR C 890 -45.89 146.98 -19.26
N SER C 891 -45.02 146.29 -20.01
CA SER C 891 -43.79 146.90 -20.47
C SER C 891 -43.54 146.69 -21.96
N GLY C 892 -44.40 145.97 -22.68
CA GLY C 892 -44.20 145.75 -24.09
C GLY C 892 -42.99 144.90 -24.39
N TRP C 893 -41.94 145.51 -24.93
CA TRP C 893 -40.69 144.82 -25.21
C TRP C 893 -39.52 145.35 -24.41
N THR C 894 -39.73 146.33 -23.53
CA THR C 894 -38.61 146.92 -22.79
C THR C 894 -38.02 145.97 -21.76
N PHE C 895 -38.77 144.97 -21.32
CA PHE C 895 -38.26 144.05 -20.32
C PHE C 895 -37.30 143.02 -20.91
N GLY C 896 -37.26 142.90 -22.24
CA GLY C 896 -36.34 141.95 -22.85
C GLY C 896 -34.92 142.46 -22.89
N ALA C 897 -34.73 143.73 -23.31
CA ALA C 897 -33.38 144.28 -23.39
C ALA C 897 -32.79 144.54 -22.02
N GLY C 898 -33.63 144.78 -21.01
CA GLY C 898 -33.15 145.04 -19.68
C GLY C 898 -34.29 145.17 -18.69
N PRO C 899 -34.19 146.15 -17.79
CA PRO C 899 -35.26 146.37 -16.81
C PRO C 899 -36.56 146.77 -17.49
N ALA C 900 -37.67 146.25 -16.98
CA ALA C 900 -38.97 146.57 -17.54
C ALA C 900 -39.29 148.06 -17.33
N LEU C 901 -39.96 148.65 -18.31
CA LEU C 901 -40.31 150.06 -18.29
C LEU C 901 -41.81 150.21 -18.32
N GLN C 902 -42.34 151.05 -17.43
CA GLN C 902 -43.77 151.29 -17.40
C GLN C 902 -44.21 152.06 -18.64
N ILE C 903 -45.35 151.67 -19.20
CA ILE C 903 -45.90 152.31 -20.39
C ILE C 903 -47.37 151.93 -20.50
N PRO C 904 -48.29 152.89 -20.68
CA PRO C 904 -49.70 152.54 -20.84
C PRO C 904 -49.91 151.69 -22.08
N PHE C 905 -50.74 150.65 -21.93
CA PHE C 905 -50.98 149.71 -23.03
C PHE C 905 -51.56 150.37 -24.28
N PRO C 906 -52.47 151.35 -24.19
CA PRO C 906 -52.90 152.03 -25.43
C PRO C 906 -51.75 152.65 -26.21
N MET C 907 -50.96 153.52 -25.58
CA MET C 907 -49.82 154.11 -26.27
C MET C 907 -48.68 153.12 -26.48
N GLN C 908 -48.67 152.02 -25.74
CA GLN C 908 -47.73 150.95 -26.05
C GLN C 908 -48.04 150.32 -27.40
N MET C 909 -49.33 150.04 -27.66
CA MET C 909 -49.73 149.53 -28.97
C MET C 909 -49.53 150.58 -30.05
N ALA C 910 -49.50 151.86 -29.68
CA ALA C 910 -49.26 152.90 -30.67
C ALA C 910 -47.85 152.83 -31.24
N TYR C 911 -46.88 152.38 -30.43
CA TYR C 911 -45.54 152.17 -30.96
C TYR C 911 -45.53 151.00 -31.93
N ARG C 912 -46.39 150.00 -31.71
CA ARG C 912 -46.46 148.87 -32.62
C ARG C 912 -47.14 149.25 -33.93
N PHE C 913 -48.04 150.23 -33.90
CA PHE C 913 -48.64 150.73 -35.14
C PHE C 913 -47.62 151.54 -35.93
N ASN C 914 -46.71 152.22 -35.23
CA ASN C 914 -45.67 152.98 -35.93
C ASN C 914 -44.66 152.06 -36.60
N GLY C 915 -44.52 150.83 -36.10
CA GLY C 915 -43.58 149.90 -36.69
C GLY C 915 -44.11 149.23 -37.95
N ILE C 916 -45.42 148.98 -38.01
CA ILE C 916 -46.01 148.33 -39.18
C ILE C 916 -46.24 149.31 -40.33
N GLY C 917 -45.91 150.58 -40.15
CA GLY C 917 -46.08 151.54 -41.23
C GLY C 917 -47.34 152.36 -41.16
N VAL C 918 -47.93 152.51 -39.98
CA VAL C 918 -49.12 153.31 -39.78
C VAL C 918 -48.79 154.44 -38.81
N THR C 919 -49.35 155.63 -39.07
CA THR C 919 -49.09 156.77 -38.19
C THR C 919 -49.68 156.52 -36.81
N GLN C 920 -49.10 157.20 -35.82
CA GLN C 920 -49.56 157.04 -34.44
C GLN C 920 -50.93 157.66 -34.22
N ASN C 921 -51.37 158.53 -35.14
CA ASN C 921 -52.62 159.26 -34.95
C ASN C 921 -53.83 158.36 -35.15
N VAL C 922 -53.64 157.16 -35.69
CA VAL C 922 -54.78 156.30 -36.02
C VAL C 922 -55.30 155.59 -34.78
N LEU C 923 -54.40 155.00 -33.98
CA LEU C 923 -54.85 154.24 -32.81
C LEU C 923 -55.52 155.15 -31.79
N TYR C 924 -55.02 156.37 -31.64
CA TYR C 924 -55.58 157.28 -30.64
C TYR C 924 -57.01 157.69 -31.00
N GLU C 925 -57.26 157.92 -32.29
CA GLU C 925 -58.62 158.23 -32.72
C GLU C 925 -59.51 157.00 -32.84
N ASN C 926 -58.92 155.80 -32.90
CA ASN C 926 -59.69 154.57 -32.93
C ASN C 926 -59.36 153.65 -31.76
N GLN C 927 -59.17 154.22 -30.56
CA GLN C 927 -58.84 153.40 -29.40
C GLN C 927 -59.99 152.48 -29.01
N LYS C 928 -61.21 153.02 -28.94
CA LYS C 928 -62.36 152.21 -28.61
C LYS C 928 -62.72 151.23 -29.73
N LEU C 929 -62.41 151.59 -30.97
CA LEU C 929 -62.70 150.70 -32.09
C LEU C 929 -61.83 149.46 -32.07
N ILE C 930 -60.54 149.64 -31.77
CA ILE C 930 -59.61 148.50 -31.76
C ILE C 930 -59.92 147.57 -30.59
N ALA C 931 -60.20 148.15 -29.43
CA ALA C 931 -60.48 147.36 -28.23
C ALA C 931 -61.69 146.46 -28.44
N ASN C 932 -62.71 146.96 -29.15
CA ASN C 932 -63.89 146.13 -29.43
C ASN C 932 -63.53 144.98 -30.35
N GLN C 933 -62.65 145.21 -31.33
CA GLN C 933 -62.22 144.13 -32.22
C GLN C 933 -61.23 143.20 -31.50
N PHE C 934 -60.42 143.76 -30.60
CA PHE C 934 -59.45 142.94 -29.88
C PHE C 934 -60.14 142.00 -28.90
N ASN C 935 -61.10 142.52 -28.13
CA ASN C 935 -61.82 141.67 -27.18
C ASN C 935 -62.64 140.61 -27.90
N SER C 936 -63.21 140.96 -29.06
CA SER C 936 -63.96 139.98 -29.83
C SER C 936 -63.05 138.94 -30.47
N ALA C 937 -61.78 139.29 -30.70
CA ALA C 937 -60.85 138.34 -31.28
C ALA C 937 -60.26 137.41 -30.21
N ILE C 938 -59.97 137.95 -29.03
CA ILE C 938 -59.44 137.12 -27.96
C ILE C 938 -60.48 136.12 -27.50
N GLY C 939 -61.73 136.56 -27.37
CA GLY C 939 -62.79 135.64 -26.97
C GLY C 939 -63.11 134.62 -28.05
N LYS C 940 -62.82 134.95 -29.31
CA LYS C 940 -63.08 134.03 -30.39
C LYS C 940 -62.08 132.87 -30.40
N ILE C 941 -60.96 133.02 -29.69
CA ILE C 941 -59.95 131.97 -29.65
C ILE C 941 -60.51 130.70 -29.01
N GLN C 942 -61.28 130.86 -27.94
CA GLN C 942 -61.86 129.70 -27.27
C GLN C 942 -62.90 129.01 -28.15
N ASP C 943 -63.73 129.79 -28.84
CA ASP C 943 -64.71 129.19 -29.75
C ASP C 943 -64.02 128.53 -30.93
N SER C 944 -62.82 129.00 -31.31
CA SER C 944 -62.10 128.39 -32.40
C SER C 944 -61.45 127.08 -31.98
N LEU C 945 -60.83 127.05 -30.80
CA LEU C 945 -60.18 125.85 -30.31
C LEU C 945 -61.14 124.85 -29.71
N SER C 946 -62.39 125.22 -29.48
CA SER C 946 -63.38 124.28 -28.96
C SER C 946 -63.83 123.29 -30.04
N SER C 947 -64.41 123.79 -31.12
CA SER C 947 -64.76 122.94 -32.24
C SER C 947 -63.50 122.51 -32.99
N THR C 948 -63.66 121.50 -33.85
CA THR C 948 -62.56 120.90 -34.62
C THR C 948 -61.42 120.52 -33.68
N PRO C 949 -61.56 119.42 -32.92
CA PRO C 949 -60.52 119.05 -31.96
C PRO C 949 -59.15 118.79 -32.59
N SER C 950 -59.10 118.70 -33.91
CA SER C 950 -57.84 118.48 -34.60
C SER C 950 -56.97 119.73 -34.64
N ALA C 951 -57.43 120.85 -34.06
CA ALA C 951 -56.62 122.06 -34.05
C ALA C 951 -55.37 121.88 -33.18
N LEU C 952 -55.53 121.25 -32.01
CA LEU C 952 -54.42 120.97 -31.12
C LEU C 952 -53.83 119.58 -31.34
N GLY C 953 -53.94 119.03 -32.54
CA GLY C 953 -53.45 117.69 -32.79
C GLY C 953 -51.94 117.59 -32.81
N LYS C 954 -51.25 118.72 -32.96
CA LYS C 954 -49.80 118.71 -33.05
C LYS C 954 -49.18 118.19 -31.76
N LEU C 955 -49.76 118.50 -30.60
CA LEU C 955 -49.29 117.95 -29.34
C LEU C 955 -49.91 116.58 -29.08
N GLN C 956 -51.16 116.39 -29.52
CA GLN C 956 -51.79 115.08 -29.44
C GLN C 956 -51.02 114.06 -30.26
N ASP C 957 -50.52 114.46 -31.43
CA ASP C 957 -49.69 113.56 -32.22
C ASP C 957 -48.41 113.18 -31.49
N VAL C 958 -47.80 114.13 -30.77
CA VAL C 958 -46.57 113.84 -30.04
C VAL C 958 -46.84 112.85 -28.91
N VAL C 959 -47.90 113.11 -28.12
CA VAL C 959 -48.18 112.22 -27.01
C VAL C 959 -48.60 110.84 -27.50
N ASN C 960 -49.34 110.77 -28.62
CA ASN C 960 -49.69 109.49 -29.20
C ASN C 960 -48.48 108.75 -29.77
N HIS C 961 -47.51 109.48 -30.33
CA HIS C 961 -46.29 108.84 -30.79
C HIS C 961 -45.51 108.24 -29.63
N ASN C 962 -45.40 108.99 -28.53
CA ASN C 962 -44.72 108.45 -27.34
C ASN C 962 -45.45 107.22 -26.83
N ALA C 963 -46.78 107.28 -26.75
CA ALA C 963 -47.56 106.16 -26.24
C ALA C 963 -47.42 104.93 -27.14
N GLN C 964 -47.48 105.13 -28.46
CA GLN C 964 -47.37 103.99 -29.36
C GLN C 964 -45.95 103.43 -29.39
N ALA C 965 -44.94 104.27 -29.18
CA ALA C 965 -43.58 103.75 -29.07
C ALA C 965 -43.43 102.89 -27.82
N LEU C 966 -43.97 103.36 -26.69
CA LEU C 966 -43.94 102.55 -25.48
C LEU C 966 -44.70 101.25 -25.67
N ASN C 967 -45.86 101.30 -26.33
CA ASN C 967 -46.65 100.10 -26.55
C ASN C 967 -45.93 99.12 -27.47
N THR C 968 -45.26 99.62 -28.50
CA THR C 968 -44.51 98.76 -29.40
C THR C 968 -43.33 98.13 -28.67
N LEU C 969 -42.68 98.89 -27.79
CA LEU C 969 -41.55 98.35 -27.04
C LEU C 969 -41.99 97.30 -26.04
N VAL C 970 -43.17 97.48 -25.44
CA VAL C 970 -43.62 96.52 -24.43
C VAL C 970 -44.28 95.31 -25.08
N LYS C 971 -44.77 95.45 -26.31
CA LYS C 971 -45.42 94.33 -26.98
C LYS C 971 -44.41 93.44 -27.69
N GLN C 972 -43.27 94.01 -28.10
CA GLN C 972 -42.22 93.18 -28.71
C GLN C 972 -41.54 92.28 -27.68
N LEU C 973 -41.79 92.50 -26.39
CA LEU C 973 -41.25 91.62 -25.37
C LEU C 973 -41.86 90.23 -25.45
N SER C 974 -43.12 90.14 -25.87
CA SER C 974 -43.82 88.88 -26.01
C SER C 974 -43.64 88.24 -27.39
N SER C 975 -42.62 88.64 -28.13
CA SER C 975 -42.39 88.06 -29.44
C SER C 975 -41.74 86.68 -29.31
N LYS C 976 -41.61 86.00 -30.45
CA LYS C 976 -41.09 84.64 -30.51
C LYS C 976 -39.95 84.50 -31.51
N PHE C 977 -38.93 85.35 -31.40
CA PHE C 977 -37.81 85.32 -32.32
C PHE C 977 -37.10 83.97 -32.32
N GLY C 978 -37.24 83.22 -33.40
CA GLY C 978 -36.57 81.95 -33.59
C GLY C 978 -36.60 81.00 -32.41
N ALA C 979 -37.69 81.04 -31.62
CA ALA C 979 -37.80 80.23 -30.42
C ALA C 979 -39.16 79.55 -30.40
N ILE C 980 -39.39 78.78 -29.34
CA ILE C 980 -40.66 78.09 -29.19
C ILE C 980 -41.65 78.90 -28.36
N SER C 981 -41.15 79.81 -27.52
CA SER C 981 -42.01 80.61 -26.67
C SER C 981 -41.30 81.90 -26.32
N SER C 982 -42.05 82.81 -25.68
CA SER C 982 -41.52 84.11 -25.28
C SER C 982 -40.99 84.12 -23.85
N VAL C 983 -41.30 83.11 -23.05
CA VAL C 983 -40.85 83.03 -21.66
C VAL C 983 -39.52 82.30 -21.63
N LEU C 984 -38.57 82.84 -20.86
CA LEU C 984 -37.25 82.22 -20.76
C LEU C 984 -37.32 80.90 -19.99
N ASN C 985 -38.28 80.78 -19.07
CA ASN C 985 -38.38 79.56 -18.28
C ASN C 985 -38.88 78.39 -19.11
N ASP C 986 -39.63 78.65 -20.17
CA ASP C 986 -40.14 77.56 -21.01
C ASP C 986 -39.01 76.86 -21.75
N ILE C 987 -37.90 77.53 -21.98
CA ILE C 987 -36.76 76.93 -22.67
C ILE C 987 -35.66 76.55 -21.70
N LEU C 988 -35.53 77.29 -20.60
CA LEU C 988 -34.50 76.97 -19.61
C LEU C 988 -34.77 75.65 -18.91
N SER C 989 -36.04 75.34 -18.65
CA SER C 989 -36.41 74.10 -17.99
C SER C 989 -36.74 72.98 -18.96
N ARG C 990 -36.40 73.13 -20.25
CA ARG C 990 -36.72 72.11 -21.24
C ARG C 990 -35.46 71.50 -21.83
N LEU C 991 -34.56 72.34 -22.33
CA LEU C 991 -33.35 71.87 -22.98
C LEU C 991 -32.14 72.03 -22.06
N ASP C 992 -31.04 71.38 -22.43
CA ASP C 992 -29.82 71.49 -21.67
C ASP C 992 -29.23 72.90 -21.81
N PRO C 993 -28.48 73.36 -20.81
CA PRO C 993 -27.86 74.69 -20.90
C PRO C 993 -27.01 74.86 -22.15
N PRO C 994 -26.10 73.92 -22.48
CA PRO C 994 -25.30 74.11 -23.70
C PRO C 994 -26.12 74.07 -24.98
N GLU C 995 -27.30 73.44 -24.96
CA GLU C 995 -28.17 73.41 -26.13
C GLU C 995 -29.18 74.54 -26.15
N ALA C 996 -29.66 74.96 -24.98
CA ALA C 996 -30.62 76.06 -24.93
C ALA C 996 -29.93 77.42 -24.93
N GLU C 997 -28.60 77.42 -24.85
CA GLU C 997 -27.88 78.69 -24.87
C GLU C 997 -28.02 79.37 -26.24
N VAL C 998 -27.95 78.60 -27.33
CA VAL C 998 -28.04 79.18 -28.66
C VAL C 998 -29.46 79.70 -28.92
N GLN C 999 -30.45 79.20 -28.19
CA GLN C 999 -31.81 79.68 -28.35
C GLN C 999 -32.11 80.86 -27.44
N ILE C 1000 -31.51 80.89 -26.25
CA ILE C 1000 -31.69 82.04 -25.36
C ILE C 1000 -30.93 83.25 -25.91
N ASP C 1001 -29.74 83.03 -26.46
CA ASP C 1001 -28.99 84.13 -27.05
C ASP C 1001 -29.73 84.73 -28.26
N ARG C 1002 -30.51 83.89 -28.96
CA ARG C 1002 -31.29 84.40 -30.08
C ARG C 1002 -32.40 85.33 -29.59
N LEU C 1003 -32.97 85.05 -28.41
CA LEU C 1003 -33.99 85.92 -27.85
C LEU C 1003 -33.38 87.24 -27.36
N ILE C 1004 -32.10 87.20 -26.98
CA ILE C 1004 -31.43 88.42 -26.53
C ILE C 1004 -31.25 89.38 -27.70
N THR C 1005 -30.89 88.86 -28.87
CA THR C 1005 -30.73 89.70 -30.04
C THR C 1005 -32.05 90.32 -30.47
N GLY C 1006 -33.13 89.53 -30.44
CA GLY C 1006 -34.43 90.06 -30.82
C GLY C 1006 -34.91 91.16 -29.90
N ARG C 1007 -34.47 91.13 -28.63
CA ARG C 1007 -34.86 92.16 -27.69
C ARG C 1007 -33.87 93.32 -27.71
N LEU C 1008 -32.59 93.05 -27.93
CA LEU C 1008 -31.59 94.11 -27.99
C LEU C 1008 -31.77 94.96 -29.24
N GLN C 1009 -32.07 94.31 -30.37
CA GLN C 1009 -32.31 95.07 -31.60
C GLN C 1009 -33.60 95.88 -31.51
N SER C 1010 -34.62 95.35 -30.83
CA SER C 1010 -35.83 96.12 -30.61
C SER C 1010 -35.55 97.34 -29.73
N LEU C 1011 -34.70 97.17 -28.72
CA LEU C 1011 -34.29 98.31 -27.90
C LEU C 1011 -33.48 99.30 -28.73
N GLN C 1012 -32.63 98.81 -29.62
CA GLN C 1012 -31.88 99.70 -30.51
C GLN C 1012 -32.80 100.46 -31.46
N THR C 1013 -33.81 99.78 -32.01
CA THR C 1013 -34.77 100.46 -32.87
C THR C 1013 -35.55 101.51 -32.10
N TYR C 1014 -35.97 101.18 -30.88
CA TYR C 1014 -36.67 102.16 -30.04
C TYR C 1014 -35.80 103.37 -29.76
N VAL C 1015 -34.53 103.14 -29.42
CA VAL C 1015 -33.63 104.26 -29.12
C VAL C 1015 -33.38 105.11 -30.36
N THR C 1016 -33.26 104.49 -31.54
CA THR C 1016 -33.06 105.26 -32.75
C THR C 1016 -34.28 106.10 -33.08
N GLN C 1017 -35.48 105.51 -32.98
CA GLN C 1017 -36.70 106.26 -33.23
C GLN C 1017 -36.85 107.41 -32.24
N GLN C 1018 -36.51 107.16 -30.97
CA GLN C 1018 -36.59 108.21 -29.97
C GLN C 1018 -35.58 109.32 -30.23
N LEU C 1019 -34.38 108.97 -30.72
CA LEU C 1019 -33.40 110.00 -31.04
C LEU C 1019 -33.86 110.84 -32.22
N ILE C 1020 -34.45 110.22 -33.23
CA ILE C 1020 -34.97 110.98 -34.37
C ILE C 1020 -36.09 111.91 -33.94
N ARG C 1021 -37.04 111.39 -33.16
CA ARG C 1021 -38.13 112.22 -32.68
C ARG C 1021 -37.63 113.31 -31.74
N ALA C 1022 -36.55 113.04 -31.00
CA ALA C 1022 -35.98 114.04 -30.11
C ALA C 1022 -35.31 115.15 -30.91
N ALA C 1023 -34.65 114.81 -32.01
CA ALA C 1023 -34.11 115.84 -32.89
C ALA C 1023 -35.23 116.68 -33.49
N GLU C 1024 -36.33 116.04 -33.89
CA GLU C 1024 -37.48 116.78 -34.40
C GLU C 1024 -38.04 117.73 -33.35
N ILE C 1025 -38.21 117.23 -32.12
CA ILE C 1025 -38.76 118.05 -31.05
C ILE C 1025 -37.80 119.16 -30.67
N ARG C 1026 -36.49 118.93 -30.79
CA ARG C 1026 -35.52 119.96 -30.49
C ARG C 1026 -35.56 121.06 -31.55
N ALA C 1027 -35.73 120.68 -32.82
CA ALA C 1027 -35.91 121.69 -33.86
C ALA C 1027 -37.18 122.50 -33.61
N SER C 1028 -38.27 121.83 -33.26
CA SER C 1028 -39.51 122.54 -32.96
C SER C 1028 -39.36 123.44 -31.76
N ALA C 1029 -38.57 123.02 -30.76
CA ALA C 1029 -38.38 123.83 -29.56
C ALA C 1029 -37.51 125.04 -29.84
N ASN C 1030 -36.49 124.89 -30.70
CA ASN C 1030 -35.73 126.05 -31.13
C ASN C 1030 -36.60 127.01 -31.92
N LEU C 1031 -37.49 126.50 -32.77
CA LEU C 1031 -38.43 127.36 -33.47
C LEU C 1031 -39.32 128.10 -32.49
N ALA C 1032 -39.80 127.40 -31.45
CA ALA C 1032 -40.67 128.04 -30.46
C ALA C 1032 -39.91 129.08 -29.65
N ALA C 1033 -38.63 128.82 -29.35
CA ALA C 1033 -37.83 129.80 -28.62
C ALA C 1033 -37.58 131.04 -29.46
N THR C 1034 -37.29 130.86 -30.75
CA THR C 1034 -37.16 132.00 -31.65
C THR C 1034 -38.47 132.78 -31.75
N LYS C 1035 -39.60 132.06 -31.80
CA LYS C 1035 -40.90 132.71 -31.83
C LYS C 1035 -41.13 133.54 -30.58
N MET C 1036 -40.78 132.99 -29.41
CA MET C 1036 -40.96 133.70 -28.16
C MET C 1036 -40.07 134.94 -28.10
N SER C 1037 -38.80 134.79 -28.49
CA SER C 1037 -37.86 135.89 -28.40
C SER C 1037 -38.06 136.95 -29.46
N GLU C 1038 -38.77 136.64 -30.55
CA GLU C 1038 -38.99 137.60 -31.62
C GLU C 1038 -40.42 138.13 -31.68
N CYS C 1039 -41.42 137.27 -31.49
CA CYS C 1039 -42.80 137.71 -31.55
C CYS C 1039 -43.30 138.27 -30.22
N VAL C 1040 -42.93 137.63 -29.11
CA VAL C 1040 -43.41 138.06 -27.79
C VAL C 1040 -42.49 139.10 -27.18
N LEU C 1041 -41.18 138.83 -27.18
CA LEU C 1041 -40.20 139.74 -26.60
C LEU C 1041 -40.00 141.01 -27.42
N GLY C 1042 -40.67 141.14 -28.57
CA GLY C 1042 -40.55 142.32 -29.39
C GLY C 1042 -41.60 142.38 -30.48
N GLN C 1043 -41.23 142.94 -31.64
CA GLN C 1043 -42.11 143.03 -32.78
C GLN C 1043 -41.29 142.78 -34.05
N SER C 1044 -41.26 141.52 -34.48
CA SER C 1044 -40.48 141.15 -35.65
C SER C 1044 -41.23 141.48 -36.93
N LYS C 1045 -40.51 142.05 -37.90
CA LYS C 1045 -41.08 142.40 -39.19
C LYS C 1045 -41.02 141.27 -40.20
N ARG C 1046 -40.71 140.05 -39.76
CA ARG C 1046 -40.66 138.90 -40.65
C ARG C 1046 -42.06 138.49 -41.06
N VAL C 1047 -42.34 138.54 -42.37
CA VAL C 1047 -43.69 138.27 -42.85
C VAL C 1047 -44.04 136.80 -42.64
N ASP C 1048 -45.28 136.55 -42.24
CA ASP C 1048 -45.83 135.23 -41.97
C ASP C 1048 -45.07 134.47 -40.89
N PHE C 1049 -44.28 135.17 -40.06
CA PHE C 1049 -43.55 134.50 -38.99
C PHE C 1049 -44.29 134.62 -37.66
N CYS C 1050 -44.92 135.77 -37.41
CA CYS C 1050 -45.69 135.96 -36.20
C CYS C 1050 -47.15 136.23 -36.54
N GLY C 1051 -47.70 135.48 -37.50
CA GLY C 1051 -49.07 135.67 -37.92
C GLY C 1051 -49.18 136.18 -39.35
N LYS C 1052 -50.37 136.01 -39.92
CA LYS C 1052 -50.64 136.40 -41.29
C LYS C 1052 -51.08 137.85 -41.31
N GLY C 1053 -50.10 138.76 -41.36
CA GLY C 1053 -50.39 140.17 -41.41
C GLY C 1053 -49.31 140.96 -40.70
N TYR C 1054 -49.56 142.27 -40.58
CA TYR C 1054 -48.64 143.15 -39.88
C TYR C 1054 -48.69 142.85 -38.39
N HIS C 1055 -47.65 142.21 -37.88
CA HIS C 1055 -47.64 141.71 -36.51
C HIS C 1055 -47.46 142.86 -35.52
N LEU C 1056 -48.29 142.88 -34.48
CA LEU C 1056 -48.17 143.85 -33.39
C LEU C 1056 -47.49 143.23 -32.17
N MET C 1057 -48.08 142.16 -31.63
CA MET C 1057 -47.52 141.48 -30.46
C MET C 1057 -48.13 140.10 -30.37
N SER C 1058 -47.53 139.26 -29.54
CA SER C 1058 -47.96 137.88 -29.35
C SER C 1058 -48.11 137.57 -27.87
N PHE C 1059 -49.02 136.66 -27.56
CA PHE C 1059 -49.31 136.27 -26.19
C PHE C 1059 -49.03 134.78 -26.00
N PRO C 1060 -48.06 134.40 -25.19
CA PRO C 1060 -47.78 132.97 -24.98
C PRO C 1060 -48.81 132.34 -24.05
N GLN C 1061 -49.08 131.05 -24.29
CA GLN C 1061 -50.00 130.28 -23.46
C GLN C 1061 -49.41 128.89 -23.24
N SER C 1062 -49.48 128.42 -22.00
CA SER C 1062 -48.95 127.11 -21.66
C SER C 1062 -49.82 126.01 -22.26
N ALA C 1063 -49.22 124.86 -22.49
CA ALA C 1063 -49.90 123.71 -23.08
C ALA C 1063 -49.16 122.45 -22.65
N PRO C 1064 -49.83 121.30 -22.62
CA PRO C 1064 -49.15 120.05 -22.23
C PRO C 1064 -48.04 119.67 -23.19
N HIS C 1065 -46.79 119.75 -22.73
CA HIS C 1065 -45.62 119.43 -23.53
C HIS C 1065 -45.52 120.31 -24.78
N GLY C 1066 -45.88 121.58 -24.64
CA GLY C 1066 -45.84 122.48 -25.77
C GLY C 1066 -46.13 123.91 -25.36
N VAL C 1067 -46.17 124.79 -26.36
CA VAL C 1067 -46.48 126.20 -26.16
C VAL C 1067 -47.43 126.64 -27.25
N VAL C 1068 -48.40 127.47 -26.89
CA VAL C 1068 -49.39 128.01 -27.82
C VAL C 1068 -49.30 129.52 -27.79
N PHE C 1069 -49.17 130.13 -28.97
CA PHE C 1069 -49.04 131.57 -29.09
C PHE C 1069 -50.34 132.19 -29.59
N LEU C 1070 -50.58 133.43 -29.18
CA LEU C 1070 -51.70 134.22 -29.66
C LEU C 1070 -51.17 135.45 -30.38
N HIS C 1071 -51.01 135.35 -31.70
CA HIS C 1071 -50.38 136.39 -32.50
C HIS C 1071 -51.42 137.44 -32.87
N VAL C 1072 -51.19 138.67 -32.41
CA VAL C 1072 -52.04 139.80 -32.77
C VAL C 1072 -51.47 140.47 -34.01
N THR C 1073 -52.27 140.56 -35.06
CA THR C 1073 -51.80 141.08 -36.34
C THR C 1073 -52.71 142.21 -36.81
N TYR C 1074 -52.19 143.02 -37.71
CA TYR C 1074 -52.90 144.15 -38.29
C TYR C 1074 -53.22 143.84 -39.75
N VAL C 1075 -54.51 143.71 -40.05
CA VAL C 1075 -54.97 143.33 -41.38
C VAL C 1075 -55.74 144.51 -41.96
N PRO C 1076 -55.22 145.18 -42.99
CA PRO C 1076 -55.97 146.27 -43.63
C PRO C 1076 -57.19 145.74 -44.39
N ALA C 1077 -58.15 146.62 -44.62
CA ALA C 1077 -59.37 146.24 -45.32
C ALA C 1077 -60.03 147.48 -45.88
N GLN C 1078 -61.05 147.26 -46.73
CA GLN C 1078 -61.86 148.33 -47.31
C GLN C 1078 -61.00 149.31 -48.10
N GLU C 1079 -60.37 148.80 -49.16
CA GLU C 1079 -59.57 149.64 -50.04
C GLU C 1079 -60.45 150.30 -51.10
N LYS C 1080 -59.95 151.40 -51.67
CA LYS C 1080 -60.68 152.15 -52.68
C LYS C 1080 -59.74 152.46 -53.85
N ASN C 1081 -60.34 152.71 -55.01
CA ASN C 1081 -59.56 153.02 -56.21
C ASN C 1081 -59.09 154.47 -56.15
N PHE C 1082 -57.82 154.69 -56.49
CA PHE C 1082 -57.25 156.03 -56.51
C PHE C 1082 -56.23 156.13 -57.64
N THR C 1083 -56.17 157.31 -58.24
CA THR C 1083 -55.14 157.60 -59.23
C THR C 1083 -53.90 158.17 -58.55
N THR C 1084 -52.74 157.64 -58.92
CA THR C 1084 -51.48 158.01 -58.28
C THR C 1084 -50.52 158.56 -59.32
N ALA C 1085 -49.36 158.99 -58.85
CA ALA C 1085 -48.31 159.54 -59.70
C ALA C 1085 -46.99 159.46 -58.95
N PRO C 1086 -45.89 159.18 -59.64
CA PRO C 1086 -44.59 159.11 -58.94
C PRO C 1086 -44.14 160.45 -58.38
N ALA C 1087 -44.40 161.54 -59.08
CA ALA C 1087 -43.94 162.85 -58.62
C ALA C 1087 -44.90 163.92 -59.14
N ILE C 1088 -44.72 165.14 -58.63
CA ILE C 1088 -45.55 166.28 -59.00
C ILE C 1088 -44.64 167.44 -59.40
N CYS C 1089 -44.97 168.08 -60.51
CA CYS C 1089 -44.19 169.18 -61.05
C CYS C 1089 -44.92 170.50 -60.81
N HIS C 1090 -44.45 171.28 -59.84
CA HIS C 1090 -45.05 172.57 -59.55
C HIS C 1090 -44.11 173.73 -59.86
N ASP C 1091 -42.94 173.74 -59.24
CA ASP C 1091 -41.97 174.79 -59.49
C ASP C 1091 -40.89 174.35 -60.47
N GLY C 1092 -41.31 173.79 -61.61
CA GLY C 1092 -40.38 173.29 -62.59
C GLY C 1092 -39.44 172.22 -62.07
N LYS C 1093 -39.77 171.64 -60.92
CA LYS C 1093 -38.93 170.65 -60.27
C LYS C 1093 -39.80 169.53 -59.72
N ALA C 1094 -39.22 168.33 -59.66
CA ALA C 1094 -39.96 167.15 -59.22
C ALA C 1094 -40.11 167.15 -57.70
N HIS C 1095 -41.29 166.76 -57.24
CA HIS C 1095 -41.57 166.65 -55.81
C HIS C 1095 -41.68 165.18 -55.43
N PHE C 1096 -40.90 164.76 -54.44
CA PHE C 1096 -40.91 163.38 -53.97
C PHE C 1096 -41.41 163.33 -52.54
N PRO C 1097 -42.40 162.48 -52.24
CA PRO C 1097 -42.92 162.42 -50.87
C PRO C 1097 -41.94 161.74 -49.92
N ARG C 1098 -41.80 162.32 -48.73
CA ARG C 1098 -40.94 161.72 -47.71
C ARG C 1098 -41.52 160.41 -47.19
N GLU C 1099 -42.82 160.38 -46.92
CA GLU C 1099 -43.49 159.17 -46.47
C GLU C 1099 -44.87 159.11 -47.12
N GLY C 1100 -45.29 157.88 -47.42
CA GLY C 1100 -46.59 157.67 -48.01
C GLY C 1100 -46.58 157.79 -49.52
N VAL C 1101 -47.80 157.83 -50.08
CA VAL C 1101 -48.01 157.87 -51.52
C VAL C 1101 -48.90 159.05 -51.86
N PHE C 1102 -48.91 159.41 -53.14
CA PHE C 1102 -49.82 160.42 -53.65
C PHE C 1102 -51.10 159.78 -54.14
N VAL C 1103 -52.24 160.41 -53.84
CA VAL C 1103 -53.54 159.89 -54.23
C VAL C 1103 -54.35 161.03 -54.84
N SER C 1104 -55.20 160.68 -55.80
CA SER C 1104 -56.09 161.63 -56.47
C SER C 1104 -57.50 161.07 -56.47
N ASN C 1105 -58.43 161.80 -55.86
CA ASN C 1105 -59.81 161.36 -55.77
C ASN C 1105 -60.64 161.73 -57.00
N GLY C 1106 -60.00 162.14 -58.08
CA GLY C 1106 -60.69 162.52 -59.29
C GLY C 1106 -60.62 164.00 -59.64
N THR C 1107 -60.56 164.87 -58.63
CA THR C 1107 -60.48 166.32 -58.88
C THR C 1107 -59.30 167.00 -58.19
N HIS C 1108 -58.70 166.42 -57.16
CA HIS C 1108 -57.58 167.03 -56.46
C HIS C 1108 -56.56 165.95 -56.12
N TRP C 1109 -55.44 166.39 -55.56
CA TRP C 1109 -54.36 165.50 -55.16
C TRP C 1109 -54.04 165.69 -53.69
N PHE C 1110 -53.74 164.60 -53.00
CA PHE C 1110 -53.42 164.63 -51.58
C PHE C 1110 -52.28 163.67 -51.29
N VAL C 1111 -51.70 163.81 -50.11
CA VAL C 1111 -50.65 162.92 -49.63
C VAL C 1111 -51.17 162.16 -48.42
N THR C 1112 -51.03 160.83 -48.45
CA THR C 1112 -51.54 159.97 -47.39
C THR C 1112 -50.54 158.86 -47.13
N GLN C 1113 -50.68 158.23 -45.97
CA GLN C 1113 -49.82 157.09 -45.63
C GLN C 1113 -50.19 155.88 -46.48
N ARG C 1114 -49.28 154.90 -46.49
CA ARG C 1114 -49.45 153.75 -47.37
C ARG C 1114 -50.48 152.76 -46.86
N ASN C 1115 -50.50 152.53 -45.55
CA ASN C 1115 -51.33 151.49 -44.95
C ASN C 1115 -52.68 152.00 -44.46
N PHE C 1116 -53.03 153.26 -44.73
CA PHE C 1116 -54.32 153.79 -44.30
C PHE C 1116 -54.68 155.03 -45.10
N TYR C 1117 -55.98 155.27 -45.29
CA TYR C 1117 -56.44 156.40 -46.07
C TYR C 1117 -56.59 157.62 -45.17
N GLU C 1118 -55.64 158.56 -45.28
CA GLU C 1118 -55.65 159.79 -44.49
C GLU C 1118 -55.11 160.92 -45.37
N PRO C 1119 -55.97 161.54 -46.17
CA PRO C 1119 -55.49 162.58 -47.09
C PRO C 1119 -55.03 163.83 -46.35
N GLN C 1120 -53.97 164.44 -46.87
CA GLN C 1120 -53.43 165.68 -46.34
C GLN C 1120 -53.05 166.61 -47.48
N ILE C 1121 -53.08 167.91 -47.20
CA ILE C 1121 -52.69 168.89 -48.21
C ILE C 1121 -51.20 168.78 -48.47
N ILE C 1122 -50.84 168.57 -49.75
CA ILE C 1122 -49.45 168.39 -50.12
C ILE C 1122 -48.69 169.70 -49.90
N THR C 1123 -47.82 169.72 -48.90
CA THR C 1123 -47.03 170.90 -48.58
C THR C 1123 -45.55 170.56 -48.70
N THR C 1124 -44.71 171.55 -48.40
CA THR C 1124 -43.27 171.35 -48.47
C THR C 1124 -42.73 170.54 -47.31
N ASP C 1125 -43.56 170.23 -46.31
CA ASP C 1125 -43.12 169.43 -45.18
C ASP C 1125 -43.25 167.93 -45.47
N ASN C 1126 -44.35 167.52 -46.09
CA ASN C 1126 -44.58 166.11 -46.39
C ASN C 1126 -43.73 165.61 -47.54
N THR C 1127 -43.28 166.50 -48.44
CA THR C 1127 -42.51 166.11 -49.61
C THR C 1127 -41.22 166.92 -49.66
N PHE C 1128 -40.23 166.39 -50.35
CA PHE C 1128 -38.97 167.08 -50.61
C PHE C 1128 -38.78 167.22 -52.12
N VAL C 1129 -38.27 168.37 -52.53
CA VAL C 1129 -38.15 168.74 -53.94
C VAL C 1129 -36.68 168.66 -54.33
N SER C 1130 -36.41 168.01 -55.46
CA SER C 1130 -35.06 167.89 -55.98
C SER C 1130 -35.14 167.45 -57.44
N GLY C 1131 -34.28 168.06 -58.27
CA GLY C 1131 -34.22 167.70 -59.67
C GLY C 1131 -35.34 168.28 -60.51
N ASN C 1132 -35.08 168.46 -61.80
CA ASN C 1132 -36.09 169.02 -62.70
C ASN C 1132 -37.11 167.96 -63.10
N CYS C 1133 -38.13 168.41 -63.83
CA CYS C 1133 -39.21 167.51 -64.22
C CYS C 1133 -38.92 166.78 -65.53
N ASP C 1134 -37.90 167.22 -66.29
CA ASP C 1134 -37.62 166.61 -67.57
C ASP C 1134 -37.02 165.22 -67.45
N VAL C 1135 -36.47 164.87 -66.28
CA VAL C 1135 -35.83 163.57 -66.10
C VAL C 1135 -36.72 162.55 -65.42
N VAL C 1136 -37.91 162.94 -64.97
CA VAL C 1136 -38.83 162.05 -64.26
C VAL C 1136 -39.90 161.60 -65.23
N ILE C 1137 -40.16 160.29 -65.25
CA ILE C 1137 -41.15 159.71 -66.15
C ILE C 1137 -42.50 159.66 -65.45
N GLY C 1138 -43.55 160.07 -66.17
CA GLY C 1138 -44.89 160.01 -65.63
C GLY C 1138 -45.23 161.05 -64.58
N ILE C 1139 -44.39 162.07 -64.42
CA ILE C 1139 -44.65 163.10 -63.41
C ILE C 1139 -45.81 163.98 -63.87
N VAL C 1140 -46.74 164.25 -62.97
CA VAL C 1140 -47.92 165.03 -63.30
C VAL C 1140 -47.74 166.46 -62.80
N ASN C 1141 -48.61 167.35 -63.27
CA ASN C 1141 -48.57 168.76 -62.90
C ASN C 1141 -49.65 169.05 -61.85
N ASN C 1142 -49.24 169.70 -60.77
CA ASN C 1142 -50.15 170.15 -59.73
C ASN C 1142 -49.39 171.13 -58.83
N THR C 1143 -50.16 172.01 -58.18
CA THR C 1143 -49.55 173.00 -57.30
C THR C 1143 -49.18 172.38 -55.97
N VAL C 1144 -48.04 172.80 -55.42
CA VAL C 1144 -47.56 172.33 -54.12
C VAL C 1144 -47.58 173.51 -53.16
N TYR C 1145 -48.33 173.37 -52.08
CA TYR C 1145 -48.48 174.45 -51.12
C TYR C 1145 -47.21 174.59 -50.26
N ASP C 1146 -47.04 175.78 -49.70
CA ASP C 1146 -45.93 176.08 -48.80
C ASP C 1146 -46.42 177.08 -47.76
N PRO C 1147 -46.57 176.66 -46.51
CA PRO C 1147 -47.14 177.56 -45.49
C PRO C 1147 -46.21 178.69 -45.06
N LEU C 1148 -44.92 178.61 -45.38
CA LEU C 1148 -43.99 179.65 -44.96
C LEU C 1148 -44.15 180.92 -45.79
N GLN C 1149 -44.65 180.79 -47.01
CA GLN C 1149 -44.74 181.92 -47.94
C GLN C 1149 -45.84 182.92 -47.54
N PRO C 1150 -47.08 182.49 -47.25
CA PRO C 1150 -48.12 183.47 -46.90
C PRO C 1150 -47.82 184.26 -45.63
N GLU C 1151 -46.95 183.77 -44.76
CA GLU C 1151 -46.61 184.47 -43.54
C GLU C 1151 -45.71 185.67 -43.84
N GLN D 1 -6.43 29.47 -58.88
CA GLN D 1 -5.42 29.02 -57.93
C GLN D 1 -4.28 30.02 -57.85
N VAL D 2 -3.49 29.92 -56.77
CA VAL D 2 -2.36 30.82 -56.59
C VAL D 2 -1.17 30.33 -57.41
N GLN D 3 -0.63 31.21 -58.24
CA GLN D 3 0.49 30.86 -59.11
C GLN D 3 1.64 31.83 -58.86
N LEU D 4 2.86 31.34 -58.99
CA LEU D 4 4.06 32.12 -58.81
C LEU D 4 5.04 31.84 -59.95
N GLN D 5 5.94 32.80 -60.18
CA GLN D 5 6.95 32.67 -61.23
C GLN D 5 8.22 33.39 -60.81
N GLU D 6 9.34 32.72 -60.98
CA GLU D 6 10.63 33.32 -60.67
C GLU D 6 11.15 34.13 -61.86
N SER D 7 12.07 35.04 -61.57
CA SER D 7 12.65 35.89 -62.60
C SER D 7 13.96 36.47 -62.08
N GLY D 8 14.86 36.78 -63.03
CA GLY D 8 16.15 37.33 -62.70
C GLY D 8 17.21 36.94 -63.72
N PRO D 9 18.44 37.41 -63.51
CA PRO D 9 19.52 37.08 -64.44
C PRO D 9 19.91 35.61 -64.34
N GLY D 10 20.55 35.13 -65.41
CA GLY D 10 20.96 33.74 -65.48
C GLY D 10 22.44 33.49 -65.33
N LEU D 11 23.27 34.53 -65.39
CA LEU D 11 24.72 34.39 -65.25
C LEU D 11 25.23 35.46 -64.29
N VAL D 12 25.85 35.01 -63.20
CA VAL D 12 26.39 35.90 -62.19
C VAL D 12 27.87 35.58 -62.01
N ARG D 13 28.63 36.62 -61.64
CA ARG D 13 30.05 36.48 -61.38
C ARG D 13 30.34 36.65 -59.90
N PRO D 14 31.38 35.98 -59.37
CA PRO D 14 31.70 36.11 -57.95
C PRO D 14 32.09 37.52 -57.54
N SER D 15 32.25 37.74 -56.23
CA SER D 15 32.57 39.04 -55.66
C SER D 15 31.49 40.07 -55.98
N GLN D 16 30.30 39.60 -56.31
CA GLN D 16 29.18 40.48 -56.59
C GLN D 16 27.96 40.06 -55.77
N THR D 17 26.82 40.68 -56.06
CA THR D 17 25.56 40.37 -55.38
C THR D 17 24.57 39.75 -56.35
N LEU D 18 23.82 38.77 -55.86
CA LEU D 18 22.78 38.14 -56.66
C LEU D 18 21.41 38.72 -56.29
N SER D 19 20.60 38.99 -57.30
CA SER D 19 19.28 39.60 -57.09
C SER D 19 18.24 38.84 -57.89
N LEU D 20 17.12 38.53 -57.22
CA LEU D 20 16.01 37.84 -57.85
C LEU D 20 14.71 38.47 -57.37
N THR D 21 13.60 38.06 -58.01
CA THR D 21 12.28 38.55 -57.65
C THR D 21 11.24 37.51 -58.03
N CYS D 22 10.10 37.56 -57.34
CA CYS D 22 9.04 36.58 -57.50
C CYS D 22 7.71 37.29 -57.67
N THR D 23 6.94 36.89 -58.67
CA THR D 23 5.63 37.47 -58.96
C THR D 23 4.55 36.52 -58.50
N VAL D 24 3.56 37.06 -57.78
CA VAL D 24 2.47 36.26 -57.21
C VAL D 24 1.18 36.60 -57.94
N SER D 25 0.47 35.55 -58.37
CA SER D 25 -0.82 35.72 -59.02
C SER D 25 -1.82 34.77 -58.36
N GLY D 26 -3.10 35.13 -58.43
CA GLY D 26 -4.14 34.38 -57.79
C GLY D 26 -4.31 34.66 -56.31
N GLY D 27 -3.35 35.34 -55.68
CA GLY D 27 -3.46 35.68 -54.27
C GLY D 27 -3.02 37.11 -54.02
N SER D 28 -2.56 37.40 -52.80
CA SER D 28 -2.13 38.74 -52.45
C SER D 28 -1.10 38.68 -51.34
N VAL D 29 -0.05 39.49 -51.47
CA VAL D 29 0.96 39.59 -50.43
C VAL D 29 0.45 40.31 -49.20
N ARG D 30 -0.67 41.02 -49.31
CA ARG D 30 -1.26 41.69 -48.16
C ARG D 30 -1.75 40.71 -47.10
N ASN D 31 -1.91 39.43 -47.46
CA ASN D 31 -2.38 38.41 -46.52
C ASN D 31 -1.29 38.15 -45.49
N GLU D 32 -1.57 38.47 -44.23
CA GLU D 32 -0.60 38.31 -43.16
C GLU D 32 -0.60 36.91 -42.56
N TYR D 33 -1.42 36.00 -43.05
CA TYR D 33 -1.48 34.65 -42.53
C TYR D 33 -0.51 33.70 -43.22
N TYR D 34 0.45 34.22 -43.98
CA TYR D 34 1.37 33.37 -44.74
C TYR D 34 2.77 33.96 -44.69
N TYR D 35 3.75 33.12 -44.99
CA TYR D 35 5.14 33.54 -45.14
C TYR D 35 5.59 33.29 -46.57
N TRP D 36 6.60 34.05 -47.00
CA TRP D 36 7.16 33.96 -48.34
C TRP D 36 8.64 33.66 -48.24
N SER D 37 9.09 32.63 -48.95
CA SER D 37 10.45 32.12 -48.81
C SER D 37 11.08 31.92 -50.17
N TRP D 38 12.40 31.74 -50.16
CA TRP D 38 13.19 31.36 -51.33
C TRP D 38 13.85 30.03 -51.05
N ILE D 39 13.69 29.07 -51.97
CA ILE D 39 14.19 27.72 -51.79
C ILE D 39 15.17 27.39 -52.93
N ARG D 40 16.36 26.95 -52.56
CA ARG D 40 17.35 26.51 -53.54
C ARG D 40 17.28 24.99 -53.73
N GLN D 41 17.99 24.52 -54.76
CA GLN D 41 18.09 23.10 -55.05
C GLN D 41 19.33 22.86 -55.90
N PRO D 42 20.49 22.65 -55.27
CA PRO D 42 21.70 22.30 -56.04
C PRO D 42 21.51 21.00 -56.77
N PRO D 43 22.19 20.81 -57.90
CA PRO D 43 22.00 19.58 -58.68
C PRO D 43 22.48 18.36 -57.91
N GLY D 44 21.52 17.50 -57.56
CA GLY D 44 21.82 16.26 -56.85
C GLY D 44 22.02 16.39 -55.36
N GLN D 45 21.98 17.60 -54.81
CA GLN D 45 22.20 17.80 -53.38
C GLN D 45 20.90 18.00 -52.60
N GLY D 46 19.75 18.00 -53.26
CA GLY D 46 18.48 18.17 -52.59
C GLY D 46 18.09 19.63 -52.43
N LEU D 47 17.10 19.85 -51.58
CA LEU D 47 16.60 21.20 -51.32
C LEU D 47 17.37 21.85 -50.18
N GLU D 48 17.54 23.17 -50.28
CA GLU D 48 18.23 23.95 -49.26
C GLU D 48 17.39 25.17 -48.94
N TRP D 49 17.33 25.52 -47.64
CA TRP D 49 16.51 26.63 -47.21
C TRP D 49 17.34 27.90 -47.08
N ILE D 50 16.79 29.01 -47.59
CA ILE D 50 17.45 30.31 -47.51
C ILE D 50 16.88 31.09 -46.33
N GLY D 51 15.59 31.36 -46.37
CA GLY D 51 14.94 32.13 -45.33
C GLY D 51 13.61 32.64 -45.81
N TYR D 52 12.81 33.11 -44.84
CA TYR D 52 11.49 33.64 -45.15
C TYR D 52 11.21 34.83 -44.22
N MET D 53 10.20 35.61 -44.61
CA MET D 53 9.83 36.81 -43.86
C MET D 53 8.33 37.01 -43.92
N HIS D 54 7.80 37.71 -42.93
CA HIS D 54 6.39 38.05 -42.89
C HIS D 54 6.14 39.35 -43.63
N ASN D 55 4.86 39.64 -43.89
CA ASN D 55 4.50 40.91 -44.49
C ASN D 55 4.54 42.05 -43.49
N SER D 56 4.98 41.79 -42.25
CA SER D 56 5.06 42.79 -41.21
C SER D 56 6.48 43.31 -41.00
N GLY D 57 7.48 42.63 -41.57
CA GLY D 57 8.87 43.04 -41.50
C GLY D 57 9.79 42.01 -40.87
N ASN D 58 9.25 41.12 -40.05
CA ASN D 58 10.07 40.11 -39.39
C ASN D 58 10.60 39.12 -40.41
N THR D 59 11.92 38.90 -40.39
CA THR D 59 12.59 38.03 -41.34
C THR D 59 13.43 37.01 -40.59
N TYR D 60 13.40 35.76 -41.06
CA TYR D 60 14.21 34.69 -40.52
C TYR D 60 15.15 34.18 -41.60
N TYR D 61 16.31 33.67 -41.18
CA TYR D 61 17.35 33.23 -42.10
C TYR D 61 17.86 31.85 -41.69
N ASN D 62 18.49 31.18 -42.64
CA ASN D 62 19.11 29.88 -42.40
C ASN D 62 20.41 30.08 -41.63
N PRO D 63 20.63 29.34 -40.54
CA PRO D 63 21.90 29.49 -39.81
C PRO D 63 23.12 29.14 -40.64
N SER D 64 22.99 28.23 -41.61
CA SER D 64 24.10 27.90 -42.50
C SER D 64 24.37 28.98 -43.53
N LEU D 65 23.42 29.90 -43.75
CA LEU D 65 23.59 31.02 -44.66
C LEU D 65 23.38 32.35 -43.94
N LYS D 66 23.85 32.46 -42.71
CA LYS D 66 23.69 33.68 -41.95
C LYS D 66 24.54 34.80 -42.52
N SER D 67 23.98 36.01 -42.57
CA SER D 67 24.65 37.19 -43.08
C SER D 67 25.05 37.02 -44.54
N ARG D 68 24.42 36.06 -45.23
CA ARG D 68 24.72 35.81 -46.63
C ARG D 68 23.57 36.20 -47.54
N VAL D 69 22.34 36.29 -47.01
CA VAL D 69 21.17 36.59 -47.81
C VAL D 69 20.35 37.68 -47.13
N ALA D 70 19.54 38.36 -47.93
CA ALA D 70 18.64 39.40 -47.45
C ALA D 70 17.39 39.41 -48.31
N ILE D 71 16.23 39.40 -47.64
CA ILE D 71 14.95 39.33 -48.31
C ILE D 71 14.10 40.53 -47.91
N SER D 72 13.45 41.13 -48.91
CA SER D 72 12.54 42.25 -48.67
C SER D 72 11.27 42.01 -49.47
N VAL D 73 10.18 42.58 -48.97
CA VAL D 73 8.86 42.45 -49.61
C VAL D 73 8.45 43.79 -50.19
N ASP D 74 7.84 43.75 -51.38
CA ASP D 74 7.34 44.93 -52.07
C ASP D 74 5.83 44.76 -52.20
N MET D 75 5.09 45.22 -51.18
CA MET D 75 3.65 45.10 -51.20
C MET D 75 2.99 46.07 -52.17
N SER D 76 3.73 47.06 -52.67
CA SER D 76 3.17 47.98 -53.66
C SER D 76 3.07 47.34 -55.04
N LYS D 77 3.75 46.22 -55.26
CA LYS D 77 3.69 45.54 -56.56
C LYS D 77 3.50 44.04 -56.43
N ASN D 78 3.19 43.53 -55.22
CA ASN D 78 2.92 42.12 -55.01
C ASN D 78 4.11 41.25 -55.39
N GLN D 79 5.30 41.64 -54.93
CA GLN D 79 6.53 40.90 -55.20
C GLN D 79 7.45 40.96 -53.99
N PHE D 80 8.31 39.96 -53.88
CA PHE D 80 9.35 39.92 -52.86
C PHE D 80 10.66 39.50 -53.50
N SER D 81 11.74 40.18 -53.10
CA SER D 81 13.04 40.03 -53.75
C SER D 81 13.99 39.27 -52.85
N LEU D 82 15.03 38.72 -53.47
CA LEU D 82 16.08 37.98 -52.78
C LEU D 82 17.43 38.58 -53.12
N LYS D 83 18.29 38.70 -52.12
CA LYS D 83 19.64 39.21 -52.28
C LYS D 83 20.64 38.17 -51.79
N LEU D 84 21.76 38.05 -52.52
CA LEU D 84 22.83 37.12 -52.18
C LEU D 84 24.16 37.79 -52.55
N SER D 85 24.82 38.37 -51.55
CA SER D 85 26.09 39.05 -51.78
C SER D 85 27.25 38.09 -51.64
N SER D 86 28.34 38.37 -52.35
CA SER D 86 29.55 37.56 -52.34
C SER D 86 29.24 36.11 -52.74
N VAL D 87 28.74 35.97 -53.97
CA VAL D 87 28.37 34.66 -54.47
C VAL D 87 29.62 33.83 -54.75
N THR D 88 29.42 32.51 -54.82
CA THR D 88 30.51 31.58 -55.06
C THR D 88 30.02 30.52 -56.05
N VAL D 89 30.95 29.67 -56.48
CA VAL D 89 30.65 28.61 -57.45
C VAL D 89 29.69 27.60 -56.85
N ALA D 90 29.61 27.56 -55.51
CA ALA D 90 28.71 26.64 -54.84
C ALA D 90 27.26 27.11 -54.88
N ASP D 91 27.00 28.30 -55.42
CA ASP D 91 25.66 28.85 -55.48
C ASP D 91 24.96 28.60 -56.81
N THR D 92 25.26 27.49 -57.49
CA THR D 92 24.67 27.19 -58.78
C THR D 92 23.33 26.48 -58.62
N ALA D 93 22.71 26.61 -57.45
CA ALA D 93 21.46 25.93 -57.18
C ALA D 93 20.31 26.56 -57.96
N VAL D 94 19.24 25.79 -58.13
CA VAL D 94 18.03 26.30 -58.77
C VAL D 94 17.14 26.95 -57.72
N TYR D 95 16.76 28.19 -57.96
CA TYR D 95 16.02 28.99 -57.00
C TYR D 95 14.52 28.88 -57.25
N TYR D 96 13.77 28.64 -56.17
CA TYR D 96 12.32 28.59 -56.21
C TYR D 96 11.75 29.52 -55.14
N CYS D 97 10.63 30.16 -55.46
CA CYS D 97 9.87 30.93 -54.48
C CYS D 97 8.53 30.27 -54.24
N ALA D 98 8.22 30.00 -52.98
CA ALA D 98 7.01 29.29 -52.60
C ALA D 98 6.46 29.88 -51.31
N ARG D 99 5.14 30.05 -51.27
CA ARG D 99 4.48 30.55 -50.08
C ARG D 99 4.22 29.42 -49.09
N VAL D 100 4.63 29.64 -47.85
CA VAL D 100 4.45 28.66 -46.77
C VAL D 100 3.32 29.13 -45.87
N ASP D 101 2.33 28.25 -45.66
CA ASP D 101 1.15 28.60 -44.90
C ASP D 101 1.48 28.63 -43.40
N VAL D 102 1.25 29.77 -42.77
CA VAL D 102 1.42 29.93 -41.33
C VAL D 102 0.11 30.35 -40.67
N GLY D 103 -1.02 30.06 -41.31
CA GLY D 103 -2.32 30.44 -40.78
C GLY D 103 -2.96 29.38 -39.91
N GLY D 104 -2.30 29.03 -38.81
CA GLY D 104 -2.83 28.04 -37.91
C GLY D 104 -2.13 28.08 -36.57
N THR D 105 -2.18 26.95 -35.87
CA THR D 105 -1.50 26.85 -34.58
C THR D 105 0.02 26.87 -34.73
N LEU D 106 0.55 26.24 -35.76
CA LEU D 106 1.99 26.24 -36.03
C LEU D 106 2.21 26.51 -37.51
N VAL D 107 3.49 26.72 -37.86
CA VAL D 107 3.84 26.85 -39.26
C VAL D 107 3.58 25.54 -39.98
N SER D 108 3.25 25.63 -41.27
CA SER D 108 2.82 24.44 -42.00
C SER D 108 3.47 24.35 -43.39
N THR D 109 2.89 23.53 -44.26
CA THR D 109 3.51 23.24 -45.54
C THR D 109 3.59 24.48 -46.43
N PHE D 110 4.41 24.38 -47.47
CA PHE D 110 4.43 25.40 -48.51
C PHE D 110 3.21 25.24 -49.40
N ASP D 111 2.44 26.32 -49.55
CA ASP D 111 1.16 26.27 -50.27
C ASP D 111 1.34 25.95 -51.75
N HIS D 112 2.08 26.77 -52.49
CA HIS D 112 2.32 26.54 -53.91
C HIS D 112 3.76 26.89 -54.23
N TRP D 113 4.36 26.09 -55.11
CA TRP D 113 5.73 26.26 -55.55
C TRP D 113 5.77 26.81 -56.97
N GLY D 114 6.78 27.62 -57.25
CA GLY D 114 6.96 28.17 -58.57
C GLY D 114 7.69 27.20 -59.50
N GLN D 115 7.84 27.63 -60.75
CA GLN D 115 8.51 26.82 -61.75
C GLN D 115 10.03 26.84 -61.60
N GLY D 116 10.59 27.90 -61.04
CA GLY D 116 12.02 27.99 -60.81
C GLY D 116 12.81 28.43 -62.03
N ILE D 117 14.00 28.96 -61.79
CA ILE D 117 14.90 29.40 -62.85
C ILE D 117 16.33 29.04 -62.47
N LEU D 118 17.09 28.57 -63.45
CA LEU D 118 18.47 28.16 -63.20
C LEU D 118 19.37 29.38 -63.10
N VAL D 119 20.22 29.40 -62.07
CA VAL D 119 21.18 30.48 -61.84
C VAL D 119 22.56 29.87 -61.79
N THR D 120 23.32 30.03 -62.86
CA THR D 120 24.69 29.54 -62.95
C THR D 120 25.67 30.67 -62.65
N VAL D 121 26.82 30.29 -62.07
CA VAL D 121 27.82 31.25 -61.65
C VAL D 121 29.19 30.77 -62.11
N SER D 122 30.03 31.72 -62.53
CA SER D 122 31.39 31.41 -62.95
C SER D 122 32.20 32.69 -62.95
N SER D 123 33.51 32.55 -62.79
CA SER D 123 34.41 33.70 -62.72
C SER D 123 35.15 33.97 -64.03
N ALA D 124 35.32 32.96 -64.88
CA ALA D 124 36.04 33.14 -66.13
C ALA D 124 35.08 33.51 -67.25
N SER D 125 35.64 33.97 -68.37
CA SER D 125 34.86 34.33 -69.54
C SER D 125 34.56 33.09 -70.37
N THR D 126 34.07 33.28 -71.59
CA THR D 126 33.75 32.16 -72.46
C THR D 126 35.01 31.52 -72.99
N LYS D 127 35.80 30.90 -72.11
CA LYS D 127 37.04 30.27 -72.52
C LYS D 127 36.77 28.96 -73.24
N GLY D 128 37.74 28.51 -74.03
CA GLY D 128 37.63 27.28 -74.76
C GLY D 128 37.94 26.07 -73.90
N PRO D 129 37.44 24.91 -74.31
CA PRO D 129 37.67 23.68 -73.54
C PRO D 129 39.05 23.11 -73.83
N SER D 130 39.41 22.11 -73.03
CA SER D 130 40.65 21.36 -73.19
C SER D 130 40.29 19.90 -73.42
N VAL D 131 40.10 19.53 -74.68
CA VAL D 131 39.67 18.19 -75.08
C VAL D 131 40.86 17.25 -74.92
N PHE D 132 40.62 16.09 -74.30
CA PHE D 132 41.66 15.11 -74.08
C PHE D 132 41.33 13.82 -74.84
N PRO D 133 42.35 13.11 -75.32
CA PRO D 133 42.10 11.93 -76.15
C PRO D 133 41.55 10.75 -75.35
N LEU D 134 40.26 10.80 -75.02
CA LEU D 134 39.61 9.67 -74.37
C LEU D 134 39.58 8.48 -75.32
N ALA D 135 40.34 7.43 -75.00
CA ALA D 135 40.53 6.30 -75.89
C ALA D 135 39.97 5.02 -75.27
N PRO D 136 39.51 4.09 -76.10
CA PRO D 136 39.01 2.81 -75.56
C PRO D 136 40.15 1.85 -75.23
N SER D 137 39.77 0.66 -74.79
CA SER D 137 40.73 -0.37 -74.46
C SER D 137 41.29 -1.03 -75.71
N THR D 145 35.08 -5.43 -75.69
CA THR D 145 34.33 -4.58 -74.76
C THR D 145 35.16 -3.38 -74.33
N ALA D 146 34.75 -2.19 -74.79
CA ALA D 146 35.45 -0.96 -74.47
C ALA D 146 34.48 0.21 -74.61
N ALA D 147 35.02 1.41 -74.46
CA ALA D 147 34.21 2.62 -74.53
C ALA D 147 35.10 3.81 -74.84
N LEU D 148 34.62 4.70 -75.70
CA LEU D 148 35.38 5.87 -76.13
C LEU D 148 34.49 7.10 -76.09
N GLY D 149 35.13 8.25 -75.92
CA GLY D 149 34.40 9.51 -75.88
C GLY D 149 35.32 10.67 -76.19
N CYS D 150 34.79 11.87 -75.94
CA CYS D 150 35.55 13.10 -76.21
C CYS D 150 36.29 13.61 -74.99
N LEU D 151 35.73 13.46 -73.79
CA LEU D 151 36.32 13.96 -72.56
C LEU D 151 36.56 15.46 -72.63
N VAL D 152 35.45 16.20 -72.76
CA VAL D 152 35.53 17.66 -72.84
C VAL D 152 35.46 18.24 -71.44
N LYS D 153 36.39 19.14 -71.11
CA LYS D 153 36.46 19.75 -69.80
C LYS D 153 36.81 21.22 -69.94
N ASP D 154 36.45 21.98 -68.90
CA ASP D 154 36.81 23.39 -68.79
C ASP D 154 36.24 24.24 -69.93
N TYR D 155 34.93 24.19 -70.13
CA TYR D 155 34.26 25.02 -71.11
C TYR D 155 33.13 25.80 -70.47
N PHE D 156 33.07 27.09 -70.81
CA PHE D 156 32.09 28.02 -70.25
C PHE D 156 30.72 27.92 -70.92
N PRO D 157 30.62 27.90 -72.26
CA PRO D 157 29.29 27.86 -72.88
C PRO D 157 28.53 26.59 -72.53
N GLU D 158 27.23 26.73 -72.32
CA GLU D 158 26.37 25.64 -71.89
C GLU D 158 26.02 24.67 -73.03
N PRO D 159 25.40 25.13 -74.17
CA PRO D 159 24.88 24.20 -75.18
C PRO D 159 25.96 23.58 -76.07
N VAL D 160 26.82 22.76 -75.47
CA VAL D 160 27.88 22.11 -76.23
C VAL D 160 27.45 20.69 -76.59
N THR D 161 27.62 20.32 -77.86
CA THR D 161 27.27 19.00 -78.34
C THR D 161 28.49 18.37 -79.01
N VAL D 162 28.41 17.06 -79.24
CA VAL D 162 29.50 16.29 -79.82
C VAL D 162 28.97 15.42 -80.95
N SER D 163 29.90 14.81 -81.69
CA SER D 163 29.56 13.91 -82.79
C SER D 163 30.70 12.92 -82.96
N TRP D 164 30.41 11.85 -83.71
CA TRP D 164 31.41 10.79 -83.95
C TRP D 164 31.22 10.24 -85.35
N ASN D 165 31.97 10.80 -86.31
CA ASN D 165 32.09 10.27 -87.67
C ASN D 165 30.74 10.23 -88.40
N SER D 166 29.69 10.77 -87.78
CA SER D 166 28.33 10.79 -88.34
C SER D 166 27.78 9.38 -88.54
N GLY D 167 28.54 8.36 -88.16
CA GLY D 167 28.09 6.98 -88.27
C GLY D 167 28.57 6.12 -87.12
N ALA D 168 29.30 6.72 -86.19
CA ALA D 168 29.81 5.97 -85.04
C ALA D 168 29.10 6.34 -83.75
N LEU D 169 28.10 7.23 -83.82
CA LEU D 169 27.36 7.64 -82.63
C LEU D 169 26.44 6.52 -82.14
N VAL D 173 27.01 7.23 -77.41
CA VAL D 173 26.68 8.59 -77.01
C VAL D 173 25.22 8.65 -76.56
N HIS D 174 24.92 9.54 -75.62
CA HIS D 174 23.58 9.68 -75.08
C HIS D 174 23.42 11.08 -74.50
N THR D 175 22.21 11.36 -74.01
CA THR D 175 21.97 12.61 -73.31
C THR D 175 22.76 12.63 -72.01
N PHE D 176 23.83 13.41 -71.98
CA PHE D 176 24.79 13.36 -70.89
C PHE D 176 24.56 14.53 -69.93
N PRO D 177 24.60 14.26 -68.62
CA PRO D 177 24.48 15.34 -67.64
C PRO D 177 25.75 16.17 -67.54
N ALA D 178 25.86 17.22 -68.36
CA ALA D 178 27.05 18.04 -68.37
C ALA D 178 27.10 18.96 -67.16
N VAL D 179 27.46 18.41 -66.00
CA VAL D 179 27.53 19.20 -64.78
C VAL D 179 28.79 20.06 -64.79
N LEU D 180 28.78 21.08 -63.93
CA LEU D 180 29.90 22.00 -63.79
C LEU D 180 30.77 21.57 -62.61
N GLN D 181 32.09 21.60 -62.81
CA GLN D 181 33.02 21.19 -61.77
C GLN D 181 33.20 22.30 -60.75
N SER D 182 33.96 21.99 -59.69
CA SER D 182 34.24 22.98 -58.66
C SER D 182 35.10 24.13 -59.15
N SER D 183 35.79 23.96 -60.28
CA SER D 183 36.62 25.03 -60.84
C SER D 183 35.79 26.11 -61.51
N GLY D 184 34.47 26.00 -61.51
CA GLY D 184 33.64 27.01 -62.14
C GLY D 184 33.44 26.83 -63.63
N LEU D 185 33.74 25.64 -64.16
CA LEU D 185 33.57 25.36 -65.57
C LEU D 185 32.91 24.00 -65.73
N TYR D 186 32.24 23.83 -66.87
CA TYR D 186 31.45 22.63 -67.12
C TYR D 186 32.34 21.51 -67.66
N SER D 187 31.78 20.29 -67.64
CA SER D 187 32.45 19.10 -68.15
C SER D 187 31.47 18.27 -68.94
N LEU D 188 32.00 17.49 -69.88
CA LEU D 188 31.15 16.64 -70.73
C LEU D 188 31.96 15.42 -71.12
N SER D 189 31.53 14.25 -70.67
CA SER D 189 32.24 13.00 -70.92
C SER D 189 31.28 11.91 -71.39
N SER D 190 30.42 12.25 -72.34
CA SER D 190 29.53 11.25 -72.93
C SER D 190 30.36 10.22 -73.70
N VAL D 191 30.13 8.95 -73.38
CA VAL D 191 30.96 7.86 -73.88
C VAL D 191 30.16 7.05 -74.90
N VAL D 192 30.88 6.36 -75.79
CA VAL D 192 30.27 5.55 -76.83
C VAL D 192 30.78 4.12 -76.69
N THR D 193 29.86 3.16 -76.69
CA THR D 193 30.23 1.75 -76.59
C THR D 193 30.95 1.31 -77.86
N VAL D 194 31.89 0.38 -77.70
CA VAL D 194 32.73 -0.08 -78.81
C VAL D 194 33.41 -1.37 -78.39
N PRO D 195 33.51 -2.37 -79.27
CA PRO D 195 34.26 -3.59 -78.94
C PRO D 195 35.75 -3.32 -78.84
N SER D 196 36.50 -4.41 -78.63
CA SER D 196 37.94 -4.31 -78.47
C SER D 196 38.59 -3.74 -79.72
N SER D 197 39.83 -3.25 -79.57
CA SER D 197 40.55 -2.67 -80.68
C SER D 197 40.83 -3.68 -81.78
N SER D 198 40.85 -4.97 -81.46
CA SER D 198 41.04 -5.99 -82.48
C SER D 198 39.86 -6.04 -83.46
N LEU D 199 38.68 -5.63 -83.04
CA LEU D 199 37.52 -5.53 -83.90
C LEU D 199 37.19 -4.10 -84.32
N GLY D 200 37.28 -3.15 -83.40
CA GLY D 200 37.07 -1.76 -83.73
C GLY D 200 38.35 -1.07 -84.16
N THR D 201 39.00 -1.59 -85.19
CA THR D 201 40.27 -1.07 -85.65
C THR D 201 40.14 0.27 -86.39
N GLN D 202 38.92 0.76 -86.58
CA GLN D 202 38.73 2.03 -87.27
C GLN D 202 39.29 3.18 -86.42
N THR D 203 39.59 4.29 -87.10
CA THR D 203 40.10 5.46 -86.41
C THR D 203 38.96 6.26 -85.78
N TYR D 204 39.29 7.00 -84.73
CA TYR D 204 38.32 7.80 -84.01
C TYR D 204 38.88 9.19 -83.76
N ILE D 205 38.07 10.21 -84.04
CA ILE D 205 38.44 11.60 -83.84
C ILE D 205 37.27 12.30 -83.16
N CYS D 206 37.54 12.95 -82.03
CA CYS D 206 36.50 13.68 -81.34
C CYS D 206 36.02 14.86 -82.19
N ASN D 207 34.71 14.92 -82.42
CA ASN D 207 34.10 15.94 -83.27
C ASN D 207 33.15 16.83 -82.48
N VAL D 208 33.55 17.27 -81.29
CA VAL D 208 32.71 18.13 -80.47
C VAL D 208 32.34 19.39 -81.25
N ASN D 209 31.04 19.68 -81.31
CA ASN D 209 30.55 20.77 -82.14
C ASN D 209 30.94 22.13 -81.56
N HIS D 210 30.64 22.36 -80.29
CA HIS D 210 30.91 23.65 -79.63
C HIS D 210 30.29 24.81 -80.41
N LYS D 211 29.02 24.65 -80.79
CA LYS D 211 28.32 25.65 -81.59
C LYS D 211 28.34 27.05 -80.97
N PRO D 212 28.07 27.23 -79.67
CA PRO D 212 28.18 28.58 -79.10
C PRO D 212 29.61 29.10 -79.17
N SER D 213 29.73 30.43 -79.13
CA SER D 213 31.00 31.15 -79.23
C SER D 213 31.67 30.96 -80.59
N ASN D 214 30.99 30.29 -81.53
CA ASN D 214 31.47 30.10 -82.89
C ASN D 214 32.85 29.46 -82.91
N THR D 215 32.91 28.22 -82.42
CA THR D 215 34.15 27.47 -82.33
C THR D 215 33.91 26.02 -82.74
N LYS D 216 34.98 25.38 -83.21
CA LYS D 216 34.95 23.97 -83.55
C LYS D 216 36.30 23.35 -83.24
N VAL D 217 36.28 22.30 -82.41
CA VAL D 217 37.50 21.65 -81.93
C VAL D 217 37.47 20.19 -82.36
N ASP D 218 38.59 19.70 -82.88
CA ASP D 218 38.74 18.30 -83.25
C ASP D 218 40.10 17.80 -82.75
N LYS D 219 40.08 16.67 -82.06
CA LYS D 219 41.29 16.09 -81.47
C LYS D 219 41.39 14.63 -81.89
N ARG D 220 42.62 14.18 -82.13
CA ARG D 220 42.84 12.79 -82.53
C ARG D 220 42.86 11.88 -81.30
N VAL D 221 42.15 10.76 -81.40
CA VAL D 221 42.15 9.79 -80.30
C VAL D 221 43.28 8.79 -80.50
N GLU D 222 44.05 8.58 -79.44
CA GLU D 222 45.18 7.65 -79.49
C GLU D 222 44.72 6.21 -79.63
N GLN E 1 -21.42 38.96 17.67
CA GLN E 1 -22.60 38.36 17.06
C GLN E 1 -23.86 39.15 17.40
N VAL E 2 -25.00 38.70 16.88
CA VAL E 2 -26.26 39.37 17.12
C VAL E 2 -26.76 39.01 18.52
N GLN E 3 -27.25 40.03 19.23
CA GLN E 3 -27.82 39.83 20.56
C GLN E 3 -29.14 40.60 20.64
N LEU E 4 -29.95 40.24 21.63
CA LEU E 4 -31.27 40.82 21.82
C LEU E 4 -31.28 41.64 23.10
N GLN E 5 -31.40 42.96 22.95
CA GLN E 5 -31.49 43.85 24.11
C GLN E 5 -32.92 43.91 24.61
N GLU E 6 -33.07 43.98 25.93
CA GLU E 6 -34.37 44.02 26.57
C GLU E 6 -34.45 45.19 27.53
N SER E 7 -35.66 45.67 27.76
CA SER E 7 -35.91 46.78 28.67
C SER E 7 -37.37 46.76 29.08
N GLY E 8 -37.63 47.17 30.32
CA GLY E 8 -38.97 47.21 30.85
C GLY E 8 -39.03 46.92 32.33
N PRO E 9 -40.03 47.47 33.01
CA PRO E 9 -40.17 47.24 34.45
C PRO E 9 -40.73 45.86 34.75
N GLY E 10 -40.36 45.34 35.92
CA GLY E 10 -40.82 44.04 36.38
C GLY E 10 -41.74 44.07 37.57
N LEU E 11 -42.25 45.24 37.95
CA LEU E 11 -43.14 45.36 39.10
C LEU E 11 -44.24 46.35 38.76
N VAL E 12 -45.47 45.85 38.64
CA VAL E 12 -46.63 46.67 38.31
C VAL E 12 -47.77 46.30 39.24
N ARG E 13 -48.79 47.15 39.25
CA ARG E 13 -49.97 46.91 40.07
C ARG E 13 -50.95 46.00 39.34
N PRO E 14 -51.74 45.22 40.08
CA PRO E 14 -52.70 44.32 39.43
C PRO E 14 -53.81 45.09 38.72
N SER E 15 -54.45 44.40 37.78
CA SER E 15 -55.56 44.96 36.99
C SER E 15 -55.12 46.20 36.23
N GLN E 16 -53.92 46.15 35.66
CA GLN E 16 -53.35 47.25 34.88
C GLN E 16 -52.83 46.72 33.55
N THR E 17 -52.13 47.59 32.83
CA THR E 17 -51.51 47.25 31.55
C THR E 17 -50.01 47.45 31.64
N LEU E 18 -49.27 46.59 30.93
CA LEU E 18 -47.81 46.65 30.91
C LEU E 18 -47.32 46.51 29.48
N SER E 19 -46.34 47.34 29.13
CA SER E 19 -45.73 47.32 27.80
C SER E 19 -44.23 47.14 27.94
N LEU E 20 -43.72 46.02 27.42
CA LEU E 20 -42.31 45.71 27.46
C LEU E 20 -41.72 45.80 26.05
N THR E 21 -40.48 46.27 25.97
CA THR E 21 -39.81 46.49 24.70
C THR E 21 -38.60 45.58 24.60
N CYS E 22 -38.14 45.36 23.36
CA CYS E 22 -36.99 44.51 23.10
C CYS E 22 -36.41 44.90 21.75
N THR E 23 -35.10 45.19 21.75
CA THR E 23 -34.41 45.70 20.58
C THR E 23 -33.34 44.71 20.14
N VAL E 24 -33.27 44.47 18.84
CA VAL E 24 -32.27 43.58 18.26
C VAL E 24 -30.98 44.38 18.06
N SER E 25 -29.89 43.91 18.66
CA SER E 25 -28.60 44.57 18.58
C SER E 25 -27.62 43.73 17.76
N GLY E 26 -26.73 44.40 17.05
CA GLY E 26 -25.74 43.73 16.23
C GLY E 26 -26.20 43.36 14.83
N GLY E 27 -27.36 43.83 14.42
CA GLY E 27 -27.88 43.52 13.09
C GLY E 27 -28.98 44.48 12.71
N SER E 28 -29.97 43.96 11.99
CA SER E 28 -31.10 44.76 11.55
C SER E 28 -32.38 43.94 11.67
N VAL E 29 -33.43 44.59 12.19
CA VAL E 29 -34.71 43.89 12.37
C VAL E 29 -35.48 43.77 11.07
N ARG E 30 -35.13 44.56 10.05
CA ARG E 30 -35.84 44.50 8.77
C ARG E 30 -35.34 43.40 7.86
N ASN E 31 -34.40 42.57 8.31
CA ASN E 31 -33.91 41.48 7.49
C ASN E 31 -35.00 40.42 7.30
N GLU E 32 -35.12 39.91 6.09
CA GLU E 32 -36.14 38.94 5.75
C GLU E 32 -35.74 37.55 6.25
N TYR E 33 -36.54 36.56 5.87
CA TYR E 33 -36.35 35.15 6.22
C TYR E 33 -36.41 34.90 7.73
N TYR E 34 -36.97 35.82 8.51
CA TYR E 34 -37.05 35.67 9.96
C TYR E 34 -38.26 36.40 10.49
N TYR E 35 -38.89 35.81 11.50
CA TYR E 35 -39.97 36.46 12.25
C TYR E 35 -39.41 37.05 13.55
N TRP E 36 -40.33 37.59 14.35
CA TRP E 36 -39.98 38.16 15.65
C TRP E 36 -41.09 37.85 16.63
N SER E 37 -40.74 37.15 17.71
CA SER E 37 -41.74 36.59 18.61
C SER E 37 -41.39 36.91 20.06
N TRP E 38 -42.41 36.85 20.90
CA TRP E 38 -42.26 36.94 22.35
C TRP E 38 -42.68 35.61 22.96
N ILE E 39 -41.96 35.17 24.00
CA ILE E 39 -42.17 33.87 24.60
C ILE E 39 -42.28 34.02 26.12
N ARG E 40 -43.28 33.37 26.68
CA ARG E 40 -43.56 33.44 28.11
C ARG E 40 -43.14 32.13 28.78
N GLN E 41 -42.71 32.24 30.03
CA GLN E 41 -42.33 31.08 30.83
C GLN E 41 -43.07 31.15 32.16
N PRO E 42 -44.21 30.47 32.27
CA PRO E 42 -44.98 30.54 33.51
C PRO E 42 -44.23 29.86 34.64
N PRO E 43 -44.30 30.42 35.85
CA PRO E 43 -43.62 29.79 36.99
C PRO E 43 -44.31 28.49 37.38
N GLY E 44 -43.50 27.44 37.56
CA GLY E 44 -44.02 26.12 37.85
C GLY E 44 -44.57 25.35 36.67
N GLN E 45 -44.91 26.03 35.58
CA GLN E 45 -45.39 25.40 34.37
C GLN E 45 -44.27 25.29 33.33
N GLY E 46 -44.61 24.76 32.17
CA GLY E 46 -43.66 24.59 31.09
C GLY E 46 -43.39 25.87 30.33
N LEU E 47 -43.22 25.73 29.02
CA LEU E 47 -42.96 26.85 28.14
C LEU E 47 -44.25 27.24 27.41
N GLU E 48 -44.50 28.53 27.29
CA GLU E 48 -45.72 29.04 26.67
C GLU E 48 -45.37 29.97 25.52
N TRP E 49 -46.11 29.85 24.42
CA TRP E 49 -45.88 30.67 23.24
C TRP E 49 -46.89 31.81 23.19
N ILE E 50 -46.41 33.02 22.91
CA ILE E 50 -47.30 34.17 22.82
C ILE E 50 -47.68 34.46 21.38
N GLY E 51 -46.71 34.76 20.53
CA GLY E 51 -46.98 35.03 19.14
C GLY E 51 -45.77 35.63 18.45
N TYR E 52 -45.75 35.47 17.13
CA TYR E 52 -44.67 35.99 16.31
C TYR E 52 -45.23 37.03 15.35
N MET E 53 -44.36 37.93 14.92
CA MET E 53 -44.72 39.04 14.05
C MET E 53 -43.72 39.14 12.91
N HIS E 54 -44.22 39.05 11.67
CA HIS E 54 -43.38 39.26 10.51
C HIS E 54 -43.07 40.76 10.36
N ASN E 55 -42.17 41.07 9.41
CA ASN E 55 -41.90 42.47 9.13
C ASN E 55 -43.11 43.18 8.55
N SER E 56 -44.06 42.43 7.98
CA SER E 56 -45.31 43.01 7.49
C SER E 56 -46.36 43.13 8.59
N GLY E 57 -46.23 42.37 9.67
CA GLY E 57 -47.18 42.46 10.78
C GLY E 57 -48.48 41.72 10.53
N ASN E 58 -48.40 40.40 10.36
CA ASN E 58 -49.61 39.60 10.17
C ASN E 58 -50.35 39.30 11.46
N THR E 59 -49.74 39.60 12.62
CA THR E 59 -50.38 39.48 13.92
C THR E 59 -50.89 38.06 14.18
N TYR E 60 -49.96 37.12 14.25
CA TYR E 60 -50.27 35.74 14.63
C TYR E 60 -50.21 35.64 16.15
N TYR E 61 -51.34 35.86 16.80
CA TYR E 61 -51.42 35.85 18.25
C TYR E 61 -51.92 34.50 18.76
N ASN E 62 -51.78 34.30 20.07
CA ASN E 62 -52.23 33.07 20.69
C ASN E 62 -53.76 33.06 20.77
N PRO E 63 -54.41 31.93 20.49
CA PRO E 63 -55.88 31.90 20.55
C PRO E 63 -56.45 31.99 21.96
N SER E 64 -55.79 31.39 22.96
CA SER E 64 -56.30 31.44 24.32
C SER E 64 -56.12 32.82 24.94
N LEU E 65 -55.10 33.57 24.51
CA LEU E 65 -54.85 34.92 25.01
C LEU E 65 -55.36 35.99 24.06
N LYS E 66 -56.47 35.75 23.35
CA LYS E 66 -56.99 36.72 22.41
C LYS E 66 -57.46 37.97 23.14
N SER E 67 -57.21 39.13 22.52
CA SER E 67 -57.60 40.44 23.05
C SER E 67 -56.95 40.72 24.40
N ARG E 68 -55.95 39.92 24.76
CA ARG E 68 -55.24 40.14 26.03
C ARG E 68 -53.75 40.32 25.82
N VAL E 69 -53.19 39.83 24.70
CA VAL E 69 -51.79 40.00 24.39
C VAL E 69 -51.67 40.66 23.02
N ALA E 70 -50.61 41.44 22.84
CA ALA E 70 -50.38 42.13 21.59
C ALA E 70 -48.92 42.58 21.51
N ILE E 71 -48.33 42.44 20.33
CA ILE E 71 -46.96 42.87 20.08
C ILE E 71 -46.92 43.51 18.70
N SER E 72 -46.21 44.64 18.59
CA SER E 72 -46.10 45.39 17.35
C SER E 72 -44.63 45.67 17.08
N VAL E 73 -44.19 45.42 15.85
CA VAL E 73 -42.82 45.65 15.45
C VAL E 73 -42.67 47.08 14.96
N ASP E 74 -41.49 47.66 15.16
CA ASP E 74 -41.19 49.02 14.73
C ASP E 74 -39.78 49.02 14.15
N MET E 75 -39.69 48.82 12.82
CA MET E 75 -38.40 48.74 12.16
C MET E 75 -37.71 50.09 12.05
N SER E 76 -38.38 51.18 12.42
CA SER E 76 -37.74 52.50 12.36
C SER E 76 -36.62 52.64 13.38
N LYS E 77 -36.72 51.94 14.52
CA LYS E 77 -35.69 51.95 15.54
C LYS E 77 -35.16 50.55 15.80
N ASN E 78 -35.50 49.61 14.90
CA ASN E 78 -35.06 48.22 14.98
C ASN E 78 -35.47 47.58 16.30
N GLN E 79 -36.69 47.85 16.75
CA GLN E 79 -37.20 47.35 18.02
C GLN E 79 -38.65 46.92 17.87
N PHE E 80 -39.06 46.00 18.74
CA PHE E 80 -40.44 45.54 18.80
C PHE E 80 -40.86 45.44 20.26
N SER E 81 -42.08 45.86 20.54
CA SER E 81 -42.57 45.97 21.92
C SER E 81 -43.79 45.08 22.12
N LEU E 82 -43.78 44.34 23.22
CA LEU E 82 -44.92 43.53 23.62
C LEU E 82 -45.74 44.27 24.66
N LYS E 83 -47.07 44.19 24.51
CA LYS E 83 -47.97 44.86 25.43
C LYS E 83 -49.09 43.90 25.82
N LEU E 84 -49.61 44.10 27.04
CA LEU E 84 -50.70 43.28 27.55
C LEU E 84 -51.37 44.03 28.68
N SER E 85 -52.64 43.70 28.90
CA SER E 85 -53.44 44.36 29.92
C SER E 85 -53.93 43.32 30.92
N SER E 86 -54.57 43.82 31.98
CA SER E 86 -55.13 42.98 33.05
C SER E 86 -54.06 42.12 33.70
N VAL E 87 -52.84 42.65 33.85
CA VAL E 87 -51.78 41.93 34.52
C VAL E 87 -52.13 41.77 35.99
N THR E 88 -51.97 40.56 36.51
CA THR E 88 -52.35 40.23 37.88
C THR E 88 -51.61 38.95 38.27
N VAL E 89 -52.02 38.36 39.39
CA VAL E 89 -51.42 37.12 39.88
C VAL E 89 -51.70 35.94 38.96
N ALA E 90 -52.55 36.12 37.95
CA ALA E 90 -52.91 35.02 37.06
C ALA E 90 -51.71 34.46 36.30
N ASP E 91 -50.78 35.32 35.87
CA ASP E 91 -49.64 34.84 35.11
C ASP E 91 -48.33 35.03 35.88
N THR E 92 -48.04 36.27 36.28
CA THR E 92 -46.82 36.67 36.99
C THR E 92 -45.60 35.87 36.54
N ALA E 93 -45.42 35.84 35.21
CA ALA E 93 -44.42 34.99 34.58
C ALA E 93 -43.33 35.84 33.96
N VAL E 94 -42.34 35.17 33.38
CA VAL E 94 -41.23 35.83 32.70
C VAL E 94 -41.47 35.77 31.19
N TYR E 95 -41.10 36.84 30.49
CA TYR E 95 -41.29 36.95 29.05
C TYR E 95 -39.94 37.07 28.36
N TYR E 96 -39.83 36.44 27.20
CA TYR E 96 -38.58 36.40 26.45
C TYR E 96 -38.84 36.74 24.99
N CYS E 97 -38.07 37.66 24.45
CA CYS E 97 -38.14 37.95 23.02
C CYS E 97 -37.11 37.12 22.26
N ALA E 98 -37.50 36.69 21.06
CA ALA E 98 -36.66 35.80 20.27
C ALA E 98 -37.06 35.92 18.81
N ARG E 99 -36.21 35.38 17.93
CA ARG E 99 -36.47 35.34 16.51
C ARG E 99 -36.48 33.89 16.04
N VAL E 100 -37.10 33.68 14.88
CA VAL E 100 -37.30 32.32 14.35
C VAL E 100 -37.14 32.37 12.84
N ASP E 101 -36.64 31.27 12.28
CA ASP E 101 -36.33 31.22 10.85
C ASP E 101 -37.53 30.74 10.05
N VAL E 102 -37.76 31.40 8.91
CA VAL E 102 -38.81 31.01 7.98
C VAL E 102 -38.23 30.93 6.57
N GLY E 103 -36.96 30.56 6.48
CA GLY E 103 -36.23 30.56 5.22
C GLY E 103 -36.58 29.41 4.28
N GLY E 104 -37.80 29.42 3.74
CA GLY E 104 -38.22 28.39 2.82
C GLY E 104 -39.05 27.31 3.47
N THR E 105 -38.49 26.66 4.48
CA THR E 105 -39.25 25.67 5.24
C THR E 105 -40.22 26.38 6.18
N LEU E 106 -40.96 25.59 6.96
CA LEU E 106 -41.89 26.15 7.91
C LEU E 106 -41.14 26.88 9.02
N VAL E 107 -41.89 27.71 9.76
CA VAL E 107 -41.34 28.48 10.86
C VAL E 107 -40.74 27.55 11.91
N SER E 108 -39.44 27.66 12.14
CA SER E 108 -38.75 26.75 13.05
C SER E 108 -37.37 27.31 13.37
N THR E 109 -36.66 26.58 14.25
CA THR E 109 -35.27 26.86 14.61
C THR E 109 -35.07 28.25 15.22
N PHE E 110 -35.62 28.46 16.41
CA PHE E 110 -35.34 29.67 17.18
C PHE E 110 -33.85 29.69 17.51
N ASP E 111 -33.10 30.58 16.85
CA ASP E 111 -31.66 30.62 17.01
C ASP E 111 -31.18 31.63 18.05
N HIS E 112 -31.85 32.78 18.15
CA HIS E 112 -31.47 33.81 19.10
C HIS E 112 -32.59 34.00 20.12
N TRP E 113 -32.21 34.15 21.39
CA TRP E 113 -33.16 34.29 22.48
C TRP E 113 -32.77 35.48 23.33
N GLY E 114 -33.73 35.96 24.12
CA GLY E 114 -33.52 37.10 24.98
C GLY E 114 -33.08 36.71 26.37
N GLN E 115 -32.93 37.72 27.22
CA GLN E 115 -32.50 37.49 28.59
C GLN E 115 -33.68 37.15 29.51
N GLY E 116 -34.74 37.94 29.46
CA GLY E 116 -35.91 37.70 30.28
C GLY E 116 -36.11 38.70 31.39
N ILE E 117 -37.35 39.16 31.56
CA ILE E 117 -37.72 40.13 32.59
C ILE E 117 -38.77 39.49 33.48
N LEU E 118 -38.48 39.39 34.77
CA LEU E 118 -39.40 38.80 35.73
C LEU E 118 -40.53 39.79 36.00
N VAL E 119 -41.72 39.48 35.50
CA VAL E 119 -42.88 40.35 35.67
C VAL E 119 -43.59 39.99 36.97
N THR E 120 -43.19 40.63 38.07
CA THR E 120 -43.84 40.41 39.35
C THR E 120 -44.99 41.39 39.53
N VAL E 121 -46.13 40.87 39.96
CA VAL E 121 -47.34 41.67 40.18
C VAL E 121 -47.77 41.53 41.63
N SER E 122 -48.00 42.66 42.29
CA SER E 122 -48.43 42.67 43.68
C SER E 122 -49.20 43.95 43.96
N SER E 123 -50.12 43.86 44.91
CA SER E 123 -50.92 45.03 45.29
C SER E 123 -50.44 45.69 46.57
N ALA E 124 -49.98 44.90 47.55
CA ALA E 124 -49.49 45.46 48.80
C ALA E 124 -48.01 45.79 48.72
N SER E 125 -47.58 46.70 49.58
CA SER E 125 -46.17 47.10 49.61
C SER E 125 -45.34 46.10 50.40
N THR E 126 -44.07 46.44 50.59
CA THR E 126 -43.15 45.59 51.33
C THR E 126 -43.53 45.61 52.82
N LYS E 127 -44.06 44.49 53.30
CA LYS E 127 -44.48 44.36 54.69
C LYS E 127 -43.95 43.06 55.28
N GLY E 128 -43.96 42.97 56.60
CA GLY E 128 -43.47 41.81 57.30
C GLY E 128 -44.43 40.64 57.22
N PRO E 129 -43.89 39.43 57.22
CA PRO E 129 -44.74 38.24 57.14
C PRO E 129 -45.34 37.88 58.50
N SER E 130 -46.40 37.08 58.44
CA SER E 130 -47.00 36.54 59.64
C SER E 130 -46.42 35.17 59.97
N VAL E 131 -46.15 34.94 61.26
CA VAL E 131 -45.54 33.72 61.72
C VAL E 131 -46.53 32.98 62.61
N PHE E 132 -46.65 31.67 62.40
CA PHE E 132 -47.53 30.83 63.19
C PHE E 132 -46.81 29.54 63.59
N PRO E 133 -46.88 29.16 64.85
CA PRO E 133 -46.17 27.96 65.30
C PRO E 133 -46.86 26.67 64.85
N LEU E 134 -46.12 25.57 64.97
CA LEU E 134 -46.62 24.24 64.61
C LEU E 134 -46.54 23.35 65.85
N ALA E 135 -47.67 22.78 66.24
CA ALA E 135 -47.72 21.94 67.43
C ALA E 135 -47.12 20.56 67.14
N PRO E 136 -46.47 19.96 68.13
CA PRO E 136 -45.89 18.62 67.93
C PRO E 136 -46.96 17.54 67.91
N SER E 137 -46.51 16.31 67.68
CA SER E 137 -47.41 15.17 67.63
C SER E 137 -47.86 14.77 69.03
N THR E 145 -39.57 10.25 67.95
CA THR E 145 -38.97 11.48 67.40
C THR E 145 -40.06 12.44 66.93
N ALA E 146 -40.07 13.64 67.52
CA ALA E 146 -41.03 14.67 67.17
C ALA E 146 -40.31 15.80 66.45
N ALA E 147 -41.09 16.78 66.00
CA ALA E 147 -40.53 17.93 65.27
C ALA E 147 -41.34 19.17 65.60
N LEU E 148 -40.67 20.32 65.53
CA LEU E 148 -41.29 21.62 65.74
C LEU E 148 -40.95 22.53 64.58
N GLY E 149 -41.90 23.39 64.22
CA GLY E 149 -41.70 24.29 63.09
C GLY E 149 -42.54 25.54 63.22
N CYS E 150 -42.36 26.43 62.24
CA CYS E 150 -43.11 27.68 62.17
C CYS E 150 -43.51 27.93 60.72
N LEU E 151 -44.70 28.48 60.53
CA LEU E 151 -45.24 28.76 59.20
C LEU E 151 -45.13 30.24 58.90
N VAL E 152 -44.51 30.57 57.76
CA VAL E 152 -44.34 31.94 57.30
C VAL E 152 -45.30 32.16 56.14
N LYS E 153 -46.02 33.28 56.17
CA LYS E 153 -47.10 33.53 55.22
C LYS E 153 -47.17 35.00 54.87
N ASP E 154 -47.55 35.28 53.63
CA ASP E 154 -47.89 36.63 53.17
C ASP E 154 -46.71 37.60 53.32
N TYR E 155 -45.65 37.30 52.57
CA TYR E 155 -44.52 38.20 52.44
C TYR E 155 -44.19 38.41 50.97
N PHE E 156 -44.14 39.67 50.56
CA PHE E 156 -43.86 40.05 49.18
C PHE E 156 -42.36 40.04 48.84
N PRO E 157 -41.50 40.76 49.56
CA PRO E 157 -40.13 40.95 49.07
C PRO E 157 -39.32 39.66 49.13
N GLU E 158 -38.34 39.60 48.23
CA GLU E 158 -37.48 38.41 48.16
C GLU E 158 -36.50 38.28 49.32
N PRO E 159 -35.75 39.34 49.73
CA PRO E 159 -34.79 39.12 50.84
C PRO E 159 -35.48 38.94 52.19
N VAL E 160 -36.09 37.78 52.37
CA VAL E 160 -36.73 37.40 53.62
C VAL E 160 -36.29 35.99 53.97
N THR E 161 -35.65 35.83 55.11
CA THR E 161 -35.12 34.54 55.54
C THR E 161 -35.75 34.14 56.85
N VAL E 162 -35.66 32.84 57.16
CA VAL E 162 -36.19 32.28 58.40
C VAL E 162 -35.05 31.58 59.12
N SER E 163 -34.99 31.76 60.44
CA SER E 163 -33.94 31.17 61.25
C SER E 163 -34.52 30.76 62.59
N TRP E 164 -33.71 30.11 63.41
CA TRP E 164 -34.10 29.65 64.74
C TRP E 164 -33.05 30.10 65.75
N ASN E 165 -33.52 30.70 66.85
CA ASN E 165 -32.67 31.11 67.96
C ASN E 165 -31.55 32.06 67.50
N SER E 166 -31.72 32.69 66.35
CA SER E 166 -30.75 33.63 65.78
C SER E 166 -29.36 33.01 65.63
N GLY E 167 -29.24 31.88 64.94
CA GLY E 167 -27.94 31.29 64.71
C GLY E 167 -27.92 29.77 64.75
N ALA E 168 -29.01 29.15 65.17
CA ALA E 168 -29.05 27.69 65.23
C ALA E 168 -29.12 27.08 63.85
N LEU E 169 -29.64 27.80 62.86
CA LEU E 169 -29.72 27.30 61.50
C LEU E 169 -28.33 27.23 60.86
N VAL E 173 -32.54 21.03 62.02
CA VAL E 173 -33.11 22.27 61.48
C VAL E 173 -32.91 22.32 59.96
N HIS E 174 -33.93 22.79 59.25
CA HIS E 174 -33.87 22.86 57.79
C HIS E 174 -34.87 23.89 57.31
N THR E 175 -34.67 24.36 56.09
CA THR E 175 -35.53 25.37 55.48
C THR E 175 -36.03 24.84 54.14
N PHE E 176 -37.08 25.47 53.63
CA PHE E 176 -37.71 25.08 52.38
C PHE E 176 -37.97 26.29 51.51
N PRO E 177 -37.96 26.11 50.19
CA PRO E 177 -38.19 27.25 49.28
C PRO E 177 -39.61 27.79 49.39
N ALA E 178 -39.85 28.86 48.64
CA ALA E 178 -41.14 29.53 48.68
C ALA E 178 -41.90 29.31 47.38
N VAL E 179 -43.15 29.77 47.37
CA VAL E 179 -44.02 29.69 46.19
C VAL E 179 -45.01 30.85 46.24
N LEU E 180 -45.26 31.46 45.09
CA LEU E 180 -46.21 32.56 44.99
C LEU E 180 -47.61 31.97 44.94
N GLN E 181 -48.33 32.06 46.06
CA GLN E 181 -49.67 31.47 46.17
C GLN E 181 -50.71 32.39 45.54
N SER E 182 -51.99 32.03 45.76
CA SER E 182 -53.09 32.77 45.18
C SER E 182 -53.24 34.18 45.74
N SER E 183 -52.75 34.43 46.96
CA SER E 183 -52.86 35.75 47.56
C SER E 183 -51.83 36.74 47.02
N GLY E 184 -51.07 36.37 46.00
CA GLY E 184 -50.08 37.26 45.43
C GLY E 184 -48.82 37.41 46.24
N LEU E 185 -48.66 36.65 47.31
CA LEU E 185 -47.49 36.75 48.17
C LEU E 185 -46.89 35.36 48.36
N TYR E 186 -45.63 35.34 48.79
CA TYR E 186 -44.92 34.08 48.97
C TYR E 186 -45.22 33.48 50.35
N SER E 187 -44.66 32.29 50.58
CA SER E 187 -44.84 31.58 51.84
C SER E 187 -43.62 30.72 52.11
N LEU E 188 -43.18 30.72 53.37
CA LEU E 188 -42.02 29.94 53.79
C LEU E 188 -42.41 29.03 54.95
N SER E 189 -41.53 28.08 55.25
CA SER E 189 -41.75 27.15 56.35
C SER E 189 -40.40 26.64 56.84
N SER E 190 -40.36 26.27 58.11
CA SER E 190 -39.15 25.75 58.74
C SER E 190 -39.53 24.64 59.69
N VAL E 191 -38.53 23.85 60.10
CA VAL E 191 -38.75 22.71 60.98
C VAL E 191 -37.45 22.37 61.70
N VAL E 192 -37.56 22.07 62.99
CA VAL E 192 -36.44 21.57 63.78
C VAL E 192 -36.82 20.21 64.33
N THR E 193 -35.81 19.44 64.72
CA THR E 193 -35.99 18.08 65.19
C THR E 193 -35.70 18.00 66.68
N VAL E 194 -36.50 17.19 67.38
CA VAL E 194 -36.31 16.96 68.81
C VAL E 194 -36.38 15.47 69.09
N PRO E 195 -35.63 15.02 70.11
CA PRO E 195 -35.63 13.58 70.41
C PRO E 195 -36.98 13.03 70.80
N SER E 196 -37.83 13.83 71.45
CA SER E 196 -39.15 13.37 71.87
C SER E 196 -40.09 14.56 71.98
N SER E 197 -41.38 14.26 72.00
CA SER E 197 -42.40 15.30 72.11
C SER E 197 -42.45 15.93 73.49
N SER E 198 -41.84 15.30 74.51
CA SER E 198 -41.83 15.87 75.84
C SER E 198 -40.96 17.12 75.94
N LEU E 199 -40.03 17.29 74.99
CA LEU E 199 -39.15 18.45 74.99
C LEU E 199 -39.79 19.68 74.33
N GLY E 200 -41.11 19.69 74.14
CA GLY E 200 -41.78 20.82 73.54
C GLY E 200 -41.81 22.05 74.41
N THR E 201 -41.54 21.93 75.70
CA THR E 201 -41.55 23.06 76.62
C THR E 201 -40.25 23.86 76.60
N GLN E 202 -39.28 23.46 75.76
CA GLN E 202 -38.01 24.18 75.70
C GLN E 202 -38.19 25.53 75.00
N THR E 203 -37.13 26.32 75.01
CA THR E 203 -37.14 27.68 74.45
C THR E 203 -36.77 27.72 72.99
N TYR E 204 -37.43 26.92 72.15
CA TYR E 204 -37.20 26.99 70.71
C TYR E 204 -37.92 28.20 70.13
N ILE E 205 -37.15 29.16 69.63
CA ILE E 205 -37.70 30.42 69.11
C ILE E 205 -37.37 30.50 67.62
N CYS E 206 -38.41 30.52 66.80
CA CYS E 206 -38.24 30.68 65.36
C CYS E 206 -38.29 32.14 64.98
N ASN E 207 -37.28 32.60 64.25
CA ASN E 207 -37.10 34.01 63.93
C ASN E 207 -37.21 34.25 62.43
N VAL E 208 -37.73 35.42 62.08
CA VAL E 208 -37.80 35.87 60.69
C VAL E 208 -37.29 37.30 60.63
N ASN E 209 -37.04 37.78 59.41
CA ASN E 209 -36.52 39.12 59.21
C ASN E 209 -37.15 39.72 57.96
N HIS E 210 -37.09 41.05 57.88
CA HIS E 210 -37.61 41.80 56.74
C HIS E 210 -36.59 42.86 56.37
N LYS E 211 -35.88 42.65 55.27
CA LYS E 211 -34.80 43.53 54.84
C LYS E 211 -35.28 44.93 54.44
N PRO E 212 -36.34 45.08 53.64
CA PRO E 212 -36.75 46.44 53.24
C PRO E 212 -37.17 47.33 54.39
N SER E 213 -37.42 46.77 55.59
CA SER E 213 -37.85 47.57 56.73
C SER E 213 -36.97 47.33 57.96
N ASN E 214 -35.98 46.45 57.85
CA ASN E 214 -35.07 46.13 58.95
C ASN E 214 -35.83 45.69 60.19
N THR E 215 -36.90 44.91 59.98
CA THR E 215 -37.76 44.44 61.06
C THR E 215 -37.53 42.95 61.29
N LYS E 216 -37.32 42.59 62.55
CA LYS E 216 -37.12 41.20 62.96
C LYS E 216 -38.22 40.79 63.92
N VAL E 217 -38.87 39.68 63.62
CA VAL E 217 -40.00 39.18 64.40
C VAL E 217 -39.62 37.82 64.99
N ASP E 218 -39.86 37.65 66.28
CA ASP E 218 -39.58 36.41 66.98
C ASP E 218 -40.89 35.71 67.33
N LYS E 219 -40.85 34.37 67.36
CA LYS E 219 -42.03 33.57 67.65
C LYS E 219 -41.57 32.29 68.35
N ARG E 220 -41.98 32.12 69.61
CA ARG E 220 -41.64 30.90 70.34
C ARG E 220 -42.61 29.78 69.99
N VAL E 221 -42.06 28.59 69.79
CA VAL E 221 -42.86 27.41 69.44
C VAL E 221 -42.88 26.45 70.62
N GLU E 222 -43.96 26.48 71.39
CA GLU E 222 -44.10 25.61 72.55
C GLU E 222 -44.57 24.22 72.13
N GLN F 1 -38.55 41.88 -24.80
CA GLN F 1 -37.51 41.33 -25.66
C GLN F 1 -38.05 40.97 -27.04
N VAL F 2 -37.19 40.43 -27.90
CA VAL F 2 -37.60 40.06 -29.24
C VAL F 2 -38.03 38.60 -29.25
N GLN F 3 -39.16 38.34 -29.90
CA GLN F 3 -39.66 36.98 -30.07
C GLN F 3 -40.24 36.82 -31.47
N LEU F 4 -40.22 35.59 -31.96
CA LEU F 4 -40.69 35.27 -33.30
C LEU F 4 -41.83 34.27 -33.23
N GLN F 5 -42.50 34.07 -34.37
CA GLN F 5 -43.63 33.15 -34.45
C GLN F 5 -43.77 32.68 -35.88
N GLU F 6 -43.83 31.37 -36.07
CA GLU F 6 -44.01 30.80 -37.40
C GLU F 6 -45.47 30.52 -37.67
N SER F 7 -45.80 30.42 -38.96
CA SER F 7 -47.15 30.08 -39.41
C SER F 7 -47.09 29.67 -40.87
N GLY F 8 -48.06 28.84 -41.26
CA GLY F 8 -48.14 28.36 -42.61
C GLY F 8 -48.79 26.99 -42.72
N PRO F 9 -48.73 26.40 -43.92
CA PRO F 9 -49.34 25.08 -44.11
C PRO F 9 -48.64 24.01 -43.29
N GLY F 10 -49.39 22.96 -42.95
CA GLY F 10 -48.85 21.86 -42.18
C GLY F 10 -48.52 20.66 -43.03
N LEU F 11 -49.38 20.35 -44.00
CA LEU F 11 -49.20 19.22 -44.89
C LEU F 11 -49.44 19.65 -46.32
N VAL F 12 -48.46 19.39 -47.20
CA VAL F 12 -48.55 19.76 -48.60
C VAL F 12 -48.14 18.56 -49.46
N ARG F 13 -48.51 18.62 -50.72
CA ARG F 13 -48.18 17.56 -51.65
C ARG F 13 -46.68 17.58 -51.96
N PRO F 14 -46.11 16.42 -52.30
CA PRO F 14 -44.67 16.39 -52.62
C PRO F 14 -44.36 17.18 -53.87
N SER F 15 -43.07 17.54 -54.02
CA SER F 15 -42.55 18.23 -55.19
C SER F 15 -43.15 19.62 -55.35
N GLN F 16 -43.86 20.10 -54.34
CA GLN F 16 -44.42 21.45 -54.40
C GLN F 16 -43.56 22.40 -53.59
N THR F 17 -43.43 23.63 -54.08
CA THR F 17 -42.61 24.62 -53.40
C THR F 17 -43.22 25.02 -52.06
N LEU F 18 -42.45 24.82 -50.99
CA LEU F 18 -42.89 25.19 -49.66
C LEU F 18 -42.49 26.63 -49.36
N SER F 19 -43.33 27.33 -48.60
CA SER F 19 -43.08 28.73 -48.26
C SER F 19 -43.70 29.01 -46.90
N LEU F 20 -42.85 29.08 -45.88
CA LEU F 20 -43.31 29.45 -44.54
C LEU F 20 -43.17 30.96 -44.35
N THR F 21 -43.32 31.41 -43.11
CA THR F 21 -43.15 32.81 -42.77
C THR F 21 -42.80 32.93 -41.30
N CYS F 22 -42.29 34.10 -40.93
CA CYS F 22 -41.81 34.36 -39.57
C CYS F 22 -42.05 35.81 -39.23
N THR F 23 -42.83 36.05 -38.19
CA THR F 23 -43.21 37.40 -37.76
C THR F 23 -42.26 37.85 -36.67
N VAL F 24 -41.67 39.03 -36.86
CA VAL F 24 -40.74 39.58 -35.88
C VAL F 24 -41.46 40.62 -35.02
N SER F 25 -41.50 40.36 -33.71
CA SER F 25 -42.11 41.29 -32.76
C SER F 25 -41.07 41.71 -31.74
N GLY F 26 -41.16 42.96 -31.31
CA GLY F 26 -40.15 43.51 -30.42
C GLY F 26 -38.86 43.90 -31.11
N GLY F 27 -38.78 43.73 -32.42
CA GLY F 27 -37.59 44.10 -33.17
C GLY F 27 -37.96 44.39 -34.60
N SER F 28 -37.03 45.03 -35.30
CA SER F 28 -37.24 45.45 -36.69
C SER F 28 -36.36 44.59 -37.60
N VAL F 29 -36.98 43.96 -38.60
CA VAL F 29 -36.22 43.22 -39.59
C VAL F 29 -35.44 44.15 -40.49
N ARG F 30 -35.79 45.43 -40.53
CA ARG F 30 -35.07 46.44 -41.29
C ARG F 30 -33.80 46.91 -40.59
N ASN F 31 -33.47 46.33 -39.44
CA ASN F 31 -32.28 46.71 -38.71
C ASN F 31 -31.08 45.90 -39.18
N GLU F 32 -29.91 46.54 -39.12
CA GLU F 32 -28.66 45.87 -39.42
C GLU F 32 -28.18 45.07 -38.22
N TYR F 33 -26.91 44.64 -38.25
CA TYR F 33 -26.26 43.98 -37.11
C TYR F 33 -26.86 42.63 -36.78
N TYR F 34 -27.82 42.16 -37.58
CA TYR F 34 -28.48 40.89 -37.33
C TYR F 34 -28.91 40.25 -38.64
N TYR F 35 -28.59 38.97 -38.80
CA TYR F 35 -29.15 38.18 -39.89
C TYR F 35 -30.50 37.59 -39.46
N TRP F 36 -31.13 36.90 -40.39
CA TRP F 36 -32.41 36.25 -40.14
C TRP F 36 -32.40 34.87 -40.81
N SER F 37 -32.41 33.83 -39.99
CA SER F 37 -32.14 32.47 -40.45
C SER F 37 -33.35 31.58 -40.27
N TRP F 38 -33.30 30.44 -40.94
CA TRP F 38 -34.27 29.35 -40.78
C TRP F 38 -33.50 28.08 -40.45
N ILE F 39 -33.88 27.43 -39.37
CA ILE F 39 -33.20 26.22 -38.90
C ILE F 39 -34.22 25.08 -38.84
N ARG F 40 -33.96 24.02 -39.57
CA ARG F 40 -34.80 22.83 -39.60
C ARG F 40 -34.17 21.74 -38.74
N GLN F 41 -35.01 20.87 -38.20
CA GLN F 41 -34.57 19.77 -37.35
C GLN F 41 -35.45 18.56 -37.58
N PRO F 42 -34.93 17.49 -38.18
CA PRO F 42 -35.72 16.28 -38.33
C PRO F 42 -36.07 15.70 -36.97
N PRO F 43 -37.12 14.90 -36.88
CA PRO F 43 -37.53 14.35 -35.58
C PRO F 43 -36.48 13.41 -35.02
N GLY F 44 -35.89 13.80 -33.90
CA GLY F 44 -34.88 13.00 -33.23
C GLY F 44 -33.48 13.10 -33.79
N GLN F 45 -33.21 14.09 -34.65
CA GLN F 45 -31.92 14.27 -35.28
C GLN F 45 -31.36 15.64 -34.90
N GLY F 46 -30.25 16.04 -35.53
CA GLY F 46 -29.63 17.30 -35.18
C GLY F 46 -30.17 18.46 -36.00
N LEU F 47 -29.69 19.66 -35.66
CA LEU F 47 -30.11 20.87 -36.35
C LEU F 47 -29.43 20.95 -37.71
N GLU F 48 -30.21 21.22 -38.76
CA GLU F 48 -29.71 21.39 -40.11
C GLU F 48 -29.89 22.83 -40.53
N TRP F 49 -28.78 23.56 -40.67
CA TRP F 49 -28.85 24.97 -41.04
C TRP F 49 -29.25 25.11 -42.50
N ILE F 50 -30.21 25.98 -42.75
CA ILE F 50 -30.66 26.25 -44.12
C ILE F 50 -30.00 27.50 -44.68
N GLY F 51 -30.16 28.63 -44.00
CA GLY F 51 -29.55 29.86 -44.46
C GLY F 51 -30.09 31.05 -43.70
N TYR F 52 -29.28 32.11 -43.67
CA TYR F 52 -29.69 33.38 -43.08
C TYR F 52 -29.64 34.46 -44.14
N MET F 53 -30.48 35.48 -43.96
CA MET F 53 -30.61 36.54 -44.95
C MET F 53 -30.49 37.90 -44.26
N HIS F 54 -29.50 38.68 -44.68
CA HIS F 54 -29.35 40.04 -44.18
C HIS F 54 -30.42 40.94 -44.77
N ASN F 55 -30.57 42.12 -44.17
CA ASN F 55 -31.58 43.06 -44.65
C ASN F 55 -31.22 43.62 -46.01
N SER F 56 -29.93 43.70 -46.31
CA SER F 56 -29.46 44.24 -47.59
C SER F 56 -29.36 43.18 -48.68
N GLY F 57 -30.41 42.38 -48.87
CA GLY F 57 -30.48 41.44 -49.97
C GLY F 57 -29.52 40.28 -49.92
N ASN F 58 -28.52 40.30 -49.04
CA ASN F 58 -27.53 39.23 -48.99
C ASN F 58 -28.14 37.95 -48.42
N THR F 59 -28.47 37.01 -49.30
CA THR F 59 -29.10 35.76 -48.91
C THR F 59 -28.12 34.62 -49.05
N TYR F 60 -27.99 33.83 -47.98
CA TYR F 60 -27.08 32.69 -47.95
C TYR F 60 -27.88 31.40 -47.89
N TYR F 61 -27.27 30.33 -48.40
CA TYR F 61 -27.92 29.03 -48.45
C TYR F 61 -26.93 27.95 -48.02
N ASN F 62 -27.47 26.79 -47.67
CA ASN F 62 -26.64 25.63 -47.37
C ASN F 62 -26.24 24.96 -48.67
N PRO F 63 -24.95 24.65 -48.87
CA PRO F 63 -24.53 24.05 -50.15
C PRO F 63 -25.22 22.75 -50.49
N SER F 64 -25.74 22.03 -49.50
CA SER F 64 -26.41 20.76 -49.78
C SER F 64 -27.80 20.97 -50.37
N LEU F 65 -28.43 22.12 -50.16
CA LEU F 65 -29.74 22.42 -50.70
C LEU F 65 -29.84 23.85 -51.22
N LYS F 66 -28.75 24.39 -51.77
CA LYS F 66 -28.76 25.77 -52.24
C LYS F 66 -29.69 25.95 -53.43
N SER F 67 -29.72 24.95 -54.33
CA SER F 67 -30.52 25.07 -55.54
C SER F 67 -32.02 24.95 -55.28
N ARG F 68 -32.44 24.79 -54.01
CA ARG F 68 -33.85 24.65 -53.67
C ARG F 68 -34.39 25.81 -52.86
N VAL F 69 -33.63 26.31 -51.89
CA VAL F 69 -34.11 27.33 -50.97
C VAL F 69 -33.83 28.71 -51.54
N ALA F 70 -34.71 29.66 -51.21
CA ALA F 70 -34.56 31.05 -51.61
C ALA F 70 -35.27 31.91 -50.59
N ILE F 71 -34.52 32.54 -49.70
CA ILE F 71 -35.12 33.32 -48.62
C ILE F 71 -35.54 34.68 -49.12
N SER F 72 -36.73 35.13 -48.69
CA SER F 72 -37.23 36.45 -49.00
C SER F 72 -37.31 37.26 -47.72
N VAL F 73 -37.74 38.52 -47.85
CA VAL F 73 -37.86 39.42 -46.71
C VAL F 73 -38.94 40.45 -47.01
N ASP F 74 -39.57 40.96 -45.95
CA ASP F 74 -40.61 41.98 -46.06
C ASP F 74 -40.35 43.00 -44.95
N MET F 75 -39.82 44.17 -45.33
CA MET F 75 -39.49 45.19 -44.33
C MET F 75 -40.75 45.86 -43.79
N SER F 76 -41.81 45.91 -44.58
CA SER F 76 -43.02 46.61 -44.16
C SER F 76 -43.72 45.90 -43.02
N LYS F 77 -43.77 44.56 -43.06
CA LYS F 77 -44.47 43.78 -42.07
C LYS F 77 -43.54 43.11 -41.05
N ASN F 78 -42.24 43.42 -41.11
CA ASN F 78 -41.24 42.81 -40.22
C ASN F 78 -41.29 41.29 -40.31
N GLN F 79 -41.31 40.78 -41.53
CA GLN F 79 -41.42 39.35 -41.78
C GLN F 79 -40.42 38.92 -42.86
N PHE F 80 -40.01 37.66 -42.79
CA PHE F 80 -39.18 37.05 -43.81
C PHE F 80 -39.67 35.63 -44.05
N SER F 81 -39.67 35.23 -45.32
CA SER F 81 -40.29 33.96 -45.72
C SER F 81 -39.24 33.10 -46.40
N LEU F 82 -39.14 31.84 -45.97
CA LEU F 82 -38.24 30.89 -46.61
C LEU F 82 -39.01 30.09 -47.66
N LYS F 83 -38.51 30.11 -48.89
CA LYS F 83 -39.12 29.38 -49.99
C LYS F 83 -38.25 28.17 -50.34
N LEU F 84 -38.80 26.98 -50.13
CA LEU F 84 -38.09 25.72 -50.38
C LEU F 84 -38.83 24.99 -51.48
N SER F 85 -38.18 24.85 -52.64
CA SER F 85 -38.78 24.20 -53.78
C SER F 85 -38.38 22.73 -53.86
N SER F 86 -39.22 21.92 -54.49
CA SER F 86 -39.00 20.50 -54.69
C SER F 86 -38.81 19.77 -53.35
N VAL F 87 -39.88 19.78 -52.57
CA VAL F 87 -39.88 19.11 -51.28
C VAL F 87 -40.00 17.61 -51.49
N THR F 88 -39.52 16.84 -50.52
CA THR F 88 -39.58 15.38 -50.57
C THR F 88 -40.15 14.86 -49.25
N VAL F 89 -40.40 13.55 -49.22
CA VAL F 89 -40.93 12.93 -48.01
C VAL F 89 -39.95 12.96 -46.86
N ALA F 90 -38.66 13.14 -47.15
CA ALA F 90 -37.64 13.21 -46.11
C ALA F 90 -37.40 14.62 -45.61
N ASP F 91 -38.09 15.62 -46.15
CA ASP F 91 -37.90 17.01 -45.74
C ASP F 91 -38.77 17.41 -44.57
N THR F 92 -39.62 16.50 -44.07
CA THR F 92 -40.48 16.83 -42.93
C THR F 92 -39.63 17.05 -41.68
N ALA F 93 -39.75 18.23 -41.09
CA ALA F 93 -38.94 18.62 -39.95
C ALA F 93 -39.55 19.85 -39.31
N VAL F 94 -39.04 20.20 -38.14
CA VAL F 94 -39.49 21.40 -37.43
C VAL F 94 -38.59 22.56 -37.82
N TYR F 95 -39.17 23.54 -38.51
CA TYR F 95 -38.42 24.70 -39.00
C TYR F 95 -38.52 25.83 -37.99
N TYR F 96 -37.37 26.25 -37.47
CA TYR F 96 -37.28 27.34 -36.51
C TYR F 96 -36.65 28.54 -37.18
N CYS F 97 -37.33 29.69 -37.14
CA CYS F 97 -36.71 30.92 -37.58
C CYS F 97 -36.04 31.61 -36.40
N ALA F 98 -34.79 32.01 -36.59
CA ALA F 98 -33.97 32.52 -35.50
C ALA F 98 -33.12 33.66 -36.00
N ARG F 99 -32.99 34.70 -35.16
CA ARG F 99 -32.11 35.81 -35.45
C ARG F 99 -30.70 35.50 -34.95
N VAL F 100 -29.70 35.88 -35.74
CA VAL F 100 -28.30 35.63 -35.41
C VAL F 100 -27.58 36.97 -35.35
N ASP F 101 -26.79 37.16 -34.29
CA ASP F 101 -26.11 38.43 -34.06
C ASP F 101 -24.84 38.50 -34.92
N VAL F 102 -24.66 39.64 -35.59
CA VAL F 102 -23.49 39.90 -36.41
C VAL F 102 -22.75 41.16 -35.99
N GLY F 103 -22.82 41.51 -34.70
CA GLY F 103 -22.21 42.73 -34.21
C GLY F 103 -20.91 42.56 -33.45
N GLY F 104 -20.55 41.33 -33.09
CA GLY F 104 -19.35 41.09 -32.33
C GLY F 104 -18.12 40.83 -33.19
N THR F 105 -17.97 41.61 -34.26
CA THR F 105 -16.85 41.55 -35.20
C THR F 105 -16.82 40.25 -35.98
N LEU F 106 -17.74 39.33 -35.66
CA LEU F 106 -17.89 38.06 -36.35
C LEU F 106 -19.32 37.60 -36.21
N VAL F 107 -19.74 36.72 -37.12
CA VAL F 107 -21.06 36.13 -37.01
C VAL F 107 -21.10 35.25 -35.76
N SER F 108 -22.24 35.28 -35.05
CA SER F 108 -22.29 34.68 -33.73
C SER F 108 -23.58 33.89 -33.49
N THR F 109 -23.87 33.64 -32.22
CA THR F 109 -24.96 32.75 -31.82
C THR F 109 -26.31 33.22 -32.37
N PHE F 110 -27.23 32.27 -32.50
CA PHE F 110 -28.64 32.56 -32.76
C PHE F 110 -29.29 32.87 -31.41
N ASP F 111 -29.28 34.15 -31.05
CA ASP F 111 -29.68 34.56 -29.71
C ASP F 111 -31.15 34.29 -29.44
N HIS F 112 -32.03 34.51 -30.41
CA HIS F 112 -33.45 34.33 -30.24
C HIS F 112 -33.98 33.36 -31.30
N TRP F 113 -34.90 32.51 -30.90
CA TRP F 113 -35.49 31.50 -31.77
C TRP F 113 -37.00 31.65 -31.80
N GLY F 114 -37.65 30.84 -32.63
CA GLY F 114 -39.09 30.80 -32.71
C GLY F 114 -39.67 29.65 -31.91
N GLN F 115 -40.91 29.30 -32.24
CA GLN F 115 -41.58 28.17 -31.60
C GLN F 115 -41.48 26.89 -32.42
N GLY F 116 -41.31 27.00 -33.73
CA GLY F 116 -41.17 25.83 -34.58
C GLY F 116 -42.49 25.22 -35.01
N ILE F 117 -42.62 24.91 -36.29
CA ILE F 117 -43.80 24.26 -36.85
C ILE F 117 -43.35 23.01 -37.58
N LEU F 118 -43.91 21.86 -37.22
CA LEU F 118 -43.54 20.58 -37.80
C LEU F 118 -44.41 20.35 -39.04
N VAL F 119 -43.84 20.58 -40.21
CA VAL F 119 -44.55 20.35 -41.47
C VAL F 119 -44.33 18.90 -41.89
N THR F 120 -45.26 18.39 -42.71
CA THR F 120 -45.20 17.03 -43.18
C THR F 120 -45.47 17.00 -44.68
N VAL F 121 -45.08 15.90 -45.32
CA VAL F 121 -45.24 15.72 -46.75
C VAL F 121 -45.96 14.39 -46.98
N SER F 122 -47.06 14.44 -47.73
CA SER F 122 -47.83 13.25 -48.03
C SER F 122 -48.55 13.44 -49.36
N SER F 123 -48.55 12.39 -50.18
CA SER F 123 -49.20 12.45 -51.49
C SER F 123 -50.67 12.05 -51.44
N ALA F 124 -51.08 11.25 -50.46
CA ALA F 124 -52.47 10.84 -50.35
C ALA F 124 -53.25 11.83 -49.48
N SER F 125 -54.53 11.54 -49.30
CA SER F 125 -55.40 12.38 -48.47
C SER F 125 -56.24 11.60 -47.47
N THR F 126 -56.50 10.32 -47.70
CA THR F 126 -57.30 9.51 -46.77
C THR F 126 -56.99 8.03 -46.98
N LYS F 127 -56.60 7.34 -45.91
CA LYS F 127 -56.27 5.92 -45.99
C LYS F 127 -56.43 5.30 -44.62
N GLY F 128 -57.15 4.18 -44.55
CA GLY F 128 -57.36 3.49 -43.30
C GLY F 128 -56.15 2.68 -42.87
N PRO F 129 -55.91 2.59 -41.57
CA PRO F 129 -54.74 1.87 -41.09
C PRO F 129 -54.90 0.36 -41.23
N SER F 130 -53.75 -0.31 -41.32
CA SER F 130 -53.70 -1.76 -41.40
C SER F 130 -52.97 -2.30 -40.17
N VAL F 131 -53.56 -3.31 -39.54
CA VAL F 131 -53.04 -3.89 -38.31
C VAL F 131 -52.39 -5.22 -38.61
N PHE F 132 -51.32 -5.53 -37.87
CA PHE F 132 -50.61 -6.79 -37.99
C PHE F 132 -50.07 -7.19 -36.63
N PRO F 133 -50.30 -8.42 -36.20
CA PRO F 133 -49.85 -8.85 -34.87
C PRO F 133 -48.35 -9.07 -34.83
N LEU F 134 -47.83 -9.16 -33.61
CA LEU F 134 -46.43 -9.50 -33.35
C LEU F 134 -46.44 -10.78 -32.52
N ALA F 135 -46.44 -11.92 -33.21
CA ALA F 135 -46.54 -13.20 -32.53
C ALA F 135 -45.28 -13.49 -31.72
N PRO F 136 -45.43 -14.00 -30.50
CA PRO F 136 -44.27 -14.32 -29.68
C PRO F 136 -43.60 -15.61 -30.16
N SER F 137 -42.38 -15.81 -29.68
CA SER F 137 -41.61 -17.00 -30.04
C SER F 137 -40.65 -17.40 -28.93
N THR F 145 -41.10 -15.85 -19.25
CA THR F 145 -41.05 -14.48 -19.73
C THR F 145 -41.23 -14.43 -21.24
N ALA F 146 -42.28 -13.73 -21.69
CA ALA F 146 -42.56 -13.62 -23.12
C ALA F 146 -43.08 -12.22 -23.40
N ALA F 147 -43.11 -11.86 -24.68
CA ALA F 147 -43.58 -10.56 -25.12
C ALA F 147 -44.29 -10.71 -26.46
N LEU F 148 -45.31 -9.87 -26.66
CA LEU F 148 -46.08 -9.88 -27.88
C LEU F 148 -46.77 -8.54 -28.04
N GLY F 149 -47.19 -8.23 -29.26
CA GLY F 149 -47.86 -6.98 -29.54
C GLY F 149 -48.52 -6.91 -30.89
N CYS F 150 -48.85 -5.70 -31.34
CA CYS F 150 -49.48 -5.48 -32.64
C CYS F 150 -48.78 -4.31 -33.32
N LEU F 151 -48.92 -4.27 -34.65
CA LEU F 151 -48.31 -3.24 -35.48
C LEU F 151 -49.37 -2.59 -36.35
N VAL F 152 -49.40 -1.26 -36.34
CA VAL F 152 -50.36 -0.48 -37.11
C VAL F 152 -49.59 0.44 -38.03
N LYS F 153 -49.82 0.30 -39.35
CA LYS F 153 -49.13 1.10 -40.34
C LYS F 153 -50.11 1.54 -41.42
N ASP F 154 -49.61 2.32 -42.36
CA ASP F 154 -50.34 2.71 -43.57
C ASP F 154 -51.62 3.48 -43.23
N TYR F 155 -51.46 4.63 -42.58
CA TYR F 155 -52.57 5.53 -42.31
C TYR F 155 -52.10 6.98 -42.47
N PHE F 156 -52.98 7.80 -43.05
CA PHE F 156 -52.65 9.17 -43.43
C PHE F 156 -52.49 10.12 -42.25
N PRO F 157 -53.48 10.26 -41.36
CA PRO F 157 -53.34 11.27 -40.29
C PRO F 157 -52.39 10.80 -39.20
N GLU F 158 -51.88 11.78 -38.45
CA GLU F 158 -50.91 11.47 -37.41
C GLU F 158 -51.55 10.91 -36.15
N PRO F 159 -52.55 11.56 -35.54
CA PRO F 159 -53.06 11.06 -34.24
C PRO F 159 -53.82 9.75 -34.40
N VAL F 160 -53.35 8.72 -33.68
CA VAL F 160 -54.00 7.42 -33.64
C VAL F 160 -53.84 6.85 -32.23
N THR F 161 -54.96 6.42 -31.65
CA THR F 161 -54.98 5.86 -30.30
C THR F 161 -55.17 4.36 -30.36
N VAL F 162 -54.32 3.63 -29.64
CA VAL F 162 -54.36 2.17 -29.59
C VAL F 162 -54.62 1.74 -28.15
N SER F 163 -55.44 0.72 -27.99
CA SER F 163 -55.78 0.21 -26.67
C SER F 163 -55.69 -1.32 -26.67
N TRP F 164 -55.45 -1.88 -25.48
CA TRP F 164 -55.32 -3.31 -25.31
C TRP F 164 -56.51 -3.85 -24.52
N ASN F 165 -57.30 -4.70 -25.17
CA ASN F 165 -58.46 -5.36 -24.55
C ASN F 165 -59.45 -4.36 -23.96
N SER F 166 -59.50 -3.15 -24.53
CA SER F 166 -60.40 -2.07 -24.10
C SER F 166 -60.23 -1.75 -22.62
N GLY F 167 -58.99 -1.63 -22.14
CA GLY F 167 -58.77 -1.26 -20.75
C GLY F 167 -57.60 -1.97 -20.10
N ALA F 168 -57.19 -3.10 -20.66
CA ALA F 168 -56.09 -3.87 -20.09
C ALA F 168 -54.76 -3.22 -20.45
N LEU F 169 -53.79 -3.37 -19.55
CA LEU F 169 -52.45 -2.82 -19.76
C LEU F 169 -51.62 -3.72 -20.67
N HIS F 174 -47.51 -0.06 -23.61
CA HIS F 174 -46.87 1.10 -24.21
C HIS F 174 -47.29 1.22 -25.66
N THR F 175 -47.44 2.46 -26.11
CA THR F 175 -47.77 2.77 -27.50
C THR F 175 -46.66 3.63 -28.07
N PHE F 176 -45.93 3.08 -29.04
CA PHE F 176 -44.80 3.80 -29.62
C PHE F 176 -45.29 4.96 -30.47
N PRO F 177 -44.57 6.07 -30.50
CA PRO F 177 -45.02 7.23 -31.29
C PRO F 177 -45.02 6.93 -32.78
N ALA F 178 -45.75 7.75 -33.53
CA ALA F 178 -45.85 7.57 -34.97
C ALA F 178 -44.56 7.99 -35.66
N VAL F 179 -44.34 7.43 -36.85
CA VAL F 179 -43.17 7.72 -37.66
C VAL F 179 -43.59 7.79 -39.12
N LEU F 180 -43.22 8.88 -39.79
CA LEU F 180 -43.60 9.09 -41.19
C LEU F 180 -42.58 8.39 -42.08
N GLN F 181 -43.02 7.34 -42.76
CA GLN F 181 -42.14 6.53 -43.59
C GLN F 181 -41.97 7.17 -44.98
N SER F 182 -41.35 6.41 -45.88
CA SER F 182 -41.08 6.92 -47.22
C SER F 182 -42.35 7.11 -48.05
N SER F 183 -43.37 6.28 -47.83
CA SER F 183 -44.60 6.37 -48.61
C SER F 183 -45.49 7.53 -48.18
N GLY F 184 -45.08 8.31 -47.18
CA GLY F 184 -45.90 9.41 -46.72
C GLY F 184 -47.00 9.01 -45.76
N LEU F 185 -46.82 7.90 -45.06
CA LEU F 185 -47.80 7.40 -44.11
C LEU F 185 -47.12 7.13 -42.78
N TYR F 186 -47.91 7.15 -41.70
CA TYR F 186 -47.39 6.93 -40.37
C TYR F 186 -47.50 5.47 -39.97
N SER F 187 -46.78 5.11 -38.91
CA SER F 187 -46.80 3.75 -38.37
C SER F 187 -46.82 3.82 -36.85
N LEU F 188 -47.49 2.85 -36.24
CA LEU F 188 -47.63 2.82 -34.79
C LEU F 188 -47.47 1.38 -34.31
N SER F 189 -46.80 1.22 -33.17
CA SER F 189 -46.54 -0.09 -32.60
C SER F 189 -46.95 -0.11 -31.14
N SER F 190 -47.26 -1.30 -30.65
CA SER F 190 -47.60 -1.52 -29.24
C SER F 190 -47.16 -2.92 -28.86
N VAL F 191 -46.69 -3.07 -27.62
CA VAL F 191 -46.16 -4.33 -27.14
C VAL F 191 -46.43 -4.44 -25.64
N VAL F 192 -46.66 -5.67 -25.19
CA VAL F 192 -46.87 -5.97 -23.77
C VAL F 192 -45.85 -7.02 -23.35
N THR F 193 -45.81 -7.30 -22.05
CA THR F 193 -44.89 -8.28 -21.50
C THR F 193 -45.59 -9.11 -20.44
N VAL F 194 -45.17 -10.37 -20.31
CA VAL F 194 -45.73 -11.28 -19.31
C VAL F 194 -44.60 -11.98 -18.58
N PRO F 195 -44.81 -12.27 -17.30
CA PRO F 195 -43.75 -12.93 -16.52
C PRO F 195 -43.50 -14.37 -16.91
N SER F 196 -44.45 -15.02 -17.58
CA SER F 196 -44.27 -16.41 -18.00
C SER F 196 -45.17 -16.68 -19.20
N SER F 197 -44.85 -17.76 -19.91
CA SER F 197 -45.63 -18.14 -21.09
C SER F 197 -47.00 -18.67 -20.73
N SER F 198 -47.25 -18.97 -19.44
CA SER F 198 -48.56 -19.47 -19.04
C SER F 198 -49.65 -18.42 -19.18
N LEU F 199 -49.30 -17.14 -19.25
CA LEU F 199 -50.29 -16.09 -19.42
C LEU F 199 -50.93 -16.09 -20.80
N GLY F 200 -50.42 -16.90 -21.73
CA GLY F 200 -51.00 -16.96 -23.06
C GLY F 200 -52.40 -17.54 -23.12
N THR F 201 -52.85 -18.19 -22.05
CA THR F 201 -54.21 -18.73 -22.02
C THR F 201 -55.26 -17.64 -21.92
N GLN F 202 -54.88 -16.44 -21.49
CA GLN F 202 -55.82 -15.34 -21.39
C GLN F 202 -56.11 -14.75 -22.77
N THR F 203 -57.17 -13.96 -22.83
CA THR F 203 -57.57 -13.32 -24.07
C THR F 203 -56.75 -12.05 -24.30
N TYR F 204 -56.44 -11.78 -25.57
CA TYR F 204 -55.65 -10.60 -25.95
C TYR F 204 -56.17 -10.13 -27.31
N ILE F 205 -56.85 -8.98 -27.32
CA ILE F 205 -57.33 -8.34 -28.54
C ILE F 205 -56.75 -6.94 -28.60
N CYS F 206 -56.21 -6.58 -29.77
CA CYS F 206 -55.58 -5.28 -29.98
C CYS F 206 -56.47 -4.42 -30.87
N ASN F 207 -57.01 -3.35 -30.30
CA ASN F 207 -57.91 -2.46 -31.00
C ASN F 207 -57.28 -1.08 -31.09
N VAL F 208 -57.74 -0.31 -32.08
CA VAL F 208 -57.24 1.04 -32.33
C VAL F 208 -58.41 2.01 -32.39
N ASN F 209 -58.11 3.28 -32.18
CA ASN F 209 -59.10 4.36 -32.25
C ASN F 209 -58.64 5.38 -33.29
N HIS F 210 -59.43 5.56 -34.34
CA HIS F 210 -59.09 6.47 -35.43
C HIS F 210 -60.18 7.55 -35.48
N LYS F 211 -59.94 8.64 -34.74
CA LYS F 211 -60.94 9.71 -34.67
C LYS F 211 -61.10 10.49 -35.97
N PRO F 212 -60.04 10.95 -36.64
CA PRO F 212 -60.25 11.80 -37.82
C PRO F 212 -60.96 11.11 -38.98
N SER F 213 -61.21 9.81 -38.91
CA SER F 213 -61.95 9.10 -39.95
C SER F 213 -63.03 8.20 -39.38
N ASN F 214 -63.16 8.14 -38.06
CA ASN F 214 -64.17 7.31 -37.39
C ASN F 214 -64.06 5.86 -37.82
N THR F 215 -62.89 5.26 -37.55
CA THR F 215 -62.60 3.90 -37.94
C THR F 215 -62.07 3.12 -36.74
N LYS F 216 -62.53 1.88 -36.59
CA LYS F 216 -62.07 0.99 -35.54
C LYS F 216 -61.78 -0.37 -36.13
N VAL F 217 -60.58 -0.88 -35.85
CA VAL F 217 -60.12 -2.15 -36.39
C VAL F 217 -59.83 -3.11 -35.23
N ASP F 218 -60.17 -4.37 -35.45
CA ASP F 218 -59.97 -5.42 -34.46
C ASP F 218 -59.06 -6.49 -35.04
N LYS F 219 -58.18 -7.03 -34.22
CA LYS F 219 -57.25 -8.06 -34.66
C LYS F 219 -56.90 -8.97 -33.49
N ARG F 220 -57.22 -10.25 -33.63
CA ARG F 220 -56.88 -11.23 -32.60
C ARG F 220 -55.40 -11.52 -32.62
N VAL F 221 -54.76 -11.37 -31.46
CA VAL F 221 -53.33 -11.64 -31.31
C VAL F 221 -53.16 -12.78 -30.33
N GLU F 222 -52.12 -13.59 -30.54
CA GLU F 222 -51.84 -14.74 -29.67
C GLU F 222 -50.41 -15.23 -29.87
N GLU G 1 19.56 22.36 -33.47
CA GLU G 1 19.70 21.80 -34.80
C GLU G 1 18.71 20.67 -35.03
N PHE G 2 18.29 20.51 -36.29
CA PHE G 2 17.31 19.49 -36.66
C PHE G 2 17.70 18.92 -38.01
N MET G 3 17.42 17.63 -38.21
CA MET G 3 17.76 16.95 -39.45
C MET G 3 16.86 15.75 -39.62
N LEU G 4 16.31 15.58 -40.83
CA LEU G 4 15.43 14.45 -41.15
C LEU G 4 16.22 13.46 -41.99
N THR G 5 16.76 12.44 -41.33
CA THR G 5 17.50 11.40 -42.05
C THR G 5 16.54 10.50 -42.81
N GLN G 6 16.90 10.18 -44.05
CA GLN G 6 16.07 9.34 -44.90
C GLN G 6 16.98 8.55 -45.84
N PRO G 7 16.55 7.36 -46.27
CA PRO G 7 17.37 6.58 -47.20
C PRO G 7 17.46 7.25 -48.55
N HIS G 8 18.33 6.70 -49.41
CA HIS G 8 18.57 7.31 -50.71
C HIS G 8 17.41 7.06 -51.67
N SER G 9 16.99 5.81 -51.84
CA SER G 9 15.91 5.49 -52.75
C SER G 9 15.37 4.11 -52.44
N VAL G 10 14.14 3.86 -52.88
CA VAL G 10 13.48 2.56 -52.73
C VAL G 10 12.75 2.25 -54.03
N SER G 11 12.48 0.96 -54.24
CA SER G 11 11.81 0.53 -55.46
C SER G 11 10.97 -0.70 -55.16
N GLU G 12 9.92 -0.89 -55.96
CA GLU G 12 9.02 -2.01 -55.79
C GLU G 12 8.18 -2.17 -57.06
N SER G 13 7.75 -3.40 -57.29
CA SER G 13 6.94 -3.71 -58.46
C SER G 13 5.57 -3.03 -58.35
N PRO G 14 4.89 -2.81 -59.49
CA PRO G 14 3.59 -2.14 -59.46
C PRO G 14 2.54 -2.89 -58.65
N GLU G 15 1.45 -2.19 -58.32
CA GLU G 15 0.30 -2.75 -57.60
C GLU G 15 0.68 -3.22 -56.19
N MET G 16 1.89 -2.93 -55.76
CA MET G 16 2.35 -3.28 -54.42
C MET G 16 2.21 -2.07 -53.50
N THR G 17 2.76 -2.19 -52.29
CA THR G 17 2.71 -1.12 -51.30
C THR G 17 4.10 -0.75 -50.85
N VAL G 18 4.39 0.55 -50.82
CA VAL G 18 5.67 1.08 -50.38
C VAL G 18 5.46 1.94 -49.15
N THR G 19 6.56 2.22 -48.44
CA THR G 19 6.52 3.02 -47.22
C THR G 19 7.86 3.73 -47.07
N ILE G 20 7.85 5.04 -47.24
CA ILE G 20 9.04 5.86 -47.05
C ILE G 20 9.01 6.47 -45.66
N SER G 21 10.18 6.63 -45.05
CA SER G 21 10.25 7.11 -43.67
C SER G 21 11.40 8.09 -43.52
N CYS G 22 11.23 9.04 -42.61
CA CYS G 22 12.24 10.02 -42.25
C CYS G 22 12.33 10.12 -40.74
N THR G 23 13.51 9.86 -40.19
CA THR G 23 13.74 9.83 -38.75
C THR G 23 14.38 11.14 -38.32
N GLY G 24 13.82 11.75 -37.27
CA GLY G 24 14.36 12.98 -36.73
C GLY G 24 15.67 12.78 -36.00
N SER G 25 16.67 13.58 -36.34
CA SER G 25 17.99 13.41 -35.75
C SER G 25 18.06 13.98 -34.34
N SER G 26 17.83 15.30 -34.20
CA SER G 26 17.97 15.94 -32.90
C SER G 26 16.76 16.79 -32.54
N GLY G 27 15.56 16.24 -32.68
CA GLY G 27 14.36 16.98 -32.33
C GLY G 27 13.15 16.07 -32.35
N SER G 28 12.15 16.46 -31.57
CA SER G 28 10.90 15.70 -31.48
C SER G 28 10.10 15.90 -32.76
N ILE G 29 9.69 14.80 -33.38
CA ILE G 29 8.94 14.87 -34.63
C ILE G 29 7.52 15.39 -34.40
N ALA G 30 7.01 15.28 -33.17
CA ALA G 30 5.63 15.67 -32.89
C ALA G 30 5.49 17.13 -32.50
N ASP G 31 6.59 17.81 -32.17
CA ASP G 31 6.52 19.21 -31.76
C ASP G 31 6.22 20.16 -32.92
N ASN G 32 6.54 19.77 -34.15
CA ASN G 32 6.28 20.61 -35.30
C ASN G 32 5.79 19.74 -36.45
N TYR G 33 5.13 20.38 -37.41
CA TYR G 33 4.56 19.64 -38.53
C TYR G 33 5.65 19.22 -39.51
N VAL G 34 5.58 17.96 -39.94
CA VAL G 34 6.48 17.41 -40.95
C VAL G 34 5.68 17.21 -42.23
N GLN G 35 6.26 17.61 -43.35
CA GLN G 35 5.55 17.62 -44.62
C GLN G 35 6.31 16.81 -45.67
N TRP G 36 5.56 16.12 -46.52
CA TRP G 36 6.12 15.32 -47.59
C TRP G 36 5.82 16.00 -48.92
N TYR G 37 6.86 16.15 -49.75
CA TYR G 37 6.76 16.83 -51.03
C TYR G 37 7.16 15.88 -52.15
N GLN G 38 6.40 15.90 -53.24
CA GLN G 38 6.66 15.07 -54.41
C GLN G 38 7.11 15.98 -55.55
N GLN G 39 8.35 15.80 -55.99
CA GLN G 39 8.93 16.62 -57.06
C GLN G 39 9.34 15.70 -58.21
N ARG G 40 8.63 15.81 -59.33
CA ARG G 40 9.03 15.10 -60.54
C ARG G 40 10.12 15.89 -61.25
N PRO G 41 11.05 15.22 -61.94
CA PRO G 41 12.14 15.95 -62.62
C PRO G 41 11.60 16.91 -63.67
N GLY G 42 11.96 18.18 -63.52
CA GLY G 42 11.51 19.21 -64.43
C GLY G 42 10.18 19.85 -64.10
N SER G 43 9.56 19.48 -62.99
CA SER G 43 8.27 20.02 -62.59
C SER G 43 8.37 20.59 -61.17
N ALA G 44 7.42 21.47 -60.85
CA ALA G 44 7.41 22.08 -59.52
C ALA G 44 7.04 21.03 -58.47
N PRO G 45 7.58 21.13 -57.26
CA PRO G 45 7.23 20.15 -56.23
C PRO G 45 5.77 20.23 -55.84
N THR G 46 5.19 19.07 -55.54
CA THR G 46 3.78 18.96 -55.16
C THR G 46 3.68 18.33 -53.78
N THR G 47 2.97 19.00 -52.88
CA THR G 47 2.83 18.50 -51.52
C THR G 47 1.81 17.37 -51.48
N VAL G 48 2.17 16.28 -50.79
CA VAL G 48 1.28 15.13 -50.66
C VAL G 48 0.86 14.90 -49.21
N ILE G 49 1.65 15.35 -48.23
CA ILE G 49 1.33 15.17 -46.82
C ILE G 49 1.77 16.44 -46.08
N TYR G 50 0.88 16.94 -45.23
CA TYR G 50 1.18 18.10 -44.40
C TYR G 50 0.48 17.97 -43.05
N GLU G 51 1.04 18.63 -42.05
CA GLU G 51 0.52 18.61 -40.67
C GLU G 51 0.51 17.19 -40.11
N ASN G 52 1.32 16.32 -40.71
CA ASN G 52 1.61 14.97 -40.24
C ASN G 52 0.43 14.01 -40.43
N TYR G 53 -0.75 14.54 -40.77
CA TYR G 53 -1.91 13.71 -41.01
C TYR G 53 -2.76 14.16 -42.19
N GLN G 54 -2.58 15.37 -42.69
CA GLN G 54 -3.50 15.96 -43.66
C GLN G 54 -3.00 15.72 -45.08
N ARG G 55 -3.94 15.56 -46.01
CA ARG G 55 -3.61 15.37 -47.42
C ARG G 55 -4.19 16.51 -48.23
N PRO G 56 -3.40 17.17 -49.09
CA PRO G 56 -3.93 18.28 -49.87
C PRO G 56 -4.98 17.82 -50.87
N SER G 57 -5.73 18.78 -51.40
CA SER G 57 -6.75 18.48 -52.39
C SER G 57 -6.10 18.05 -53.71
N GLY G 58 -6.82 17.21 -54.46
CA GLY G 58 -6.32 16.69 -55.71
C GLY G 58 -5.41 15.48 -55.60
N VAL G 59 -4.92 15.17 -54.40
CA VAL G 59 -4.07 13.99 -54.22
C VAL G 59 -4.93 12.74 -54.30
N PRO G 60 -4.56 11.74 -55.09
CA PRO G 60 -5.36 10.51 -55.17
C PRO G 60 -5.33 9.74 -53.86
N ASN G 61 -6.29 8.81 -53.74
CA ASN G 61 -6.44 8.05 -52.50
C ASN G 61 -5.28 7.09 -52.26
N ARG G 62 -4.42 6.87 -53.26
CA ARG G 62 -3.33 5.93 -53.10
C ARG G 62 -2.31 6.41 -52.07
N PHE G 63 -2.24 7.73 -51.85
CA PHE G 63 -1.28 8.30 -50.92
C PHE G 63 -1.86 8.30 -49.50
N SER G 64 -1.00 7.98 -48.53
CA SER G 64 -1.38 8.00 -47.13
C SER G 64 -0.13 8.19 -46.28
N GLY G 65 -0.34 8.67 -45.06
CA GLY G 65 0.77 8.94 -44.17
C GLY G 65 0.44 8.63 -42.73
N SER G 66 1.49 8.46 -41.93
CA SER G 66 1.34 8.17 -40.51
C SER G 66 2.62 8.60 -39.80
N ILE G 67 2.51 8.78 -38.48
CA ILE G 67 3.63 9.25 -37.66
C ILE G 67 3.80 8.29 -36.49
N ASP G 68 5.05 7.94 -36.19
CA ASP G 68 5.39 7.08 -35.06
C ASP G 68 6.24 7.91 -34.09
N SER G 69 5.60 8.40 -33.03
CA SER G 69 6.31 9.25 -32.07
C SER G 69 7.33 8.45 -31.25
N SER G 70 7.09 7.15 -31.07
CA SER G 70 8.03 6.33 -30.32
C SER G 70 9.34 6.16 -31.08
N SER G 71 9.27 5.83 -32.36
CA SER G 71 10.47 5.67 -33.18
C SER G 71 11.01 7.00 -33.70
N ASN G 72 10.29 8.10 -33.48
CA ASN G 72 10.72 9.43 -33.92
C ASN G 72 10.95 9.45 -35.43
N SER G 73 10.04 8.85 -36.18
CA SER G 73 10.15 8.76 -37.62
C SER G 73 8.78 8.89 -38.25
N ALA G 74 8.74 9.50 -39.44
CA ALA G 74 7.52 9.67 -40.21
C ALA G 74 7.29 8.46 -41.11
N SER G 75 6.17 8.50 -41.84
CA SER G 75 5.81 7.41 -42.73
C SER G 75 4.94 7.93 -43.86
N LEU G 76 5.20 7.43 -45.07
CA LEU G 76 4.41 7.76 -46.26
C LEU G 76 4.06 6.46 -46.95
N THR G 77 2.83 5.99 -46.76
CA THR G 77 2.37 4.70 -47.28
C THR G 77 1.62 4.93 -48.57
N ILE G 78 2.01 4.23 -49.63
CA ILE G 78 1.36 4.31 -50.93
C ILE G 78 0.97 2.89 -51.34
N SER G 79 -0.32 2.69 -51.58
CA SER G 79 -0.85 1.38 -51.96
C SER G 79 -1.26 1.40 -53.42
N GLY G 80 -0.87 0.35 -54.14
CA GLY G 80 -1.19 0.26 -55.55
C GLY G 80 -0.46 1.26 -56.42
N LEU G 81 0.87 1.17 -56.48
CA LEU G 81 1.65 2.14 -57.24
C LEU G 81 1.39 1.99 -58.74
N LYS G 82 1.51 3.09 -59.46
CA LYS G 82 1.32 3.12 -60.91
C LYS G 82 2.60 3.61 -61.58
N THR G 83 2.52 3.79 -62.89
CA THR G 83 3.70 4.20 -63.66
C THR G 83 4.05 5.66 -63.44
N GLU G 84 3.08 6.48 -63.04
CA GLU G 84 3.32 7.90 -62.83
C GLU G 84 3.68 8.24 -61.38
N ASP G 85 3.67 7.27 -60.48
CA ASP G 85 4.01 7.54 -59.09
C ASP G 85 5.50 7.69 -58.87
N GLU G 86 6.32 7.39 -59.88
CA GLU G 86 7.76 7.52 -59.74
C GLU G 86 8.16 8.99 -59.69
N ALA G 87 8.72 9.40 -58.56
CA ALA G 87 9.16 10.79 -58.38
C ALA G 87 10.08 10.85 -57.17
N ASP G 88 10.76 11.98 -57.04
CA ASP G 88 11.65 12.22 -55.90
C ASP G 88 10.84 12.80 -54.74
N TYR G 89 10.81 12.08 -53.62
CA TYR G 89 10.02 12.48 -52.46
C TYR G 89 10.95 13.04 -51.38
N TYR G 90 10.52 14.12 -50.75
CA TYR G 90 11.26 14.78 -49.69
C TYR G 90 10.44 14.81 -48.42
N CYS G 91 11.09 15.21 -47.32
CA CYS G 91 10.45 15.38 -46.04
C CYS G 91 11.05 16.58 -45.32
N GLN G 92 10.18 17.48 -44.88
CA GLN G 92 10.62 18.74 -44.28
C GLN G 92 9.85 18.97 -42.99
N SER G 93 10.53 19.54 -42.01
CA SER G 93 9.93 19.82 -40.71
C SER G 93 10.43 21.20 -40.26
N TYR G 94 10.20 21.52 -38.98
CA TYR G 94 10.60 22.81 -38.44
C TYR G 94 11.19 22.61 -37.05
N ASP G 95 12.24 23.37 -36.75
CA ASP G 95 12.88 23.29 -35.45
C ASP G 95 12.25 24.29 -34.49
N ASN G 96 12.71 24.26 -33.24
CA ASN G 96 12.23 25.22 -32.24
C ASN G 96 12.43 26.66 -32.70
N SER G 97 13.58 26.98 -33.29
CA SER G 97 13.80 28.25 -33.95
C SER G 97 13.31 28.12 -35.38
N ASN G 98 13.05 29.25 -36.04
CA ASN G 98 12.52 29.20 -37.40
C ASN G 98 13.58 28.69 -38.36
N VAL G 99 13.55 27.39 -38.65
CA VAL G 99 14.49 26.74 -39.55
C VAL G 99 13.74 25.65 -40.31
N ALA G 100 13.75 25.75 -41.64
CA ALA G 100 13.14 24.73 -42.49
C ALA G 100 14.19 23.71 -42.88
N VAL G 101 14.05 22.48 -42.37
CA VAL G 101 15.01 21.41 -42.60
C VAL G 101 14.41 20.44 -43.59
N PHE G 102 14.92 20.45 -44.82
CA PHE G 102 14.51 19.50 -45.85
C PHE G 102 15.40 18.27 -45.80
N GLY G 103 14.81 17.12 -46.10
CA GLY G 103 15.55 15.87 -46.08
C GLY G 103 16.54 15.77 -47.22
N GLY G 104 17.29 14.66 -47.22
CA GLY G 104 18.28 14.40 -48.24
C GLY G 104 17.74 13.93 -49.56
N GLY G 105 16.41 13.77 -49.69
CA GLY G 105 15.83 13.32 -50.93
C GLY G 105 15.66 11.82 -51.00
N THR G 106 14.56 11.36 -51.60
CA THR G 106 14.28 9.94 -51.77
C THR G 106 13.65 9.72 -53.13
N GLN G 107 14.33 8.99 -54.00
CA GLN G 107 13.86 8.74 -55.35
C GLN G 107 13.05 7.46 -55.37
N LEU G 108 11.75 7.56 -55.07
CA LEU G 108 10.87 6.40 -55.15
C LEU G 108 10.61 6.05 -56.61
N THR G 109 10.98 4.83 -56.98
CA THR G 109 10.85 4.37 -58.35
C THR G 109 10.10 3.04 -58.38
N VAL G 110 9.58 2.70 -59.56
CA VAL G 110 8.94 1.42 -59.80
C VAL G 110 9.96 0.50 -60.44
N LEU G 111 10.21 -0.65 -59.82
CA LEU G 111 11.27 -1.54 -60.28
C LEU G 111 10.88 -2.26 -61.56
N GLY G 112 9.87 -3.11 -61.49
CA GLY G 112 9.38 -3.80 -62.68
C GLY G 112 10.34 -4.86 -63.19
N GLN G 113 11.50 -4.42 -63.68
CA GLN G 113 12.50 -5.32 -64.22
C GLN G 113 13.57 -5.61 -63.17
N PRO G 114 14.28 -6.74 -63.29
CA PRO G 114 15.32 -7.05 -62.31
C PRO G 114 16.46 -6.04 -62.36
N LYS G 115 17.21 -5.98 -61.26
CA LYS G 115 18.30 -5.01 -61.09
C LYS G 115 19.54 -5.52 -61.81
N ALA G 116 19.89 -4.84 -62.90
CA ALA G 116 21.09 -5.20 -63.65
C ALA G 116 22.34 -4.71 -62.93
N ALA G 117 23.48 -5.28 -63.29
CA ALA G 117 24.74 -4.89 -62.67
C ALA G 117 25.36 -3.70 -63.39
N PRO G 118 25.93 -2.75 -62.65
CA PRO G 118 26.53 -1.57 -63.27
C PRO G 118 27.86 -1.89 -63.96
N SER G 119 27.98 -1.52 -65.24
CA SER G 119 29.20 -1.78 -66.01
C SER G 119 30.18 -0.62 -65.80
N VAL G 120 30.99 -0.75 -64.74
CA VAL G 120 31.97 0.26 -64.43
C VAL G 120 33.15 0.17 -65.40
N THR G 121 33.63 1.34 -65.84
CA THR G 121 34.76 1.41 -66.75
C THR G 121 35.58 2.64 -66.40
N LEU G 122 36.90 2.45 -66.34
CA LEU G 122 37.83 3.51 -65.97
C LEU G 122 38.72 3.87 -67.15
N PHE G 123 39.41 5.01 -67.02
CA PHE G 123 40.30 5.51 -68.05
C PHE G 123 41.47 6.25 -67.42
N PRO G 124 42.70 5.95 -67.83
CA PRO G 124 43.86 6.61 -67.23
C PRO G 124 44.10 7.97 -67.85
N PRO G 125 44.58 8.95 -67.06
CA PRO G 125 44.87 10.27 -67.62
C PRO G 125 45.91 10.22 -68.73
N SER G 126 45.63 10.90 -69.84
CA SER G 126 46.54 10.89 -70.98
C SER G 126 47.76 11.77 -70.71
N SER G 127 48.70 11.72 -71.65
CA SER G 127 49.92 12.51 -71.51
C SER G 127 49.64 14.00 -71.60
N GLU G 128 48.73 14.40 -72.48
CA GLU G 128 48.38 15.82 -72.59
C GLU G 128 47.75 16.35 -71.30
N GLU G 129 47.06 15.48 -70.55
CA GLU G 129 46.50 15.90 -69.27
C GLU G 129 47.61 16.13 -68.26
N LEU G 130 48.62 15.25 -68.22
CA LEU G 130 49.75 15.45 -67.32
C LEU G 130 50.57 16.66 -67.71
N GLN G 131 50.58 16.99 -69.01
CA GLN G 131 51.31 18.18 -69.45
C GLN G 131 50.67 19.46 -68.88
N ALA G 132 49.35 19.43 -68.66
CA ALA G 132 48.64 20.55 -68.07
C ALA G 132 48.68 20.56 -66.55
N ASN G 133 49.50 19.69 -65.95
CA ASN G 133 49.65 19.61 -64.49
C ASN G 133 48.30 19.31 -63.81
N LYS G 134 47.62 18.27 -64.29
CA LYS G 134 46.34 17.86 -63.74
C LYS G 134 46.06 16.42 -64.12
N ALA G 135 45.56 15.64 -63.16
CA ALA G 135 45.22 14.24 -63.45
C ALA G 135 43.85 14.14 -64.11
N THR G 136 42.80 14.55 -63.40
CA THR G 136 41.44 14.62 -63.94
C THR G 136 40.99 13.28 -64.52
N LEU G 137 41.01 12.22 -63.70
CA LEU G 137 40.51 10.94 -64.17
C LEU G 137 38.99 10.89 -64.08
N VAL G 138 38.37 10.20 -65.04
CA VAL G 138 36.92 10.14 -65.16
C VAL G 138 36.48 8.69 -65.26
N CYS G 139 35.45 8.35 -64.50
CA CYS G 139 34.89 7.01 -64.46
C CYS G 139 33.66 6.94 -65.37
N LEU G 140 33.44 5.78 -65.97
CA LEU G 140 32.30 5.55 -66.85
C LEU G 140 31.55 4.31 -66.40
N ILE G 141 30.29 4.52 -66.01
CA ILE G 141 29.42 3.44 -65.56
C ILE G 141 28.18 3.44 -66.44
N SER G 142 27.58 2.26 -66.59
CA SER G 142 26.39 2.10 -67.42
C SER G 142 25.71 0.79 -67.05
N ASP G 143 24.58 0.51 -67.72
CA ASP G 143 23.87 -0.76 -67.62
C ASP G 143 23.32 -1.01 -66.22
N PHE G 144 23.03 0.04 -65.47
CA PHE G 144 22.39 -0.12 -64.17
C PHE G 144 21.04 0.58 -64.15
N TYR G 145 20.00 -0.20 -63.91
CA TYR G 145 18.61 0.26 -63.89
C TYR G 145 18.17 0.93 -62.59
N PRO G 146 18.42 0.33 -61.39
CA PRO G 146 17.70 0.79 -60.18
C PRO G 146 18.16 2.16 -59.69
N GLY G 147 17.88 3.19 -60.48
CA GLY G 147 18.03 4.55 -60.02
C GLY G 147 19.48 5.00 -59.90
N ALA G 148 19.71 5.88 -58.93
CA ALA G 148 21.02 6.47 -58.75
C ALA G 148 22.00 5.46 -58.17
N VAL G 149 23.28 5.64 -58.51
CA VAL G 149 24.35 4.75 -58.05
C VAL G 149 25.14 5.45 -56.95
N THR G 150 25.79 4.67 -56.09
CA THR G 150 26.68 5.19 -55.06
C THR G 150 28.11 4.79 -55.41
N VAL G 151 29.04 5.73 -55.29
CA VAL G 151 30.43 5.52 -55.65
C VAL G 151 31.29 5.48 -54.40
N ALA G 152 32.50 4.96 -54.56
CA ALA G 152 33.46 4.88 -53.46
C ALA G 152 34.86 5.04 -54.03
N TRP G 153 35.57 6.04 -53.55
CA TRP G 153 36.93 6.33 -54.00
C TRP G 153 37.87 6.36 -52.80
N LYS G 154 38.92 5.55 -52.85
CA LYS G 154 39.87 5.45 -51.76
C LYS G 154 41.29 5.44 -52.31
N ALA G 155 42.15 6.26 -51.72
CA ALA G 155 43.55 6.29 -52.08
C ALA G 155 44.30 5.17 -51.34
N ASP G 156 45.63 5.24 -51.39
CA ASP G 156 46.45 4.21 -50.75
C ASP G 156 46.29 4.21 -49.24
N SER G 157 45.96 5.36 -48.64
CA SER G 157 45.86 5.45 -47.20
C SER G 157 44.62 6.18 -46.69
N SER G 158 43.89 6.90 -47.54
CA SER G 158 42.73 7.65 -47.09
C SER G 158 41.71 7.69 -48.21
N PRO G 159 40.41 7.66 -47.88
CA PRO G 159 39.39 7.74 -48.92
C PRO G 159 39.30 9.15 -49.50
N VAL G 160 38.78 9.21 -50.73
CA VAL G 160 38.63 10.48 -51.43
C VAL G 160 37.27 11.08 -51.10
N LYS G 161 37.20 11.83 -50.00
CA LYS G 161 35.94 12.44 -49.58
C LYS G 161 35.68 13.79 -50.22
N ALA G 162 36.62 14.30 -51.02
CA ALA G 162 36.46 15.60 -51.65
C ALA G 162 36.95 15.52 -53.09
N GLY G 163 36.33 16.31 -53.96
CA GLY G 163 36.67 16.34 -55.36
C GLY G 163 35.86 15.44 -56.25
N VAL G 164 35.32 14.34 -55.73
CA VAL G 164 34.52 13.43 -56.54
C VAL G 164 33.15 14.05 -56.77
N GLU G 165 32.80 14.26 -58.03
CA GLU G 165 31.52 14.85 -58.42
C GLU G 165 30.71 13.80 -59.16
N THR G 166 29.62 13.35 -58.53
CA THR G 166 28.75 12.33 -59.10
C THR G 166 27.60 13.02 -59.83
N THR G 167 27.43 12.70 -61.11
CA THR G 167 26.39 13.32 -61.91
C THR G 167 25.08 12.54 -61.77
N THR G 168 23.99 13.19 -62.16
CA THR G 168 22.67 12.56 -62.12
C THR G 168 22.57 11.52 -63.23
N PRO G 169 22.19 10.28 -62.91
CA PRO G 169 22.11 9.25 -63.96
C PRO G 169 20.96 9.48 -64.92
N SER G 170 21.29 9.90 -66.15
CA SER G 170 20.26 10.15 -67.14
C SER G 170 19.86 8.86 -67.85
N LYS G 171 18.68 8.89 -68.47
CA LYS G 171 18.14 7.72 -69.14
C LYS G 171 18.74 7.62 -70.54
N GLN G 172 19.45 6.52 -70.81
CA GLN G 172 20.02 6.32 -72.13
C GLN G 172 18.99 5.71 -73.08
N SER G 173 19.43 5.43 -74.31
CA SER G 173 18.54 4.83 -75.30
C SER G 173 18.24 3.37 -74.96
N ASN G 174 19.17 2.68 -74.32
CA ASN G 174 18.97 1.28 -73.95
C ASN G 174 18.23 1.11 -72.63
N ASN G 175 17.51 2.15 -72.18
CA ASN G 175 16.76 2.11 -70.92
C ASN G 175 17.66 1.85 -69.71
N LYS G 176 18.85 2.44 -69.71
CA LYS G 176 19.79 2.30 -68.60
C LYS G 176 20.27 3.67 -68.16
N TYR G 177 21.07 3.68 -67.11
CA TYR G 177 21.61 4.90 -66.53
C TYR G 177 23.13 4.92 -66.67
N ALA G 178 23.70 6.13 -66.60
CA ALA G 178 25.14 6.31 -66.72
C ALA G 178 25.81 6.80 -65.45
N ALA G 179 25.39 7.96 -64.94
CA ALA G 179 25.93 8.55 -63.72
C ALA G 179 27.45 8.62 -63.74
N SER G 180 28.02 9.37 -64.68
CA SER G 180 29.46 9.53 -64.74
C SER G 180 29.97 10.32 -63.54
N SER G 181 31.27 10.22 -63.30
CA SER G 181 31.90 10.88 -62.16
C SER G 181 33.11 11.66 -62.64
N TYR G 182 33.53 12.63 -61.82
CA TYR G 182 34.69 13.46 -62.10
C TYR G 182 35.54 13.60 -60.85
N LEU G 183 36.86 13.56 -61.02
CA LEU G 183 37.80 13.70 -59.92
C LEU G 183 39.11 14.22 -60.46
N SER G 184 39.52 15.40 -59.99
CA SER G 184 40.74 16.05 -60.45
C SER G 184 41.70 16.24 -59.28
N LEU G 185 43.00 16.08 -59.54
CA LEU G 185 44.02 16.25 -58.53
C LEU G 185 45.36 16.49 -59.22
N THR G 186 46.35 16.85 -58.42
CA THR G 186 47.68 17.12 -58.96
C THR G 186 48.33 15.81 -59.41
N PRO G 187 49.12 15.83 -60.49
CA PRO G 187 49.74 14.59 -60.96
C PRO G 187 50.71 13.95 -59.98
N GLU G 188 51.35 14.74 -59.12
CA GLU G 188 52.30 14.17 -58.17
C GLU G 188 51.63 13.23 -57.18
N GLN G 189 50.45 13.60 -56.67
CA GLN G 189 49.70 12.68 -55.82
C GLN G 189 49.16 11.50 -56.60
N TRP G 190 48.86 11.71 -57.89
CA TRP G 190 48.41 10.61 -58.73
C TRP G 190 49.55 9.65 -59.06
N LYS G 191 50.78 10.16 -59.08
CA LYS G 191 51.95 9.30 -59.30
C LYS G 191 52.47 8.68 -58.00
N SER G 192 52.13 9.25 -56.85
CA SER G 192 52.49 8.65 -55.57
C SER G 192 51.53 7.53 -55.19
N HIS G 193 50.23 7.76 -55.32
CA HIS G 193 49.21 6.77 -55.04
C HIS G 193 48.57 6.33 -56.35
N ARG G 194 48.66 5.04 -56.64
CA ARG G 194 48.17 4.47 -57.89
C ARG G 194 47.02 3.50 -57.62
N SER G 195 46.24 3.25 -58.67
CA SER G 195 45.16 2.25 -58.65
C SER G 195 44.17 2.53 -57.52
N TYR G 196 43.49 3.68 -57.65
CA TYR G 196 42.48 4.09 -56.67
C TYR G 196 41.35 3.07 -56.51
N SER G 197 41.09 2.23 -57.51
CA SER G 197 40.14 1.12 -57.39
C SER G 197 38.75 1.62 -57.03
N CYS G 198 38.19 2.44 -57.92
CA CYS G 198 36.85 2.98 -57.71
C CYS G 198 35.83 1.86 -57.60
N GLN G 199 35.09 1.85 -56.50
CA GLN G 199 34.08 0.83 -56.23
C GLN G 199 32.70 1.48 -56.11
N VAL G 200 31.67 0.68 -56.34
CA VAL G 200 30.29 1.13 -56.25
C VAL G 200 29.52 0.21 -55.31
N THR G 201 28.45 0.75 -54.73
CA THR G 201 27.59 -0.02 -53.83
C THR G 201 26.11 0.16 -54.16
N HIS G 202 25.74 0.09 -55.44
CA HIS G 202 24.35 0.34 -55.84
C HIS G 202 23.42 -0.74 -55.31
N GLU G 203 22.63 -0.38 -54.30
CA GLU G 203 21.64 -1.28 -53.69
C GLU G 203 22.30 -2.57 -53.21
N GLY G 204 23.51 -2.46 -52.66
CA GLY G 204 24.25 -3.60 -52.20
C GLY G 204 25.15 -4.25 -53.24
N SER G 205 24.85 -4.09 -54.52
CA SER G 205 25.69 -4.66 -55.56
C SER G 205 27.03 -3.92 -55.61
N THR G 206 28.12 -4.67 -55.46
CA THR G 206 29.46 -4.11 -55.43
C THR G 206 30.22 -4.50 -56.69
N VAL G 207 30.63 -3.50 -57.46
CA VAL G 207 31.43 -3.71 -58.66
C VAL G 207 32.70 -2.88 -58.55
N GLU G 208 33.84 -3.55 -58.77
CA GLU G 208 35.15 -2.92 -58.66
C GLU G 208 35.88 -3.05 -59.99
N LYS G 209 36.35 -1.93 -60.52
CA LYS G 209 37.04 -1.93 -61.81
C LYS G 209 38.22 -0.98 -61.73
N THR G 210 39.19 -1.20 -62.62
CA THR G 210 40.37 -0.36 -62.71
C THR G 210 40.94 -0.51 -64.11
N VAL G 211 41.90 0.36 -64.44
CA VAL G 211 42.50 0.38 -65.76
C VAL G 211 44.01 0.56 -65.63
N ALA G 212 44.76 -0.13 -66.50
CA ALA G 212 46.21 -0.03 -66.54
C ALA G 212 46.72 -0.38 -67.93
N PRO G 213 46.93 0.62 -68.80
CA PRO G 213 47.40 0.39 -70.17
C PRO G 213 48.86 -0.04 -70.23
N GLU H 1 -57.56 21.85 15.53
CA GLU H 1 -57.50 21.45 16.92
C GLU H 1 -56.31 20.53 17.17
N PHE H 2 -55.20 21.12 17.61
CA PHE H 2 -53.97 20.39 17.84
C PHE H 2 -53.57 20.52 19.31
N MET H 3 -53.30 19.39 19.95
CA MET H 3 -52.91 19.36 21.36
C MET H 3 -51.80 18.34 21.56
N LEU H 4 -50.99 18.56 22.59
CA LEU H 4 -49.88 17.69 22.93
C LEU H 4 -49.96 17.28 24.40
N THR H 5 -49.09 16.36 24.79
CA THR H 5 -49.02 15.89 26.17
C THR H 5 -47.59 15.41 26.44
N GLN H 6 -47.04 15.86 27.58
CA GLN H 6 -45.67 15.51 27.92
C GLN H 6 -45.62 14.87 29.30
N PRO H 7 -44.82 13.81 29.45
CA PRO H 7 -44.62 13.23 30.79
C PRO H 7 -43.83 14.16 31.69
N HIS H 8 -43.82 13.84 32.97
CA HIS H 8 -43.10 14.67 33.94
C HIS H 8 -41.59 14.57 33.73
N SER H 9 -41.04 13.35 33.86
CA SER H 9 -39.62 13.15 33.70
C SER H 9 -39.36 11.69 33.36
N VAL H 10 -38.27 11.48 32.61
CA VAL H 10 -37.84 10.14 32.22
C VAL H 10 -36.39 9.97 32.63
N SER H 11 -36.07 8.82 33.22
CA SER H 11 -34.72 8.57 33.71
C SER H 11 -34.36 7.11 33.47
N GLU H 12 -33.11 6.88 33.08
CA GLU H 12 -32.59 5.54 32.84
C GLU H 12 -31.11 5.52 33.19
N SER H 13 -30.53 4.32 33.10
CA SER H 13 -29.11 4.15 33.38
C SER H 13 -28.27 4.80 32.28
N PRO H 14 -27.02 5.14 32.58
CA PRO H 14 -26.15 5.72 31.54
C PRO H 14 -25.95 4.76 30.38
N GLU H 15 -25.67 5.33 29.21
CA GLU H 15 -25.44 4.64 27.95
C GLU H 15 -26.66 3.90 27.43
N MET H 16 -27.85 4.13 28.00
CA MET H 16 -29.05 3.49 27.51
C MET H 16 -29.78 4.39 26.52
N THR H 17 -30.91 3.90 26.03
CA THR H 17 -31.74 4.62 25.06
C THR H 17 -33.12 4.87 25.65
N VAL H 18 -33.57 6.12 25.59
CA VAL H 18 -34.87 6.52 26.11
C VAL H 18 -35.72 7.05 24.97
N THR H 19 -37.01 7.22 25.25
CA THR H 19 -37.96 7.72 24.27
C THR H 19 -38.95 8.66 24.95
N ILE H 20 -38.99 9.90 24.47
CA ILE H 20 -39.92 10.92 24.96
C ILE H 20 -40.82 11.34 23.80
N SER H 21 -42.12 11.18 23.99
CA SER H 21 -43.11 11.44 22.94
C SER H 21 -43.84 12.74 23.23
N CYS H 22 -44.22 13.45 22.16
CA CYS H 22 -45.02 14.66 22.30
C CYS H 22 -46.51 14.37 22.43
N THR H 23 -46.94 13.17 22.06
CA THR H 23 -48.32 12.73 22.23
C THR H 23 -49.30 13.67 21.55
N GLY H 24 -49.29 13.69 20.22
CA GLY H 24 -50.23 14.50 19.48
C GLY H 24 -51.62 13.89 19.43
N SER H 25 -52.30 13.85 20.59
CA SER H 25 -53.61 13.21 20.66
C SER H 25 -54.68 14.00 19.91
N SER H 26 -54.37 15.22 19.47
CA SER H 26 -55.34 16.02 18.74
C SER H 26 -54.68 16.59 17.49
N GLY H 27 -55.37 16.46 16.37
CA GLY H 27 -54.87 16.96 15.10
C GLY H 27 -53.74 16.14 14.55
N SER H 28 -53.38 16.45 13.30
CA SER H 28 -52.29 15.78 12.62
C SER H 28 -50.95 16.35 13.10
N ILE H 29 -49.95 15.49 13.16
CA ILE H 29 -48.63 15.87 13.67
C ILE H 29 -47.59 15.75 12.56
N ALA H 30 -47.71 14.72 11.73
CA ALA H 30 -46.72 14.44 10.69
C ALA H 30 -46.71 15.49 9.59
N ASP H 31 -47.67 16.41 9.56
CA ASP H 31 -47.73 17.43 8.53
C ASP H 31 -47.04 18.73 8.92
N ASN H 32 -46.26 18.72 10.01
CA ASN H 32 -45.56 19.91 10.47
C ASN H 32 -44.14 19.55 10.86
N TYR H 33 -43.32 20.58 11.05
CA TYR H 33 -41.92 20.42 11.46
C TYR H 33 -41.88 20.26 12.97
N VAL H 34 -41.78 19.01 13.43
CA VAL H 34 -41.66 18.74 14.85
C VAL H 34 -40.32 19.23 15.36
N GLN H 35 -40.33 19.94 16.49
CA GLN H 35 -39.13 20.53 17.05
C GLN H 35 -38.99 20.14 18.51
N TRP H 36 -37.74 20.00 18.95
CA TRP H 36 -37.39 19.78 20.34
C TRP H 36 -36.39 20.84 20.77
N TYR H 37 -36.48 21.28 22.01
CA TYR H 37 -35.60 22.31 22.54
C TYR H 37 -35.00 21.86 23.87
N GLN H 38 -33.95 22.55 24.29
CA GLN H 38 -33.23 22.24 25.52
C GLN H 38 -33.03 23.52 26.32
N GLN H 39 -33.33 23.46 27.62
CA GLN H 39 -33.22 24.61 28.49
C GLN H 39 -32.55 24.21 29.79
N ARG H 40 -31.68 25.08 30.29
CA ARG H 40 -31.06 24.98 31.59
C ARG H 40 -31.73 25.94 32.56
N PRO H 41 -31.65 25.69 33.87
CA PRO H 41 -32.29 26.59 34.83
C PRO H 41 -31.75 28.01 34.72
N GLY H 42 -32.66 28.96 34.62
CA GLY H 42 -32.30 30.37 34.47
C GLY H 42 -32.16 30.87 33.05
N SER H 43 -31.34 30.21 32.24
CA SER H 43 -31.10 30.65 30.88
C SER H 43 -32.29 30.31 29.98
N ALA H 44 -32.32 30.93 28.80
CA ALA H 44 -33.37 30.67 27.84
C ALA H 44 -33.16 29.34 27.15
N PRO H 45 -34.23 28.71 26.65
CA PRO H 45 -34.09 27.43 25.96
C PRO H 45 -33.27 27.56 24.68
N THR H 46 -32.70 26.43 24.27
CA THR H 46 -31.89 26.36 23.06
C THR H 46 -32.42 25.25 22.18
N THR H 47 -32.07 25.31 20.90
CA THR H 47 -32.53 24.34 19.92
C THR H 47 -31.68 23.07 20.01
N VAL H 48 -32.36 21.91 19.99
CA VAL H 48 -31.69 20.62 20.01
C VAL H 48 -32.14 19.81 18.81
N ILE H 49 -33.24 20.24 18.18
CA ILE H 49 -33.76 19.61 16.97
C ILE H 49 -34.23 20.70 16.02
N TYR H 50 -33.68 20.70 14.80
CA TYR H 50 -34.03 21.71 13.82
C TYR H 50 -34.95 21.18 12.74
N GLU H 51 -34.85 19.89 12.41
CA GLU H 51 -35.69 19.28 11.39
C GLU H 51 -36.24 17.97 11.93
N ASN H 52 -37.31 17.49 11.29
CA ASN H 52 -37.98 16.26 11.69
C ASN H 52 -37.02 15.08 11.67
N TYR H 53 -36.12 15.03 10.67
CA TYR H 53 -35.18 13.94 10.53
C TYR H 53 -33.73 14.40 10.56
N GLN H 54 -33.48 15.66 10.88
CA GLN H 54 -32.13 16.21 10.89
C GLN H 54 -31.91 17.01 12.17
N ARG H 55 -30.70 16.92 12.71
CA ARG H 55 -30.36 17.67 13.91
C ARG H 55 -29.56 18.93 13.54
N PRO H 56 -29.61 19.96 14.38
CA PRO H 56 -28.82 21.16 14.10
C PRO H 56 -27.33 20.90 14.28
N SER H 57 -26.53 21.80 13.71
CA SER H 57 -25.08 21.65 13.75
C SER H 57 -24.49 22.00 15.11
N GLY H 58 -25.21 22.74 15.94
CA GLY H 58 -24.72 23.15 17.24
C GLY H 58 -24.97 22.20 18.38
N VAL H 59 -25.31 20.93 18.08
CA VAL H 59 -25.60 19.95 19.12
C VAL H 59 -24.84 18.67 18.79
N PRO H 60 -24.32 17.94 19.79
CA PRO H 60 -23.69 16.66 19.50
C PRO H 60 -24.66 15.68 18.84
N ASN H 61 -24.12 14.78 18.03
CA ASN H 61 -24.92 13.83 17.25
C ASN H 61 -25.29 12.63 18.14
N ARG H 62 -26.30 12.84 18.97
CA ARG H 62 -26.81 11.77 19.83
C ARG H 62 -28.33 11.75 19.93
N PHE H 63 -29.04 12.30 18.95
CA PHE H 63 -30.49 12.37 18.98
C PHE H 63 -31.07 11.82 17.68
N SER H 64 -32.24 11.21 17.77
CA SER H 64 -32.95 10.69 16.61
C SER H 64 -34.45 10.87 16.83
N GLY H 65 -35.14 11.29 15.77
CA GLY H 65 -36.55 11.61 15.89
C GLY H 65 -37.46 10.50 15.40
N SER H 66 -38.50 10.21 16.17
CA SER H 66 -39.54 9.26 15.80
C SER H 66 -40.79 10.08 15.44
N ILE H 67 -40.92 10.39 14.16
CA ILE H 67 -41.96 11.32 13.72
C ILE H 67 -43.35 10.73 13.83
N ASP H 68 -43.51 9.42 13.64
CA ASP H 68 -44.85 8.84 13.65
C ASP H 68 -44.77 7.36 14.00
N SER H 69 -45.80 6.89 14.69
CA SER H 69 -46.02 5.47 14.91
C SER H 69 -46.95 4.87 13.86
N SER H 70 -46.94 5.45 12.66
CA SER H 70 -47.78 5.11 11.51
C SER H 70 -49.23 5.59 11.68
N SER H 71 -49.59 6.11 12.85
CA SER H 71 -50.90 6.72 13.01
C SER H 71 -50.79 8.09 13.69
N ASN H 72 -49.94 8.19 14.72
CA ASN H 72 -49.89 9.37 15.57
C ASN H 72 -48.73 9.21 16.53
N SER H 73 -48.70 10.07 17.55
CA SER H 73 -47.76 9.98 18.66
C SER H 73 -46.31 10.09 18.23
N ALA H 74 -45.93 11.25 17.70
CA ALA H 74 -44.53 11.55 17.44
C ALA H 74 -43.71 11.38 18.71
N SER H 75 -42.42 11.05 18.52
CA SER H 75 -41.56 10.75 19.65
C SER H 75 -40.13 11.19 19.34
N LEU H 76 -39.31 11.24 20.38
CA LEU H 76 -37.89 11.52 20.27
C LEU H 76 -37.10 10.39 20.89
N THR H 77 -36.12 9.87 20.15
CA THR H 77 -35.29 8.76 20.61
C THR H 77 -33.87 9.29 20.84
N ILE H 78 -33.43 9.24 22.10
CA ILE H 78 -32.10 9.72 22.49
C ILE H 78 -31.25 8.51 22.86
N SER H 79 -30.10 8.39 22.21
CA SER H 79 -29.17 7.29 22.43
C SER H 79 -27.89 7.82 23.04
N GLY H 80 -27.33 7.09 24.01
CA GLY H 80 -26.10 7.49 24.65
C GLY H 80 -26.27 8.59 25.67
N LEU H 81 -27.11 8.35 26.67
CA LEU H 81 -27.35 9.34 27.71
C LEU H 81 -26.15 9.44 28.64
N LYS H 82 -25.75 10.68 28.94
CA LYS H 82 -24.64 10.94 29.84
C LYS H 82 -24.99 12.15 30.71
N THR H 83 -24.05 12.50 31.60
CA THR H 83 -24.32 13.52 32.60
C THR H 83 -24.60 14.88 31.99
N GLU H 84 -24.02 15.18 30.83
CA GLU H 84 -24.24 16.47 30.20
C GLU H 84 -25.59 16.57 29.50
N ASP H 85 -26.31 15.47 29.35
CA ASP H 85 -27.61 15.48 28.72
C ASP H 85 -28.74 15.85 29.68
N GLU H 86 -28.43 16.01 30.98
CA GLU H 86 -29.45 16.34 31.96
C GLU H 86 -29.91 17.78 31.81
N ALA H 87 -31.11 17.98 31.29
CA ALA H 87 -31.66 19.32 31.07
C ALA H 87 -33.16 19.18 30.86
N ASP H 88 -33.80 20.31 30.58
CA ASP H 88 -35.23 20.36 30.32
C ASP H 88 -35.49 20.32 28.82
N TYR H 89 -36.64 19.78 28.43
CA TYR H 89 -37.02 19.67 27.04
C TYR H 89 -38.47 20.12 26.86
N TYR H 90 -38.78 20.59 25.65
CA TYR H 90 -40.10 21.10 25.33
C TYR H 90 -40.45 20.73 23.90
N CYS H 91 -41.66 20.20 23.70
CA CYS H 91 -42.13 19.90 22.36
C CYS H 91 -42.62 21.18 21.68
N GLN H 92 -42.40 21.26 20.37
CA GLN H 92 -42.79 22.41 19.57
C GLN H 92 -43.40 21.93 18.27
N SER H 93 -44.61 22.39 17.98
CA SER H 93 -45.31 22.03 16.76
C SER H 93 -46.24 23.19 16.37
N TYR H 94 -46.97 23.01 15.28
CA TYR H 94 -47.88 24.04 14.80
C TYR H 94 -49.16 23.38 14.30
N ASP H 95 -50.27 24.11 14.44
CA ASP H 95 -51.53 23.65 13.88
C ASP H 95 -51.66 24.12 12.43
N ASN H 96 -52.58 23.48 11.70
CA ASN H 96 -52.83 23.87 10.32
C ASN H 96 -53.40 25.28 10.21
N SER H 97 -54.02 25.79 11.28
CA SER H 97 -54.56 27.14 11.29
C SER H 97 -53.61 28.15 11.92
N ASN H 98 -52.30 27.95 11.77
CA ASN H 98 -51.25 28.84 12.29
C ASN H 98 -51.27 28.95 13.80
N VAL H 99 -51.78 27.94 14.51
CA VAL H 99 -51.80 27.97 15.97
C VAL H 99 -50.60 27.18 16.48
N ALA H 100 -49.59 27.89 16.97
CA ALA H 100 -48.42 27.23 17.55
C ALA H 100 -48.78 26.64 18.91
N VAL H 101 -48.32 25.41 19.14
CA VAL H 101 -48.63 24.67 20.35
C VAL H 101 -47.32 24.12 20.90
N PHE H 102 -46.89 24.65 22.04
CA PHE H 102 -45.76 24.06 22.76
C PHE H 102 -46.25 22.90 23.61
N GLY H 103 -45.50 21.79 23.58
CA GLY H 103 -45.90 20.60 24.33
C GLY H 103 -45.90 20.78 25.84
N GLY H 104 -44.82 21.32 26.39
CA GLY H 104 -44.70 21.49 27.82
C GLY H 104 -43.35 21.01 28.34
N GLY H 105 -43.23 21.04 29.67
CA GLY H 105 -41.99 20.68 30.33
C GLY H 105 -41.71 19.19 30.27
N THR H 106 -40.46 18.85 29.97
CA THR H 106 -39.99 17.47 29.94
C THR H 106 -38.56 17.44 30.42
N GLN H 107 -38.33 16.88 31.60
CA GLN H 107 -37.02 16.85 32.22
C GLN H 107 -36.39 15.48 32.04
N LEU H 108 -35.18 15.46 31.46
CA LEU H 108 -34.43 14.23 31.30
C LEU H 108 -33.25 14.21 32.26
N THR H 109 -33.09 13.09 32.95
CA THR H 109 -32.02 12.94 33.93
C THR H 109 -31.45 11.54 33.84
N VAL H 110 -30.21 11.39 34.31
CA VAL H 110 -29.48 10.13 34.26
C VAL H 110 -29.39 9.58 35.68
N LEU H 111 -29.57 8.26 35.81
CA LEU H 111 -29.55 7.60 37.11
C LEU H 111 -28.12 7.18 37.49
N GLY H 112 -27.31 8.18 37.80
CA GLY H 112 -25.95 7.93 38.25
C GLY H 112 -25.85 7.39 39.67
N GLN H 113 -26.93 7.47 40.44
CA GLN H 113 -26.98 6.96 41.80
C GLN H 113 -28.38 6.42 42.06
N PRO H 114 -28.53 5.53 43.04
CA PRO H 114 -29.87 4.99 43.33
C PRO H 114 -30.86 6.08 43.72
N LYS H 115 -32.11 5.87 43.33
CA LYS H 115 -33.17 6.86 43.54
C LYS H 115 -33.62 6.79 45.00
N ALA H 116 -33.22 7.81 45.75
CA ALA H 116 -33.61 7.91 47.16
C ALA H 116 -35.07 8.30 47.27
N ALA H 117 -35.73 7.84 48.34
CA ALA H 117 -37.12 8.15 48.57
C ALA H 117 -37.28 9.54 49.19
N PRO H 118 -38.29 10.29 48.76
CA PRO H 118 -38.49 11.63 49.33
C PRO H 118 -39.10 11.57 50.72
N SER H 119 -38.54 12.37 51.62
CA SER H 119 -39.06 12.44 52.99
C SER H 119 -40.21 13.44 53.07
N VAL H 120 -41.29 13.02 53.72
CA VAL H 120 -42.49 13.83 53.85
C VAL H 120 -42.78 14.03 55.33
N THR H 121 -43.09 15.28 55.70
CA THR H 121 -43.39 15.64 57.08
C THR H 121 -44.57 16.60 57.10
N LEU H 122 -45.57 16.30 57.94
CA LEU H 122 -46.76 17.11 58.06
C LEU H 122 -46.83 17.75 59.44
N PHE H 123 -47.69 18.74 59.58
CA PHE H 123 -47.85 19.49 60.82
C PHE H 123 -49.29 19.96 60.92
N PRO H 124 -49.77 20.25 62.14
CA PRO H 124 -51.12 20.80 62.28
C PRO H 124 -51.26 22.14 61.59
N PRO H 125 -52.47 22.55 61.22
CA PRO H 125 -52.62 23.75 60.41
C PRO H 125 -52.55 25.06 61.20
N SER H 126 -51.54 25.20 62.06
CA SER H 126 -51.26 26.47 62.71
C SER H 126 -52.44 26.98 63.51
N SER H 127 -52.79 26.30 64.60
CA SER H 127 -53.95 26.67 65.42
C SER H 127 -54.05 28.16 65.66
N GLU H 128 -52.91 28.86 65.79
CA GLU H 128 -52.95 30.31 65.88
C GLU H 128 -53.49 30.94 64.61
N GLU H 129 -53.08 30.43 63.44
CA GLU H 129 -53.66 30.91 62.19
C GLU H 129 -55.13 30.51 62.06
N LEU H 130 -55.51 29.39 62.68
CA LEU H 130 -56.93 29.03 62.75
C LEU H 130 -57.70 30.07 63.54
N GLN H 131 -57.13 30.55 64.64
CA GLN H 131 -57.73 31.69 65.35
C GLN H 131 -57.72 32.94 64.48
N ALA H 132 -56.74 33.05 63.60
CA ALA H 132 -56.66 34.15 62.63
C ALA H 132 -57.57 33.95 61.42
N ASN H 133 -58.52 33.02 61.50
CA ASN H 133 -59.52 32.80 60.46
C ASN H 133 -58.89 32.32 59.16
N LYS H 134 -57.86 31.48 59.25
CA LYS H 134 -57.24 30.88 58.08
C LYS H 134 -56.85 29.43 58.41
N ALA H 135 -56.94 28.57 57.40
CA ALA H 135 -56.66 27.14 57.60
C ALA H 135 -55.75 26.63 56.49
N THR H 136 -54.67 27.36 56.22
CA THR H 136 -53.73 26.95 55.19
C THR H 136 -52.86 25.79 55.67
N LEU H 137 -52.64 24.83 54.78
CA LEU H 137 -51.82 23.66 55.10
C LEU H 137 -50.40 23.84 54.56
N VAL H 138 -49.51 22.93 54.98
CA VAL H 138 -48.11 22.96 54.57
C VAL H 138 -47.59 21.53 54.56
N CYS H 139 -46.81 21.21 53.53
CA CYS H 139 -46.19 19.89 53.40
C CYS H 139 -44.72 20.06 53.07
N LEU H 140 -43.89 19.16 53.60
CA LEU H 140 -42.44 19.27 53.48
C LEU H 140 -41.90 18.11 52.65
N ILE H 141 -40.98 18.42 51.74
CA ILE H 141 -40.35 17.42 50.88
C ILE H 141 -38.85 17.61 50.95
N SER H 142 -38.10 16.50 50.99
CA SER H 142 -36.65 16.57 51.04
C SER H 142 -36.07 15.19 50.70
N ASP H 143 -34.77 15.17 50.45
CA ASP H 143 -33.98 13.96 50.24
C ASP H 143 -34.42 13.15 49.03
N PHE H 144 -34.85 13.80 47.95
CA PHE H 144 -35.18 13.08 46.73
C PHE H 144 -34.21 13.45 45.62
N TYR H 145 -33.87 12.45 44.80
CA TYR H 145 -32.85 12.59 43.76
C TYR H 145 -33.33 13.36 42.53
N PRO H 146 -34.53 13.10 41.98
CA PRO H 146 -34.95 13.84 40.79
C PRO H 146 -34.99 15.34 41.04
N GLY H 147 -34.77 16.11 39.97
CA GLY H 147 -34.74 17.56 40.08
C GLY H 147 -36.09 18.19 40.37
N ALA H 148 -37.18 17.52 39.98
CA ALA H 148 -38.51 18.07 40.20
C ALA H 148 -39.49 16.91 40.40
N VAL H 149 -40.45 17.13 41.30
CA VAL H 149 -41.48 16.14 41.61
C VAL H 149 -42.82 16.86 41.67
N THR H 150 -43.89 16.13 41.36
CA THR H 150 -45.24 16.66 41.40
C THR H 150 -45.90 16.28 42.71
N VAL H 151 -46.63 17.22 43.31
CA VAL H 151 -47.25 17.04 44.62
C VAL H 151 -48.75 16.94 44.43
N ALA H 152 -49.38 16.04 45.20
CA ALA H 152 -50.82 15.86 45.18
C ALA H 152 -51.34 15.80 46.61
N TRP H 153 -52.59 16.24 46.79
CA TRP H 153 -53.24 16.24 48.09
C TRP H 153 -54.47 15.35 48.05
N LYS H 154 -54.76 14.71 49.19
CA LYS H 154 -55.90 13.82 49.33
C LYS H 154 -56.65 14.14 50.61
N ALA H 155 -57.96 14.30 50.50
CA ALA H 155 -58.82 14.55 51.64
C ALA H 155 -59.40 13.23 52.14
N ASP H 156 -60.38 13.30 53.05
CA ASP H 156 -60.97 12.10 53.62
C ASP H 156 -61.75 11.29 52.61
N SER H 157 -62.41 11.91 51.62
CA SER H 157 -63.21 11.15 50.68
C SER H 157 -63.08 11.63 49.24
N SER H 158 -62.20 12.57 48.93
CA SER H 158 -62.06 13.09 47.57
C SER H 158 -60.68 13.71 47.44
N PRO H 159 -60.09 13.66 46.24
CA PRO H 159 -58.79 14.30 46.04
C PRO H 159 -58.92 15.81 46.01
N VAL H 160 -57.79 16.47 46.31
CA VAL H 160 -57.72 17.93 46.35
C VAL H 160 -56.64 18.38 45.37
N LYS H 161 -57.03 19.24 44.43
CA LYS H 161 -56.09 19.76 43.44
C LYS H 161 -56.16 21.28 43.38
N ALA H 162 -57.34 21.83 43.67
CA ALA H 162 -57.50 23.28 43.64
C ALA H 162 -56.84 23.92 44.85
N GLY H 163 -56.21 25.07 44.64
CA GLY H 163 -55.56 25.78 45.72
C GLY H 163 -54.27 25.15 46.20
N VAL H 164 -53.57 24.41 45.34
CA VAL H 164 -52.33 23.74 45.68
C VAL H 164 -51.16 24.52 45.08
N GLU H 165 -50.16 24.81 45.91
CA GLU H 165 -48.97 25.52 45.47
C GLU H 165 -47.75 24.66 45.72
N THR H 166 -46.82 24.66 44.76
CA THR H 166 -45.62 23.84 44.83
C THR H 166 -44.39 24.73 44.69
N THR H 167 -43.44 24.56 45.61
CA THR H 167 -42.23 25.36 45.60
C THR H 167 -41.22 24.80 44.60
N THR H 168 -40.32 25.66 44.15
CA THR H 168 -39.27 25.22 43.24
C THR H 168 -38.21 24.45 44.02
N PRO H 169 -37.87 23.23 43.61
CA PRO H 169 -36.88 22.45 44.35
C PRO H 169 -35.50 23.10 44.34
N SER H 170 -34.77 22.89 45.43
CA SER H 170 -33.43 23.42 45.58
C SER H 170 -32.49 22.29 45.98
N LYS H 171 -31.26 22.36 45.48
CA LYS H 171 -30.27 21.31 45.68
C LYS H 171 -29.68 21.42 47.08
N GLN H 172 -29.58 20.28 47.76
CA GLN H 172 -29.02 20.23 49.10
C GLN H 172 -27.50 20.06 49.04
N SER H 173 -26.91 19.79 50.21
CA SER H 173 -25.46 19.58 50.28
C SER H 173 -25.07 18.21 49.75
N ASN H 174 -25.98 17.22 49.84
CA ASN H 174 -25.71 15.86 49.39
C ASN H 174 -26.19 15.62 47.96
N ASN H 175 -26.22 16.66 47.12
CA ASN H 175 -26.64 16.55 45.72
C ASN H 175 -28.09 16.10 45.59
N LYS H 176 -28.86 16.20 46.67
CA LYS H 176 -30.28 15.91 46.61
C LYS H 176 -31.08 17.21 46.61
N TYR H 177 -32.38 17.08 46.34
CA TYR H 177 -33.27 18.23 46.24
C TYR H 177 -34.29 18.23 47.37
N ALA H 178 -34.85 19.40 47.62
CA ALA H 178 -35.88 19.59 48.64
C ALA H 178 -36.87 20.64 48.16
N ALA H 179 -38.14 20.44 48.50
CA ALA H 179 -39.19 21.35 48.09
C ALA H 179 -40.25 21.39 49.19
N SER H 180 -41.34 22.10 48.90
CA SER H 180 -42.43 22.25 49.85
C SER H 180 -43.74 22.42 49.10
N SER H 181 -44.83 22.14 49.80
CA SER H 181 -46.18 22.26 49.23
C SER H 181 -47.08 22.96 50.24
N TYR H 182 -48.03 23.72 49.71
CA TYR H 182 -48.98 24.47 50.53
C TYR H 182 -50.38 24.27 49.97
N LEU H 183 -51.37 24.20 50.88
CA LEU H 183 -52.76 24.04 50.51
C LEU H 183 -53.60 25.02 51.31
N SER H 184 -54.37 25.84 50.62
CA SER H 184 -55.22 26.85 51.25
C SER H 184 -56.61 26.29 51.45
N LEU H 185 -57.08 26.31 52.70
CA LEU H 185 -58.39 25.79 53.06
C LEU H 185 -59.04 26.71 54.08
N THR H 186 -60.34 26.53 54.25
CA THR H 186 -61.10 27.28 55.23
C THR H 186 -61.24 26.48 56.53
N PRO H 187 -61.40 27.15 57.67
CA PRO H 187 -61.55 26.41 58.93
C PRO H 187 -62.78 25.53 58.97
N GLU H 188 -63.86 25.91 58.27
CA GLU H 188 -65.05 25.07 58.25
C GLU H 188 -64.78 23.75 57.55
N GLN H 189 -64.04 23.78 56.44
CA GLN H 189 -63.70 22.54 55.73
C GLN H 189 -62.75 21.68 56.56
N TRP H 190 -61.86 22.29 57.35
CA TRP H 190 -60.98 21.51 58.20
C TRP H 190 -61.74 20.88 59.35
N LYS H 191 -62.73 21.59 59.91
CA LYS H 191 -63.51 21.05 61.02
C LYS H 191 -64.48 19.98 60.52
N SER H 192 -64.94 20.10 59.27
CA SER H 192 -65.91 19.14 58.75
C SER H 192 -65.24 17.85 58.29
N HIS H 193 -64.19 17.96 57.47
CA HIS H 193 -63.50 16.79 56.96
C HIS H 193 -62.76 16.07 58.08
N ARG H 194 -62.58 14.76 57.90
CA ARG H 194 -61.94 13.96 58.94
C ARG H 194 -60.43 14.19 58.98
N SER H 195 -59.76 14.10 57.84
CA SER H 195 -58.31 14.26 57.79
C SER H 195 -57.90 14.56 56.36
N TYR H 196 -56.63 14.95 56.21
CA TYR H 196 -56.04 15.25 54.91
C TYR H 196 -54.70 14.55 54.81
N SER H 197 -54.20 14.40 53.58
CA SER H 197 -52.96 13.69 53.33
C SER H 197 -52.15 14.41 52.26
N CYS H 198 -50.83 14.29 52.36
CA CYS H 198 -49.90 14.84 51.38
C CYS H 198 -49.06 13.70 50.81
N GLN H 199 -49.01 13.60 49.48
CA GLN H 199 -48.24 12.58 48.80
C GLN H 199 -47.31 13.23 47.79
N VAL H 200 -46.12 12.65 47.64
CA VAL H 200 -45.10 13.15 46.72
C VAL H 200 -44.86 12.09 45.67
N THR H 201 -45.04 12.46 44.40
CA THR H 201 -44.83 11.53 43.29
C THR H 201 -43.34 11.43 42.96
N HIS H 202 -42.84 10.20 42.95
CA HIS H 202 -41.43 9.94 42.66
C HIS H 202 -41.36 9.05 41.43
N GLU H 203 -40.17 9.03 40.81
CA GLU H 203 -39.94 8.25 39.59
C GLU H 203 -39.84 6.78 39.96
N GLY H 204 -41.00 6.16 40.16
CA GLY H 204 -41.08 4.76 40.51
C GLY H 204 -41.55 4.46 41.92
N SER H 205 -41.94 5.48 42.69
CA SER H 205 -42.41 5.28 44.05
C SER H 205 -43.26 6.47 44.46
N THR H 206 -43.83 6.37 45.66
CA THR H 206 -44.66 7.45 46.19
C THR H 206 -44.66 7.36 47.72
N VAL H 207 -44.32 8.48 48.35
CA VAL H 207 -44.30 8.59 49.80
C VAL H 207 -45.42 9.53 50.23
N GLU H 208 -46.25 9.07 51.16
CA GLU H 208 -47.44 9.79 51.58
C GLU H 208 -47.54 9.79 53.09
N LYS H 209 -47.92 10.94 53.65
CA LYS H 209 -48.15 11.07 55.09
C LYS H 209 -49.53 11.66 55.31
N THR H 210 -50.05 11.46 56.52
CA THR H 210 -51.40 11.91 56.87
C THR H 210 -51.33 12.89 58.02
N VAL H 211 -52.42 13.65 58.19
CA VAL H 211 -52.56 14.62 59.27
C VAL H 211 -54.03 14.70 59.63
N ALA H 212 -54.32 14.75 60.93
CA ALA H 212 -55.67 14.76 61.43
C ALA H 212 -55.72 15.69 62.64
N PRO H 213 -56.87 16.36 62.88
CA PRO H 213 -57.05 17.25 64.03
C PRO H 213 -56.84 16.53 65.37
N GLU I 1 -14.86 23.06 -46.60
CA GLU I 1 -16.06 23.15 -45.79
C GLU I 1 -15.83 22.59 -44.39
N PHE I 2 -16.28 23.33 -43.38
CA PHE I 2 -16.09 22.90 -42.00
C PHE I 2 -17.16 21.90 -41.60
N MET I 3 -16.78 20.96 -40.72
CA MET I 3 -17.70 19.99 -40.17
C MET I 3 -17.40 19.81 -38.68
N LEU I 4 -18.44 19.50 -37.92
CA LEU I 4 -18.36 19.32 -36.48
C LEU I 4 -18.76 17.91 -36.11
N THR I 5 -17.99 17.28 -35.22
CA THR I 5 -18.27 15.93 -34.75
C THR I 5 -18.24 15.90 -33.23
N GLN I 6 -19.31 15.35 -32.65
CA GLN I 6 -19.46 15.29 -31.20
C GLN I 6 -20.08 13.94 -30.85
N PRO I 7 -19.88 13.47 -29.62
CA PRO I 7 -20.42 12.15 -29.25
C PRO I 7 -21.94 12.16 -29.26
N HIS I 8 -22.51 10.95 -29.34
CA HIS I 8 -23.96 10.82 -29.46
C HIS I 8 -24.66 11.02 -28.12
N SER I 9 -24.14 10.39 -27.07
CA SER I 9 -24.78 10.46 -25.76
C SER I 9 -23.73 10.38 -24.67
N VAL I 10 -23.97 11.14 -23.59
CA VAL I 10 -23.11 11.12 -22.41
C VAL I 10 -24.00 10.92 -21.19
N SER I 11 -23.54 10.08 -20.26
CA SER I 11 -24.31 9.76 -19.07
C SER I 11 -23.39 9.71 -17.86
N GLU I 12 -23.85 10.27 -16.75
CA GLU I 12 -23.09 10.28 -15.51
C GLU I 12 -24.02 10.65 -14.37
N SER I 13 -23.68 10.15 -13.18
CA SER I 13 -24.48 10.42 -11.99
C SER I 13 -24.45 11.91 -11.67
N PRO I 14 -25.52 12.46 -11.07
CA PRO I 14 -25.51 13.89 -10.71
C PRO I 14 -24.43 14.25 -9.71
N GLU I 15 -24.29 15.55 -9.45
CA GLU I 15 -23.26 16.08 -8.55
C GLU I 15 -21.86 15.73 -9.05
N MET I 16 -21.72 15.50 -10.36
CA MET I 16 -20.44 15.23 -10.99
C MET I 16 -20.24 16.20 -12.14
N THR I 17 -19.18 15.99 -12.92
CA THR I 17 -18.83 16.87 -14.02
C THR I 17 -18.59 16.07 -15.29
N VAL I 18 -19.23 16.51 -16.37
CA VAL I 18 -19.07 15.89 -17.68
C VAL I 18 -18.54 16.95 -18.65
N THR I 19 -18.02 16.49 -19.78
CA THR I 19 -17.47 17.38 -20.80
C THR I 19 -17.91 16.89 -22.17
N ILE I 20 -18.83 17.63 -22.80
CA ILE I 20 -19.28 17.37 -24.15
C ILE I 20 -18.43 18.20 -25.10
N SER I 21 -17.74 17.55 -26.03
CA SER I 21 -16.78 18.21 -26.89
C SER I 21 -17.12 17.94 -28.35
N CYS I 22 -16.92 18.95 -29.20
CA CYS I 22 -17.02 18.83 -30.65
C CYS I 22 -15.67 19.15 -31.26
N THR I 23 -15.14 18.22 -32.05
CA THR I 23 -13.83 18.35 -32.66
C THR I 23 -13.98 18.69 -34.14
N GLY I 24 -13.29 19.74 -34.58
CA GLY I 24 -13.32 20.11 -35.98
C GLY I 24 -12.47 19.16 -36.79
N SER I 25 -13.08 18.48 -37.76
CA SER I 25 -12.40 17.47 -38.56
C SER I 25 -12.18 17.92 -40.01
N SER I 26 -12.71 19.08 -40.40
CA SER I 26 -12.57 19.55 -41.77
C SER I 26 -12.27 21.04 -41.83
N GLY I 27 -11.55 21.54 -40.82
CA GLY I 27 -11.20 22.95 -40.79
C GLY I 27 -10.62 23.32 -39.45
N SER I 28 -10.52 24.63 -39.23
CA SER I 28 -9.99 25.18 -37.99
C SER I 28 -11.13 25.57 -37.07
N ILE I 29 -10.90 25.44 -35.76
CA ILE I 29 -11.95 25.75 -34.79
C ILE I 29 -11.72 27.11 -34.14
N ALA I 30 -10.50 27.63 -34.18
CA ALA I 30 -10.17 28.89 -33.54
C ALA I 30 -10.41 30.11 -34.42
N ASP I 31 -10.65 29.92 -35.71
CA ASP I 31 -10.87 31.03 -36.62
C ASP I 31 -12.29 31.58 -36.56
N ASN I 32 -13.22 30.86 -35.95
CA ASN I 32 -14.61 31.30 -35.83
C ASN I 32 -15.12 30.96 -34.44
N TYR I 33 -16.28 31.52 -34.11
CA TYR I 33 -16.89 31.26 -32.82
C TYR I 33 -17.61 29.92 -32.81
N VAL I 34 -17.61 29.27 -31.64
CA VAL I 34 -18.28 28.00 -31.44
C VAL I 34 -19.42 28.22 -30.46
N GLN I 35 -20.62 27.76 -30.82
CA GLN I 35 -21.80 28.00 -30.03
C GLN I 35 -22.39 26.67 -29.56
N TRP I 36 -22.82 26.66 -28.30
CA TRP I 36 -23.48 25.51 -27.69
C TRP I 36 -24.92 25.89 -27.39
N TYR I 37 -25.86 25.05 -27.82
CA TYR I 37 -27.29 25.32 -27.65
C TYR I 37 -27.93 24.18 -26.85
N GLN I 38 -28.80 24.54 -25.91
CA GLN I 38 -29.52 23.59 -25.09
C GLN I 38 -30.96 23.53 -25.59
N GLN I 39 -31.38 22.35 -26.04
CA GLN I 39 -32.72 22.15 -26.57
C GLN I 39 -33.41 21.03 -25.81
N ARG I 40 -34.55 21.36 -25.21
CA ARG I 40 -35.39 20.38 -24.51
C ARG I 40 -36.43 19.81 -25.45
N PRO I 41 -36.90 18.59 -25.20
CA PRO I 41 -37.91 17.99 -26.08
C PRO I 41 -39.17 18.84 -26.15
N GLY I 42 -39.61 19.15 -27.37
CA GLY I 42 -40.78 19.96 -27.57
C GLY I 42 -40.57 21.45 -27.45
N SER I 43 -39.36 21.94 -27.65
CA SER I 43 -39.08 23.36 -27.53
C SER I 43 -37.87 23.71 -28.39
N ALA I 44 -37.72 25.01 -28.67
CA ALA I 44 -36.59 25.49 -29.44
C ALA I 44 -35.34 25.54 -28.57
N PRO I 45 -34.16 25.46 -29.19
CA PRO I 45 -32.92 25.49 -28.42
C PRO I 45 -32.73 26.84 -27.72
N THR I 46 -31.90 26.81 -26.68
CA THR I 46 -31.58 28.00 -25.92
C THR I 46 -30.08 28.07 -25.74
N THR I 47 -29.52 29.26 -25.97
CA THR I 47 -28.07 29.43 -25.93
C THR I 47 -27.55 29.31 -24.49
N VAL I 48 -26.53 28.48 -24.32
CA VAL I 48 -25.86 28.32 -23.03
C VAL I 48 -24.44 28.86 -23.07
N ILE I 49 -23.76 28.75 -24.20
CA ILE I 49 -22.40 29.27 -24.37
C ILE I 49 -22.29 29.87 -25.76
N TYR I 50 -21.86 31.13 -25.82
CA TYR I 50 -21.64 31.83 -27.07
C TYR I 50 -20.29 32.53 -27.04
N GLU I 51 -19.71 32.71 -28.22
CA GLU I 51 -18.39 33.33 -28.39
C GLU I 51 -17.31 32.54 -27.65
N ASN I 52 -17.62 31.27 -27.38
CA ASN I 52 -16.70 30.25 -26.88
C ASN I 52 -16.29 30.47 -25.43
N TYR I 53 -16.62 31.64 -24.85
CA TYR I 53 -16.21 31.93 -23.48
C TYR I 53 -17.26 32.71 -22.70
N GLN I 54 -18.43 32.98 -23.27
CA GLN I 54 -19.40 33.88 -22.67
C GLN I 54 -20.66 33.09 -22.31
N ARG I 55 -21.28 33.47 -21.19
CA ARG I 55 -22.51 32.85 -20.72
C ARG I 55 -23.63 33.86 -20.65
N PRO I 56 -24.80 33.57 -21.19
CA PRO I 56 -25.90 34.55 -21.17
C PRO I 56 -26.40 34.80 -19.75
N SER I 57 -27.10 35.92 -19.59
CA SER I 57 -27.70 36.25 -18.31
C SER I 57 -28.86 35.32 -18.02
N GLY I 58 -29.03 34.97 -16.73
CA GLY I 58 -30.05 34.02 -16.35
C GLY I 58 -29.67 32.57 -16.55
N VAL I 59 -28.46 32.29 -17.01
CA VAL I 59 -27.99 30.93 -17.21
C VAL I 59 -27.13 30.53 -16.01
N PRO I 60 -27.34 29.35 -15.43
CA PRO I 60 -26.54 28.95 -14.26
C PRO I 60 -25.07 28.88 -14.60
N ASN I 61 -24.22 29.10 -13.58
CA ASN I 61 -22.78 29.07 -13.75
C ASN I 61 -22.24 27.66 -13.96
N ARG I 62 -23.10 26.64 -14.01
CA ARG I 62 -22.63 25.28 -14.22
C ARG I 62 -22.08 25.07 -15.62
N PHE I 63 -22.49 25.91 -16.57
CA PHE I 63 -22.07 25.80 -17.96
C PHE I 63 -20.90 26.74 -18.21
N SER I 64 -19.80 26.21 -18.71
CA SER I 64 -18.61 26.99 -19.03
C SER I 64 -18.00 26.46 -20.31
N GLY I 65 -17.60 27.38 -21.20
CA GLY I 65 -17.01 27.00 -22.46
C GLY I 65 -15.51 26.80 -22.38
N SER I 66 -15.01 25.94 -23.28
CA SER I 66 -13.58 25.64 -23.33
C SER I 66 -13.21 25.32 -24.76
N ILE I 67 -12.06 25.84 -25.19
CA ILE I 67 -11.55 25.65 -26.55
C ILE I 67 -10.15 25.07 -26.47
N ASP I 68 -9.92 24.01 -27.25
CA ASP I 68 -8.60 23.38 -27.33
C ASP I 68 -8.09 23.58 -28.76
N SER I 69 -7.25 24.59 -28.95
CA SER I 69 -6.75 24.90 -30.29
C SER I 69 -5.73 23.87 -30.76
N SER I 70 -5.06 23.20 -29.82
CA SER I 70 -4.06 22.21 -30.20
C SER I 70 -4.70 21.00 -30.86
N SER I 71 -5.78 20.48 -30.27
CA SER I 71 -6.47 19.32 -30.83
C SER I 71 -7.58 19.71 -31.81
N ASN I 72 -7.77 21.01 -32.07
CA ASN I 72 -8.81 21.49 -32.97
C ASN I 72 -10.19 21.02 -32.52
N SER I 73 -10.47 21.18 -31.23
CA SER I 73 -11.72 20.72 -30.64
C SER I 73 -12.26 21.75 -29.68
N ALA I 74 -13.59 21.85 -29.61
CA ALA I 74 -14.28 22.74 -28.71
C ALA I 74 -15.11 21.91 -27.74
N SER I 75 -14.95 22.19 -26.44
CA SER I 75 -15.58 21.39 -25.40
C SER I 75 -16.50 22.27 -24.56
N LEU I 76 -17.47 21.62 -23.92
CA LEU I 76 -18.40 22.28 -23.01
C LEU I 76 -18.32 21.60 -21.64
N THR I 77 -17.97 22.37 -20.62
CA THR I 77 -17.83 21.84 -19.28
C THR I 77 -19.11 22.09 -18.48
N ILE I 78 -19.67 21.02 -17.92
CA ILE I 78 -20.91 21.09 -17.13
C ILE I 78 -20.61 20.43 -15.79
N SER I 79 -20.38 21.25 -14.76
CA SER I 79 -20.08 20.76 -13.42
C SER I 79 -21.35 20.81 -12.58
N GLY I 80 -21.56 19.78 -11.76
CA GLY I 80 -22.73 19.72 -10.91
C GLY I 80 -23.99 19.41 -11.66
N LEU I 81 -24.09 18.20 -12.23
CA LEU I 81 -25.26 17.81 -12.99
C LEU I 81 -26.52 17.86 -12.13
N LYS I 82 -27.63 18.24 -12.74
CA LYS I 82 -28.90 18.38 -12.04
C LYS I 82 -29.98 17.65 -12.83
N THR I 83 -31.19 17.65 -12.26
CA THR I 83 -32.29 16.90 -12.89
C THR I 83 -32.83 17.61 -14.12
N GLU I 84 -32.76 18.93 -14.17
CA GLU I 84 -33.30 19.68 -15.30
C GLU I 84 -32.31 19.81 -16.46
N ASP I 85 -31.16 19.14 -16.38
CA ASP I 85 -30.17 19.19 -17.43
C ASP I 85 -30.22 17.97 -18.35
N GLU I 86 -31.41 17.39 -18.55
CA GLU I 86 -31.54 16.20 -19.38
C GLU I 86 -31.85 16.57 -20.83
N ALA I 87 -31.47 17.79 -21.23
CA ALA I 87 -31.72 18.26 -22.58
C ALA I 87 -30.58 17.85 -23.51
N ASP I 88 -30.73 18.16 -24.79
CA ASP I 88 -29.73 17.86 -25.80
C ASP I 88 -28.86 19.09 -26.04
N TYR I 89 -27.57 18.85 -26.31
CA TYR I 89 -26.62 19.93 -26.53
C TYR I 89 -26.15 19.88 -27.97
N TYR I 90 -26.23 21.01 -28.67
CA TYR I 90 -25.84 21.13 -30.06
C TYR I 90 -24.71 22.13 -30.18
N CYS I 91 -23.55 21.66 -30.66
CA CYS I 91 -22.41 22.53 -30.87
C CYS I 91 -22.43 23.08 -32.29
N GLN I 92 -22.36 24.40 -32.40
CA GLN I 92 -22.46 25.09 -33.67
C GLN I 92 -21.27 26.01 -33.89
N SER I 93 -20.80 26.07 -35.13
CA SER I 93 -19.69 26.93 -35.51
C SER I 93 -19.98 27.50 -36.89
N TYR I 94 -19.02 28.23 -37.46
CA TYR I 94 -19.19 28.87 -38.75
C TYR I 94 -17.99 28.56 -39.64
N ASP I 95 -18.27 28.11 -40.86
CA ASP I 95 -17.22 27.91 -41.85
C ASP I 95 -16.88 29.24 -42.52
N ASN I 96 -15.66 29.32 -43.06
CA ASN I 96 -15.19 30.56 -43.68
C ASN I 96 -16.04 30.99 -44.87
N SER I 97 -16.85 30.09 -45.43
CA SER I 97 -17.77 30.44 -46.51
C SER I 97 -19.12 30.90 -46.00
N ASN I 98 -19.18 31.39 -44.76
CA ASN I 98 -20.40 31.83 -44.10
C ASN I 98 -21.43 30.72 -43.96
N VAL I 99 -20.98 29.47 -43.89
CA VAL I 99 -21.89 28.34 -43.68
C VAL I 99 -21.93 28.01 -42.19
N ALA I 100 -23.11 28.10 -41.60
CA ALA I 100 -23.29 27.76 -40.20
C ALA I 100 -23.31 26.24 -40.04
N VAL I 101 -22.30 25.70 -39.38
CA VAL I 101 -22.14 24.26 -39.20
C VAL I 101 -22.61 23.89 -37.80
N PHE I 102 -23.51 22.91 -37.72
CA PHE I 102 -24.03 22.42 -36.46
C PHE I 102 -23.46 21.04 -36.16
N GLY I 103 -23.43 20.69 -34.89
CA GLY I 103 -22.99 19.37 -34.49
C GLY I 103 -24.08 18.32 -34.65
N GLY I 104 -23.69 17.07 -34.38
CA GLY I 104 -24.63 15.97 -34.48
C GLY I 104 -25.61 15.86 -33.34
N GLY I 105 -25.41 16.62 -32.26
CA GLY I 105 -26.29 16.55 -31.12
C GLY I 105 -25.88 15.49 -30.12
N THR I 106 -25.85 15.88 -28.84
CA THR I 106 -25.46 14.97 -27.75
C THR I 106 -26.55 14.98 -26.69
N GLN I 107 -27.17 13.82 -26.49
CA GLN I 107 -28.22 13.69 -25.49
C GLN I 107 -27.60 13.38 -24.12
N LEU I 108 -27.87 14.23 -23.15
CA LEU I 108 -27.35 14.06 -21.80
C LEU I 108 -28.43 13.41 -20.93
N THR I 109 -28.15 12.21 -20.44
CA THR I 109 -29.08 11.45 -19.59
C THR I 109 -28.37 11.14 -18.28
N VAL I 110 -28.58 12.00 -17.29
CA VAL I 110 -27.94 11.80 -15.99
C VAL I 110 -28.52 10.57 -15.31
N LEU I 111 -27.72 9.95 -14.44
CA LEU I 111 -28.11 8.71 -13.76
C LEU I 111 -28.90 9.06 -12.49
N GLY I 112 -30.16 9.46 -12.70
CA GLY I 112 -31.06 9.71 -11.59
C GLY I 112 -31.55 8.46 -10.89
N GLN I 113 -31.36 7.29 -11.50
CA GLN I 113 -31.75 6.01 -10.94
C GLN I 113 -30.70 4.98 -11.31
N PRO I 114 -30.66 3.85 -10.60
CA PRO I 114 -29.70 2.80 -10.95
C PRO I 114 -29.84 2.37 -12.41
N LYS I 115 -28.70 2.08 -13.03
CA LYS I 115 -28.68 1.72 -14.44
C LYS I 115 -29.37 0.37 -14.66
N ALA I 116 -29.99 0.24 -15.83
CA ALA I 116 -30.70 -0.99 -16.20
C ALA I 116 -30.08 -1.55 -17.47
N ALA I 117 -30.67 -2.62 -17.96
CA ALA I 117 -30.23 -3.31 -19.17
C ALA I 117 -31.34 -3.31 -20.20
N PRO I 118 -30.99 -3.20 -21.48
CA PRO I 118 -32.02 -3.16 -22.53
C PRO I 118 -32.62 -4.54 -22.77
N SER I 119 -33.95 -4.61 -22.70
CA SER I 119 -34.67 -5.85 -22.96
C SER I 119 -35.02 -5.90 -24.45
N VAL I 120 -34.09 -6.49 -25.22
CA VAL I 120 -34.27 -6.54 -26.67
C VAL I 120 -35.32 -7.59 -27.02
N THR I 121 -36.00 -7.36 -28.15
CA THR I 121 -37.00 -8.28 -28.66
C THR I 121 -36.92 -8.30 -30.18
N LEU I 122 -37.10 -9.49 -30.74
CA LEU I 122 -37.10 -9.68 -32.19
C LEU I 122 -38.40 -10.34 -32.62
N PHE I 123 -38.92 -9.92 -33.77
CA PHE I 123 -40.17 -10.44 -34.28
C PHE I 123 -40.06 -10.73 -35.78
N PRO I 124 -40.39 -11.94 -36.20
CA PRO I 124 -40.37 -12.25 -37.64
C PRO I 124 -41.60 -11.68 -38.31
N PRO I 125 -41.60 -11.58 -39.65
CA PRO I 125 -42.78 -11.07 -40.35
C PRO I 125 -44.00 -11.97 -40.16
N SER I 126 -45.14 -11.37 -39.83
CA SER I 126 -46.36 -12.14 -39.62
C SER I 126 -46.83 -12.76 -40.92
N SER I 127 -47.48 -13.92 -40.82
CA SER I 127 -47.96 -14.61 -42.01
C SER I 127 -49.02 -13.79 -42.74
N GLU I 128 -49.87 -13.08 -41.99
CA GLU I 128 -50.85 -12.20 -42.63
C GLU I 128 -50.18 -11.09 -43.41
N GLU I 129 -49.13 -10.50 -42.84
CA GLU I 129 -48.41 -9.45 -43.57
C GLU I 129 -47.67 -10.02 -44.78
N LEU I 130 -47.18 -11.26 -44.68
CA LEU I 130 -46.59 -11.90 -45.85
C LEU I 130 -47.62 -12.14 -46.93
N GLN I 131 -48.85 -12.50 -46.56
CA GLN I 131 -49.93 -12.57 -47.54
C GLN I 131 -50.25 -11.19 -48.10
N ALA I 132 -50.05 -10.13 -47.30
CA ALA I 132 -50.21 -8.77 -47.76
C ALA I 132 -48.99 -8.25 -48.52
N ASN I 133 -48.04 -9.13 -48.85
CA ASN I 133 -46.86 -8.79 -49.63
C ASN I 133 -45.98 -7.76 -48.93
N LYS I 134 -45.77 -7.94 -47.62
CA LYS I 134 -44.90 -7.08 -46.83
C LYS I 134 -44.23 -7.91 -45.74
N ALA I 135 -43.04 -7.46 -45.33
CA ALA I 135 -42.28 -8.14 -44.28
C ALA I 135 -42.14 -7.26 -43.03
N THR I 136 -41.59 -6.06 -43.17
CA THR I 136 -41.46 -5.11 -42.06
C THR I 136 -40.73 -5.72 -40.87
N LEU I 137 -39.46 -6.03 -41.02
CA LEU I 137 -38.66 -6.50 -39.91
C LEU I 137 -38.53 -5.42 -38.84
N VAL I 138 -38.73 -5.83 -37.58
CA VAL I 138 -38.70 -4.91 -36.45
C VAL I 138 -37.98 -5.56 -35.29
N CYS I 139 -37.25 -4.75 -34.53
CA CYS I 139 -36.62 -5.17 -33.28
C CYS I 139 -36.86 -4.09 -32.23
N LEU I 140 -37.63 -4.44 -31.19
CA LEU I 140 -38.05 -3.48 -30.17
C LEU I 140 -37.22 -3.68 -28.91
N ILE I 141 -36.65 -2.60 -28.41
CA ILE I 141 -35.88 -2.60 -27.17
C ILE I 141 -36.63 -1.80 -26.12
N SER I 142 -36.51 -2.22 -24.86
CA SER I 142 -37.21 -1.57 -23.77
C SER I 142 -36.45 -1.82 -22.47
N ASP I 143 -37.02 -1.33 -21.38
CA ASP I 143 -36.50 -1.50 -20.03
C ASP I 143 -35.09 -0.92 -19.85
N PHE I 144 -34.75 0.11 -20.64
CA PHE I 144 -33.45 0.76 -20.49
C PHE I 144 -33.63 2.22 -20.10
N TYR I 145 -32.92 2.63 -19.05
CA TYR I 145 -32.98 4.00 -18.56
C TYR I 145 -32.13 4.95 -19.41
N PRO I 146 -30.85 4.65 -19.68
CA PRO I 146 -30.05 5.58 -20.48
C PRO I 146 -30.55 5.65 -21.91
N GLY I 147 -30.59 6.86 -22.46
CA GLY I 147 -31.07 7.07 -23.81
C GLY I 147 -30.02 6.90 -24.88
N ALA I 148 -29.07 6.00 -24.65
CA ALA I 148 -28.02 5.73 -25.63
C ALA I 148 -28.51 4.75 -26.70
N VAL I 149 -29.56 5.13 -27.42
CA VAL I 149 -30.15 4.24 -28.41
C VAL I 149 -29.32 4.25 -29.68
N THR I 150 -28.91 3.06 -30.13
CA THR I 150 -28.21 2.89 -31.39
C THR I 150 -28.79 1.66 -32.11
N VAL I 151 -29.03 1.82 -33.40
CA VAL I 151 -29.60 0.76 -34.22
C VAL I 151 -28.74 0.60 -35.47
N ALA I 152 -28.30 -0.64 -35.72
CA ALA I 152 -27.48 -0.96 -36.89
C ALA I 152 -27.97 -2.27 -37.48
N TRP I 153 -28.84 -2.17 -38.49
CA TRP I 153 -29.32 -3.36 -39.18
C TRP I 153 -28.19 -3.99 -39.99
N LYS I 154 -28.17 -5.32 -40.01
CA LYS I 154 -27.14 -6.06 -40.73
C LYS I 154 -27.76 -7.29 -41.38
N ALA I 155 -27.52 -7.46 -42.68
CA ALA I 155 -27.97 -8.64 -43.39
C ALA I 155 -26.98 -9.78 -43.22
N ASP I 156 -27.10 -10.81 -44.05
CA ASP I 156 -26.24 -11.98 -43.92
C ASP I 156 -24.76 -11.66 -44.14
N SER I 157 -24.45 -10.66 -44.96
CA SER I 157 -23.06 -10.38 -45.28
C SER I 157 -22.72 -8.89 -45.22
N SER I 158 -23.73 -8.03 -45.22
CA SER I 158 -23.51 -6.60 -45.27
C SER I 158 -24.60 -5.90 -44.47
N PRO I 159 -24.32 -4.72 -43.93
CA PRO I 159 -25.36 -3.98 -43.21
C PRO I 159 -26.42 -3.43 -44.16
N VAL I 160 -27.55 -3.06 -43.60
CA VAL I 160 -28.69 -2.55 -44.35
C VAL I 160 -29.01 -1.14 -43.87
N LYS I 161 -29.23 -0.23 -44.81
CA LYS I 161 -29.57 1.15 -44.48
C LYS I 161 -30.87 1.65 -45.11
N ALA I 162 -31.23 1.21 -46.32
CA ALA I 162 -32.46 1.67 -46.94
C ALA I 162 -33.67 1.07 -46.22
N GLY I 163 -34.68 1.91 -45.98
CA GLY I 163 -35.88 1.47 -45.31
C GLY I 163 -35.74 1.26 -43.82
N VAL I 164 -34.84 1.97 -43.17
CA VAL I 164 -34.61 1.84 -41.74
C VAL I 164 -35.22 3.03 -41.01
N GLU I 165 -36.06 2.75 -40.02
CA GLU I 165 -36.67 3.79 -39.20
C GLU I 165 -36.36 3.51 -37.73
N THR I 166 -36.08 4.59 -37.00
CA THR I 166 -35.74 4.48 -35.59
C THR I 166 -36.40 5.62 -34.83
N THR I 167 -36.98 5.29 -33.68
CA THR I 167 -37.68 6.26 -32.85
C THR I 167 -36.84 6.64 -31.64
N THR I 168 -37.20 7.76 -31.02
CA THR I 168 -36.51 8.26 -29.85
C THR I 168 -36.95 7.46 -28.62
N PRO I 169 -36.18 7.51 -27.52
CA PRO I 169 -36.62 6.86 -26.28
C PRO I 169 -37.96 7.37 -25.80
N SER I 170 -38.94 6.47 -25.68
CA SER I 170 -40.30 6.83 -25.28
C SER I 170 -40.61 6.16 -23.95
N LYS I 171 -41.06 6.95 -22.99
CA LYS I 171 -41.38 6.46 -21.66
C LYS I 171 -42.58 5.54 -21.71
N GLN I 172 -42.48 4.38 -21.06
CA GLN I 172 -43.58 3.43 -21.01
C GLN I 172 -44.46 3.71 -19.79
N SER I 173 -45.37 2.77 -19.51
CA SER I 173 -46.23 2.91 -18.35
C SER I 173 -45.45 2.74 -17.04
N ASN I 174 -44.33 2.03 -17.10
CA ASN I 174 -43.50 1.78 -15.92
C ASN I 174 -42.47 2.88 -15.67
N ASN I 175 -42.71 4.09 -16.20
CA ASN I 175 -41.81 5.23 -16.01
C ASN I 175 -40.40 4.93 -16.53
N LYS I 176 -40.31 4.13 -17.59
CA LYS I 176 -39.02 3.80 -18.18
C LYS I 176 -39.12 3.93 -19.69
N TYR I 177 -38.02 4.33 -20.31
CA TYR I 177 -37.98 4.65 -21.74
C TYR I 177 -37.80 3.39 -22.57
N ALA I 178 -38.25 3.48 -23.82
CA ALA I 178 -38.13 2.39 -24.78
C ALA I 178 -37.97 2.97 -26.17
N ALA I 179 -37.36 2.17 -27.06
CA ALA I 179 -37.09 2.60 -28.43
C ALA I 179 -37.58 1.56 -29.40
N SER I 180 -38.13 2.01 -30.52
CA SER I 180 -38.66 1.14 -31.56
C SER I 180 -37.80 1.25 -32.82
N SER I 181 -37.77 0.17 -33.59
CA SER I 181 -37.02 0.11 -34.85
C SER I 181 -37.88 -0.55 -35.91
N TYR I 182 -37.71 -0.11 -37.16
CA TYR I 182 -38.47 -0.62 -38.29
C TYR I 182 -37.53 -0.86 -39.46
N LEU I 183 -37.83 -1.90 -40.25
CA LEU I 183 -37.10 -2.22 -41.47
C LEU I 183 -38.11 -2.74 -42.49
N SER I 184 -38.62 -1.85 -43.33
CA SER I 184 -39.56 -2.24 -44.38
C SER I 184 -38.82 -2.93 -45.51
N LEU I 185 -39.20 -4.16 -45.81
CA LEU I 185 -38.55 -4.96 -46.83
C LEU I 185 -39.59 -5.70 -47.66
N THR I 186 -39.33 -5.79 -48.97
CA THR I 186 -40.17 -6.59 -49.84
C THR I 186 -40.03 -8.07 -49.48
N PRO I 187 -41.15 -8.81 -49.44
CA PRO I 187 -41.05 -10.26 -49.16
C PRO I 187 -40.12 -11.00 -50.11
N GLU I 188 -40.01 -10.55 -51.36
CA GLU I 188 -39.02 -11.12 -52.26
C GLU I 188 -37.61 -10.86 -51.76
N GLN I 189 -37.35 -9.65 -51.27
CA GLN I 189 -36.04 -9.33 -50.70
C GLN I 189 -35.80 -10.12 -49.42
N TRP I 190 -36.85 -10.32 -48.62
CA TRP I 190 -36.71 -11.09 -47.39
C TRP I 190 -36.40 -12.56 -47.70
N LYS I 191 -36.99 -13.10 -48.76
CA LYS I 191 -36.73 -14.48 -49.12
C LYS I 191 -35.37 -14.63 -49.80
N SER I 192 -34.91 -13.58 -50.48
CA SER I 192 -33.65 -13.66 -51.20
C SER I 192 -32.45 -13.69 -50.25
N HIS I 193 -32.44 -12.82 -49.24
CA HIS I 193 -31.33 -12.76 -48.30
C HIS I 193 -31.34 -13.97 -47.38
N ARG I 194 -30.16 -14.38 -46.94
CA ARG I 194 -30.05 -15.56 -46.08
C ARG I 194 -30.58 -15.28 -44.67
N SER I 195 -30.22 -14.15 -44.09
CA SER I 195 -30.67 -13.79 -42.75
C SER I 195 -30.41 -12.31 -42.52
N TYR I 196 -30.97 -11.80 -41.43
CA TYR I 196 -30.80 -10.41 -41.03
C TYR I 196 -30.40 -10.35 -39.56
N SER I 197 -29.97 -9.16 -39.13
CA SER I 197 -29.53 -8.96 -37.76
C SER I 197 -29.83 -7.53 -37.34
N CYS I 198 -30.05 -7.36 -36.03
CA CYS I 198 -30.34 -6.06 -35.44
C CYS I 198 -29.55 -5.93 -34.16
N GLN I 199 -28.52 -5.08 -34.17
CA GLN I 199 -27.66 -4.86 -33.01
C GLN I 199 -28.11 -3.60 -32.28
N VAL I 200 -27.83 -3.54 -30.97
CA VAL I 200 -28.26 -2.42 -30.15
C VAL I 200 -27.03 -1.63 -29.71
N THR I 201 -26.06 -2.31 -29.11
CA THR I 201 -24.83 -1.68 -28.60
C THR I 201 -25.14 -0.54 -27.64
N HIS I 202 -25.96 -0.80 -26.64
CA HIS I 202 -26.30 0.21 -25.65
C HIS I 202 -25.15 0.38 -24.66
N GLU I 203 -24.40 1.46 -24.80
CA GLU I 203 -23.24 1.75 -23.95
C GLU I 203 -22.24 0.61 -23.98
N GLY I 204 -21.98 0.07 -25.17
CA GLY I 204 -21.05 -1.03 -25.33
C GLY I 204 -21.66 -2.42 -25.25
N SER I 205 -22.82 -2.57 -24.64
CA SER I 205 -23.49 -3.86 -24.54
C SER I 205 -24.13 -4.19 -25.88
N THR I 206 -23.40 -4.90 -26.74
CA THR I 206 -23.88 -5.25 -28.07
C THR I 206 -24.77 -6.48 -28.00
N VAL I 207 -26.01 -6.25 -27.56
CA VAL I 207 -27.00 -7.31 -27.51
C VAL I 207 -27.56 -7.54 -28.91
N GLU I 208 -27.33 -8.72 -29.46
CA GLU I 208 -27.67 -9.00 -30.85
C GLU I 208 -28.50 -10.28 -30.92
N LYS I 209 -29.51 -10.25 -31.79
CA LYS I 209 -30.34 -11.41 -32.07
C LYS I 209 -30.69 -11.40 -33.55
N THR I 210 -30.58 -12.58 -34.17
CA THR I 210 -30.76 -12.70 -35.61
C THR I 210 -31.99 -13.58 -35.90
N VAL I 211 -32.44 -13.52 -37.15
CA VAL I 211 -33.58 -14.30 -37.60
C VAL I 211 -33.34 -14.70 -39.05
N ALA I 212 -33.93 -15.83 -39.45
CA ALA I 212 -33.76 -16.35 -40.79
C ALA I 212 -35.11 -16.85 -41.28
N PRO I 213 -35.39 -16.73 -42.59
CA PRO I 213 -36.64 -17.22 -43.18
C PRO I 213 -36.84 -18.72 -43.00
N GLN J 25 -25.60 -70.94 77.58
CA GLN J 25 -24.56 -71.42 76.69
C GLN J 25 -23.28 -70.60 76.87
N CYS J 26 -22.13 -71.26 76.71
CA CYS J 26 -20.82 -70.63 76.81
C CYS J 26 -20.63 -69.97 78.17
N VAL J 27 -20.64 -70.80 79.21
CA VAL J 27 -20.48 -70.32 80.58
C VAL J 27 -19.06 -69.83 80.78
N ASN J 28 -18.81 -69.11 81.87
CA ASN J 28 -17.51 -68.51 82.13
C ASN J 28 -16.46 -69.61 82.37
N LEU J 29 -15.21 -69.16 82.51
CA LEU J 29 -14.10 -70.10 82.64
C LEU J 29 -14.14 -70.79 84.00
N ILE J 30 -13.99 -72.11 83.98
CA ILE J 30 -13.95 -72.91 85.21
C ILE J 30 -12.63 -73.66 85.25
N THR J 31 -11.57 -73.04 84.74
CA THR J 31 -10.25 -73.65 84.73
C THR J 31 -9.81 -74.04 86.14
N ARG J 32 -9.06 -75.12 86.22
CA ARG J 32 -8.67 -75.72 87.50
C ARG J 32 -7.54 -76.72 87.21
N THR J 33 -7.23 -77.55 88.21
CA THR J 33 -6.33 -78.70 88.12
C THR J 33 -5.08 -78.41 87.29
N GLN J 34 -4.30 -77.46 87.78
CA GLN J 34 -2.99 -77.14 87.20
C GLN J 34 -1.92 -77.90 87.97
N SER J 35 -1.23 -78.82 87.28
CA SER J 35 -0.22 -79.65 87.91
C SER J 35 0.82 -80.06 86.86
N TYR J 36 1.79 -80.86 87.29
CA TYR J 36 2.87 -81.32 86.42
C TYR J 36 3.26 -82.74 86.81
N THR J 37 3.72 -83.49 85.82
CA THR J 37 4.18 -84.87 86.00
C THR J 37 5.29 -85.13 84.98
N ASN J 38 5.60 -86.41 84.77
CA ASN J 38 6.63 -86.81 83.82
C ASN J 38 6.18 -88.06 83.08
N SER J 39 6.54 -88.13 81.79
CA SER J 39 6.25 -89.27 80.94
C SER J 39 7.54 -89.99 80.58
N PHE J 40 7.52 -91.31 80.63
CA PHE J 40 8.76 -92.08 80.46
C PHE J 40 9.10 -92.29 78.98
N THR J 41 8.31 -93.10 78.28
CA THR J 41 8.59 -93.41 76.87
C THR J 41 7.34 -93.49 76.00
N ARG J 42 6.16 -93.19 76.53
CA ARG J 42 4.95 -93.37 75.76
C ARG J 42 4.82 -92.33 74.65
N GLY J 43 4.29 -92.74 73.50
CA GLY J 43 4.07 -91.83 72.40
C GLY J 43 4.76 -92.23 71.11
N VAL J 44 5.05 -93.51 70.96
CA VAL J 44 5.73 -94.02 69.77
C VAL J 44 4.68 -94.47 68.75
N TYR J 45 4.85 -94.03 67.51
CA TYR J 45 3.92 -94.41 66.47
C TYR J 45 4.66 -94.79 65.20
N TYR J 46 3.93 -95.17 64.17
CA TYR J 46 4.54 -95.53 62.89
C TYR J 46 4.80 -94.27 62.07
N PRO J 47 6.05 -93.97 61.72
CA PRO J 47 6.31 -92.72 60.98
C PRO J 47 5.79 -92.75 59.55
N ASP J 48 5.85 -93.89 58.88
CA ASP J 48 5.46 -93.99 57.48
C ASP J 48 4.61 -95.24 57.28
N LYS J 49 4.21 -95.48 56.04
CA LYS J 49 3.35 -96.60 55.67
C LYS J 49 4.14 -97.81 55.20
N VAL J 50 5.37 -97.98 55.67
CA VAL J 50 6.23 -99.05 55.21
C VAL J 50 6.16 -100.21 56.20
N PHE J 51 6.63 -101.37 55.75
CA PHE J 51 6.70 -102.57 56.59
C PHE J 51 8.17 -102.98 56.71
N ARG J 52 8.59 -103.26 57.94
CA ARG J 52 9.95 -103.70 58.22
C ARG J 52 9.89 -104.85 59.22
N SER J 53 10.82 -105.80 59.07
CA SER J 53 10.86 -106.97 59.91
C SER J 53 12.30 -107.35 60.21
N SER J 54 12.60 -107.56 61.50
CA SER J 54 13.91 -108.01 61.96
C SER J 54 15.03 -107.07 61.50
N VAL J 55 14.71 -105.78 61.34
CA VAL J 55 15.68 -104.78 60.90
C VAL J 55 15.48 -103.52 61.74
N LEU J 56 16.48 -102.64 61.69
CA LEU J 56 16.45 -101.37 62.38
C LEU J 56 16.54 -100.23 61.38
N HIS J 57 15.72 -99.20 61.59
CA HIS J 57 15.66 -98.07 60.68
C HIS J 57 15.71 -96.77 61.47
N SER J 58 16.32 -95.75 60.88
CA SER J 58 16.47 -94.44 61.49
C SER J 58 15.61 -93.44 60.74
N THR J 59 14.73 -92.75 61.47
CA THR J 59 13.84 -91.74 60.90
C THR J 59 14.00 -90.43 61.67
N HIS J 60 13.74 -89.33 60.98
CA HIS J 60 13.90 -88.00 61.58
C HIS J 60 12.60 -87.21 61.51
N ASP J 61 11.48 -87.85 61.84
CA ASP J 61 10.19 -87.19 61.81
C ASP J 61 9.93 -86.53 63.17
N LEU J 62 8.72 -86.00 63.36
CA LEU J 62 8.36 -85.38 64.63
C LEU J 62 7.90 -86.44 65.61
N PHE J 63 8.54 -86.48 66.77
CA PHE J 63 8.22 -87.45 67.81
C PHE J 63 8.24 -86.77 69.17
N LEU J 64 7.71 -87.47 70.17
CA LEU J 64 7.76 -86.99 71.54
C LEU J 64 9.06 -87.46 72.18
N PRO J 65 9.95 -86.53 72.58
CA PRO J 65 11.21 -86.95 73.20
C PRO J 65 10.97 -87.73 74.49
N PHE J 66 11.86 -88.69 74.75
CA PHE J 66 11.75 -89.49 75.96
C PHE J 66 12.05 -88.64 77.18
N PHE J 67 11.38 -88.96 78.28
CA PHE J 67 11.53 -88.24 79.55
C PHE J 67 11.20 -86.76 79.37
N SER J 68 10.06 -86.48 78.76
CA SER J 68 9.66 -85.12 78.44
C SER J 68 8.80 -84.53 79.55
N ASN J 69 8.63 -83.21 79.49
CA ASN J 69 7.81 -82.52 80.48
C ASN J 69 6.35 -82.85 80.28
N VAL J 70 5.59 -82.84 81.38
CA VAL J 70 4.17 -83.15 81.37
C VAL J 70 3.45 -82.16 82.28
N THR J 71 2.38 -81.55 81.77
CA THR J 71 1.53 -80.64 82.53
C THR J 71 0.19 -81.34 82.71
N TRP J 72 0.05 -82.06 83.81
CA TRP J 72 -1.13 -82.88 84.04
C TRP J 72 -2.32 -82.03 84.45
N PHE J 73 -3.52 -82.51 84.12
CA PHE J 73 -4.78 -81.88 84.53
C PHE J 73 -5.65 -83.01 85.10
N HIS J 74 -5.57 -83.21 86.41
CA HIS J 74 -6.27 -84.33 87.05
C HIS J 74 -7.77 -84.13 87.17
N ALA J 75 -8.30 -83.00 86.68
CA ALA J 75 -9.74 -82.74 86.67
C ALA J 75 -10.34 -82.76 88.08
N ILE J 76 -9.54 -82.38 89.07
CA ILE J 76 -9.92 -82.33 90.48
C ILE J 76 -10.74 -83.55 90.91
N ARG J 86 -15.16 -77.11 84.24
CA ARG J 86 -14.49 -77.61 85.44
C ARG J 86 -13.30 -78.49 85.05
N PHE J 87 -13.32 -78.99 83.81
CA PHE J 87 -12.27 -79.86 83.32
C PHE J 87 -11.08 -79.10 82.75
N ASP J 88 -10.98 -77.79 83.01
CA ASP J 88 -9.81 -76.99 82.67
C ASP J 88 -9.53 -77.01 81.16
N ASN J 89 -10.46 -76.41 80.41
CA ASN J 89 -10.30 -76.18 78.98
C ASN J 89 -10.38 -74.70 78.67
N PRO J 90 -9.33 -73.92 79.02
CA PRO J 90 -9.26 -72.51 78.61
C PRO J 90 -8.52 -72.33 77.27
N ALA J 91 -8.96 -73.07 76.25
CA ALA J 91 -8.36 -73.03 74.91
C ALA J 91 -6.87 -73.37 74.98
N LEU J 92 -6.61 -74.62 75.35
CA LEU J 92 -5.24 -75.11 75.50
C LEU J 92 -4.45 -74.85 74.23
N PRO J 93 -3.16 -74.51 74.33
CA PRO J 93 -2.38 -74.17 73.15
C PRO J 93 -2.10 -75.37 72.26
N PHE J 94 -1.63 -75.08 71.06
CA PHE J 94 -1.19 -76.10 70.10
C PHE J 94 0.10 -75.62 69.47
N ASN J 95 0.97 -76.58 69.16
CA ASN J 95 2.32 -76.29 68.68
C ASN J 95 2.63 -77.26 67.55
N ASP J 96 3.93 -77.37 67.21
CA ASP J 96 4.35 -78.25 66.13
C ASP J 96 3.84 -79.68 66.33
N GLY J 97 3.65 -80.10 67.57
CA GLY J 97 3.11 -81.42 67.84
C GLY J 97 2.79 -81.63 69.31
N VAL J 98 1.63 -82.18 69.60
CA VAL J 98 1.20 -82.44 70.97
C VAL J 98 0.90 -83.92 71.12
N TYR J 99 1.00 -84.39 72.37
CA TYR J 99 0.70 -85.77 72.73
C TYR J 99 -0.33 -85.77 73.84
N PHE J 100 -1.49 -86.34 73.58
CA PHE J 100 -2.61 -86.33 74.51
C PHE J 100 -2.89 -87.74 75.02
N ALA J 101 -3.01 -87.87 76.34
CA ALA J 101 -3.29 -89.15 76.96
C ALA J 101 -4.22 -88.94 78.15
N SER J 102 -5.09 -89.93 78.39
CA SER J 102 -6.07 -89.83 79.44
C SER J 102 -6.32 -91.21 80.05
N THR J 103 -6.86 -91.21 81.25
CA THR J 103 -7.22 -92.43 81.97
C THR J 103 -8.61 -92.28 82.58
N GLU J 104 -9.56 -91.80 81.76
CA GLU J 104 -10.91 -91.56 82.22
C GLU J 104 -11.62 -92.87 82.56
N LYS J 105 -12.65 -92.75 83.41
CA LYS J 105 -13.43 -93.90 83.83
C LYS J 105 -14.74 -94.04 83.06
N SER J 106 -15.11 -93.04 82.26
CA SER J 106 -16.34 -93.11 81.48
C SER J 106 -16.18 -92.28 80.22
N ASN J 107 -17.03 -92.56 79.23
CA ASN J 107 -16.99 -91.85 77.96
C ASN J 107 -17.41 -90.41 78.16
N ILE J 108 -16.45 -89.49 78.04
CA ILE J 108 -16.72 -88.07 78.30
C ILE J 108 -16.80 -87.24 77.02
N ILE J 109 -16.26 -87.71 75.90
CA ILE J 109 -16.28 -86.96 74.65
C ILE J 109 -16.40 -87.92 73.49
N ARG J 110 -17.01 -87.43 72.40
CA ARG J 110 -17.17 -88.20 71.16
C ARG J 110 -16.87 -87.34 69.96
N GLY J 111 -15.80 -86.56 70.02
CA GLY J 111 -15.43 -85.70 68.91
C GLY J 111 -14.22 -84.85 69.24
N TRP J 112 -13.62 -84.30 68.19
CA TRP J 112 -12.49 -83.40 68.31
C TRP J 112 -12.69 -82.22 67.37
N ILE J 113 -12.25 -81.04 67.80
CA ILE J 113 -12.35 -79.81 67.02
C ILE J 113 -11.05 -79.03 67.16
N PHE J 114 -10.48 -78.63 66.03
CA PHE J 114 -9.24 -77.88 66.00
C PHE J 114 -9.41 -76.64 65.12
N GLY J 115 -8.73 -75.56 65.51
CA GLY J 115 -8.84 -74.31 64.78
C GLY J 115 -7.64 -73.39 64.91
N THR J 116 -7.75 -72.19 64.35
CA THR J 116 -6.69 -71.19 64.39
C THR J 116 -7.11 -70.09 65.37
N THR J 117 -6.42 -70.04 66.52
CA THR J 117 -6.66 -69.08 67.59
C THR J 117 -8.02 -69.30 68.23
N LEU J 118 -8.82 -70.21 67.66
CA LEU J 118 -10.06 -70.70 68.24
C LEU J 118 -10.92 -69.63 68.89
N ASP J 119 -11.07 -68.47 68.24
CA ASP J 119 -11.81 -67.36 68.85
C ASP J 119 -13.09 -67.02 68.10
N SER J 120 -13.00 -66.54 66.84
CA SER J 120 -14.25 -66.13 66.19
C SER J 120 -14.35 -66.45 64.70
N LYS J 121 -13.25 -66.54 63.95
CA LYS J 121 -13.36 -66.46 62.49
C LYS J 121 -12.41 -67.44 61.80
N THR J 122 -12.34 -68.66 62.29
CA THR J 122 -11.46 -69.66 61.68
C THR J 122 -12.19 -71.00 61.58
N GLN J 123 -11.60 -71.90 60.81
CA GLN J 123 -12.20 -73.21 60.57
C GLN J 123 -12.21 -74.04 61.85
N SER J 124 -13.03 -75.10 61.83
CA SER J 124 -13.20 -75.96 62.99
C SER J 124 -12.81 -77.41 62.75
N LEU J 125 -12.83 -77.89 61.50
CA LEU J 125 -12.48 -79.26 61.16
C LEU J 125 -13.37 -80.24 61.95
N LEU J 126 -14.64 -80.24 61.57
CA LEU J 126 -15.65 -81.03 62.28
C LEU J 126 -15.46 -82.52 61.99
N ILE J 127 -14.73 -83.20 62.86
CA ILE J 127 -14.43 -84.63 62.72
C ILE J 127 -15.05 -85.37 63.89
N VAL J 128 -16.21 -84.88 64.35
CA VAL J 128 -16.87 -85.44 65.52
C VAL J 128 -17.03 -86.95 65.37
N ASN J 129 -16.62 -87.68 66.41
CA ASN J 129 -16.67 -89.13 66.41
C ASN J 129 -18.10 -89.62 66.56
N ASN J 130 -18.78 -89.86 65.44
CA ASN J 130 -20.15 -90.33 65.47
C ASN J 130 -20.23 -91.76 65.99
N ALA J 131 -21.38 -92.11 66.57
CA ALA J 131 -21.53 -93.43 67.18
C ALA J 131 -21.74 -94.53 66.14
N THR J 132 -22.22 -94.19 64.95
CA THR J 132 -22.50 -95.20 63.92
C THR J 132 -21.76 -94.96 62.62
N ASN J 133 -21.60 -93.70 62.19
CA ASN J 133 -20.91 -93.38 60.94
C ASN J 133 -20.14 -92.08 61.15
N VAL J 134 -18.85 -92.20 61.48
CA VAL J 134 -18.03 -91.01 61.74
C VAL J 134 -17.95 -90.18 60.47
N VAL J 135 -18.20 -88.88 60.61
CA VAL J 135 -18.21 -87.95 59.48
C VAL J 135 -16.94 -87.13 59.50
N ILE J 136 -16.52 -86.68 58.32
CA ILE J 136 -15.36 -85.81 58.15
C ILE J 136 -15.83 -84.60 57.36
N LYS J 137 -16.07 -83.49 58.05
CA LYS J 137 -16.61 -82.30 57.43
C LYS J 137 -15.75 -81.08 57.79
N VAL J 138 -15.57 -80.20 56.82
CA VAL J 138 -14.85 -78.95 57.02
C VAL J 138 -15.87 -77.85 57.26
N CYS J 139 -15.95 -77.36 58.49
CA CYS J 139 -16.93 -76.35 58.85
C CYS J 139 -16.27 -75.34 59.77
N GLU J 140 -16.97 -74.22 59.98
CA GLU J 140 -16.48 -73.15 60.85
C GLU J 140 -17.67 -72.48 61.53
N PHE J 141 -17.42 -71.95 62.72
CA PHE J 141 -18.47 -71.30 63.50
C PHE J 141 -17.81 -70.37 64.52
N GLN J 142 -18.65 -69.74 65.33
CA GLN J 142 -18.17 -68.85 66.38
C GLN J 142 -17.79 -69.65 67.61
N PHE J 143 -16.52 -69.60 67.98
CA PHE J 143 -16.03 -70.35 69.12
C PHE J 143 -16.29 -69.58 70.42
N CYS J 144 -16.27 -70.33 71.53
CA CYS J 144 -16.42 -69.72 72.85
C CYS J 144 -15.71 -70.60 73.87
N ASN J 145 -15.41 -69.99 75.02
CA ASN J 145 -14.58 -70.65 76.03
C ASN J 145 -15.38 -71.71 76.79
N ASP J 146 -14.70 -72.80 77.13
CA ASP J 146 -15.20 -73.89 77.97
C ASP J 146 -16.48 -74.50 77.42
N PRO J 147 -16.43 -75.24 76.32
CA PRO J 147 -17.60 -76.01 75.89
C PRO J 147 -17.72 -77.31 76.68
N PHE J 148 -18.96 -77.79 76.77
CA PHE J 148 -19.25 -79.02 77.50
C PHE J 148 -20.62 -79.53 77.07
N LEU J 149 -21.00 -80.68 77.63
CA LEU J 149 -22.31 -81.26 77.39
C LEU J 149 -22.82 -81.86 78.69
N ASP J 150 -24.15 -81.98 78.79
CA ASP J 150 -24.78 -82.54 79.97
C ASP J 150 -26.08 -83.22 79.58
N VAL J 151 -26.51 -84.16 80.41
CA VAL J 151 -27.74 -84.90 80.17
C VAL J 151 -28.92 -84.01 80.51
N TYR J 152 -29.76 -83.74 79.51
CA TYR J 152 -30.95 -82.93 79.70
C TYR J 152 -32.14 -83.78 80.15
N MET J 160 -31.22 -87.62 77.55
CA MET J 160 -29.91 -88.18 77.24
C MET J 160 -28.86 -87.09 77.14
N GLU J 161 -27.63 -87.48 76.77
CA GLU J 161 -26.52 -86.53 76.62
C GLU J 161 -26.36 -86.22 75.13
N SER J 162 -27.15 -85.25 74.67
CA SER J 162 -27.14 -84.85 73.27
C SER J 162 -27.22 -83.34 73.11
N GLU J 163 -26.66 -82.59 74.06
CA GLU J 163 -26.72 -81.14 74.00
C GLU J 163 -25.82 -80.61 72.88
N PHE J 164 -25.97 -79.32 72.59
CA PHE J 164 -25.22 -78.63 71.56
C PHE J 164 -24.67 -77.31 72.08
N ARG J 165 -24.06 -77.37 73.27
CA ARG J 165 -23.51 -76.19 73.94
C ARG J 165 -22.19 -75.72 73.33
N VAL J 166 -21.79 -76.28 72.19
CA VAL J 166 -20.50 -75.92 71.61
C VAL J 166 -20.53 -74.52 71.02
N TYR J 167 -21.44 -74.28 70.08
CA TYR J 167 -21.53 -73.01 69.39
C TYR J 167 -22.99 -72.72 69.08
N SER J 168 -23.22 -71.63 68.33
CA SER J 168 -24.57 -71.21 67.95
C SER J 168 -24.95 -71.72 66.56
N SER J 169 -24.17 -71.36 65.54
CA SER J 169 -24.48 -71.74 64.17
C SER J 169 -23.20 -71.86 63.37
N ALA J 170 -23.16 -72.83 62.47
CA ALA J 170 -22.00 -73.12 61.64
C ALA J 170 -22.20 -72.57 60.23
N ASN J 171 -21.12 -72.62 59.44
CA ASN J 171 -21.10 -71.97 58.13
C ASN J 171 -21.01 -72.95 56.97
N ASN J 172 -19.94 -73.75 56.89
CA ASN J 172 -19.70 -74.52 55.67
C ASN J 172 -20.27 -75.94 55.75
N CYS J 173 -19.74 -76.76 56.66
CA CYS J 173 -20.26 -78.10 56.94
C CYS J 173 -20.47 -78.90 55.65
N THR J 174 -19.35 -79.19 55.01
CA THR J 174 -19.35 -79.85 53.71
C THR J 174 -19.71 -81.32 53.87
N PHE J 175 -19.52 -82.09 52.78
CA PHE J 175 -19.94 -83.49 52.74
C PHE J 175 -19.35 -84.29 53.90
N GLU J 176 -20.10 -85.31 54.32
CA GLU J 176 -19.75 -86.11 55.48
C GLU J 176 -18.94 -87.34 55.06
N TYR J 177 -18.74 -88.27 56.00
CA TYR J 177 -17.98 -89.49 55.75
C TYR J 177 -18.68 -90.65 56.46
N VAL J 178 -18.16 -91.85 56.24
CA VAL J 178 -18.79 -93.06 56.77
C VAL J 178 -17.78 -93.85 57.60
N SER J 179 -16.85 -93.15 58.23
CA SER J 179 -15.83 -93.81 59.04
C SER J 179 -16.45 -94.41 60.30
N GLN J 180 -15.62 -95.19 61.01
CA GLN J 180 -16.04 -95.86 62.24
C GLN J 180 -15.21 -95.36 63.42
N PRO J 181 -15.77 -95.37 64.64
CA PRO J 181 -15.07 -94.90 65.84
C PRO J 181 -13.77 -95.66 66.11
N ASN J 195 -8.36 -98.96 82.01
CA ASN J 195 -7.63 -98.88 80.74
C ASN J 195 -7.04 -97.48 80.53
N LEU J 196 -6.18 -97.36 79.53
CA LEU J 196 -5.52 -96.09 79.22
C LEU J 196 -5.49 -95.92 77.71
N ARG J 197 -5.71 -94.69 77.26
CA ARG J 197 -5.69 -94.36 75.84
C ARG J 197 -4.69 -93.24 75.58
N GLU J 198 -4.13 -93.24 74.37
CA GLU J 198 -3.14 -92.26 73.96
C GLU J 198 -3.54 -91.67 72.61
N PHE J 199 -3.15 -90.42 72.39
CA PHE J 199 -3.44 -89.74 71.13
C PHE J 199 -2.30 -88.79 70.81
N VAL J 200 -1.78 -88.90 69.58
CA VAL J 200 -0.70 -88.04 69.10
C VAL J 200 -1.26 -87.17 67.98
N PHE J 201 -1.11 -85.86 68.13
CA PHE J 201 -1.61 -84.89 67.17
C PHE J 201 -0.45 -84.11 66.59
N LYS J 202 -0.31 -84.14 65.27
CA LYS J 202 0.74 -83.41 64.56
C LYS J 202 0.19 -82.90 63.25
N ASN J 203 0.56 -81.68 62.89
CA ASN J 203 0.08 -81.01 61.68
C ASN J 203 1.27 -80.67 60.80
N ILE J 204 1.27 -81.20 59.58
CA ILE J 204 2.30 -80.90 58.60
C ILE J 204 1.66 -80.10 57.47
N ASP J 205 2.50 -79.63 56.55
CA ASP J 205 2.01 -78.83 55.43
C ASP J 205 1.15 -79.64 54.48
N GLY J 206 1.23 -80.96 54.52
CA GLY J 206 0.48 -81.79 53.60
C GLY J 206 -0.81 -82.36 54.17
N TYR J 207 -0.73 -82.93 55.37
CA TYR J 207 -1.87 -83.60 55.97
C TYR J 207 -1.97 -83.22 57.45
N PHE J 208 -2.99 -83.75 58.11
CA PHE J 208 -3.19 -83.61 59.55
C PHE J 208 -3.47 -85.00 60.10
N LYS J 209 -2.41 -85.72 60.46
CA LYS J 209 -2.53 -87.12 60.84
C LYS J 209 -2.89 -87.27 62.31
N ILE J 210 -3.63 -88.32 62.63
CA ILE J 210 -4.08 -88.62 63.98
C ILE J 210 -3.65 -90.03 64.33
N TYR J 211 -3.24 -90.22 65.59
CA TYR J 211 -2.84 -91.53 66.09
C TYR J 211 -3.57 -91.83 67.38
N SER J 212 -3.85 -93.11 67.60
CA SER J 212 -4.64 -93.54 68.76
C SER J 212 -4.05 -94.83 69.32
N LYS J 213 -4.37 -95.09 70.58
CA LYS J 213 -3.88 -96.28 71.26
C LYS J 213 -4.87 -96.67 72.35
N HIS J 214 -4.95 -97.97 72.64
CA HIS J 214 -5.81 -98.49 73.70
C HIS J 214 -5.09 -99.68 74.32
N THR J 215 -4.52 -99.48 75.51
CA THR J 215 -3.79 -100.54 76.20
C THR J 215 -4.55 -100.94 77.46
N PRO J 216 -5.06 -102.17 77.55
CA PRO J 216 -5.79 -102.57 78.75
C PRO J 216 -4.88 -102.85 79.93
N ILE J 217 -4.35 -101.79 80.55
CA ILE J 217 -3.46 -101.91 81.69
C ILE J 217 -3.94 -100.98 82.81
N ASN J 218 -3.53 -101.33 84.03
CA ASN J 218 -3.84 -100.54 85.21
C ASN J 218 -2.65 -100.54 86.14
N LEU J 219 -2.30 -99.38 86.67
CA LEU J 219 -1.12 -99.24 87.52
C LEU J 219 -1.31 -98.00 88.39
N GLU J 220 -0.23 -97.55 89.01
CA GLU J 220 -0.26 -96.37 89.87
C GLU J 220 -0.39 -95.11 89.02
N ARG J 221 -0.30 -93.95 89.67
CA ARG J 221 -0.45 -92.67 88.98
C ARG J 221 0.80 -92.42 88.15
N ASP J 222 0.87 -93.12 87.01
CA ASP J 222 1.99 -93.03 86.10
C ASP J 222 1.64 -93.80 84.83
N LEU J 223 2.36 -93.51 83.76
CA LEU J 223 2.16 -94.22 82.50
C LEU J 223 2.81 -95.61 82.58
N PRO J 224 2.29 -96.57 81.80
CA PRO J 224 2.91 -97.90 81.79
C PRO J 224 4.31 -97.85 81.23
N GLN J 225 5.21 -98.61 81.87
CA GLN J 225 6.62 -98.62 81.49
C GLN J 225 6.87 -99.64 80.37
N GLY J 226 6.20 -99.41 79.26
CA GLY J 226 6.35 -100.28 78.09
C GLY J 226 6.10 -99.50 76.82
N PHE J 227 6.74 -99.95 75.74
CA PHE J 227 6.57 -99.31 74.45
C PHE J 227 5.29 -99.81 73.78
N SER J 228 4.59 -98.87 73.14
CA SER J 228 3.35 -99.19 72.44
C SER J 228 3.37 -98.52 71.07
N ALA J 229 3.12 -99.31 70.03
CA ALA J 229 3.13 -98.80 68.66
C ALA J 229 1.76 -98.24 68.31
N LEU J 230 1.71 -96.94 68.01
CA LEU J 230 0.46 -96.27 67.67
C LEU J 230 0.29 -96.27 66.15
N GLU J 231 -0.82 -96.83 65.68
CA GLU J 231 -1.10 -96.87 64.26
C GLU J 231 -1.87 -95.62 63.83
N PRO J 232 -1.69 -95.18 62.58
CA PRO J 232 -2.46 -94.04 62.09
C PRO J 232 -3.94 -94.35 62.07
N LEU J 233 -4.76 -93.35 62.43
CA LEU J 233 -6.19 -93.54 62.55
C LEU J 233 -6.95 -93.04 61.33
N VAL J 234 -6.81 -91.77 60.98
CA VAL J 234 -7.54 -91.16 59.88
C VAL J 234 -6.62 -90.52 58.85
N ASP J 235 -5.61 -89.78 59.30
CA ASP J 235 -4.71 -89.02 58.43
C ASP J 235 -5.49 -88.02 57.58
N LEU J 236 -6.09 -87.06 58.29
CA LEU J 236 -6.93 -86.05 57.65
C LEU J 236 -6.14 -85.27 56.60
N PRO J 237 -6.64 -85.15 55.38
CA PRO J 237 -5.97 -84.34 54.35
C PRO J 237 -6.36 -82.87 54.35
N ILE J 238 -7.16 -82.41 55.31
CA ILE J 238 -7.63 -81.02 55.35
C ILE J 238 -6.51 -80.17 55.93
N GLY J 239 -5.72 -79.55 55.06
CA GLY J 239 -4.63 -78.71 55.51
C GLY J 239 -5.09 -77.35 56.00
N ILE J 240 -4.88 -77.09 57.29
CA ILE J 240 -5.27 -75.84 57.92
C ILE J 240 -4.19 -75.42 58.91
N ASN J 241 -4.32 -74.19 59.41
CA ASN J 241 -3.32 -73.60 60.30
C ASN J 241 -3.80 -73.75 61.74
N ILE J 242 -3.64 -74.96 62.26
CA ILE J 242 -4.08 -75.28 63.62
C ILE J 242 -3.09 -74.68 64.61
N THR J 243 -3.60 -73.85 65.53
CA THR J 243 -2.76 -73.21 66.53
C THR J 243 -3.33 -73.31 67.95
N ARG J 244 -4.48 -73.96 68.14
CA ARG J 244 -5.07 -74.10 69.46
C ARG J 244 -5.69 -75.49 69.60
N PHE J 245 -5.57 -76.05 70.80
CA PHE J 245 -6.12 -77.36 71.12
C PHE J 245 -7.34 -77.16 71.99
N GLN J 246 -8.52 -77.40 71.43
CA GLN J 246 -9.79 -77.25 72.16
C GLN J 246 -10.14 -78.59 72.78
N THR J 247 -9.59 -78.84 73.97
CA THR J 247 -9.82 -80.09 74.69
C THR J 247 -11.05 -79.97 75.58
N LEU J 248 -12.19 -79.73 74.94
CA LEU J 248 -13.44 -79.60 75.67
C LEU J 248 -13.88 -80.95 76.21
N LEU J 249 -14.49 -80.94 77.40
CA LEU J 249 -14.97 -82.15 78.05
C LEU J 249 -16.36 -81.91 78.61
N ALA J 250 -17.23 -82.89 78.46
CA ALA J 250 -18.61 -82.77 78.88
C ALA J 250 -18.73 -82.87 80.40
N LEU J 251 -19.93 -82.60 80.90
CA LEU J 251 -20.24 -82.63 82.33
C LEU J 251 -21.36 -83.63 82.56
N HIS J 252 -21.03 -84.80 83.09
CA HIS J 252 -22.03 -85.82 83.38
C HIS J 252 -22.90 -85.42 84.56
N ALA J 271 -8.54 -86.02 84.12
CA ALA J 271 -7.29 -86.76 84.05
C ALA J 271 -6.75 -86.79 82.62
N TYR J 272 -6.01 -85.74 82.25
CA TYR J 272 -5.45 -85.63 80.91
C TYR J 272 -4.31 -84.63 80.95
N TYR J 273 -3.53 -84.62 79.87
CA TYR J 273 -2.40 -83.70 79.74
C TYR J 273 -2.00 -83.61 78.28
N VAL J 274 -1.04 -82.73 78.00
CA VAL J 274 -0.50 -82.56 76.66
C VAL J 274 1.02 -82.60 76.74
N GLY J 275 1.63 -83.09 75.67
CA GLY J 275 3.09 -83.18 75.59
C GLY J 275 3.62 -82.67 74.27
N TYR J 276 4.45 -81.63 74.33
CA TYR J 276 4.96 -81.00 73.12
C TYR J 276 5.94 -81.91 72.39
N LEU J 277 5.88 -81.89 71.07
CA LEU J 277 6.76 -82.68 70.22
C LEU J 277 7.89 -81.81 69.67
N GLN J 278 9.01 -82.46 69.35
CA GLN J 278 10.18 -81.81 68.82
C GLN J 278 10.81 -82.71 67.75
N PRO J 279 11.51 -82.13 66.78
CA PRO J 279 12.17 -82.95 65.77
C PRO J 279 13.37 -83.70 66.34
N ARG J 280 13.22 -85.00 66.54
CA ARG J 280 14.25 -85.83 67.14
C ARG J 280 14.49 -87.06 66.26
N THR J 281 15.76 -87.40 66.06
CA THR J 281 16.10 -88.59 65.31
C THR J 281 15.84 -89.84 66.15
N PHE J 282 15.09 -90.79 65.60
CA PHE J 282 14.71 -92.00 66.30
C PHE J 282 15.19 -93.22 65.52
N LEU J 283 15.60 -94.26 66.25
CA LEU J 283 16.04 -95.53 65.69
C LEU J 283 15.06 -96.61 66.14
N LEU J 284 14.14 -96.97 65.25
CA LEU J 284 13.12 -97.95 65.57
C LEU J 284 13.60 -99.36 65.27
N LYS J 285 13.15 -100.31 66.09
CA LYS J 285 13.50 -101.71 65.95
C LYS J 285 12.24 -102.51 65.63
N TYR J 286 12.30 -103.32 64.58
CA TYR J 286 11.17 -104.12 64.14
C TYR J 286 11.47 -105.60 64.37
N ASN J 287 10.41 -106.35 64.66
CA ASN J 287 10.50 -107.78 64.92
C ASN J 287 9.94 -108.56 63.74
N GLU J 288 9.91 -109.89 63.90
CA GLU J 288 9.43 -110.76 62.83
C GLU J 288 7.95 -110.55 62.52
N ASN J 289 7.19 -110.02 63.48
CA ASN J 289 5.77 -109.75 63.27
C ASN J 289 5.51 -108.35 62.73
N GLY J 290 6.55 -107.54 62.54
CA GLY J 290 6.39 -106.21 61.99
C GLY J 290 6.03 -105.14 62.97
N THR J 291 5.78 -105.48 64.23
CA THR J 291 5.40 -104.50 65.23
C THR J 291 6.62 -103.83 65.83
N ILE J 292 6.50 -102.53 66.11
CA ILE J 292 7.58 -101.75 66.71
C ILE J 292 7.56 -102.05 68.21
N THR J 293 8.50 -102.90 68.66
CA THR J 293 8.56 -103.28 70.06
C THR J 293 9.53 -102.43 70.86
N ASP J 294 10.56 -101.88 70.23
CA ASP J 294 11.53 -101.05 70.91
C ASP J 294 11.77 -99.78 70.10
N ALA J 295 12.28 -98.75 70.79
CA ALA J 295 12.56 -97.48 70.16
C ALA J 295 13.74 -96.82 70.87
N VAL J 296 14.42 -95.93 70.16
CA VAL J 296 15.60 -95.25 70.69
C VAL J 296 15.58 -93.81 70.19
N ASP J 297 15.63 -92.86 71.12
CA ASP J 297 15.73 -91.44 70.79
C ASP J 297 17.21 -91.07 70.73
N CYS J 298 17.70 -90.73 69.53
CA CYS J 298 19.13 -90.52 69.34
C CYS J 298 19.62 -89.28 70.07
N ALA J 299 18.77 -88.27 70.24
CA ALA J 299 19.16 -87.02 70.88
C ALA J 299 18.77 -86.97 72.34
N LEU J 300 18.59 -88.12 72.99
CA LEU J 300 18.21 -88.14 74.40
C LEU J 300 19.41 -87.95 75.31
N ASP J 301 20.37 -88.86 75.25
CA ASP J 301 21.55 -88.84 76.10
C ASP J 301 22.77 -89.20 75.25
N PRO J 302 23.97 -88.86 75.71
CA PRO J 302 25.17 -89.19 74.93
C PRO J 302 25.32 -90.68 74.62
N LEU J 303 24.77 -91.56 75.46
CA LEU J 303 24.81 -92.98 75.15
C LEU J 303 24.04 -93.29 73.88
N SER J 304 22.90 -92.64 73.67
CA SER J 304 22.08 -92.93 72.51
C SER J 304 22.73 -92.45 71.21
N GLU J 305 23.68 -91.53 71.28
CA GLU J 305 24.38 -91.11 70.08
C GLU J 305 25.20 -92.25 69.49
N THR J 306 25.78 -93.08 70.36
CA THR J 306 26.50 -94.26 69.89
C THR J 306 25.53 -95.34 69.43
N LYS J 307 24.39 -95.49 70.12
CA LYS J 307 23.43 -96.55 69.78
C LYS J 307 22.85 -96.34 68.39
N CYS J 308 22.62 -95.08 68.01
CA CYS J 308 22.12 -94.80 66.67
C CYS J 308 23.22 -94.79 65.62
N THR J 309 24.47 -94.54 66.01
CA THR J 309 25.57 -94.59 65.07
C THR J 309 25.84 -96.02 64.61
N LEU J 310 25.78 -96.98 65.54
CA LEU J 310 26.00 -98.38 65.21
C LEU J 310 24.75 -99.08 64.72
N LYS J 311 23.59 -98.43 64.77
CA LYS J 311 22.32 -99.01 64.34
C LYS J 311 22.00 -100.29 65.08
N SER J 312 22.44 -100.39 66.33
CA SER J 312 22.20 -101.58 67.15
C SER J 312 22.00 -101.16 68.60
N PHE J 313 21.06 -101.82 69.27
CA PHE J 313 20.78 -101.51 70.67
C PHE J 313 21.97 -101.86 71.55
N THR J 314 22.46 -103.09 71.45
CA THR J 314 23.60 -103.51 72.25
C THR J 314 24.88 -102.85 71.74
N VAL J 315 25.63 -102.26 72.65
CA VAL J 315 26.88 -101.57 72.34
C VAL J 315 28.01 -102.25 73.11
N GLU J 316 29.10 -102.56 72.42
CA GLU J 316 30.24 -103.21 73.04
C GLU J 316 31.15 -102.16 73.69
N LYS J 317 32.22 -102.64 74.32
CA LYS J 317 33.15 -101.76 75.02
C LYS J 317 34.09 -101.08 74.05
N GLY J 318 34.67 -99.97 74.50
CA GLY J 318 35.62 -99.20 73.71
C GLY J 318 35.12 -97.80 73.45
N ILE J 319 35.76 -97.15 72.49
CA ILE J 319 35.40 -95.80 72.07
C ILE J 319 34.62 -95.89 70.77
N TYR J 320 33.67 -94.96 70.59
CA TYR J 320 32.86 -94.91 69.38
C TYR J 320 32.65 -93.45 69.01
N GLN J 321 33.03 -93.08 67.79
CA GLN J 321 32.89 -91.71 67.33
C GLN J 321 31.42 -91.40 67.04
N THR J 322 31.06 -90.14 67.28
CA THR J 322 29.70 -89.67 67.05
C THR J 322 29.78 -88.28 66.40
N SER J 323 28.65 -87.58 66.40
CA SER J 323 28.58 -86.27 65.76
C SER J 323 29.63 -85.32 66.33
N ASN J 324 30.21 -84.51 65.46
CA ASN J 324 31.28 -83.61 65.85
C ASN J 324 30.73 -82.40 66.59
N PHE J 325 31.48 -81.95 67.59
CA PHE J 325 31.11 -80.77 68.37
C PHE J 325 31.40 -79.53 67.51
N ARG J 326 30.36 -78.98 66.91
CA ARG J 326 30.47 -77.79 66.07
C ARG J 326 29.84 -76.62 66.80
N VAL J 327 30.68 -75.70 67.30
CA VAL J 327 30.17 -74.55 68.01
C VAL J 327 29.40 -73.64 67.06
N GLN J 328 28.53 -72.81 67.63
CA GLN J 328 27.71 -71.90 66.85
C GLN J 328 27.90 -70.47 67.34
N PRO J 329 27.93 -69.49 66.43
CA PRO J 329 28.05 -68.09 66.86
C PRO J 329 26.77 -67.57 67.48
N THR J 330 26.80 -66.32 67.94
CA THR J 330 25.64 -65.70 68.57
C THR J 330 25.02 -64.58 67.74
N GLU J 331 25.83 -63.83 67.00
CA GLU J 331 25.31 -62.72 66.20
C GLU J 331 25.87 -62.74 64.79
N SER J 332 25.62 -61.68 64.02
CA SER J 332 26.14 -61.55 62.67
C SER J 332 26.47 -60.09 62.43
N ILE J 333 27.74 -59.80 62.12
CA ILE J 333 28.21 -58.43 61.97
C ILE J 333 28.72 -58.23 60.55
N VAL J 334 28.61 -56.99 60.07
CA VAL J 334 29.08 -56.59 58.75
C VAL J 334 29.85 -55.28 58.89
N ARG J 335 31.04 -55.21 58.31
CA ARG J 335 31.89 -54.03 58.38
C ARG J 335 32.28 -53.61 56.97
N PHE J 336 31.72 -52.49 56.52
CA PHE J 336 32.09 -51.84 55.27
C PHE J 336 32.60 -50.44 55.56
N PRO J 337 33.42 -49.88 54.68
CA PRO J 337 33.94 -48.52 54.90
C PRO J 337 32.82 -47.50 54.95
N ASN J 338 33.16 -46.31 55.44
CA ASN J 338 32.17 -45.25 55.62
C ASN J 338 31.53 -44.88 54.30
N ILE J 339 30.20 -44.94 54.26
CA ILE J 339 29.44 -44.54 53.07
C ILE J 339 29.31 -43.03 53.08
N THR J 340 29.94 -42.37 52.12
CA THR J 340 29.93 -40.92 52.03
C THR J 340 29.79 -40.52 50.56
N ASN J 341 29.55 -39.22 50.35
CA ASN J 341 29.38 -38.64 49.01
C ASN J 341 28.25 -39.36 48.26
N LEU J 342 27.04 -39.23 48.81
CA LEU J 342 25.87 -39.83 48.19
C LEU J 342 25.56 -39.14 46.86
N CYS J 343 25.02 -39.91 45.92
CA CYS J 343 24.65 -39.36 44.64
C CYS J 343 23.47 -38.39 44.81
N PRO J 344 23.44 -37.30 44.05
CA PRO J 344 22.36 -36.31 44.23
C PRO J 344 21.01 -36.78 43.73
N PHE J 345 20.47 -37.84 44.33
CA PHE J 345 19.13 -38.29 43.99
C PHE J 345 18.05 -37.43 44.61
N HIS J 346 18.35 -36.73 45.71
CA HIS J 346 17.39 -35.85 46.35
C HIS J 346 17.11 -34.59 45.53
N GLU J 347 17.87 -34.35 44.47
CA GLU J 347 17.71 -33.15 43.64
C GLU J 347 16.91 -33.40 42.37
N VAL J 348 17.14 -34.54 41.71
CA VAL J 348 16.47 -34.78 40.43
C VAL J 348 14.96 -34.91 40.61
N PHE J 349 14.53 -35.59 41.68
CA PHE J 349 13.11 -35.77 41.96
C PHE J 349 12.53 -34.61 42.75
N ASN J 350 13.34 -33.62 43.13
CA ASN J 350 12.87 -32.51 43.97
C ASN J 350 13.44 -31.18 43.51
N ALA J 351 13.67 -31.03 42.20
CA ALA J 351 14.26 -29.81 41.67
C ALA J 351 13.26 -28.67 41.52
N THR J 352 11.97 -28.95 41.66
CA THR J 352 10.89 -27.97 41.52
C THR J 352 10.83 -27.39 40.12
N THR J 353 11.70 -27.85 39.22
CA THR J 353 11.73 -27.45 37.83
C THR J 353 12.11 -28.65 36.98
N PHE J 354 11.43 -28.81 35.85
CA PHE J 354 11.66 -29.92 34.95
C PHE J 354 11.70 -29.43 33.51
N ALA J 355 12.46 -30.15 32.69
CA ALA J 355 12.61 -29.81 31.28
C ALA J 355 11.68 -30.67 30.42
N SER J 356 11.48 -30.23 29.19
CA SER J 356 10.61 -30.94 28.26
C SER J 356 11.37 -32.12 27.64
N VAL J 357 10.62 -32.96 26.93
CA VAL J 357 11.22 -34.11 26.26
C VAL J 357 12.06 -33.67 25.07
N TYR J 358 11.84 -32.46 24.56
CA TYR J 358 12.67 -31.93 23.50
C TYR J 358 14.09 -31.67 23.97
N ALA J 359 14.26 -31.33 25.24
CA ALA J 359 15.57 -31.04 25.84
C ALA J 359 15.70 -31.77 27.17
N TRP J 360 15.39 -33.07 27.16
CA TRP J 360 15.43 -33.86 28.39
C TRP J 360 16.82 -33.85 29.00
N ASN J 361 16.87 -33.64 30.32
CA ASN J 361 18.15 -33.58 31.02
C ASN J 361 18.72 -34.97 31.22
N ARG J 362 20.05 -35.02 31.32
CA ARG J 362 20.77 -36.28 31.56
C ARG J 362 21.89 -35.99 32.54
N LYS J 363 21.82 -36.62 33.71
CA LYS J 363 22.79 -36.38 34.78
C LYS J 363 23.79 -37.51 34.85
N ARG J 364 25.05 -37.16 35.07
CA ARG J 364 26.11 -38.15 35.22
C ARG J 364 26.16 -38.62 36.67
N ILE J 365 26.24 -39.93 36.87
CA ILE J 365 26.27 -40.55 38.19
C ILE J 365 27.54 -41.37 38.27
N SER J 366 28.55 -40.85 38.96
CA SER J 366 29.82 -41.55 39.11
C SER J 366 30.53 -41.03 40.35
N ASN J 367 31.39 -41.88 40.92
CA ASN J 367 32.15 -41.54 42.11
C ASN J 367 31.23 -41.14 43.27
N CYS J 368 30.11 -41.85 43.39
CA CYS J 368 29.15 -41.58 44.46
C CYS J 368 28.41 -42.87 44.79
N VAL J 369 27.89 -42.92 46.01
CA VAL J 369 27.14 -44.10 46.48
C VAL J 369 25.70 -43.95 46.02
N ALA J 370 25.27 -44.86 45.14
CA ALA J 370 23.91 -44.82 44.58
C ALA J 370 22.94 -45.34 45.64
N ASP J 371 22.51 -44.43 46.51
CA ASP J 371 21.57 -44.77 47.58
C ASP J 371 20.16 -44.73 47.01
N TYR J 372 19.65 -45.89 46.61
CA TYR J 372 18.32 -46.00 46.04
C TYR J 372 17.22 -46.00 47.10
N SER J 373 17.56 -45.84 48.37
CA SER J 373 16.57 -45.83 49.44
C SER J 373 15.90 -44.47 49.63
N VAL J 374 16.09 -43.54 48.70
CA VAL J 374 15.50 -42.20 48.80
C VAL J 374 14.49 -41.91 47.70
N ILE J 375 14.45 -42.71 46.63
CA ILE J 375 13.51 -42.45 45.55
C ILE J 375 12.07 -42.70 45.96
N TYR J 376 11.85 -43.42 47.06
CA TYR J 376 10.51 -43.72 47.54
C TYR J 376 9.88 -42.57 48.31
N ASN J 377 10.54 -41.42 48.38
CA ASN J 377 10.08 -40.30 49.18
C ASN J 377 9.62 -39.11 48.35
N PHE J 378 9.62 -39.22 47.02
CA PHE J 378 9.26 -38.09 46.17
C PHE J 378 8.06 -38.34 45.27
N ALA J 379 7.71 -39.60 45.00
CA ALA J 379 6.63 -39.91 44.08
C ALA J 379 5.89 -41.14 44.57
N PRO J 380 4.57 -41.21 44.31
CA PRO J 380 3.82 -42.42 44.67
C PRO J 380 4.02 -43.58 43.70
N PHE J 381 4.90 -43.43 42.71
CA PHE J 381 5.21 -44.48 41.74
C PHE J 381 3.97 -44.96 41.01
N PHE J 382 3.38 -44.04 40.23
CA PHE J 382 2.24 -44.40 39.39
C PHE J 382 2.61 -45.50 38.40
N ALA J 383 3.83 -45.45 37.86
CA ALA J 383 4.32 -46.46 36.93
C ALA J 383 5.79 -46.71 37.26
N PHE J 384 6.04 -47.72 38.09
CA PHE J 384 7.39 -48.10 38.50
C PHE J 384 7.69 -49.47 37.87
N LYS J 385 8.32 -49.44 36.70
CA LYS J 385 8.60 -50.65 35.93
C LYS J 385 10.11 -50.78 35.75
N CYS J 386 10.67 -51.87 36.26
CA CYS J 386 12.07 -52.20 36.05
C CYS J 386 12.17 -53.36 35.07
N TYR J 387 13.23 -53.34 34.25
CA TYR J 387 13.40 -54.31 33.19
C TYR J 387 14.60 -55.22 33.41
N GLY J 388 15.79 -54.66 33.60
CA GLY J 388 16.98 -55.47 33.71
C GLY J 388 17.44 -55.70 35.13
N VAL J 389 16.86 -54.99 36.09
CA VAL J 389 17.24 -55.09 37.49
C VAL J 389 16.00 -55.33 38.33
N SER J 390 16.23 -55.70 39.59
CA SER J 390 15.18 -55.95 40.57
C SER J 390 14.95 -54.71 41.43
N PRO J 391 13.70 -54.45 41.81
CA PRO J 391 13.43 -53.27 42.64
C PRO J 391 14.10 -53.31 44.01
N THR J 392 14.33 -54.51 44.56
CA THR J 392 14.97 -54.63 45.87
C THR J 392 16.47 -54.86 45.79
N LYS J 393 16.97 -55.41 44.69
CA LYS J 393 18.39 -55.66 44.53
C LYS J 393 19.17 -54.44 44.05
N LEU J 394 18.57 -53.25 44.10
CA LEU J 394 19.27 -52.06 43.64
C LEU J 394 20.44 -51.70 44.55
N ASN J 395 20.32 -51.95 45.85
CA ASN J 395 21.38 -51.65 46.80
C ASN J 395 22.39 -52.78 46.95
N ASP J 396 22.32 -53.80 46.09
CA ASP J 396 23.22 -54.95 46.17
C ASP J 396 23.89 -55.26 44.84
N LEU J 397 23.92 -54.30 43.92
CA LEU J 397 24.53 -54.48 42.61
C LEU J 397 25.50 -53.34 42.32
N CYS J 398 26.20 -53.48 41.19
CA CYS J 398 27.15 -52.47 40.74
C CYS J 398 27.01 -52.29 39.24
N PHE J 399 27.40 -51.13 38.76
CA PHE J 399 27.32 -50.80 37.34
C PHE J 399 28.54 -49.98 36.94
N THR J 400 28.75 -49.89 35.63
CA THR J 400 29.85 -49.08 35.09
C THR J 400 29.52 -47.59 35.16
N ASN J 401 28.45 -47.18 34.49
CA ASN J 401 27.98 -45.81 34.54
C ASN J 401 26.46 -45.81 34.66
N VAL J 402 25.94 -44.82 35.39
CA VAL J 402 24.51 -44.67 35.62
C VAL J 402 24.08 -43.32 35.07
N TYR J 403 22.98 -43.32 34.31
CA TYR J 403 22.42 -42.11 33.74
C TYR J 403 20.97 -41.96 34.17
N ALA J 404 20.60 -40.75 34.58
CA ALA J 404 19.25 -40.45 35.03
C ALA J 404 18.65 -39.41 34.08
N ASP J 405 17.79 -39.87 33.20
CA ASP J 405 17.11 -39.00 32.23
C ASP J 405 15.75 -38.61 32.79
N SER J 406 15.42 -37.32 32.68
CA SER J 406 14.16 -36.79 33.21
C SER J 406 13.56 -35.83 32.20
N PHE J 407 12.23 -35.90 32.07
CA PHE J 407 11.49 -35.04 31.15
C PHE J 407 10.02 -35.06 31.55
N VAL J 408 9.21 -34.34 30.79
CA VAL J 408 7.78 -34.24 31.05
C VAL J 408 7.01 -34.61 29.78
N ILE J 409 6.09 -35.56 29.89
CA ILE J 409 5.25 -35.99 28.78
C ILE J 409 3.83 -36.15 29.31
N ARG J 410 2.90 -36.41 28.38
CA ARG J 410 1.51 -36.61 28.76
C ARG J 410 1.31 -37.97 29.40
N GLY J 411 0.10 -38.20 29.90
CA GLY J 411 -0.20 -39.48 30.52
C GLY J 411 -0.27 -40.62 29.52
N ASN J 412 -0.83 -40.36 28.33
CA ASN J 412 -0.93 -41.40 27.31
C ASN J 412 0.43 -41.74 26.71
N GLU J 413 1.43 -40.89 26.88
CA GLU J 413 2.76 -41.12 26.33
C GLU J 413 3.70 -41.81 27.31
N VAL J 414 3.24 -42.10 28.53
CA VAL J 414 4.08 -42.81 29.49
C VAL J 414 4.35 -44.24 29.04
N SER J 415 3.36 -44.87 28.38
CA SER J 415 3.52 -46.25 27.93
C SER J 415 4.58 -46.37 26.84
N GLN J 416 4.95 -45.28 26.17
CA GLN J 416 5.97 -45.32 25.14
C GLN J 416 7.38 -45.36 25.68
N ILE J 417 7.57 -45.10 26.98
CA ILE J 417 8.91 -45.12 27.58
C ILE J 417 9.14 -46.56 28.03
N ALA J 418 9.59 -47.39 27.08
CA ALA J 418 9.82 -48.81 27.29
C ALA J 418 10.59 -49.38 26.11
N PRO J 419 11.37 -50.45 26.30
CA PRO J 419 12.11 -51.02 25.18
C PRO J 419 11.17 -51.55 24.09
N GLY J 420 11.47 -51.19 22.85
CA GLY J 420 10.69 -51.68 21.73
C GLY J 420 9.35 -51.01 21.55
N GLN J 421 9.27 -49.71 21.84
CA GLN J 421 8.03 -48.95 21.70
C GLN J 421 8.19 -47.87 20.64
N THR J 422 7.06 -47.48 20.05
CA THR J 422 7.02 -46.45 19.02
C THR J 422 6.24 -45.24 19.53
N GLY J 423 6.06 -44.26 18.66
CA GLY J 423 5.34 -43.05 18.97
C GLY J 423 6.21 -41.82 18.78
N ASN J 424 5.58 -40.66 19.01
CA ASN J 424 6.31 -39.40 18.86
C ASN J 424 7.39 -39.26 19.92
N ILE J 425 7.09 -39.64 21.16
CA ILE J 425 8.09 -39.53 22.22
C ILE J 425 9.20 -40.56 22.04
N ALA J 426 8.84 -41.75 21.56
CA ALA J 426 9.82 -42.82 21.41
C ALA J 426 10.66 -42.62 20.15
N ASP J 427 10.01 -42.58 18.98
CA ASP J 427 10.74 -42.54 17.72
C ASP J 427 11.34 -41.17 17.40
N TYR J 428 10.90 -40.12 18.08
CA TYR J 428 11.35 -38.78 17.74
C TYR J 428 11.78 -37.92 18.93
N ASN J 429 11.60 -38.38 20.16
CA ASN J 429 12.02 -37.57 21.29
C ASN J 429 12.90 -38.31 22.29
N TYR J 430 12.61 -39.58 22.56
CA TYR J 430 13.38 -40.32 23.57
C TYR J 430 13.23 -41.81 23.23
N LYS J 431 14.28 -42.39 22.64
CA LYS J 431 14.28 -43.78 22.23
C LYS J 431 15.12 -44.61 23.18
N LEU J 432 14.54 -45.71 23.68
CA LEU J 432 15.19 -46.69 24.53
C LEU J 432 15.63 -47.90 23.72
N PRO J 433 16.78 -48.48 24.03
CA PRO J 433 17.25 -49.64 23.27
C PRO J 433 16.40 -50.88 23.54
N ASP J 434 16.53 -51.85 22.64
CA ASP J 434 15.77 -53.09 22.75
C ASP J 434 16.25 -53.97 23.90
N ASP J 435 17.37 -53.63 24.53
CA ASP J 435 17.92 -54.39 25.66
C ASP J 435 18.22 -53.46 26.83
N PHE J 436 17.34 -52.50 27.07
CA PHE J 436 17.55 -51.55 28.15
C PHE J 436 17.39 -52.23 29.50
N THR J 437 18.35 -51.99 30.39
CA THR J 437 18.35 -52.57 31.74
C THR J 437 18.26 -51.41 32.74
N GLY J 438 17.04 -51.10 33.16
CA GLY J 438 16.85 -50.03 34.12
C GLY J 438 15.42 -50.01 34.63
N CYS J 439 15.08 -48.90 35.28
CA CYS J 439 13.75 -48.70 35.84
C CYS J 439 13.18 -47.40 35.31
N VAL J 440 11.87 -47.40 35.07
CA VAL J 440 11.14 -46.22 34.60
C VAL J 440 10.20 -45.77 35.71
N ILE J 441 10.27 -44.49 36.05
CA ILE J 441 9.48 -43.91 37.14
C ILE J 441 8.67 -42.75 36.56
N ALA J 442 7.36 -42.77 36.81
CA ALA J 442 6.48 -41.71 36.34
C ALA J 442 5.42 -41.44 37.38
N TRP J 443 5.08 -40.16 37.56
CA TRP J 443 4.06 -39.76 38.51
C TRP J 443 3.35 -38.52 37.98
N ASN J 444 2.12 -38.32 38.45
CA ASN J 444 1.32 -37.21 37.97
C ASN J 444 1.83 -35.88 38.52
N SER J 445 1.88 -34.87 37.65
CA SER J 445 2.36 -33.54 38.02
C SER J 445 1.35 -32.46 37.64
N ASN J 446 0.06 -32.82 37.60
CA ASN J 446 -0.97 -31.84 37.27
C ASN J 446 -1.16 -30.82 38.38
N LYS J 447 -0.78 -31.14 39.62
CA LYS J 447 -0.90 -30.19 40.72
C LYS J 447 0.22 -29.16 40.72
N LEU J 448 1.36 -29.47 40.13
CA LEU J 448 2.52 -28.59 40.14
C LEU J 448 2.90 -28.05 38.77
N ASP J 449 2.88 -28.89 37.74
CA ASP J 449 3.33 -28.50 36.41
C ASP J 449 2.17 -28.10 35.49
N SER J 450 1.11 -27.52 36.05
CA SER J 450 -0.03 -27.06 35.26
C SER J 450 -0.29 -25.59 35.57
N LYS J 451 -0.50 -24.80 34.52
CA LYS J 451 -0.80 -23.39 34.66
C LYS J 451 -2.20 -23.09 34.14
N PRO J 452 -2.97 -22.26 34.85
CA PRO J 452 -4.33 -21.96 34.37
C PRO J 452 -4.36 -21.21 33.05
N SER J 453 -3.36 -20.39 32.78
CA SER J 453 -3.27 -19.67 31.51
C SER J 453 -2.60 -20.47 30.40
N GLY J 454 -2.18 -21.70 30.70
CA GLY J 454 -1.52 -22.53 29.70
C GLY J 454 -0.01 -22.56 29.88
N ASN J 455 0.53 -23.75 30.12
CA ASN J 455 1.97 -23.93 30.31
C ASN J 455 2.58 -24.38 28.99
N TYR J 456 2.77 -23.42 28.10
CA TYR J 456 3.33 -23.67 26.77
C TYR J 456 4.84 -23.88 26.78
N ASN J 457 5.45 -24.01 27.96
CA ASN J 457 6.90 -24.18 28.03
C ASN J 457 7.32 -25.55 27.51
N TYR J 458 6.66 -26.60 28.00
CA TYR J 458 7.01 -27.96 27.60
C TYR J 458 6.61 -28.21 26.14
N LEU J 459 7.54 -28.70 25.34
CA LEU J 459 7.34 -28.94 23.92
C LEU J 459 7.68 -30.40 23.60
N TYR J 460 7.50 -30.76 22.34
CA TYR J 460 7.86 -32.09 21.87
C TYR J 460 7.95 -32.06 20.35
N ARG J 461 8.88 -32.84 19.79
CA ARG J 461 9.06 -32.91 18.36
C ARG J 461 8.10 -33.92 17.76
N LEU J 462 7.40 -33.52 16.70
CA LEU J 462 6.45 -34.42 16.05
C LEU J 462 7.18 -35.49 15.25
N LEU J 463 7.93 -35.09 14.24
CA LEU J 463 8.70 -36.00 13.40
C LEU J 463 9.64 -35.20 12.52
N ARG J 464 10.89 -35.66 12.41
CA ARG J 464 11.90 -34.99 11.58
C ARG J 464 12.56 -36.01 10.66
N LYS J 465 11.88 -36.34 9.55
CA LYS J 465 12.46 -36.98 8.39
C LYS J 465 12.94 -38.40 8.63
N SER J 466 12.93 -38.87 9.88
CA SER J 466 13.46 -40.18 10.23
C SER J 466 13.25 -40.40 11.72
N LYS J 467 13.44 -41.64 12.15
CA LYS J 467 13.43 -41.98 13.56
C LYS J 467 14.79 -41.68 14.19
N LEU J 468 14.80 -41.61 15.52
CA LEU J 468 16.00 -41.30 16.27
C LEU J 468 16.70 -42.55 16.76
N LYS J 469 17.95 -42.37 17.19
CA LYS J 469 18.77 -43.42 17.74
C LYS J 469 18.69 -43.43 19.27
N PRO J 470 18.94 -44.56 19.91
CA PRO J 470 18.87 -44.61 21.38
C PRO J 470 19.90 -43.69 22.02
N PHE J 471 19.43 -42.91 23.01
CA PHE J 471 20.29 -42.02 23.79
C PHE J 471 21.00 -41.00 22.89
N GLU J 472 20.20 -40.15 22.24
CA GLU J 472 20.72 -39.05 21.45
C GLU J 472 19.81 -37.85 21.58
N ARG J 473 20.37 -36.67 21.41
CA ARG J 473 19.63 -35.42 21.51
C ARG J 473 19.16 -34.96 20.14
N ASP J 474 18.14 -34.11 20.14
CA ASP J 474 17.62 -33.48 18.93
C ASP J 474 17.26 -32.05 19.28
N ILE J 475 18.21 -31.13 19.09
CA ILE J 475 18.02 -29.72 19.40
C ILE J 475 17.93 -28.87 18.15
N SER J 476 18.14 -29.43 16.97
CA SER J 476 18.07 -28.67 15.73
C SER J 476 16.65 -28.18 15.49
N THR J 477 16.45 -26.86 15.52
CA THR J 477 15.15 -26.25 15.29
C THR J 477 14.92 -25.94 13.82
N GLU J 478 15.57 -26.66 12.92
CA GLU J 478 15.42 -26.40 11.50
C GLU J 478 13.97 -26.66 11.05
N ILE J 479 13.51 -25.85 10.10
CA ILE J 479 12.15 -26.00 9.59
C ILE J 479 12.01 -27.36 8.91
N TYR J 480 10.86 -27.99 9.11
CA TYR J 480 10.58 -29.30 8.53
C TYR J 480 9.94 -29.13 7.16
N GLN J 481 10.41 -29.89 6.19
CA GLN J 481 9.91 -29.85 4.82
C GLN J 481 9.15 -31.12 4.52
N ALA J 482 7.94 -30.98 3.97
CA ALA J 482 7.09 -32.12 3.66
C ALA J 482 6.82 -32.30 2.17
N GLY J 483 7.17 -31.33 1.32
CA GLY J 483 6.91 -31.41 -0.09
C GLY J 483 8.18 -31.53 -0.92
N ASN J 484 8.00 -31.36 -2.23
CA ASN J 484 9.14 -31.44 -3.15
C ASN J 484 9.92 -30.13 -3.23
N LYS J 485 9.24 -29.00 -3.06
CA LYS J 485 9.91 -27.70 -3.11
C LYS J 485 10.41 -27.33 -1.71
N PRO J 486 11.68 -26.98 -1.56
CA PRO J 486 12.21 -26.66 -0.23
C PRO J 486 11.76 -25.28 0.23
N CYS J 487 12.01 -25.03 1.52
CA CYS J 487 11.68 -23.76 2.13
C CYS J 487 12.47 -23.63 3.43
N ASN J 488 12.92 -22.42 3.74
CA ASN J 488 13.71 -22.16 4.93
C ASN J 488 13.35 -20.80 5.49
N GLY J 489 13.72 -20.58 6.74
CA GLY J 489 13.54 -19.30 7.39
C GLY J 489 12.16 -19.11 8.00
N VAL J 490 11.15 -18.93 7.17
CA VAL J 490 9.78 -18.66 7.62
C VAL J 490 8.91 -19.85 7.28
N ALA J 491 7.97 -20.16 8.18
CA ALA J 491 7.04 -21.26 7.96
C ALA J 491 6.00 -20.86 6.92
N GLY J 492 5.18 -21.84 6.53
CA GLY J 492 4.14 -21.62 5.55
C GLY J 492 3.54 -22.91 5.05
N PRO J 493 2.97 -22.88 3.85
CA PRO J 493 2.40 -24.10 3.26
C PRO J 493 3.46 -25.16 3.05
N ASN J 494 3.22 -26.34 3.60
CA ASN J 494 4.12 -27.49 3.56
C ASN J 494 5.45 -27.22 4.26
N CYS J 495 5.53 -26.17 5.06
CA CYS J 495 6.74 -25.82 5.81
C CYS J 495 6.31 -25.58 7.25
N TYR J 496 6.23 -26.68 8.02
CA TYR J 496 5.71 -26.63 9.38
C TYR J 496 6.85 -26.70 10.38
N SER J 497 6.62 -26.11 11.55
CA SER J 497 7.58 -26.19 12.63
C SER J 497 7.63 -27.63 13.16
N PRO J 498 8.81 -28.17 13.43
CA PRO J 498 8.91 -29.57 13.86
C PRO J 498 8.53 -29.80 15.31
N LEU J 499 8.05 -28.75 15.98
CA LEU J 499 7.72 -28.82 17.39
C LEU J 499 6.26 -28.43 17.61
N GLN J 500 5.66 -29.00 18.65
CA GLN J 500 4.30 -28.70 19.05
C GLN J 500 4.27 -28.40 20.55
N SER J 501 3.44 -27.45 20.94
CA SER J 501 3.41 -26.98 22.32
C SER J 501 2.37 -27.73 23.15
N TYR J 502 2.71 -27.98 24.41
CA TYR J 502 1.79 -28.59 25.36
C TYR J 502 0.97 -27.52 26.07
N GLY J 503 -0.31 -27.82 26.29
CA GLY J 503 -1.16 -26.91 27.02
C GLY J 503 -1.00 -27.04 28.51
N PHE J 504 -1.26 -28.24 29.04
CA PHE J 504 -1.09 -28.55 30.45
C PHE J 504 -1.87 -27.59 31.35
N ARG J 505 -3.16 -27.44 31.04
CA ARG J 505 -4.04 -26.70 31.92
C ARG J 505 -4.55 -27.61 33.02
N PRO J 506 -4.79 -27.07 34.23
CA PRO J 506 -5.17 -27.93 35.36
C PRO J 506 -6.46 -28.71 35.15
N THR J 507 -7.29 -28.33 34.19
CA THR J 507 -8.54 -29.02 33.94
C THR J 507 -8.43 -30.10 32.87
N TYR J 508 -7.23 -30.35 32.35
CA TYR J 508 -7.05 -31.38 31.34
C TYR J 508 -7.35 -32.77 31.93
N GLY J 509 -7.84 -33.65 31.06
CA GLY J 509 -8.13 -35.01 31.48
C GLY J 509 -6.87 -35.76 31.86
N VAL J 510 -7.09 -36.91 32.52
CA VAL J 510 -5.97 -37.72 33.00
C VAL J 510 -5.07 -38.15 31.84
N GLY J 511 -5.66 -38.41 30.67
CA GLY J 511 -4.88 -38.78 29.51
C GLY J 511 -3.97 -37.68 29.00
N HIS J 512 -4.27 -36.42 29.33
CA HIS J 512 -3.50 -35.28 28.86
C HIS J 512 -2.75 -34.56 29.98
N GLN J 513 -2.92 -34.98 31.23
CA GLN J 513 -2.20 -34.35 32.32
C GLN J 513 -0.71 -34.63 32.21
N PRO J 514 0.13 -33.71 32.67
CA PRO J 514 1.58 -33.91 32.58
C PRO J 514 2.07 -34.92 33.60
N TYR J 515 3.04 -35.74 33.18
CA TYR J 515 3.65 -36.75 34.04
C TYR J 515 5.16 -36.60 33.96
N ARG J 516 5.79 -36.39 35.12
CA ARG J 516 7.25 -36.32 35.20
C ARG J 516 7.82 -37.73 35.15
N VAL J 517 8.53 -38.06 34.07
CA VAL J 517 9.09 -39.37 33.87
C VAL J 517 10.59 -39.31 34.09
N VAL J 518 11.10 -40.17 34.96
CA VAL J 518 12.53 -40.26 35.25
C VAL J 518 12.98 -41.68 34.91
N VAL J 519 13.97 -41.80 34.03
CA VAL J 519 14.46 -43.08 33.55
C VAL J 519 15.87 -43.29 34.10
N LEU J 520 16.09 -44.43 34.74
CA LEU J 520 17.39 -44.79 35.30
C LEU J 520 18.08 -45.74 34.34
N SER J 521 19.18 -45.29 33.75
CA SER J 521 19.94 -46.08 32.79
C SER J 521 21.15 -46.71 33.48
N PHE J 522 21.34 -48.00 33.26
CA PHE J 522 22.43 -48.75 33.88
C PHE J 522 23.30 -49.36 32.80
N GLU J 523 24.60 -49.17 32.92
CA GLU J 523 25.58 -49.68 31.96
C GLU J 523 26.40 -50.80 32.57
N LEU J 524 26.74 -51.78 31.75
CA LEU J 524 27.51 -52.95 32.18
C LEU J 524 28.65 -53.21 31.20
N LEU J 525 29.38 -52.15 30.85
CA LEU J 525 30.49 -52.25 29.92
C LEU J 525 31.66 -52.98 30.58
N HIS J 526 32.72 -53.19 29.80
CA HIS J 526 33.91 -53.91 30.27
C HIS J 526 34.86 -52.96 30.98
N ALA J 527 34.34 -52.31 32.02
CA ALA J 527 35.13 -51.40 32.85
C ALA J 527 34.49 -51.27 34.23
N PRO J 528 34.63 -52.28 35.09
CA PRO J 528 33.98 -52.21 36.40
C PRO J 528 34.60 -51.15 37.28
N ALA J 529 33.75 -50.47 38.06
CA ALA J 529 34.19 -49.40 38.94
C ALA J 529 33.49 -49.58 40.28
N THR J 530 33.59 -48.56 41.14
CA THR J 530 33.02 -48.59 42.47
C THR J 530 31.62 -47.98 42.52
N VAL J 531 30.90 -47.99 41.40
CA VAL J 531 29.53 -47.46 41.36
C VAL J 531 28.57 -48.55 41.81
N CYS J 532 28.30 -48.61 43.11
CA CYS J 532 27.43 -49.61 43.71
C CYS J 532 26.44 -48.93 44.64
N GLY J 533 25.62 -49.73 45.31
CA GLY J 533 24.67 -49.23 46.26
C GLY J 533 25.24 -49.15 47.66
N PRO J 534 24.46 -48.65 48.62
CA PRO J 534 24.94 -48.55 49.99
C PRO J 534 24.87 -49.88 50.71
N LYS J 535 25.83 -50.12 51.60
CA LYS J 535 25.89 -51.34 52.39
C LYS J 535 25.72 -51.00 53.87
N LYS J 536 25.14 -51.95 54.60
CA LYS J 536 24.91 -51.77 56.02
C LYS J 536 26.19 -52.02 56.81
N SER J 537 26.42 -51.22 57.85
CA SER J 537 27.58 -51.33 58.70
C SER J 537 27.15 -51.62 60.12
N THR J 538 27.92 -52.49 60.81
CA THR J 538 27.61 -52.88 62.17
C THR J 538 28.80 -52.66 63.08
N ASN J 539 28.72 -53.15 64.32
CA ASN J 539 29.78 -53.01 65.30
C ASN J 539 30.63 -54.28 65.35
N LEU J 540 31.92 -54.09 65.65
CA LEU J 540 32.85 -55.21 65.73
C LEU J 540 32.58 -56.05 66.98
N VAL J 541 32.52 -57.37 66.81
CA VAL J 541 32.21 -58.28 67.90
C VAL J 541 33.22 -59.43 67.89
N LYS J 542 33.68 -59.79 69.08
CA LYS J 542 34.61 -60.91 69.30
C LYS J 542 34.14 -61.62 70.56
N ASN J 543 35.02 -62.44 71.15
CA ASN J 543 34.73 -62.98 72.48
C ASN J 543 33.48 -63.84 72.49
N LYS J 544 33.58 -65.09 72.04
CA LYS J 544 32.49 -65.90 71.47
C LYS J 544 32.15 -65.40 70.08
N CYS J 545 33.09 -65.63 69.16
CA CYS J 545 33.06 -65.20 67.77
C CYS J 545 31.66 -65.27 67.16
N VAL J 546 31.28 -64.17 66.50
CA VAL J 546 30.08 -64.12 65.69
C VAL J 546 30.49 -64.08 64.22
N ASN J 547 29.54 -64.41 63.35
CA ASN J 547 29.80 -64.39 61.91
C ASN J 547 30.07 -62.96 61.46
N PHE J 548 31.09 -62.78 60.63
CA PHE J 548 31.48 -61.48 60.14
C PHE J 548 31.62 -61.49 58.63
N ASN J 549 31.19 -60.41 57.99
CA ASN J 549 31.32 -60.20 56.55
C ASN J 549 32.07 -58.88 56.37
N PHE J 550 33.39 -58.95 56.35
CA PHE J 550 34.24 -57.77 56.32
C PHE J 550 34.60 -57.45 54.87
N ASN J 551 33.96 -56.43 54.31
CA ASN J 551 34.28 -55.91 52.98
C ASN J 551 34.12 -56.96 51.89
N GLY J 552 33.27 -57.97 52.12
CA GLY J 552 32.98 -58.95 51.10
C GLY J 552 33.25 -60.38 51.49
N LEU J 553 34.34 -60.63 52.21
CA LEU J 553 34.68 -61.98 52.63
C LEU J 553 34.01 -62.30 53.96
N THR J 554 33.69 -63.58 54.15
CA THR J 554 32.95 -64.04 55.32
C THR J 554 33.78 -65.07 56.07
N GLY J 555 33.77 -64.97 57.39
CA GLY J 555 34.48 -65.92 58.23
C GLY J 555 33.81 -66.13 59.57
N THR J 556 34.46 -66.88 60.46
CA THR J 556 33.89 -67.16 61.77
C THR J 556 34.90 -67.08 62.91
N GLY J 557 36.16 -66.75 62.63
CA GLY J 557 37.20 -66.83 63.64
C GLY J 557 37.05 -65.81 64.76
N VAL J 558 37.99 -65.89 65.71
CA VAL J 558 38.00 -65.02 66.87
C VAL J 558 38.75 -63.74 66.49
N LEU J 559 38.03 -62.63 66.37
CA LEU J 559 38.65 -61.35 66.13
C LEU J 559 39.53 -60.96 67.31
N THR J 560 40.76 -60.53 67.02
CA THR J 560 41.70 -60.13 68.06
C THR J 560 42.48 -58.92 67.59
N GLU J 561 43.19 -58.30 68.52
CA GLU J 561 43.99 -57.10 68.27
C GLU J 561 45.48 -57.43 68.25
N SER J 562 45.84 -58.57 67.66
CA SER J 562 47.22 -59.02 67.63
C SER J 562 48.10 -58.03 66.87
N ASN J 563 49.41 -58.15 67.09
CA ASN J 563 50.38 -57.26 66.48
C ASN J 563 50.86 -57.74 65.12
N LYS J 564 50.06 -58.55 64.43
CA LYS J 564 50.41 -59.03 63.08
C LYS J 564 50.15 -57.90 62.08
N LYS J 565 51.02 -56.89 62.15
CA LYS J 565 50.84 -55.68 61.35
C LYS J 565 51.03 -55.98 59.87
N PHE J 566 50.04 -55.59 59.06
CA PHE J 566 50.11 -55.76 57.62
C PHE J 566 50.78 -54.53 57.01
N LEU J 567 50.72 -54.43 55.69
CA LEU J 567 51.19 -53.25 54.98
C LEU J 567 50.04 -52.25 54.82
N PRO J 568 50.35 -50.95 54.69
CA PRO J 568 49.29 -49.95 54.57
C PRO J 568 48.45 -50.07 53.30
N PHE J 569 48.81 -50.96 52.38
CA PHE J 569 48.02 -51.17 51.17
C PHE J 569 47.31 -52.51 51.13
N GLN J 570 47.76 -53.50 51.89
CA GLN J 570 47.15 -54.82 51.87
C GLN J 570 45.85 -54.82 52.65
N GLN J 571 44.87 -55.58 52.15
CA GLN J 571 43.55 -55.67 52.75
C GLN J 571 43.09 -57.13 52.82
N PHE J 572 43.99 -58.02 53.23
CA PHE J 572 43.69 -59.44 53.31
C PHE J 572 44.71 -60.10 54.24
N GLY J 573 44.55 -61.41 54.43
CA GLY J 573 45.49 -62.19 55.20
C GLY J 573 45.40 -63.66 54.86
N ARG J 574 46.53 -64.29 54.56
CA ARG J 574 46.56 -65.70 54.19
C ARG J 574 47.80 -66.37 54.77
N ASP J 575 47.62 -67.58 55.30
CA ASP J 575 48.70 -68.34 55.89
C ASP J 575 49.31 -69.25 54.82
N ILE J 576 50.15 -70.20 55.25
CA ILE J 576 50.78 -71.13 54.31
C ILE J 576 49.71 -72.00 53.64
N ALA J 577 48.65 -72.35 54.37
CA ALA J 577 47.58 -73.16 53.83
C ALA J 577 46.53 -72.35 53.10
N ASP J 578 46.84 -71.09 52.75
CA ASP J 578 45.93 -70.19 52.07
C ASP J 578 44.64 -69.98 52.88
N THR J 579 44.76 -70.00 54.20
CA THR J 579 43.61 -69.78 55.07
C THR J 579 43.25 -68.30 55.10
N THR J 580 41.96 -68.01 54.91
CA THR J 580 41.52 -66.62 54.82
C THR J 580 41.55 -65.96 56.18
N ASP J 581 42.70 -65.40 56.56
CA ASP J 581 42.84 -64.71 57.82
C ASP J 581 42.04 -63.40 57.79
N ALA J 582 41.89 -62.80 58.96
CA ALA J 582 41.07 -61.60 59.10
C ALA J 582 41.73 -60.41 58.39
N VAL J 583 40.89 -59.44 58.05
CA VAL J 583 41.32 -58.22 57.39
C VAL J 583 41.21 -57.07 58.39
N ARG J 584 42.07 -56.06 58.22
CA ARG J 584 41.98 -54.85 59.03
C ARG J 584 40.59 -54.23 58.90
N ASP J 585 40.20 -53.48 59.92
CA ASP J 585 38.90 -52.84 59.95
C ASP J 585 38.75 -51.87 58.78
N PRO J 586 37.76 -52.05 57.90
CA PRO J 586 37.58 -51.11 56.79
C PRO J 586 37.30 -49.68 57.23
N GLN J 587 36.94 -49.46 58.49
CA GLN J 587 36.63 -48.13 59.00
C GLN J 587 37.74 -47.54 59.86
N THR J 588 38.16 -48.26 60.90
CA THR J 588 39.15 -47.75 61.84
C THR J 588 40.57 -48.18 61.52
N LEU J 589 40.76 -48.95 60.44
CA LEU J 589 42.08 -49.42 60.02
C LEU J 589 42.80 -50.23 61.10
N GLU J 590 42.06 -50.77 62.05
CA GLU J 590 42.66 -51.55 63.13
C GLU J 590 42.97 -52.96 62.65
N ILE J 591 44.21 -53.39 62.86
CA ILE J 591 44.63 -54.72 62.42
C ILE J 591 43.94 -55.78 63.25
N LEU J 592 43.46 -56.83 62.58
CA LEU J 592 42.75 -57.92 63.22
C LEU J 592 43.36 -59.26 62.82
N ASP J 593 42.88 -60.32 63.45
CA ASP J 593 43.33 -61.68 63.18
C ASP J 593 42.27 -62.64 63.70
N ILE J 594 42.15 -63.79 63.04
CA ILE J 594 41.14 -64.79 63.41
C ILE J 594 41.79 -66.15 63.55
N THR J 595 41.19 -66.98 64.40
CA THR J 595 41.59 -68.36 64.64
C THR J 595 40.33 -69.19 64.79
N PRO J 596 40.43 -70.51 64.57
CA PRO J 596 39.25 -71.37 64.76
C PRO J 596 38.69 -71.25 66.17
N CYS J 597 37.36 -71.21 66.25
CA CYS J 597 36.65 -70.95 67.51
C CYS J 597 36.29 -72.23 68.25
N SER J 598 37.30 -73.08 68.50
CA SER J 598 37.20 -74.23 69.39
C SER J 598 36.11 -75.21 68.94
N PHE J 599 36.35 -75.81 67.78
CA PHE J 599 35.53 -76.90 67.28
C PHE J 599 36.24 -78.23 67.54
N GLY J 600 35.59 -79.31 67.13
CA GLY J 600 36.18 -80.63 67.27
C GLY J 600 35.14 -81.73 67.11
N GLY J 601 35.58 -82.94 67.41
CA GLY J 601 34.71 -84.11 67.33
C GLY J 601 34.42 -84.73 68.68
N VAL J 602 33.39 -85.58 68.75
CA VAL J 602 32.96 -86.19 70.00
C VAL J 602 33.04 -87.70 69.85
N SER J 603 33.51 -88.37 70.91
CA SER J 603 33.54 -89.83 70.98
C SER J 603 33.04 -90.26 72.34
N VAL J 604 32.13 -91.23 72.37
CA VAL J 604 31.48 -91.67 73.61
C VAL J 604 32.16 -92.94 74.09
N ILE J 605 32.57 -92.94 75.36
CA ILE J 605 33.18 -94.11 75.99
C ILE J 605 32.07 -94.89 76.70
N THR J 606 31.92 -96.16 76.35
CA THR J 606 30.85 -96.98 76.90
C THR J 606 31.42 -98.30 77.42
N PRO J 607 31.11 -98.69 78.64
CA PRO J 607 31.55 -99.98 79.16
C PRO J 607 30.69 -101.17 78.73
N GLY J 608 29.75 -100.97 77.81
CA GLY J 608 28.88 -102.04 77.37
C GLY J 608 27.49 -101.95 77.94
N THR J 609 26.48 -102.11 77.08
CA THR J 609 25.10 -102.03 77.55
C THR J 609 24.79 -103.16 78.53
N ASN J 610 25.35 -104.35 78.29
CA ASN J 610 25.14 -105.48 79.19
C ASN J 610 25.79 -105.26 80.56
N THR J 611 26.79 -104.39 80.65
CA THR J 611 27.49 -104.13 81.91
C THR J 611 26.87 -102.95 82.66
N SER J 612 26.85 -101.77 82.03
CA SER J 612 26.31 -100.58 82.67
C SER J 612 25.97 -99.56 81.59
N ASN J 613 24.88 -98.82 81.80
CA ASN J 613 24.42 -97.86 80.81
C ASN J 613 25.07 -96.50 80.94
N GLN J 614 25.73 -96.22 82.06
CA GLN J 614 26.40 -94.93 82.21
C GLN J 614 27.61 -94.86 81.29
N VAL J 615 27.78 -93.70 80.64
CA VAL J 615 28.82 -93.51 79.65
C VAL J 615 29.56 -92.21 79.93
N ALA J 616 30.77 -92.11 79.38
CA ALA J 616 31.57 -90.90 79.41
C ALA J 616 31.79 -90.43 77.97
N VAL J 617 32.09 -89.13 77.83
CA VAL J 617 32.28 -88.53 76.52
C VAL J 617 33.66 -87.91 76.44
N LEU J 618 34.25 -87.98 75.24
CA LEU J 618 35.55 -87.41 74.96
C LEU J 618 35.40 -86.37 73.86
N TYR J 619 35.85 -85.15 74.14
CA TYR J 619 35.81 -84.06 73.17
C TYR J 619 37.21 -83.95 72.56
N GLN J 620 37.40 -84.62 71.43
CA GLN J 620 38.70 -84.66 70.77
C GLN J 620 39.14 -83.28 70.33
N GLY J 621 40.26 -82.80 70.88
CA GLY J 621 40.80 -81.50 70.55
C GLY J 621 40.07 -80.32 71.15
N VAL J 622 38.95 -80.54 71.81
CA VAL J 622 38.17 -79.45 72.41
C VAL J 622 38.60 -79.28 73.85
N ASN J 623 39.02 -78.07 74.21
CA ASN J 623 39.37 -77.76 75.58
C ASN J 623 38.14 -77.81 76.47
N CYS J 624 38.35 -78.10 77.76
CA CYS J 624 37.24 -78.17 78.70
C CYS J 624 36.58 -76.83 78.94
N THR J 625 37.18 -75.73 78.47
CA THR J 625 36.62 -74.40 78.72
C THR J 625 35.36 -74.14 77.89
N GLU J 626 35.11 -74.93 76.84
CA GLU J 626 33.96 -74.71 75.98
C GLU J 626 33.14 -75.99 75.78
N VAL J 627 33.24 -76.95 76.69
CA VAL J 627 32.46 -78.17 76.59
C VAL J 627 31.10 -77.97 77.23
N SER J 647 35.05 -86.50 88.57
CA SER J 647 34.23 -87.04 87.49
C SER J 647 33.48 -85.93 86.77
N ASN J 648 33.64 -84.70 87.25
CA ASN J 648 32.97 -83.55 86.64
C ASN J 648 33.64 -83.15 85.33
N VAL J 649 34.91 -82.75 85.40
CA VAL J 649 35.67 -82.34 84.23
C VAL J 649 37.06 -82.95 84.30
N PHE J 650 37.63 -83.22 83.13
CA PHE J 650 38.98 -83.77 83.04
C PHE J 650 39.56 -83.40 81.69
N GLN J 651 40.79 -82.88 81.69
CA GLN J 651 41.47 -82.44 80.48
C GLN J 651 42.76 -83.24 80.31
N THR J 652 42.94 -83.81 79.12
CA THR J 652 44.16 -84.53 78.78
C THR J 652 44.57 -84.15 77.37
N ARG J 653 45.64 -84.79 76.88
CA ARG J 653 46.11 -84.51 75.53
C ARG J 653 45.15 -84.99 74.46
N ALA J 654 44.32 -85.99 74.77
CA ALA J 654 43.33 -86.49 73.82
C ALA J 654 42.09 -85.60 73.73
N GLY J 655 41.86 -84.76 74.73
CA GLY J 655 40.73 -83.86 74.74
C GLY J 655 40.15 -83.76 76.14
N CYS J 656 38.91 -83.29 76.21
CA CYS J 656 38.21 -83.14 77.47
C CYS J 656 37.35 -84.38 77.73
N LEU J 657 37.41 -84.90 78.95
CA LEU J 657 36.69 -86.10 79.35
C LEU J 657 35.63 -85.72 80.37
N ILE J 658 34.36 -85.96 80.03
CA ILE J 658 33.24 -85.68 80.91
C ILE J 658 32.51 -86.99 81.19
N GLY J 659 32.36 -87.33 82.46
CA GLY J 659 31.69 -88.55 82.87
C GLY J 659 32.59 -89.62 83.47
N ALA J 660 33.86 -89.33 83.72
CA ALA J 660 34.77 -90.29 84.30
C ALA J 660 35.76 -89.56 85.20
N GLU J 661 36.10 -90.19 86.32
CA GLU J 661 37.02 -89.59 87.30
C GLU J 661 38.43 -90.14 87.10
N TYR J 662 39.41 -89.28 87.39
CA TYR J 662 40.82 -89.63 87.23
C TYR J 662 41.34 -90.22 88.54
N VAL J 663 42.04 -91.34 88.45
CA VAL J 663 42.64 -92.00 89.59
C VAL J 663 44.10 -92.28 89.28
N ASN J 664 44.92 -92.27 90.34
CA ASN J 664 46.36 -92.50 90.18
C ASN J 664 46.72 -93.98 90.13
N ASN J 665 45.77 -94.88 90.37
CA ASN J 665 46.04 -96.30 90.31
C ASN J 665 46.10 -96.74 88.84
N SER J 666 47.27 -97.21 88.42
CA SER J 666 47.50 -97.60 87.03
C SER J 666 47.02 -99.04 86.83
N TYR J 667 45.84 -99.20 86.24
CA TYR J 667 45.31 -100.51 85.91
C TYR J 667 45.62 -100.83 84.45
N GLU J 668 45.20 -102.02 84.02
CA GLU J 668 45.37 -102.42 82.63
C GLU J 668 44.48 -101.59 81.73
N CYS J 669 44.98 -101.28 80.53
CA CYS J 669 44.23 -100.44 79.60
C CYS J 669 43.07 -101.25 79.02
N ASP J 670 41.85 -100.94 79.47
CA ASP J 670 40.66 -101.61 78.98
C ASP J 670 40.05 -100.87 77.79
N ILE J 671 39.89 -99.56 77.91
CA ILE J 671 39.35 -98.75 76.82
C ILE J 671 40.39 -97.71 76.42
N PRO J 672 40.99 -97.82 75.23
CA PRO J 672 42.02 -96.86 74.82
C PRO J 672 41.41 -95.50 74.50
N ILE J 673 41.97 -94.45 75.09
CA ILE J 673 41.52 -93.09 74.88
C ILE J 673 42.55 -92.29 74.07
N GLY J 674 43.77 -92.20 74.56
CA GLY J 674 44.82 -91.48 73.89
C GLY J 674 45.82 -90.92 74.88
N ALA J 675 47.08 -90.82 74.45
CA ALA J 675 48.16 -90.24 75.24
C ALA J 675 48.33 -90.98 76.57
N GLY J 676 48.36 -92.31 76.49
CA GLY J 676 48.60 -93.13 77.67
C GLY J 676 47.50 -93.12 78.69
N ILE J 677 46.30 -92.67 78.33
CA ILE J 677 45.16 -92.62 79.25
C ILE J 677 44.13 -93.63 78.77
N CYS J 678 43.64 -94.46 79.69
CA CYS J 678 42.61 -95.44 79.39
C CYS J 678 41.56 -95.41 80.49
N ALA J 679 40.40 -95.99 80.17
CA ALA J 679 39.26 -96.01 81.08
C ALA J 679 38.89 -97.44 81.42
N SER J 680 38.22 -97.60 82.56
CA SER J 680 37.76 -98.91 83.02
C SER J 680 36.57 -98.72 83.95
N TYR J 681 35.75 -99.76 84.04
CA TYR J 681 34.55 -99.75 84.86
C TYR J 681 34.79 -100.64 86.08
N GLN J 682 34.87 -100.02 87.26
CA GLN J 682 35.07 -100.73 88.51
C GLN J 682 33.90 -100.46 89.46
N THR J 683 33.62 -101.44 90.31
CA THR J 683 32.54 -101.31 91.27
C THR J 683 33.01 -100.64 92.56
N GLN J 697 30.70 -98.42 91.41
CA GLN J 697 30.17 -98.59 90.06
C GLN J 697 30.22 -97.26 89.30
N SER J 698 31.38 -96.92 88.77
CA SER J 698 31.56 -95.69 88.03
C SER J 698 32.73 -95.83 87.08
N ILE J 699 32.65 -95.15 85.94
CA ILE J 699 33.74 -95.15 84.97
C ILE J 699 34.88 -94.28 85.49
N ILE J 700 36.09 -94.84 85.48
CA ILE J 700 37.26 -94.14 85.98
C ILE J 700 38.24 -93.91 84.84
N ALA J 701 39.18 -93.01 85.07
CA ALA J 701 40.24 -92.71 84.12
C ALA J 701 41.58 -92.81 84.84
N TYR J 702 42.61 -93.23 84.10
CA TYR J 702 43.90 -93.51 84.69
C TYR J 702 44.95 -93.56 83.60
N THR J 703 46.22 -93.56 84.02
CA THR J 703 47.34 -93.75 83.11
C THR J 703 47.59 -95.25 82.98
N MET J 704 47.55 -95.74 81.75
CA MET J 704 47.69 -97.18 81.52
C MET J 704 49.08 -97.66 81.93
N SER J 705 49.10 -98.76 82.67
CA SER J 705 50.36 -99.39 83.07
C SER J 705 50.83 -100.33 81.98
N LEU J 706 52.15 -100.50 81.89
CA LEU J 706 52.73 -101.35 80.86
C LEU J 706 52.42 -102.83 81.10
N GLY J 707 52.06 -103.21 82.32
CA GLY J 707 51.63 -104.57 82.59
C GLY J 707 52.22 -105.19 83.84
N ALA J 708 53.46 -104.85 84.17
CA ALA J 708 54.15 -105.40 85.32
C ALA J 708 55.44 -104.62 85.52
N GLU J 709 56.25 -105.06 86.49
CA GLU J 709 57.55 -104.45 86.75
C GLU J 709 58.48 -105.52 87.31
N ASN J 710 59.70 -105.58 86.79
CA ASN J 710 60.66 -106.60 87.20
C ASN J 710 62.05 -105.98 87.29
N SER J 711 62.88 -106.54 88.15
CA SER J 711 64.25 -106.09 88.33
C SER J 711 65.11 -107.30 88.70
N VAL J 712 65.73 -107.90 87.69
CA VAL J 712 66.58 -109.07 87.91
C VAL J 712 67.90 -108.62 88.54
N ALA J 713 68.30 -109.28 89.62
CA ALA J 713 69.52 -108.95 90.33
C ALA J 713 70.71 -109.47 89.53
N TYR J 714 71.20 -108.64 88.62
CA TYR J 714 72.33 -109.03 87.78
C TYR J 714 73.61 -109.09 88.59
N SER J 715 74.47 -110.05 88.24
CA SER J 715 75.79 -110.17 88.84
C SER J 715 76.67 -111.00 87.91
N ASN J 716 77.97 -110.76 87.97
CA ASN J 716 78.92 -111.43 87.09
C ASN J 716 79.31 -112.81 87.60
N ASN J 717 78.58 -113.38 88.56
CA ASN J 717 78.90 -114.70 89.08
C ASN J 717 77.68 -115.58 89.33
N SER J 718 76.48 -115.12 89.00
CA SER J 718 75.26 -115.89 89.25
C SER J 718 74.52 -116.15 87.94
N ILE J 719 73.82 -117.29 87.90
CA ILE J 719 73.05 -117.70 86.74
C ILE J 719 71.78 -118.38 87.22
N ALA J 720 70.72 -118.25 86.43
CA ALA J 720 69.43 -118.86 86.72
C ALA J 720 69.23 -120.04 85.77
N ILE J 721 69.24 -121.25 86.31
CA ILE J 721 69.07 -122.47 85.54
C ILE J 721 67.71 -123.06 85.90
N PRO J 722 66.83 -123.30 84.92
CA PRO J 722 65.51 -123.86 85.24
C PRO J 722 65.61 -125.28 85.78
N THR J 723 64.77 -125.58 86.76
CA THR J 723 64.70 -126.91 87.35
C THR J 723 63.44 -127.67 86.94
N ASN J 724 62.50 -127.02 86.25
CA ASN J 724 61.27 -127.66 85.81
C ASN J 724 60.88 -127.08 84.45
N PHE J 725 59.78 -127.57 83.90
CA PHE J 725 59.30 -127.09 82.62
C PHE J 725 57.79 -127.26 82.55
N THR J 726 57.15 -126.39 81.77
CA THR J 726 55.70 -126.41 81.59
C THR J 726 55.40 -126.36 80.10
N ILE J 727 54.95 -127.49 79.55
CA ILE J 727 54.59 -127.55 78.13
C ILE J 727 53.35 -126.72 77.90
N SER J 728 53.47 -125.69 77.06
CA SER J 728 52.37 -124.77 76.79
C SER J 728 51.96 -124.86 75.33
N VAL J 729 50.70 -124.53 75.06
CA VAL J 729 50.14 -124.54 73.72
C VAL J 729 49.51 -123.18 73.48
N THR J 730 50.06 -122.43 72.53
CA THR J 730 49.60 -121.09 72.20
C THR J 730 48.84 -121.11 70.89
N THR J 731 47.71 -120.40 70.85
CA THR J 731 46.88 -120.31 69.67
C THR J 731 47.20 -119.04 68.90
N GLU J 732 47.47 -119.17 67.60
CA GLU J 732 47.74 -118.05 66.73
C GLU J 732 46.84 -118.15 65.52
N ILE J 733 45.95 -117.18 65.35
CA ILE J 733 44.95 -117.18 64.30
C ILE J 733 45.37 -116.19 63.22
N LEU J 734 45.38 -116.64 61.97
CA LEU J 734 45.78 -115.81 60.85
C LEU J 734 44.79 -115.98 59.70
N PRO J 735 44.24 -114.88 59.16
CA PRO J 735 43.38 -115.01 57.98
C PRO J 735 44.18 -115.42 56.75
N VAL J 736 43.61 -116.32 55.96
CA VAL J 736 44.25 -116.79 54.75
C VAL J 736 43.52 -116.36 53.49
N SER J 737 42.20 -116.19 53.54
CA SER J 737 41.43 -115.79 52.38
C SER J 737 40.26 -114.93 52.85
N MET J 738 39.56 -114.35 51.88
CA MET J 738 38.39 -113.53 52.16
C MET J 738 37.32 -113.84 51.12
N THR J 739 36.19 -113.14 51.23
CA THR J 739 35.04 -113.41 50.38
C THR J 739 35.34 -113.03 48.94
N LYS J 740 35.19 -114.00 48.04
CA LYS J 740 35.38 -113.76 46.61
C LYS J 740 34.09 -113.19 46.02
N THR J 741 34.15 -111.95 45.54
CA THR J 741 32.99 -111.25 44.99
C THR J 741 33.25 -110.89 43.54
N SER J 742 32.19 -110.97 42.73
CA SER J 742 32.23 -110.62 41.31
C SER J 742 31.04 -109.70 41.05
N VAL J 743 31.28 -108.40 41.12
CA VAL J 743 30.22 -107.40 40.97
C VAL J 743 30.04 -107.09 39.49
N ASP J 744 28.79 -107.12 39.03
CA ASP J 744 28.48 -106.77 37.66
C ASP J 744 28.48 -105.26 37.48
N CYS J 745 28.99 -104.81 36.34
CA CYS J 745 29.09 -103.38 36.07
C CYS J 745 27.74 -102.82 35.61
N THR J 746 27.18 -103.40 34.54
CA THR J 746 25.95 -102.87 33.97
C THR J 746 24.77 -103.05 34.91
N MET J 747 24.68 -104.20 35.59
CA MET J 747 23.55 -104.44 36.47
C MET J 747 23.57 -103.54 37.69
N TYR J 748 24.76 -103.11 38.13
CA TYR J 748 24.84 -102.20 39.26
C TYR J 748 24.63 -100.75 38.83
N ILE J 749 25.23 -100.35 37.71
CA ILE J 749 25.11 -98.95 37.28
C ILE J 749 23.77 -98.71 36.61
N CYS J 750 23.32 -99.63 35.75
CA CYS J 750 22.08 -99.46 35.02
C CYS J 750 20.95 -100.29 35.60
N GLY J 751 21.14 -101.60 35.74
CA GLY J 751 20.12 -102.46 36.28
C GLY J 751 18.97 -102.73 35.33
N ASP J 752 19.26 -103.43 34.23
CA ASP J 752 18.26 -103.83 33.24
C ASP J 752 17.58 -102.60 32.62
N SER J 753 18.40 -101.77 31.98
CA SER J 753 17.91 -100.60 31.25
C SER J 753 18.78 -100.42 30.01
N THR J 754 18.13 -100.37 28.85
CA THR J 754 18.86 -100.28 27.59
C THR J 754 19.39 -98.88 27.35
N GLU J 755 18.63 -97.84 27.72
CA GLU J 755 19.08 -96.47 27.52
C GLU J 755 20.34 -96.18 28.32
N CYS J 756 20.39 -96.63 29.57
CA CYS J 756 21.58 -96.44 30.39
C CYS J 756 22.76 -97.26 29.86
N SER J 757 22.49 -98.41 29.25
CA SER J 757 23.57 -99.25 28.74
C SER J 757 24.34 -98.55 27.63
N ASN J 758 23.65 -97.77 26.80
CA ASN J 758 24.33 -97.03 25.74
C ASN J 758 25.13 -95.87 26.29
N LEU J 759 24.75 -95.34 27.46
CA LEU J 759 25.51 -94.29 28.11
C LEU J 759 26.68 -94.83 28.92
N LEU J 760 26.67 -96.12 29.25
CA LEU J 760 27.76 -96.70 30.02
C LEU J 760 28.98 -96.98 29.14
N LEU J 761 28.75 -97.44 27.91
CA LEU J 761 29.86 -97.74 27.00
C LEU J 761 30.60 -96.49 26.55
N GLN J 762 30.05 -95.30 26.79
CA GLN J 762 30.73 -94.06 26.42
C GLN J 762 31.89 -93.72 27.36
N TYR J 763 31.98 -94.39 28.51
CA TYR J 763 33.04 -94.13 29.47
C TYR J 763 34.27 -95.01 29.23
N GLY J 764 34.32 -95.73 28.12
CA GLY J 764 35.49 -96.52 27.78
C GLY J 764 35.49 -97.90 28.40
N SER J 765 36.67 -98.34 28.84
CA SER J 765 36.87 -99.68 29.40
C SER J 765 36.89 -99.66 30.93
N PHE J 766 36.09 -98.79 31.55
CA PHE J 766 36.05 -98.76 33.00
C PHE J 766 35.46 -100.04 33.59
N CYS J 767 34.46 -100.61 32.90
CA CYS J 767 33.86 -101.83 33.40
C CYS J 767 34.82 -103.02 33.30
N THR J 768 35.58 -103.11 32.21
CA THR J 768 36.52 -104.21 32.05
C THR J 768 37.66 -104.12 33.05
N GLN J 769 38.11 -102.90 33.38
CA GLN J 769 39.17 -102.74 34.36
C GLN J 769 38.73 -103.21 35.74
N LEU J 770 37.47 -102.97 36.10
CA LEU J 770 36.98 -103.41 37.40
C LEU J 770 36.75 -104.92 37.42
N LYS J 771 36.34 -105.51 36.30
CA LYS J 771 36.14 -106.95 36.26
C LYS J 771 37.47 -107.69 36.34
N ARG J 772 38.51 -107.15 35.69
CA ARG J 772 39.83 -107.78 35.76
C ARG J 772 40.41 -107.72 37.17
N ALA J 773 40.15 -106.63 37.90
CA ALA J 773 40.67 -106.52 39.25
C ALA J 773 39.97 -107.48 40.20
N LEU J 774 38.66 -107.70 40.01
CA LEU J 774 37.93 -108.62 40.87
C LEU J 774 38.28 -110.06 40.57
N THR J 775 38.46 -110.40 39.29
CA THR J 775 38.85 -111.76 38.93
C THR J 775 40.28 -112.05 39.39
N GLY J 776 41.12 -111.03 39.49
CA GLY J 776 42.46 -111.24 40.03
C GLY J 776 42.42 -111.61 41.50
N ILE J 777 41.61 -110.90 42.28
CA ILE J 777 41.45 -111.24 43.69
C ILE J 777 40.81 -112.61 43.85
N ALA J 778 39.91 -112.99 42.96
CA ALA J 778 39.25 -114.28 43.05
C ALA J 778 40.25 -115.43 42.92
N VAL J 779 41.08 -115.38 41.87
CA VAL J 779 42.09 -116.42 41.70
C VAL J 779 43.23 -116.26 42.69
N GLU J 780 43.37 -115.07 43.29
CA GLU J 780 44.43 -114.86 44.27
C GLU J 780 44.07 -115.50 45.61
N GLN J 781 42.82 -115.37 46.04
CA GLN J 781 42.41 -115.93 47.32
C GLN J 781 42.48 -117.46 47.32
N ASP J 782 42.12 -118.07 46.18
CA ASP J 782 42.27 -119.52 46.07
C ASP J 782 43.74 -119.92 46.02
N LYS J 783 44.59 -119.07 45.46
CA LYS J 783 46.03 -119.34 45.47
C LYS J 783 46.62 -119.16 46.87
N ASN J 784 46.03 -118.28 47.67
CA ASN J 784 46.48 -118.11 49.04
C ASN J 784 46.22 -119.35 49.88
N THR J 785 45.13 -120.06 49.61
CA THR J 785 44.80 -121.25 50.39
C THR J 785 45.72 -122.41 50.03
N GLN J 786 46.04 -122.59 48.75
CA GLN J 786 46.88 -123.70 48.32
C GLN J 786 48.30 -123.56 48.83
N GLU J 787 48.78 -122.34 49.03
CA GLU J 787 50.12 -122.14 49.55
C GLU J 787 50.25 -122.49 51.03
N VAL J 788 49.13 -122.67 51.73
CA VAL J 788 49.14 -122.94 53.16
C VAL J 788 48.82 -124.40 53.45
N PHE J 789 47.71 -124.90 52.93
CA PHE J 789 47.25 -126.25 53.26
C PHE J 789 47.72 -127.31 52.29
N ALA J 790 47.99 -126.95 51.03
CA ALA J 790 48.38 -127.92 50.00
C ALA J 790 49.89 -128.06 49.88
N GLN J 791 50.64 -127.86 50.96
CA GLN J 791 52.09 -127.97 50.91
C GLN J 791 52.58 -129.41 50.91
N VAL J 792 51.71 -130.38 51.13
CA VAL J 792 52.08 -131.79 51.15
C VAL J 792 51.63 -132.45 49.86
N LYS J 793 52.42 -133.42 49.40
CA LYS J 793 52.09 -134.15 48.18
C LYS J 793 51.27 -135.40 48.44
N GLN J 794 51.31 -135.95 49.65
CA GLN J 794 50.55 -137.15 50.00
C GLN J 794 49.72 -136.87 51.24
N ILE J 795 48.54 -137.49 51.28
CA ILE J 795 47.62 -137.32 52.40
C ILE J 795 47.90 -138.45 53.39
N TYR J 796 48.63 -138.13 54.46
CA TYR J 796 48.97 -139.13 55.46
C TYR J 796 47.81 -139.38 56.40
N LYS J 797 47.69 -140.63 56.83
CA LYS J 797 46.64 -141.05 57.75
C LYS J 797 47.25 -141.59 59.03
N THR J 798 46.57 -141.34 60.15
CA THR J 798 47.01 -141.85 61.43
C THR J 798 46.64 -143.32 61.59
N PRO J 799 47.48 -144.11 62.25
CA PRO J 799 47.18 -145.53 62.46
C PRO J 799 45.93 -145.70 63.31
N PRO J 800 45.24 -146.84 63.21
CA PRO J 800 44.03 -147.04 64.01
C PRO J 800 44.29 -147.08 65.51
N ILE J 801 45.50 -147.44 65.93
CA ILE J 801 45.86 -147.45 67.35
C ILE J 801 46.41 -146.07 67.68
N LYS J 802 45.58 -145.21 68.27
CA LYS J 802 45.96 -143.83 68.56
C LYS J 802 46.69 -143.74 69.90
N TYR J 803 47.78 -144.50 70.00
CA TYR J 803 48.66 -144.48 71.16
C TYR J 803 50.01 -143.92 70.76
N PHE J 804 50.46 -142.88 71.47
CA PHE J 804 51.71 -142.19 71.14
C PHE J 804 52.53 -141.95 72.40
N GLY J 805 52.50 -142.89 73.32
CA GLY J 805 53.28 -142.77 74.54
C GLY J 805 52.70 -141.84 75.57
N GLY J 806 51.38 -141.79 75.69
CA GLY J 806 50.71 -140.96 76.66
C GLY J 806 50.10 -139.69 76.08
N PHE J 807 50.52 -139.28 74.89
CA PHE J 807 50.00 -138.07 74.28
C PHE J 807 48.61 -138.32 73.71
N ASN J 808 47.68 -137.44 74.04
CA ASN J 808 46.26 -137.58 73.67
C ASN J 808 45.92 -136.48 72.67
N PHE J 809 45.90 -136.83 71.39
CA PHE J 809 45.58 -135.89 70.31
C PHE J 809 44.11 -135.92 69.92
N SER J 810 43.21 -136.25 70.86
CA SER J 810 41.80 -136.37 70.52
C SER J 810 41.21 -135.02 70.10
N GLN J 811 41.66 -133.94 70.74
CA GLN J 811 41.09 -132.63 70.45
C GLN J 811 41.52 -132.09 69.08
N ILE J 812 42.59 -132.63 68.50
CA ILE J 812 43.09 -132.14 67.22
C ILE J 812 42.88 -133.14 66.09
N LEU J 813 42.98 -134.43 66.35
CA LEU J 813 42.77 -135.42 65.29
C LEU J 813 41.28 -135.51 64.97
N PRO J 814 40.93 -135.69 63.69
CA PRO J 814 39.51 -135.76 63.32
C PRO J 814 38.83 -137.04 63.81
N ASP J 815 37.90 -136.90 64.73
CA ASP J 815 37.16 -138.06 65.23
C ASP J 815 36.04 -138.41 64.25
N PRO J 816 35.90 -139.67 63.84
CA PRO J 816 34.88 -140.03 62.85
C PRO J 816 33.46 -140.07 63.39
N SER J 817 33.27 -139.99 64.71
CA SER J 817 31.94 -140.07 65.30
C SER J 817 31.26 -138.71 65.34
N LYS J 818 31.23 -138.03 64.19
CA LYS J 818 30.59 -136.73 64.04
C LYS J 818 30.63 -136.32 62.56
N PRO J 819 29.70 -135.48 62.10
CA PRO J 819 29.74 -135.05 60.70
C PRO J 819 30.88 -134.09 60.43
N SER J 820 31.16 -133.91 59.15
CA SER J 820 32.18 -133.02 58.58
C SER J 820 33.61 -133.48 58.88
N LYS J 821 33.79 -134.53 59.67
CA LYS J 821 35.11 -135.13 59.91
C LYS J 821 36.14 -134.11 60.35
N ARG J 822 35.77 -133.27 61.32
CA ARG J 822 36.65 -132.26 61.86
C ARG J 822 36.80 -132.44 63.37
N SER J 823 37.92 -131.95 63.90
CA SER J 823 38.21 -132.10 65.31
C SER J 823 37.29 -131.23 66.15
N PRO J 824 37.17 -131.53 67.45
CA PRO J 824 36.35 -130.66 68.33
C PRO J 824 36.82 -129.22 68.34
N ILE J 825 38.13 -128.98 68.27
CA ILE J 825 38.64 -127.61 68.20
C ILE J 825 38.17 -126.93 66.93
N GLU J 826 38.29 -127.62 65.79
CA GLU J 826 37.80 -127.07 64.54
C GLU J 826 36.28 -126.91 64.56
N ASP J 827 35.57 -127.82 65.22
CA ASP J 827 34.13 -127.70 65.33
C ASP J 827 33.75 -126.43 66.09
N LEU J 828 34.42 -126.16 67.21
CA LEU J 828 34.14 -124.95 67.96
C LEU J 828 34.53 -123.70 67.17
N LEU J 829 35.67 -123.75 66.46
CA LEU J 829 36.08 -122.60 65.67
C LEU J 829 35.10 -122.31 64.53
N PHE J 830 34.50 -123.35 63.96
CA PHE J 830 33.50 -123.15 62.92
C PHE J 830 32.16 -122.70 63.48
N ASN J 831 31.82 -123.14 64.71
CA ASN J 831 30.56 -122.72 65.31
C ASN J 831 30.63 -121.28 65.80
N LYS J 832 31.79 -120.82 66.25
CA LYS J 832 31.91 -119.45 66.73
C LYS J 832 31.77 -118.45 65.58
N VAL J 833 32.65 -118.55 64.59
CA VAL J 833 32.59 -117.66 63.43
C VAL J 833 31.95 -118.37 62.25
N LYS J 861 22.72 -108.22 47.26
CA LYS J 861 23.14 -109.29 46.37
C LYS J 861 22.43 -109.19 45.02
N PHE J 862 21.18 -108.73 45.06
CA PHE J 862 20.37 -108.62 43.85
C PHE J 862 20.83 -107.51 42.92
N ASN J 863 21.77 -106.67 43.34
CA ASN J 863 22.27 -105.58 42.51
C ASN J 863 23.51 -105.97 41.72
N GLY J 864 23.70 -107.26 41.45
CA GLY J 864 24.83 -107.72 40.67
C GLY J 864 26.05 -108.13 41.46
N LEU J 865 26.01 -108.04 42.79
CA LEU J 865 27.16 -108.42 43.62
C LEU J 865 27.00 -109.88 44.02
N THR J 866 27.59 -110.77 43.25
CA THR J 866 27.55 -112.20 43.49
C THR J 866 28.78 -112.64 44.26
N VAL J 867 28.65 -113.72 45.01
CA VAL J 867 29.72 -114.28 45.82
C VAL J 867 30.16 -115.61 45.20
N LEU J 868 31.46 -115.75 44.99
CA LEU J 868 32.01 -116.96 44.39
C LEU J 868 32.50 -117.91 45.46
N PRO J 869 32.07 -119.18 45.44
CA PRO J 869 32.54 -120.12 46.45
C PRO J 869 34.01 -120.41 46.27
N PRO J 870 34.73 -120.69 47.35
CA PRO J 870 36.15 -121.03 47.23
C PRO J 870 36.34 -122.36 46.53
N LEU J 871 37.55 -122.55 45.99
CA LEU J 871 37.88 -123.80 45.31
C LEU J 871 37.95 -124.94 46.31
N LEU J 872 38.80 -124.82 47.32
CA LEU J 872 38.93 -125.84 48.35
C LEU J 872 37.81 -125.65 49.37
N THR J 873 36.96 -126.66 49.51
CA THR J 873 35.86 -126.60 50.45
C THR J 873 36.37 -126.78 51.88
N ASP J 874 35.46 -126.63 52.85
CA ASP J 874 35.83 -126.76 54.24
C ASP J 874 36.28 -128.17 54.59
N GLU J 875 35.75 -129.18 53.88
CA GLU J 875 36.15 -130.56 54.16
C GLU J 875 37.55 -130.84 53.61
N MET J 876 37.87 -130.32 52.44
CA MET J 876 39.20 -130.56 51.86
C MET J 876 40.29 -129.86 52.66
N ILE J 877 39.98 -128.68 53.21
CA ILE J 877 40.94 -128.01 54.09
C ILE J 877 41.14 -128.84 55.36
N ALA J 878 40.06 -129.44 55.86
CA ALA J 878 40.20 -130.33 57.01
C ALA J 878 41.02 -131.57 56.67
N GLN J 879 40.90 -132.06 55.43
CA GLN J 879 41.69 -133.21 55.02
C GLN J 879 43.17 -132.85 54.91
N TYR J 880 43.47 -131.66 54.36
CA TYR J 880 44.85 -131.20 54.32
C TYR J 880 45.41 -131.00 55.73
N THR J 881 44.58 -130.53 56.65
CA THR J 881 45.00 -130.36 58.03
C THR J 881 45.31 -131.71 58.68
N SER J 882 44.41 -132.69 58.49
CA SER J 882 44.63 -134.02 59.06
C SER J 882 45.85 -134.68 58.44
N ALA J 883 46.14 -134.41 57.16
CA ALA J 883 47.35 -134.93 56.55
C ALA J 883 48.59 -134.32 57.18
N LEU J 884 48.54 -133.02 57.50
CA LEU J 884 49.65 -132.38 58.19
C LEU J 884 49.77 -132.88 59.62
N LEU J 885 48.64 -133.22 60.26
CA LEU J 885 48.70 -133.75 61.62
C LEU J 885 49.24 -135.17 61.64
N ALA J 886 48.81 -136.00 60.70
CA ALA J 886 49.29 -137.39 60.66
C ALA J 886 50.77 -137.46 60.32
N GLY J 887 51.28 -136.48 59.58
CA GLY J 887 52.69 -136.49 59.24
C GLY J 887 53.59 -135.95 60.32
N THR J 888 53.08 -135.04 61.15
CA THR J 888 53.89 -134.43 62.20
C THR J 888 53.89 -135.25 63.49
N ILE J 889 53.02 -136.26 63.61
CA ILE J 889 52.99 -137.11 64.79
C ILE J 889 53.52 -138.51 64.50
N THR J 890 53.50 -138.96 63.25
CA THR J 890 53.99 -140.28 62.89
C THR J 890 55.29 -140.25 62.09
N SER J 891 55.70 -139.09 61.60
CA SER J 891 56.92 -138.97 60.82
C SER J 891 57.81 -137.81 61.22
N GLY J 892 57.35 -136.91 62.08
CA GLY J 892 58.18 -135.79 62.49
C GLY J 892 58.24 -134.75 61.39
N TRP J 893 59.46 -134.31 61.08
CA TRP J 893 59.69 -133.33 60.02
C TRP J 893 60.25 -133.97 58.74
N THR J 894 60.23 -135.30 58.64
CA THR J 894 60.81 -135.96 57.49
C THR J 894 59.92 -135.89 56.26
N PHE J 895 58.61 -135.77 56.45
CA PHE J 895 57.69 -135.72 55.31
C PHE J 895 57.72 -134.36 54.61
N GLY J 896 58.23 -133.33 55.27
CA GLY J 896 58.34 -132.03 54.63
C GLY J 896 59.56 -131.84 53.77
N ALA J 897 60.61 -132.63 54.00
CA ALA J 897 61.85 -132.54 53.24
C ALA J 897 62.02 -133.71 52.28
N GLY J 898 61.04 -134.60 52.16
CA GLY J 898 61.12 -135.73 51.27
C GLY J 898 60.11 -136.80 51.61
N PRO J 899 60.52 -138.06 51.55
CA PRO J 899 59.62 -139.16 51.89
C PRO J 899 59.35 -139.21 53.38
N ALA J 900 58.15 -139.67 53.72
CA ALA J 900 57.73 -139.78 55.12
C ALA J 900 58.47 -140.93 55.79
N LEU J 901 59.38 -140.60 56.71
CA LEU J 901 60.14 -141.59 57.46
C LEU J 901 59.45 -141.83 58.80
N GLN J 902 59.08 -143.08 59.06
CA GLN J 902 58.40 -143.41 60.31
C GLN J 902 59.33 -143.25 61.51
N ILE J 903 58.74 -142.86 62.63
CA ILE J 903 59.49 -142.64 63.87
C ILE J 903 58.50 -142.62 65.03
N PRO J 904 58.81 -143.30 66.14
CA PRO J 904 57.92 -143.22 67.30
C PRO J 904 57.82 -141.80 67.84
N PHE J 905 56.64 -141.45 68.33
CA PHE J 905 56.39 -140.09 68.80
C PHE J 905 57.24 -139.73 70.02
N PRO J 906 57.41 -140.62 71.01
CA PRO J 906 58.34 -140.29 72.11
C PRO J 906 59.77 -140.05 71.65
N MET J 907 60.17 -140.59 70.51
CA MET J 907 61.53 -140.34 70.01
C MET J 907 61.61 -139.01 69.29
N GLN J 908 60.67 -138.73 68.38
CA GLN J 908 60.71 -137.46 67.66
C GLN J 908 60.45 -136.29 68.59
N MET J 909 59.68 -136.50 69.66
CA MET J 909 59.51 -135.45 70.65
C MET J 909 60.77 -135.24 71.46
N ALA J 910 61.58 -136.28 71.62
CA ALA J 910 62.86 -136.15 72.31
C ALA J 910 63.91 -135.49 71.43
N TYR J 911 63.83 -135.68 70.11
CA TYR J 911 64.77 -135.02 69.22
C TYR J 911 64.48 -133.53 69.11
N ARG J 912 63.22 -133.13 69.26
CA ARG J 912 62.91 -131.71 69.35
C ARG J 912 63.43 -131.10 70.64
N PHE J 913 63.44 -131.87 71.72
CA PHE J 913 64.11 -131.44 72.94
C PHE J 913 65.60 -131.25 72.70
N ASN J 914 66.22 -132.18 71.96
CA ASN J 914 67.62 -132.00 71.58
C ASN J 914 67.81 -130.78 70.71
N GLY J 915 66.77 -130.40 69.94
CA GLY J 915 66.87 -129.21 69.12
C GLY J 915 66.79 -127.94 69.92
N ILE J 916 65.94 -127.91 70.96
CA ILE J 916 65.79 -126.69 71.74
C ILE J 916 66.94 -126.47 72.70
N GLY J 917 67.65 -127.53 73.10
CA GLY J 917 68.83 -127.36 73.92
C GLY J 917 68.92 -128.23 75.15
N VAL J 918 68.02 -129.21 75.28
CA VAL J 918 68.03 -130.16 76.38
C VAL J 918 68.26 -131.55 75.83
N THR J 919 69.02 -132.35 76.55
CA THR J 919 69.38 -133.69 76.08
C THR J 919 68.14 -134.58 76.00
N GLN J 920 68.30 -135.72 75.34
CA GLN J 920 67.17 -136.62 75.12
C GLN J 920 66.73 -137.31 76.40
N ASN J 921 67.63 -137.46 77.37
CA ASN J 921 67.27 -138.14 78.61
C ASN J 921 66.28 -137.33 79.44
N VAL J 922 66.15 -136.02 79.18
CA VAL J 922 65.22 -135.21 79.94
C VAL J 922 63.78 -135.59 79.64
N LEU J 923 63.50 -136.06 78.42
CA LEU J 923 62.14 -136.40 78.04
C LEU J 923 61.75 -137.80 78.52
N TYR J 924 62.66 -138.77 78.37
CA TYR J 924 62.33 -140.15 78.74
C TYR J 924 62.21 -140.31 80.26
N GLU J 925 62.89 -139.46 81.03
CA GLU J 925 62.75 -139.50 82.48
C GLU J 925 61.52 -138.75 82.97
N ASN J 926 60.85 -138.00 82.10
CA ASN J 926 59.64 -137.28 82.47
C ASN J 926 58.56 -137.44 81.41
N GLN J 927 58.50 -138.59 80.76
CA GLN J 927 57.53 -138.80 79.69
C GLN J 927 56.10 -138.77 80.21
N LYS J 928 55.88 -139.24 81.44
CA LYS J 928 54.55 -139.20 82.02
C LYS J 928 54.12 -137.78 82.31
N LEU J 929 55.06 -136.93 82.75
CA LEU J 929 54.72 -135.54 83.05
C LEU J 929 54.45 -134.74 81.78
N ILE J 930 55.29 -134.91 80.76
CA ILE J 930 55.11 -134.17 79.51
C ILE J 930 53.81 -134.57 78.84
N ALA J 931 53.45 -135.85 78.91
CA ALA J 931 52.18 -136.29 78.34
C ALA J 931 51.00 -135.68 79.08
N ASN J 932 51.09 -135.61 80.40
CA ASN J 932 50.01 -135.00 81.18
C ASN J 932 49.94 -133.50 80.95
N GLN J 933 51.10 -132.83 80.85
CA GLN J 933 51.11 -131.40 80.58
C GLN J 933 50.59 -131.08 79.20
N PHE J 934 50.85 -131.95 78.22
CA PHE J 934 50.34 -131.72 76.87
C PHE J 934 48.83 -131.90 76.81
N ASN J 935 48.31 -132.94 77.47
CA ASN J 935 46.87 -133.19 77.44
C ASN J 935 46.11 -132.11 78.19
N SER J 936 46.68 -131.58 79.28
CA SER J 936 46.01 -130.51 80.02
C SER J 936 46.06 -129.20 79.23
N ALA J 937 47.16 -128.92 78.55
CA ALA J 937 47.26 -127.70 77.77
C ALA J 937 46.32 -127.74 76.57
N ILE J 938 46.30 -128.85 75.84
CA ILE J 938 45.40 -128.99 74.71
C ILE J 938 43.95 -129.00 75.18
N GLY J 939 43.68 -129.62 76.33
CA GLY J 939 42.33 -129.68 76.84
C GLY J 939 41.76 -128.33 77.22
N LYS J 940 42.61 -127.40 77.65
CA LYS J 940 42.17 -126.08 78.05
C LYS J 940 42.04 -125.11 76.88
N ILE J 941 42.54 -125.47 75.70
CA ILE J 941 42.47 -124.57 74.55
C ILE J 941 41.02 -124.33 74.15
N GLN J 942 40.21 -125.39 74.13
CA GLN J 942 38.81 -125.24 73.76
C GLN J 942 38.06 -124.38 74.76
N ASP J 943 38.33 -124.58 76.06
CA ASP J 943 37.68 -123.76 77.08
C ASP J 943 38.11 -122.30 76.97
N SER J 944 39.39 -122.07 76.66
CA SER J 944 39.87 -120.70 76.52
C SER J 944 39.25 -120.00 75.31
N LEU J 945 39.10 -120.72 74.20
CA LEU J 945 38.52 -120.12 73.01
C LEU J 945 37.01 -119.99 73.10
N SER J 946 36.35 -120.80 73.94
CA SER J 946 34.91 -120.70 74.11
C SER J 946 34.52 -119.65 75.15
N SER J 947 35.35 -119.46 76.18
CA SER J 947 35.02 -118.48 77.22
C SER J 947 35.29 -117.06 76.74
N THR J 948 36.37 -116.86 75.98
CA THR J 948 36.70 -115.52 75.49
C THR J 948 35.91 -115.23 74.22
N PRO J 949 35.02 -114.24 74.21
CA PRO J 949 34.24 -113.95 73.00
C PRO J 949 35.05 -113.32 71.88
N SER J 950 36.21 -112.74 72.18
CA SER J 950 37.02 -112.04 71.20
C SER J 950 38.30 -112.81 70.88
N ALA J 951 38.21 -114.14 70.84
CA ALA J 951 39.38 -114.95 70.49
C ALA J 951 39.61 -114.98 68.99
N LEU J 952 38.53 -114.99 68.21
CA LEU J 952 38.60 -115.02 66.75
C LEU J 952 38.28 -113.66 66.14
N GLY J 953 38.75 -112.59 66.79
CA GLY J 953 38.43 -111.25 66.33
C GLY J 953 39.00 -110.93 64.96
N LYS J 954 40.15 -111.50 64.62
CA LYS J 954 40.75 -111.24 63.31
C LYS J 954 39.87 -111.78 62.19
N LEU J 955 39.49 -113.06 62.29
CA LEU J 955 38.59 -113.64 61.29
C LEU J 955 37.24 -112.93 61.30
N GLN J 956 36.78 -112.51 62.49
CA GLN J 956 35.52 -111.77 62.56
C GLN J 956 35.64 -110.41 61.89
N ASP J 957 36.76 -109.72 62.10
CA ASP J 957 36.96 -108.44 61.42
C ASP J 957 37.09 -108.63 59.92
N VAL J 958 37.62 -109.76 59.47
CA VAL J 958 37.70 -110.03 58.04
C VAL J 958 36.31 -110.26 57.45
N VAL J 959 35.52 -111.12 58.10
CA VAL J 959 34.19 -111.43 57.57
C VAL J 959 33.22 -110.28 57.76
N ASN J 960 33.55 -109.30 58.61
CA ASN J 960 32.69 -108.13 58.78
C ASN J 960 33.01 -107.03 57.78
N HIS J 961 34.29 -106.84 57.44
CA HIS J 961 34.65 -105.83 56.45
C HIS J 961 34.13 -106.17 55.07
N ASN J 962 34.05 -107.47 54.73
CA ASN J 962 33.50 -107.86 53.43
C ASN J 962 32.00 -107.59 53.37
N ALA J 963 31.29 -107.83 54.47
CA ALA J 963 29.86 -107.54 54.50
C ALA J 963 29.60 -106.04 54.57
N GLN J 964 30.44 -105.31 55.29
CA GLN J 964 30.28 -103.86 55.39
C GLN J 964 30.54 -103.18 54.05
N ALA J 965 31.50 -103.70 53.28
CA ALA J 965 31.78 -103.12 51.98
C ALA J 965 30.62 -103.33 51.01
N LEU J 966 29.94 -104.47 51.11
CA LEU J 966 28.80 -104.73 50.23
C LEU J 966 27.57 -103.97 50.69
N ASN J 967 27.36 -103.86 52.00
CA ASN J 967 26.20 -103.13 52.51
C ASN J 967 26.30 -101.65 52.19
N THR J 968 27.52 -101.10 52.23
CA THR J 968 27.70 -99.69 51.89
C THR J 968 27.51 -99.47 50.39
N LEU J 969 27.91 -100.43 49.57
CA LEU J 969 27.71 -100.31 48.13
C LEU J 969 26.22 -100.31 47.78
N VAL J 970 25.46 -101.22 48.38
CA VAL J 970 24.02 -101.24 48.15
C VAL J 970 23.35 -99.99 48.74
N LYS J 971 23.89 -99.49 49.86
CA LYS J 971 23.33 -98.27 50.45
C LYS J 971 23.53 -97.07 49.51
N GLN J 972 24.72 -96.96 48.92
CA GLN J 972 24.97 -95.89 47.95
C GLN J 972 24.27 -96.15 46.63
N LEU J 973 23.83 -97.38 46.35
CA LEU J 973 23.07 -97.64 45.14
C LEU J 973 21.73 -96.93 45.16
N SER J 974 21.15 -96.74 46.34
CA SER J 974 19.86 -96.06 46.48
C SER J 974 19.99 -94.55 46.66
N SER J 975 21.16 -93.99 46.39
CA SER J 975 21.38 -92.55 46.54
C SER J 975 21.33 -91.87 45.19
N LYS J 976 20.64 -90.74 45.12
CA LYS J 976 20.54 -89.92 43.92
C LYS J 976 21.55 -88.79 44.03
N PHE J 977 22.61 -88.84 43.21
CA PHE J 977 23.72 -87.90 43.28
C PHE J 977 23.34 -86.58 42.60
N GLY J 978 22.26 -85.97 43.07
CA GLY J 978 21.76 -84.75 42.51
C GLY J 978 20.67 -84.92 41.47
N ALA J 979 20.25 -86.15 41.18
CA ALA J 979 19.20 -86.39 40.22
C ALA J 979 17.83 -86.25 40.87
N ILE J 980 16.78 -86.34 40.04
CA ILE J 980 15.43 -86.22 40.56
C ILE J 980 15.02 -87.48 41.31
N SER J 981 15.64 -88.62 40.98
CA SER J 981 15.34 -89.88 41.64
C SER J 981 16.54 -90.80 41.55
N SER J 982 16.54 -91.83 42.39
CA SER J 982 17.60 -92.83 42.40
C SER J 982 17.24 -94.09 41.63
N VAL J 983 16.02 -94.18 41.12
CA VAL J 983 15.55 -95.35 40.38
C VAL J 983 15.56 -95.02 38.89
N LEU J 984 16.22 -95.88 38.10
CA LEU J 984 16.29 -95.64 36.67
C LEU J 984 14.94 -95.85 36.01
N ASN J 985 14.15 -96.81 36.51
CA ASN J 985 12.84 -97.06 35.93
C ASN J 985 11.88 -95.90 36.18
N ASP J 986 12.07 -95.16 37.28
CA ASP J 986 11.22 -94.02 37.55
C ASP J 986 11.60 -92.83 36.66
N ILE J 987 12.89 -92.58 36.49
CA ILE J 987 13.33 -91.46 35.66
C ILE J 987 12.95 -91.69 34.20
N LEU J 988 13.09 -92.92 33.72
CA LEU J 988 12.74 -93.23 32.34
C LEU J 988 11.23 -93.11 32.12
N SER J 989 10.44 -93.35 33.16
CA SER J 989 8.98 -93.25 33.06
C SER J 989 8.47 -91.83 33.27
N ARG J 990 9.24 -90.98 33.94
CA ARG J 990 8.81 -89.61 34.21
C ARG J 990 9.24 -88.65 33.10
N LEU J 991 10.44 -88.84 32.54
CA LEU J 991 11.00 -87.92 31.58
C LEU J 991 11.01 -88.53 30.18
N ASP J 992 11.40 -87.71 29.21
CA ASP J 992 11.57 -88.10 27.82
C ASP J 992 13.01 -88.52 27.56
N PRO J 993 13.26 -89.26 26.49
CA PRO J 993 14.63 -89.73 26.19
C PRO J 993 15.64 -88.60 26.16
N PRO J 994 15.38 -87.48 25.44
CA PRO J 994 16.42 -86.44 25.37
C PRO J 994 16.72 -85.76 26.69
N GLU J 995 15.78 -85.78 27.64
CA GLU J 995 15.99 -85.12 28.93
C GLU J 995 16.35 -86.10 30.04
N ALA J 996 16.02 -87.38 29.90
CA ALA J 996 16.35 -88.34 30.94
C ALA J 996 17.84 -88.64 30.98
N GLU J 997 18.54 -88.45 29.86
CA GLU J 997 19.98 -88.72 29.83
C GLU J 997 20.74 -87.82 30.78
N VAL J 998 20.26 -86.59 31.00
CA VAL J 998 20.93 -85.66 31.91
C VAL J 998 20.95 -86.22 33.32
N GLN J 999 19.89 -86.92 33.72
CA GLN J 999 19.84 -87.53 35.04
C GLN J 999 20.53 -88.88 35.07
N ILE J 1000 20.45 -89.63 33.97
CA ILE J 1000 21.10 -90.95 33.91
C ILE J 1000 22.61 -90.80 34.02
N ASP J 1001 23.18 -89.91 33.20
CA ASP J 1001 24.63 -89.69 33.26
C ASP J 1001 25.05 -89.16 34.63
N ARG J 1002 24.16 -88.44 35.31
CA ARG J 1002 24.46 -88.01 36.67
C ARG J 1002 24.45 -89.18 37.64
N LEU J 1003 23.57 -90.16 37.42
CA LEU J 1003 23.56 -91.35 38.26
C LEU J 1003 24.73 -92.28 37.91
N ILE J 1004 25.11 -92.34 36.64
CA ILE J 1004 26.21 -93.20 36.22
C ILE J 1004 27.51 -92.72 36.83
N THR J 1005 27.75 -91.41 36.82
CA THR J 1005 28.98 -90.87 37.39
C THR J 1005 29.07 -91.14 38.88
N GLY J 1006 27.95 -91.01 39.60
CA GLY J 1006 27.95 -91.27 41.03
C GLY J 1006 28.15 -92.73 41.37
N ARG J 1007 27.65 -93.63 40.52
CA ARG J 1007 27.81 -95.06 40.77
C ARG J 1007 29.13 -95.60 40.28
N LEU J 1008 29.76 -94.95 39.29
CA LEU J 1008 31.11 -95.33 38.90
C LEU J 1008 32.10 -95.05 40.02
N GLN J 1009 31.95 -93.91 40.71
CA GLN J 1009 32.82 -93.62 41.84
C GLN J 1009 32.61 -94.60 42.98
N SER J 1010 31.40 -95.18 43.09
CA SER J 1010 31.16 -96.18 44.11
C SER J 1010 31.87 -97.49 43.78
N LEU J 1011 31.72 -97.96 42.54
CA LEU J 1011 32.38 -99.19 42.13
C LEU J 1011 33.90 -99.04 42.18
N GLN J 1012 34.42 -97.88 41.77
CA GLN J 1012 35.87 -97.68 41.79
C GLN J 1012 36.39 -97.69 43.23
N THR J 1013 35.71 -97.01 44.15
CA THR J 1013 36.12 -97.00 45.53
C THR J 1013 36.04 -98.41 46.13
N TYR J 1014 34.99 -99.15 45.81
CA TYR J 1014 34.87 -100.52 46.30
C TYR J 1014 35.98 -101.40 45.77
N VAL J 1015 36.33 -101.26 44.49
CA VAL J 1015 37.39 -102.08 43.91
C VAL J 1015 38.74 -101.72 44.52
N THR J 1016 38.98 -100.43 44.78
CA THR J 1016 40.25 -100.03 45.38
C THR J 1016 40.36 -100.56 46.81
N GLN J 1017 39.27 -100.45 47.59
CA GLN J 1017 39.28 -100.99 48.94
C GLN J 1017 39.47 -102.50 48.93
N GLN J 1018 38.84 -103.19 47.98
CA GLN J 1018 39.01 -104.63 47.86
C GLN J 1018 40.44 -104.99 47.49
N LEU J 1019 41.08 -104.18 46.64
CA LEU J 1019 42.47 -104.45 46.28
C LEU J 1019 43.40 -104.26 47.47
N ILE J 1020 43.17 -103.21 48.27
CA ILE J 1020 44.00 -102.99 49.45
C ILE J 1020 43.81 -104.11 50.46
N ARG J 1021 42.55 -104.48 50.72
CA ARG J 1021 42.29 -105.57 51.64
C ARG J 1021 42.82 -106.90 51.11
N ALA J 1022 42.83 -107.09 49.79
CA ALA J 1022 43.39 -108.30 49.22
C ALA J 1022 44.90 -108.34 49.37
N ALA J 1023 45.56 -107.17 49.25
CA ALA J 1023 46.99 -107.11 49.52
C ALA J 1023 47.28 -107.48 50.98
N GLU J 1024 46.47 -106.96 51.91
CA GLU J 1024 46.66 -107.30 53.32
C GLU J 1024 46.42 -108.78 53.56
N ILE J 1025 45.37 -109.35 52.97
CA ILE J 1025 45.07 -110.77 53.16
C ILE J 1025 46.15 -111.63 52.52
N ARG J 1026 46.73 -111.19 51.40
CA ARG J 1026 47.82 -111.95 50.78
C ARG J 1026 49.06 -111.91 51.65
N ALA J 1027 49.34 -110.77 52.28
CA ALA J 1027 50.45 -110.70 53.23
C ALA J 1027 50.24 -111.66 54.38
N SER J 1028 49.02 -111.67 54.93
CA SER J 1028 48.71 -112.59 56.04
C SER J 1028 48.80 -114.04 55.59
N ALA J 1029 48.38 -114.33 54.37
CA ALA J 1029 48.42 -115.71 53.87
C ALA J 1029 49.84 -116.17 53.60
N ASN J 1030 50.70 -115.26 53.14
CA ASN J 1030 52.11 -115.60 52.99
C ASN J 1030 52.76 -115.82 54.35
N LEU J 1031 52.40 -115.01 55.34
CA LEU J 1031 52.90 -115.23 56.69
C LEU J 1031 52.45 -116.60 57.21
N ALA J 1032 51.21 -116.98 56.94
CA ALA J 1032 50.71 -118.27 57.40
C ALA J 1032 51.38 -119.42 56.66
N ALA J 1033 51.64 -119.26 55.36
CA ALA J 1033 52.32 -120.29 54.59
C ALA J 1033 53.74 -120.48 55.07
N THR J 1034 54.44 -119.38 55.40
CA THR J 1034 55.75 -119.50 56.03
C THR J 1034 55.63 -120.13 57.41
N LYS J 1035 54.54 -119.86 58.12
CA LYS J 1035 54.32 -120.48 59.42
C LYS J 1035 54.07 -121.98 59.27
N MET J 1036 53.35 -122.39 58.23
CA MET J 1036 53.06 -123.80 58.02
C MET J 1036 54.32 -124.59 57.68
N SER J 1037 55.28 -123.96 56.99
CA SER J 1037 56.48 -124.68 56.58
C SER J 1037 57.51 -124.72 57.70
N GLU J 1038 57.63 -123.65 58.47
CA GLU J 1038 58.67 -123.55 59.49
C GLU J 1038 58.24 -124.05 60.86
N CYS J 1039 56.94 -124.08 61.15
CA CYS J 1039 56.44 -124.54 62.44
C CYS J 1039 55.82 -125.92 62.38
N VAL J 1040 55.11 -126.24 61.31
CA VAL J 1040 54.43 -127.54 61.20
C VAL J 1040 55.31 -128.56 60.48
N LEU J 1041 55.91 -128.18 59.35
CA LEU J 1041 56.77 -129.08 58.62
C LEU J 1041 58.16 -129.21 59.22
N GLY J 1042 58.47 -128.41 60.24
CA GLY J 1042 59.78 -128.49 60.87
C GLY J 1042 59.77 -127.72 62.17
N GLN J 1043 60.94 -127.73 62.82
CA GLN J 1043 61.14 -127.03 64.08
C GLN J 1043 61.94 -125.76 63.82
N SER J 1044 61.33 -124.61 64.10
CA SER J 1044 61.95 -123.32 63.80
C SER J 1044 62.72 -122.80 64.99
N LYS J 1045 63.91 -122.28 64.73
CA LYS J 1045 64.73 -121.63 65.74
C LYS J 1045 64.46 -120.14 65.86
N ARG J 1046 63.44 -119.65 65.17
CA ARG J 1046 63.10 -118.23 65.21
C ARG J 1046 62.29 -117.93 66.47
N VAL J 1047 62.69 -116.89 67.19
CA VAL J 1047 62.06 -116.54 68.46
C VAL J 1047 60.73 -115.85 68.19
N ASP J 1048 59.71 -116.23 68.96
CA ASP J 1048 58.38 -115.64 68.91
C ASP J 1048 57.71 -115.80 67.54
N PHE J 1049 58.20 -116.71 66.72
CA PHE J 1049 57.56 -116.97 65.43
C PHE J 1049 56.52 -118.10 65.55
N CYS J 1050 56.93 -119.25 66.08
CA CYS J 1050 56.01 -120.35 66.32
C CYS J 1050 55.56 -120.35 67.79
N GLY J 1051 54.86 -119.29 68.16
CA GLY J 1051 54.34 -119.15 69.50
C GLY J 1051 55.38 -118.64 70.48
N LYS J 1052 54.91 -118.31 71.68
CA LYS J 1052 55.78 -117.78 72.72
C LYS J 1052 56.50 -118.91 73.43
N GLY J 1053 57.82 -118.82 73.49
CA GLY J 1053 58.65 -119.84 74.10
C GLY J 1053 59.41 -120.65 73.07
N TYR J 1054 60.20 -121.59 73.57
CA TYR J 1054 60.99 -122.47 72.72
C TYR J 1054 60.06 -123.42 71.96
N HIS J 1055 60.01 -123.27 70.65
CA HIS J 1055 59.07 -124.04 69.84
C HIS J 1055 59.45 -125.51 69.79
N LEU J 1056 58.49 -126.37 70.13
CA LEU J 1056 58.66 -127.82 70.01
C LEU J 1056 57.96 -128.35 68.76
N MET J 1057 56.65 -128.12 68.64
CA MET J 1057 55.88 -128.61 67.52
C MET J 1057 54.66 -127.72 67.35
N SER J 1058 54.05 -127.79 66.16
CA SER J 1058 52.87 -126.99 65.85
C SER J 1058 51.85 -127.86 65.14
N PHE J 1059 50.57 -127.59 65.42
CA PHE J 1059 49.47 -128.33 64.82
C PHE J 1059 48.51 -127.35 64.19
N PRO J 1060 48.33 -127.38 62.87
CA PRO J 1060 47.36 -126.48 62.24
C PRO J 1060 45.93 -126.92 62.51
N GLN J 1061 45.02 -125.96 62.43
CA GLN J 1061 43.60 -126.21 62.60
C GLN J 1061 42.83 -125.40 61.56
N SER J 1062 41.83 -126.02 60.96
CA SER J 1062 41.03 -125.34 59.95
C SER J 1062 40.10 -124.32 60.62
N ALA J 1063 39.88 -123.21 59.94
CA ALA J 1063 39.04 -122.13 60.43
C ALA J 1063 38.43 -121.41 59.25
N PRO J 1064 37.25 -120.80 59.41
CA PRO J 1064 36.63 -120.09 58.29
C PRO J 1064 37.49 -118.93 57.82
N HIS J 1065 37.96 -119.03 56.58
CA HIS J 1065 38.79 -118.00 55.95
C HIS J 1065 40.07 -117.74 56.74
N GLY J 1066 40.62 -118.77 57.36
CA GLY J 1066 41.85 -118.61 58.11
C GLY J 1066 42.40 -119.93 58.57
N VAL J 1067 43.39 -119.85 59.45
CA VAL J 1067 44.04 -121.02 60.01
C VAL J 1067 44.46 -120.72 61.44
N VAL J 1068 44.39 -121.72 62.30
CA VAL J 1068 44.75 -121.59 63.71
C VAL J 1068 45.86 -122.58 64.00
N PHE J 1069 47.00 -122.07 64.46
CA PHE J 1069 48.15 -122.90 64.80
C PHE J 1069 48.22 -123.10 66.31
N LEU J 1070 48.42 -124.35 66.73
CA LEU J 1070 48.60 -124.69 68.14
C LEU J 1070 50.09 -124.89 68.37
N HIS J 1071 50.77 -123.82 68.77
CA HIS J 1071 52.22 -123.84 68.95
C HIS J 1071 52.56 -124.49 70.28
N VAL J 1072 52.98 -125.75 70.24
CA VAL J 1072 53.46 -126.44 71.43
C VAL J 1072 54.85 -125.94 71.75
N THR J 1073 55.00 -125.22 72.86
CA THR J 1073 56.25 -124.56 73.21
C THR J 1073 56.77 -125.08 74.54
N TYR J 1074 58.10 -125.11 74.66
CA TYR J 1074 58.78 -125.52 75.88
C TYR J 1074 59.01 -124.27 76.72
N VAL J 1075 58.21 -124.10 77.77
CA VAL J 1075 58.29 -122.93 78.64
C VAL J 1075 59.00 -123.33 79.92
N PRO J 1076 60.19 -122.81 80.20
CA PRO J 1076 60.86 -123.12 81.45
C PRO J 1076 60.11 -122.57 82.65
N ALA J 1077 60.27 -123.23 83.79
CA ALA J 1077 59.58 -122.82 85.01
C ALA J 1077 60.38 -123.33 86.21
N GLN J 1078 60.08 -122.75 87.37
CA GLN J 1078 60.71 -123.10 88.64
C GLN J 1078 62.24 -122.98 88.54
N GLU J 1079 62.69 -121.80 88.14
CA GLU J 1079 64.12 -121.54 88.00
C GLU J 1079 64.75 -121.30 89.36
N LYS J 1080 66.03 -121.65 89.46
CA LYS J 1080 66.80 -121.45 90.69
C LYS J 1080 68.11 -120.74 90.35
N ASN J 1081 68.55 -119.86 91.24
CA ASN J 1081 69.78 -119.12 91.04
C ASN J 1081 70.97 -119.94 91.50
N PHE J 1082 71.99 -120.03 90.64
CA PHE J 1082 73.20 -120.78 90.94
C PHE J 1082 74.42 -119.91 90.67
N THR J 1083 75.48 -120.16 91.42
CA THR J 1083 76.75 -119.48 91.20
C THR J 1083 77.49 -120.14 90.04
N THR J 1084 77.95 -119.34 89.10
CA THR J 1084 78.56 -119.85 87.88
C THR J 1084 80.00 -119.35 87.75
N ALA J 1085 80.79 -120.12 87.00
CA ALA J 1085 82.16 -119.79 86.70
C ALA J 1085 82.42 -120.01 85.21
N PRO J 1086 83.12 -119.09 84.55
CA PRO J 1086 83.36 -119.25 83.10
C PRO J 1086 84.16 -120.50 82.75
N ALA J 1087 85.19 -120.82 83.53
CA ALA J 1087 86.01 -121.99 83.24
C ALA J 1087 86.62 -122.51 84.55
N ILE J 1088 87.37 -123.59 84.44
CA ILE J 1088 87.93 -124.29 85.60
C ILE J 1088 89.35 -124.73 85.26
N CYS J 1089 90.28 -124.49 86.19
CA CYS J 1089 91.67 -124.89 86.04
C CYS J 1089 91.90 -126.17 86.85
N HIS J 1090 92.09 -127.29 86.16
CA HIS J 1090 92.40 -128.54 86.84
C HIS J 1090 93.89 -128.64 87.18
N ASP J 1091 94.73 -128.61 86.15
CA ASP J 1091 96.18 -128.69 86.32
C ASP J 1091 96.87 -127.52 85.62
N GLY J 1092 96.35 -126.30 85.84
CA GLY J 1092 96.88 -125.12 85.20
C GLY J 1092 96.36 -124.87 83.80
N LYS J 1093 95.45 -125.70 83.30
CA LYS J 1093 94.87 -125.54 81.98
C LYS J 1093 93.36 -125.31 82.10
N ALA J 1094 92.84 -124.39 81.31
CA ALA J 1094 91.44 -124.02 81.38
C ALA J 1094 90.57 -125.05 80.67
N HIS J 1095 89.49 -125.47 81.32
CA HIS J 1095 88.53 -126.40 80.75
C HIS J 1095 87.20 -125.69 80.58
N PHE J 1096 86.68 -125.71 79.34
CA PHE J 1096 85.42 -125.07 79.02
C PHE J 1096 84.33 -126.11 78.81
N PRO J 1097 83.10 -125.83 79.23
CA PRO J 1097 82.02 -126.82 79.08
C PRO J 1097 81.66 -127.01 77.62
N ARG J 1098 81.68 -128.27 77.17
CA ARG J 1098 81.32 -128.57 75.79
C ARG J 1098 79.85 -128.30 75.52
N GLU J 1099 78.99 -128.63 76.47
CA GLU J 1099 77.55 -128.39 76.33
C GLU J 1099 76.99 -128.13 77.72
N GLY J 1100 76.63 -126.88 77.99
CA GLY J 1100 76.10 -126.48 79.27
C GLY J 1100 76.96 -125.43 79.94
N VAL J 1101 76.68 -125.19 81.22
CA VAL J 1101 77.40 -124.20 82.00
C VAL J 1101 77.74 -124.79 83.36
N PHE J 1102 78.73 -124.19 84.01
CA PHE J 1102 79.14 -124.61 85.35
C PHE J 1102 78.26 -123.94 86.40
N VAL J 1103 77.74 -124.74 87.33
CA VAL J 1103 76.88 -124.24 88.39
C VAL J 1103 77.43 -124.68 89.74
N SER J 1104 77.12 -123.90 90.77
CA SER J 1104 77.56 -124.18 92.12
C SER J 1104 76.40 -124.03 93.09
N ASN J 1105 76.15 -125.06 93.89
CA ASN J 1105 75.07 -125.04 94.87
C ASN J 1105 75.53 -124.57 96.24
N GLY J 1106 76.75 -124.04 96.35
CA GLY J 1106 77.23 -123.51 97.61
C GLY J 1106 78.59 -124.06 98.02
N THR J 1107 78.81 -125.35 97.77
CA THR J 1107 80.06 -125.99 98.14
C THR J 1107 80.71 -126.81 97.04
N HIS J 1108 79.96 -127.26 96.05
CA HIS J 1108 80.49 -128.07 94.96
C HIS J 1108 80.15 -127.42 93.62
N TRP J 1109 80.77 -127.93 92.57
CA TRP J 1109 80.55 -127.44 91.22
C TRP J 1109 80.15 -128.57 90.29
N PHE J 1110 79.18 -128.30 89.42
CA PHE J 1110 78.71 -129.28 88.46
C PHE J 1110 78.43 -128.59 87.14
N VAL J 1111 78.32 -129.39 86.08
CA VAL J 1111 78.03 -128.90 84.74
C VAL J 1111 76.67 -129.45 84.33
N THR J 1112 75.70 -128.56 84.15
CA THR J 1112 74.34 -128.94 83.79
C THR J 1112 73.95 -128.29 82.48
N GLN J 1113 72.82 -128.74 81.94
CA GLN J 1113 72.30 -128.17 80.70
C GLN J 1113 71.88 -126.73 80.91
N ARG J 1114 71.71 -126.01 79.81
CA ARG J 1114 71.37 -124.60 79.87
C ARG J 1114 69.88 -124.36 80.08
N ASN J 1115 69.03 -125.34 79.81
CA ASN J 1115 67.59 -125.18 79.95
C ASN J 1115 66.97 -126.22 80.89
N PHE J 1116 67.79 -127.03 81.56
CA PHE J 1116 67.29 -128.01 82.51
C PHE J 1116 68.37 -128.31 83.53
N TYR J 1117 67.97 -128.48 84.78
CA TYR J 1117 68.91 -128.71 85.88
C TYR J 1117 69.26 -130.18 85.95
N GLU J 1118 70.51 -130.51 85.61
CA GLU J 1118 71.01 -131.88 85.70
C GLU J 1118 72.48 -131.81 86.08
N PRO J 1119 72.78 -131.72 87.38
CA PRO J 1119 74.17 -131.50 87.84
C PRO J 1119 75.05 -132.74 87.75
N GLN J 1120 75.58 -132.97 86.55
CA GLN J 1120 76.49 -134.09 86.35
C GLN J 1120 77.90 -133.73 86.80
N ILE J 1121 78.73 -134.76 86.98
CA ILE J 1121 80.09 -134.54 87.46
C ILE J 1121 80.92 -133.84 86.41
N ILE J 1122 81.97 -133.14 86.86
CA ILE J 1122 82.85 -132.40 85.98
C ILE J 1122 84.04 -133.30 85.66
N THR J 1123 84.05 -133.87 84.46
CA THR J 1123 85.12 -134.74 84.00
C THR J 1123 85.78 -134.15 82.77
N THR J 1124 86.87 -134.79 82.34
CA THR J 1124 87.60 -134.35 81.15
C THR J 1124 86.88 -134.69 79.86
N ASP J 1125 85.76 -135.41 79.92
CA ASP J 1125 85.03 -135.76 78.71
C ASP J 1125 84.18 -134.59 78.22
N ASN J 1126 83.30 -134.08 79.08
CA ASN J 1126 82.42 -132.97 78.72
C ASN J 1126 83.10 -131.61 78.82
N THR J 1127 84.39 -131.56 79.16
CA THR J 1127 85.13 -130.31 79.27
C THR J 1127 86.36 -130.40 78.40
N PHE J 1128 86.40 -129.61 77.34
CA PHE J 1128 87.55 -129.57 76.44
C PHE J 1128 88.54 -128.51 76.89
N VAL J 1129 89.83 -128.81 76.76
CA VAL J 1129 90.89 -127.93 77.23
C VAL J 1129 91.35 -127.04 76.10
N SER J 1130 91.51 -125.75 76.38
CA SER J 1130 92.01 -124.80 75.40
C SER J 1130 92.58 -123.60 76.15
N GLY J 1131 93.90 -123.42 76.08
CA GLY J 1131 94.56 -122.34 76.77
C GLY J 1131 94.95 -122.69 78.20
N ASN J 1132 95.78 -121.83 78.77
CA ASN J 1132 96.26 -122.01 80.13
C ASN J 1132 95.25 -121.44 81.12
N CYS J 1133 95.65 -121.28 82.39
CA CYS J 1133 94.69 -120.97 83.44
C CYS J 1133 94.32 -119.48 83.49
N ASP J 1134 95.32 -118.61 83.39
CA ASP J 1134 95.08 -117.17 83.55
C ASP J 1134 94.55 -116.47 82.31
N VAL J 1135 93.89 -117.21 81.42
CA VAL J 1135 93.29 -116.57 80.25
C VAL J 1135 91.91 -116.04 80.54
N VAL J 1136 91.28 -116.45 81.65
CA VAL J 1136 89.95 -115.99 82.02
C VAL J 1136 90.06 -115.19 83.31
N ILE J 1137 89.34 -114.08 83.37
CA ILE J 1137 89.44 -113.20 84.54
C ILE J 1137 88.65 -113.76 85.71
N GLY J 1138 87.56 -114.50 85.46
CA GLY J 1138 86.76 -115.04 86.53
C GLY J 1138 86.92 -116.54 86.69
N ILE J 1139 88.09 -117.06 86.34
CA ILE J 1139 88.32 -118.49 86.40
C ILE J 1139 88.49 -118.93 87.85
N VAL J 1140 88.29 -120.22 88.10
CA VAL J 1140 88.34 -120.80 89.43
C VAL J 1140 89.30 -121.98 89.41
N ASN J 1141 89.42 -122.65 90.56
CA ASN J 1141 90.33 -123.76 90.75
C ASN J 1141 89.59 -125.02 91.20
N ASN J 1142 88.46 -125.30 90.56
CA ASN J 1142 87.69 -126.49 90.91
C ASN J 1142 88.39 -127.74 90.41
N THR J 1143 88.02 -128.88 90.99
CA THR J 1143 88.60 -130.16 90.62
C THR J 1143 87.84 -130.76 89.44
N VAL J 1144 88.55 -131.54 88.63
CA VAL J 1144 87.99 -132.20 87.45
C VAL J 1144 88.34 -133.67 87.53
N TYR J 1145 87.32 -134.52 87.49
CA TYR J 1145 87.52 -135.97 87.58
C TYR J 1145 88.04 -136.52 86.26
N ASP J 1146 88.72 -137.67 86.35
CA ASP J 1146 89.28 -138.33 85.19
C ASP J 1146 88.59 -139.66 84.98
N PRO J 1147 87.95 -139.90 83.84
CA PRO J 1147 87.26 -141.18 83.63
C PRO J 1147 88.17 -142.39 83.67
N LEU J 1148 89.46 -142.23 83.37
CA LEU J 1148 90.41 -143.33 83.42
C LEU J 1148 91.19 -143.38 84.73
N GLN J 1149 90.70 -142.69 85.76
CA GLN J 1149 91.41 -142.71 87.04
C GLN J 1149 91.23 -144.02 87.80
N PRO J 1150 90.02 -144.54 88.03
CA PRO J 1150 89.90 -145.78 88.80
C PRO J 1150 90.34 -147.03 88.05
N GLU J 1151 90.86 -146.91 86.84
CA GLU J 1151 91.31 -148.06 86.08
C GLU J 1151 92.78 -147.93 85.69
N GLN K 25 50.94 -25.76 17.90
CA GLN K 25 51.45 -24.88 18.94
C GLN K 25 52.76 -25.44 19.52
N CYS K 26 52.86 -26.76 19.55
CA CYS K 26 54.05 -27.41 20.08
C CYS K 26 55.22 -27.25 19.11
N VAL K 27 56.43 -27.40 19.65
CA VAL K 27 57.66 -27.37 18.87
C VAL K 27 58.29 -28.76 18.93
N ASN K 28 58.64 -29.29 17.76
CA ASN K 28 59.17 -30.64 17.65
C ASN K 28 60.69 -30.58 17.69
N LEU K 29 61.26 -30.67 18.90
CA LEU K 29 62.70 -30.67 19.06
C LEU K 29 63.17 -31.67 20.11
N ILE K 30 62.29 -32.51 20.65
CA ILE K 30 62.66 -33.45 21.70
C ILE K 30 63.05 -34.82 21.17
N THR K 31 62.78 -35.11 19.90
CA THR K 31 63.05 -36.42 19.35
C THR K 31 64.55 -36.69 19.31
N ARG K 32 64.94 -37.90 19.71
CA ARG K 32 66.35 -38.30 19.70
C ARG K 32 66.40 -39.83 19.60
N THR K 33 67.61 -40.34 19.37
CA THR K 33 67.80 -41.77 19.13
C THR K 33 67.64 -42.55 20.43
N GLN K 34 67.87 -43.86 20.33
CA GLN K 34 67.68 -44.80 21.43
C GLN K 34 69.02 -45.44 21.79
N SER K 35 68.96 -46.38 22.75
CA SER K 35 70.13 -47.13 23.19
C SER K 35 69.64 -48.38 23.90
N TYR K 36 70.58 -49.14 24.45
CA TYR K 36 70.25 -50.37 25.16
C TYR K 36 71.21 -50.55 26.32
N THR K 37 70.76 -51.27 27.34
CA THR K 37 71.55 -51.51 28.55
C THR K 37 71.09 -52.79 29.20
N ASN K 38 71.99 -53.37 30.01
CA ASN K 38 71.71 -54.60 30.72
C ASN K 38 71.00 -54.29 32.03
N SER K 39 69.88 -54.97 32.28
CA SER K 39 69.08 -54.73 33.47
C SER K 39 69.48 -55.72 34.57
N PHE K 40 68.65 -55.81 35.61
CA PHE K 40 68.85 -56.75 36.70
C PHE K 40 67.48 -57.24 37.14
N THR K 41 67.40 -57.82 38.34
CA THR K 41 66.14 -58.33 38.88
C THR K 41 65.28 -57.15 39.34
N ARG K 42 64.71 -56.45 38.36
CA ARG K 42 63.87 -55.29 38.60
C ARG K 42 62.47 -55.54 38.05
N GLY K 43 61.50 -54.79 38.56
CA GLY K 43 60.13 -54.90 38.13
C GLY K 43 59.26 -55.80 38.97
N VAL K 44 59.76 -56.32 40.08
CA VAL K 44 58.98 -57.20 40.95
C VAL K 44 58.01 -56.35 41.77
N TYR K 45 56.73 -56.71 41.71
CA TYR K 45 55.69 -55.98 42.42
C TYR K 45 54.77 -56.97 43.13
N TYR K 46 53.88 -56.44 43.96
CA TYR K 46 52.90 -57.25 44.67
C TYR K 46 51.74 -57.57 43.76
N PRO K 47 51.55 -58.83 43.38
CA PRO K 47 50.44 -59.17 42.46
C PRO K 47 49.07 -59.05 43.09
N ASP K 48 48.98 -59.05 44.42
CA ASP K 48 47.68 -58.94 45.09
C ASP K 48 47.86 -58.17 46.39
N LYS K 49 46.75 -57.66 46.90
CA LYS K 49 46.74 -56.89 48.14
C LYS K 49 46.48 -57.77 49.36
N VAL K 50 47.30 -58.81 49.51
CA VAL K 50 47.16 -59.76 50.60
C VAL K 50 48.45 -59.76 51.42
N PHE K 51 48.37 -60.34 52.61
CA PHE K 51 49.49 -60.44 53.52
C PHE K 51 49.94 -61.88 53.62
N ARG K 52 51.25 -62.10 53.48
CA ARG K 52 51.85 -63.41 53.66
C ARG K 52 53.16 -63.25 54.43
N SER K 53 53.40 -64.14 55.38
CA SER K 53 54.56 -64.05 56.25
C SER K 53 55.29 -65.39 56.30
N SER K 54 56.60 -65.35 56.11
CA SER K 54 57.48 -66.51 56.22
C SER K 54 57.08 -67.63 55.27
N VAL K 55 56.42 -67.29 54.16
CA VAL K 55 55.97 -68.27 53.18
C VAL K 55 56.31 -67.78 51.79
N LEU K 56 56.32 -68.71 50.84
CA LEU K 56 56.57 -68.41 49.44
C LEU K 56 55.26 -68.49 48.65
N HIS K 57 55.20 -67.74 47.57
CA HIS K 57 54.02 -67.72 46.71
C HIS K 57 54.45 -67.75 45.26
N SER K 58 53.88 -68.67 44.49
CA SER K 58 54.20 -68.83 43.07
C SER K 58 53.06 -68.22 42.26
N THR K 59 53.18 -66.92 41.97
CA THR K 59 52.18 -66.21 41.19
C THR K 59 52.60 -66.13 39.73
N HIS K 60 51.60 -66.14 38.85
CA HIS K 60 51.81 -66.07 37.40
C HIS K 60 51.07 -64.84 36.89
N ASP K 61 51.81 -63.75 36.70
CA ASP K 61 51.22 -62.49 36.24
C ASP K 61 52.23 -61.79 35.34
N LEU K 62 51.78 -60.68 34.76
CA LEU K 62 52.64 -59.88 33.88
C LEU K 62 53.76 -59.25 34.70
N PHE K 63 54.99 -59.71 34.48
CA PHE K 63 56.17 -59.20 35.17
C PHE K 63 57.25 -58.89 34.15
N LEU K 64 58.31 -58.24 34.62
CA LEU K 64 59.48 -57.98 33.80
C LEU K 64 60.48 -59.11 33.97
N PRO K 65 60.84 -59.84 32.91
CA PRO K 65 61.75 -60.97 33.07
C PRO K 65 63.10 -60.54 33.61
N PHE K 66 63.70 -61.40 34.43
CA PHE K 66 65.01 -61.12 34.99
C PHE K 66 66.08 -61.15 33.90
N PHE K 67 67.02 -60.21 33.98
CA PHE K 67 68.11 -60.09 33.02
C PHE K 67 67.57 -59.91 31.60
N SER K 68 66.67 -58.94 31.44
CA SER K 68 66.06 -58.65 30.16
C SER K 68 66.79 -57.50 29.48
N ASN K 69 66.36 -57.18 28.27
CA ASN K 69 66.96 -56.12 27.46
C ASN K 69 66.04 -54.90 27.51
N VAL K 70 66.46 -53.88 28.24
CA VAL K 70 65.67 -52.67 28.45
C VAL K 70 66.14 -51.60 27.48
N THR K 71 65.19 -50.92 26.83
CA THR K 71 65.49 -49.86 25.88
C THR K 71 65.77 -48.58 26.64
N TRP K 72 67.05 -48.21 26.76
CA TRP K 72 67.44 -46.98 27.41
C TRP K 72 67.45 -45.84 26.39
N PHE K 73 66.86 -44.71 26.77
CA PHE K 73 66.76 -43.54 25.90
C PHE K 73 67.68 -42.45 26.46
N HIS K 74 68.94 -42.49 26.06
CA HIS K 74 69.94 -41.54 26.50
C HIS K 74 70.58 -40.86 25.30
N ALA K 75 70.83 -39.56 25.43
CA ALA K 75 71.44 -38.78 24.35
C ALA K 75 72.95 -38.87 24.40
N ARG K 86 66.19 -34.30 21.13
CA ARG K 86 67.29 -33.76 21.91
C ARG K 86 67.28 -34.34 23.32
N PHE K 87 66.09 -34.66 23.83
CA PHE K 87 65.92 -35.19 25.17
C PHE K 87 65.34 -36.61 25.15
N ASP K 88 65.56 -37.33 24.05
CA ASP K 88 65.23 -38.76 23.94
C ASP K 88 63.74 -39.02 24.17
N ASN K 89 62.92 -38.49 23.27
CA ASN K 89 61.46 -38.69 23.30
C ASN K 89 60.98 -39.25 21.98
N PRO K 90 61.15 -40.56 21.74
CA PRO K 90 60.52 -41.19 20.58
C PRO K 90 59.12 -41.69 20.90
N ALA K 91 58.48 -42.34 19.94
CA ALA K 91 57.15 -42.92 20.14
C ALA K 91 57.32 -44.41 20.44
N LEU K 92 56.84 -44.84 21.61
CA LEU K 92 56.99 -46.21 22.04
C LEU K 92 55.63 -46.90 22.14
N PRO K 93 55.53 -48.15 21.72
CA PRO K 93 54.26 -48.88 21.83
C PRO K 93 54.03 -49.38 23.24
N PHE K 94 52.88 -50.04 23.42
CA PHE K 94 52.47 -50.57 24.73
C PHE K 94 51.77 -51.90 24.47
N ASN K 95 52.52 -53.00 24.58
CA ASN K 95 51.96 -54.32 24.27
C ASN K 95 51.05 -54.81 25.38
N ASP K 96 51.62 -55.04 26.56
CA ASP K 96 50.84 -55.45 27.73
C ASP K 96 51.21 -54.70 29.00
N GLY K 97 52.40 -54.12 29.08
CA GLY K 97 52.83 -53.40 30.27
C GLY K 97 54.25 -52.91 30.14
N VAL K 98 54.52 -51.69 30.62
CA VAL K 98 55.84 -51.09 30.50
C VAL K 98 56.41 -50.86 31.89
N TYR K 99 57.74 -50.89 31.97
CA TYR K 99 58.48 -50.65 33.21
C TYR K 99 59.26 -49.36 33.03
N PHE K 100 58.76 -48.28 33.61
CA PHE K 100 59.40 -46.98 33.53
C PHE K 100 60.40 -46.82 34.66
N ALA K 101 61.53 -46.17 34.36
CA ALA K 101 62.56 -45.93 35.35
C ALA K 101 63.35 -44.69 34.97
N SER K 102 63.77 -43.92 35.97
CA SER K 102 64.52 -42.70 35.74
C SER K 102 65.21 -42.30 37.02
N THR K 103 66.29 -41.54 36.88
CA THR K 103 67.07 -41.01 37.99
C THR K 103 67.22 -39.50 37.85
N GLU K 104 66.11 -38.83 37.57
CA GLU K 104 66.12 -37.39 37.36
C GLU K 104 66.51 -36.68 38.66
N LYS K 105 67.46 -35.73 38.55
CA LYS K 105 67.84 -34.94 39.71
C LYS K 105 66.74 -33.96 40.09
N SER K 106 66.13 -33.31 39.11
CA SER K 106 65.02 -32.41 39.32
C SER K 106 63.77 -32.95 38.63
N ASN K 107 62.62 -32.41 39.02
CA ASN K 107 61.36 -32.87 38.47
C ASN K 107 61.16 -32.38 37.04
N ILE K 108 61.56 -33.19 36.07
CA ILE K 108 61.40 -32.85 34.67
C ILE K 108 60.38 -33.75 33.97
N ILE K 109 60.21 -34.99 34.43
CA ILE K 109 59.20 -35.90 33.87
C ILE K 109 57.95 -35.72 34.72
N ARG K 110 57.04 -34.87 34.26
CA ARG K 110 55.84 -34.51 35.02
C ARG K 110 54.65 -35.40 34.68
N GLY K 111 54.88 -36.63 34.25
CA GLY K 111 53.81 -37.55 33.99
C GLY K 111 54.01 -38.27 32.67
N TRP K 112 52.95 -38.96 32.23
CA TRP K 112 52.98 -39.73 31.00
C TRP K 112 51.66 -39.57 30.28
N ILE K 113 51.63 -40.00 29.03
CA ILE K 113 50.43 -40.00 28.20
C ILE K 113 50.16 -41.42 27.73
N PHE K 114 48.90 -41.82 27.78
CA PHE K 114 48.50 -43.18 27.41
C PHE K 114 47.29 -43.14 26.50
N GLY K 115 47.29 -44.03 25.51
CA GLY K 115 46.17 -44.11 24.58
C GLY K 115 46.52 -45.01 23.41
N THR K 116 45.60 -45.04 22.45
CA THR K 116 45.77 -45.85 21.24
C THR K 116 45.95 -44.96 20.01
N THR K 117 45.02 -44.05 19.76
CA THR K 117 45.08 -43.14 18.61
C THR K 117 44.88 -41.72 19.14
N LEU K 118 45.98 -41.08 19.51
CA LEU K 118 45.94 -39.74 20.13
C LEU K 118 45.78 -38.68 19.04
N ASP K 119 44.58 -38.67 18.44
CA ASP K 119 44.24 -37.68 17.42
C ASP K 119 42.82 -37.17 17.59
N SER K 120 42.36 -37.06 18.84
CA SER K 120 41.00 -36.61 19.18
C SER K 120 39.92 -37.52 18.60
N LYS K 121 40.27 -38.77 18.29
CA LYS K 121 39.32 -39.74 17.78
C LYS K 121 39.11 -40.92 18.71
N THR K 122 39.96 -41.10 19.72
CA THR K 122 39.85 -42.19 20.67
C THR K 122 40.17 -41.68 22.06
N GLN K 123 39.45 -42.19 23.06
CA GLN K 123 39.66 -41.76 24.43
C GLN K 123 41.05 -42.14 24.90
N SER K 124 41.71 -41.21 25.59
CA SER K 124 43.09 -41.40 26.03
C SER K 124 43.22 -41.07 27.51
N LEU K 125 44.27 -41.59 28.12
CA LEU K 125 44.57 -41.38 29.53
C LEU K 125 45.76 -40.44 29.65
N LEU K 126 45.66 -39.46 30.54
CA LEU K 126 46.72 -38.48 30.76
C LEU K 126 47.09 -38.45 32.23
N ILE K 127 48.39 -38.36 32.51
CA ILE K 127 48.91 -38.23 33.86
C ILE K 127 49.78 -36.98 33.90
N VAL K 128 49.40 -36.01 34.72
CA VAL K 128 50.11 -34.75 34.84
C VAL K 128 50.45 -34.52 36.30
N ASN K 129 51.72 -34.27 36.59
CA ASN K 129 52.15 -34.00 37.95
C ASN K 129 51.85 -32.54 38.32
N ASN K 130 52.17 -32.19 39.55
CA ASN K 130 51.91 -30.84 40.07
C ASN K 130 52.97 -30.53 41.12
N ALA K 131 52.73 -29.50 41.92
CA ALA K 131 53.67 -29.13 42.98
C ALA K 131 53.58 -30.11 44.15
N THR K 132 52.39 -30.23 44.74
CA THR K 132 52.19 -31.08 45.91
C THR K 132 50.95 -31.96 45.81
N ASN K 133 50.25 -31.96 44.66
CA ASN K 133 49.04 -32.77 44.51
C ASN K 133 48.91 -33.16 43.05
N VAL K 134 49.37 -34.37 42.72
CA VAL K 134 49.33 -34.85 41.34
C VAL K 134 47.88 -35.02 40.92
N VAL K 135 47.61 -34.71 39.65
CA VAL K 135 46.26 -34.81 39.09
C VAL K 135 46.23 -35.91 38.05
N ILE K 136 45.08 -36.56 37.92
CA ILE K 136 44.86 -37.61 36.93
C ILE K 136 43.57 -37.28 36.17
N LYS K 137 43.62 -37.43 34.86
CA LYS K 137 42.46 -37.14 34.03
C LYS K 137 42.42 -38.09 32.83
N VAL K 138 41.21 -38.53 32.48
CA VAL K 138 40.97 -39.38 31.33
C VAL K 138 40.03 -38.62 30.41
N CYS K 139 40.51 -38.25 29.23
CA CYS K 139 39.75 -37.40 28.33
C CYS K 139 40.31 -37.54 26.93
N GLU K 140 39.45 -37.28 25.94
CA GLU K 140 39.80 -37.43 24.54
C GLU K 140 39.90 -36.06 23.88
N PHE K 141 41.07 -35.76 23.32
CA PHE K 141 41.28 -34.52 22.58
C PHE K 141 42.50 -34.70 21.70
N GLN K 142 42.85 -33.64 20.97
CA GLN K 142 43.95 -33.68 20.03
C GLN K 142 45.29 -33.54 20.75
N PHE K 143 46.25 -34.35 20.34
CA PHE K 143 47.62 -34.28 20.84
C PHE K 143 48.55 -33.85 19.72
N CYS K 144 49.55 -33.04 20.06
CA CYS K 144 50.52 -32.60 19.08
C CYS K 144 51.61 -33.65 18.90
N ASN K 145 52.59 -33.33 18.05
CA ASN K 145 53.64 -34.30 17.73
C ASN K 145 54.50 -34.60 18.96
N ASP K 146 55.14 -33.58 19.52
CA ASP K 146 56.00 -33.72 20.69
C ASP K 146 55.38 -32.96 21.86
N PRO K 147 54.52 -33.60 22.65
CA PRO K 147 53.94 -32.89 23.80
C PRO K 147 54.96 -32.71 24.91
N PHE K 148 54.96 -31.51 25.48
CA PHE K 148 55.88 -31.16 26.56
C PHE K 148 55.19 -30.21 27.52
N LEU K 149 55.52 -30.33 28.80
CA LEU K 149 54.92 -29.49 29.83
C LEU K 149 55.58 -28.12 29.78
N ASP K 150 54.80 -27.10 29.44
CA ASP K 150 55.32 -25.74 29.38
C ASP K 150 55.34 -25.13 30.77
N VAL K 151 56.48 -24.54 31.14
CA VAL K 151 56.68 -23.93 32.44
C VAL K 151 56.86 -22.43 32.26
N TYR K 152 56.24 -21.66 33.15
CA TYR K 152 56.24 -20.19 33.08
C TYR K 152 55.75 -19.70 31.73
N MET K 160 55.91 -19.12 39.65
CA MET K 160 54.67 -19.24 38.91
C MET K 160 54.45 -20.68 38.45
N GLU K 161 55.11 -21.05 37.35
CA GLU K 161 55.04 -22.40 36.78
C GLU K 161 53.61 -22.79 36.43
N SER K 162 52.81 -21.83 35.98
CA SER K 162 51.41 -22.05 35.61
C SER K 162 51.30 -21.94 34.09
N GLU K 163 51.42 -23.07 33.40
CA GLU K 163 51.36 -23.09 31.95
C GLU K 163 51.24 -24.54 31.50
N PHE K 164 50.70 -24.73 30.29
CA PHE K 164 50.58 -26.07 29.72
C PHE K 164 50.46 -25.93 28.21
N ARG K 165 51.11 -26.84 27.48
CA ARG K 165 51.07 -26.81 26.01
C ARG K 165 50.94 -28.22 25.42
N VAL K 166 50.33 -29.16 26.15
CA VAL K 166 50.28 -30.53 25.66
C VAL K 166 49.04 -30.79 24.82
N TYR K 167 47.93 -30.10 25.09
CA TYR K 167 46.70 -30.28 24.35
C TYR K 167 46.14 -28.92 23.96
N SER K 168 45.06 -28.93 23.17
CA SER K 168 44.43 -27.70 22.72
C SER K 168 42.93 -27.72 22.99
N SER K 169 42.32 -28.90 22.98
CA SER K 169 40.89 -29.05 23.16
C SER K 169 40.61 -29.98 24.34
N ALA K 170 39.33 -30.23 24.60
CA ALA K 170 38.92 -31.08 25.70
C ALA K 170 37.57 -31.71 25.35
N ASN K 171 37.12 -32.61 26.22
CA ASN K 171 35.86 -33.31 26.02
C ASN K 171 35.28 -33.64 27.38
N ASN K 172 34.36 -34.62 27.43
CA ASN K 172 33.64 -34.97 28.64
C ASN K 172 34.54 -35.08 29.88
N CYS K 173 35.72 -35.68 29.72
CA CYS K 173 36.70 -35.79 30.80
C CYS K 173 36.10 -36.54 31.99
N THR K 174 35.77 -37.82 31.76
CA THR K 174 35.05 -38.66 32.71
C THR K 174 35.89 -39.08 33.92
N PHE K 175 37.10 -38.55 34.15
CA PHE K 175 37.88 -38.91 35.32
C PHE K 175 38.68 -37.70 35.77
N GLU K 176 38.62 -37.41 37.07
CA GLU K 176 39.31 -36.23 37.62
C GLU K 176 39.95 -36.55 38.96
N TYR K 177 40.42 -37.78 39.15
CA TYR K 177 41.02 -38.16 40.43
C TYR K 177 42.29 -37.37 40.69
N VAL K 178 42.45 -36.91 41.93
CA VAL K 178 43.63 -36.17 42.37
C VAL K 178 44.10 -36.75 43.69
N SER K 179 45.42 -36.68 43.91
CA SER K 179 46.04 -37.21 45.11
C SER K 179 47.44 -36.62 45.22
N GLN K 180 48.20 -37.10 46.21
CA GLN K 180 49.57 -36.65 46.39
C GLN K 180 50.51 -37.38 45.43
N PRO K 181 51.60 -36.71 45.00
CA PRO K 181 52.59 -37.32 44.10
C PRO K 181 53.23 -38.57 44.69
N ASN K 195 68.03 -41.85 44.10
CA ASN K 195 66.84 -41.19 43.59
C ASN K 195 66.27 -41.92 42.38
N LEU K 196 66.44 -43.24 42.37
CA LEU K 196 65.94 -44.05 41.26
C LEU K 196 64.43 -44.17 41.32
N ARG K 197 63.77 -43.87 40.21
CA ARG K 197 62.33 -44.00 40.09
C ARG K 197 61.99 -45.34 39.44
N GLU K 198 60.84 -45.89 39.82
CA GLU K 198 60.38 -47.17 39.31
C GLU K 198 58.88 -47.11 39.10
N PHE K 199 58.42 -47.60 37.95
CA PHE K 199 57.00 -47.58 37.62
C PHE K 199 56.65 -48.81 36.79
N VAL K 200 55.41 -49.28 36.95
CA VAL K 200 54.88 -50.39 36.17
C VAL K 200 53.42 -50.08 35.87
N PHE K 201 53.04 -50.12 34.60
CA PHE K 201 51.68 -49.87 34.16
C PHE K 201 51.11 -51.11 33.52
N LYS K 202 49.83 -51.38 33.78
CA LYS K 202 49.17 -52.57 33.29
C LYS K 202 47.74 -52.24 32.91
N ASN K 203 47.20 -53.02 31.97
CA ASN K 203 45.81 -52.89 31.52
C ASN K 203 45.21 -54.29 31.47
N ILE K 204 44.51 -54.68 32.54
CA ILE K 204 43.88 -55.98 32.63
C ILE K 204 42.55 -55.83 33.35
N ASP K 205 41.50 -56.41 32.79
CA ASP K 205 40.15 -56.34 33.34
C ASP K 205 39.68 -54.90 33.52
N GLY K 206 40.15 -54.00 32.66
CA GLY K 206 39.76 -52.60 32.71
C GLY K 206 40.49 -51.77 33.73
N TYR K 207 41.08 -52.38 34.75
CA TYR K 207 41.77 -51.63 35.79
C TYR K 207 43.18 -51.28 35.31
N PHE K 208 43.51 -49.99 35.35
CA PHE K 208 44.86 -49.52 34.99
C PHE K 208 45.65 -49.37 36.29
N LYS K 209 46.17 -50.50 36.76
CA LYS K 209 46.91 -50.53 38.01
C LYS K 209 48.32 -49.99 37.80
N ILE K 210 48.72 -49.04 38.65
CA ILE K 210 50.04 -48.43 38.59
C ILE K 210 50.82 -48.88 39.83
N TYR K 211 51.97 -49.50 39.60
CA TYR K 211 52.88 -49.91 40.66
C TYR K 211 54.12 -49.04 40.62
N SER K 212 54.61 -48.66 41.79
CA SER K 212 55.77 -47.77 41.87
C SER K 212 56.43 -47.91 43.23
N LYS K 213 57.73 -47.59 43.26
CA LYS K 213 58.49 -47.60 44.50
C LYS K 213 59.75 -46.78 44.30
N HIS K 214 59.97 -45.81 45.18
CA HIS K 214 61.14 -44.96 45.13
C HIS K 214 62.29 -45.61 45.89
N THR K 215 63.41 -45.82 45.22
CA THR K 215 64.58 -46.45 45.83
C THR K 215 65.79 -45.55 45.60
N PRO K 216 66.49 -45.13 46.65
CA PRO K 216 67.66 -44.27 46.47
C PRO K 216 68.88 -45.05 45.98
N ILE K 217 69.80 -44.31 45.36
CA ILE K 217 71.03 -44.89 44.86
C ILE K 217 72.22 -44.24 45.57
N ASN K 218 73.43 -44.68 45.23
CA ASN K 218 74.63 -44.16 45.87
C ASN K 218 75.63 -43.65 44.84
N LEU K 219 75.66 -44.30 43.67
CA LEU K 219 76.58 -43.91 42.61
C LEU K 219 75.83 -44.02 41.28
N GLU K 220 76.59 -44.00 40.18
CA GLU K 220 76.00 -44.12 38.86
C GLU K 220 75.19 -45.41 38.75
N ARG K 221 74.03 -45.32 38.10
CA ARG K 221 73.09 -46.42 38.04
C ARG K 221 73.11 -47.06 36.66
N ASP K 222 73.09 -48.39 36.65
CA ASP K 222 72.93 -49.18 35.44
C ASP K 222 72.01 -50.36 35.74
N LEU K 223 70.90 -50.08 36.44
CA LEU K 223 70.04 -51.09 37.04
C LEU K 223 70.90 -51.93 37.99
N PRO K 224 71.29 -51.37 39.13
CA PRO K 224 72.33 -51.99 39.95
C PRO K 224 71.91 -53.34 40.53
N GLN K 225 72.88 -54.02 41.12
CA GLN K 225 72.69 -55.35 41.69
C GLN K 225 71.95 -55.21 43.03
N GLY K 226 70.65 -55.03 42.92
CA GLY K 226 69.80 -54.88 44.11
C GLY K 226 68.40 -55.33 43.81
N PHE K 227 67.68 -55.72 44.87
CA PHE K 227 66.30 -56.17 44.76
C PHE K 227 65.39 -55.21 45.52
N SER K 228 64.23 -54.94 44.95
CA SER K 228 63.25 -54.05 45.57
C SER K 228 61.88 -54.32 44.96
N ALA K 229 60.87 -54.35 45.81
CA ALA K 229 59.50 -54.62 45.38
C ALA K 229 58.75 -53.32 45.11
N LEU K 230 57.78 -53.39 44.22
CA LEU K 230 56.97 -52.26 43.83
C LEU K 230 55.58 -52.37 44.45
N GLU K 231 55.10 -51.28 45.06
CA GLU K 231 53.81 -51.28 45.73
C GLU K 231 52.75 -50.64 44.84
N PRO K 232 51.52 -51.12 44.89
CA PRO K 232 50.45 -50.53 44.08
C PRO K 232 50.14 -49.11 44.52
N LEU K 233 50.01 -48.21 43.55
CA LEU K 233 49.80 -46.80 43.80
C LEU K 233 48.35 -46.37 43.55
N VAL K 234 47.77 -46.78 42.42
CA VAL K 234 46.41 -46.40 42.07
C VAL K 234 45.79 -47.53 41.26
N ASP K 235 44.46 -47.54 41.20
CA ASP K 235 43.71 -48.60 40.55
C ASP K 235 42.60 -48.01 39.68
N LEU K 236 42.97 -47.05 38.82
CA LEU K 236 42.06 -46.32 37.95
C LEU K 236 41.16 -47.26 37.15
N PRO K 237 39.86 -47.28 37.42
CA PRO K 237 38.93 -48.17 36.70
C PRO K 237 38.31 -47.50 35.47
N ILE K 238 39.13 -47.31 34.43
CA ILE K 238 38.67 -46.64 33.23
C ILE K 238 38.51 -47.59 32.04
N GLY K 239 39.37 -48.61 31.92
CA GLY K 239 39.25 -49.55 30.81
C GLY K 239 39.53 -48.91 29.47
N ILE K 240 40.63 -48.18 29.35
CA ILE K 240 41.00 -47.49 28.13
C ILE K 240 41.92 -48.37 27.31
N ASN K 241 41.68 -48.43 26.00
CA ASN K 241 42.55 -49.15 25.08
C ASN K 241 43.87 -48.40 24.98
N ILE K 242 44.90 -48.88 25.68
CA ILE K 242 46.20 -48.23 25.72
C ILE K 242 47.18 -49.11 24.96
N THR K 243 47.59 -48.63 23.78
CA THR K 243 48.58 -49.32 22.96
C THR K 243 49.82 -48.48 22.68
N ARG K 244 49.78 -47.19 22.96
CA ARG K 244 50.93 -46.30 22.78
C ARG K 244 51.08 -45.43 24.01
N PHE K 245 52.31 -44.96 24.25
CA PHE K 245 52.58 -44.07 25.37
C PHE K 245 53.82 -43.25 25.06
N GLN K 246 53.86 -42.05 25.62
CA GLN K 246 54.98 -41.13 25.44
C GLN K 246 55.34 -40.50 26.77
N THR K 247 56.64 -40.46 27.07
CA THR K 247 57.11 -39.86 28.31
C THR K 247 57.03 -38.34 28.22
N LEU K 248 56.27 -37.73 29.12
CA LEU K 248 56.05 -36.30 29.10
C LEU K 248 57.17 -35.58 29.85
N LEU K 249 57.75 -34.56 29.21
CA LEU K 249 58.83 -33.78 29.79
C LEU K 249 58.37 -32.35 30.04
N ALA K 250 59.20 -31.61 30.78
CA ALA K 250 58.94 -30.23 31.12
C ALA K 250 60.15 -29.38 30.76
N LEU K 251 59.89 -28.15 30.29
CA LEU K 251 60.96 -27.25 29.91
C LEU K 251 60.50 -25.82 30.12
N HIS K 252 61.47 -24.92 30.28
CA HIS K 252 61.18 -23.52 30.52
C HIS K 252 61.31 -22.71 29.22
N ALA K 269 69.39 -35.28 28.79
CA ALA K 269 69.14 -34.58 30.04
C ALA K 269 67.91 -35.13 30.74
N ALA K 270 67.15 -35.95 30.03
CA ALA K 270 65.92 -36.56 30.54
C ALA K 270 65.89 -38.05 30.20
N ALA K 271 67.00 -38.73 30.45
CA ALA K 271 67.09 -40.15 30.14
C ALA K 271 66.17 -40.96 31.03
N TYR K 272 65.53 -41.98 30.44
CA TYR K 272 64.64 -42.85 31.18
C TYR K 272 64.70 -44.25 30.57
N TYR K 273 64.04 -45.19 31.23
CA TYR K 273 64.03 -46.59 30.83
C TYR K 273 62.60 -47.04 30.54
N VAL K 274 62.47 -47.99 29.60
CA VAL K 274 61.19 -48.60 29.26
C VAL K 274 61.42 -50.09 29.09
N GLY K 275 60.71 -50.90 29.86
CA GLY K 275 60.83 -52.34 29.77
C GLY K 275 59.49 -53.03 29.61
N TYR K 276 59.34 -53.80 28.53
CA TYR K 276 58.08 -54.46 28.25
C TYR K 276 57.92 -55.70 29.14
N LEU K 277 56.74 -55.83 29.74
CA LEU K 277 56.47 -56.97 30.60
C LEU K 277 56.07 -58.19 29.77
N GLN K 278 56.22 -59.37 30.36
CA GLN K 278 55.91 -60.63 29.71
C GLN K 278 55.22 -61.54 30.71
N PRO K 279 54.29 -62.38 30.24
CA PRO K 279 53.65 -63.35 31.14
C PRO K 279 54.64 -64.36 31.69
N ARG K 280 54.92 -64.29 32.98
CA ARG K 280 55.90 -65.15 33.62
C ARG K 280 55.39 -65.59 34.98
N THR K 281 56.07 -66.57 35.56
CA THR K 281 55.77 -67.07 36.90
C THR K 281 56.94 -66.77 37.81
N PHE K 282 56.66 -66.22 38.99
CA PHE K 282 57.70 -65.83 39.94
C PHE K 282 57.41 -66.43 41.31
N LEU K 283 58.46 -66.83 42.00
CA LEU K 283 58.37 -67.39 43.35
C LEU K 283 58.82 -66.31 44.33
N LEU K 284 57.85 -65.60 44.90
CA LEU K 284 58.14 -64.49 45.80
C LEU K 284 58.38 -64.98 47.21
N LYS K 285 59.35 -64.36 47.88
CA LYS K 285 59.71 -64.69 49.26
C LYS K 285 59.26 -63.57 50.18
N TYR K 286 58.54 -63.94 51.25
CA TYR K 286 58.04 -62.98 52.23
C TYR K 286 58.77 -63.19 53.55
N ASN K 287 59.30 -62.12 54.11
CA ASN K 287 59.91 -62.16 55.44
C ASN K 287 58.81 -62.09 56.49
N GLU K 288 59.19 -61.87 57.76
CA GLU K 288 58.19 -61.69 58.80
C GLU K 288 57.71 -60.25 58.82
N ASN K 289 57.40 -59.71 57.65
CA ASN K 289 56.82 -58.38 57.53
C ASN K 289 55.72 -58.28 56.48
N GLY K 290 55.58 -59.26 55.58
CA GLY K 290 54.69 -59.14 54.46
C GLY K 290 55.30 -58.47 53.25
N THR K 291 56.62 -58.45 53.13
CA THR K 291 57.32 -57.78 52.05
C THR K 291 58.09 -58.79 51.21
N ILE K 292 58.17 -58.52 49.91
CA ILE K 292 58.88 -59.37 48.99
C ILE K 292 60.38 -59.12 49.14
N THR K 293 61.15 -60.20 49.28
CA THR K 293 62.60 -60.11 49.43
C THR K 293 63.36 -60.77 48.30
N ASP K 294 62.95 -61.96 47.86
CA ASP K 294 63.59 -62.67 46.77
C ASP K 294 62.54 -63.13 45.77
N ALA K 295 63.00 -63.39 44.55
CA ALA K 295 62.12 -63.85 43.48
C ALA K 295 62.91 -64.70 42.52
N VAL K 296 62.20 -65.55 41.77
CA VAL K 296 62.81 -66.46 40.81
C VAL K 296 61.95 -66.47 39.55
N ASP K 297 62.54 -66.05 38.43
CA ASP K 297 61.87 -66.13 37.14
C ASP K 297 62.06 -67.54 36.59
N CYS K 298 60.99 -68.33 36.57
CA CYS K 298 61.10 -69.75 36.26
C CYS K 298 61.62 -69.98 34.85
N ALA K 299 61.23 -69.13 33.91
CA ALA K 299 61.62 -69.31 32.50
C ALA K 299 62.99 -68.72 32.19
N LEU K 300 63.81 -68.44 33.19
CA LEU K 300 65.13 -67.86 32.95
C LEU K 300 66.16 -68.92 32.58
N ASP K 301 66.40 -69.85 33.48
CA ASP K 301 67.40 -70.90 33.31
C ASP K 301 66.86 -72.19 33.91
N PRO K 302 67.45 -73.34 33.55
CA PRO K 302 66.98 -74.60 34.14
C PRO K 302 66.99 -74.63 35.65
N LEU K 303 67.96 -73.98 36.28
CA LEU K 303 67.99 -73.94 37.75
C LEU K 303 66.80 -73.19 38.30
N SER K 304 66.36 -72.13 37.62
CA SER K 304 65.23 -71.35 38.12
C SER K 304 63.93 -72.13 38.06
N GLU K 305 63.68 -72.82 36.93
CA GLU K 305 62.48 -73.64 36.85
C GLU K 305 62.57 -74.86 37.76
N THR K 306 63.79 -75.35 38.03
CA THR K 306 63.97 -76.39 39.05
C THR K 306 63.54 -75.88 40.42
N LYS K 307 63.96 -74.67 40.77
CA LYS K 307 63.54 -74.07 42.04
C LYS K 307 62.03 -73.88 42.06
N CYS K 308 61.44 -73.48 40.94
CA CYS K 308 59.99 -73.28 40.89
C CYS K 308 59.23 -74.60 41.02
N THR K 309 59.81 -75.70 40.53
CA THR K 309 59.14 -76.99 40.65
C THR K 309 59.14 -77.47 42.10
N LEU K 310 60.29 -77.37 42.77
CA LEU K 310 60.39 -77.74 44.18
C LEU K 310 59.82 -76.68 45.11
N LYS K 311 59.51 -75.49 44.60
CA LYS K 311 59.00 -74.37 45.39
C LYS K 311 59.95 -74.05 46.55
N SER K 312 61.24 -73.97 46.23
CA SER K 312 62.25 -73.68 47.24
C SER K 312 63.47 -73.10 46.55
N PHE K 313 64.13 -72.17 47.24
CA PHE K 313 65.33 -71.52 46.74
C PHE K 313 66.57 -72.38 46.91
N THR K 314 66.46 -73.58 47.45
CA THR K 314 67.59 -74.45 47.69
C THR K 314 67.42 -75.77 46.95
N VAL K 315 68.54 -76.41 46.63
CA VAL K 315 68.58 -77.68 45.93
C VAL K 315 69.49 -78.62 46.71
N GLU K 316 69.08 -79.89 46.82
CA GLU K 316 69.79 -80.88 47.62
C GLU K 316 70.38 -82.00 46.77
N LYS K 317 70.96 -81.65 45.62
CA LYS K 317 71.74 -82.56 44.79
C LYS K 317 70.90 -83.76 44.33
N GLY K 318 69.90 -83.45 43.51
CA GLY K 318 69.05 -84.48 42.94
C GLY K 318 68.78 -84.23 41.47
N ILE K 319 68.13 -85.21 40.86
CA ILE K 319 67.68 -85.13 39.47
C ILE K 319 66.18 -84.91 39.49
N TYR K 320 65.76 -83.67 39.30
CA TYR K 320 64.35 -83.28 39.45
C TYR K 320 63.72 -83.09 38.08
N GLN K 321 62.62 -83.80 37.84
CA GLN K 321 61.85 -83.59 36.62
C GLN K 321 61.14 -82.24 36.70
N THR K 322 61.43 -81.35 35.76
CA THR K 322 60.96 -79.97 35.83
C THR K 322 59.91 -79.64 34.77
N SER K 323 60.22 -79.85 33.49
CA SER K 323 59.34 -79.45 32.42
C SER K 323 59.45 -80.46 31.28
N ASN K 324 58.95 -80.07 30.10
CA ASN K 324 58.97 -80.94 28.93
C ASN K 324 59.58 -80.23 27.74
N PHE K 325 59.48 -80.84 26.56
CA PHE K 325 60.05 -80.27 25.34
C PHE K 325 59.20 -80.68 24.15
N ARG K 326 59.22 -79.84 23.11
CA ARG K 326 58.45 -80.10 21.90
C ARG K 326 59.04 -79.26 20.78
N VAL K 327 58.52 -79.46 19.57
CA VAL K 327 59.01 -78.76 18.39
C VAL K 327 57.88 -78.72 17.37
N GLN K 328 57.72 -77.56 16.71
CA GLN K 328 56.68 -77.35 15.71
C GLN K 328 57.04 -76.18 14.80
N PRO K 329 57.96 -76.37 13.85
CA PRO K 329 58.42 -75.24 13.04
C PRO K 329 57.51 -74.88 11.88
N THR K 330 56.80 -75.86 11.31
CA THR K 330 55.99 -75.65 10.13
C THR K 330 54.66 -76.37 10.28
N GLU K 331 53.78 -76.20 9.29
CA GLU K 331 52.46 -76.81 9.28
C GLU K 331 51.87 -76.66 7.88
N SER K 332 50.60 -77.03 7.73
CA SER K 332 49.83 -76.82 6.50
C SER K 332 50.44 -77.55 5.31
N ILE K 333 50.49 -78.88 5.41
CA ILE K 333 50.87 -79.75 4.29
C ILE K 333 49.66 -80.00 3.41
N VAL K 334 49.89 -80.64 2.25
CA VAL K 334 48.85 -81.00 1.30
C VAL K 334 47.65 -81.61 2.01
N ARG K 335 46.45 -81.13 1.68
CA ARG K 335 45.22 -81.54 2.35
C ARG K 335 44.30 -82.36 1.46
N PHE K 336 43.95 -81.85 0.28
CA PHE K 336 42.94 -82.48 -0.55
C PHE K 336 43.54 -82.92 -1.89
N PRO K 337 42.95 -83.92 -2.54
CA PRO K 337 43.51 -84.40 -3.81
C PRO K 337 43.27 -83.44 -4.98
N ASN K 338 43.61 -83.89 -6.18
CA ASN K 338 43.47 -83.04 -7.37
C ASN K 338 42.03 -82.58 -7.54
N ILE K 339 41.84 -81.26 -7.52
CA ILE K 339 40.53 -80.67 -7.79
C ILE K 339 40.25 -80.83 -9.30
N THR K 340 39.27 -81.66 -9.64
CA THR K 340 38.99 -82.01 -11.03
C THR K 340 37.60 -81.63 -11.47
N ASN K 341 36.57 -82.00 -10.70
CA ASN K 341 35.18 -81.83 -11.13
C ASN K 341 34.69 -80.44 -10.74
N LEU K 342 35.10 -79.45 -11.52
CA LEU K 342 34.69 -78.08 -11.28
C LEU K 342 33.20 -77.90 -11.57
N CYS K 343 32.59 -76.95 -10.87
CA CYS K 343 31.19 -76.65 -11.10
C CYS K 343 31.04 -75.88 -12.42
N PRO K 344 30.00 -76.17 -13.20
CA PRO K 344 29.88 -75.55 -14.53
C PRO K 344 29.51 -74.07 -14.47
N PHE K 345 30.44 -73.24 -14.00
CA PHE K 345 30.24 -71.80 -14.05
C PHE K 345 30.43 -71.22 -15.45
N HIS K 346 30.85 -72.03 -16.41
CA HIS K 346 30.98 -71.54 -17.78
C HIS K 346 29.63 -71.33 -18.43
N GLU K 347 28.69 -72.27 -18.23
CA GLU K 347 27.35 -72.16 -18.77
C GLU K 347 26.42 -71.35 -17.87
N VAL K 348 26.97 -70.51 -16.99
CA VAL K 348 26.19 -69.66 -16.10
C VAL K 348 26.56 -68.19 -16.29
N PHE K 349 27.85 -67.88 -16.22
CA PHE K 349 28.32 -66.50 -16.33
C PHE K 349 28.80 -66.13 -17.73
N ASN K 350 29.03 -67.12 -18.60
CA ASN K 350 29.49 -66.84 -19.96
C ASN K 350 28.41 -67.09 -21.02
N ALA K 351 27.32 -67.76 -20.67
CA ALA K 351 26.26 -68.02 -21.63
C ALA K 351 25.63 -66.70 -22.09
N THR K 352 25.64 -66.47 -23.39
CA THR K 352 25.11 -65.22 -23.92
C THR K 352 23.59 -65.19 -23.83
N THR K 353 22.93 -66.28 -24.21
CA THR K 353 21.46 -66.35 -24.25
C THR K 353 20.94 -66.48 -22.84
N PHE K 354 20.58 -65.35 -22.23
CA PHE K 354 19.93 -65.32 -20.93
C PHE K 354 18.42 -65.17 -21.11
N ALA K 355 17.67 -65.86 -20.25
CA ALA K 355 16.22 -65.76 -20.30
C ALA K 355 15.74 -64.45 -19.69
N SER K 356 14.51 -64.08 -20.01
CA SER K 356 13.95 -62.84 -19.51
C SER K 356 13.72 -62.92 -18.00
N VAL K 357 13.50 -61.76 -17.39
CA VAL K 357 13.34 -61.70 -15.94
C VAL K 357 12.03 -62.35 -15.52
N TYR K 358 10.98 -62.27 -16.34
CA TYR K 358 9.72 -62.91 -16.01
C TYR K 358 9.79 -64.43 -16.17
N ALA K 359 10.82 -64.95 -16.82
CA ALA K 359 11.00 -66.37 -17.04
C ALA K 359 12.44 -66.78 -16.73
N TRP K 360 12.92 -66.34 -15.56
CA TRP K 360 14.29 -66.63 -15.15
C TRP K 360 14.54 -68.13 -15.08
N ASN K 361 15.72 -68.54 -15.52
CA ASN K 361 16.07 -69.95 -15.56
C ASN K 361 16.46 -70.46 -14.17
N ARG K 362 16.29 -71.76 -13.96
CA ARG K 362 16.60 -72.42 -12.70
C ARG K 362 17.58 -73.55 -12.98
N LYS K 363 18.84 -73.34 -12.63
CA LYS K 363 19.91 -74.31 -12.88
C LYS K 363 20.46 -74.80 -11.54
N ARG K 364 20.42 -76.11 -11.32
CA ARG K 364 20.93 -76.70 -10.09
C ARG K 364 22.42 -77.00 -10.22
N ILE K 365 23.19 -76.61 -9.21
CA ILE K 365 24.62 -76.86 -9.16
C ILE K 365 24.89 -77.74 -7.96
N SER K 366 25.36 -78.97 -8.21
CA SER K 366 25.61 -79.91 -7.13
C SER K 366 26.65 -80.93 -7.60
N ASN K 367 27.29 -81.57 -6.63
CA ASN K 367 28.30 -82.60 -6.86
C ASN K 367 29.44 -82.06 -7.72
N CYS K 368 30.11 -81.04 -7.20
CA CYS K 368 31.23 -80.39 -7.87
C CYS K 368 31.90 -79.46 -6.89
N VAL K 369 33.04 -78.91 -7.30
CA VAL K 369 33.77 -77.93 -6.50
C VAL K 369 33.51 -76.53 -7.09
N ALA K 370 32.94 -75.65 -6.29
CA ALA K 370 32.57 -74.31 -6.74
C ALA K 370 33.74 -73.37 -6.54
N ASP K 371 34.52 -73.17 -7.61
CA ASP K 371 35.63 -72.24 -7.59
C ASP K 371 35.11 -70.84 -7.87
N TYR K 372 34.72 -70.14 -6.81
CA TYR K 372 34.14 -68.81 -6.96
C TYR K 372 35.14 -67.76 -7.43
N SER K 373 36.42 -68.13 -7.60
CA SER K 373 37.40 -67.18 -8.11
C SER K 373 37.17 -66.83 -9.57
N VAL K 374 36.44 -67.67 -10.31
CA VAL K 374 36.16 -67.40 -11.72
C VAL K 374 35.10 -66.32 -11.91
N ILE K 375 34.40 -65.93 -10.85
CA ILE K 375 33.41 -64.87 -10.97
C ILE K 375 34.09 -63.54 -11.32
N TYR K 376 35.31 -63.33 -10.85
CA TYR K 376 36.07 -62.13 -11.15
C TYR K 376 36.65 -62.13 -12.56
N ASN K 377 36.31 -63.11 -13.39
CA ASN K 377 36.82 -63.20 -14.75
C ASN K 377 35.73 -63.07 -15.80
N PHE K 378 34.62 -63.79 -15.64
CA PHE K 378 33.52 -63.76 -16.60
C PHE K 378 32.62 -62.54 -16.42
N ALA K 379 32.95 -61.62 -15.52
CA ALA K 379 32.12 -60.45 -15.26
C ALA K 379 32.97 -59.41 -14.52
N PRO K 380 32.70 -58.13 -14.73
CA PRO K 380 33.42 -57.08 -13.98
C PRO K 380 32.97 -56.91 -12.54
N PHE K 381 32.16 -57.82 -12.03
CA PHE K 381 31.66 -57.82 -10.65
C PHE K 381 31.26 -56.41 -10.19
N PHE K 382 30.30 -55.83 -10.92
CA PHE K 382 29.83 -54.49 -10.59
C PHE K 382 28.97 -54.50 -9.33
N ALA K 383 27.85 -55.23 -9.37
CA ALA K 383 26.89 -55.25 -8.27
C ALA K 383 27.04 -56.50 -7.40
N PHE K 384 28.27 -56.97 -7.21
CA PHE K 384 28.51 -58.14 -6.37
C PHE K 384 28.11 -57.85 -4.93
N LYS K 385 27.07 -58.52 -4.45
CA LYS K 385 26.60 -58.31 -3.08
C LYS K 385 26.02 -59.62 -2.56
N CYS K 386 26.63 -60.17 -1.52
CA CYS K 386 26.18 -61.41 -0.90
C CYS K 386 25.36 -61.06 0.33
N TYR K 387 24.05 -61.32 0.27
CA TYR K 387 23.16 -61.04 1.38
C TYR K 387 23.04 -62.20 2.37
N GLY K 388 23.54 -63.38 2.01
CA GLY K 388 23.34 -64.55 2.85
C GLY K 388 24.42 -64.84 3.86
N VAL K 389 25.67 -64.96 3.41
CA VAL K 389 26.75 -65.37 4.30
C VAL K 389 27.87 -64.33 4.31
N SER K 390 28.53 -64.13 3.18
CA SER K 390 29.68 -63.25 3.11
C SER K 390 30.10 -62.99 1.67
N PRO K 391 30.52 -61.77 1.33
CA PRO K 391 31.00 -61.49 -0.03
C PRO K 391 32.31 -62.20 -0.33
N THR K 392 33.29 -62.07 0.56
CA THR K 392 34.62 -62.63 0.33
C THR K 392 34.80 -64.02 0.94
N LYS K 393 34.27 -64.23 2.14
CA LYS K 393 34.37 -65.53 2.82
C LYS K 393 33.33 -66.48 2.24
N LEU K 394 33.57 -66.90 1.00
CA LEU K 394 32.67 -67.79 0.28
C LEU K 394 33.30 -69.12 -0.12
N ASN K 395 34.63 -69.20 -0.19
CA ASN K 395 35.30 -70.43 -0.55
C ASN K 395 35.66 -71.29 0.66
N ASP K 396 35.49 -70.77 1.87
CA ASP K 396 35.81 -71.50 3.11
C ASP K 396 34.57 -72.05 3.80
N LEU K 397 33.51 -72.30 3.05
CA LEU K 397 32.29 -72.87 3.61
C LEU K 397 31.57 -73.65 2.52
N CYS K 398 30.70 -74.56 2.95
CA CYS K 398 30.01 -75.46 2.03
C CYS K 398 28.51 -75.44 2.31
N PHE K 399 27.75 -75.87 1.30
CA PHE K 399 26.29 -75.91 1.36
C PHE K 399 25.81 -77.24 0.79
N THR K 400 24.49 -77.45 0.84
CA THR K 400 23.91 -78.69 0.36
C THR K 400 23.68 -78.66 -1.14
N ASN K 401 22.92 -77.67 -1.63
CA ASN K 401 22.62 -77.55 -3.05
C ASN K 401 22.62 -76.09 -3.43
N VAL K 402 23.25 -75.76 -4.54
CA VAL K 402 23.38 -74.39 -5.02
C VAL K 402 22.56 -74.23 -6.30
N TYR K 403 21.83 -73.13 -6.39
CA TYR K 403 21.00 -72.81 -7.55
C TYR K 403 21.52 -71.54 -8.20
N ALA K 404 21.47 -71.50 -9.53
CA ALA K 404 21.93 -70.36 -10.31
C ALA K 404 20.78 -69.86 -11.18
N ASP K 405 20.26 -68.68 -10.86
CA ASP K 405 19.19 -68.05 -11.62
C ASP K 405 19.76 -66.90 -12.43
N SER K 406 19.36 -66.81 -13.69
CA SER K 406 19.88 -65.81 -14.61
C SER K 406 18.73 -65.04 -15.23
N PHE K 407 18.91 -63.73 -15.35
CA PHE K 407 17.90 -62.85 -15.93
C PHE K 407 18.54 -61.49 -16.21
N VAL K 408 17.91 -60.73 -17.10
CA VAL K 408 18.39 -59.43 -17.52
C VAL K 408 17.37 -58.38 -17.11
N ILE K 409 17.82 -57.34 -16.42
CA ILE K 409 16.97 -56.25 -15.96
C ILE K 409 17.67 -54.93 -16.28
N ARG K 410 17.04 -53.84 -15.86
CA ARG K 410 17.61 -52.51 -16.05
C ARG K 410 18.58 -52.17 -14.93
N GLY K 411 19.29 -51.05 -15.10
CA GLY K 411 20.29 -50.66 -14.12
C GLY K 411 19.69 -50.23 -12.80
N ASN K 412 18.57 -49.50 -12.85
CA ASN K 412 17.92 -49.06 -11.62
C ASN K 412 17.19 -50.21 -10.92
N GLU K 413 16.84 -51.27 -11.65
CA GLU K 413 16.15 -52.41 -11.08
C GLU K 413 17.08 -53.38 -10.37
N VAL K 414 18.40 -53.16 -10.41
CA VAL K 414 19.33 -54.04 -9.72
C VAL K 414 19.12 -53.94 -8.21
N SER K 415 18.75 -52.77 -7.71
CA SER K 415 18.49 -52.60 -6.28
C SER K 415 17.25 -53.36 -5.82
N GLN K 416 16.42 -53.84 -6.75
CA GLN K 416 15.25 -54.63 -6.37
C GLN K 416 15.59 -56.09 -6.09
N ILE K 417 16.76 -56.54 -6.52
CA ILE K 417 17.17 -57.94 -6.29
C ILE K 417 17.85 -57.97 -4.93
N ALA K 418 17.04 -58.09 -3.89
CA ALA K 418 17.50 -58.10 -2.51
C ALA K 418 16.38 -58.64 -1.63
N PRO K 419 16.71 -59.19 -0.46
CA PRO K 419 15.65 -59.69 0.43
C PRO K 419 14.87 -58.54 1.07
N GLY K 420 13.65 -58.32 0.59
CA GLY K 420 12.81 -57.25 1.07
C GLY K 420 12.90 -56.03 0.21
N GLN K 421 11.95 -55.86 -0.72
CA GLN K 421 11.97 -54.75 -1.65
C GLN K 421 10.55 -54.49 -2.14
N THR K 422 10.41 -53.42 -2.92
CA THR K 422 9.13 -53.05 -3.52
C THR K 422 9.40 -52.47 -4.89
N GLY K 423 8.87 -53.12 -5.92
CA GLY K 423 9.08 -52.65 -7.28
C GLY K 423 8.34 -53.53 -8.26
N ASN K 424 8.57 -53.26 -9.55
CA ASN K 424 7.91 -54.03 -10.59
C ASN K 424 8.53 -55.41 -10.75
N ILE K 425 9.84 -55.53 -10.55
CA ILE K 425 10.50 -56.83 -10.65
C ILE K 425 10.52 -57.54 -9.31
N ALA K 426 10.77 -56.81 -8.22
CA ALA K 426 10.83 -57.39 -6.88
C ALA K 426 9.48 -57.83 -6.36
N ASP K 427 8.39 -57.66 -7.12
CA ASP K 427 7.07 -58.07 -6.69
C ASP K 427 6.30 -58.87 -7.74
N TYR K 428 6.67 -58.80 -9.01
CA TYR K 428 5.93 -59.48 -10.07
C TYR K 428 6.77 -60.38 -10.95
N ASN K 429 8.10 -60.29 -10.88
CA ASN K 429 8.97 -61.09 -11.75
C ASN K 429 9.88 -62.03 -10.97
N TYR K 430 10.57 -61.53 -9.95
CA TYR K 430 11.53 -62.34 -9.20
C TYR K 430 11.62 -61.79 -7.79
N LYS K 431 11.37 -62.63 -6.80
CA LYS K 431 11.32 -62.21 -5.41
C LYS K 431 12.22 -63.09 -4.56
N LEU K 432 12.99 -62.47 -3.67
CA LEU K 432 13.85 -63.15 -2.71
C LEU K 432 13.21 -63.16 -1.33
N PRO K 433 13.22 -64.30 -0.64
CA PRO K 433 12.61 -64.36 0.70
C PRO K 433 13.42 -63.56 1.70
N ASP K 434 12.80 -63.35 2.86
CA ASP K 434 13.46 -62.61 3.93
C ASP K 434 14.66 -63.37 4.49
N ASP K 435 14.59 -64.70 4.50
CA ASP K 435 15.68 -65.55 4.95
C ASP K 435 16.55 -66.04 3.79
N PHE K 436 16.68 -65.23 2.74
CA PHE K 436 17.46 -65.61 1.58
C PHE K 436 18.95 -65.70 1.94
N THR K 437 19.56 -66.85 1.65
CA THR K 437 20.98 -67.08 1.89
C THR K 437 21.65 -67.29 0.54
N GLY K 438 22.34 -66.27 0.05
CA GLY K 438 23.00 -66.38 -1.23
C GLY K 438 23.64 -65.07 -1.62
N CYS K 439 24.10 -65.02 -2.87
CA CYS K 439 24.77 -63.85 -3.42
C CYS K 439 24.01 -63.34 -4.64
N VAL K 440 24.12 -62.04 -4.88
CA VAL K 440 23.53 -61.39 -6.05
C VAL K 440 24.66 -60.79 -6.87
N ILE K 441 24.82 -61.29 -8.09
CA ILE K 441 25.88 -60.84 -8.99
C ILE K 441 25.23 -60.19 -10.20
N ALA K 442 25.59 -58.94 -10.46
CA ALA K 442 25.08 -58.20 -11.61
C ALA K 442 26.20 -57.33 -12.17
N TRP K 443 26.18 -57.15 -13.49
CA TRP K 443 27.20 -56.37 -14.15
C TRP K 443 26.61 -55.73 -15.40
N ASN K 444 27.24 -54.62 -15.81
CA ASN K 444 26.80 -53.90 -17.00
C ASN K 444 27.09 -54.72 -18.26
N SER K 445 26.09 -54.86 -19.12
CA SER K 445 26.20 -55.60 -20.37
C SER K 445 25.63 -54.78 -21.52
N ASN K 446 25.92 -53.48 -21.54
CA ASN K 446 25.40 -52.62 -22.58
C ASN K 446 26.05 -52.87 -23.93
N LYS K 447 27.23 -53.49 -23.95
CA LYS K 447 27.95 -53.75 -25.19
C LYS K 447 27.50 -55.02 -25.89
N LEU K 448 26.67 -55.84 -25.25
CA LEU K 448 26.26 -57.13 -25.81
C LEU K 448 24.77 -57.22 -26.07
N ASP K 449 23.93 -56.91 -25.08
CA ASP K 449 22.49 -57.07 -25.22
C ASP K 449 21.82 -55.91 -25.93
N SER K 450 22.51 -54.78 -26.10
CA SER K 450 21.92 -53.62 -26.75
C SER K 450 22.07 -53.73 -28.26
N LYS K 451 20.98 -53.43 -28.98
CA LYS K 451 20.95 -53.51 -30.43
C LYS K 451 20.28 -52.26 -31.00
N PRO K 452 20.78 -51.76 -32.14
CA PRO K 452 20.22 -50.50 -32.68
C PRO K 452 18.79 -50.65 -33.17
N SER K 453 18.40 -51.81 -33.70
CA SER K 453 17.06 -52.01 -34.21
C SER K 453 16.02 -52.27 -33.13
N GLY K 454 16.37 -52.03 -31.86
CA GLY K 454 15.45 -52.27 -30.77
C GLY K 454 15.38 -53.72 -30.36
N ASN K 455 15.20 -53.97 -29.06
CA ASN K 455 15.16 -55.32 -28.52
C ASN K 455 13.70 -55.77 -28.38
N TYR K 456 13.40 -56.96 -28.89
CA TYR K 456 12.06 -57.51 -28.82
C TYR K 456 12.04 -58.93 -28.27
N ASN K 457 13.18 -59.45 -27.80
CA ASN K 457 13.26 -60.79 -27.25
C ASN K 457 13.34 -60.81 -25.74
N TYR K 458 13.35 -59.65 -25.09
CA TYR K 458 13.36 -59.54 -23.64
C TYR K 458 12.09 -58.84 -23.19
N LEU K 459 11.28 -59.51 -22.37
CA LEU K 459 10.03 -58.97 -21.87
C LEU K 459 9.95 -59.18 -20.36
N TYR K 460 9.02 -58.47 -19.73
CA TYR K 460 8.83 -58.58 -18.29
C TYR K 460 7.36 -58.44 -17.95
N ARG K 461 6.87 -59.33 -17.10
CA ARG K 461 5.47 -59.28 -16.68
C ARG K 461 5.24 -58.06 -15.78
N LEU K 462 4.05 -57.47 -15.90
CA LEU K 462 3.69 -56.29 -15.13
C LEU K 462 2.23 -56.38 -14.69
N LEU K 463 1.97 -55.82 -13.51
CA LEU K 463 0.61 -55.70 -12.96
C LEU K 463 -0.05 -57.07 -12.80
N ARG K 464 0.53 -57.88 -11.92
CA ARG K 464 -0.09 -59.14 -11.55
C ARG K 464 -1.13 -58.90 -10.45
N LYS K 465 -2.23 -59.66 -10.52
CA LYS K 465 -3.33 -59.44 -9.60
C LYS K 465 -2.94 -59.70 -8.15
N SER K 466 -1.99 -60.60 -7.92
CA SER K 466 -1.54 -60.93 -6.57
C SER K 466 -0.02 -61.02 -6.56
N LYS K 467 0.57 -60.57 -5.46
CA LYS K 467 2.03 -60.60 -5.34
C LYS K 467 2.53 -62.04 -5.29
N LEU K 468 3.60 -62.31 -6.03
CA LEU K 468 4.18 -63.64 -6.07
C LEU K 468 4.78 -64.01 -4.72
N LYS K 469 4.95 -65.31 -4.50
CA LYS K 469 5.69 -65.79 -3.35
C LYS K 469 7.17 -65.87 -3.70
N PRO K 470 8.05 -65.85 -2.69
CA PRO K 470 9.49 -65.94 -2.97
C PRO K 470 9.82 -67.21 -3.75
N PHE K 471 10.71 -67.06 -4.73
CA PHE K 471 11.15 -68.15 -5.61
C PHE K 471 9.96 -68.77 -6.35
N GLU K 472 9.28 -67.93 -7.12
CA GLU K 472 8.17 -68.36 -7.95
C GLU K 472 8.29 -67.73 -9.34
N ARG K 473 8.03 -68.54 -10.36
CA ARG K 473 8.08 -68.08 -11.74
C ARG K 473 6.71 -68.28 -12.39
N ASP K 474 6.36 -67.37 -13.29
CA ASP K 474 5.10 -67.43 -14.02
C ASP K 474 5.38 -67.56 -15.51
N ILE K 475 4.69 -68.49 -16.15
CA ILE K 475 4.87 -68.78 -17.57
C ILE K 475 3.66 -68.33 -18.39
N SER K 476 2.46 -68.49 -17.85
CA SER K 476 1.24 -68.15 -18.58
C SER K 476 1.23 -66.67 -18.93
N THR K 477 1.01 -66.38 -20.22
CA THR K 477 1.01 -65.02 -20.74
C THR K 477 -0.40 -64.46 -20.90
N GLU K 478 -1.34 -64.91 -20.08
CA GLU K 478 -2.71 -64.41 -20.16
C GLU K 478 -2.76 -62.94 -19.77
N ILE K 479 -3.70 -62.21 -20.40
CA ILE K 479 -3.84 -60.78 -20.12
C ILE K 479 -4.35 -60.57 -18.71
N TYR K 480 -4.09 -59.38 -18.18
CA TYR K 480 -4.47 -59.00 -16.83
C TYR K 480 -5.65 -58.04 -16.86
N GLN K 481 -6.60 -58.26 -15.96
CA GLN K 481 -7.78 -57.41 -15.85
C GLN K 481 -7.53 -56.37 -14.77
N ALA K 482 -7.42 -55.11 -15.19
CA ALA K 482 -7.21 -54.00 -14.24
C ALA K 482 -8.51 -53.44 -13.70
N GLY K 483 -9.57 -53.44 -14.51
CA GLY K 483 -10.87 -52.96 -14.11
C GLY K 483 -11.80 -54.08 -13.68
N ASN K 484 -13.10 -53.88 -13.92
CA ASN K 484 -14.12 -54.85 -13.57
C ASN K 484 -14.76 -55.49 -14.80
N LYS K 485 -14.16 -55.33 -15.97
CA LYS K 485 -14.68 -55.91 -17.21
C LYS K 485 -13.59 -56.71 -17.89
N PRO K 486 -13.57 -58.03 -17.73
CA PRO K 486 -12.52 -58.85 -18.34
C PRO K 486 -12.73 -59.02 -19.84
N CYS K 487 -11.62 -59.15 -20.54
CA CYS K 487 -11.61 -59.36 -21.99
C CYS K 487 -11.24 -60.80 -22.29
N ASN K 488 -12.04 -61.45 -23.14
CA ASN K 488 -11.78 -62.85 -23.49
C ASN K 488 -10.87 -62.99 -24.69
N GLY K 489 -10.90 -62.05 -25.63
CA GLY K 489 -10.05 -62.11 -26.80
C GLY K 489 -8.86 -61.19 -26.72
N VAL K 490 -8.79 -60.20 -27.61
CA VAL K 490 -7.67 -59.28 -27.61
C VAL K 490 -7.76 -58.35 -26.41
N ALA K 491 -6.63 -57.74 -26.07
CA ALA K 491 -6.56 -56.82 -24.94
C ALA K 491 -7.34 -55.54 -25.26
N GLY K 492 -7.69 -54.82 -24.20
CA GLY K 492 -8.43 -53.58 -24.33
C GLY K 492 -8.23 -52.66 -23.14
N PRO K 493 -9.15 -51.71 -22.96
CA PRO K 493 -9.05 -50.80 -21.81
C PRO K 493 -9.16 -51.55 -20.49
N ASN K 494 -8.19 -51.31 -19.61
CA ASN K 494 -8.11 -51.95 -18.30
C ASN K 494 -8.01 -53.47 -18.39
N CYS K 495 -7.69 -54.00 -19.57
CA CYS K 495 -7.54 -55.44 -19.77
C CYS K 495 -6.32 -55.71 -20.64
N TYR K 496 -5.23 -55.01 -20.37
CA TYR K 496 -4.04 -55.08 -21.20
C TYR K 496 -3.28 -56.39 -20.96
N SER K 497 -2.22 -56.59 -21.74
CA SER K 497 -1.31 -57.73 -21.66
C SER K 497 -0.15 -57.41 -20.73
N PRO K 498 0.25 -58.35 -19.88
CA PRO K 498 1.32 -58.06 -18.91
C PRO K 498 2.72 -58.10 -19.49
N LEU K 499 2.95 -58.78 -20.60
CA LEU K 499 4.29 -58.93 -21.17
C LEU K 499 4.67 -57.64 -21.88
N GLN K 500 5.35 -56.75 -21.16
CA GLN K 500 5.90 -55.54 -21.74
C GLN K 500 7.39 -55.76 -22.03
N SER K 501 7.84 -55.19 -23.13
CA SER K 501 9.21 -55.40 -23.61
C SER K 501 10.12 -54.27 -23.15
N TYR K 502 11.38 -54.62 -22.90
CA TYR K 502 12.39 -53.63 -22.53
C TYR K 502 12.76 -52.77 -23.73
N GLY K 503 13.11 -51.52 -23.45
CA GLY K 503 13.61 -50.63 -24.47
C GLY K 503 15.12 -50.66 -24.56
N PHE K 504 15.68 -51.86 -24.70
CA PHE K 504 17.14 -52.05 -24.70
C PHE K 504 17.70 -51.59 -26.04
N ARG K 505 18.00 -50.29 -26.11
CA ARG K 505 18.64 -49.67 -27.25
C ARG K 505 19.92 -48.98 -26.80
N PRO K 506 20.92 -48.85 -27.68
CA PRO K 506 22.17 -48.17 -27.28
C PRO K 506 21.95 -46.69 -27.04
N THR K 507 23.00 -45.99 -26.60
CA THR K 507 22.99 -44.58 -26.25
C THR K 507 22.01 -44.25 -25.14
N TYR K 508 21.46 -45.25 -24.47
CA TYR K 508 20.55 -45.04 -23.35
C TYR K 508 21.33 -44.83 -22.06
N GLY K 509 20.62 -44.36 -21.03
CA GLY K 509 21.25 -44.13 -19.75
C GLY K 509 21.64 -45.43 -19.06
N VAL K 510 22.53 -45.29 -18.08
CA VAL K 510 22.99 -46.46 -17.33
C VAL K 510 21.83 -47.09 -16.56
N GLY K 511 20.82 -46.30 -16.20
CA GLY K 511 19.64 -46.84 -15.56
C GLY K 511 18.81 -47.74 -16.45
N HIS K 512 18.93 -47.59 -17.77
CA HIS K 512 18.20 -48.41 -18.72
C HIS K 512 19.11 -49.37 -19.47
N GLN K 513 20.38 -49.47 -19.10
CA GLN K 513 21.29 -50.38 -19.76
C GLN K 513 21.00 -51.82 -19.32
N PRO K 514 21.18 -52.79 -20.21
CA PRO K 514 20.94 -54.19 -19.85
C PRO K 514 21.98 -54.69 -18.86
N TYR K 515 21.52 -55.18 -17.71
CA TYR K 515 22.39 -55.72 -16.67
C TYR K 515 22.07 -57.20 -16.50
N ARG K 516 23.01 -58.06 -16.90
CA ARG K 516 22.86 -59.50 -16.69
C ARG K 516 23.06 -59.80 -15.20
N VAL K 517 22.00 -60.26 -14.54
CA VAL K 517 22.01 -60.51 -13.11
C VAL K 517 21.96 -62.01 -12.87
N VAL K 518 22.85 -62.52 -12.02
CA VAL K 518 22.89 -63.92 -11.65
C VAL K 518 22.73 -63.99 -10.14
N VAL K 519 21.73 -64.77 -9.69
CA VAL K 519 21.42 -64.91 -8.28
C VAL K 519 21.76 -66.33 -7.86
N LEU K 520 22.72 -66.46 -6.95
CA LEU K 520 23.13 -67.75 -6.42
C LEU K 520 22.39 -68.03 -5.12
N SER K 521 21.87 -69.24 -4.98
CA SER K 521 21.15 -69.67 -3.79
C SER K 521 21.95 -70.71 -3.04
N PHE K 522 21.97 -70.61 -1.71
CA PHE K 522 22.70 -71.53 -0.85
C PHE K 522 21.73 -72.15 0.14
N GLU K 523 21.73 -73.48 0.20
CA GLU K 523 20.82 -74.22 1.06
C GLU K 523 21.59 -75.15 1.99
N LEU K 524 21.02 -75.36 3.18
CA LEU K 524 21.58 -76.24 4.19
C LEU K 524 20.55 -77.28 4.61
N LEU K 525 19.83 -77.84 3.64
CA LEU K 525 18.75 -78.79 3.91
C LEU K 525 19.34 -80.18 4.15
N HIS K 526 18.50 -81.20 4.10
CA HIS K 526 18.93 -82.59 4.26
C HIS K 526 19.67 -83.01 3.00
N ALA K 527 19.96 -84.31 2.88
CA ALA K 527 20.85 -84.82 1.83
C ALA K 527 22.18 -84.08 1.92
N PRO K 528 23.03 -84.44 2.90
CA PRO K 528 24.16 -83.59 3.29
C PRO K 528 25.08 -83.13 2.17
N ALA K 529 25.92 -82.15 2.50
CA ALA K 529 26.69 -81.39 1.53
C ALA K 529 27.46 -82.30 0.57
N THR K 530 27.33 -82.03 -0.72
CA THR K 530 28.07 -82.71 -1.76
C THR K 530 28.78 -81.77 -2.72
N VAL K 531 28.55 -80.46 -2.62
CA VAL K 531 29.17 -79.47 -3.49
C VAL K 531 29.87 -78.46 -2.59
N CYS K 532 31.18 -78.67 -2.39
CA CYS K 532 31.99 -77.80 -1.57
C CYS K 532 33.12 -77.20 -2.40
N GLY K 533 33.54 -75.99 -2.04
CA GLY K 533 34.53 -75.28 -2.80
C GLY K 533 35.91 -75.90 -2.65
N PRO K 534 36.88 -75.34 -3.38
CA PRO K 534 38.25 -75.85 -3.31
C PRO K 534 38.85 -75.61 -1.93
N LYS K 535 39.99 -76.29 -1.69
CA LYS K 535 40.67 -76.22 -0.41
C LYS K 535 42.04 -75.55 -0.48
N LYS K 536 42.66 -75.51 -1.66
CA LYS K 536 43.94 -74.82 -1.89
C LYS K 536 45.03 -75.38 -0.97
N SER K 537 45.35 -76.66 -1.24
CA SER K 537 46.40 -77.33 -0.48
C SER K 537 47.78 -76.77 -0.85
N THR K 538 48.70 -76.83 0.09
CA THR K 538 50.04 -76.33 -0.17
C THR K 538 50.95 -77.45 -0.67
N ASN K 539 52.26 -77.23 -0.58
CA ASN K 539 53.21 -78.24 -1.02
C ASN K 539 53.52 -79.21 0.12
N LEU K 540 53.97 -80.41 -0.26
CA LEU K 540 54.25 -81.45 0.70
C LEU K 540 55.61 -81.25 1.36
N VAL K 541 55.69 -81.59 2.64
CA VAL K 541 56.92 -81.46 3.42
C VAL K 541 57.20 -82.79 4.09
N LYS K 542 58.41 -83.31 3.91
CA LYS K 542 58.84 -84.56 4.52
C LYS K 542 60.04 -84.31 5.41
N ASN K 543 60.31 -85.27 6.30
CA ASN K 543 61.45 -85.25 7.21
C ASN K 543 61.45 -84.05 8.14
N LYS K 544 60.29 -83.41 8.32
CA LYS K 544 60.16 -82.25 9.20
C LYS K 544 58.95 -82.43 10.09
N CYS K 545 58.79 -81.50 11.03
CA CYS K 545 57.68 -81.53 11.98
C CYS K 545 56.63 -80.52 11.54
N VAL K 546 55.50 -81.02 11.05
CA VAL K 546 54.42 -80.18 10.54
C VAL K 546 53.11 -80.64 11.16
N ASN K 547 52.17 -79.71 11.25
CA ASN K 547 50.82 -80.01 11.73
C ASN K 547 50.02 -80.49 10.53
N PHE K 548 49.97 -81.81 10.35
CA PHE K 548 49.38 -82.39 9.15
C PHE K 548 47.86 -82.38 9.21
N ASN K 549 47.24 -82.16 8.06
CA ASN K 549 45.78 -82.09 7.94
C ASN K 549 45.33 -82.89 6.72
N PHE K 550 45.84 -84.12 6.59
CA PHE K 550 45.48 -84.98 5.47
C PHE K 550 43.99 -85.31 5.45
N ASN K 551 43.26 -84.75 4.49
CA ASN K 551 41.83 -84.99 4.33
C ASN K 551 41.06 -84.71 5.62
N GLY K 552 41.52 -83.72 6.39
CA GLY K 552 40.89 -83.35 7.63
C GLY K 552 41.48 -84.00 8.86
N LEU K 553 42.28 -85.05 8.70
CA LEU K 553 42.91 -85.73 9.83
C LEU K 553 43.99 -84.82 10.41
N THR K 554 43.69 -84.19 11.55
CA THR K 554 44.60 -83.24 12.16
C THR K 554 45.54 -83.94 13.13
N GLY K 555 46.76 -83.43 13.21
CA GLY K 555 47.74 -84.00 14.12
C GLY K 555 49.06 -83.26 13.99
N THR K 556 50.07 -83.78 14.69
CA THR K 556 51.40 -83.20 14.67
C THR K 556 52.43 -84.32 14.78
N GLY K 557 53.38 -84.35 13.84
CA GLY K 557 54.41 -85.36 13.87
C GLY K 557 55.34 -85.21 12.69
N VAL K 558 56.30 -86.13 12.62
CA VAL K 558 57.28 -86.17 11.54
C VAL K 558 56.69 -86.99 10.39
N LEU K 559 57.02 -86.59 9.17
CA LEU K 559 56.58 -87.28 7.95
C LEU K 559 57.82 -87.77 7.21
N THR K 560 57.98 -89.09 7.12
CA THR K 560 59.10 -89.70 6.44
C THR K 560 58.59 -90.63 5.35
N GLU K 561 59.46 -90.94 4.40
CA GLU K 561 59.13 -91.85 3.31
C GLU K 561 58.91 -93.25 3.88
N SER K 562 57.67 -93.72 3.83
CA SER K 562 57.30 -94.99 4.43
C SER K 562 57.48 -96.14 3.45
N ASN K 563 57.80 -97.31 4.00
CA ASN K 563 57.93 -98.53 3.22
C ASN K 563 56.72 -99.45 3.38
N LYS K 564 55.64 -98.97 4.00
CA LYS K 564 54.44 -99.78 4.16
C LYS K 564 53.79 -100.06 2.81
N LYS K 565 52.90 -101.05 2.82
CA LYS K 565 52.16 -101.46 1.62
C LYS K 565 50.67 -101.40 1.96
N PHE K 566 50.04 -100.26 1.71
CA PHE K 566 48.63 -100.08 1.97
C PHE K 566 47.81 -100.76 0.88
N LEU K 567 46.50 -100.58 0.93
CA LEU K 567 45.58 -101.04 -0.10
C LEU K 567 45.02 -99.84 -0.86
N PRO K 568 44.51 -100.06 -2.08
CA PRO K 568 44.04 -98.91 -2.87
C PRO K 568 42.97 -98.08 -2.20
N PHE K 569 42.18 -98.65 -1.29
CA PHE K 569 41.13 -97.89 -0.63
C PHE K 569 41.58 -97.29 0.70
N GLN K 570 42.57 -97.89 1.36
CA GLN K 570 43.04 -97.39 2.64
C GLN K 570 43.72 -96.04 2.50
N GLN K 571 43.54 -95.19 3.49
CA GLN K 571 44.12 -93.85 3.47
C GLN K 571 44.97 -93.58 4.70
N PHE K 572 44.63 -94.21 5.82
CA PHE K 572 45.31 -94.01 7.08
C PHE K 572 45.76 -95.35 7.64
N GLY K 573 46.66 -95.29 8.63
CA GLY K 573 47.15 -96.49 9.28
C GLY K 573 47.10 -96.38 10.79
N ARG K 574 46.58 -97.41 11.46
CA ARG K 574 46.42 -97.39 12.90
C ARG K 574 47.14 -98.58 13.53
N ASP K 575 47.58 -98.38 14.76
CA ASP K 575 48.24 -99.41 15.56
C ASP K 575 47.25 -100.01 16.56
N ILE K 576 47.76 -100.84 17.46
CA ILE K 576 46.92 -101.46 18.47
C ILE K 576 46.37 -100.44 19.47
N ALA K 577 46.94 -99.24 19.50
CA ALA K 577 46.50 -98.19 20.43
C ALA K 577 45.51 -97.23 19.79
N ASP K 578 44.96 -97.58 18.61
CA ASP K 578 44.00 -96.73 17.90
C ASP K 578 44.58 -95.34 17.63
N THR K 579 45.84 -95.31 17.21
CA THR K 579 46.54 -94.06 16.92
C THR K 579 47.01 -94.07 15.48
N THR K 580 46.77 -92.98 14.77
CA THR K 580 47.18 -92.86 13.37
C THR K 580 48.67 -92.58 13.31
N ASP K 581 49.43 -93.54 12.78
CA ASP K 581 50.88 -93.41 12.66
C ASP K 581 51.36 -93.50 11.21
N ALA K 582 50.47 -93.73 10.25
CA ALA K 582 50.83 -93.80 8.85
C ALA K 582 49.71 -93.20 8.02
N VAL K 583 50.08 -92.39 7.02
CA VAL K 583 49.12 -91.67 6.20
C VAL K 583 49.65 -91.58 4.78
N ARG K 584 48.73 -91.44 3.84
CA ARG K 584 49.06 -91.25 2.43
C ARG K 584 48.68 -89.86 1.97
N ASP K 585 49.45 -89.33 1.03
CA ASP K 585 49.13 -88.03 0.46
C ASP K 585 47.90 -88.15 -0.44
N PRO K 586 47.01 -87.16 -0.43
CA PRO K 586 45.82 -87.24 -1.29
C PRO K 586 46.14 -87.11 -2.77
N GLN K 587 47.14 -86.33 -3.14
CA GLN K 587 47.49 -86.16 -4.54
C GLN K 587 48.35 -87.32 -5.04
N THR K 588 49.52 -87.50 -4.44
CA THR K 588 50.41 -88.61 -4.78
C THR K 588 50.13 -89.79 -3.85
N LEU K 589 50.14 -90.99 -4.42
CA LEU K 589 49.80 -92.19 -3.68
C LEU K 589 50.93 -92.68 -2.77
N GLU K 590 51.94 -91.85 -2.53
CA GLU K 590 53.04 -92.25 -1.67
C GLU K 590 52.58 -92.35 -0.22
N ILE K 591 53.08 -93.35 0.49
CA ILE K 591 52.73 -93.59 1.89
C ILE K 591 53.78 -92.92 2.77
N LEU K 592 53.33 -92.30 3.85
CA LEU K 592 54.21 -91.61 4.79
C LEU K 592 53.94 -92.11 6.19
N ASP K 593 54.98 -92.09 7.02
CA ASP K 593 54.90 -92.50 8.42
C ASP K 593 54.78 -91.27 9.30
N ILE K 594 53.98 -91.40 10.36
CA ILE K 594 53.75 -90.32 11.32
C ILE K 594 54.35 -90.74 12.65
N THR K 595 55.43 -90.08 13.04
CA THR K 595 56.08 -90.36 14.31
C THR K 595 56.03 -89.12 15.21
N PRO K 596 55.84 -89.30 16.51
CA PRO K 596 55.83 -88.14 17.42
C PRO K 596 57.17 -87.40 17.37
N CYS K 597 57.08 -86.08 17.24
CA CYS K 597 58.27 -85.27 17.05
C CYS K 597 59.23 -85.34 18.21
N SER K 598 58.82 -84.85 19.38
CA SER K 598 59.68 -84.84 20.55
C SER K 598 58.91 -84.49 21.82
N PHE K 599 59.14 -85.25 22.89
CA PHE K 599 58.55 -84.97 24.18
C PHE K 599 59.26 -85.81 25.24
N GLY K 600 59.53 -85.20 26.38
CA GLY K 600 60.20 -85.90 27.47
C GLY K 600 60.50 -84.98 28.63
N GLY K 601 60.26 -85.45 29.85
CA GLY K 601 60.50 -84.65 31.03
C GLY K 601 61.97 -84.33 31.22
N VAL K 602 62.35 -83.08 31.00
CA VAL K 602 63.74 -82.68 31.15
C VAL K 602 64.08 -82.62 32.64
N SER K 603 65.00 -83.49 33.07
CA SER K 603 65.44 -83.53 34.45
C SER K 603 66.75 -82.78 34.57
N VAL K 604 66.75 -81.71 35.37
CA VAL K 604 67.93 -80.86 35.53
C VAL K 604 68.86 -81.51 36.55
N ILE K 605 69.99 -82.03 36.07
CA ILE K 605 70.98 -82.63 36.95
C ILE K 605 71.64 -81.52 37.74
N THR K 606 71.40 -81.50 39.06
CA THR K 606 71.89 -80.43 39.91
C THR K 606 72.79 -81.01 41.00
N PRO K 607 73.99 -80.48 41.20
CA PRO K 607 74.84 -80.90 42.31
C PRO K 607 74.54 -80.20 43.63
N GLY K 608 73.42 -79.51 43.74
CA GLY K 608 73.08 -78.77 44.94
C GLY K 608 73.57 -77.34 44.90
N THR K 609 72.67 -76.39 45.19
CA THR K 609 73.03 -74.98 45.15
C THR K 609 73.98 -74.60 46.27
N ASN K 610 74.08 -75.42 47.32
CA ASN K 610 74.99 -75.12 48.41
C ASN K 610 76.45 -75.29 47.99
N THR K 611 76.72 -76.12 46.99
CA THR K 611 78.07 -76.35 46.50
C THR K 611 78.41 -75.42 45.35
N SER K 612 77.60 -75.44 44.29
CA SER K 612 77.86 -74.60 43.12
C SER K 612 76.53 -74.28 42.46
N ASN K 613 76.60 -73.51 41.38
CA ASN K 613 75.42 -73.08 40.64
C ASN K 613 75.30 -73.70 39.26
N GLN K 614 76.33 -74.38 38.78
CA GLN K 614 76.28 -75.00 37.46
C GLN K 614 75.33 -76.18 37.46
N VAL K 615 74.49 -76.27 36.42
CA VAL K 615 73.49 -77.31 36.29
C VAL K 615 73.64 -77.96 34.92
N ALA K 616 73.00 -79.12 34.77
CA ALA K 616 72.97 -79.86 33.51
C ALA K 616 71.56 -80.38 33.28
N VAL K 617 71.15 -80.39 32.02
CA VAL K 617 69.81 -80.82 31.65
C VAL K 617 69.90 -82.19 30.99
N LEU K 618 68.77 -82.90 30.98
CA LEU K 618 68.69 -84.23 30.40
C LEU K 618 67.37 -84.33 29.62
N TYR K 619 67.46 -84.18 28.31
CA TYR K 619 66.30 -84.35 27.43
C TYR K 619 66.09 -85.84 27.24
N GLN K 620 65.19 -86.41 28.04
CA GLN K 620 65.03 -87.86 28.11
C GLN K 620 64.29 -88.39 26.89
N GLY K 621 64.88 -89.38 26.23
CA GLY K 621 64.23 -90.09 25.15
C GLY K 621 64.35 -89.46 23.78
N VAL K 622 65.22 -88.47 23.60
CA VAL K 622 65.39 -87.81 22.31
C VAL K 622 66.87 -87.65 22.02
N ASN K 623 67.20 -87.60 20.73
CA ASN K 623 68.58 -87.41 20.30
C ASN K 623 69.02 -85.97 20.54
N CYS K 624 70.31 -85.72 20.36
CA CYS K 624 70.86 -84.38 20.46
C CYS K 624 70.72 -83.57 19.18
N THR K 625 70.07 -84.14 18.15
CA THR K 625 69.91 -83.45 16.87
C THR K 625 68.60 -82.67 16.77
N GLU K 626 67.65 -82.90 17.68
CA GLU K 626 66.37 -82.21 17.67
C GLU K 626 66.21 -81.30 18.89
N VAL K 627 67.32 -80.80 19.42
CA VAL K 627 67.31 -79.86 20.53
C VAL K 627 67.76 -78.50 20.02
N PRO K 628 67.32 -77.39 20.64
CA PRO K 628 67.74 -76.05 20.21
C PRO K 628 69.24 -75.82 20.35
N SER K 647 78.54 -76.31 27.89
CA SER K 647 78.39 -76.35 26.44
C SER K 647 78.65 -77.75 25.90
N ASN K 648 78.87 -78.70 26.80
CA ASN K 648 79.12 -80.08 26.42
C ASN K 648 77.81 -80.78 26.07
N VAL K 649 77.86 -81.60 25.02
CA VAL K 649 76.71 -82.38 24.58
C VAL K 649 77.15 -83.82 24.38
N PHE K 650 76.50 -84.75 25.06
CA PHE K 650 76.80 -86.17 24.94
C PHE K 650 75.51 -86.95 24.85
N GLN K 651 75.49 -87.94 23.95
CA GLN K 651 74.29 -88.73 23.70
C GLN K 651 74.32 -89.97 24.60
N THR K 652 73.63 -89.91 25.72
CA THR K 652 73.44 -91.08 26.56
C THR K 652 72.27 -91.91 26.04
N ARG K 653 72.28 -93.19 26.40
CA ARG K 653 71.21 -94.09 25.98
C ARG K 653 69.88 -93.77 26.65
N ALA K 654 69.87 -92.90 27.66
CA ALA K 654 68.64 -92.46 28.31
C ALA K 654 68.12 -91.14 27.75
N GLY K 655 68.85 -90.52 26.83
CA GLY K 655 68.45 -89.24 26.26
C GLY K 655 69.62 -88.30 26.08
N CYS K 656 69.39 -87.16 25.44
CA CYS K 656 70.45 -86.19 25.21
C CYS K 656 70.76 -85.43 26.49
N LEU K 657 72.02 -85.41 26.88
CA LEU K 657 72.49 -84.71 28.06
C LEU K 657 73.28 -83.49 27.61
N ILE K 658 72.87 -82.32 28.08
CA ILE K 658 73.53 -81.05 27.76
C ILE K 658 74.02 -80.44 29.06
N GLY K 659 75.32 -80.18 29.14
CA GLY K 659 75.92 -79.60 30.32
C GLY K 659 76.88 -80.50 31.08
N ALA K 660 77.26 -81.64 30.51
CA ALA K 660 78.18 -82.56 31.17
C ALA K 660 78.82 -83.46 30.13
N GLU K 661 80.14 -83.54 30.16
CA GLU K 661 80.88 -84.39 29.23
C GLU K 661 81.07 -85.78 29.81
N TYR K 662 81.25 -86.75 28.92
CA TYR K 662 81.40 -88.14 29.30
C TYR K 662 82.87 -88.46 29.49
N VAL K 663 83.24 -88.94 30.66
CA VAL K 663 84.61 -89.32 30.98
C VAL K 663 84.71 -90.83 30.97
N ASN K 664 85.87 -91.35 30.56
CA ASN K 664 86.07 -92.78 30.46
C ASN K 664 86.30 -93.46 31.81
N ASN K 665 86.74 -92.70 32.82
CA ASN K 665 86.98 -93.27 34.13
C ASN K 665 85.66 -93.67 34.79
N SER K 666 85.70 -94.76 35.55
CA SER K 666 84.52 -95.31 36.21
C SER K 666 84.61 -95.09 37.70
N TYR K 667 83.54 -94.57 38.29
CA TYR K 667 83.46 -94.35 39.73
C TYR K 667 82.12 -94.82 40.27
N GLU K 668 81.85 -94.53 41.54
CA GLU K 668 80.56 -94.88 42.13
C GLU K 668 79.47 -93.96 41.59
N CYS K 669 78.26 -94.51 41.46
CA CYS K 669 77.12 -93.76 40.95
C CYS K 669 76.62 -92.79 42.02
N ASP K 670 76.76 -91.49 41.76
CA ASP K 670 76.33 -90.47 42.70
C ASP K 670 74.91 -89.99 42.38
N ILE K 671 74.69 -89.48 41.18
CA ILE K 671 73.39 -89.00 40.76
C ILE K 671 72.91 -89.87 39.60
N PRO K 672 71.83 -90.63 39.77
CA PRO K 672 71.34 -91.50 38.69
C PRO K 672 70.87 -90.68 37.50
N ILE K 673 71.44 -90.97 36.33
CA ILE K 673 71.07 -90.29 35.11
C ILE K 673 70.32 -91.19 34.13
N GLY K 674 70.60 -92.49 34.13
CA GLY K 674 69.94 -93.39 33.21
C GLY K 674 70.54 -94.78 33.26
N ALA K 675 70.55 -95.43 32.09
CA ALA K 675 71.04 -96.79 31.98
C ALA K 675 72.57 -96.78 32.04
N GLY K 676 73.11 -97.03 33.23
CA GLY K 676 74.55 -97.10 33.42
C GLY K 676 75.28 -95.78 33.51
N ILE K 677 74.60 -94.66 33.28
CA ILE K 677 75.22 -93.35 33.30
C ILE K 677 74.84 -92.64 34.59
N CYS K 678 75.84 -92.10 35.28
CA CYS K 678 75.60 -91.32 36.49
C CYS K 678 76.49 -90.08 36.47
N ALA K 679 76.01 -89.02 37.11
CA ALA K 679 76.70 -87.74 37.12
C ALA K 679 77.20 -87.41 38.52
N SER K 680 78.24 -86.58 38.57
CA SER K 680 78.82 -86.16 39.83
C SER K 680 79.56 -84.84 39.61
N TYR K 681 79.72 -84.09 40.69
CA TYR K 681 80.40 -82.79 40.66
C TYR K 681 81.86 -83.02 41.04
N GLN K 682 82.70 -83.23 40.02
CA GLN K 682 84.10 -83.52 40.22
C GLN K 682 84.92 -82.77 39.18
N THR K 683 86.13 -82.39 39.56
CA THR K 683 87.04 -81.67 38.66
C THR K 683 87.42 -82.52 37.46
N GLN K 697 84.36 -76.34 39.59
CA GLN K 697 84.38 -77.65 38.93
C GLN K 697 83.27 -77.74 37.89
N SER K 698 83.21 -78.88 37.19
CA SER K 698 82.22 -79.10 36.15
C SER K 698 81.51 -80.42 36.37
N ILE K 699 80.35 -80.55 35.76
CA ILE K 699 79.57 -81.77 35.85
C ILE K 699 80.08 -82.77 34.83
N ILE K 700 80.26 -84.02 35.24
CA ILE K 700 80.79 -85.08 34.37
C ILE K 700 79.87 -86.29 34.47
N ALA K 701 79.71 -86.99 33.35
CA ALA K 701 78.98 -88.24 33.30
C ALA K 701 79.94 -89.39 32.99
N TYR K 702 79.59 -90.58 33.46
CA TYR K 702 80.47 -91.73 33.30
C TYR K 702 79.68 -93.00 33.50
N THR K 703 80.34 -94.13 33.25
CA THR K 703 79.77 -95.45 33.47
C THR K 703 80.09 -95.89 34.89
N MET K 704 79.05 -96.08 35.70
CA MET K 704 79.24 -96.45 37.10
C MET K 704 79.94 -97.80 37.21
N SER K 705 80.76 -97.93 38.26
CA SER K 705 81.48 -99.17 38.53
C SER K 705 80.74 -99.98 39.58
N LEU K 706 80.49 -101.24 39.27
CA LEU K 706 79.74 -102.10 40.18
C LEU K 706 80.56 -102.55 41.38
N GLY K 707 81.87 -102.42 41.33
CA GLY K 707 82.72 -102.80 42.44
C GLY K 707 84.15 -103.02 42.00
N ALA K 708 85.01 -103.19 43.00
CA ALA K 708 86.42 -103.41 42.75
C ALA K 708 86.67 -104.86 42.33
N GLU K 709 87.61 -105.04 41.41
CA GLU K 709 87.93 -106.37 40.91
C GLU K 709 88.69 -107.16 41.97
N ASN K 710 88.24 -108.38 42.22
CA ASN K 710 88.88 -109.26 43.20
C ASN K 710 88.94 -110.67 42.60
N SER K 711 90.13 -111.10 42.21
CA SER K 711 90.33 -112.43 41.64
C SER K 711 90.53 -113.43 42.78
N VAL K 712 89.52 -114.26 43.03
CA VAL K 712 89.62 -115.26 44.08
C VAL K 712 90.58 -116.35 43.62
N ALA K 713 91.71 -116.46 44.32
CA ALA K 713 92.75 -117.43 43.97
C ALA K 713 92.30 -118.83 44.38
N TYR K 714 91.39 -119.39 43.60
CA TYR K 714 90.85 -120.71 43.88
C TYR K 714 91.87 -121.79 43.54
N SER K 715 91.83 -122.87 44.33
CA SER K 715 92.65 -124.05 44.09
C SER K 715 91.99 -125.23 44.79
N ASN K 716 92.25 -126.42 44.27
CA ASN K 716 91.64 -127.62 44.85
C ASN K 716 92.27 -128.03 46.18
N ASN K 717 93.23 -127.27 46.69
CA ASN K 717 93.82 -127.56 47.99
C ASN K 717 94.07 -126.31 48.82
N SER K 718 93.60 -125.14 48.39
CA SER K 718 93.87 -123.88 49.06
C SER K 718 92.70 -123.50 49.95
N ILE K 719 93.00 -123.15 51.20
CA ILE K 719 91.99 -122.72 52.16
C ILE K 719 92.52 -121.50 52.91
N ALA K 720 91.61 -120.64 53.34
CA ALA K 720 91.94 -119.44 54.09
C ALA K 720 91.10 -119.39 55.36
N ILE K 721 91.76 -119.29 56.50
CA ILE K 721 91.11 -119.28 57.80
C ILE K 721 91.37 -117.93 58.46
N PRO K 722 90.34 -117.22 58.91
CA PRO K 722 90.58 -115.91 59.54
C PRO K 722 91.31 -116.05 60.86
N THR K 723 92.28 -115.17 61.08
CA THR K 723 93.06 -115.14 62.31
C THR K 723 92.62 -114.03 63.26
N ASN K 724 91.76 -113.13 62.82
CA ASN K 724 91.30 -112.02 63.64
C ASN K 724 89.83 -111.77 63.33
N PHE K 725 89.23 -110.81 64.03
CA PHE K 725 87.83 -110.48 63.84
C PHE K 725 87.64 -108.99 64.07
N THR K 726 86.43 -108.51 63.78
CA THR K 726 86.09 -107.10 63.96
C THR K 726 84.62 -107.01 64.34
N ILE K 727 84.34 -106.52 65.55
CA ILE K 727 82.97 -106.33 66.00
C ILE K 727 82.45 -105.02 65.41
N SER K 728 81.48 -105.12 64.52
CA SER K 728 80.92 -103.96 63.83
C SER K 728 79.46 -103.79 64.24
N VAL K 729 79.12 -102.58 64.68
CA VAL K 729 77.76 -102.25 65.06
C VAL K 729 77.14 -101.46 63.92
N THR K 730 76.14 -102.04 63.27
CA THR K 730 75.46 -101.41 62.15
C THR K 730 74.09 -100.90 62.59
N THR K 731 73.59 -99.90 61.86
CA THR K 731 72.32 -99.28 62.14
C THR K 731 71.32 -99.62 61.04
N GLU K 732 70.07 -99.86 61.43
CA GLU K 732 68.99 -100.10 60.50
C GLU K 732 67.76 -99.34 60.97
N ILE K 733 67.18 -98.55 60.07
CA ILE K 733 66.06 -97.66 60.40
C ILE K 733 64.83 -98.15 59.65
N LEU K 734 63.76 -98.42 60.40
CA LEU K 734 62.51 -98.92 59.83
C LEU K 734 61.35 -98.15 60.44
N PRO K 735 60.47 -97.58 59.63
CA PRO K 735 59.28 -96.91 60.18
C PRO K 735 58.37 -97.91 60.86
N VAL K 736 57.62 -97.40 61.86
CA VAL K 736 56.71 -98.22 62.65
C VAL K 736 55.27 -97.75 62.49
N SER K 737 55.02 -96.47 62.73
CA SER K 737 53.66 -95.94 62.71
C SER K 737 53.61 -94.62 61.95
N MET K 738 52.40 -94.22 61.61
CA MET K 738 52.12 -92.97 60.92
C MET K 738 51.51 -91.97 61.89
N THR K 739 51.10 -90.82 61.37
CA THR K 739 50.41 -89.79 62.14
C THR K 739 48.91 -90.03 62.00
N LYS K 740 48.26 -90.40 63.11
CA LYS K 740 46.83 -90.68 63.08
C LYS K 740 46.04 -89.40 62.89
N THR K 741 45.23 -89.35 61.84
CA THR K 741 44.45 -88.17 61.49
C THR K 741 43.01 -88.55 61.24
N SER K 742 42.12 -87.58 61.45
CA SER K 742 40.70 -87.75 61.18
C SER K 742 40.14 -86.43 60.69
N VAL K 743 39.41 -86.46 59.58
CA VAL K 743 38.90 -85.27 58.93
C VAL K 743 37.38 -85.29 59.01
N ASP K 744 36.78 -84.11 59.21
CA ASP K 744 35.33 -83.95 59.19
C ASP K 744 34.89 -83.75 57.75
N CYS K 745 33.92 -84.56 57.32
CA CYS K 745 33.51 -84.57 55.92
C CYS K 745 32.83 -83.26 55.54
N THR K 746 31.75 -82.91 56.25
CA THR K 746 30.96 -81.74 55.87
C THR K 746 31.74 -80.45 56.13
N MET K 747 32.49 -80.39 57.22
CA MET K 747 33.20 -79.15 57.56
C MET K 747 34.32 -78.85 56.57
N TYR K 748 34.90 -79.88 55.96
CA TYR K 748 35.95 -79.65 54.98
C TYR K 748 35.38 -79.35 53.60
N ILE K 749 34.33 -80.08 53.19
CA ILE K 749 33.79 -79.91 51.84
C ILE K 749 33.10 -78.55 51.72
N CYS K 750 32.12 -78.28 52.58
CA CYS K 750 31.41 -77.02 52.53
C CYS K 750 31.92 -76.02 53.56
N GLY K 751 31.75 -76.33 54.85
CA GLY K 751 32.28 -75.50 55.91
C GLY K 751 31.26 -74.51 56.44
N ASP K 752 30.70 -74.80 57.62
CA ASP K 752 29.73 -73.92 58.28
C ASP K 752 28.66 -73.42 57.32
N SER K 753 28.19 -74.30 56.44
CA SER K 753 27.22 -73.93 55.42
C SER K 753 26.01 -74.86 55.51
N THR K 754 24.87 -74.36 55.03
CA THR K 754 23.61 -75.10 55.04
C THR K 754 23.13 -75.46 53.64
N GLU K 755 23.15 -74.50 52.70
CA GLU K 755 22.74 -74.80 51.34
C GLU K 755 23.68 -75.80 50.67
N CYS K 756 24.95 -75.80 51.07
CA CYS K 756 25.91 -76.74 50.51
C CYS K 756 25.86 -78.09 51.20
N SER K 757 25.59 -78.10 52.52
CA SER K 757 25.52 -79.37 53.25
C SER K 757 24.34 -80.22 52.81
N ASN K 758 23.27 -79.58 52.31
CA ASN K 758 22.12 -80.34 51.83
C ASN K 758 22.46 -81.10 50.56
N LEU K 759 23.28 -80.52 49.69
CA LEU K 759 23.69 -81.22 48.48
C LEU K 759 24.65 -82.36 48.79
N LEU K 760 25.39 -82.26 49.89
CA LEU K 760 26.31 -83.33 50.27
C LEU K 760 25.57 -84.61 50.64
N LEU K 761 24.34 -84.47 51.17
CA LEU K 761 23.55 -85.65 51.50
C LEU K 761 23.14 -86.44 50.27
N GLN K 762 23.06 -85.79 49.11
CA GLN K 762 22.70 -86.49 47.88
C GLN K 762 23.82 -87.41 47.39
N TYR K 763 25.06 -87.21 47.85
CA TYR K 763 26.18 -88.03 47.42
C TYR K 763 26.23 -89.38 48.13
N GLY K 764 25.28 -89.67 49.02
CA GLY K 764 25.24 -90.96 49.68
C GLY K 764 26.06 -91.02 50.95
N SER K 765 26.60 -92.20 51.24
CA SER K 765 27.37 -92.43 52.46
C SER K 765 28.88 -92.43 52.21
N PHE K 766 29.35 -91.63 51.25
CA PHE K 766 30.79 -91.52 51.02
C PHE K 766 31.51 -90.93 52.22
N CYS K 767 30.81 -90.10 53.01
CA CYS K 767 31.41 -89.56 54.23
C CYS K 767 31.61 -90.64 55.27
N THR K 768 30.75 -91.65 55.31
CA THR K 768 30.89 -92.72 56.29
C THR K 768 32.09 -93.61 55.97
N GLN K 769 32.38 -93.82 54.68
CA GLN K 769 33.51 -94.66 54.31
C GLN K 769 34.83 -94.05 54.74
N LEU K 770 35.00 -92.74 54.52
CA LEU K 770 36.28 -92.10 54.81
C LEU K 770 36.56 -92.05 56.31
N LYS K 771 35.54 -91.75 57.11
CA LYS K 771 35.74 -91.72 58.56
C LYS K 771 36.10 -93.08 59.11
N ARG K 772 35.40 -94.14 58.65
CA ARG K 772 35.72 -95.48 59.11
C ARG K 772 37.10 -95.91 58.65
N ALA K 773 37.49 -95.52 57.43
CA ALA K 773 38.82 -95.85 56.94
C ALA K 773 39.90 -95.16 57.77
N LEU K 774 39.68 -93.90 58.14
CA LEU K 774 40.66 -93.19 58.95
C LEU K 774 40.75 -93.77 60.35
N THR K 775 39.61 -94.14 60.94
CA THR K 775 39.64 -94.79 62.25
C THR K 775 40.35 -96.13 62.19
N GLY K 776 40.12 -96.88 61.10
CA GLY K 776 40.84 -98.13 60.93
C GLY K 776 42.34 -97.93 60.80
N ILE K 777 42.75 -96.90 60.04
CA ILE K 777 44.17 -96.59 59.93
C ILE K 777 44.75 -96.22 61.29
N ALA K 778 44.01 -95.46 62.08
CA ALA K 778 44.51 -95.04 63.39
C ALA K 778 44.68 -96.23 64.33
N VAL K 779 43.65 -97.08 64.43
CA VAL K 779 43.77 -98.25 65.30
C VAL K 779 44.82 -99.21 64.75
N GLU K 780 45.04 -99.21 63.44
CA GLU K 780 46.08 -100.04 62.86
C GLU K 780 47.47 -99.54 63.26
N GLN K 781 47.66 -98.22 63.27
CA GLN K 781 48.94 -97.68 63.72
C GLN K 781 49.17 -97.97 65.19
N ASP K 782 48.11 -97.87 66.00
CA ASP K 782 48.22 -98.23 67.41
C ASP K 782 48.60 -99.70 67.58
N LYS K 783 47.96 -100.57 66.80
CA LYS K 783 48.28 -102.00 66.88
C LYS K 783 49.71 -102.27 66.42
N ASN K 784 50.17 -101.55 65.41
CA ASN K 784 51.55 -101.71 64.95
C ASN K 784 52.54 -101.32 66.04
N THR K 785 52.30 -100.17 66.68
CA THR K 785 53.16 -99.76 67.79
C THR K 785 53.15 -100.80 68.91
N GLN K 786 51.96 -101.33 69.22
CA GLN K 786 51.86 -102.34 70.27
C GLN K 786 52.63 -103.61 69.91
N GLU K 787 52.48 -104.07 68.67
CA GLU K 787 53.16 -105.30 68.26
C GLU K 787 54.66 -105.12 68.16
N VAL K 788 55.13 -103.91 67.87
CA VAL K 788 56.57 -103.69 67.74
C VAL K 788 57.22 -103.52 69.11
N PHE K 789 56.64 -102.68 69.97
CA PHE K 789 57.33 -102.29 71.19
C PHE K 789 56.84 -102.98 72.45
N ALA K 790 55.62 -103.51 72.45
CA ALA K 790 55.04 -104.12 73.65
C ALA K 790 55.12 -105.65 73.64
N GLN K 791 56.21 -106.20 73.09
CA GLN K 791 56.35 -107.65 73.04
C GLN K 791 56.62 -108.26 74.41
N VAL K 792 57.16 -107.49 75.35
CA VAL K 792 57.45 -108.00 76.68
C VAL K 792 56.20 -107.95 77.54
N LYS K 793 56.01 -108.97 78.37
CA LYS K 793 54.88 -109.01 79.28
C LYS K 793 55.12 -108.15 80.52
N GLN K 794 56.37 -108.04 80.96
CA GLN K 794 56.73 -107.26 82.14
C GLN K 794 57.66 -106.13 81.74
N ILE K 795 58.02 -105.31 82.73
CA ILE K 795 58.95 -104.20 82.54
C ILE K 795 60.21 -104.51 83.34
N TYR K 796 61.32 -104.69 82.64
CA TYR K 796 62.60 -105.01 83.26
C TYR K 796 63.45 -103.75 83.39
N LYS K 797 64.23 -103.70 84.47
CA LYS K 797 65.11 -102.58 84.75
C LYS K 797 66.51 -103.09 85.07
N THR K 798 67.49 -102.26 84.81
CA THR K 798 68.86 -102.68 85.08
C THR K 798 69.27 -102.31 86.50
N PRO K 799 70.08 -103.14 87.13
CA PRO K 799 70.62 -102.80 88.46
C PRO K 799 71.53 -101.58 88.37
N PRO K 800 72.01 -101.07 89.50
CA PRO K 800 72.98 -99.97 89.45
C PRO K 800 74.14 -100.29 88.51
N ILE K 801 74.52 -99.29 87.71
CA ILE K 801 75.50 -99.51 86.65
C ILE K 801 76.82 -99.94 87.25
N LYS K 802 77.32 -101.09 86.80
CA LYS K 802 78.59 -101.63 87.26
C LYS K 802 79.36 -102.13 86.05
N TYR K 803 80.46 -102.84 86.30
CA TYR K 803 81.30 -103.39 85.24
C TYR K 803 80.73 -104.74 84.84
N PHE K 804 79.87 -104.72 83.82
CA PHE K 804 79.25 -105.95 83.34
C PHE K 804 80.30 -106.92 82.81
N GLY K 805 80.97 -106.53 81.73
CA GLY K 805 82.06 -107.32 81.18
C GLY K 805 83.07 -106.44 80.48
N GLY K 806 82.92 -105.13 80.60
CA GLY K 806 83.70 -104.17 79.84
C GLY K 806 82.93 -103.49 78.74
N PHE K 807 81.67 -103.86 78.55
CA PHE K 807 80.84 -103.25 77.52
C PHE K 807 80.15 -102.00 78.07
N ASN K 808 80.10 -100.96 77.25
CA ASN K 808 79.54 -99.67 77.63
C ASN K 808 78.20 -99.48 76.94
N PHE K 809 77.12 -99.51 77.73
CA PHE K 809 75.77 -99.34 77.21
C PHE K 809 75.22 -97.94 77.50
N SER K 810 76.09 -96.98 77.83
CA SER K 810 75.63 -95.64 78.16
C SER K 810 74.97 -94.94 76.97
N GLN K 811 75.28 -95.36 75.75
CA GLN K 811 74.67 -94.76 74.57
C GLN K 811 73.25 -95.24 74.33
N ILE K 812 72.86 -96.37 74.92
CA ILE K 812 71.54 -96.95 74.69
C ILE K 812 70.73 -96.97 75.99
N LEU K 813 71.42 -96.99 77.12
CA LEU K 813 70.72 -96.96 78.40
C LEU K 813 70.20 -95.55 78.68
N PRO K 814 68.96 -95.43 79.15
CA PRO K 814 68.44 -94.09 79.48
C PRO K 814 69.11 -93.53 80.73
N ASP K 815 68.96 -92.22 80.90
CA ASP K 815 69.56 -91.50 82.02
C ASP K 815 68.48 -90.73 82.76
N PRO K 816 68.46 -90.76 84.09
CA PRO K 816 67.46 -90.00 84.84
C PRO K 816 67.72 -88.50 84.87
N SER K 817 68.90 -88.04 84.44
CA SER K 817 69.24 -86.63 84.42
C SER K 817 68.64 -85.88 83.23
N LYS K 818 67.77 -86.53 82.45
CA LYS K 818 67.14 -85.92 81.30
C LYS K 818 65.70 -86.39 81.24
N PRO K 819 64.74 -85.49 81.00
CA PRO K 819 63.33 -85.89 80.97
C PRO K 819 63.05 -86.86 79.83
N SER K 820 61.91 -87.53 79.94
CA SER K 820 61.38 -88.55 79.03
C SER K 820 62.20 -89.84 79.03
N LYS K 821 63.30 -89.90 79.78
CA LYS K 821 64.10 -91.11 79.96
C LYS K 821 64.51 -91.71 78.61
N ARG K 822 65.10 -90.87 77.77
CA ARG K 822 65.58 -91.29 76.46
C ARG K 822 67.10 -91.34 76.45
N SER K 823 67.65 -92.31 75.73
CA SER K 823 69.10 -92.44 75.62
C SER K 823 69.66 -91.37 74.69
N PRO K 824 70.97 -91.15 74.71
CA PRO K 824 71.56 -90.18 73.77
C PRO K 824 71.24 -90.49 72.31
N ILE K 825 71.24 -91.76 71.93
CA ILE K 825 70.89 -92.12 70.56
C ILE K 825 69.43 -91.77 70.28
N GLU K 826 68.54 -92.06 71.23
CA GLU K 826 67.14 -91.68 71.06
C GLU K 826 66.98 -90.17 71.05
N ASP K 827 67.81 -89.45 71.82
CA ASP K 827 67.77 -87.99 71.78
C ASP K 827 68.16 -87.48 70.40
N LEU K 828 69.22 -88.02 69.81
CA LEU K 828 69.61 -87.62 68.46
C LEU K 828 68.53 -87.98 67.45
N LEU K 829 67.87 -89.13 67.63
CA LEU K 829 66.80 -89.51 66.72
C LEU K 829 65.63 -88.54 66.80
N PHE K 830 65.28 -88.11 68.03
CA PHE K 830 64.18 -87.16 68.19
C PHE K 830 64.56 -85.77 67.68
N ASN K 831 65.84 -85.40 67.79
CA ASN K 831 66.26 -84.07 67.35
C ASN K 831 66.38 -83.99 65.83
N LYS K 832 66.85 -85.06 65.20
CA LYS K 832 67.04 -85.03 63.74
C LYS K 832 65.73 -85.21 62.98
N VAL K 833 64.76 -85.91 63.57
CA VAL K 833 63.48 -86.11 62.93
C VAL K 833 62.44 -85.16 63.51
N LYS K 861 44.05 -73.25 61.07
CA LYS K 861 44.95 -74.36 60.73
C LYS K 861 44.15 -75.61 60.39
N PHE K 862 43.27 -76.02 61.29
CA PHE K 862 42.44 -77.20 61.10
C PHE K 862 41.23 -76.82 60.26
N ASN K 863 41.28 -77.15 58.97
CA ASN K 863 40.16 -76.90 58.07
C ASN K 863 39.23 -78.10 58.00
N GLY K 864 38.76 -78.56 59.16
CA GLY K 864 37.94 -79.75 59.24
C GLY K 864 38.70 -81.03 59.46
N LEU K 865 40.03 -80.97 59.51
CA LEU K 865 40.87 -82.15 59.71
C LEU K 865 41.63 -82.02 61.02
N THR K 866 41.67 -83.10 61.79
CA THR K 866 42.34 -83.11 63.08
C THR K 866 43.33 -84.28 63.13
N VAL K 867 44.35 -84.12 63.97
CA VAL K 867 45.37 -85.14 64.17
C VAL K 867 45.15 -85.77 65.54
N LEU K 868 45.05 -87.10 65.56
CA LEU K 868 44.81 -87.80 66.82
C LEU K 868 46.14 -88.13 67.51
N PRO K 869 46.22 -87.97 68.83
CA PRO K 869 47.46 -88.27 69.52
C PRO K 869 47.67 -89.77 69.63
N PRO K 870 48.92 -90.23 69.60
CA PRO K 870 49.18 -91.67 69.72
C PRO K 870 48.73 -92.20 71.07
N LEU K 871 48.28 -93.46 71.06
CA LEU K 871 47.87 -94.11 72.31
C LEU K 871 49.05 -94.24 73.26
N LEU K 872 50.20 -94.68 72.74
CA LEU K 872 51.43 -94.79 73.52
C LEU K 872 52.27 -93.55 73.25
N THR K 873 52.47 -92.74 74.28
CA THR K 873 53.25 -91.52 74.13
C THR K 873 54.73 -91.85 73.97
N ASP K 874 55.55 -90.80 73.83
CA ASP K 874 56.99 -91.00 73.68
C ASP K 874 57.63 -91.52 74.96
N GLU K 875 56.95 -91.41 76.10
CA GLU K 875 57.52 -91.91 77.35
C GLU K 875 57.26 -93.40 77.51
N MET K 876 56.09 -93.88 77.09
CA MET K 876 55.77 -95.30 77.21
C MET K 876 56.62 -96.14 76.27
N ILE K 877 56.82 -95.65 75.03
CA ILE K 877 57.67 -96.37 74.08
C ILE K 877 59.12 -96.37 74.59
N ALA K 878 59.55 -95.27 75.20
CA ALA K 878 60.89 -95.23 75.78
C ALA K 878 61.03 -96.24 76.91
N GLN K 879 59.99 -96.39 77.74
CA GLN K 879 60.05 -97.38 78.81
C GLN K 879 60.04 -98.80 78.27
N TYR K 880 59.28 -99.05 77.19
CA TYR K 880 59.30 -100.36 76.56
C TYR K 880 60.68 -100.68 75.99
N THR K 881 61.31 -99.69 75.35
CA THR K 881 62.66 -99.88 74.82
C THR K 881 63.66 -100.14 75.94
N SER K 882 63.54 -99.39 77.04
CA SER K 882 64.45 -99.60 78.17
C SER K 882 64.23 -100.97 78.79
N ALA K 883 62.99 -101.44 78.83
CA ALA K 883 62.73 -102.79 79.34
C ALA K 883 63.32 -103.86 78.44
N LEU K 884 63.14 -103.71 77.12
CA LEU K 884 63.76 -104.64 76.18
C LEU K 884 65.27 -104.67 76.35
N LEU K 885 65.89 -103.50 76.48
CA LEU K 885 67.35 -103.44 76.64
C LEU K 885 67.79 -104.07 77.95
N ALA K 886 67.13 -103.72 79.05
CA ALA K 886 67.50 -104.29 80.35
C ALA K 886 67.31 -105.80 80.36
N GLY K 887 66.30 -106.30 79.67
CA GLY K 887 66.12 -107.75 79.58
C GLY K 887 67.20 -108.41 78.74
N THR K 888 67.55 -107.81 77.60
CA THR K 888 68.53 -108.43 76.72
C THR K 888 69.96 -108.27 77.25
N ILE K 889 70.19 -107.42 78.24
CA ILE K 889 71.52 -107.32 78.84
C ILE K 889 71.67 -108.16 80.11
N THR K 890 70.57 -108.50 80.79
CA THR K 890 70.64 -109.31 82.00
C THR K 890 70.02 -110.69 81.84
N SER K 891 69.25 -110.92 80.77
CA SER K 891 68.60 -112.22 80.57
C SER K 891 68.84 -112.83 79.19
N GLY K 892 69.29 -112.06 78.22
CA GLY K 892 69.57 -112.63 76.90
C GLY K 892 68.30 -113.05 76.20
N TRP K 893 68.33 -114.23 75.59
CA TRP K 893 67.18 -114.79 74.89
C TRP K 893 66.26 -115.57 75.81
N THR K 894 66.49 -115.54 77.12
CA THR K 894 65.70 -116.34 78.05
C THR K 894 64.37 -115.67 78.38
N PHE K 895 64.38 -114.36 78.63
CA PHE K 895 63.15 -113.68 79.01
C PHE K 895 62.18 -113.56 77.85
N GLY K 896 62.66 -113.65 76.61
CA GLY K 896 61.77 -113.62 75.46
C GLY K 896 60.99 -114.90 75.27
N ALA K 897 61.39 -115.99 75.93
CA ALA K 897 60.70 -117.26 75.86
C ALA K 897 59.90 -117.58 77.12
N GLY K 898 60.37 -117.17 78.29
CA GLY K 898 59.69 -117.43 79.53
C GLY K 898 60.14 -116.49 80.63
N PRO K 899 60.33 -117.04 81.84
CA PRO K 899 60.85 -116.22 82.94
C PRO K 899 62.25 -115.71 82.64
N ALA K 900 62.54 -114.51 83.13
CA ALA K 900 63.85 -113.90 82.91
C ALA K 900 64.92 -114.64 83.70
N LEU K 901 65.86 -115.26 83.00
CA LEU K 901 66.93 -116.01 83.61
C LEU K 901 68.20 -115.15 83.63
N GLN K 902 68.71 -114.87 84.82
CA GLN K 902 69.91 -114.07 84.94
C GLN K 902 71.11 -114.82 84.37
N ILE K 903 72.06 -114.05 83.83
CA ILE K 903 73.23 -114.61 83.17
C ILE K 903 74.29 -113.51 83.04
N PRO K 904 75.55 -113.78 83.39
CA PRO K 904 76.59 -112.77 83.19
C PRO K 904 76.76 -112.44 81.72
N PHE K 905 77.03 -111.16 81.44
CA PHE K 905 77.16 -110.74 80.05
C PHE K 905 78.33 -111.41 79.32
N PRO K 906 79.51 -111.60 79.93
CA PRO K 906 80.53 -112.40 79.23
C PRO K 906 80.07 -113.82 78.92
N MET K 907 79.36 -114.46 79.85
CA MET K 907 78.84 -115.80 79.57
C MET K 907 77.72 -115.76 78.54
N GLN K 908 76.93 -114.68 78.52
CA GLN K 908 75.91 -114.52 77.49
C GLN K 908 76.55 -114.37 76.12
N MET K 909 77.64 -113.61 76.05
CA MET K 909 78.36 -113.44 74.79
C MET K 909 79.07 -114.72 74.37
N ALA K 910 79.26 -115.67 75.28
CA ALA K 910 79.95 -116.90 74.95
C ALA K 910 79.09 -117.81 74.08
N TYR K 911 77.82 -117.99 74.46
CA TYR K 911 76.93 -118.81 73.66
C TYR K 911 76.59 -118.13 72.33
N ARG K 912 76.67 -116.80 72.29
CA ARG K 912 76.40 -116.09 71.05
C ARG K 912 77.53 -116.27 70.04
N PHE K 913 78.77 -116.45 70.53
CA PHE K 913 79.84 -116.88 69.65
C PHE K 913 79.70 -118.34 69.27
N ASN K 914 79.13 -119.16 70.17
CA ASN K 914 78.93 -120.58 69.87
C ASN K 914 77.81 -120.80 68.87
N GLY K 915 76.90 -119.84 68.71
CA GLY K 915 75.84 -119.99 67.74
C GLY K 915 76.28 -119.76 66.32
N ILE K 916 77.34 -118.96 66.12
CA ILE K 916 77.85 -118.70 64.77
C ILE K 916 78.98 -119.65 64.40
N GLY K 917 79.45 -120.47 65.33
CA GLY K 917 80.51 -121.42 65.06
C GLY K 917 81.87 -121.11 65.65
N VAL K 918 81.94 -120.30 66.71
CA VAL K 918 83.18 -119.94 67.37
C VAL K 918 83.12 -120.44 68.81
N THR K 919 84.17 -121.10 69.25
CA THR K 919 84.21 -121.61 70.62
C THR K 919 84.31 -120.47 71.62
N GLN K 920 83.92 -120.76 72.86
CA GLN K 920 83.97 -119.77 73.92
C GLN K 920 85.42 -119.41 74.29
N ASN K 921 86.37 -120.26 73.95
CA ASN K 921 87.77 -119.99 74.27
C ASN K 921 88.24 -118.69 73.63
N VAL K 922 87.80 -118.43 72.40
CA VAL K 922 88.22 -117.21 71.70
C VAL K 922 87.72 -115.98 72.46
N LEU K 923 86.45 -116.00 72.86
CA LEU K 923 85.89 -114.85 73.59
C LEU K 923 86.57 -114.68 74.94
N TYR K 924 86.86 -115.78 75.63
CA TYR K 924 87.43 -115.66 76.96
C TYR K 924 88.91 -115.26 76.92
N GLU K 925 89.62 -115.61 75.85
CA GLU K 925 91.01 -115.21 75.72
C GLU K 925 91.18 -113.83 75.08
N ASN K 926 90.16 -113.35 74.37
CA ASN K 926 90.18 -112.02 73.76
C ASN K 926 89.03 -111.17 74.31
N GLN K 927 88.81 -111.23 75.62
CA GLN K 927 87.70 -110.50 76.22
C GLN K 927 87.93 -108.99 76.17
N LYS K 928 89.15 -108.54 76.47
CA LYS K 928 89.43 -107.12 76.44
C LYS K 928 89.33 -106.55 75.03
N LEU K 929 89.82 -107.28 74.03
CA LEU K 929 89.77 -106.79 72.66
C LEU K 929 88.35 -106.75 72.13
N ILE K 930 87.56 -107.79 72.43
CA ILE K 930 86.18 -107.82 71.94
C ILE K 930 85.32 -106.79 72.67
N ALA K 931 85.69 -106.44 73.91
CA ALA K 931 84.94 -105.43 74.64
C ALA K 931 85.29 -104.02 74.17
N ASN K 932 86.56 -103.78 73.84
CA ASN K 932 86.96 -102.48 73.33
C ASN K 932 86.37 -102.21 71.95
N GLN K 933 86.22 -103.25 71.13
CA GLN K 933 85.64 -103.06 69.80
C GLN K 933 84.18 -102.66 69.88
N PHE K 934 83.44 -103.22 70.85
CA PHE K 934 82.05 -102.83 71.02
C PHE K 934 81.91 -101.40 71.49
N ASN K 935 82.74 -100.99 72.47
CA ASN K 935 82.69 -99.62 72.94
C ASN K 935 83.19 -98.63 71.90
N SER K 936 84.14 -99.05 71.06
CA SER K 936 84.60 -98.18 69.99
C SER K 936 83.63 -98.11 68.83
N ALA K 937 82.87 -99.18 68.59
CA ALA K 937 81.90 -99.17 67.50
C ALA K 937 80.60 -98.49 67.91
N ILE K 938 80.20 -98.59 69.18
CA ILE K 938 79.00 -97.92 69.63
C ILE K 938 79.22 -96.42 69.74
N GLY K 939 80.47 -95.97 69.85
CA GLY K 939 80.76 -94.55 69.85
C GLY K 939 80.67 -93.92 68.49
N LYS K 940 81.00 -94.67 67.45
CA LYS K 940 80.91 -94.19 66.07
C LYS K 940 79.49 -94.23 65.51
N ILE K 941 78.49 -94.46 66.36
CA ILE K 941 77.11 -94.44 65.91
C ILE K 941 76.52 -93.02 65.95
N GLN K 942 76.94 -92.21 66.93
CA GLN K 942 76.39 -90.86 67.05
C GLN K 942 76.83 -89.98 65.89
N ASP K 943 78.14 -89.91 65.64
CA ASP K 943 78.64 -89.05 64.56
C ASP K 943 78.18 -89.55 63.19
N SER K 944 78.00 -90.86 63.03
CA SER K 944 77.46 -91.38 61.78
C SER K 944 75.97 -91.11 61.63
N LEU K 945 75.27 -90.88 62.74
CA LEU K 945 73.85 -90.59 62.69
C LEU K 945 73.56 -89.08 62.65
N SER K 946 74.39 -88.28 63.31
CA SER K 946 74.19 -86.83 63.28
C SER K 946 74.44 -86.27 61.88
N SER K 947 75.58 -86.62 61.28
CA SER K 947 75.87 -86.21 59.92
C SER K 947 75.08 -87.08 58.94
N THR K 948 75.23 -86.76 57.65
CA THR K 948 74.52 -87.46 56.57
C THR K 948 73.02 -87.49 56.83
N PRO K 949 72.33 -86.37 56.68
CA PRO K 949 70.87 -86.36 56.99
C PRO K 949 70.07 -87.36 56.19
N SER K 950 70.62 -87.89 55.09
CA SER K 950 69.91 -88.90 54.32
C SER K 950 69.83 -90.25 55.04
N ALA K 951 70.54 -90.42 56.15
CA ALA K 951 70.49 -91.67 56.89
C ALA K 951 69.11 -91.88 57.51
N LEU K 952 68.59 -90.86 58.18
CA LEU K 952 67.26 -90.90 58.77
C LEU K 952 66.16 -90.52 57.78
N GLY K 953 66.44 -90.62 56.48
CA GLY K 953 65.46 -90.27 55.48
C GLY K 953 64.23 -91.16 55.48
N LYS K 954 64.31 -92.35 56.06
CA LYS K 954 63.17 -93.26 56.09
C LYS K 954 62.03 -92.67 56.90
N LEU K 955 62.33 -92.08 58.06
CA LEU K 955 61.31 -91.47 58.89
C LEU K 955 61.02 -90.04 58.47
N GLN K 956 62.02 -89.35 57.93
CA GLN K 956 61.80 -88.00 57.42
C GLN K 956 60.81 -88.02 56.25
N ASP K 957 60.92 -89.03 55.38
CA ASP K 957 59.97 -89.15 54.29
C ASP K 957 58.57 -89.43 54.82
N VAL K 958 58.46 -90.22 55.88
CA VAL K 958 57.15 -90.51 56.47
C VAL K 958 56.52 -89.23 57.01
N VAL K 959 57.28 -88.46 57.78
CA VAL K 959 56.70 -87.25 58.35
C VAL K 959 56.43 -86.21 57.27
N ASN K 960 57.24 -86.18 56.22
CA ASN K 960 56.99 -85.23 55.13
C ASN K 960 55.76 -85.62 54.33
N HIS K 961 55.52 -86.91 54.14
CA HIS K 961 54.30 -87.35 53.47
C HIS K 961 53.07 -87.10 54.33
N ASN K 962 53.22 -87.25 55.65
CA ASN K 962 52.11 -86.92 56.54
C ASN K 962 51.82 -85.43 56.55
N ALA K 963 52.84 -84.60 56.39
CA ALA K 963 52.63 -83.16 56.36
C ALA K 963 52.04 -82.70 55.04
N GLN K 964 52.61 -83.15 53.92
CA GLN K 964 52.16 -82.68 52.61
C GLN K 964 50.80 -83.23 52.24
N ALA K 965 50.39 -84.37 52.79
CA ALA K 965 49.05 -84.88 52.52
C ALA K 965 47.98 -83.97 53.10
N LEU K 966 48.23 -83.43 54.29
CA LEU K 966 47.29 -82.49 54.89
C LEU K 966 47.40 -81.10 54.26
N ASN K 967 48.60 -80.69 53.86
CA ASN K 967 48.76 -79.38 53.24
C ASN K 967 48.19 -79.36 51.83
N THR K 968 48.29 -80.47 51.10
CA THR K 968 47.67 -80.53 49.78
C THR K 968 46.16 -80.63 49.87
N LEU K 969 45.67 -81.33 50.89
CA LEU K 969 44.22 -81.46 51.09
C LEU K 969 43.59 -80.11 51.37
N VAL K 970 44.24 -79.30 52.22
CA VAL K 970 43.71 -77.97 52.53
C VAL K 970 43.98 -76.98 51.40
N LYS K 971 44.98 -77.24 50.55
CA LYS K 971 45.24 -76.35 49.42
C LYS K 971 44.18 -76.51 48.34
N GLN K 972 43.63 -77.71 48.18
CA GLN K 972 42.54 -77.92 47.23
C GLN K 972 41.24 -77.28 47.70
N LEU K 973 41.14 -76.90 48.97
CA LEU K 973 39.95 -76.21 49.46
C LEU K 973 39.79 -74.85 48.80
N SER K 974 40.90 -74.16 48.51
CA SER K 974 40.87 -72.86 47.88
C SER K 974 40.94 -72.95 46.36
N SER K 975 40.49 -74.07 45.78
CA SER K 975 40.53 -74.25 44.34
C SER K 975 39.22 -73.78 43.70
N LYS K 976 39.20 -73.77 42.38
CA LYS K 976 38.12 -73.19 41.58
C LYS K 976 37.72 -74.14 40.46
N PHE K 977 37.41 -75.39 40.81
CA PHE K 977 37.09 -76.39 39.79
C PHE K 977 35.86 -75.98 38.99
N GLY K 978 36.07 -75.53 37.76
CA GLY K 978 34.99 -75.11 36.88
C GLY K 978 33.96 -74.19 37.50
N ALA K 979 34.37 -73.39 38.48
CA ALA K 979 33.46 -72.52 39.22
C ALA K 979 33.85 -71.06 38.99
N ILE K 980 33.13 -70.17 39.67
CA ILE K 980 33.36 -68.74 39.56
C ILE K 980 34.28 -68.24 40.68
N SER K 981 34.08 -68.73 41.90
CA SER K 981 34.89 -68.33 43.04
C SER K 981 35.22 -69.55 43.88
N SER K 982 36.32 -69.45 44.63
CA SER K 982 36.74 -70.55 45.49
C SER K 982 35.97 -70.58 46.80
N VAL K 983 35.47 -69.43 47.25
CA VAL K 983 34.71 -69.33 48.50
C VAL K 983 33.22 -69.42 48.18
N LEU K 984 32.45 -69.88 49.17
CA LEU K 984 31.02 -70.06 49.00
C LEU K 984 30.24 -68.79 49.29
N ASN K 985 30.77 -67.88 50.11
CA ASN K 985 30.06 -66.65 50.41
C ASN K 985 29.95 -65.74 49.19
N ASP K 986 30.93 -65.80 48.29
CA ASP K 986 30.90 -65.00 47.07
C ASP K 986 30.12 -65.66 45.94
N ILE K 987 29.51 -66.82 46.20
CA ILE K 987 28.71 -67.52 45.21
C ILE K 987 27.22 -67.48 45.54
N LEU K 988 26.87 -67.76 46.80
CA LEU K 988 25.47 -67.74 47.20
C LEU K 988 24.92 -66.32 47.25
N SER K 989 25.75 -65.34 47.61
CA SER K 989 25.32 -63.96 47.71
C SER K 989 25.58 -63.17 46.43
N ARG K 990 25.92 -63.84 45.34
CA ARG K 990 26.18 -63.15 44.08
C ARG K 990 25.41 -63.81 42.93
N LEU K 991 25.09 -65.09 43.07
CA LEU K 991 24.39 -65.84 42.04
C LEU K 991 23.03 -66.30 42.55
N ASP K 992 22.12 -66.55 41.62
CA ASP K 992 20.78 -66.98 41.96
C ASP K 992 20.79 -68.43 42.45
N PRO K 993 19.84 -68.80 43.29
CA PRO K 993 19.78 -70.19 43.80
C PRO K 993 19.71 -71.23 42.69
N PRO K 994 18.94 -71.01 41.61
CA PRO K 994 18.94 -72.01 40.53
C PRO K 994 20.32 -72.25 39.92
N GLU K 995 21.18 -71.24 39.88
CA GLU K 995 22.53 -71.40 39.35
C GLU K 995 23.57 -71.63 40.43
N ALA K 996 23.32 -71.19 41.66
CA ALA K 996 24.28 -71.38 42.74
C ALA K 996 24.41 -72.86 43.10
N GLU K 997 23.30 -73.61 43.07
CA GLU K 997 23.36 -75.03 43.38
C GLU K 997 24.10 -75.81 42.28
N VAL K 998 24.06 -75.31 41.04
CA VAL K 998 24.78 -75.97 39.96
C VAL K 998 26.25 -75.61 39.99
N GLN K 999 26.57 -74.37 40.36
CA GLN K 999 27.97 -73.94 40.39
C GLN K 999 28.69 -74.53 41.59
N ILE K 1000 28.01 -74.62 42.74
CA ILE K 1000 28.63 -75.18 43.93
C ILE K 1000 28.72 -76.70 43.86
N ASP K 1001 27.88 -77.35 43.05
CA ASP K 1001 27.95 -78.80 42.92
C ASP K 1001 29.26 -79.25 42.31
N ARG K 1002 29.84 -78.46 41.41
CA ARG K 1002 31.14 -78.80 40.84
C ARG K 1002 32.26 -78.60 41.85
N LEU K 1003 32.08 -77.67 42.80
CA LEU K 1003 33.07 -77.51 43.85
C LEU K 1003 33.02 -78.66 44.85
N ILE K 1004 31.85 -79.28 45.04
CA ILE K 1004 31.76 -80.43 45.91
C ILE K 1004 32.46 -81.63 45.30
N THR K 1005 32.23 -81.87 44.01
CA THR K 1005 32.88 -82.99 43.33
C THR K 1005 34.40 -82.82 43.31
N GLY K 1006 34.87 -81.59 43.18
CA GLY K 1006 36.30 -81.35 43.21
C GLY K 1006 36.91 -81.59 44.59
N ARG K 1007 36.19 -81.20 45.63
CA ARG K 1007 36.68 -81.41 46.99
C ARG K 1007 36.43 -82.83 47.48
N LEU K 1008 35.36 -83.48 47.00
CA LEU K 1008 35.12 -84.87 47.36
C LEU K 1008 36.15 -85.78 46.70
N GLN K 1009 36.56 -85.46 45.48
CA GLN K 1009 37.62 -86.22 44.82
C GLN K 1009 38.95 -86.06 45.54
N SER K 1010 39.20 -84.88 46.13
CA SER K 1010 40.42 -84.68 46.89
C SER K 1010 40.44 -85.55 48.15
N LEU K 1011 39.30 -85.65 48.83
CA LEU K 1011 39.22 -86.50 50.01
C LEU K 1011 39.39 -87.97 49.65
N GLN K 1012 38.81 -88.40 48.53
CA GLN K 1012 38.96 -89.80 48.11
C GLN K 1012 40.42 -90.10 47.78
N THR K 1013 41.09 -89.21 47.06
CA THR K 1013 42.50 -89.41 46.75
C THR K 1013 43.34 -89.42 48.02
N TYR K 1014 43.05 -88.51 48.95
CA TYR K 1014 43.78 -88.49 50.22
C TYR K 1014 43.61 -89.80 50.97
N VAL K 1015 42.38 -90.31 51.04
CA VAL K 1015 42.13 -91.54 51.77
C VAL K 1015 42.80 -92.74 51.09
N THR K 1016 42.78 -92.77 49.76
CA THR K 1016 43.43 -93.86 49.04
C THR K 1016 44.94 -93.85 49.27
N GLN K 1017 45.55 -92.67 49.16
CA GLN K 1017 46.99 -92.57 49.39
C GLN K 1017 47.33 -92.90 50.83
N GLN K 1018 46.49 -92.49 51.78
CA GLN K 1018 46.72 -92.82 53.19
C GLN K 1018 46.60 -94.32 53.42
N LEU K 1019 45.67 -94.98 52.75
CA LEU K 1019 45.54 -96.43 52.88
C LEU K 1019 46.75 -97.14 52.30
N ILE K 1020 47.26 -96.68 51.15
CA ILE K 1020 48.44 -97.30 50.57
C ILE K 1020 49.65 -97.09 51.48
N ARG K 1021 49.84 -95.88 51.99
CA ARG K 1021 50.94 -95.63 52.91
C ARG K 1021 50.78 -96.41 54.20
N ALA K 1022 49.55 -96.62 54.65
CA ALA K 1022 49.32 -97.41 55.86
C ALA K 1022 49.65 -98.87 55.62
N ALA K 1023 49.34 -99.39 54.43
CA ALA K 1023 49.75 -100.75 54.08
C ALA K 1023 51.27 -100.88 54.06
N GLU K 1024 51.95 -99.90 53.46
CA GLU K 1024 53.41 -99.94 53.43
C GLU K 1024 54.00 -99.88 54.83
N ILE K 1025 53.49 -98.97 55.67
CA ILE K 1025 54.00 -98.82 57.02
C ILE K 1025 53.64 -100.04 57.86
N ARG K 1026 52.53 -100.71 57.56
CA ARG K 1026 52.20 -101.94 58.27
C ARG K 1026 53.15 -103.06 57.90
N ALA K 1027 53.49 -103.18 56.62
CA ALA K 1027 54.52 -104.14 56.23
C ALA K 1027 55.84 -103.84 56.92
N SER K 1028 56.21 -102.56 56.97
CA SER K 1028 57.46 -102.17 57.63
C SER K 1028 57.42 -102.46 59.12
N ALA K 1029 56.26 -102.28 59.75
CA ALA K 1029 56.14 -102.52 61.19
C ALA K 1029 56.15 -104.01 61.50
N ASN K 1030 55.55 -104.82 60.63
CA ASN K 1030 55.65 -106.26 60.79
C ASN K 1030 57.09 -106.73 60.64
N LEU K 1031 57.81 -106.17 59.65
CA LEU K 1031 59.23 -106.48 59.52
C LEU K 1031 60.01 -106.06 60.76
N ALA K 1032 59.69 -104.89 61.31
CA ALA K 1032 60.39 -104.39 62.49
C ALA K 1032 60.11 -105.25 63.71
N ALA K 1033 58.87 -105.73 63.86
CA ALA K 1033 58.54 -106.58 64.99
C ALA K 1033 59.21 -107.94 64.86
N THR K 1034 59.22 -108.51 63.65
CA THR K 1034 59.94 -109.77 63.44
C THR K 1034 61.43 -109.59 63.71
N LYS K 1035 62.00 -108.48 63.26
CA LYS K 1035 63.42 -108.22 63.50
C LYS K 1035 63.71 -108.05 64.98
N MET K 1036 62.83 -107.34 65.69
CA MET K 1036 62.98 -107.23 67.15
C MET K 1036 63.00 -108.60 67.79
N SER K 1037 61.97 -109.43 67.52
CA SER K 1037 61.85 -110.72 68.17
C SER K 1037 63.00 -111.65 67.80
N GLU K 1038 63.57 -111.52 66.60
CA GLU K 1038 64.56 -112.47 66.13
C GLU K 1038 66.00 -111.99 66.30
N CYS K 1039 66.23 -110.71 66.58
CA CYS K 1039 67.57 -110.20 66.81
C CYS K 1039 67.80 -109.73 68.24
N VAL K 1040 66.82 -109.05 68.85
CA VAL K 1040 67.01 -108.56 70.21
C VAL K 1040 66.68 -109.65 71.22
N LEU K 1041 65.56 -110.35 71.03
CA LEU K 1041 65.13 -111.39 71.94
C LEU K 1041 65.83 -112.73 71.69
N GLY K 1042 66.85 -112.75 70.85
CA GLY K 1042 67.57 -113.99 70.57
C GLY K 1042 68.77 -113.80 69.67
N GLN K 1043 69.15 -114.86 68.97
CA GLN K 1043 70.25 -114.84 68.01
C GLN K 1043 69.80 -115.52 66.73
N SER K 1044 69.79 -114.78 65.63
CA SER K 1044 69.28 -115.26 64.36
C SER K 1044 70.42 -115.78 63.49
N LYS K 1045 70.23 -116.96 62.92
CA LYS K 1045 71.18 -117.53 61.97
C LYS K 1045 70.94 -117.06 60.53
N ARG K 1046 69.87 -116.31 60.30
CA ARG K 1046 69.60 -115.78 58.97
C ARG K 1046 70.64 -114.72 58.61
N VAL K 1047 71.30 -114.92 57.47
CA VAL K 1047 72.36 -114.00 57.05
C VAL K 1047 71.75 -112.71 56.54
N ASP K 1048 72.37 -111.58 56.89
CA ASP K 1048 71.97 -110.25 56.45
C ASP K 1048 70.57 -109.86 56.93
N PHE K 1049 70.05 -110.55 57.95
CA PHE K 1049 68.77 -110.18 58.55
C PHE K 1049 68.95 -109.33 59.80
N CYS K 1050 69.98 -109.61 60.60
CA CYS K 1050 70.27 -108.81 61.79
C CYS K 1050 71.65 -108.17 61.65
N GLY K 1051 71.93 -107.59 60.49
CA GLY K 1051 73.19 -106.92 60.25
C GLY K 1051 74.04 -107.64 59.22
N LYS K 1052 75.10 -106.95 58.81
CA LYS K 1052 76.03 -107.46 57.81
C LYS K 1052 77.09 -108.30 58.52
N GLY K 1053 76.94 -109.62 58.45
CA GLY K 1053 77.90 -110.51 59.08
C GLY K 1053 77.24 -111.57 59.94
N TYR K 1054 77.96 -112.03 60.97
CA TYR K 1054 77.45 -113.03 61.89
C TYR K 1054 76.79 -112.32 63.07
N HIS K 1055 75.46 -112.42 63.16
CA HIS K 1055 74.73 -111.70 64.19
C HIS K 1055 74.98 -112.31 65.57
N LEU K 1056 75.30 -111.44 66.53
CA LEU K 1056 75.48 -111.85 67.92
C LEU K 1056 74.33 -111.38 68.80
N MET K 1057 74.03 -110.08 68.80
CA MET K 1057 72.92 -109.53 69.57
C MET K 1057 72.52 -108.21 68.94
N SER K 1058 71.38 -107.69 69.39
CA SER K 1058 70.85 -106.43 68.88
C SER K 1058 70.22 -105.63 70.00
N PHE K 1059 70.14 -104.32 69.80
CA PHE K 1059 69.60 -103.40 70.79
C PHE K 1059 68.54 -102.52 70.14
N PRO K 1060 67.34 -102.44 70.70
CA PRO K 1060 66.32 -101.55 70.15
C PRO K 1060 66.51 -100.11 70.62
N GLN K 1061 66.09 -99.18 69.78
CA GLN K 1061 66.13 -97.76 70.10
C GLN K 1061 64.87 -97.10 69.57
N SER K 1062 64.23 -96.29 70.42
CA SER K 1062 62.99 -95.62 70.04
C SER K 1062 63.30 -94.41 69.16
N ALA K 1063 62.47 -94.23 68.13
CA ALA K 1063 62.62 -93.15 67.18
C ALA K 1063 61.24 -92.59 66.86
N PRO K 1064 61.15 -91.32 66.46
CA PRO K 1064 59.85 -90.74 66.11
C PRO K 1064 59.19 -91.46 64.95
N HIS K 1065 58.06 -92.12 65.23
CA HIS K 1065 57.29 -92.86 64.21
C HIS K 1065 58.15 -93.95 63.56
N GLY K 1066 58.99 -94.60 64.35
CA GLY K 1066 59.83 -95.65 63.81
C GLY K 1066 60.69 -96.26 64.89
N VAL K 1067 61.59 -97.14 64.44
CA VAL K 1067 62.52 -97.83 65.34
C VAL K 1067 63.86 -97.99 64.62
N VAL K 1068 64.94 -97.94 65.39
CA VAL K 1068 66.29 -98.09 64.88
C VAL K 1068 66.96 -99.25 65.61
N PHE K 1069 67.50 -100.20 64.85
CA PHE K 1069 68.18 -101.36 65.41
C PHE K 1069 69.68 -101.18 65.34
N LEU K 1070 70.38 -101.63 66.39
CA LEU K 1070 71.83 -101.64 66.44
C LEU K 1070 72.28 -103.10 66.40
N HIS K 1071 72.84 -103.52 65.26
CA HIS K 1071 73.19 -104.91 65.02
C HIS K 1071 74.66 -105.13 65.34
N VAL K 1072 74.94 -105.88 66.40
CA VAL K 1072 76.30 -106.27 66.76
C VAL K 1072 76.63 -107.53 65.98
N THR K 1073 77.48 -107.39 64.96
CA THR K 1073 77.79 -108.49 64.05
C THR K 1073 79.25 -108.90 64.20
N TYR K 1074 79.51 -110.16 63.88
CA TYR K 1074 80.85 -110.74 63.92
C TYR K 1074 81.39 -110.80 62.49
N VAL K 1075 82.46 -110.06 62.23
CA VAL K 1075 83.04 -109.95 60.90
C VAL K 1075 84.43 -110.57 60.92
N PRO K 1076 84.69 -111.59 60.10
CA PRO K 1076 86.06 -112.13 60.01
C PRO K 1076 86.98 -111.17 59.28
N ALA K 1077 88.27 -111.23 59.64
CA ALA K 1077 89.27 -110.37 59.03
C ALA K 1077 90.65 -110.96 59.28
N GLN K 1078 91.61 -110.49 58.49
CA GLN K 1078 93.02 -110.87 58.61
C GLN K 1078 93.18 -112.39 58.46
N GLU K 1079 92.83 -112.89 57.28
CA GLU K 1079 92.91 -114.31 56.99
C GLU K 1079 94.27 -114.66 56.37
N LYS K 1080 94.67 -115.91 56.54
CA LYS K 1080 95.90 -116.44 55.96
C LYS K 1080 95.58 -117.70 55.19
N ASN K 1081 96.27 -117.89 54.06
CA ASN K 1081 96.01 -119.04 53.20
C ASN K 1081 96.79 -120.26 53.67
N PHE K 1082 96.16 -121.42 53.57
CA PHE K 1082 96.76 -122.68 53.99
C PHE K 1082 96.35 -123.79 53.02
N THR K 1083 97.15 -124.86 53.02
CA THR K 1083 96.85 -126.04 52.22
C THR K 1083 95.92 -126.96 53.01
N THR K 1084 94.90 -127.46 52.35
CA THR K 1084 93.89 -128.29 52.99
C THR K 1084 93.79 -129.65 52.30
N ALA K 1085 93.21 -130.60 53.02
CA ALA K 1085 92.98 -131.95 52.54
C ALA K 1085 91.63 -132.44 53.05
N PRO K 1086 90.94 -133.29 52.30
CA PRO K 1086 89.64 -133.77 52.76
C PRO K 1086 89.71 -134.75 53.91
N ALA K 1087 90.74 -135.60 53.96
CA ALA K 1087 90.83 -136.62 55.00
C ALA K 1087 92.29 -136.87 55.33
N ILE K 1088 92.51 -137.73 56.33
CA ILE K 1088 93.85 -138.09 56.80
C ILE K 1088 93.90 -139.60 56.97
N CYS K 1089 94.96 -140.22 56.46
CA CYS K 1089 95.16 -141.66 56.52
C CYS K 1089 96.35 -141.95 57.43
N HIS K 1090 96.08 -142.44 58.64
CA HIS K 1090 97.14 -142.78 59.59
C HIS K 1090 97.21 -144.26 59.88
N ASP K 1091 96.14 -144.85 60.41
CA ASP K 1091 96.11 -146.29 60.72
C ASP K 1091 95.45 -147.08 59.60
N GLY K 1092 95.91 -146.88 58.37
CA GLY K 1092 95.35 -147.59 57.23
C GLY K 1092 93.89 -147.30 56.95
N LYS K 1093 93.32 -146.32 57.66
CA LYS K 1093 91.93 -145.95 57.50
C LYS K 1093 91.79 -144.43 57.56
N ALA K 1094 90.78 -143.92 56.88
CA ALA K 1094 90.62 -142.48 56.75
C ALA K 1094 90.09 -141.86 58.04
N HIS K 1095 90.46 -140.60 58.26
CA HIS K 1095 90.00 -139.83 59.42
C HIS K 1095 89.37 -138.53 58.91
N PHE K 1096 88.30 -138.12 59.58
CA PHE K 1096 87.58 -136.91 59.21
C PHE K 1096 87.34 -136.05 60.44
N PRO K 1097 87.53 -134.74 60.35
CA PRO K 1097 87.39 -133.89 61.52
C PRO K 1097 85.94 -133.80 61.97
N ARG K 1098 85.75 -133.84 63.29
CA ARG K 1098 84.40 -133.75 63.84
C ARG K 1098 83.81 -132.37 63.64
N GLU K 1099 84.45 -131.34 64.19
CA GLU K 1099 84.02 -129.96 64.03
C GLU K 1099 85.26 -129.12 63.76
N GLY K 1100 85.58 -128.93 62.49
CA GLY K 1100 86.74 -128.16 62.10
C GLY K 1100 87.18 -128.53 60.71
N VAL K 1101 88.33 -127.97 60.31
CA VAL K 1101 88.90 -128.19 58.99
C VAL K 1101 90.35 -128.61 59.16
N PHE K 1102 90.88 -129.26 58.12
CA PHE K 1102 92.27 -129.70 58.09
C PHE K 1102 93.10 -128.67 57.32
N VAL K 1103 94.09 -128.08 57.98
CA VAL K 1103 94.95 -127.07 57.39
C VAL K 1103 96.40 -127.54 57.48
N SER K 1104 97.22 -127.02 56.57
CA SER K 1104 98.63 -127.35 56.52
C SER K 1104 99.43 -126.08 56.29
N ASN K 1105 100.43 -125.84 57.15
CA ASN K 1105 101.31 -124.68 57.02
C ASN K 1105 102.55 -124.98 56.19
N GLY K 1106 102.52 -126.05 55.38
CA GLY K 1106 103.64 -126.38 54.54
C GLY K 1106 104.30 -127.70 54.90
N THR K 1107 104.44 -127.97 56.18
CA THR K 1107 105.10 -129.19 56.64
C THR K 1107 104.25 -130.00 57.61
N HIS K 1108 103.49 -129.35 58.47
CA HIS K 1108 102.64 -130.03 59.45
C HIS K 1108 101.18 -129.81 59.14
N TRP K 1109 100.35 -130.73 59.62
CA TRP K 1109 98.90 -130.66 59.44
C TRP K 1109 98.23 -130.47 60.80
N PHE K 1110 97.16 -129.68 60.81
CA PHE K 1110 96.43 -129.37 62.03
C PHE K 1110 94.95 -129.25 61.73
N VAL K 1111 94.14 -129.35 62.78
CA VAL K 1111 92.69 -129.19 62.71
C VAL K 1111 92.31 -127.94 63.49
N THR K 1112 91.65 -127.00 62.83
CA THR K 1112 91.27 -125.74 63.44
C THR K 1112 89.79 -125.46 63.18
N GLN K 1113 89.27 -124.48 63.90
CA GLN K 1113 87.87 -124.08 63.71
C GLN K 1113 87.67 -123.57 62.28
N ARG K 1114 86.45 -123.74 61.79
CA ARG K 1114 86.15 -123.35 60.41
C ARG K 1114 86.11 -121.83 60.25
N ASN K 1115 85.77 -121.10 61.30
CA ASN K 1115 85.63 -119.65 61.22
C ASN K 1115 86.71 -118.89 61.99
N PHE K 1116 87.56 -119.58 62.75
CA PHE K 1116 88.62 -118.93 63.50
C PHE K 1116 89.86 -119.82 63.48
N TYR K 1117 91.02 -119.17 63.49
CA TYR K 1117 92.30 -119.88 63.40
C TYR K 1117 92.73 -120.31 64.79
N GLU K 1118 92.77 -121.63 65.01
CA GLU K 1118 93.21 -122.20 66.27
C GLU K 1118 93.76 -123.58 66.01
N PRO K 1119 95.06 -123.69 65.73
CA PRO K 1119 95.64 -124.99 65.37
C PRO K 1119 95.59 -125.97 66.55
N GLN K 1120 95.10 -127.17 66.28
CA GLN K 1120 95.03 -128.24 67.27
C GLN K 1120 95.68 -129.49 66.71
N ILE K 1121 96.32 -130.24 67.60
CA ILE K 1121 96.97 -131.48 67.19
C ILE K 1121 95.91 -132.51 66.84
N ILE K 1122 96.05 -133.14 65.67
CA ILE K 1122 95.10 -134.12 65.19
C ILE K 1122 95.14 -135.32 66.15
N THR K 1123 94.05 -135.56 66.87
CA THR K 1123 93.94 -136.65 67.83
C THR K 1123 92.68 -137.44 67.55
N THR K 1124 92.44 -138.46 68.36
CA THR K 1124 91.27 -139.32 68.18
C THR K 1124 89.98 -138.59 68.58
N ASP K 1125 90.03 -137.81 69.67
CA ASP K 1125 88.86 -137.10 70.15
C ASP K 1125 88.50 -135.90 69.29
N ASN K 1126 89.21 -135.66 68.19
CA ASN K 1126 88.91 -134.57 67.28
C ASN K 1126 88.61 -135.02 65.86
N THR K 1127 88.75 -136.32 65.57
CA THR K 1127 88.54 -136.85 64.22
C THR K 1127 87.66 -138.08 64.30
N PHE K 1128 86.96 -138.36 63.19
CA PHE K 1128 86.13 -139.54 63.04
C PHE K 1128 86.91 -140.65 62.35
N VAL K 1129 86.22 -141.75 62.08
CA VAL K 1129 86.80 -142.88 61.36
C VAL K 1129 85.72 -143.56 60.53
N SER K 1130 85.91 -143.59 59.21
CA SER K 1130 84.92 -144.20 58.32
C SER K 1130 85.60 -144.51 57.00
N GLY K 1131 85.54 -145.78 56.58
CA GLY K 1131 86.04 -146.17 55.28
C GLY K 1131 87.55 -146.30 55.23
N ASN K 1132 88.02 -146.79 54.09
CA ASN K 1132 89.44 -146.98 53.83
C ASN K 1132 89.99 -145.77 53.07
N CYS K 1133 91.30 -145.79 52.84
CA CYS K 1133 91.98 -144.69 52.16
C CYS K 1133 92.06 -144.92 50.66
N ASP K 1134 90.92 -145.20 50.04
CA ASP K 1134 90.85 -145.42 48.60
C ASP K 1134 89.72 -144.69 47.90
N VAL K 1135 88.66 -144.30 48.62
CA VAL K 1135 87.53 -143.60 48.01
C VAL K 1135 87.59 -142.09 48.21
N VAL K 1136 88.50 -141.60 49.04
CA VAL K 1136 88.62 -140.17 49.30
C VAL K 1136 89.57 -139.58 48.27
N ILE K 1137 89.08 -138.59 47.52
CA ILE K 1137 89.86 -137.95 46.47
C ILE K 1137 90.63 -136.80 47.12
N GLY K 1138 91.92 -137.02 47.36
CA GLY K 1138 92.77 -136.02 47.96
C GLY K 1138 93.25 -136.31 49.37
N ILE K 1139 93.04 -137.54 49.87
CA ILE K 1139 93.47 -137.87 51.22
C ILE K 1139 95.00 -137.98 51.26
N VAL K 1140 95.59 -137.45 52.33
CA VAL K 1140 97.04 -137.43 52.48
C VAL K 1140 97.41 -138.09 53.81
N ASN K 1141 98.69 -138.41 53.94
CA ASN K 1141 99.19 -139.05 55.15
C ASN K 1141 99.45 -138.01 56.23
N ASN K 1142 99.29 -138.43 57.49
CA ASN K 1142 99.60 -137.62 58.66
C ASN K 1142 99.47 -138.49 59.89
N THR K 1143 100.20 -138.13 60.94
CA THR K 1143 100.13 -138.87 62.20
C THR K 1143 98.95 -138.40 63.03
N VAL K 1144 98.26 -139.35 63.66
CA VAL K 1144 97.11 -139.09 64.51
C VAL K 1144 97.46 -139.54 65.92
N TYR K 1145 97.48 -138.59 66.86
CA TYR K 1145 97.84 -138.90 68.23
C TYR K 1145 96.68 -139.57 68.95
N ASP K 1146 97.02 -140.37 69.96
CA ASP K 1146 96.03 -141.06 70.78
C ASP K 1146 96.47 -141.03 72.23
N PRO K 1147 95.75 -140.31 73.10
CA PRO K 1147 96.18 -140.22 74.51
C PRO K 1147 96.00 -141.51 75.30
N LEU K 1148 95.37 -142.53 74.72
CA LEU K 1148 95.16 -143.79 75.44
C LEU K 1148 96.26 -144.81 75.19
N GLN K 1149 97.05 -144.65 74.12
CA GLN K 1149 98.09 -145.62 73.83
C GLN K 1149 99.27 -145.54 74.80
N PRO K 1150 99.85 -144.36 75.09
CA PRO K 1150 100.98 -144.34 76.04
C PRO K 1150 100.58 -144.71 77.46
N GLU K 1151 99.35 -144.38 77.87
CA GLU K 1151 98.89 -144.67 79.22
C GLU K 1151 98.39 -146.11 79.32
N CYS L 26 6.41 -99.90 -18.50
CA CYS L 26 6.64 -100.69 -17.30
C CYS L 26 5.55 -101.73 -17.12
N VAL L 27 5.66 -102.84 -17.85
CA VAL L 27 4.71 -103.94 -17.77
C VAL L 27 5.48 -105.25 -17.83
N ASN L 28 5.25 -106.10 -16.83
CA ASN L 28 5.94 -107.38 -16.74
C ASN L 28 5.22 -108.26 -15.73
N LEU L 29 5.34 -109.58 -15.91
CA LEU L 29 4.76 -110.56 -15.00
C LEU L 29 5.81 -111.65 -14.79
N ILE L 30 6.64 -111.48 -13.76
CA ILE L 30 7.69 -112.43 -13.44
C ILE L 30 7.64 -112.70 -11.94
N THR L 31 7.41 -113.96 -11.57
CA THR L 31 7.37 -114.36 -10.17
C THR L 31 7.65 -115.84 -10.08
N ARG L 32 8.32 -116.24 -9.00
CA ARG L 32 8.66 -117.64 -8.78
C ARG L 32 8.99 -117.83 -7.30
N THR L 33 9.07 -119.09 -6.90
CA THR L 33 9.34 -119.41 -5.50
C THR L 33 10.82 -119.16 -5.17
N GLN L 34 11.11 -119.12 -3.88
CA GLN L 34 12.45 -118.88 -3.36
C GLN L 34 12.83 -120.03 -2.43
N SER L 35 14.05 -119.98 -1.92
CA SER L 35 14.56 -121.00 -1.01
C SER L 35 15.31 -120.32 0.13
N TYR L 36 15.65 -121.12 1.14
CA TYR L 36 16.38 -120.64 2.31
C TYR L 36 17.54 -121.59 2.60
N THR L 37 18.72 -121.01 2.77
CA THR L 37 19.93 -121.78 3.05
C THR L 37 20.65 -121.19 4.26
N ASN L 38 21.50 -122.02 4.87
CA ASN L 38 22.26 -121.58 6.03
C ASN L 38 23.45 -120.72 5.59
N SER L 39 23.80 -119.77 6.44
CA SER L 39 24.88 -118.83 6.14
C SER L 39 26.22 -119.38 6.62
N PHE L 40 27.28 -118.64 6.33
CA PHE L 40 28.64 -119.01 6.70
C PHE L 40 29.36 -117.73 7.13
N THR L 41 30.69 -117.79 7.19
CA THR L 41 31.49 -116.62 7.53
C THR L 41 31.47 -115.54 6.45
N ARG L 42 30.68 -115.70 5.39
CA ARG L 42 30.58 -114.69 4.36
C ARG L 42 29.91 -113.42 4.91
N GLY L 43 30.05 -112.33 4.15
CA GLY L 43 29.44 -111.07 4.51
C GLY L 43 30.30 -110.14 5.33
N VAL L 44 31.55 -110.51 5.61
CA VAL L 44 32.45 -109.69 6.40
C VAL L 44 33.15 -108.69 5.48
N TYR L 45 32.97 -107.41 5.74
CA TYR L 45 33.57 -106.34 4.94
C TYR L 45 34.47 -105.48 5.82
N TYR L 46 35.21 -104.59 5.17
CA TYR L 46 36.06 -103.65 5.89
C TYR L 46 35.21 -102.59 6.56
N PRO L 47 35.36 -102.36 7.87
CA PRO L 47 34.49 -101.38 8.54
C PRO L 47 34.82 -99.95 8.17
N ASP L 48 36.09 -99.61 8.00
CA ASP L 48 36.51 -98.24 7.72
C ASP L 48 37.63 -98.27 6.68
N LYS L 49 38.30 -97.13 6.51
CA LYS L 49 39.32 -96.96 5.50
C LYS L 49 40.71 -96.81 6.12
N VAL L 50 40.99 -97.58 7.17
CA VAL L 50 42.27 -97.52 7.86
C VAL L 50 43.03 -98.82 7.62
N PHE L 51 44.35 -98.73 7.68
CA PHE L 51 45.23 -99.87 7.50
C PHE L 51 45.59 -100.48 8.84
N ARG L 52 45.61 -101.81 8.90
CA ARG L 52 45.98 -102.54 10.11
C ARG L 52 46.88 -103.70 9.73
N SER L 53 47.98 -103.86 10.48
CA SER L 53 48.99 -104.87 10.16
C SER L 53 49.13 -105.82 11.34
N SER L 54 48.65 -107.05 11.16
CA SER L 54 48.83 -108.13 12.13
C SER L 54 48.27 -107.75 13.51
N VAL L 55 47.04 -107.22 13.50
CA VAL L 55 46.35 -106.85 14.74
C VAL L 55 44.92 -107.39 14.67
N LEU L 56 44.31 -107.47 15.86
CA LEU L 56 42.93 -107.92 15.99
C LEU L 56 42.08 -106.73 16.41
N HIS L 57 41.07 -106.40 15.61
CA HIS L 57 40.22 -105.25 15.84
C HIS L 57 38.77 -105.70 15.95
N SER L 58 38.11 -105.29 17.02
CA SER L 58 36.69 -105.59 17.24
C SER L 58 35.90 -104.29 17.18
N THR L 59 34.85 -104.27 16.37
CA THR L 59 34.02 -103.09 16.20
C THR L 59 32.56 -103.48 16.16
N HIS L 60 31.73 -102.68 16.82
CA HIS L 60 30.28 -102.90 16.84
C HIS L 60 29.69 -102.20 15.61
N ASP L 61 29.37 -102.98 14.59
CA ASP L 61 28.81 -102.43 13.35
C ASP L 61 27.84 -103.45 12.77
N LEU L 62 27.14 -103.03 11.72
CA LEU L 62 26.15 -103.88 11.06
C LEU L 62 26.89 -104.97 10.29
N PHE L 63 26.95 -106.17 10.85
CA PHE L 63 27.59 -107.31 10.23
C PHE L 63 26.58 -108.43 10.01
N LEU L 64 26.86 -109.28 9.04
CA LEU L 64 26.03 -110.45 8.79
C LEU L 64 26.35 -111.52 9.82
N PRO L 65 25.38 -111.93 10.64
CA PRO L 65 25.67 -112.95 11.65
C PRO L 65 26.10 -114.28 11.02
N PHE L 66 27.07 -114.92 11.66
CA PHE L 66 27.56 -116.19 11.16
C PHE L 66 26.51 -117.28 11.33
N PHE L 67 26.37 -118.12 10.30
CA PHE L 67 25.41 -119.23 10.31
C PHE L 67 23.98 -118.73 10.52
N SER L 68 23.68 -117.58 9.93
CA SER L 68 22.35 -116.99 10.05
C SER L 68 21.44 -117.53 8.96
N ASN L 69 20.26 -116.93 8.82
CA ASN L 69 19.26 -117.34 7.84
C ASN L 69 19.33 -116.38 6.66
N VAL L 70 19.87 -116.83 5.55
CA VAL L 70 20.06 -116.01 4.35
C VAL L 70 19.22 -116.59 3.23
N THR L 71 18.41 -115.73 2.60
CA THR L 71 17.56 -116.18 1.51
C THR L 71 18.37 -116.40 0.24
N TRP L 72 18.01 -117.45 -0.50
CA TRP L 72 18.68 -117.79 -1.75
C TRP L 72 17.64 -117.94 -2.85
N PHE L 73 18.05 -117.57 -4.07
CA PHE L 73 17.19 -117.64 -5.25
C PHE L 73 17.93 -118.46 -6.30
N HIS L 74 17.57 -119.74 -6.42
CA HIS L 74 18.23 -120.65 -7.36
C HIS L 74 17.74 -120.33 -8.78
N ALA L 75 18.26 -119.23 -9.32
CA ALA L 75 17.94 -118.77 -10.66
C ALA L 75 16.43 -118.60 -10.87
N LYS L 85 12.44 -117.48 -18.25
CA LYS L 85 12.11 -116.19 -17.67
C LYS L 85 12.06 -116.26 -16.14
N ARG L 86 12.54 -117.38 -15.60
CA ARG L 86 12.56 -117.58 -14.16
C ARG L 86 13.65 -116.73 -13.53
N PHE L 87 13.26 -115.71 -12.77
CA PHE L 87 14.21 -114.78 -12.17
C PHE L 87 14.17 -114.76 -10.64
N ASP L 88 13.06 -115.14 -10.02
CA ASP L 88 12.92 -115.16 -8.56
C ASP L 88 13.18 -113.77 -7.96
N ASN L 89 12.31 -112.83 -8.32
CA ASN L 89 12.39 -111.44 -7.87
C ASN L 89 11.12 -111.10 -7.11
N PRO L 90 11.03 -111.45 -5.84
CA PRO L 90 9.81 -111.18 -5.06
C PRO L 90 9.74 -109.81 -4.41
N ALA L 91 10.57 -108.86 -4.82
CA ALA L 91 10.61 -107.51 -4.24
C ALA L 91 10.88 -107.58 -2.73
N LEU L 92 12.09 -108.06 -2.41
CA LEU L 92 12.49 -108.25 -1.02
C LEU L 92 12.54 -106.91 -0.29
N PRO L 93 12.35 -106.90 1.03
CA PRO L 93 12.47 -105.66 1.80
C PRO L 93 13.92 -105.30 2.04
N PHE L 94 14.13 -104.19 2.75
CA PHE L 94 15.47 -103.66 3.01
C PHE L 94 15.54 -103.27 4.48
N ASN L 95 16.33 -104.01 5.25
CA ASN L 95 16.60 -103.68 6.65
C ASN L 95 17.82 -102.78 6.72
N ASP L 96 18.38 -102.63 7.92
CA ASP L 96 19.54 -101.76 8.13
C ASP L 96 20.74 -102.12 7.25
N GLY L 97 20.72 -103.28 6.60
CA GLY L 97 21.78 -103.65 5.69
C GLY L 97 21.45 -104.87 4.85
N VAL L 98 21.91 -104.89 3.61
CA VAL L 98 21.65 -106.00 2.69
C VAL L 98 23.00 -106.52 2.18
N TYR L 99 23.23 -107.83 2.36
CA TYR L 99 24.41 -108.49 1.82
C TYR L 99 24.03 -109.18 0.52
N PHE L 100 24.70 -108.79 -0.56
CA PHE L 100 24.40 -109.31 -1.89
C PHE L 100 25.56 -110.14 -2.41
N ALA L 101 25.23 -111.30 -2.98
CA ALA L 101 26.22 -112.18 -3.58
C ALA L 101 25.56 -112.95 -4.70
N SER L 102 26.31 -113.22 -5.78
CA SER L 102 25.75 -113.88 -6.94
C SER L 102 26.84 -114.68 -7.64
N THR L 103 26.39 -115.63 -8.47
CA THR L 103 27.26 -116.48 -9.28
C THR L 103 26.73 -116.56 -10.70
N GLU L 104 26.37 -115.41 -11.27
CA GLU L 104 25.83 -115.37 -12.61
C GLU L 104 26.87 -115.82 -13.64
N LYS L 105 26.38 -116.29 -14.79
CA LYS L 105 27.27 -116.78 -15.83
C LYS L 105 28.17 -115.67 -16.36
N SER L 106 27.58 -114.66 -17.00
CA SER L 106 28.37 -113.55 -17.54
C SER L 106 27.45 -112.35 -17.71
N ASN L 107 27.60 -111.35 -16.83
CA ASN L 107 26.91 -110.07 -16.94
C ASN L 107 25.39 -110.26 -17.07
N ILE L 108 24.81 -110.85 -16.04
CA ILE L 108 23.37 -111.09 -15.98
C ILE L 108 22.72 -110.27 -14.86
N ILE L 109 23.27 -110.34 -13.66
CA ILE L 109 22.75 -109.60 -12.51
C ILE L 109 23.56 -108.32 -12.41
N ARG L 110 23.08 -107.27 -13.07
CA ARG L 110 23.77 -105.99 -13.09
C ARG L 110 22.77 -104.85 -12.87
N GLY L 111 21.86 -105.02 -11.93
CA GLY L 111 20.86 -104.00 -11.65
C GLY L 111 20.44 -103.94 -10.20
N TRP L 112 20.34 -102.72 -9.67
CA TRP L 112 19.91 -102.52 -8.28
C TRP L 112 19.12 -101.22 -8.20
N ILE L 113 17.95 -101.29 -7.55
CA ILE L 113 17.12 -100.12 -7.33
C ILE L 113 16.77 -100.06 -5.85
N PHE L 114 16.55 -98.85 -5.35
CA PHE L 114 16.24 -98.62 -3.95
C PHE L 114 15.12 -97.60 -3.84
N GLY L 115 14.61 -97.44 -2.62
CA GLY L 115 13.55 -96.48 -2.37
C GLY L 115 12.55 -96.95 -1.33
N THR L 116 11.70 -96.04 -0.85
CA THR L 116 10.69 -96.35 0.15
C THR L 116 9.33 -96.63 -0.47
N THR L 117 8.80 -95.67 -1.22
CA THR L 117 7.47 -95.82 -1.84
C THR L 117 7.52 -96.06 -3.34
N LEU L 118 8.51 -95.51 -4.04
CA LEU L 118 8.81 -95.73 -5.44
C LEU L 118 7.74 -95.18 -6.39
N ASP L 119 6.68 -94.56 -5.88
CA ASP L 119 5.63 -94.03 -6.75
C ASP L 119 5.87 -92.56 -7.10
N SER L 120 7.08 -92.27 -7.59
CA SER L 120 7.50 -90.93 -8.00
C SER L 120 7.30 -89.90 -6.89
N LYS L 121 7.25 -90.34 -5.63
CA LYS L 121 7.08 -89.44 -4.50
C LYS L 121 8.31 -89.35 -3.62
N THR L 122 9.17 -90.36 -3.61
CA THR L 122 10.40 -90.36 -2.83
C THR L 122 11.58 -90.63 -3.75
N GLN L 123 12.76 -90.34 -3.23
CA GLN L 123 13.98 -90.56 -4.00
C GLN L 123 14.23 -92.05 -4.20
N SER L 124 14.75 -92.39 -5.37
CA SER L 124 15.02 -93.79 -5.71
C SER L 124 16.40 -93.89 -6.35
N LEU L 125 16.95 -95.10 -6.31
CA LEU L 125 18.25 -95.40 -6.88
C LEU L 125 18.10 -96.23 -8.15
N LEU L 126 19.06 -96.09 -9.06
CA LEU L 126 19.08 -96.86 -10.31
C LEU L 126 20.54 -97.09 -10.68
N ILE L 127 21.04 -98.29 -10.39
CA ILE L 127 22.42 -98.66 -10.67
C ILE L 127 22.39 -99.71 -11.76
N VAL L 128 22.67 -99.29 -12.99
CA VAL L 128 22.76 -100.19 -14.13
C VAL L 128 24.21 -100.20 -14.59
N ASN L 129 24.76 -101.40 -14.79
CA ASN L 129 26.17 -101.53 -15.16
C ASN L 129 26.42 -101.20 -16.62
N ASN L 130 25.43 -101.42 -17.50
CA ASN L 130 25.55 -101.11 -18.92
C ASN L 130 26.67 -101.89 -19.60
N ALA L 131 27.24 -102.88 -18.91
CA ALA L 131 28.33 -103.73 -19.39
C ALA L 131 29.61 -102.95 -19.66
N THR L 132 29.65 -101.65 -19.37
CA THR L 132 30.84 -100.84 -19.61
C THR L 132 31.21 -99.90 -18.48
N ASN L 133 30.34 -99.62 -17.52
CA ASN L 133 30.60 -98.63 -16.49
C ASN L 133 29.77 -98.99 -15.24
N VAL L 134 29.66 -98.04 -14.32
CA VAL L 134 28.76 -98.16 -13.17
C VAL L 134 27.92 -96.89 -13.15
N VAL L 135 26.73 -96.95 -13.76
CA VAL L 135 25.87 -95.79 -13.88
C VAL L 135 25.03 -95.64 -12.62
N ILE L 136 25.48 -94.83 -11.69
CA ILE L 136 24.77 -94.56 -10.44
C ILE L 136 24.05 -93.23 -10.59
N LYS L 137 22.72 -93.27 -10.63
CA LYS L 137 21.90 -92.08 -10.75
C LYS L 137 20.81 -92.10 -9.70
N VAL L 138 20.61 -90.97 -9.03
CA VAL L 138 19.60 -90.83 -7.98
C VAL L 138 18.54 -89.87 -8.48
N CYS L 139 17.29 -90.31 -8.47
CA CYS L 139 16.18 -89.54 -9.01
C CYS L 139 14.88 -90.12 -8.49
N GLU L 140 13.77 -89.46 -8.82
CA GLU L 140 12.44 -89.92 -8.41
C GLU L 140 11.83 -90.74 -9.53
N PHE L 141 12.38 -91.94 -9.71
CA PHE L 141 11.90 -92.85 -10.74
C PHE L 141 10.51 -93.36 -10.40
N GLN L 142 9.85 -93.96 -11.40
CA GLN L 142 8.54 -94.55 -11.26
C GLN L 142 8.66 -96.04 -11.56
N PHE L 143 8.67 -96.87 -10.52
CA PHE L 143 8.79 -98.31 -10.66
C PHE L 143 7.42 -98.95 -10.52
N CYS L 144 7.07 -99.84 -11.45
CA CYS L 144 5.80 -100.54 -11.41
C CYS L 144 5.95 -101.79 -10.55
N ASN L 145 4.95 -102.68 -10.60
CA ASN L 145 4.95 -103.87 -9.76
C ASN L 145 5.96 -104.92 -10.23
N ASP L 146 6.56 -104.75 -11.40
CA ASP L 146 7.52 -105.74 -11.90
C ASP L 146 8.49 -105.09 -12.88
N PRO L 147 9.66 -104.65 -12.42
CA PRO L 147 10.66 -104.12 -13.35
C PRO L 147 11.42 -105.23 -14.05
N PHE L 148 11.88 -104.91 -15.26
CA PHE L 148 12.61 -105.87 -16.08
C PHE L 148 13.55 -105.13 -17.01
N LEU L 149 14.53 -105.85 -17.54
CA LEU L 149 15.56 -105.29 -18.40
C LEU L 149 15.66 -106.09 -19.70
N ASP L 150 14.50 -106.33 -20.33
CA ASP L 150 14.47 -107.04 -21.60
C ASP L 150 14.95 -106.15 -22.73
N VAL L 151 16.26 -106.16 -23.00
CA VAL L 151 16.83 -105.30 -24.02
C VAL L 151 16.36 -105.76 -25.39
N TYR L 152 15.97 -104.80 -26.24
CA TYR L 152 15.41 -105.04 -27.57
C TYR L 152 14.45 -106.24 -27.62
N MET L 160 21.36 -102.02 -29.33
CA MET L 160 21.54 -103.00 -28.27
C MET L 160 22.06 -102.33 -26.99
N GLU L 161 22.01 -103.08 -25.89
CA GLU L 161 22.44 -102.58 -24.58
C GLU L 161 21.70 -101.32 -24.18
N SER L 162 20.44 -101.19 -24.58
CA SER L 162 19.62 -100.03 -24.26
C SER L 162 18.23 -100.48 -23.84
N GLU L 163 17.72 -99.85 -22.79
CA GLU L 163 16.39 -100.20 -22.28
C GLU L 163 15.82 -99.01 -21.52
N PHE L 164 14.52 -98.80 -21.67
CA PHE L 164 13.83 -97.68 -21.03
C PHE L 164 12.60 -98.10 -20.24
N ARG L 165 12.06 -99.30 -20.44
CA ARG L 165 10.84 -99.74 -19.77
C ARG L 165 11.03 -99.97 -18.27
N VAL L 166 12.24 -99.74 -17.73
CA VAL L 166 12.44 -99.91 -16.30
C VAL L 166 11.69 -98.84 -15.52
N TYR L 167 11.78 -97.59 -15.95
CA TYR L 167 11.13 -96.47 -15.30
C TYR L 167 10.32 -95.69 -16.34
N SER L 168 9.57 -94.70 -15.85
CA SER L 168 8.76 -93.88 -16.75
C SER L 168 8.84 -92.38 -16.46
N SER L 169 9.50 -91.94 -15.40
CA SER L 169 9.56 -90.53 -15.07
C SER L 169 10.87 -90.22 -14.37
N ALA L 170 11.18 -88.93 -14.27
CA ALA L 170 12.39 -88.47 -13.60
C ALA L 170 12.15 -87.04 -13.15
N ASN L 171 11.98 -86.83 -11.84
CA ASN L 171 11.59 -85.52 -11.33
C ASN L 171 12.79 -84.59 -11.18
N ASN L 172 13.72 -84.94 -10.28
CA ASN L 172 14.84 -84.06 -9.96
C ASN L 172 16.15 -84.53 -10.56
N CYS L 173 16.55 -85.78 -10.30
CA CYS L 173 17.82 -86.33 -10.79
C CYS L 173 19.00 -85.48 -10.32
N THR L 174 19.16 -85.41 -8.99
CA THR L 174 20.13 -84.54 -8.37
C THR L 174 21.51 -85.17 -8.24
N PHE L 175 21.67 -86.45 -8.57
CA PHE L 175 22.96 -87.12 -8.42
C PHE L 175 23.21 -88.01 -9.63
N GLU L 176 24.46 -88.04 -10.07
CA GLU L 176 24.86 -88.86 -11.21
C GLU L 176 26.29 -89.34 -10.98
N TYR L 177 26.56 -90.57 -11.38
CA TYR L 177 27.88 -91.18 -11.16
C TYR L 177 28.04 -92.30 -12.17
N VAL L 178 28.99 -92.14 -13.09
CA VAL L 178 29.16 -93.08 -14.20
C VAL L 178 30.59 -93.59 -14.26
N SER L 179 31.25 -93.67 -13.11
CA SER L 179 32.64 -94.13 -13.07
C SER L 179 32.75 -95.59 -13.50
N GLN L 180 33.96 -95.97 -13.88
CA GLN L 180 34.22 -97.32 -14.37
C GLN L 180 34.18 -98.31 -13.21
N PRO L 181 33.88 -99.59 -13.49
CA PRO L 181 33.87 -100.63 -12.46
C PRO L 181 35.26 -100.87 -11.85
N ASN L 195 33.74 -117.42 -9.93
CA ASN L 195 33.32 -116.07 -10.29
C ASN L 195 32.31 -115.53 -9.28
N LEU L 196 32.51 -115.86 -8.01
CA LEU L 196 31.61 -115.42 -6.95
C LEU L 196 31.80 -113.93 -6.70
N ARG L 197 30.78 -113.14 -7.04
CA ARG L 197 30.78 -111.70 -6.79
C ARG L 197 30.00 -111.41 -5.53
N GLU L 198 30.55 -110.56 -4.66
CA GLU L 198 29.91 -110.22 -3.40
C GLU L 198 29.82 -108.70 -3.28
N PHE L 199 28.75 -108.24 -2.63
CA PHE L 199 28.52 -106.81 -2.43
C PHE L 199 27.86 -106.59 -1.08
N VAL L 200 28.09 -105.40 -0.52
CA VAL L 200 27.44 -104.97 0.72
C VAL L 200 26.96 -103.54 0.51
N PHE L 201 25.66 -103.33 0.66
CA PHE L 201 25.04 -102.02 0.47
C PHE L 201 24.51 -101.55 1.82
N LYS L 202 25.11 -100.48 2.35
CA LYS L 202 24.75 -99.93 3.65
C LYS L 202 24.35 -98.46 3.49
N ASN L 203 23.38 -98.04 4.29
CA ASN L 203 22.93 -96.65 4.32
C ASN L 203 22.90 -96.18 5.76
N ILE L 204 23.76 -95.22 6.09
CA ILE L 204 23.85 -94.70 7.45
C ILE L 204 24.38 -93.27 7.39
N ASP L 205 23.76 -92.38 8.15
CA ASP L 205 24.17 -90.98 8.25
C ASP L 205 24.18 -90.29 6.88
N GLY L 206 23.21 -90.64 6.04
CA GLY L 206 23.09 -90.07 4.71
C GLY L 206 23.93 -90.76 3.65
N TYR L 207 25.12 -91.23 4.02
CA TYR L 207 25.98 -91.91 3.06
C TYR L 207 25.38 -93.25 2.66
N PHE L 208 25.77 -93.73 1.48
CA PHE L 208 25.35 -95.02 0.96
C PHE L 208 26.63 -95.83 0.68
N LYS L 209 27.08 -96.57 1.69
CA LYS L 209 28.30 -97.35 1.56
C LYS L 209 28.09 -98.53 0.60
N ILE L 210 29.08 -98.77 -0.24
CA ILE L 210 29.05 -99.87 -1.20
C ILE L 210 30.38 -100.60 -1.14
N TYR L 211 30.33 -101.91 -0.91
CA TYR L 211 31.51 -102.76 -0.89
C TYR L 211 31.40 -103.80 -2.00
N SER L 212 32.54 -104.39 -2.35
CA SER L 212 32.57 -105.36 -3.44
C SER L 212 33.78 -106.26 -3.30
N LYS L 213 33.66 -107.48 -3.82
CA LYS L 213 34.75 -108.44 -3.83
C LYS L 213 34.45 -109.57 -4.81
N HIS L 214 35.41 -109.89 -5.67
CA HIS L 214 35.25 -110.94 -6.67
C HIS L 214 36.28 -112.03 -6.40
N THR L 215 35.81 -113.23 -6.06
CA THR L 215 36.68 -114.37 -5.81
C THR L 215 36.23 -115.53 -6.69
N PRO L 216 37.15 -116.23 -7.35
CA PRO L 216 36.76 -117.33 -8.23
C PRO L 216 36.42 -118.58 -7.45
N ILE L 217 35.46 -119.33 -7.98
CA ILE L 217 35.05 -120.61 -7.42
C ILE L 217 34.97 -121.64 -8.53
N ASN L 218 35.22 -122.90 -8.17
CA ASN L 218 35.19 -123.99 -9.13
C ASN L 218 34.39 -125.20 -8.67
N LEU L 219 34.03 -125.30 -7.39
CA LEU L 219 33.27 -126.44 -6.89
C LEU L 219 31.79 -126.24 -7.20
N GLU L 220 30.95 -127.12 -6.67
CA GLU L 220 29.52 -127.04 -6.89
C GLU L 220 28.93 -125.82 -6.19
N ARG L 221 27.76 -125.40 -6.67
CA ARG L 221 27.08 -124.23 -6.10
C ARG L 221 26.50 -124.55 -4.74
N ASP L 222 27.27 -124.28 -3.68
CA ASP L 222 26.81 -124.54 -2.32
C ASP L 222 27.24 -123.44 -1.35
N LEU L 223 27.65 -122.27 -1.86
CA LEU L 223 28.20 -121.19 -1.05
C LEU L 223 29.36 -121.73 -0.22
N PRO L 224 30.51 -122.00 -0.84
CA PRO L 224 31.58 -122.72 -0.14
C PRO L 224 32.09 -121.98 1.08
N GLN L 225 32.46 -122.75 2.11
CA GLN L 225 32.95 -122.18 3.34
C GLN L 225 34.37 -121.63 3.15
N GLY L 226 34.65 -120.51 3.82
CA GLY L 226 35.95 -119.89 3.73
C GLY L 226 35.93 -118.49 4.29
N PHE L 227 36.61 -117.55 3.63
CA PHE L 227 36.56 -116.15 4.04
C PHE L 227 36.91 -115.27 2.85
N SER L 228 36.10 -114.24 2.63
CA SER L 228 36.30 -113.31 1.52
C SER L 228 35.90 -111.91 2.00
N ALA L 229 36.89 -111.13 2.40
CA ALA L 229 36.63 -109.77 2.86
C ALA L 229 36.26 -108.88 1.68
N LEU L 230 35.26 -108.03 1.88
CA LEU L 230 34.74 -107.15 0.83
C LEU L 230 35.39 -105.78 0.95
N GLU L 231 35.87 -105.25 -0.17
CA GLU L 231 36.59 -103.98 -0.26
C GLU L 231 35.63 -102.85 -0.58
N PRO L 232 35.86 -101.65 -0.02
CA PRO L 232 35.01 -100.50 -0.36
C PRO L 232 35.07 -100.18 -1.84
N LEU L 233 33.93 -99.80 -2.40
CA LEU L 233 33.80 -99.58 -3.84
C LEU L 233 33.51 -98.12 -4.19
N VAL L 234 32.44 -97.54 -3.63
CA VAL L 234 32.02 -96.22 -4.06
C VAL L 234 32.02 -95.25 -2.87
N ASP L 235 31.18 -95.53 -1.87
CA ASP L 235 31.02 -94.68 -0.69
C ASP L 235 30.60 -93.26 -1.07
N LEU L 236 29.39 -93.17 -1.61
CA LEU L 236 28.90 -91.86 -2.02
C LEU L 236 27.87 -91.31 -1.04
N PRO L 237 27.88 -90.01 -0.78
CA PRO L 237 26.84 -89.41 0.07
C PRO L 237 25.61 -89.01 -0.73
N ILE L 238 24.45 -89.51 -0.32
CA ILE L 238 23.20 -89.16 -0.99
C ILE L 238 22.24 -88.53 0.02
N GLY L 239 21.87 -89.29 1.03
CA GLY L 239 20.94 -88.80 2.04
C GLY L 239 19.49 -89.13 1.80
N ILE L 240 19.18 -90.06 0.89
CA ILE L 240 17.80 -90.43 0.60
C ILE L 240 17.33 -91.46 1.61
N ASN L 241 16.02 -91.70 1.64
CA ASN L 241 15.41 -92.67 2.54
C ASN L 241 15.21 -93.97 1.78
N ILE L 242 15.66 -95.08 2.35
CA ILE L 242 15.59 -96.40 1.72
C ILE L 242 15.01 -97.38 2.72
N THR L 243 13.90 -98.02 2.35
CA THR L 243 13.32 -99.10 3.15
C THR L 243 13.06 -100.36 2.35
N ARG L 244 13.10 -100.31 1.03
CA ARG L 244 12.92 -101.49 0.18
C ARG L 244 13.93 -101.43 -0.95
N PHE L 245 14.19 -102.58 -1.57
CA PHE L 245 15.10 -102.67 -2.70
C PHE L 245 14.67 -103.82 -3.59
N GLN L 246 15.09 -103.75 -4.85
CA GLN L 246 14.76 -104.77 -5.82
C GLN L 246 15.90 -104.91 -6.81
N THR L 247 16.06 -106.11 -7.35
CA THR L 247 17.13 -106.43 -8.29
C THR L 247 16.53 -106.79 -9.64
N LEU L 248 17.06 -106.20 -10.71
CA LEU L 248 16.58 -106.45 -12.06
C LEU L 248 17.67 -107.13 -12.87
N LEU L 249 17.25 -108.04 -13.75
CA LEU L 249 18.16 -108.82 -14.59
C LEU L 249 17.85 -108.58 -16.06
N ALA L 250 18.89 -108.62 -16.88
CA ALA L 250 18.73 -108.44 -18.31
C ALA L 250 18.37 -109.75 -18.99
N LEU L 251 17.42 -109.69 -19.90
CA LEU L 251 16.96 -110.87 -20.64
C LEU L 251 16.73 -110.49 -22.09
N HIS L 252 16.42 -111.50 -22.90
CA HIS L 252 16.19 -111.30 -24.33
C HIS L 252 14.86 -111.91 -24.76
N ALA L 269 24.34 -119.40 -14.68
CA ALA L 269 22.97 -119.32 -14.18
C ALA L 269 22.61 -117.89 -13.80
N ALA L 270 21.54 -117.75 -13.02
CA ALA L 270 21.07 -116.44 -12.57
C ALA L 270 20.71 -116.49 -11.09
N ALA L 271 21.55 -117.17 -10.30
CA ALA L 271 21.31 -117.35 -8.87
C ALA L 271 22.06 -116.28 -8.08
N TYR L 272 21.40 -115.75 -7.06
CA TYR L 272 21.99 -114.73 -6.20
C TYR L 272 21.52 -114.93 -4.77
N TYR L 273 22.24 -114.31 -3.83
CA TYR L 273 21.95 -114.41 -2.41
C TYR L 273 21.63 -113.03 -1.86
N VAL L 274 20.80 -113.00 -0.81
CA VAL L 274 20.41 -111.77 -0.14
C VAL L 274 20.52 -112.01 1.36
N GLY L 275 21.53 -111.39 1.98
CA GLY L 275 21.69 -111.48 3.42
C GLY L 275 21.36 -110.17 4.10
N TYR L 276 20.98 -110.23 5.39
CA TYR L 276 20.56 -109.06 6.13
C TYR L 276 21.60 -108.75 7.21
N LEU L 277 22.15 -107.54 7.18
CA LEU L 277 23.12 -107.11 8.17
C LEU L 277 22.41 -106.78 9.48
N GLN L 278 23.06 -107.11 10.59
CA GLN L 278 22.51 -106.88 11.91
C GLN L 278 23.57 -106.28 12.82
N PRO L 279 23.16 -105.50 13.83
CA PRO L 279 24.14 -104.96 14.77
C PRO L 279 24.73 -106.04 15.65
N ARG L 280 26.00 -106.36 15.42
CA ARG L 280 26.70 -107.39 16.17
C ARG L 280 28.09 -106.86 16.52
N THR L 281 28.95 -107.76 16.99
CA THR L 281 30.34 -107.42 17.30
C THR L 281 31.22 -108.54 16.77
N PHE L 282 32.09 -108.21 15.83
CA PHE L 282 33.01 -109.17 15.23
C PHE L 282 34.42 -108.95 15.74
N LEU L 283 35.30 -109.86 15.36
CA LEU L 283 36.72 -109.80 15.70
C LEU L 283 37.52 -110.07 14.43
N LEU L 284 37.95 -109.00 13.77
CA LEU L 284 38.63 -109.11 12.49
C LEU L 284 40.13 -109.25 12.69
N LYS L 285 40.74 -110.16 11.91
CA LYS L 285 42.18 -110.37 11.93
C LYS L 285 42.77 -109.86 10.62
N TYR L 286 43.64 -108.86 10.72
CA TYR L 286 44.33 -108.30 9.56
C TYR L 286 45.71 -108.93 9.41
N ASN L 287 46.13 -109.06 8.16
CA ASN L 287 47.44 -109.64 7.86
C ASN L 287 48.49 -108.54 7.84
N GLU L 288 49.71 -108.88 7.42
CA GLU L 288 50.79 -107.89 7.38
C GLU L 288 50.59 -106.87 6.27
N ASN L 289 49.76 -107.16 5.28
CA ASN L 289 49.47 -106.25 4.18
C ASN L 289 48.11 -105.58 4.32
N GLY L 290 47.42 -105.78 5.43
CA GLY L 290 46.12 -105.20 5.65
C GLY L 290 44.94 -106.05 5.22
N THR L 291 45.19 -107.23 4.64
CA THR L 291 44.11 -108.09 4.18
C THR L 291 43.53 -108.85 5.36
N ILE L 292 42.19 -108.87 5.44
CA ILE L 292 41.51 -109.58 6.51
C ILE L 292 41.55 -111.08 6.21
N THR L 293 41.90 -111.87 7.21
CA THR L 293 42.03 -113.32 7.07
C THR L 293 40.79 -114.06 7.54
N ASP L 294 40.27 -113.73 8.72
CA ASP L 294 39.09 -114.39 9.25
C ASP L 294 38.43 -113.48 10.29
N ALA L 295 37.20 -113.81 10.62
CA ALA L 295 36.41 -113.04 11.58
C ALA L 295 35.80 -113.98 12.60
N VAL L 296 35.41 -113.40 13.74
CA VAL L 296 34.83 -114.15 14.85
C VAL L 296 33.60 -113.41 15.35
N ASP L 297 32.44 -114.04 15.28
CA ASP L 297 31.20 -113.44 15.79
C ASP L 297 31.12 -113.67 17.29
N CYS L 298 31.15 -112.57 18.06
CA CYS L 298 31.21 -112.65 19.51
C CYS L 298 29.89 -113.08 20.14
N ALA L 299 28.85 -113.34 19.36
CA ALA L 299 27.56 -113.76 19.90
C ALA L 299 27.07 -115.05 19.23
N LEU L 300 27.99 -115.87 18.74
CA LEU L 300 27.64 -117.11 18.06
C LEU L 300 27.65 -118.30 19.03
N ASP L 301 28.78 -118.54 19.67
CA ASP L 301 28.96 -119.65 20.59
C ASP L 301 29.83 -119.19 21.74
N PRO L 302 29.80 -119.88 22.88
CA PRO L 302 30.61 -119.46 24.02
C PRO L 302 32.10 -119.41 23.73
N LEU L 303 32.60 -120.27 22.84
CA LEU L 303 34.03 -120.23 22.51
C LEU L 303 34.39 -118.92 21.84
N SER L 304 33.53 -118.42 20.94
CA SER L 304 33.78 -117.13 20.32
C SER L 304 33.65 -116.00 21.34
N GLU L 305 32.77 -116.15 22.32
CA GLU L 305 32.67 -115.15 23.38
C GLU L 305 33.97 -115.10 24.18
N THR L 306 34.56 -116.26 24.48
CA THR L 306 35.84 -116.29 25.16
C THR L 306 36.94 -115.68 24.30
N LYS L 307 36.93 -115.98 22.99
CA LYS L 307 37.91 -115.40 22.08
C LYS L 307 37.83 -113.89 22.06
N CYS L 308 36.61 -113.34 22.01
CA CYS L 308 36.45 -111.89 22.00
C CYS L 308 36.79 -111.27 23.35
N THR L 309 36.52 -111.98 24.45
CA THR L 309 36.89 -111.47 25.76
C THR L 309 38.41 -111.39 25.92
N LEU L 310 39.11 -112.43 25.45
CA LEU L 310 40.57 -112.45 25.52
C LEU L 310 41.23 -111.67 24.38
N LYS L 311 40.45 -111.24 23.38
CA LYS L 311 40.97 -110.51 22.23
C LYS L 311 42.06 -111.31 21.51
N SER L 312 41.83 -112.60 21.37
CA SER L 312 42.79 -113.49 20.72
C SER L 312 42.07 -114.66 20.11
N PHE L 313 42.68 -115.25 19.09
CA PHE L 313 42.12 -116.41 18.40
C PHE L 313 42.52 -117.73 19.04
N THR L 314 43.51 -117.73 19.92
CA THR L 314 43.96 -118.94 20.61
C THR L 314 43.54 -118.86 22.08
N VAL L 315 42.87 -119.91 22.56
CA VAL L 315 42.39 -119.98 23.92
C VAL L 315 43.13 -121.10 24.64
N GLU L 316 43.50 -120.84 25.89
CA GLU L 316 44.20 -121.81 26.71
C GLU L 316 43.20 -122.60 27.56
N LYS L 317 43.69 -123.41 28.48
CA LYS L 317 42.84 -124.22 29.34
C LYS L 317 42.46 -123.41 30.59
N GLY L 318 41.18 -123.41 30.91
CA GLY L 318 40.70 -122.74 32.10
C GLY L 318 39.31 -122.19 31.89
N ILE L 319 38.81 -121.53 32.93
CA ILE L 319 37.50 -120.88 32.91
C ILE L 319 37.69 -119.42 32.55
N TYR L 320 36.67 -118.83 31.93
CA TYR L 320 36.73 -117.44 31.49
C TYR L 320 35.36 -116.81 31.67
N GLN L 321 35.31 -115.72 32.45
CA GLN L 321 34.08 -114.98 32.68
C GLN L 321 33.77 -114.17 31.42
N THR L 322 32.80 -114.65 30.62
CA THR L 322 32.49 -114.03 29.35
C THR L 322 31.34 -113.01 29.48
N SER L 323 30.18 -113.47 29.92
CA SER L 323 29.00 -112.61 30.00
C SER L 323 28.27 -112.91 31.31
N ASN L 324 27.11 -112.29 31.48
CA ASN L 324 26.28 -112.47 32.67
C ASN L 324 24.91 -112.98 32.25
N PHE L 325 24.38 -113.92 33.03
CA PHE L 325 23.08 -114.51 32.75
C PHE L 325 21.97 -113.64 33.34
N ARG L 326 20.87 -113.55 32.61
CA ARG L 326 19.75 -112.70 33.01
C ARG L 326 18.47 -113.22 32.37
N VAL L 327 17.53 -113.69 33.19
CA VAL L 327 16.27 -114.18 32.66
C VAL L 327 15.44 -113.01 32.15
N GLN L 328 14.82 -113.21 31.00
CA GLN L 328 13.98 -112.17 30.41
C GLN L 328 12.58 -112.24 31.01
N PRO L 329 12.03 -111.12 31.48
CA PRO L 329 10.69 -111.17 32.09
C PRO L 329 9.61 -111.35 31.04
N THR L 330 8.51 -111.96 31.48
CA THR L 330 7.35 -112.16 30.62
C THR L 330 6.52 -110.88 30.57
N GLU L 331 5.29 -110.99 30.07
CA GLU L 331 4.44 -109.81 29.91
C GLU L 331 4.21 -109.12 31.25
N SER L 332 3.93 -107.82 31.18
CA SER L 332 3.77 -107.00 32.37
C SER L 332 2.36 -107.11 32.92
N ILE L 333 2.20 -106.70 34.17
CA ILE L 333 0.91 -106.71 34.85
C ILE L 333 0.63 -105.32 35.41
N VAL L 334 -0.65 -104.99 35.52
CA VAL L 334 -1.09 -103.69 36.02
C VAL L 334 -2.09 -103.92 37.15
N ARG L 335 -1.86 -103.29 38.29
CA ARG L 335 -2.72 -103.42 39.46
C ARG L 335 -2.93 -102.04 40.07
N PHE L 336 -4.19 -101.61 40.14
CA PHE L 336 -4.58 -100.33 40.69
C PHE L 336 -5.92 -100.47 41.40
N PRO L 337 -6.16 -99.65 42.43
CA PRO L 337 -7.40 -99.81 43.21
C PRO L 337 -8.63 -99.44 42.40
N ASN L 338 -9.79 -99.74 42.98
CA ASN L 338 -11.08 -99.49 42.34
C ASN L 338 -11.43 -98.02 42.49
N ILE L 339 -10.96 -97.21 41.54
CA ILE L 339 -11.26 -95.78 41.50
C ILE L 339 -11.87 -95.48 40.14
N THR L 340 -13.05 -94.84 40.16
CA THR L 340 -13.76 -94.53 38.93
C THR L 340 -14.17 -93.06 38.80
N ASN L 341 -14.12 -92.28 39.88
CA ASN L 341 -14.51 -90.89 39.83
C ASN L 341 -13.36 -90.06 39.25
N LEU L 342 -13.64 -89.33 38.18
CA LEU L 342 -12.63 -88.49 37.56
C LEU L 342 -12.25 -87.33 38.49
N CYS L 343 -11.00 -86.90 38.39
CA CYS L 343 -10.54 -85.78 39.19
C CYS L 343 -11.20 -84.49 38.72
N PRO L 344 -11.50 -83.58 39.65
CA PRO L 344 -12.20 -82.33 39.30
C PRO L 344 -11.32 -81.32 38.57
N PHE L 345 -10.71 -81.76 37.47
CA PHE L 345 -9.92 -80.84 36.66
C PHE L 345 -10.80 -79.85 35.91
N HIS L 346 -12.03 -80.26 35.57
CA HIS L 346 -12.96 -79.35 34.91
C HIS L 346 -13.46 -78.24 35.84
N GLU L 347 -13.20 -78.35 37.14
CA GLU L 347 -13.62 -77.33 38.10
C GLU L 347 -12.56 -76.25 38.30
N VAL L 348 -11.29 -76.64 38.29
CA VAL L 348 -10.21 -75.66 38.50
C VAL L 348 -9.88 -74.89 37.23
N PHE L 349 -10.26 -75.40 36.06
CA PHE L 349 -10.02 -74.72 34.79
C PHE L 349 -11.22 -73.90 34.32
N ASN L 350 -12.43 -74.42 34.49
CA ASN L 350 -13.65 -73.76 34.04
C ASN L 350 -14.42 -73.17 35.23
N ALA L 351 -13.69 -72.62 36.20
CA ALA L 351 -14.33 -72.08 37.39
C ALA L 351 -15.10 -70.80 37.10
N THR L 352 -14.65 -70.02 36.11
CA THR L 352 -15.24 -68.74 35.71
C THR L 352 -15.22 -67.71 36.85
N THR L 353 -14.52 -68.01 37.94
CA THR L 353 -14.40 -67.10 39.08
C THR L 353 -12.97 -67.08 39.58
N PHE L 354 -12.01 -66.99 38.65
CA PHE L 354 -10.60 -67.02 39.02
C PHE L 354 -10.25 -65.83 39.89
N ALA L 355 -9.35 -66.07 40.85
CA ALA L 355 -8.96 -65.04 41.80
C ALA L 355 -7.74 -64.28 41.30
N SER L 356 -7.26 -63.35 42.11
CA SER L 356 -6.10 -62.54 41.76
C SER L 356 -4.83 -63.36 41.96
N VAL L 357 -3.69 -62.70 41.74
CA VAL L 357 -2.41 -63.39 41.85
C VAL L 357 -1.86 -63.36 43.27
N TYR L 358 -2.25 -62.36 44.07
CA TYR L 358 -1.79 -62.32 45.45
C TYR L 358 -2.58 -63.29 46.33
N ALA L 359 -3.91 -63.29 46.18
CA ALA L 359 -4.77 -64.24 46.87
C ALA L 359 -5.11 -65.41 45.95
N TRP L 360 -4.06 -66.08 45.48
CA TRP L 360 -4.25 -67.18 44.55
C TRP L 360 -4.84 -68.39 45.26
N ASN L 361 -5.89 -68.96 44.67
CA ASN L 361 -6.60 -70.08 45.26
C ASN L 361 -5.82 -71.37 45.06
N ARG L 362 -5.98 -72.29 46.01
CA ARG L 362 -5.31 -73.58 45.97
C ARG L 362 -6.35 -74.67 46.17
N LYS L 363 -6.33 -75.69 45.31
CA LYS L 363 -7.27 -76.79 45.38
C LYS L 363 -6.52 -78.10 45.56
N ARG L 364 -7.05 -78.95 46.43
CA ARG L 364 -6.45 -80.25 46.72
C ARG L 364 -7.18 -81.32 45.90
N ILE L 365 -6.42 -82.02 45.07
CA ILE L 365 -6.96 -83.07 44.21
C ILE L 365 -6.43 -84.40 44.72
N SER L 366 -7.32 -85.25 45.21
CA SER L 366 -6.94 -86.54 45.77
C SER L 366 -8.10 -87.50 45.65
N ASN L 367 -7.77 -88.81 45.69
CA ASN L 367 -8.75 -89.89 45.64
C ASN L 367 -9.61 -89.82 44.38
N CYS L 368 -8.92 -89.88 43.24
CA CYS L 368 -9.59 -89.82 41.94
C CYS L 368 -8.60 -90.27 40.87
N VAL L 369 -9.13 -90.62 39.71
CA VAL L 369 -8.30 -91.02 38.58
C VAL L 369 -7.84 -89.76 37.84
N ALA L 370 -6.53 -89.55 37.79
CA ALA L 370 -5.95 -88.33 37.23
C ALA L 370 -5.93 -88.44 35.72
N ASP L 371 -7.02 -87.99 35.08
CA ASP L 371 -7.13 -87.95 33.63
C ASP L 371 -6.75 -86.56 33.15
N TYR L 372 -5.84 -86.50 32.18
CA TYR L 372 -5.37 -85.23 31.63
C TYR L 372 -5.89 -84.95 30.23
N SER L 373 -6.67 -85.86 29.65
CA SER L 373 -7.27 -85.61 28.36
C SER L 373 -8.41 -84.59 28.45
N VAL L 374 -8.94 -84.35 29.65
CA VAL L 374 -10.01 -83.39 29.85
C VAL L 374 -9.43 -82.01 30.06
N ILE L 375 -8.13 -81.87 29.84
CA ILE L 375 -7.43 -80.60 29.96
C ILE L 375 -7.23 -79.95 28.60
N TYR L 376 -6.80 -80.73 27.61
CA TYR L 376 -6.51 -80.19 26.28
C TYR L 376 -7.77 -79.80 25.51
N ASN L 377 -8.94 -80.23 25.95
CA ASN L 377 -10.18 -79.95 25.23
C ASN L 377 -10.73 -78.56 25.52
N PHE L 378 -10.04 -77.76 26.33
CA PHE L 378 -10.55 -76.43 26.67
C PHE L 378 -10.31 -75.43 25.53
N ALA L 379 -9.03 -75.18 25.23
CA ALA L 379 -8.66 -74.19 24.23
C ALA L 379 -7.17 -74.35 23.94
N PRO L 380 -6.71 -73.87 22.78
CA PRO L 380 -5.26 -73.86 22.51
C PRO L 380 -4.52 -73.04 23.56
N PHE L 381 -3.67 -73.72 24.32
CA PHE L 381 -2.97 -73.09 25.43
C PHE L 381 -1.84 -72.21 24.92
N PHE L 382 -1.64 -71.07 25.59
CA PHE L 382 -0.54 -70.19 25.24
C PHE L 382 0.80 -70.73 25.75
N ALA L 383 0.80 -71.42 26.88
CA ALA L 383 2.04 -71.97 27.44
C ALA L 383 1.69 -73.23 28.22
N PHE L 384 2.07 -74.39 27.69
CA PHE L 384 1.91 -75.67 28.37
C PHE L 384 3.30 -76.26 28.52
N LYS L 385 3.97 -75.91 29.60
CA LYS L 385 5.35 -76.32 29.86
C LYS L 385 5.39 -77.09 31.17
N CYS L 386 5.84 -78.34 31.12
CA CYS L 386 5.98 -79.18 32.29
C CYS L 386 7.42 -79.18 32.76
N TYR L 387 7.60 -79.41 34.06
CA TYR L 387 8.93 -79.40 34.69
C TYR L 387 9.06 -80.63 35.57
N GLY L 388 10.18 -81.35 35.41
CA GLY L 388 10.41 -82.57 36.14
C GLY L 388 9.70 -83.79 35.60
N VAL L 389 8.73 -83.62 34.70
CA VAL L 389 8.02 -84.72 34.08
C VAL L 389 7.82 -84.41 32.60
N SER L 390 7.47 -85.43 31.84
CA SER L 390 7.21 -85.20 30.43
C SER L 390 5.72 -85.02 30.17
N PRO L 391 5.35 -84.05 29.34
CA PRO L 391 3.91 -83.82 29.10
C PRO L 391 3.22 -84.96 28.40
N THR L 392 3.95 -85.89 27.78
CA THR L 392 3.36 -87.00 27.05
C THR L 392 3.20 -88.26 27.90
N LYS L 393 3.84 -88.33 29.06
CA LYS L 393 3.79 -89.51 29.91
C LYS L 393 3.20 -89.17 31.28
N LEU L 394 2.22 -88.29 31.31
CA LEU L 394 1.56 -87.94 32.57
C LEU L 394 0.51 -88.96 32.97
N ASN L 395 -0.18 -89.56 31.98
CA ASN L 395 -1.21 -90.55 32.27
C ASN L 395 -0.64 -91.86 32.76
N ASP L 396 0.66 -92.08 32.64
CA ASP L 396 1.30 -93.30 33.10
C ASP L 396 1.94 -93.15 34.47
N LEU L 397 1.62 -92.09 35.20
CA LEU L 397 2.20 -91.84 36.51
C LEU L 397 1.08 -91.65 37.54
N CYS L 398 1.44 -91.85 38.80
CA CYS L 398 0.54 -91.67 39.92
C CYS L 398 1.19 -90.75 40.95
N PHE L 399 0.39 -89.88 41.56
CA PHE L 399 0.90 -88.86 42.46
C PHE L 399 0.22 -88.98 43.82
N THR L 400 0.96 -88.60 44.86
CA THR L 400 0.42 -88.67 46.22
C THR L 400 -0.62 -87.58 46.45
N ASN L 401 -0.31 -86.35 46.07
CA ASN L 401 -1.24 -85.24 46.20
C ASN L 401 -0.93 -84.20 45.14
N VAL L 402 -1.99 -83.65 44.54
CA VAL L 402 -1.86 -82.68 43.45
C VAL L 402 -2.54 -81.39 43.89
N TYR L 403 -1.81 -80.28 43.81
CA TYR L 403 -2.34 -78.95 44.10
C TYR L 403 -2.48 -78.16 42.81
N ALA L 404 -3.65 -77.56 42.62
CA ALA L 404 -3.95 -76.78 41.43
C ALA L 404 -4.11 -75.31 41.83
N ASP L 405 -3.09 -74.51 41.58
CA ASP L 405 -3.12 -73.09 41.86
C ASP L 405 -3.69 -72.34 40.66
N SER L 406 -4.65 -71.46 40.92
CA SER L 406 -5.33 -70.71 39.85
C SER L 406 -5.27 -69.22 40.15
N PHE L 407 -4.95 -68.44 39.12
CA PHE L 407 -4.88 -66.99 39.23
C PHE L 407 -4.89 -66.40 37.83
N VAL L 408 -4.93 -65.06 37.77
CA VAL L 408 -4.98 -64.33 36.51
C VAL L 408 -3.86 -63.30 36.50
N ILE L 409 -3.07 -63.29 35.42
CA ILE L 409 -1.98 -62.35 35.22
C ILE L 409 -2.03 -61.86 33.78
N ARG L 410 -1.09 -60.97 33.43
CA ARG L 410 -1.00 -60.47 32.07
C ARG L 410 -0.24 -61.46 31.20
N GLY L 411 -0.06 -61.08 29.93
CA GLY L 411 0.64 -61.92 28.98
C GLY L 411 2.13 -61.94 29.16
N ASN L 412 2.73 -60.75 29.32
CA ASN L 412 4.17 -60.65 29.52
C ASN L 412 4.61 -61.14 30.89
N GLU L 413 3.70 -61.61 31.73
CA GLU L 413 4.02 -62.15 33.04
C GLU L 413 3.90 -63.66 33.10
N VAL L 414 3.46 -64.31 32.01
CA VAL L 414 3.35 -65.76 32.02
C VAL L 414 4.72 -66.41 32.07
N SER L 415 5.72 -65.77 31.46
CA SER L 415 7.08 -66.32 31.50
C SER L 415 7.67 -66.34 32.90
N GLN L 416 7.19 -65.47 33.79
CA GLN L 416 7.71 -65.42 35.15
C GLN L 416 7.21 -66.59 36.01
N ILE L 417 6.21 -67.33 35.55
CA ILE L 417 5.70 -68.45 36.34
C ILE L 417 6.68 -69.63 36.33
N ALA L 418 7.55 -69.70 35.34
CA ALA L 418 8.55 -70.76 35.28
C ALA L 418 9.46 -70.69 36.50
N PRO L 419 10.03 -71.82 36.93
CA PRO L 419 10.93 -71.79 38.08
C PRO L 419 12.20 -71.00 37.79
N GLY L 420 12.73 -70.38 38.84
CA GLY L 420 13.95 -69.61 38.73
C GLY L 420 13.82 -68.27 38.07
N GLN L 421 12.60 -67.82 37.76
CA GLN L 421 12.41 -66.54 37.11
C GLN L 421 12.45 -65.40 38.15
N THR L 422 12.56 -64.18 37.63
CA THR L 422 12.61 -62.99 38.47
C THR L 422 11.66 -61.94 37.90
N GLY L 423 10.88 -61.32 38.76
CA GLY L 423 9.93 -60.32 38.33
C GLY L 423 8.95 -59.98 39.45
N ASN L 424 7.98 -59.14 39.11
CA ASN L 424 6.99 -58.73 40.09
C ASN L 424 6.07 -59.89 40.48
N ILE L 425 5.65 -60.68 39.50
CA ILE L 425 4.76 -61.80 39.80
C ILE L 425 5.54 -62.95 40.43
N ALA L 426 6.77 -63.18 39.98
CA ALA L 426 7.55 -64.29 40.50
C ALA L 426 7.97 -64.06 41.95
N ASP L 427 8.41 -62.85 42.28
CA ASP L 427 8.95 -62.58 43.61
C ASP L 427 7.85 -62.32 44.63
N TYR L 428 7.05 -61.28 44.41
CA TYR L 428 6.14 -60.78 45.42
C TYR L 428 4.71 -61.28 45.29
N ASN L 429 4.42 -62.08 44.26
CA ASN L 429 3.07 -62.57 44.05
C ASN L 429 2.96 -64.09 44.06
N TYR L 430 3.83 -64.78 43.33
CA TYR L 430 3.74 -66.24 43.23
C TYR L 430 5.12 -66.78 42.89
N LYS L 431 5.74 -67.45 43.86
CA LYS L 431 7.09 -68.00 43.71
C LYS L 431 7.03 -69.52 43.66
N LEU L 432 7.78 -70.11 42.72
CA LEU L 432 7.91 -71.55 42.61
C LEU L 432 9.34 -71.97 42.92
N PRO L 433 9.53 -73.13 43.55
CA PRO L 433 10.89 -73.57 43.91
C PRO L 433 11.69 -73.95 42.67
N ASP L 434 13.00 -74.07 42.87
CA ASP L 434 13.90 -74.43 41.79
C ASP L 434 13.69 -75.86 41.31
N ASP L 435 13.12 -76.73 42.15
CA ASP L 435 12.89 -78.12 41.82
C ASP L 435 11.39 -78.42 41.73
N PHE L 436 10.63 -77.50 41.14
CA PHE L 436 9.19 -77.67 41.01
C PHE L 436 8.88 -78.80 40.05
N THR L 437 7.97 -79.68 40.44
CA THR L 437 7.52 -80.80 39.62
C THR L 437 6.06 -80.57 39.26
N GLY L 438 5.79 -80.38 37.97
CA GLY L 438 4.44 -80.14 37.52
C GLY L 438 4.45 -79.43 36.17
N CYS L 439 3.25 -79.03 35.76
CA CYS L 439 3.03 -78.38 34.47
C CYS L 439 2.39 -77.02 34.69
N VAL L 440 2.84 -76.03 33.92
CA VAL L 440 2.29 -74.68 33.95
C VAL L 440 1.39 -74.51 32.73
N ILE L 441 0.14 -74.13 32.97
CA ILE L 441 -0.87 -73.99 31.92
C ILE L 441 -1.43 -72.58 31.98
N ALA L 442 -1.54 -71.95 30.81
CA ALA L 442 -2.06 -70.59 30.73
C ALA L 442 -2.72 -70.39 29.38
N TRP L 443 -3.84 -69.67 29.38
CA TRP L 443 -4.56 -69.36 28.15
C TRP L 443 -5.17 -67.97 28.25
N ASN L 444 -5.35 -67.33 27.10
CA ASN L 444 -5.86 -65.97 27.06
C ASN L 444 -7.34 -65.95 27.39
N SER L 445 -7.70 -65.19 28.42
CA SER L 445 -9.08 -65.02 28.85
C SER L 445 -9.52 -63.56 28.76
N ASN L 446 -9.09 -62.88 27.70
CA ASN L 446 -9.44 -61.49 27.50
C ASN L 446 -10.94 -61.28 27.28
N LYS L 447 -11.64 -62.31 26.80
CA LYS L 447 -13.06 -62.20 26.55
C LYS L 447 -13.89 -62.25 27.82
N LEU L 448 -13.32 -62.74 28.92
CA LEU L 448 -14.03 -62.88 30.19
C LEU L 448 -13.50 -61.98 31.29
N ASP L 449 -12.18 -61.80 31.37
CA ASP L 449 -11.56 -61.04 32.44
C ASP L 449 -11.19 -59.62 32.02
N SER L 450 -12.01 -59.00 31.16
CA SER L 450 -11.77 -57.63 30.72
C SER L 450 -13.10 -56.92 30.55
N LYS L 451 -13.11 -55.62 30.87
CA LYS L 451 -14.29 -54.79 30.74
C LYS L 451 -13.96 -53.57 29.89
N PRO L 452 -14.93 -53.07 29.12
CA PRO L 452 -14.68 -51.87 28.31
C PRO L 452 -14.27 -50.67 29.13
N SER L 453 -14.75 -50.55 30.36
CA SER L 453 -14.37 -49.47 31.25
C SER L 453 -13.17 -49.82 32.13
N GLY L 454 -12.67 -51.04 32.05
CA GLY L 454 -11.54 -51.46 32.86
C GLY L 454 -11.93 -52.42 33.98
N ASN L 455 -11.38 -53.62 33.93
CA ASN L 455 -11.66 -54.63 34.95
C ASN L 455 -10.61 -54.50 36.05
N TYR L 456 -11.00 -53.87 37.17
CA TYR L 456 -10.10 -53.61 38.27
C TYR L 456 -10.26 -54.60 39.41
N ASN L 457 -10.89 -55.74 39.17
CA ASN L 457 -11.07 -56.74 40.21
C ASN L 457 -9.87 -57.65 40.38
N TYR L 458 -8.88 -57.58 39.49
CA TYR L 458 -7.66 -58.36 39.58
C TYR L 458 -6.51 -57.45 40.00
N LEU L 459 -5.79 -57.84 41.04
CA LEU L 459 -4.72 -57.03 41.60
C LEU L 459 -3.44 -57.85 41.67
N TYR L 460 -2.30 -57.15 41.63
CA TYR L 460 -1.00 -57.77 41.79
C TYR L 460 -0.16 -56.93 42.75
N ARG L 461 0.54 -57.61 43.66
CA ARG L 461 1.37 -56.91 44.62
C ARG L 461 2.60 -56.33 43.93
N LEU L 462 2.84 -55.03 44.14
CA LEU L 462 3.94 -54.34 43.48
C LEU L 462 5.25 -54.48 44.26
N LEU L 463 5.25 -54.03 45.51
CA LEU L 463 6.44 -54.08 46.36
C LEU L 463 6.07 -54.65 47.72
N ARG L 464 6.96 -55.48 48.25
CA ARG L 464 6.78 -56.10 49.56
C ARG L 464 8.07 -56.00 50.34
N LYS L 465 7.99 -56.37 51.62
CA LYS L 465 9.19 -56.32 52.48
C LYS L 465 10.25 -57.30 51.98
N SER L 466 9.84 -58.45 51.46
CA SER L 466 10.77 -59.44 50.95
C SER L 466 10.05 -60.29 49.92
N LYS L 467 10.83 -61.07 49.18
CA LYS L 467 10.27 -61.96 48.18
C LYS L 467 9.50 -63.09 48.86
N LEU L 468 8.37 -63.46 48.25
CA LEU L 468 7.53 -64.51 48.81
C LEU L 468 8.25 -65.86 48.76
N LYS L 469 8.07 -66.65 49.80
CA LYS L 469 8.58 -68.01 49.82
C LYS L 469 7.80 -68.87 48.82
N PRO L 470 8.41 -69.95 48.33
CA PRO L 470 7.70 -70.82 47.39
C PRO L 470 6.43 -71.39 47.99
N PHE L 471 5.34 -71.31 47.23
CA PHE L 471 4.04 -71.85 47.62
C PHE L 471 3.50 -71.21 48.90
N GLU L 472 3.73 -69.92 49.08
CA GLU L 472 3.15 -69.18 50.20
C GLU L 472 2.28 -68.06 49.67
N ARG L 473 1.29 -67.68 50.47
CA ARG L 473 0.28 -66.70 50.09
C ARG L 473 0.31 -65.53 51.07
N ASP L 474 0.11 -64.33 50.53
CA ASP L 474 0.09 -63.09 51.33
C ASP L 474 -1.20 -62.35 50.99
N ILE L 475 -2.29 -62.67 51.70
CA ILE L 475 -3.56 -62.00 51.50
C ILE L 475 -3.68 -60.70 52.28
N SER L 476 -2.63 -60.31 52.98
CA SER L 476 -2.69 -59.11 53.81
C SER L 476 -2.82 -57.86 52.94
N THR L 477 -3.84 -57.05 53.22
CA THR L 477 -4.07 -55.81 52.50
C THR L 477 -3.63 -54.59 53.32
N GLU L 478 -2.76 -54.78 54.30
CA GLU L 478 -2.28 -53.69 55.12
C GLU L 478 -1.44 -52.72 54.28
N ILE L 479 -1.60 -51.43 54.55
CA ILE L 479 -0.85 -50.43 53.81
C ILE L 479 0.65 -50.60 54.08
N TYR L 480 1.45 -50.34 53.06
CA TYR L 480 2.89 -50.59 53.10
C TYR L 480 3.65 -49.30 53.33
N GLN L 481 4.60 -49.34 54.27
CA GLN L 481 5.46 -48.21 54.57
C GLN L 481 6.74 -48.30 53.75
N ALA L 482 7.09 -47.21 53.07
CA ALA L 482 8.26 -47.18 52.22
C ALA L 482 9.18 -45.99 52.47
N GLY L 483 8.71 -44.91 53.08
CA GLY L 483 9.54 -43.76 53.33
C GLY L 483 10.52 -43.98 54.47
N ASN L 484 11.36 -42.97 54.67
CA ASN L 484 12.37 -42.99 55.72
C ASN L 484 11.84 -42.48 57.06
N LYS L 485 10.54 -42.25 57.17
CA LYS L 485 9.92 -41.77 58.40
C LYS L 485 8.62 -42.51 58.64
N PRO L 486 8.26 -42.74 59.90
CA PRO L 486 7.01 -43.44 60.18
C PRO L 486 5.80 -42.64 59.73
N CYS L 487 4.74 -43.36 59.37
CA CYS L 487 3.49 -42.75 58.92
C CYS L 487 2.29 -43.23 59.73
N ASN L 488 2.54 -43.82 60.90
CA ASN L 488 1.49 -44.29 61.81
C ASN L 488 0.58 -45.33 61.17
N GLY L 489 1.07 -46.04 60.16
CA GLY L 489 0.27 -47.07 59.51
C GLY L 489 -0.99 -46.57 58.83
N VAL L 490 -0.97 -45.33 58.36
CA VAL L 490 -2.12 -44.75 57.67
C VAL L 490 -1.66 -44.24 56.31
N ALA L 491 -2.60 -44.19 55.37
CA ALA L 491 -2.28 -43.72 54.02
C ALA L 491 -1.95 -42.24 54.04
N GLY L 492 -0.88 -41.87 53.32
CA GLY L 492 -0.45 -40.50 53.25
C GLY L 492 0.90 -40.36 52.56
N PRO L 493 1.67 -39.34 52.95
CA PRO L 493 2.99 -39.16 52.36
C PRO L 493 3.92 -40.31 52.72
N ASN L 494 4.73 -40.72 51.74
CA ASN L 494 5.75 -41.75 51.88
C ASN L 494 5.18 -43.12 52.24
N CYS L 495 3.86 -43.28 52.16
CA CYS L 495 3.22 -44.56 52.48
C CYS L 495 2.03 -44.75 51.57
N TYR L 496 2.07 -45.79 50.74
CA TYR L 496 1.06 -46.03 49.72
C TYR L 496 0.59 -47.47 49.78
N SER L 497 -0.43 -47.77 48.98
CA SER L 497 -1.01 -49.11 48.97
C SER L 497 -0.06 -50.10 48.30
N PRO L 498 0.03 -51.34 48.80
CA PRO L 498 0.96 -52.30 48.20
C PRO L 498 0.42 -52.97 46.96
N LEU L 499 -0.90 -53.08 46.85
CA LEU L 499 -1.53 -53.79 45.75
C LEU L 499 -1.85 -52.82 44.60
N GLN L 500 -1.51 -53.23 43.39
CA GLN L 500 -1.81 -52.49 42.18
C GLN L 500 -2.78 -53.30 41.32
N SER L 501 -3.70 -52.61 40.67
CA SER L 501 -4.75 -53.24 39.90
C SER L 501 -4.39 -53.26 38.41
N TYR L 502 -4.86 -54.31 37.73
CA TYR L 502 -4.66 -54.44 36.29
C TYR L 502 -5.69 -53.61 35.54
N GLY L 503 -5.25 -52.96 34.47
CA GLY L 503 -6.16 -52.22 33.61
C GLY L 503 -6.64 -53.08 32.45
N PHE L 504 -7.28 -54.20 32.75
CA PHE L 504 -7.70 -55.14 31.72
C PHE L 504 -8.81 -54.52 30.87
N ARG L 505 -8.50 -54.27 29.61
CA ARG L 505 -9.45 -53.74 28.64
C ARG L 505 -9.34 -54.54 27.35
N PRO L 506 -10.46 -54.68 26.62
CA PRO L 506 -10.43 -55.52 25.41
C PRO L 506 -9.49 -55.01 24.32
N THR L 507 -9.19 -53.71 24.30
CA THR L 507 -8.37 -53.15 23.24
C THR L 507 -6.88 -53.30 23.48
N TYR L 508 -6.48 -53.72 24.67
CA TYR L 508 -5.05 -53.83 24.98
C TYR L 508 -4.40 -54.93 24.14
N GLY L 509 -3.09 -54.80 23.97
CA GLY L 509 -2.34 -55.81 23.25
C GLY L 509 -2.32 -57.14 23.98
N VAL L 510 -1.95 -58.19 23.24
CA VAL L 510 -1.97 -59.54 23.78
C VAL L 510 -0.98 -59.69 24.94
N GLY L 511 0.03 -58.82 25.02
CA GLY L 511 0.93 -58.84 26.15
C GLY L 511 0.36 -58.22 27.40
N HIS L 512 -0.70 -57.42 27.28
CA HIS L 512 -1.35 -56.79 28.41
C HIS L 512 -2.75 -57.36 28.66
N GLN L 513 -3.13 -58.41 27.96
CA GLN L 513 -4.42 -59.04 28.17
C GLN L 513 -4.37 -60.01 29.35
N PRO L 514 -5.50 -60.25 30.01
CA PRO L 514 -5.51 -61.19 31.13
C PRO L 514 -5.30 -62.62 30.67
N TYR L 515 -4.52 -63.36 31.46
CA TYR L 515 -4.24 -64.77 31.18
C TYR L 515 -4.50 -65.59 32.43
N ARG L 516 -5.44 -66.52 32.34
CA ARG L 516 -5.74 -67.42 33.45
C ARG L 516 -4.67 -68.51 33.50
N VAL L 517 -4.02 -68.65 34.64
CA VAL L 517 -2.93 -69.59 34.83
C VAL L 517 -3.35 -70.65 35.83
N VAL L 518 -3.11 -71.91 35.49
CA VAL L 518 -3.38 -73.05 36.38
C VAL L 518 -2.07 -73.79 36.55
N VAL L 519 -1.52 -73.79 37.76
CA VAL L 519 -0.25 -74.43 38.07
C VAL L 519 -0.54 -75.72 38.83
N LEU L 520 -0.17 -76.85 38.22
CA LEU L 520 -0.36 -78.16 38.82
C LEU L 520 0.90 -78.58 39.54
N SER L 521 0.80 -78.84 40.83
CA SER L 521 1.93 -79.27 41.65
C SER L 521 1.87 -80.78 41.85
N PHE L 522 2.97 -81.45 41.52
CA PHE L 522 3.05 -82.91 41.59
C PHE L 522 4.06 -83.29 42.67
N GLU L 523 3.57 -83.89 43.76
CA GLU L 523 4.43 -84.37 44.84
C GLU L 523 4.67 -85.87 44.64
N LEU L 524 5.51 -86.17 43.65
CA LEU L 524 5.82 -87.54 43.28
C LEU L 524 6.98 -88.04 44.13
N LEU L 525 6.72 -89.10 44.91
CA LEU L 525 7.74 -89.71 45.75
C LEU L 525 7.37 -91.16 45.99
N HIS L 526 8.31 -91.89 46.59
CA HIS L 526 8.13 -93.33 46.84
C HIS L 526 7.19 -93.51 48.02
N ALA L 527 5.89 -93.51 47.71
CA ALA L 527 4.85 -93.65 48.72
C ALA L 527 3.57 -94.08 48.01
N PRO L 528 2.62 -94.67 48.73
CA PRO L 528 1.34 -95.04 48.11
C PRO L 528 0.60 -93.80 47.64
N ALA L 529 0.42 -93.71 46.33
CA ALA L 529 -0.21 -92.54 45.73
C ALA L 529 -1.73 -92.60 45.88
N THR L 530 -2.34 -91.42 45.78
CA THR L 530 -3.80 -91.30 45.87
C THR L 530 -4.47 -91.15 44.50
N VAL L 531 -3.88 -90.37 43.59
CA VAL L 531 -4.40 -90.22 42.25
C VAL L 531 -3.54 -91.03 41.30
N CYS L 532 -4.17 -91.55 40.25
CA CYS L 532 -3.49 -92.38 39.27
C CYS L 532 -4.05 -92.10 37.88
N GLY L 533 -3.20 -92.26 36.87
CA GLY L 533 -3.60 -92.03 35.51
C GLY L 533 -4.47 -93.15 34.98
N PRO L 534 -5.20 -92.87 33.89
CA PRO L 534 -6.10 -93.88 33.33
C PRO L 534 -5.34 -95.01 32.65
N LYS L 535 -5.41 -96.21 33.22
CA LYS L 535 -4.79 -97.39 32.63
C LYS L 535 -5.52 -98.62 33.13
N LYS L 536 -5.74 -99.57 32.21
CA LYS L 536 -6.49 -100.77 32.53
C LYS L 536 -5.64 -101.74 33.35
N SER L 537 -6.23 -102.29 34.40
CA SER L 537 -5.56 -103.29 35.22
C SER L 537 -5.70 -104.67 34.59
N THR L 538 -4.70 -105.51 34.81
CA THR L 538 -4.64 -106.85 34.25
C THR L 538 -4.62 -107.88 35.38
N ASN L 539 -4.62 -109.15 34.98
CA ASN L 539 -4.62 -110.24 35.94
C ASN L 539 -3.28 -110.31 36.66
N LEU L 540 -3.26 -111.06 37.77
CA LEU L 540 -2.08 -111.20 38.61
C LEU L 540 -1.41 -112.54 38.30
N VAL L 541 -0.14 -112.49 37.91
CA VAL L 541 0.64 -113.68 37.58
C VAL L 541 1.47 -114.07 38.79
N LYS L 542 1.51 -115.38 39.07
CA LYS L 542 2.19 -115.90 40.25
C LYS L 542 3.41 -116.73 39.83
N ASN L 543 4.50 -116.57 40.59
CA ASN L 543 5.69 -117.40 40.45
C ASN L 543 6.30 -117.28 39.05
N LYS L 544 6.23 -116.07 38.48
CA LYS L 544 6.83 -115.80 37.18
C LYS L 544 7.45 -114.42 37.18
N CYS L 545 8.48 -114.24 36.37
CA CYS L 545 9.18 -112.96 36.26
C CYS L 545 8.39 -112.05 35.33
N VAL L 546 7.72 -111.04 35.91
CA VAL L 546 6.92 -110.09 35.17
C VAL L 546 7.32 -108.67 35.58
N ASN L 547 6.95 -107.71 34.74
CA ASN L 547 7.13 -106.29 35.05
C ASN L 547 5.92 -105.85 35.86
N PHE L 548 6.07 -105.80 37.18
CA PHE L 548 4.96 -105.53 38.08
C PHE L 548 4.73 -104.04 38.23
N ASN L 549 3.49 -103.69 38.56
CA ASN L 549 3.09 -102.29 38.77
C ASN L 549 1.95 -102.28 39.78
N PHE L 550 2.28 -102.05 41.04
CA PHE L 550 1.30 -102.05 42.13
C PHE L 550 1.15 -100.63 42.66
N ASN L 551 0.31 -99.84 41.98
CA ASN L 551 -0.07 -98.49 42.40
C ASN L 551 1.15 -97.68 42.85
N GLY L 552 2.08 -97.49 41.92
CA GLY L 552 3.30 -96.78 42.23
C GLY L 552 4.55 -97.41 41.70
N LEU L 553 5.44 -97.83 42.59
CA LEU L 553 6.75 -98.35 42.19
C LEU L 553 6.59 -99.55 41.24
N THR L 554 7.50 -99.64 40.28
CA THR L 554 7.52 -100.71 39.29
C THR L 554 8.87 -101.42 39.36
N GLY L 555 9.04 -102.40 38.48
CA GLY L 555 10.28 -103.15 38.43
C GLY L 555 10.05 -104.52 37.83
N THR L 556 11.08 -105.35 37.94
CA THR L 556 11.05 -106.72 37.47
C THR L 556 11.34 -107.66 38.63
N GLY L 557 10.50 -108.68 38.79
CA GLY L 557 10.69 -109.62 39.87
C GLY L 557 9.67 -110.75 39.78
N VAL L 558 9.73 -111.64 40.76
CA VAL L 558 8.82 -112.77 40.86
C VAL L 558 7.72 -112.42 41.85
N LEU L 559 6.48 -112.68 41.46
CA LEU L 559 5.30 -112.37 42.28
C LEU L 559 4.87 -113.64 42.98
N THR L 560 5.29 -113.80 44.24
CA THR L 560 4.98 -114.98 45.03
C THR L 560 3.76 -114.71 45.92
N GLU L 561 3.47 -115.63 46.83
CA GLU L 561 2.40 -115.50 47.80
C GLU L 561 3.00 -115.70 49.19
N SER L 562 3.22 -114.60 49.90
CA SER L 562 3.88 -114.64 51.19
C SER L 562 2.88 -114.95 52.30
N ASN L 563 3.38 -114.98 53.55
CA ASN L 563 2.55 -115.25 54.70
C ASN L 563 2.76 -114.24 55.82
N LYS L 564 3.45 -113.13 55.55
CA LYS L 564 3.67 -112.11 56.56
C LYS L 564 2.37 -111.43 56.94
N LYS L 565 2.37 -110.79 58.10
CA LYS L 565 1.21 -110.08 58.63
C LYS L 565 1.46 -108.58 58.51
N PHE L 566 0.71 -107.93 57.62
CA PHE L 566 0.85 -106.50 57.41
C PHE L 566 -0.21 -105.73 58.19
N LEU L 567 0.16 -104.53 58.62
CA LEU L 567 -0.78 -103.66 59.28
C LEU L 567 -1.80 -103.13 58.26
N PRO L 568 -3.02 -102.78 58.72
CA PRO L 568 -4.05 -102.33 57.76
C PRO L 568 -3.71 -101.03 57.07
N PHE L 569 -2.75 -100.25 57.57
CA PHE L 569 -2.39 -98.98 56.96
C PHE L 569 -1.15 -99.08 56.09
N GLN L 570 -0.36 -100.15 56.21
CA GLN L 570 0.87 -100.28 55.44
C GLN L 570 0.55 -100.81 54.05
N GLN L 571 1.16 -100.19 53.03
CA GLN L 571 0.93 -100.57 51.64
C GLN L 571 2.10 -101.32 51.01
N PHE L 572 3.32 -101.07 51.46
CA PHE L 572 4.48 -101.76 50.91
C PHE L 572 5.51 -101.97 52.02
N GLY L 573 6.39 -102.94 51.80
CA GLY L 573 7.46 -103.25 52.73
C GLY L 573 8.80 -102.77 52.21
N ARG L 574 9.80 -102.85 53.10
CA ARG L 574 11.16 -102.42 52.76
C ARG L 574 12.12 -103.11 53.71
N ASP L 575 12.96 -103.99 53.17
CA ASP L 575 13.93 -104.73 53.96
C ASP L 575 15.16 -103.86 54.24
N ILE L 576 16.23 -104.48 54.74
CA ILE L 576 17.44 -103.73 55.05
C ILE L 576 18.10 -103.20 53.79
N ALA L 577 17.87 -103.82 52.64
CA ALA L 577 18.45 -103.39 51.38
C ALA L 577 17.76 -102.16 50.80
N ASP L 578 16.82 -101.56 51.52
CA ASP L 578 16.12 -100.34 51.11
C ASP L 578 15.34 -100.53 49.81
N THR L 579 15.02 -101.76 49.46
CA THR L 579 14.22 -102.07 48.28
C THR L 579 12.84 -102.56 48.68
N THR L 580 11.91 -102.44 47.74
CA THR L 580 10.52 -102.85 47.98
C THR L 580 10.45 -104.38 47.93
N ASP L 581 10.76 -105.00 49.08
CA ASP L 581 10.73 -106.46 49.17
C ASP L 581 9.32 -107.01 49.25
N ALA L 582 8.34 -106.19 49.60
CA ALA L 582 6.95 -106.62 49.69
C ALA L 582 6.03 -105.44 49.45
N VAL L 583 4.84 -105.73 48.94
CA VAL L 583 3.85 -104.70 48.66
C VAL L 583 2.46 -105.31 48.83
N ARG L 584 1.49 -104.46 49.15
CA ARG L 584 0.10 -104.87 49.25
C ARG L 584 -0.58 -104.73 47.89
N ASP L 585 -1.50 -105.64 47.62
CA ASP L 585 -2.27 -105.57 46.39
C ASP L 585 -3.21 -104.35 46.43
N PRO L 586 -3.20 -103.50 45.40
CA PRO L 586 -4.07 -102.31 45.42
C PRO L 586 -5.56 -102.64 45.41
N GLN L 587 -5.95 -103.87 45.10
CA GLN L 587 -7.35 -104.26 45.02
C GLN L 587 -7.81 -105.15 46.17
N THR L 588 -7.00 -106.12 46.57
CA THR L 588 -7.35 -107.05 47.62
C THR L 588 -6.27 -107.04 48.70
N LEU L 589 -6.53 -107.78 49.78
CA LEU L 589 -5.60 -107.87 50.90
C LEU L 589 -4.50 -108.90 50.68
N GLU L 590 -4.30 -109.35 49.43
CA GLU L 590 -3.26 -110.33 49.14
C GLU L 590 -1.88 -109.73 49.36
N ILE L 591 -1.09 -110.38 50.20
CA ILE L 591 0.26 -109.92 50.53
C ILE L 591 1.25 -110.75 49.71
N LEU L 592 2.14 -110.07 48.99
CA LEU L 592 3.11 -110.73 48.13
C LEU L 592 4.47 -110.08 48.31
N ASP L 593 5.51 -110.91 48.35
CA ASP L 593 6.88 -110.45 48.48
C ASP L 593 7.54 -110.39 47.11
N ILE L 594 8.19 -109.27 46.80
CA ILE L 594 8.87 -109.08 45.54
C ILE L 594 10.27 -109.68 45.66
N THR L 595 10.51 -110.78 44.96
CA THR L 595 11.82 -111.41 44.96
C THR L 595 12.53 -111.16 43.63
N PRO L 596 13.82 -110.85 43.66
CA PRO L 596 14.54 -110.58 42.40
C PRO L 596 14.68 -111.83 41.55
N CYS L 597 14.66 -111.62 40.24
CA CYS L 597 14.74 -112.73 39.30
C CYS L 597 16.18 -113.23 39.19
N SER L 598 16.31 -114.48 38.76
CA SER L 598 17.59 -115.16 38.78
C SER L 598 18.58 -114.51 37.83
N PHE L 599 19.83 -114.42 38.26
CA PHE L 599 20.91 -113.87 37.45
C PHE L 599 22.23 -114.40 37.98
N GLY L 600 23.27 -114.27 37.16
CA GLY L 600 24.59 -114.72 37.56
C GLY L 600 25.61 -114.63 36.44
N GLY L 601 26.89 -114.70 36.80
CA GLY L 601 27.94 -114.66 35.80
C GLY L 601 28.06 -115.97 35.04
N VAL L 602 28.43 -115.86 33.77
CA VAL L 602 28.58 -117.01 32.88
C VAL L 602 30.06 -117.21 32.62
N SER L 603 30.56 -118.41 32.94
CA SER L 603 31.95 -118.77 32.70
C SER L 603 32.00 -119.98 31.79
N VAL L 604 32.92 -119.97 30.83
CA VAL L 604 33.05 -121.00 29.82
C VAL L 604 34.28 -121.85 30.13
N ILE L 605 34.10 -123.17 30.12
CA ILE L 605 35.19 -124.11 30.36
C ILE L 605 35.77 -124.50 29.01
N THR L 606 37.00 -124.05 28.73
CA THR L 606 37.66 -124.33 27.46
C THR L 606 38.86 -125.22 27.69
N PRO L 607 38.93 -126.39 27.06
CA PRO L 607 40.11 -127.26 27.20
C PRO L 607 41.28 -126.86 26.33
N GLY L 608 41.30 -125.66 25.76
CA GLY L 608 42.38 -125.22 24.90
C GLY L 608 42.08 -125.39 23.43
N THR L 609 42.23 -124.31 22.66
CA THR L 609 41.98 -124.39 21.22
C THR L 609 42.96 -125.34 20.55
N ASN L 610 44.18 -125.45 21.08
CA ASN L 610 45.16 -126.38 20.54
C ASN L 610 44.70 -127.83 20.69
N THR L 611 43.83 -128.10 21.66
CA THR L 611 43.36 -129.46 21.92
C THR L 611 42.06 -129.75 21.19
N SER L 612 41.02 -128.99 21.46
CA SER L 612 39.71 -129.22 20.85
C SER L 612 38.88 -127.94 20.98
N ASN L 613 37.73 -127.95 20.29
CA ASN L 613 36.81 -126.83 20.31
C ASN L 613 35.57 -127.08 21.15
N GLN L 614 35.36 -128.29 21.64
CA GLN L 614 34.21 -128.59 22.49
C GLN L 614 34.40 -127.93 23.86
N VAL L 615 33.48 -127.05 24.22
CA VAL L 615 33.60 -126.28 25.46
C VAL L 615 32.34 -126.49 26.30
N ALA L 616 32.49 -126.30 27.61
CA ALA L 616 31.40 -126.37 28.56
C ALA L 616 31.20 -125.00 29.20
N VAL L 617 29.98 -124.78 29.70
CA VAL L 617 29.61 -123.51 30.30
C VAL L 617 29.24 -123.73 31.76
N LEU L 618 29.31 -122.65 32.53
CA LEU L 618 28.99 -122.68 33.95
C LEU L 618 28.21 -121.40 34.28
N TYR L 619 26.94 -121.56 34.64
CA TYR L 619 26.11 -120.44 35.07
C TYR L 619 26.22 -120.31 36.59
N GLN L 620 26.96 -119.32 37.06
CA GLN L 620 27.29 -119.23 38.47
C GLN L 620 26.08 -118.83 39.30
N GLY L 621 25.90 -119.51 40.43
CA GLY L 621 24.90 -119.13 41.41
C GLY L 621 23.50 -119.66 41.13
N VAL L 622 23.08 -119.62 39.87
CA VAL L 622 21.71 -119.97 39.52
C VAL L 622 21.49 -121.47 39.62
N ASN L 623 20.24 -121.90 39.61
CA ASN L 623 19.88 -123.30 39.67
C ASN L 623 19.84 -123.91 38.28
N CYS L 624 20.04 -125.23 38.21
CA CYS L 624 19.98 -125.92 36.93
C CYS L 624 18.55 -126.03 36.39
N THR L 625 17.54 -125.74 37.21
CA THR L 625 16.15 -125.84 36.78
C THR L 625 15.60 -124.55 36.19
N GLU L 626 16.22 -123.41 36.52
CA GLU L 626 15.75 -122.12 36.04
C GLU L 626 16.46 -121.64 34.78
N VAL L 627 17.53 -122.32 34.37
CA VAL L 627 18.23 -121.95 33.13
C VAL L 627 17.38 -122.39 31.95
N PRO L 628 17.46 -121.69 30.80
CA PRO L 628 16.69 -122.07 29.62
C PRO L 628 17.20 -123.35 28.95
N SER L 647 26.30 -131.83 27.42
CA SER L 647 25.00 -132.24 26.93
C SER L 647 24.02 -132.43 28.09
N ASN L 648 24.56 -132.54 29.30
CA ASN L 648 23.78 -132.73 30.51
C ASN L 648 24.04 -131.58 31.47
N VAL L 649 23.31 -131.58 32.58
CA VAL L 649 23.42 -130.54 33.61
C VAL L 649 24.03 -131.16 34.86
N PHE L 650 24.59 -130.29 35.70
CA PHE L 650 25.18 -130.71 36.97
C PHE L 650 25.08 -129.55 37.94
N GLN L 651 24.34 -129.75 39.03
CA GLN L 651 24.13 -128.69 40.03
C GLN L 651 25.19 -128.82 41.11
N THR L 652 26.18 -127.94 41.06
CA THR L 652 27.22 -127.85 42.08
C THR L 652 26.97 -126.64 42.97
N ARG L 653 27.77 -126.55 44.03
CA ARG L 653 27.63 -125.44 44.98
C ARG L 653 28.15 -124.13 44.42
N ALA L 654 28.77 -124.14 43.23
CA ALA L 654 29.27 -122.92 42.61
C ALA L 654 28.39 -122.45 41.45
N GLY L 655 27.44 -123.26 41.01
CA GLY L 655 26.57 -122.89 39.90
C GLY L 655 25.99 -124.14 39.25
N CYS L 656 25.68 -124.00 37.97
CA CYS L 656 25.15 -125.10 37.16
C CYS L 656 26.13 -125.38 36.03
N LEU L 657 26.81 -126.52 36.11
CA LEU L 657 27.75 -126.92 35.07
C LEU L 657 26.98 -127.60 33.94
N ILE L 658 27.14 -127.07 32.72
CA ILE L 658 26.47 -127.61 31.55
C ILE L 658 27.52 -127.91 30.48
N GLY L 659 27.51 -129.12 29.95
CA GLY L 659 28.44 -129.53 28.93
C GLY L 659 29.52 -130.49 29.38
N ALA L 660 29.46 -130.98 30.62
CA ALA L 660 30.46 -131.91 31.14
C ALA L 660 29.77 -132.94 32.02
N GLU L 661 30.16 -134.20 31.86
CA GLU L 661 29.61 -135.29 32.66
C GLU L 661 30.44 -135.47 33.93
N TYR L 662 29.75 -135.65 35.04
CA TYR L 662 30.39 -135.81 36.34
C TYR L 662 30.73 -137.28 36.58
N VAL L 663 31.96 -137.53 37.01
CA VAL L 663 32.43 -138.89 37.30
C VAL L 663 32.80 -138.97 38.77
N ASN L 664 32.72 -140.18 39.31
CA ASN L 664 33.04 -140.41 40.72
C ASN L 664 34.52 -140.55 40.98
N ASN L 665 35.35 -140.49 39.94
CA ASN L 665 36.80 -140.61 40.12
C ASN L 665 37.36 -139.32 40.72
N SER L 666 38.67 -139.32 40.95
CA SER L 666 39.36 -138.17 41.52
C SER L 666 40.71 -138.00 40.85
N TYR L 667 40.99 -136.79 40.37
CA TYR L 667 42.25 -136.47 39.71
C TYR L 667 42.73 -135.11 40.23
N GLU L 668 43.91 -134.72 39.81
CA GLU L 668 44.43 -133.40 40.13
C GLU L 668 43.58 -132.32 39.46
N CYS L 669 43.50 -131.16 40.10
CA CYS L 669 42.64 -130.08 39.62
C CYS L 669 43.25 -129.50 38.35
N ASP L 670 42.66 -129.84 37.21
CA ASP L 670 43.11 -129.29 35.93
C ASP L 670 42.54 -127.89 35.71
N ILE L 671 41.22 -127.78 35.69
CA ILE L 671 40.53 -126.50 35.54
C ILE L 671 39.65 -126.31 36.76
N PRO L 672 39.89 -125.29 37.58
CA PRO L 672 39.08 -125.09 38.79
C PRO L 672 37.69 -124.58 38.44
N ILE L 673 36.68 -125.23 39.02
CA ILE L 673 35.29 -124.83 38.84
C ILE L 673 34.74 -124.14 40.08
N GLY L 674 35.00 -124.70 41.26
CA GLY L 674 34.56 -124.12 42.51
C GLY L 674 33.93 -125.14 43.43
N ALA L 675 34.06 -124.91 44.74
CA ALA L 675 33.50 -125.78 45.77
C ALA L 675 33.99 -127.22 45.63
N GLY L 676 35.28 -127.37 45.39
CA GLY L 676 35.88 -128.69 45.27
C GLY L 676 35.71 -129.35 43.92
N ILE L 677 35.05 -128.70 42.97
CA ILE L 677 34.83 -129.28 41.64
C ILE L 677 35.93 -128.78 40.71
N CYS L 678 36.52 -129.71 39.95
CA CYS L 678 37.56 -129.39 38.99
C CYS L 678 37.27 -130.13 37.68
N ALA L 679 37.30 -129.41 36.58
CA ALA L 679 37.02 -129.96 35.27
C ALA L 679 38.32 -130.25 34.52
N SER L 680 38.21 -131.13 33.52
CA SER L 680 39.35 -131.53 32.72
C SER L 680 38.86 -132.04 31.37
N TYR L 681 39.79 -132.51 30.55
CA TYR L 681 39.51 -133.04 29.22
C TYR L 681 40.01 -134.47 29.18
N GLN L 682 39.09 -135.43 29.29
CA GLN L 682 39.48 -136.83 29.31
C GLN L 682 39.86 -137.30 27.92
N THR L 683 40.93 -138.10 27.84
CA THR L 683 41.39 -138.63 26.57
C THR L 683 40.47 -139.74 26.07
N GLN L 697 38.68 -136.63 24.61
CA GLN L 697 37.42 -137.20 24.16
C GLN L 697 36.25 -136.29 24.50
N SER L 698 36.17 -135.89 25.77
CA SER L 698 35.09 -135.03 26.23
C SER L 698 35.50 -134.37 27.53
N ILE L 699 34.81 -133.28 27.86
CA ILE L 699 35.06 -132.56 29.11
C ILE L 699 34.33 -133.26 30.25
N ILE L 700 35.04 -133.51 31.34
CA ILE L 700 34.46 -134.18 32.50
C ILE L 700 34.68 -133.31 33.73
N ALA L 701 33.75 -133.42 34.68
CA ALA L 701 33.87 -132.77 35.98
C ALA L 701 33.99 -133.83 37.06
N TYR L 702 34.73 -133.50 38.12
CA TYR L 702 35.01 -134.48 39.16
C TYR L 702 35.40 -133.76 40.44
N THR L 703 35.34 -134.50 41.54
CA THR L 703 35.84 -134.02 42.82
C THR L 703 37.36 -134.17 42.83
N MET L 704 38.06 -133.06 43.05
CA MET L 704 39.50 -133.05 42.93
C MET L 704 40.15 -133.93 43.99
N SER L 705 41.22 -134.62 43.59
CA SER L 705 41.98 -135.43 44.52
C SER L 705 42.85 -134.55 45.41
N LEU L 706 43.46 -135.18 46.42
CA LEU L 706 44.25 -134.44 47.40
C LEU L 706 45.70 -134.90 47.46
N GLY L 707 46.11 -135.86 46.64
CA GLY L 707 47.50 -136.29 46.65
C GLY L 707 47.76 -137.77 46.81
N ALA L 708 46.75 -138.60 46.54
CA ALA L 708 46.90 -140.06 46.58
C ALA L 708 47.34 -140.52 47.97
N GLU L 709 46.39 -140.41 48.90
CA GLU L 709 46.64 -140.69 50.31
C GLU L 709 47.38 -142.01 50.52
N ASN L 710 48.27 -142.02 51.50
CA ASN L 710 49.04 -143.20 51.85
C ASN L 710 49.44 -143.11 53.32
N SER L 711 49.46 -144.26 53.99
CA SER L 711 49.73 -144.33 55.42
C SER L 711 51.13 -144.87 55.67
N VAL L 712 51.67 -144.53 56.85
CA VAL L 712 52.99 -144.99 57.26
C VAL L 712 52.82 -146.12 58.28
N ALA L 713 53.79 -147.02 58.32
CA ALA L 713 53.77 -148.17 59.22
C ALA L 713 54.30 -147.75 60.59
N TYR L 714 53.49 -146.95 61.28
CA TYR L 714 53.83 -146.48 62.62
C TYR L 714 53.56 -147.56 63.66
N SER L 715 54.49 -147.71 64.59
CA SER L 715 54.33 -148.67 65.68
C SER L 715 55.14 -148.17 66.87
N ASN L 716 55.33 -149.05 67.86
CA ASN L 716 56.04 -148.66 69.07
C ASN L 716 57.50 -148.39 68.82
N ASN L 717 58.18 -149.29 68.10
CA ASN L 717 59.63 -149.26 67.94
C ASN L 717 60.02 -149.49 66.49
N SER L 718 59.38 -148.77 65.57
CA SER L 718 59.71 -148.84 64.15
C SER L 718 60.25 -147.49 63.69
N ILE L 719 61.40 -147.52 63.00
CA ILE L 719 62.02 -146.31 62.47
C ILE L 719 62.51 -146.59 61.06
N ALA L 720 62.53 -145.53 60.24
CA ALA L 720 62.98 -145.62 58.87
C ALA L 720 64.16 -144.67 58.67
N ILE L 721 65.27 -145.20 58.17
CA ILE L 721 66.50 -144.45 57.96
C ILE L 721 66.85 -144.54 56.49
N PRO L 722 67.11 -143.42 55.81
CA PRO L 722 67.46 -143.49 54.39
C PRO L 722 68.88 -144.00 54.19
N THR L 723 69.08 -144.78 53.13
CA THR L 723 70.38 -145.35 52.83
C THR L 723 71.08 -144.69 51.65
N ASN L 724 70.40 -143.79 50.92
CA ASN L 724 70.97 -143.15 49.75
C ASN L 724 70.53 -141.69 49.76
N PHE L 725 70.76 -141.00 48.65
CA PHE L 725 70.38 -139.61 48.52
C PHE L 725 70.27 -139.24 47.06
N THR L 726 69.45 -138.21 46.78
CA THR L 726 69.25 -137.71 45.42
C THR L 726 69.31 -136.18 45.46
N ILE L 727 70.36 -135.62 44.87
CA ILE L 727 70.50 -134.17 44.82
C ILE L 727 69.57 -133.62 43.74
N SER L 728 68.77 -132.63 44.11
CA SER L 728 67.79 -132.05 43.21
C SER L 728 68.00 -130.54 43.12
N VAL L 729 67.70 -129.99 41.94
CA VAL L 729 67.78 -128.56 41.69
C VAL L 729 66.43 -128.08 41.19
N THR L 730 65.85 -127.11 41.89
CA THR L 730 64.54 -126.56 41.56
C THR L 730 64.67 -125.06 41.33
N THR L 731 63.94 -124.56 40.34
CA THR L 731 64.00 -123.15 39.97
C THR L 731 62.90 -122.36 40.69
N GLU L 732 63.21 -121.10 40.97
CA GLU L 732 62.25 -120.19 41.59
C GLU L 732 62.40 -118.82 40.94
N ILE L 733 61.31 -118.30 40.39
CA ILE L 733 61.33 -117.03 39.67
C ILE L 733 60.55 -116.01 40.49
N LEU L 734 61.18 -114.85 40.74
CA LEU L 734 60.57 -113.79 41.52
C LEU L 734 60.75 -112.46 40.80
N PRO L 735 59.68 -111.71 40.56
CA PRO L 735 59.84 -110.38 39.96
C PRO L 735 60.58 -109.44 40.89
N VAL L 736 61.38 -108.55 40.30
CA VAL L 736 62.19 -107.63 41.08
C VAL L 736 61.82 -106.20 40.74
N SER L 737 61.36 -105.96 39.52
CA SER L 737 61.04 -104.60 39.09
C SER L 737 60.07 -104.66 37.92
N MET L 738 59.54 -103.49 37.56
CA MET L 738 58.65 -103.35 36.42
C MET L 738 59.05 -102.12 35.62
N THR L 739 58.40 -101.94 34.48
CA THR L 739 58.75 -100.84 33.59
C THR L 739 58.39 -99.51 34.22
N LYS L 740 59.36 -98.61 34.30
CA LYS L 740 59.14 -97.27 34.85
C LYS L 740 58.45 -96.40 33.81
N THR L 741 57.46 -95.63 34.26
CA THR L 741 56.67 -94.78 33.40
C THR L 741 56.70 -93.35 33.89
N SER L 742 56.70 -92.41 32.95
CA SER L 742 56.66 -90.97 33.24
C SER L 742 55.61 -90.36 32.32
N VAL L 743 54.45 -90.03 32.88
CA VAL L 743 53.30 -89.55 32.11
C VAL L 743 53.21 -88.05 32.23
N ASP L 744 53.11 -87.37 31.09
CA ASP L 744 52.90 -85.93 31.08
C ASP L 744 51.43 -85.63 31.28
N CYS L 745 51.13 -84.79 32.29
CA CYS L 745 49.75 -84.52 32.64
C CYS L 745 49.06 -83.70 31.55
N THR L 746 49.66 -82.55 31.19
CA THR L 746 49.02 -81.65 30.23
C THR L 746 49.01 -82.25 28.83
N MET L 747 50.10 -82.90 28.43
CA MET L 747 50.17 -83.49 27.10
C MET L 747 49.15 -84.62 26.94
N TYR L 748 48.80 -85.29 28.03
CA TYR L 748 47.80 -86.36 27.94
C TYR L 748 46.38 -85.79 28.01
N ILE L 749 46.10 -84.97 29.03
CA ILE L 749 44.74 -84.46 29.21
C ILE L 749 44.36 -83.52 28.09
N CYS L 750 45.26 -82.62 27.70
CA CYS L 750 44.98 -81.61 26.69
C CYS L 750 45.50 -82.02 25.30
N GLY L 751 46.79 -82.28 25.19
CA GLY L 751 47.37 -82.63 23.91
C GLY L 751 47.53 -81.43 23.00
N ASP L 752 48.39 -80.49 23.38
CA ASP L 752 48.69 -79.30 22.59
C ASP L 752 47.44 -78.45 22.35
N SER L 753 46.74 -78.11 23.43
CA SER L 753 45.57 -77.25 23.38
C SER L 753 45.75 -76.13 24.39
N THR L 754 45.76 -74.89 23.89
CA THR L 754 45.98 -73.75 24.78
C THR L 754 44.77 -73.50 25.68
N GLU L 755 43.56 -73.65 25.15
CA GLU L 755 42.36 -73.43 25.95
C GLU L 755 42.26 -74.46 27.07
N CYS L 756 42.65 -75.70 26.79
CA CYS L 756 42.59 -76.74 27.83
C CYS L 756 43.70 -76.55 28.85
N SER L 757 44.88 -76.11 28.41
CA SER L 757 46.02 -75.97 29.32
C SER L 757 45.75 -74.89 30.38
N ASN L 758 45.27 -73.73 29.95
CA ASN L 758 44.96 -72.66 30.90
C ASN L 758 43.81 -73.03 31.81
N LEU L 759 42.89 -73.88 31.33
CA LEU L 759 41.76 -74.30 32.14
C LEU L 759 42.12 -75.39 33.12
N LEU L 760 43.17 -76.18 32.83
CA LEU L 760 43.57 -77.26 33.73
C LEU L 760 44.16 -76.73 35.04
N LEU L 761 44.67 -75.51 35.05
CA LEU L 761 45.27 -74.96 36.26
C LEU L 761 44.25 -74.73 37.36
N GLN L 762 42.96 -74.67 37.03
CA GLN L 762 41.92 -74.49 38.04
C GLN L 762 41.64 -75.74 38.84
N TYR L 763 42.12 -76.89 38.40
CA TYR L 763 41.91 -78.15 39.12
C TYR L 763 42.91 -78.36 40.25
N GLY L 764 43.73 -77.37 40.56
CA GLY L 764 44.63 -77.48 41.69
C GLY L 764 45.91 -78.24 41.36
N SER L 765 46.42 -78.94 42.37
CA SER L 765 47.67 -79.69 42.25
C SER L 765 47.43 -81.18 41.98
N PHE L 766 46.37 -81.51 41.24
CA PHE L 766 46.12 -82.91 40.91
C PHE L 766 47.20 -83.46 39.99
N CYS L 767 47.69 -82.64 39.06
CA CYS L 767 48.78 -83.07 38.19
C CYS L 767 50.09 -83.23 38.96
N THR L 768 50.29 -82.44 40.01
CA THR L 768 51.53 -82.54 40.77
C THR L 768 51.59 -83.85 41.55
N GLN L 769 50.46 -84.29 42.11
CA GLN L 769 50.45 -85.53 42.88
C GLN L 769 50.68 -86.75 42.00
N LEU L 770 50.16 -86.73 40.77
CA LEU L 770 50.37 -87.85 39.87
C LEU L 770 51.85 -87.98 39.49
N LYS L 771 52.50 -86.86 39.19
CA LYS L 771 53.92 -86.91 38.85
C LYS L 771 54.76 -87.34 40.04
N ARG L 772 54.44 -86.84 41.24
CA ARG L 772 55.18 -87.25 42.43
C ARG L 772 54.99 -88.73 42.72
N ALA L 773 53.79 -89.25 42.47
CA ALA L 773 53.54 -90.67 42.70
C ALA L 773 54.25 -91.54 41.67
N LEU L 774 54.28 -91.10 40.42
CA LEU L 774 54.97 -91.87 39.39
C LEU L 774 56.48 -91.83 39.56
N THR L 775 57.03 -90.71 40.06
CA THR L 775 58.46 -90.65 40.32
C THR L 775 58.83 -91.47 41.55
N GLY L 776 57.93 -91.57 42.51
CA GLY L 776 58.19 -92.43 43.67
C GLY L 776 58.24 -93.90 43.30
N ILE L 777 57.53 -94.30 42.25
CA ILE L 777 57.61 -95.67 41.76
C ILE L 777 58.90 -95.87 40.97
N ALA L 778 59.32 -94.86 40.21
CA ALA L 778 60.53 -94.98 39.40
C ALA L 778 61.76 -95.20 40.26
N VAL L 779 61.90 -94.39 41.31
CA VAL L 779 63.03 -94.58 42.23
C VAL L 779 62.87 -95.85 43.05
N GLU L 780 61.66 -96.41 43.10
CA GLU L 780 61.44 -97.67 43.81
C GLU L 780 61.95 -98.86 43.00
N GLN L 781 61.71 -98.85 41.68
CA GLN L 781 62.17 -99.96 40.85
C GLN L 781 63.69 -100.04 40.81
N ASP L 782 64.37 -98.90 40.83
CA ASP L 782 65.83 -98.91 40.86
C ASP L 782 66.36 -99.34 42.21
N LYS L 783 65.64 -99.02 43.30
CA LYS L 783 66.06 -99.45 44.62
C LYS L 783 65.82 -100.93 44.83
N ASN L 784 64.79 -101.49 44.19
CA ASN L 784 64.52 -102.91 44.32
C ASN L 784 65.66 -103.74 43.74
N THR L 785 66.12 -103.39 42.55
CA THR L 785 67.26 -104.09 41.96
C THR L 785 68.52 -103.89 42.77
N GLN L 786 68.68 -102.72 43.40
CA GLN L 786 69.85 -102.45 44.23
C GLN L 786 69.83 -103.28 45.51
N GLU L 787 68.67 -103.79 45.91
CA GLU L 787 68.56 -104.60 47.12
C GLU L 787 68.59 -106.10 46.85
N VAL L 788 68.39 -106.53 45.61
CA VAL L 788 68.36 -107.95 45.27
C VAL L 788 69.69 -108.39 44.72
N PHE L 789 70.15 -107.74 43.65
CA PHE L 789 71.39 -108.15 43.00
C PHE L 789 72.62 -107.49 43.60
N ALA L 790 72.51 -106.22 44.00
CA ALA L 790 73.65 -105.48 44.55
C ALA L 790 73.83 -105.85 46.02
N GLN L 791 74.28 -107.08 46.24
CA GLN L 791 74.54 -107.58 47.59
C GLN L 791 75.98 -107.33 48.01
N VAL L 792 76.93 -107.84 47.25
CA VAL L 792 78.36 -107.68 47.55
C VAL L 792 78.88 -106.46 46.80
N LYS L 793 79.84 -105.78 47.42
CA LYS L 793 80.46 -104.60 46.82
C LYS L 793 81.75 -104.93 46.08
N GLN L 794 82.22 -106.17 46.14
CA GLN L 794 83.43 -106.61 45.46
C GLN L 794 83.03 -107.54 44.31
N ILE L 795 83.39 -107.16 43.09
CA ILE L 795 83.07 -107.96 41.91
C ILE L 795 84.08 -109.10 41.79
N TYR L 796 83.74 -110.25 42.36
CA TYR L 796 84.62 -111.40 42.28
C TYR L 796 84.60 -111.99 40.87
N LYS L 797 85.73 -112.57 40.48
CA LYS L 797 85.89 -113.15 39.16
C LYS L 797 86.15 -114.64 39.27
N THR L 798 85.53 -115.41 38.38
CA THR L 798 85.75 -116.84 38.35
C THR L 798 87.16 -117.16 37.82
N PRO L 799 87.78 -118.21 38.31
CA PRO L 799 89.10 -118.61 37.80
C PRO L 799 88.99 -119.07 36.35
N PRO L 800 90.12 -119.29 35.67
CA PRO L 800 90.05 -119.84 34.31
C PRO L 800 89.22 -121.11 34.25
N ILE L 801 88.62 -121.36 33.09
CA ILE L 801 87.64 -122.44 32.96
C ILE L 801 88.30 -123.78 33.22
N LYS L 802 87.92 -124.41 34.33
CA LYS L 802 88.44 -125.70 34.76
C LYS L 802 87.34 -126.42 35.53
N TYR L 803 87.72 -127.48 36.24
CA TYR L 803 86.82 -128.20 37.12
C TYR L 803 87.17 -127.90 38.57
N PHE L 804 86.15 -127.83 39.42
CA PHE L 804 86.35 -127.56 40.83
C PHE L 804 86.47 -128.86 41.64
N GLY L 805 85.43 -129.68 41.60
CA GLY L 805 85.46 -130.99 42.23
C GLY L 805 84.72 -132.03 41.43
N GLY L 806 84.64 -131.80 40.12
CA GLY L 806 83.82 -132.63 39.25
C GLY L 806 82.47 -132.04 38.92
N PHE L 807 82.17 -130.85 39.42
CA PHE L 807 80.90 -130.18 39.17
C PHE L 807 81.04 -129.27 37.96
N ASN L 808 80.13 -129.41 37.00
CA ASN L 808 80.19 -128.71 35.72
C ASN L 808 79.27 -127.50 35.80
N PHE L 809 79.87 -126.31 36.01
CA PHE L 809 79.12 -125.06 36.06
C PHE L 809 79.09 -124.34 34.72
N SER L 810 79.20 -125.07 33.61
CA SER L 810 79.21 -124.45 32.30
C SER L 810 77.88 -123.82 31.94
N GLN L 811 76.79 -124.23 32.58
CA GLN L 811 75.46 -123.70 32.26
C GLN L 811 75.13 -122.43 33.03
N ILE L 812 75.83 -122.15 34.13
CA ILE L 812 75.56 -120.96 34.92
C ILE L 812 76.70 -119.96 34.88
N LEU L 813 77.92 -120.37 34.54
CA LEU L 813 79.03 -119.44 34.43
C LEU L 813 78.97 -118.69 33.11
N PRO L 814 79.46 -117.45 33.06
CA PRO L 814 79.46 -116.70 31.80
C PRO L 814 80.49 -117.24 30.83
N ASP L 815 80.13 -117.26 29.56
CA ASP L 815 81.01 -117.73 28.50
C ASP L 815 81.45 -116.57 27.61
N PRO L 816 82.73 -116.47 27.28
CA PRO L 816 83.20 -115.34 26.47
C PRO L 816 82.87 -115.46 24.99
N SER L 817 82.21 -116.54 24.56
CA SER L 817 81.88 -116.69 23.14
C SER L 817 80.81 -115.69 22.71
N LYS L 818 79.74 -115.57 23.50
CA LYS L 818 78.66 -114.65 23.15
C LYS L 818 79.04 -113.23 23.58
N PRO L 819 78.63 -112.21 22.81
CA PRO L 819 78.98 -110.83 23.18
C PRO L 819 78.22 -110.32 24.40
N SER L 820 77.05 -110.88 24.70
CA SER L 820 76.27 -110.42 25.85
C SER L 820 76.87 -110.85 27.18
N LYS L 821 77.85 -111.75 27.17
CA LYS L 821 78.53 -112.22 28.38
C LYS L 821 77.55 -112.85 29.37
N ARG L 822 76.45 -113.41 28.86
CA ARG L 822 75.44 -114.05 29.69
C ARG L 822 75.59 -115.56 29.65
N SER L 823 75.28 -116.20 30.77
CA SER L 823 75.38 -117.65 30.86
C SER L 823 74.31 -118.31 29.99
N PRO L 824 74.48 -119.58 29.64
CA PRO L 824 73.46 -120.26 28.82
C PRO L 824 72.07 -120.22 29.44
N ILE L 825 71.96 -120.40 30.76
CA ILE L 825 70.65 -120.34 31.40
C ILE L 825 70.09 -118.92 31.31
N GLU L 826 70.92 -117.91 31.56
CA GLU L 826 70.46 -116.52 31.44
C GLU L 826 70.06 -116.22 30.00
N ASP L 827 70.79 -116.76 29.03
CA ASP L 827 70.44 -116.54 27.63
C ASP L 827 69.10 -117.17 27.30
N LEU L 828 68.87 -118.41 27.76
CA LEU L 828 67.58 -119.06 27.52
C LEU L 828 66.44 -118.30 28.20
N LEU L 829 66.71 -117.76 29.38
CA LEU L 829 65.68 -116.98 30.07
C LEU L 829 65.37 -115.68 29.31
N PHE L 830 66.40 -115.01 28.82
CA PHE L 830 66.20 -113.75 28.11
C PHE L 830 65.54 -113.95 26.76
N ASN L 831 65.78 -115.09 26.11
CA ASN L 831 65.24 -115.34 24.78
C ASN L 831 63.76 -115.72 24.80
N LYS L 832 63.12 -115.77 25.96
CA LYS L 832 61.70 -116.11 26.01
C LYS L 832 60.91 -115.23 26.98
N VAL L 833 61.44 -114.07 27.36
CA VAL L 833 60.73 -113.14 28.23
C VAL L 833 60.65 -111.77 27.58
N LYS L 861 57.42 -94.29 22.35
CA LYS L 861 56.66 -93.36 23.17
C LYS L 861 55.55 -92.70 22.36
N PHE L 862 54.34 -92.70 22.92
CA PHE L 862 53.18 -92.14 22.23
C PHE L 862 52.25 -91.50 23.24
N ASN L 863 51.70 -90.34 22.89
CA ASN L 863 50.69 -89.65 23.68
C ASN L 863 51.21 -89.30 25.08
N GLY L 864 52.44 -88.79 25.14
CA GLY L 864 53.02 -88.36 26.39
C GLY L 864 53.48 -89.47 27.31
N LEU L 865 53.35 -90.72 26.90
CA LEU L 865 53.78 -91.86 27.70
C LEU L 865 55.24 -92.16 27.38
N THR L 866 56.13 -91.96 28.36
CA THR L 866 57.56 -92.19 28.19
C THR L 866 58.00 -93.26 29.18
N VAL L 867 58.63 -94.31 28.68
CA VAL L 867 59.16 -95.39 29.50
C VAL L 867 60.59 -95.05 29.85
N LEU L 868 60.90 -95.00 31.14
CA LEU L 868 62.25 -94.63 31.55
C LEU L 868 63.13 -95.88 31.64
N PRO L 869 64.40 -95.78 31.24
CA PRO L 869 65.30 -96.92 31.31
C PRO L 869 65.76 -97.18 32.74
N PRO L 870 65.90 -98.44 33.13
CA PRO L 870 66.38 -98.74 34.49
C PRO L 870 67.79 -98.21 34.71
N LEU L 871 68.11 -97.93 35.98
CA LEU L 871 69.43 -97.43 36.32
C LEU L 871 70.51 -98.46 36.00
N LEU L 872 70.24 -99.73 36.28
CA LEU L 872 71.19 -100.81 36.00
C LEU L 872 70.74 -101.56 34.75
N THR L 873 71.64 -101.71 33.79
CA THR L 873 71.33 -102.40 32.56
C THR L 873 71.50 -103.92 32.74
N ASP L 874 71.05 -104.66 31.72
CA ASP L 874 71.14 -106.12 31.78
C ASP L 874 72.59 -106.61 31.81
N GLU L 875 73.51 -105.81 31.28
CA GLU L 875 74.92 -106.19 31.33
C GLU L 875 75.48 -106.07 32.75
N MET L 876 75.06 -105.05 33.49
CA MET L 876 75.52 -104.88 34.86
C MET L 876 74.86 -105.88 35.80
N ILE L 877 73.59 -106.21 35.56
CA ILE L 877 72.93 -107.25 36.34
C ILE L 877 73.63 -108.59 36.11
N ALA L 878 74.03 -108.86 34.87
CA ALA L 878 74.78 -110.08 34.59
C ALA L 878 76.12 -110.08 35.32
N GLN L 879 76.76 -108.91 35.44
CA GLN L 879 78.02 -108.83 36.16
C GLN L 879 77.82 -109.08 37.66
N TYR L 880 76.75 -108.52 38.22
CA TYR L 880 76.44 -108.80 39.62
C TYR L 880 76.17 -110.28 39.85
N THR L 881 75.42 -110.90 38.95
CA THR L 881 75.13 -112.33 39.07
C THR L 881 76.41 -113.15 38.95
N SER L 882 77.30 -112.78 38.04
CA SER L 882 78.55 -113.50 37.87
C SER L 882 79.44 -113.33 39.09
N ALA L 883 79.43 -112.15 39.71
CA ALA L 883 80.21 -111.94 40.92
C ALA L 883 79.68 -112.79 42.07
N LEU L 884 78.34 -112.80 42.25
CA LEU L 884 77.75 -113.64 43.28
C LEU L 884 78.05 -115.11 43.03
N LEU L 885 78.03 -115.54 41.76
CA LEU L 885 78.30 -116.94 41.45
C LEU L 885 79.75 -117.30 41.72
N ALA L 886 80.69 -116.43 41.32
CA ALA L 886 82.10 -116.68 41.60
C ALA L 886 82.38 -116.66 43.10
N GLY L 887 81.59 -115.90 43.86
CA GLY L 887 81.75 -115.92 45.30
C GLY L 887 81.19 -117.18 45.94
N THR L 888 80.09 -117.70 45.39
CA THR L 888 79.44 -118.85 45.98
C THR L 888 80.04 -120.18 45.51
N ILE L 889 80.81 -120.20 44.42
CA ILE L 889 81.45 -121.44 43.97
C ILE L 889 82.92 -121.49 44.34
N THR L 890 83.52 -120.38 44.75
CA THR L 890 84.92 -120.37 45.15
C THR L 890 85.14 -120.01 46.62
N SER L 891 84.13 -119.50 47.31
CA SER L 891 84.28 -119.13 48.71
C SER L 891 83.12 -119.58 49.58
N GLY L 892 82.10 -120.23 49.03
CA GLY L 892 80.97 -120.65 49.85
C GLY L 892 80.16 -119.46 50.32
N TRP L 893 79.78 -119.50 51.59
CA TRP L 893 79.04 -118.41 52.21
C TRP L 893 79.95 -117.45 52.97
N THR L 894 81.26 -117.58 52.82
CA THR L 894 82.19 -116.72 53.55
C THR L 894 82.13 -115.28 53.06
N PHE L 895 81.82 -115.08 51.78
CA PHE L 895 81.77 -113.74 51.21
C PHE L 895 80.51 -112.98 51.59
N GLY L 896 79.58 -113.62 52.31
CA GLY L 896 78.40 -112.91 52.76
C GLY L 896 78.59 -112.18 54.07
N ALA L 897 79.49 -112.65 54.92
CA ALA L 897 79.78 -112.02 56.19
C ALA L 897 81.02 -111.13 56.16
N GLY L 898 81.85 -111.25 55.13
CA GLY L 898 83.05 -110.45 55.02
C GLY L 898 83.89 -110.83 53.82
N PRO L 899 85.20 -110.97 54.03
CA PRO L 899 86.08 -111.32 52.91
C PRO L 899 85.80 -112.71 52.39
N ALA L 900 86.00 -112.89 51.09
CA ALA L 900 85.81 -114.17 50.44
C ALA L 900 87.03 -115.06 50.73
N LEU L 901 86.81 -116.16 51.43
CA LEU L 901 87.87 -117.06 51.82
C LEU L 901 87.94 -118.24 50.86
N GLN L 902 89.15 -118.55 50.40
CA GLN L 902 89.33 -119.68 49.48
C GLN L 902 88.95 -120.98 50.17
N ILE L 903 88.29 -121.86 49.42
CA ILE L 903 87.89 -123.16 49.94
C ILE L 903 87.60 -124.08 48.76
N PRO L 904 88.16 -125.30 48.74
CA PRO L 904 87.83 -126.22 47.64
C PRO L 904 86.35 -126.58 47.63
N PHE L 905 85.76 -126.55 46.45
CA PHE L 905 84.35 -126.87 46.32
C PHE L 905 83.98 -128.27 46.81
N PRO L 906 84.82 -129.32 46.64
CA PRO L 906 84.50 -130.61 47.27
C PRO L 906 84.22 -130.50 48.75
N MET L 907 85.17 -129.97 49.52
CA MET L 907 84.98 -129.83 50.95
C MET L 907 84.10 -128.65 51.32
N GLN L 908 83.79 -127.76 50.37
CA GLN L 908 82.80 -126.72 50.62
C GLN L 908 81.41 -127.33 50.77
N MET L 909 81.03 -128.19 49.82
CA MET L 909 79.75 -128.88 49.93
C MET L 909 79.73 -129.85 51.11
N ALA L 910 80.91 -130.32 51.54
CA ALA L 910 80.97 -131.19 52.71
C ALA L 910 80.52 -130.47 53.97
N TYR L 911 80.80 -129.16 54.07
CA TYR L 911 80.30 -128.38 55.19
C TYR L 911 78.78 -128.26 55.13
N ARG L 912 78.22 -128.20 53.91
CA ARG L 912 76.77 -128.12 53.78
C ARG L 912 76.09 -129.43 54.15
N PHE L 913 76.79 -130.55 54.00
CA PHE L 913 76.24 -131.82 54.46
C PHE L 913 76.23 -131.89 55.99
N ASN L 914 77.25 -131.33 56.64
CA ASN L 914 77.27 -131.29 58.10
C ASN L 914 76.19 -130.39 58.66
N GLY L 915 75.70 -129.43 57.87
CA GLY L 915 74.65 -128.54 58.35
C GLY L 915 73.27 -129.17 58.30
N ILE L 916 73.04 -130.10 57.38
CA ILE L 916 71.74 -130.76 57.27
C ILE L 916 71.66 -132.04 58.08
N GLY L 917 72.70 -132.36 58.85
CA GLY L 917 72.68 -133.55 59.68
C GLY L 917 73.30 -134.78 59.07
N VAL L 918 74.16 -134.63 58.06
CA VAL L 918 74.84 -135.75 57.42
C VAL L 918 76.33 -135.61 57.66
N THR L 919 76.97 -136.73 57.99
CA THR L 919 78.40 -136.70 58.30
C THR L 919 79.21 -136.28 57.07
N GLN L 920 80.43 -135.80 57.35
CA GLN L 920 81.28 -135.27 56.28
C GLN L 920 81.82 -136.38 55.38
N ASN L 921 81.95 -137.61 55.91
CA ASN L 921 82.55 -138.68 55.15
C ASN L 921 81.66 -139.18 54.01
N VAL L 922 80.35 -138.95 54.09
CA VAL L 922 79.43 -139.41 53.05
C VAL L 922 79.75 -138.73 51.73
N LEU L 923 79.97 -137.41 51.77
CA LEU L 923 80.30 -136.68 50.55
C LEU L 923 81.62 -137.14 49.96
N TYR L 924 82.62 -137.37 50.81
CA TYR L 924 83.92 -137.81 50.32
C TYR L 924 83.85 -139.20 49.72
N GLU L 925 83.04 -140.09 50.30
CA GLU L 925 82.89 -141.43 49.76
C GLU L 925 81.92 -141.49 48.58
N ASN L 926 81.18 -140.41 48.31
CA ASN L 926 80.29 -140.35 47.16
C ASN L 926 80.50 -139.08 46.35
N GLN L 927 81.74 -138.58 46.30
CA GLN L 927 82.00 -137.34 45.58
C GLN L 927 81.76 -137.50 44.08
N LYS L 928 82.17 -138.63 43.51
CA LYS L 928 81.91 -138.86 42.09
C LYS L 928 80.43 -138.99 41.80
N LEU L 929 79.65 -139.48 42.77
CA LEU L 929 78.22 -139.61 42.57
C LEU L 929 77.49 -138.29 42.78
N ILE L 930 77.94 -137.48 43.74
CA ILE L 930 77.34 -136.19 43.97
C ILE L 930 77.55 -135.27 42.77
N ALA L 931 78.75 -135.31 42.18
CA ALA L 931 79.03 -134.47 41.02
C ALA L 931 78.19 -134.88 39.83
N ASN L 932 77.96 -136.19 39.66
CA ASN L 932 77.15 -136.64 38.53
C ASN L 932 75.69 -136.26 38.70
N GLN L 933 75.14 -136.41 39.92
CA GLN L 933 73.77 -136.02 40.16
C GLN L 933 73.59 -134.52 40.09
N PHE L 934 74.60 -133.74 40.47
CA PHE L 934 74.52 -132.30 40.37
C PHE L 934 74.58 -131.85 38.91
N ASN L 935 75.53 -132.40 38.14
CA ASN L 935 75.66 -132.01 36.74
C ASN L 935 74.47 -132.45 35.92
N SER L 936 73.88 -133.61 36.24
CA SER L 936 72.68 -134.05 35.53
C SER L 936 71.45 -133.23 35.92
N ALA L 937 71.46 -132.62 37.11
CA ALA L 937 70.34 -131.79 37.52
C ALA L 937 70.43 -130.39 36.93
N ILE L 938 71.63 -129.81 36.92
CA ILE L 938 71.82 -128.49 36.31
C ILE L 938 71.54 -128.56 34.81
N GLY L 939 71.95 -129.66 34.17
CA GLY L 939 71.66 -129.81 32.75
C GLY L 939 70.19 -129.95 32.45
N LYS L 940 69.42 -130.51 33.38
CA LYS L 940 67.97 -130.63 33.19
C LYS L 940 67.25 -129.30 33.42
N ILE L 941 67.89 -128.34 34.06
CA ILE L 941 67.26 -127.04 34.29
C ILE L 941 67.00 -126.33 32.96
N GLN L 942 67.93 -126.45 32.02
CA GLN L 942 67.75 -125.83 30.71
C GLN L 942 66.55 -126.42 29.99
N ASP L 943 66.43 -127.75 29.99
CA ASP L 943 65.28 -128.39 29.36
C ASP L 943 63.98 -128.11 30.12
N SER L 944 64.07 -127.82 31.42
CA SER L 944 62.87 -127.52 32.19
C SER L 944 62.37 -126.11 31.93
N LEU L 945 63.28 -125.14 31.83
CA LEU L 945 62.88 -123.76 31.60
C LEU L 945 62.76 -123.41 30.11
N SER L 946 63.20 -124.30 29.21
CA SER L 946 63.06 -124.04 27.78
C SER L 946 61.65 -124.35 27.30
N SER L 947 61.23 -125.61 27.44
CA SER L 947 59.88 -125.99 27.10
C SER L 947 58.90 -125.53 28.18
N THR L 948 57.62 -125.73 27.92
CA THR L 948 56.53 -125.31 28.80
C THR L 948 56.68 -123.83 29.16
N PRO L 949 56.40 -122.92 28.23
CA PRO L 949 56.61 -121.48 28.50
C PRO L 949 55.81 -120.95 29.69
N SER L 950 54.89 -121.73 30.25
CA SER L 950 54.15 -121.29 31.43
C SER L 950 55.00 -121.27 32.68
N ALA L 951 56.22 -121.80 32.63
CA ALA L 951 57.09 -121.80 33.81
C ALA L 951 57.51 -120.39 34.18
N LEU L 952 57.74 -119.54 33.18
CA LEU L 952 58.11 -118.14 33.39
C LEU L 952 56.92 -117.20 33.34
N GLY L 953 55.71 -117.71 33.60
CA GLY L 953 54.54 -116.86 33.54
C GLY L 953 54.50 -115.82 34.64
N LYS L 954 55.07 -116.12 35.80
CA LYS L 954 55.06 -115.17 36.90
C LYS L 954 55.86 -113.92 36.57
N LEU L 955 56.91 -114.06 35.76
CA LEU L 955 57.74 -112.92 35.39
C LEU L 955 57.24 -112.20 34.15
N GLN L 956 56.52 -112.90 33.27
CA GLN L 956 55.95 -112.27 32.09
C GLN L 956 54.67 -111.52 32.40
N ASP L 957 53.94 -111.94 33.44
CA ASP L 957 52.71 -111.26 33.80
C ASP L 957 52.96 -109.82 34.22
N VAL L 958 54.14 -109.52 34.74
CA VAL L 958 54.45 -108.15 35.13
C VAL L 958 54.45 -107.24 33.91
N VAL L 959 55.22 -107.60 32.89
CA VAL L 959 55.27 -106.77 31.68
C VAL L 959 53.95 -106.80 30.95
N ASN L 960 53.22 -107.93 31.02
CA ASN L 960 51.89 -107.97 30.41
C ASN L 960 50.94 -106.98 31.07
N HIS L 961 50.95 -106.93 32.40
CA HIS L 961 50.09 -105.98 33.12
C HIS L 961 50.51 -104.55 32.83
N ASN L 962 51.82 -104.28 32.79
CA ASN L 962 52.28 -102.93 32.46
C ASN L 962 51.81 -102.52 31.06
N ALA L 963 51.96 -103.42 30.08
CA ALA L 963 51.56 -103.10 28.72
C ALA L 963 50.05 -102.89 28.61
N GLN L 964 49.26 -103.73 29.27
CA GLN L 964 47.81 -103.58 29.17
C GLN L 964 47.34 -102.34 29.93
N ALA L 965 48.03 -101.96 31.01
CA ALA L 965 47.68 -100.72 31.69
C ALA L 965 48.01 -99.51 30.82
N LEU L 966 49.16 -99.53 30.14
CA LEU L 966 49.48 -98.46 29.21
C LEU L 966 48.47 -98.39 28.07
N ASN L 967 48.05 -99.55 27.57
CA ASN L 967 47.06 -99.57 26.50
C ASN L 967 45.71 -99.03 26.98
N THR L 968 45.32 -99.36 28.21
CA THR L 968 44.08 -98.82 28.75
C THR L 968 44.17 -97.32 28.94
N LEU L 969 45.33 -96.82 29.38
CA LEU L 969 45.50 -95.38 29.57
C LEU L 969 45.50 -94.64 28.25
N VAL L 970 46.07 -95.24 27.21
CA VAL L 970 46.13 -94.57 25.91
C VAL L 970 44.83 -94.72 25.12
N LYS L 971 44.01 -95.72 25.44
CA LYS L 971 42.74 -95.90 24.74
C LYS L 971 41.62 -95.08 25.35
N GLN L 972 41.69 -94.78 26.65
CA GLN L 972 40.69 -93.90 27.26
C GLN L 972 40.80 -92.47 26.79
N LEU L 973 41.84 -92.12 26.04
CA LEU L 973 41.96 -90.78 25.48
C LEU L 973 40.87 -90.51 24.45
N SER L 974 40.42 -91.56 23.74
CA SER L 974 39.36 -91.45 22.75
C SER L 974 37.98 -91.76 23.32
N SER L 975 37.77 -91.50 24.61
CA SER L 975 36.49 -91.79 25.24
C SER L 975 35.48 -90.70 24.93
N LYS L 976 34.26 -90.88 25.42
CA LYS L 976 33.12 -90.03 25.12
C LYS L 976 32.36 -89.69 26.40
N PHE L 977 33.08 -89.17 27.40
CA PHE L 977 32.54 -88.97 28.74
C PHE L 977 31.31 -88.06 28.79
N GLY L 978 30.88 -87.53 27.65
CA GLY L 978 29.69 -86.71 27.60
C GLY L 978 29.81 -85.56 26.63
N ALA L 979 30.95 -85.41 25.99
CA ALA L 979 31.16 -84.39 24.99
C ALA L 979 30.65 -84.86 23.62
N ILE L 980 30.57 -83.92 22.68
CA ILE L 980 30.10 -84.25 21.34
C ILE L 980 31.12 -85.08 20.57
N SER L 981 32.38 -85.05 20.97
CA SER L 981 33.43 -85.80 20.28
C SER L 981 34.55 -86.07 21.26
N SER L 982 35.50 -86.91 20.82
CA SER L 982 36.67 -87.24 21.63
C SER L 982 37.87 -86.34 21.34
N VAL L 983 37.86 -85.63 20.22
CA VAL L 983 38.95 -84.74 19.84
C VAL L 983 38.59 -83.33 20.26
N LEU L 984 39.55 -82.62 20.86
CA LEU L 984 39.30 -81.26 21.32
C LEU L 984 39.10 -80.30 20.15
N ASN L 985 39.73 -80.57 19.00
CA ASN L 985 39.58 -79.69 17.85
C ASN L 985 38.17 -79.74 17.27
N ASP L 986 37.54 -80.92 17.30
CA ASP L 986 36.18 -81.04 16.79
C ASP L 986 35.16 -80.34 17.68
N ILE L 987 35.49 -80.11 18.94
CA ILE L 987 34.57 -79.45 19.86
C ILE L 987 34.84 -77.94 19.93
N LEU L 988 36.11 -77.55 19.89
CA LEU L 988 36.45 -76.12 19.97
C LEU L 988 36.03 -75.38 18.71
N SER L 989 36.14 -76.02 17.55
CA SER L 989 35.77 -75.37 16.30
C SER L 989 34.28 -75.37 16.04
N ARG L 990 33.53 -76.26 16.68
CA ARG L 990 32.09 -76.36 16.46
C ARG L 990 31.31 -75.53 17.47
N LEU L 991 31.59 -75.68 18.75
CA LEU L 991 30.85 -75.00 19.80
C LEU L 991 31.48 -73.63 20.10
N ASP L 992 30.77 -72.84 20.89
CA ASP L 992 31.25 -71.52 21.28
C ASP L 992 32.37 -71.68 22.30
N PRO L 993 33.55 -71.11 22.05
CA PRO L 993 34.68 -71.27 22.99
C PRO L 993 34.33 -70.82 24.41
N PRO L 994 33.67 -69.66 24.61
CA PRO L 994 33.32 -69.30 25.99
C PRO L 994 32.21 -70.15 26.57
N GLU L 995 31.41 -70.82 25.74
CA GLU L 995 30.32 -71.66 26.23
C GLU L 995 30.71 -73.11 26.40
N ALA L 996 31.64 -73.60 25.57
CA ALA L 996 32.05 -75.00 25.61
C ALA L 996 32.97 -75.32 26.78
N GLU L 997 33.15 -74.40 27.73
CA GLU L 997 33.99 -74.67 28.89
C GLU L 997 33.39 -75.77 29.76
N VAL L 998 32.07 -75.72 29.97
CA VAL L 998 31.42 -76.73 30.81
C VAL L 998 31.46 -78.11 30.17
N GLN L 999 31.59 -78.20 28.85
CA GLN L 999 31.71 -79.48 28.18
C GLN L 999 33.15 -79.96 28.09
N ILE L 1000 34.10 -79.04 27.94
CA ILE L 1000 35.51 -79.42 27.97
C ILE L 1000 35.90 -79.91 29.35
N ASP L 1001 35.36 -79.28 30.40
CA ASP L 1001 35.59 -79.76 31.76
C ASP L 1001 35.07 -81.16 31.98
N ARG L 1002 34.07 -81.59 31.19
CA ARG L 1002 33.57 -82.96 31.31
C ARG L 1002 34.58 -83.96 30.77
N LEU L 1003 35.43 -83.55 29.82
CA LEU L 1003 36.49 -84.42 29.35
C LEU L 1003 37.73 -84.35 30.23
N ILE L 1004 37.97 -83.20 30.87
CA ILE L 1004 39.11 -83.08 31.78
C ILE L 1004 38.93 -84.00 32.98
N THR L 1005 37.72 -84.07 33.52
CA THR L 1005 37.45 -84.98 34.63
C THR L 1005 37.56 -86.43 34.20
N GLY L 1006 37.08 -86.74 32.99
CA GLY L 1006 37.18 -88.11 32.50
C GLY L 1006 38.60 -88.55 32.24
N ARG L 1007 39.47 -87.63 31.81
CA ARG L 1007 40.85 -87.98 31.57
C ARG L 1007 41.69 -87.93 32.84
N LEU L 1008 41.33 -87.09 33.80
CA LEU L 1008 42.07 -87.02 35.04
C LEU L 1008 41.76 -88.22 35.94
N GLN L 1009 40.51 -88.69 35.93
CA GLN L 1009 40.16 -89.87 36.70
C GLN L 1009 40.82 -91.12 36.12
N SER L 1010 41.00 -91.17 34.81
CA SER L 1010 41.74 -92.28 34.21
C SER L 1010 43.20 -92.27 34.66
N LEU L 1011 43.82 -91.08 34.71
CA LEU L 1011 45.17 -90.98 35.22
C LEU L 1011 45.24 -91.34 36.71
N GLN L 1012 44.23 -90.93 37.47
CA GLN L 1012 44.21 -91.28 38.89
C GLN L 1012 44.06 -92.79 39.08
N THR L 1013 43.19 -93.43 38.29
CA THR L 1013 43.05 -94.89 38.36
C THR L 1013 44.36 -95.57 37.97
N TYR L 1014 45.02 -95.08 36.91
CA TYR L 1014 46.29 -95.65 36.51
C TYR L 1014 47.33 -95.52 37.60
N VAL L 1015 47.41 -94.36 38.24
CA VAL L 1015 48.42 -94.14 39.28
C VAL L 1015 48.12 -95.01 40.51
N THR L 1016 46.84 -95.17 40.85
CA THR L 1016 46.50 -96.03 41.98
C THR L 1016 46.86 -97.49 41.70
N GLN L 1017 46.53 -97.97 40.50
CA GLN L 1017 46.88 -99.34 40.15
C GLN L 1017 48.39 -99.53 40.09
N GLN L 1018 49.11 -98.52 39.62
CA GLN L 1018 50.57 -98.59 39.59
C GLN L 1018 51.15 -98.61 41.00
N LEU L 1019 50.55 -97.87 41.93
CA LEU L 1019 51.02 -97.90 43.31
C LEU L 1019 50.75 -99.26 43.95
N ILE L 1020 49.59 -99.85 43.67
CA ILE L 1020 49.29 -101.17 44.22
C ILE L 1020 50.25 -102.22 43.66
N ARG L 1021 50.46 -102.20 42.34
CA ARG L 1021 51.41 -103.13 41.74
C ARG L 1021 52.84 -102.85 42.20
N ALA L 1022 53.16 -101.61 42.53
CA ALA L 1022 54.48 -101.29 43.04
C ALA L 1022 54.68 -101.83 44.44
N ALA L 1023 53.64 -101.77 45.27
CA ALA L 1023 53.71 -102.40 46.59
C ALA L 1023 53.87 -103.91 46.45
N GLU L 1024 53.16 -104.52 45.50
CA GLU L 1024 53.30 -105.95 45.26
C GLU L 1024 54.72 -106.30 44.82
N ILE L 1025 55.26 -105.52 43.88
CA ILE L 1025 56.61 -105.76 43.39
C ILE L 1025 57.65 -105.50 44.48
N ARG L 1026 57.38 -104.55 45.38
CA ARG L 1026 58.29 -104.31 46.49
C ARG L 1026 58.29 -105.48 47.46
N ALA L 1027 57.11 -106.05 47.74
CA ALA L 1027 57.05 -107.26 48.56
C ALA L 1027 57.82 -108.40 47.90
N SER L 1028 57.61 -108.59 46.59
CA SER L 1028 58.32 -109.66 45.88
C SER L 1028 59.83 -109.42 45.88
N ALA L 1029 60.25 -108.16 45.77
CA ALA L 1029 61.68 -107.85 45.74
C ALA L 1029 62.31 -108.02 47.11
N ASN L 1030 61.58 -107.70 48.18
CA ASN L 1030 62.09 -107.97 49.52
C ASN L 1030 62.19 -109.47 49.77
N LEU L 1031 61.21 -110.24 49.28
CA LEU L 1031 61.31 -111.70 49.36
C LEU L 1031 62.51 -112.21 48.59
N ALA L 1032 62.76 -111.65 47.41
CA ALA L 1032 63.91 -112.09 46.61
C ALA L 1032 65.23 -111.69 47.27
N ALA L 1033 65.25 -110.53 47.94
CA ALA L 1033 66.47 -110.12 48.63
C ALA L 1033 66.74 -111.02 49.83
N THR L 1034 65.70 -111.39 50.58
CA THR L 1034 65.87 -112.35 51.66
C THR L 1034 66.32 -113.70 51.12
N LYS L 1035 65.77 -114.11 49.98
CA LYS L 1035 66.20 -115.36 49.34
C LYS L 1035 67.67 -115.32 48.98
N MET L 1036 68.12 -114.20 48.39
CA MET L 1036 69.52 -114.07 48.02
C MET L 1036 70.41 -114.08 49.25
N SER L 1037 70.04 -113.35 50.29
CA SER L 1037 70.88 -113.23 51.47
C SER L 1037 70.91 -114.51 52.28
N GLU L 1038 69.87 -115.34 52.19
CA GLU L 1038 69.78 -116.56 53.00
C GLU L 1038 70.06 -117.82 52.21
N CYS L 1039 69.53 -117.95 50.99
CA CYS L 1039 69.77 -119.15 50.20
C CYS L 1039 71.07 -119.10 49.41
N VAL L 1040 71.42 -117.92 48.88
CA VAL L 1040 72.63 -117.79 48.07
C VAL L 1040 73.82 -117.35 48.90
N LEU L 1041 73.67 -116.27 49.68
CA LEU L 1041 74.75 -115.78 50.51
C LEU L 1041 75.00 -116.64 51.75
N GLY L 1042 74.22 -117.71 51.94
CA GLY L 1042 74.41 -118.56 53.08
C GLY L 1042 73.63 -119.86 52.92
N GLN L 1043 73.59 -120.62 54.00
CA GLN L 1043 72.82 -121.86 54.05
C GLN L 1043 71.68 -121.69 55.04
N SER L 1044 70.48 -122.05 54.62
CA SER L 1044 69.27 -121.81 55.40
C SER L 1044 68.72 -123.12 55.96
N LYS L 1045 68.24 -123.07 57.20
CA LYS L 1045 67.54 -124.17 57.82
C LYS L 1045 66.03 -124.00 57.77
N ARG L 1046 65.55 -122.92 57.17
CA ARG L 1046 64.11 -122.70 57.06
C ARG L 1046 63.52 -123.64 56.04
N VAL L 1047 62.50 -124.40 56.45
CA VAL L 1047 61.90 -125.41 55.59
C VAL L 1047 61.08 -124.73 54.50
N ASP L 1048 61.22 -125.24 53.26
CA ASP L 1048 60.47 -124.77 52.11
C ASP L 1048 60.73 -123.30 51.78
N PHE L 1049 61.83 -122.73 52.28
CA PHE L 1049 62.19 -121.37 51.94
C PHE L 1049 63.22 -121.30 50.83
N CYS L 1050 64.07 -122.32 50.70
CA CYS L 1050 65.05 -122.38 49.63
C CYS L 1050 64.90 -123.68 48.84
N GLY L 1051 63.67 -124.02 48.50
CA GLY L 1051 63.39 -125.22 47.75
C GLY L 1051 62.99 -126.38 48.65
N LYS L 1052 62.35 -127.38 48.05
CA LYS L 1052 61.89 -128.55 48.78
C LYS L 1052 63.07 -129.45 49.11
N GLY L 1053 63.16 -129.89 50.36
CA GLY L 1053 64.26 -130.72 50.82
C GLY L 1053 65.27 -129.92 51.63
N TYR L 1054 66.28 -130.65 52.09
CA TYR L 1054 67.36 -130.04 52.87
C TYR L 1054 68.20 -129.16 51.95
N HIS L 1055 68.11 -127.84 52.16
CA HIS L 1055 68.80 -126.91 51.28
C HIS L 1055 70.30 -126.96 51.49
N LEU L 1056 71.04 -127.10 50.38
CA LEU L 1056 72.50 -127.06 50.41
C LEU L 1056 73.03 -125.70 49.97
N MET L 1057 72.67 -125.26 48.77
CA MET L 1057 73.09 -123.96 48.26
C MET L 1057 72.16 -123.56 47.12
N SER L 1058 72.24 -122.30 46.73
CA SER L 1058 71.43 -121.76 45.65
C SER L 1058 72.28 -120.89 44.75
N PHE L 1059 71.94 -120.89 43.46
CA PHE L 1059 72.68 -120.12 42.46
C PHE L 1059 71.74 -119.10 41.82
N PRO L 1060 72.08 -117.82 41.86
CA PRO L 1060 71.22 -116.81 41.23
C PRO L 1060 71.44 -116.74 39.73
N GLN L 1061 70.38 -116.32 39.03
CA GLN L 1061 70.43 -116.16 37.58
C GLN L 1061 69.72 -114.87 37.20
N SER L 1062 70.37 -114.08 36.33
CA SER L 1062 69.77 -112.85 35.86
C SER L 1062 68.57 -113.15 34.96
N ALA L 1063 67.50 -112.38 35.13
CA ALA L 1063 66.28 -112.53 34.36
C ALA L 1063 65.68 -111.16 34.10
N PRO L 1064 64.96 -110.99 33.00
CA PRO L 1064 64.37 -109.69 32.69
C PRO L 1064 63.35 -109.28 33.74
N HIS L 1065 63.65 -108.19 34.45
CA HIS L 1065 62.78 -107.63 35.49
C HIS L 1065 62.54 -108.63 36.62
N GLY L 1066 63.47 -109.55 36.83
CA GLY L 1066 63.31 -110.55 37.86
C GLY L 1066 64.61 -111.23 38.20
N VAL L 1067 64.49 -112.30 38.99
CA VAL L 1067 65.63 -113.09 39.43
C VAL L 1067 65.21 -114.55 39.46
N VAL L 1068 66.16 -115.44 39.12
CA VAL L 1068 65.92 -116.88 39.11
C VAL L 1068 66.96 -117.54 39.99
N PHE L 1069 66.50 -118.37 40.92
CA PHE L 1069 67.37 -119.10 41.82
C PHE L 1069 67.37 -120.59 41.46
N LEU L 1070 68.53 -121.22 41.60
CA LEU L 1070 68.69 -122.65 41.39
C LEU L 1070 68.95 -123.30 42.74
N HIS L 1071 67.88 -123.70 43.42
CA HIS L 1071 67.97 -124.26 44.76
C HIS L 1071 68.49 -125.69 44.69
N VAL L 1072 69.73 -125.89 45.13
CA VAL L 1072 70.31 -127.23 45.21
C VAL L 1072 69.98 -127.80 46.58
N THR L 1073 69.14 -128.82 46.61
CA THR L 1073 68.63 -129.39 47.85
C THR L 1073 69.10 -130.82 48.02
N TYR L 1074 68.76 -131.40 49.17
CA TYR L 1074 69.12 -132.76 49.53
C TYR L 1074 67.83 -133.53 49.81
N VAL L 1075 67.57 -134.56 49.01
CA VAL L 1075 66.36 -135.37 49.16
C VAL L 1075 66.76 -136.80 49.51
N PRO L 1076 66.51 -137.25 50.74
CA PRO L 1076 66.84 -138.63 51.10
C PRO L 1076 66.00 -139.61 50.31
N ALA L 1077 66.60 -140.76 50.01
CA ALA L 1077 65.93 -141.80 49.23
C ALA L 1077 66.44 -143.16 49.69
N GLN L 1078 65.76 -144.21 49.21
CA GLN L 1078 66.11 -145.60 49.51
C GLN L 1078 66.11 -145.85 51.01
N GLU L 1079 64.94 -145.71 51.62
CA GLU L 1079 64.77 -145.91 53.05
C GLU L 1079 64.43 -147.37 53.35
N LYS L 1080 64.74 -147.79 54.57
CA LYS L 1080 64.47 -149.13 55.04
C LYS L 1080 64.00 -149.08 56.49
N ASN L 1081 63.20 -150.08 56.86
CA ASN L 1081 62.65 -150.15 58.21
C ASN L 1081 63.64 -150.79 59.16
N PHE L 1082 63.71 -150.27 60.38
CA PHE L 1082 64.59 -150.79 61.42
C PHE L 1082 63.89 -150.66 62.77
N THR L 1083 64.25 -151.57 63.68
CA THR L 1083 63.71 -151.56 65.03
C THR L 1083 64.55 -150.63 65.90
N THR L 1084 63.88 -149.71 66.59
CA THR L 1084 64.55 -148.71 67.41
C THR L 1084 64.28 -148.97 68.89
N ALA L 1085 64.94 -148.19 69.73
CA ALA L 1085 64.78 -148.28 71.17
C ALA L 1085 65.21 -146.96 71.78
N PRO L 1086 64.53 -146.48 72.84
CA PRO L 1086 64.94 -145.20 73.44
C PRO L 1086 66.33 -145.23 74.04
N ALA L 1087 66.65 -146.26 74.82
CA ALA L 1087 67.95 -146.37 75.47
C ALA L 1087 68.37 -147.83 75.48
N ILE L 1088 69.57 -148.08 76.01
CA ILE L 1088 70.14 -149.41 76.10
C ILE L 1088 70.69 -149.61 77.51
N CYS L 1089 70.27 -150.69 78.17
CA CYS L 1089 70.67 -151.00 79.53
C CYS L 1089 71.76 -152.07 79.50
N HIS L 1090 73.00 -151.68 79.81
CA HIS L 1090 74.11 -152.62 79.87
C HIS L 1090 74.65 -152.79 81.28
N ASP L 1091 75.15 -151.73 81.88
CA ASP L 1091 75.64 -151.77 83.27
C ASP L 1091 74.60 -151.24 84.23
N GLY L 1092 73.39 -151.80 84.20
CA GLY L 1092 72.32 -151.31 85.04
C GLY L 1092 71.98 -149.85 84.87
N LYS L 1093 72.44 -149.23 83.78
CA LYS L 1093 72.23 -147.81 83.54
C LYS L 1093 71.80 -147.60 82.09
N ALA L 1094 71.00 -146.56 81.87
CA ALA L 1094 70.48 -146.26 80.54
C ALA L 1094 71.53 -145.51 79.73
N HIS L 1095 71.63 -145.87 78.45
CA HIS L 1095 72.56 -145.24 77.52
C HIS L 1095 71.79 -144.61 76.38
N PHE L 1096 72.01 -143.32 76.16
CA PHE L 1096 71.36 -142.60 75.08
C PHE L 1096 72.37 -142.15 74.04
N PRO L 1097 72.01 -142.17 72.76
CA PRO L 1097 72.96 -141.77 71.72
C PRO L 1097 73.19 -140.27 71.73
N ARG L 1098 74.45 -139.87 71.54
CA ARG L 1098 74.79 -138.46 71.52
C ARG L 1098 74.16 -137.77 70.31
N GLU L 1099 74.53 -138.20 69.11
CA GLU L 1099 73.95 -137.68 67.86
C GLU L 1099 73.70 -138.89 66.95
N GLY L 1100 72.51 -139.46 67.07
CA GLY L 1100 72.17 -140.62 66.27
C GLY L 1100 70.95 -141.31 66.83
N VAL L 1101 70.63 -142.44 66.19
CA VAL L 1101 69.48 -143.25 66.57
C VAL L 1101 69.95 -144.69 66.75
N PHE L 1102 69.21 -145.43 67.57
CA PHE L 1102 69.48 -146.85 67.79
C PHE L 1102 68.69 -147.65 66.77
N VAL L 1103 69.38 -148.50 66.02
CA VAL L 1103 68.76 -149.33 64.99
C VAL L 1103 69.18 -150.77 65.20
N SER L 1104 68.32 -151.69 64.79
CA SER L 1104 68.58 -153.12 64.90
C SER L 1104 68.12 -153.80 63.62
N ASN L 1105 69.01 -154.61 63.03
CA ASN L 1105 68.71 -155.34 61.81
C ASN L 1105 68.05 -156.68 62.09
N GLY L 1106 67.67 -156.95 63.33
CA GLY L 1106 67.01 -158.20 63.67
C GLY L 1106 67.71 -159.00 64.75
N THR L 1107 69.04 -158.97 64.75
CA THR L 1107 69.81 -159.75 65.71
C THR L 1107 70.80 -158.88 66.48
N HIS L 1108 71.29 -157.83 65.85
CA HIS L 1108 72.30 -156.96 66.46
C HIS L 1108 71.87 -155.51 66.38
N TRP L 1109 72.18 -154.76 67.43
CA TRP L 1109 71.84 -153.34 67.51
C TRP L 1109 73.02 -152.49 67.06
N PHE L 1110 72.69 -151.37 66.42
CA PHE L 1110 73.69 -150.43 65.94
C PHE L 1110 73.19 -149.01 66.17
N VAL L 1111 74.13 -148.07 66.15
CA VAL L 1111 73.83 -146.64 66.27
C VAL L 1111 74.29 -145.94 65.00
N THR L 1112 73.39 -145.23 64.35
CA THR L 1112 73.66 -144.56 63.08
C THR L 1112 73.10 -143.15 63.13
N GLN L 1113 73.54 -142.33 62.18
CA GLN L 1113 73.04 -140.96 62.08
C GLN L 1113 71.57 -140.97 61.62
N ARG L 1114 70.93 -139.82 61.78
CA ARG L 1114 69.48 -139.75 61.55
C ARG L 1114 69.14 -139.68 60.07
N ASN L 1115 69.91 -138.93 59.29
CA ASN L 1115 69.60 -138.70 57.89
C ASN L 1115 70.38 -139.60 56.94
N PHE L 1116 71.07 -140.61 57.47
CA PHE L 1116 71.83 -141.53 56.63
C PHE L 1116 72.04 -142.82 57.41
N TYR L 1117 72.18 -143.92 56.67
CA TYR L 1117 72.35 -145.24 57.27
C TYR L 1117 73.83 -145.59 57.28
N GLU L 1118 74.45 -145.47 58.46
CA GLU L 1118 75.85 -145.83 58.65
C GLU L 1118 75.96 -146.58 59.97
N PRO L 1119 75.81 -147.91 59.93
CA PRO L 1119 75.77 -148.68 61.18
C PRO L 1119 77.10 -148.65 61.92
N GLN L 1120 77.02 -148.45 63.23
CA GLN L 1120 78.19 -148.46 64.10
C GLN L 1120 77.84 -149.19 65.39
N ILE L 1121 78.80 -149.95 65.90
CA ILE L 1121 78.59 -150.68 67.15
C ILE L 1121 78.48 -149.68 68.30
N ILE L 1122 77.52 -149.89 69.19
CA ILE L 1122 77.31 -148.98 70.32
C ILE L 1122 78.55 -149.01 71.20
N THR L 1123 79.15 -147.85 71.41
CA THR L 1123 80.34 -147.70 72.24
C THR L 1123 80.10 -146.63 73.29
N THR L 1124 81.03 -146.51 74.22
CA THR L 1124 80.95 -145.48 75.25
C THR L 1124 81.21 -144.08 74.71
N ASP L 1125 81.74 -143.96 73.49
CA ASP L 1125 81.97 -142.67 72.87
C ASP L 1125 80.77 -142.19 72.07
N ASN L 1126 79.99 -143.10 71.50
CA ASN L 1126 78.80 -142.73 70.73
C ASN L 1126 77.59 -142.48 71.61
N THR L 1127 77.63 -142.89 72.88
CA THR L 1127 76.49 -142.75 73.78
C THR L 1127 76.95 -142.15 75.11
N PHE L 1128 75.99 -141.59 75.83
CA PHE L 1128 76.23 -141.05 77.16
C PHE L 1128 75.30 -141.71 78.16
N VAL L 1129 75.79 -141.87 79.39
CA VAL L 1129 75.08 -142.59 80.44
C VAL L 1129 74.45 -141.58 81.39
N SER L 1130 73.17 -141.76 81.68
CA SER L 1130 72.46 -140.89 82.63
C SER L 1130 71.19 -141.60 83.07
N GLY L 1131 71.05 -141.83 84.38
CA GLY L 1131 69.86 -142.45 84.91
C GLY L 1131 69.93 -143.96 84.92
N ASN L 1132 68.98 -144.56 85.64
CA ASN L 1132 68.89 -146.01 85.75
C ASN L 1132 68.04 -146.55 84.60
N CYS L 1133 67.66 -147.83 84.68
CA CYS L 1133 66.88 -148.48 83.64
C CYS L 1133 65.43 -148.70 84.06
N ASP L 1134 64.93 -147.92 85.02
CA ASP L 1134 63.58 -148.06 85.51
C ASP L 1134 62.68 -146.89 85.15
N VAL L 1135 63.24 -145.76 84.73
CA VAL L 1135 62.44 -144.58 84.42
C VAL L 1135 62.20 -144.51 82.91
N VAL L 1136 63.09 -145.10 82.13
CA VAL L 1136 62.97 -145.09 80.68
C VAL L 1136 62.00 -146.18 80.25
N ILE L 1137 61.01 -145.80 79.43
CA ILE L 1137 60.01 -146.73 78.94
C ILE L 1137 60.45 -147.23 77.57
N GLY L 1138 60.54 -148.56 77.43
CA GLY L 1138 60.94 -149.17 76.19
C GLY L 1138 62.41 -149.47 76.06
N ILE L 1139 63.19 -149.36 77.13
CA ILE L 1139 64.62 -149.61 77.06
C ILE L 1139 64.87 -151.10 76.84
N VAL L 1140 65.88 -151.41 76.04
CA VAL L 1140 66.19 -152.79 75.68
C VAL L 1140 67.55 -153.16 76.27
N ASN L 1141 67.77 -154.47 76.39
CA ASN L 1141 69.02 -154.99 76.93
C ASN L 1141 70.01 -155.25 75.80
N ASN L 1142 71.20 -154.67 75.92
CA ASN L 1142 72.28 -154.90 74.98
C ASN L 1142 73.59 -154.44 75.61
N THR L 1143 74.69 -155.05 75.17
CA THR L 1143 76.00 -154.73 75.70
C THR L 1143 76.60 -153.55 74.96
N VAL L 1144 77.14 -152.59 75.71
CA VAL L 1144 77.77 -151.40 75.15
C VAL L 1144 79.27 -151.65 75.12
N TYR L 1145 79.86 -151.55 73.93
CA TYR L 1145 81.28 -151.76 73.77
C TYR L 1145 82.07 -150.63 74.44
N ASP L 1146 83.31 -150.94 74.83
CA ASP L 1146 84.18 -149.98 75.48
C ASP L 1146 85.58 -150.16 74.90
N PRO L 1147 86.20 -149.10 74.39
CA PRO L 1147 87.56 -149.23 73.87
C PRO L 1147 88.61 -149.45 74.95
N LEU L 1148 88.29 -149.17 76.21
CA LEU L 1148 89.22 -149.37 77.32
C LEU L 1148 89.06 -150.70 78.02
N GLN L 1149 87.92 -151.37 77.86
CA GLN L 1149 87.69 -152.63 78.54
C GLN L 1149 88.70 -153.72 78.13
N PRO L 1150 88.99 -153.95 76.84
CA PRO L 1150 90.00 -154.96 76.51
C PRO L 1150 91.40 -154.60 76.98
N GLU L 1151 91.67 -153.34 77.31
CA GLU L 1151 92.97 -152.93 77.78
C GLU L 1151 93.13 -153.23 79.26
N GLN M 1 8.25 -62.81 2.62
CA GLN M 1 7.24 -62.05 3.34
C GLN M 1 5.99 -62.88 3.60
N VAL M 2 5.12 -62.38 4.46
CA VAL M 2 3.87 -63.04 4.80
C VAL M 2 2.78 -62.58 3.85
N GLN M 3 1.95 -63.52 3.41
CA GLN M 3 0.85 -63.20 2.51
C GLN M 3 -0.31 -64.13 2.78
N LEU M 4 -1.51 -63.69 2.40
CA LEU M 4 -2.73 -64.43 2.62
C LEU M 4 -3.41 -64.71 1.28
N GLN M 5 -4.37 -65.63 1.30
CA GLN M 5 -5.07 -66.01 0.07
C GLN M 5 -6.44 -66.56 0.44
N GLU M 6 -7.49 -65.97 -0.11
CA GLU M 6 -8.84 -66.44 0.12
C GLU M 6 -9.08 -67.77 -0.58
N SER M 7 -10.12 -68.47 -0.16
CA SER M 7 -10.51 -69.74 -0.77
C SER M 7 -11.93 -70.07 -0.35
N GLY M 8 -12.79 -70.30 -1.33
CA GLY M 8 -14.17 -70.62 -1.07
C GLY M 8 -15.05 -70.45 -2.30
N PRO M 9 -16.30 -70.88 -2.22
CA PRO M 9 -17.21 -70.73 -3.36
C PRO M 9 -17.46 -69.26 -3.67
N GLY M 10 -17.30 -68.91 -4.94
CA GLY M 10 -17.48 -67.55 -5.41
C GLY M 10 -18.90 -67.17 -5.75
N LEU M 11 -19.87 -68.04 -5.50
CA LEU M 11 -21.27 -67.74 -5.81
C LEU M 11 -22.14 -68.61 -4.92
N VAL M 12 -23.01 -67.98 -4.13
CA VAL M 12 -23.92 -68.68 -3.23
C VAL M 12 -25.34 -68.15 -3.48
N ARG M 13 -26.27 -68.65 -2.69
CA ARG M 13 -27.68 -68.29 -2.77
C ARG M 13 -28.22 -68.00 -1.38
N PRO M 14 -29.28 -67.22 -1.28
CA PRO M 14 -29.85 -66.89 0.03
C PRO M 14 -30.32 -68.14 0.76
N SER M 15 -30.65 -67.95 2.04
CA SER M 15 -31.07 -69.03 2.94
C SER M 15 -29.99 -70.10 3.06
N GLN M 16 -28.73 -69.69 2.96
CA GLN M 16 -27.60 -70.62 3.08
C GLN M 16 -26.55 -70.05 4.01
N THR M 17 -25.42 -70.73 4.13
CA THR M 17 -24.33 -70.31 5.02
C THR M 17 -23.08 -70.07 4.18
N LEU M 18 -22.65 -68.81 4.12
CA LEU M 18 -21.45 -68.45 3.38
C LEU M 18 -20.23 -68.95 4.13
N SER M 19 -19.51 -69.90 3.52
CA SER M 19 -18.34 -70.51 4.14
C SER M 19 -17.09 -70.12 3.34
N LEU M 20 -16.09 -69.60 4.05
CA LEU M 20 -14.82 -69.23 3.45
C LEU M 20 -13.69 -69.66 4.35
N THR M 21 -12.48 -69.65 3.80
CA THR M 21 -11.28 -70.00 4.55
C THR M 21 -10.08 -69.37 3.88
N CYS M 22 -9.16 -68.83 4.67
CA CYS M 22 -7.98 -68.15 4.17
C CYS M 22 -6.75 -69.00 4.49
N THR M 23 -6.00 -69.37 3.45
CA THR M 23 -4.76 -70.12 3.62
C THR M 23 -3.63 -69.14 3.87
N VAL M 24 -2.91 -69.34 4.97
CA VAL M 24 -1.84 -68.44 5.39
C VAL M 24 -0.50 -69.06 5.00
N SER M 25 0.36 -68.26 4.37
CA SER M 25 1.69 -68.69 3.99
C SER M 25 2.71 -67.68 4.50
N GLY M 26 3.90 -68.17 4.82
CA GLY M 26 4.93 -67.34 5.40
C GLY M 26 4.80 -67.09 6.88
N GLY M 27 3.83 -67.72 7.54
CA GLY M 27 3.64 -67.55 8.97
C GLY M 27 2.65 -68.55 9.54
N SER M 28 2.79 -68.84 10.83
CA SER M 28 1.92 -69.82 11.49
C SER M 28 0.69 -69.12 12.07
N VAL M 29 -0.48 -69.73 11.86
CA VAL M 29 -1.71 -69.20 12.42
C VAL M 29 -1.76 -69.36 13.93
N ARG M 30 -0.94 -70.26 14.48
CA ARG M 30 -0.87 -70.44 15.92
C ARG M 30 -0.01 -69.38 16.60
N ASN M 31 0.58 -68.48 15.84
CA ASN M 31 1.39 -67.42 16.43
C ASN M 31 0.50 -66.38 17.09
N GLU M 32 0.86 -65.99 18.31
CA GLU M 32 0.15 -64.93 19.02
C GLU M 32 0.63 -63.58 18.47
N TYR M 33 0.29 -62.51 19.17
CA TYR M 33 0.55 -61.13 18.76
C TYR M 33 -0.18 -60.74 17.48
N TYR M 34 -1.09 -61.58 16.99
CA TYR M 34 -1.78 -61.30 15.74
C TYR M 34 -3.19 -61.89 15.80
N TYR M 35 -4.16 -61.10 15.34
CA TYR M 35 -5.52 -61.57 15.13
C TYR M 35 -5.73 -61.84 13.65
N TRP M 36 -6.71 -62.69 13.35
CA TRP M 36 -7.05 -63.06 11.98
C TRP M 36 -8.47 -62.60 11.70
N SER M 37 -8.60 -61.54 10.91
CA SER M 37 -9.87 -60.86 10.72
C SER M 37 -10.42 -61.11 9.32
N TRP M 38 -11.66 -60.66 9.13
CA TRP M 38 -12.32 -60.68 7.84
C TRP M 38 -12.96 -59.32 7.60
N ILE M 39 -12.64 -58.70 6.47
CA ILE M 39 -13.14 -57.37 6.13
C ILE M 39 -14.06 -57.51 4.92
N ARG M 40 -15.21 -56.84 4.99
CA ARG M 40 -16.21 -56.87 3.92
C ARG M 40 -16.23 -55.52 3.22
N GLN M 41 -16.34 -55.55 1.90
CA GLN M 41 -16.42 -54.33 1.09
C GLN M 41 -17.45 -54.54 -0.02
N PRO M 42 -18.67 -54.02 0.15
CA PRO M 42 -19.66 -54.12 -0.93
C PRO M 42 -19.21 -53.32 -2.13
N PRO M 43 -19.68 -53.68 -3.33
CA PRO M 43 -19.27 -52.94 -4.54
C PRO M 43 -19.82 -51.53 -4.56
N GLY M 44 -18.94 -50.55 -4.42
CA GLY M 44 -19.32 -49.15 -4.37
C GLY M 44 -19.41 -48.55 -2.99
N GLN M 45 -19.20 -49.33 -1.95
CA GLN M 45 -19.25 -48.85 -0.57
C GLN M 45 -17.90 -49.06 0.09
N GLY M 46 -17.77 -48.54 1.31
CA GLY M 46 -16.55 -48.63 2.06
C GLY M 46 -16.35 -50.01 2.68
N LEU M 47 -15.29 -50.10 3.48
CA LEU M 47 -14.96 -51.35 4.15
C LEU M 47 -15.89 -51.60 5.32
N GLU M 48 -16.04 -52.87 5.68
CA GLU M 48 -16.87 -53.29 6.80
C GLU M 48 -16.18 -54.43 7.54
N TRP M 49 -16.01 -54.26 8.85
CA TRP M 49 -15.35 -55.26 9.67
C TRP M 49 -16.33 -56.35 10.08
N ILE M 50 -15.92 -57.60 9.93
CA ILE M 50 -16.74 -58.75 10.29
C ILE M 50 -16.33 -59.33 11.64
N GLY M 51 -15.03 -59.50 11.86
CA GLY M 51 -14.55 -60.03 13.12
C GLY M 51 -13.18 -60.68 13.03
N TYR M 52 -12.37 -60.51 14.08
CA TYR M 52 -11.10 -61.20 14.18
C TYR M 52 -11.12 -62.18 15.34
N MET M 53 -10.24 -63.17 15.26
CA MET M 53 -10.18 -64.25 16.23
C MET M 53 -8.74 -64.50 16.64
N HIS M 54 -8.51 -64.62 17.94
CA HIS M 54 -7.20 -64.97 18.45
C HIS M 54 -7.03 -66.49 18.42
N ASN M 55 -5.77 -66.94 18.41
CA ASN M 55 -5.49 -68.36 18.39
C ASN M 55 -5.95 -69.05 19.67
N SER M 56 -6.07 -68.31 20.78
CA SER M 56 -6.54 -68.89 22.03
C SER M 56 -8.04 -69.16 22.04
N GLY M 57 -8.74 -68.91 20.94
CA GLY M 57 -10.16 -69.15 20.85
C GLY M 57 -11.03 -67.93 21.07
N ASN M 58 -10.44 -66.80 21.48
CA ASN M 58 -11.21 -65.58 21.71
C ASN M 58 -11.59 -64.97 20.37
N THR M 59 -12.88 -65.03 20.05
CA THR M 59 -13.40 -64.53 18.79
C THR M 59 -14.21 -63.27 19.05
N TYR M 60 -13.78 -62.16 18.47
CA TYR M 60 -14.48 -60.89 18.58
C TYR M 60 -15.27 -60.66 17.30
N TYR M 61 -16.53 -60.28 17.46
CA TYR M 61 -17.45 -60.12 16.34
C TYR M 61 -17.86 -58.67 16.18
N ASN M 62 -18.52 -58.40 15.06
CA ASN M 62 -19.09 -57.09 14.77
C ASN M 62 -20.54 -57.04 15.27
N PRO M 63 -20.92 -56.02 16.05
CA PRO M 63 -22.28 -55.99 16.60
C PRO M 63 -23.37 -55.90 15.54
N SER M 64 -23.03 -55.62 14.28
CA SER M 64 -24.05 -55.49 13.24
C SER M 64 -24.64 -56.84 12.87
N LEU M 65 -23.79 -57.85 12.67
CA LEU M 65 -24.25 -59.20 12.32
C LEU M 65 -23.51 -60.23 13.17
N LYS M 66 -23.45 -59.98 14.49
CA LYS M 66 -22.76 -60.90 15.38
C LYS M 66 -23.49 -62.24 15.46
N SER M 67 -24.82 -62.23 15.43
CA SER M 67 -25.60 -63.45 15.54
C SER M 67 -25.59 -64.28 14.26
N ARG M 68 -24.93 -63.82 13.19
CA ARG M 68 -24.91 -64.54 11.93
C ARG M 68 -23.48 -64.70 11.40
N VAL M 69 -22.51 -64.83 12.30
CA VAL M 69 -21.12 -65.02 11.91
C VAL M 69 -20.48 -66.05 12.84
N ALA M 70 -19.41 -66.67 12.34
CA ALA M 70 -18.68 -67.68 13.10
C ALA M 70 -17.29 -67.81 12.51
N ILE M 71 -16.26 -67.80 13.36
CA ILE M 71 -14.87 -67.86 12.93
C ILE M 71 -14.19 -69.01 13.67
N SER M 72 -13.34 -69.74 12.96
CA SER M 72 -12.56 -70.84 13.53
C SER M 72 -11.11 -70.69 13.10
N VAL M 73 -10.24 -71.46 13.76
CA VAL M 73 -8.81 -71.44 13.49
C VAL M 73 -8.27 -72.87 13.62
N ASP M 74 -7.39 -73.24 12.69
CA ASP M 74 -6.78 -74.58 12.67
C ASP M 74 -5.27 -74.41 12.65
N MET M 75 -4.62 -74.80 13.74
CA MET M 75 -3.17 -74.64 13.85
C MET M 75 -2.40 -75.60 12.95
N SER M 76 -3.04 -76.67 12.48
CA SER M 76 -2.35 -77.66 11.67
C SER M 76 -2.16 -77.16 10.24
N LYS M 77 -3.24 -76.74 9.59
CA LYS M 77 -3.19 -76.32 8.20
C LYS M 77 -2.89 -74.83 8.04
N ASN M 78 -2.77 -74.09 9.14
CA ASN M 78 -2.53 -72.65 9.10
C ASN M 78 -3.61 -71.93 8.29
N GLN M 79 -4.86 -72.29 8.55
CA GLN M 79 -6.00 -71.71 7.85
C GLN M 79 -7.09 -71.38 8.85
N PHE M 80 -7.60 -70.15 8.78
CA PHE M 80 -8.73 -69.73 9.59
C PHE M 80 -9.96 -69.54 8.71
N SER M 81 -11.09 -70.04 9.17
CA SER M 81 -12.30 -70.12 8.37
C SER M 81 -13.32 -69.08 8.81
N LEU M 82 -14.18 -68.68 7.87
CA LEU M 82 -15.29 -67.78 8.12
C LEU M 82 -16.58 -68.48 7.74
N LYS M 83 -17.61 -68.30 8.57
CA LYS M 83 -18.89 -68.97 8.36
C LYS M 83 -20.01 -68.04 8.78
N LEU M 84 -20.72 -67.48 7.81
CA LEU M 84 -21.90 -66.68 8.06
C LEU M 84 -23.14 -67.56 8.08
N SER M 85 -24.26 -66.96 8.47
CA SER M 85 -25.53 -67.68 8.56
C SER M 85 -26.65 -66.81 8.05
N SER M 86 -27.62 -67.42 7.39
CA SER M 86 -28.79 -66.74 6.83
C SER M 86 -28.37 -65.58 5.93
N VAL M 87 -27.66 -65.93 4.86
CA VAL M 87 -27.16 -64.93 3.93
C VAL M 87 -28.33 -64.33 3.15
N THR M 88 -28.18 -63.06 2.75
CA THR M 88 -29.19 -62.35 1.99
C THR M 88 -28.56 -61.79 0.72
N VAL M 89 -29.40 -61.23 -0.13
CA VAL M 89 -28.92 -60.66 -1.39
C VAL M 89 -28.04 -59.44 -1.16
N ALA M 90 -28.09 -58.85 0.03
CA ALA M 90 -27.26 -57.69 0.35
C ALA M 90 -25.92 -58.07 0.95
N ASP M 91 -25.67 -59.35 1.19
CA ASP M 91 -24.42 -59.82 1.78
C ASP M 91 -23.33 -60.06 0.74
N THR M 92 -23.62 -59.86 -0.54
CA THR M 92 -22.60 -60.01 -1.56
C THR M 92 -21.60 -58.86 -1.50
N ALA M 93 -20.32 -59.19 -1.50
CA ALA M 93 -19.26 -58.19 -1.37
C ALA M 93 -17.94 -58.86 -1.69
N VAL M 94 -16.86 -58.08 -1.59
CA VAL M 94 -15.49 -58.58 -1.77
C VAL M 94 -14.89 -58.75 -0.39
N TYR M 95 -14.68 -60.00 0.01
CA TYR M 95 -14.15 -60.32 1.33
C TYR M 95 -12.63 -60.38 1.30
N TYR M 96 -12.00 -59.63 2.19
CA TYR M 96 -10.54 -59.56 2.27
C TYR M 96 -10.07 -60.17 3.58
N CYS M 97 -9.05 -61.02 3.50
CA CYS M 97 -8.37 -61.46 4.71
C CYS M 97 -7.47 -60.34 5.23
N ALA M 98 -7.18 -60.40 6.52
CA ALA M 98 -6.34 -59.38 7.13
C ALA M 98 -5.81 -59.90 8.46
N ARG M 99 -4.54 -59.61 8.73
CA ARG M 99 -3.89 -59.95 9.98
C ARG M 99 -3.64 -58.66 10.75
N VAL M 100 -4.28 -58.52 11.90
CA VAL M 100 -4.10 -57.34 12.73
C VAL M 100 -2.95 -57.59 13.70
N ASP M 101 -2.26 -56.52 14.08
CA ASP M 101 -1.13 -56.60 14.99
C ASP M 101 -1.59 -56.27 16.40
N VAL M 102 -1.39 -57.22 17.32
CA VAL M 102 -1.77 -57.04 18.72
C VAL M 102 -0.50 -57.08 19.55
N GLY M 103 0.60 -56.59 18.98
CA GLY M 103 1.89 -56.67 19.64
C GLY M 103 2.11 -55.68 20.76
N GLY M 104 2.07 -54.38 20.44
CA GLY M 104 2.46 -53.38 21.41
C GLY M 104 1.37 -52.48 21.95
N THR M 105 1.00 -52.70 23.21
CA THR M 105 0.25 -51.77 24.05
C THR M 105 -1.17 -51.50 23.55
N LEU M 106 -1.54 -52.01 22.37
CA LEU M 106 -2.84 -51.75 21.78
C LEU M 106 -2.96 -52.59 20.51
N VAL M 107 -4.19 -52.70 20.01
CA VAL M 107 -4.44 -53.31 18.72
C VAL M 107 -4.17 -52.28 17.64
N SER M 108 -3.72 -52.74 16.47
CA SER M 108 -3.19 -51.82 15.47
C SER M 108 -3.55 -52.35 14.08
N THR M 109 -2.83 -51.84 13.07
CA THR M 109 -3.23 -51.97 11.68
C THR M 109 -3.30 -53.43 11.23
N PHE M 110 -4.06 -53.65 10.16
CA PHE M 110 -4.06 -54.92 9.43
C PHE M 110 -2.84 -54.89 8.52
N ASP M 111 -1.73 -55.49 8.97
CA ASP M 111 -0.46 -55.31 8.29
C ASP M 111 -0.46 -55.97 6.91
N HIS M 112 -1.05 -57.17 6.80
CA HIS M 112 -1.05 -57.92 5.56
C HIS M 112 -2.48 -58.25 5.16
N TRP M 113 -2.88 -57.83 3.98
CA TRP M 113 -4.19 -58.12 3.42
C TRP M 113 -4.07 -59.17 2.33
N GLY M 114 -5.15 -59.93 2.13
CA GLY M 114 -5.20 -60.92 1.08
C GLY M 114 -5.44 -60.30 -0.29
N GLN M 115 -5.72 -61.17 -1.25
CA GLN M 115 -6.02 -60.70 -2.60
C GLN M 115 -7.49 -60.33 -2.76
N GLY M 116 -8.36 -60.77 -1.85
CA GLY M 116 -9.77 -60.46 -1.92
C GLY M 116 -10.55 -61.38 -2.83
N ILE M 117 -11.67 -61.89 -2.34
CA ILE M 117 -12.54 -62.77 -3.13
C ILE M 117 -13.89 -62.10 -3.28
N LEU M 118 -14.43 -62.14 -4.49
CA LEU M 118 -15.73 -61.56 -4.80
C LEU M 118 -16.76 -62.67 -4.91
N VAL M 119 -17.73 -62.68 -4.01
CA VAL M 119 -18.81 -63.66 -4.03
C VAL M 119 -20.13 -62.92 -4.16
N THR M 120 -21.10 -63.60 -4.77
CA THR M 120 -22.43 -63.05 -4.98
C THR M 120 -23.47 -63.99 -4.39
N VAL M 121 -24.57 -63.40 -3.91
CA VAL M 121 -25.67 -64.15 -3.30
C VAL M 121 -26.89 -63.99 -4.20
N SER M 122 -27.31 -65.08 -4.82
CA SER M 122 -28.47 -65.05 -5.70
C SER M 122 -29.04 -66.46 -5.80
N SER M 123 -30.36 -66.58 -5.64
CA SER M 123 -31.02 -67.87 -5.69
C SER M 123 -31.30 -68.33 -7.12
N ALA M 124 -31.30 -67.41 -8.09
CA ALA M 124 -31.55 -67.77 -9.47
C ALA M 124 -30.32 -68.45 -10.08
N SER M 125 -30.56 -69.19 -11.16
CA SER M 125 -29.49 -69.89 -11.86
C SER M 125 -29.52 -69.71 -13.37
N THR M 126 -30.65 -69.34 -13.96
CA THR M 126 -30.74 -69.15 -15.40
C THR M 126 -31.90 -68.21 -15.69
N LYS M 127 -31.62 -67.10 -16.36
CA LYS M 127 -32.65 -66.12 -16.68
C LYS M 127 -32.20 -65.31 -17.89
N GLY M 128 -33.07 -65.21 -18.89
CA GLY M 128 -32.77 -64.47 -20.09
C GLY M 128 -33.11 -63.00 -19.95
N PRO M 129 -32.23 -62.12 -20.43
CA PRO M 129 -32.48 -60.68 -20.33
C PRO M 129 -33.56 -60.23 -21.30
N SER M 130 -33.98 -58.98 -21.13
CA SER M 130 -34.99 -58.36 -21.96
C SER M 130 -34.52 -56.97 -22.36
N VAL M 131 -34.67 -56.64 -23.65
CA VAL M 131 -34.24 -55.36 -24.19
C VAL M 131 -35.43 -54.41 -24.23
N PHE M 132 -35.16 -53.13 -24.03
CA PHE M 132 -36.19 -52.09 -24.05
C PHE M 132 -35.62 -50.86 -24.73
N PRO M 133 -36.35 -50.26 -25.67
CA PRO M 133 -35.86 -49.05 -26.33
C PRO M 133 -35.81 -47.87 -25.37
N LEU M 134 -35.10 -46.82 -25.80
CA LEU M 134 -34.96 -45.60 -25.01
C LEU M 134 -35.12 -44.41 -25.96
N ALA M 135 -36.24 -43.72 -25.85
CA ALA M 135 -36.47 -42.56 -26.70
C ALA M 135 -35.78 -41.33 -26.13
N PRO M 136 -35.14 -40.52 -26.96
CA PRO M 136 -34.44 -39.33 -26.48
C PRO M 136 -35.44 -38.20 -26.19
N SER M 137 -34.89 -37.05 -25.83
CA SER M 137 -35.70 -35.87 -25.53
C SER M 137 -35.09 -34.61 -26.13
N THR M 145 -27.91 -31.91 -29.56
CA THR M 145 -27.31 -32.98 -28.77
C THR M 145 -28.35 -33.70 -27.93
N ALA M 146 -28.47 -35.01 -28.12
CA ALA M 146 -29.43 -35.83 -27.40
C ALA M 146 -28.78 -37.16 -27.06
N ALA M 147 -29.44 -37.91 -26.18
CA ALA M 147 -28.96 -39.21 -25.73
C ALA M 147 -30.08 -40.23 -25.82
N LEU M 148 -29.77 -41.40 -26.38
CA LEU M 148 -30.73 -42.48 -26.51
C LEU M 148 -29.98 -43.79 -26.63
N GLY M 149 -30.60 -44.86 -26.13
CA GLY M 149 -29.95 -46.16 -26.15
C GLY M 149 -30.90 -47.33 -25.96
N CYS M 150 -30.46 -48.32 -25.18
CA CYS M 150 -31.24 -49.53 -24.93
C CYS M 150 -31.20 -49.86 -23.44
N LEU M 151 -32.20 -50.61 -22.99
CA LEU M 151 -32.35 -50.99 -21.59
C LEU M 151 -32.41 -52.51 -21.51
N VAL M 152 -31.34 -53.12 -21.02
CA VAL M 152 -31.25 -54.57 -20.84
C VAL M 152 -31.24 -54.86 -19.35
N LYS M 153 -32.21 -55.64 -18.89
CA LYS M 153 -32.35 -55.94 -17.47
C LYS M 153 -32.57 -57.43 -17.26
N ASP M 154 -32.36 -57.84 -16.01
CA ASP M 154 -32.66 -59.20 -15.55
C ASP M 154 -31.88 -60.26 -16.35
N TYR M 155 -30.56 -60.19 -16.25
CA TYR M 155 -29.68 -61.21 -16.81
C TYR M 155 -28.83 -61.80 -15.69
N PHE M 156 -28.75 -63.13 -15.66
CA PHE M 156 -28.06 -63.85 -14.59
C PHE M 156 -26.54 -63.80 -14.70
N PRO M 157 -25.93 -64.15 -15.83
CA PRO M 157 -24.47 -64.26 -15.86
C PRO M 157 -23.79 -62.92 -15.65
N GLU M 158 -22.56 -62.98 -15.15
CA GLU M 158 -21.75 -61.80 -14.88
C GLU M 158 -21.18 -61.18 -16.16
N PRO M 159 -20.59 -61.95 -17.08
CA PRO M 159 -20.06 -61.33 -18.30
C PRO M 159 -21.18 -60.76 -19.16
N VAL M 160 -20.94 -59.55 -19.67
CA VAL M 160 -21.90 -58.83 -20.49
C VAL M 160 -21.30 -58.61 -21.87
N THR M 161 -22.12 -58.80 -22.90
CA THR M 161 -21.72 -58.58 -24.29
C THR M 161 -22.56 -57.45 -24.86
N VAL M 162 -21.91 -56.31 -25.14
CA VAL M 162 -22.58 -55.12 -25.66
C VAL M 162 -22.09 -54.88 -27.07
N SER M 163 -23.02 -54.64 -27.99
CA SER M 163 -22.70 -54.37 -29.38
C SER M 163 -23.56 -53.22 -29.88
N TRP M 164 -22.91 -52.16 -30.36
CA TRP M 164 -23.60 -50.98 -30.87
C TRP M 164 -23.32 -50.86 -32.36
N ASN M 165 -24.38 -50.84 -33.16
CA ASN M 165 -24.29 -50.69 -34.62
C ASN M 165 -23.39 -51.77 -35.22
N SER M 166 -23.51 -52.99 -34.71
CA SER M 166 -22.72 -54.14 -35.17
C SER M 166 -21.22 -53.87 -35.07
N GLY M 167 -20.81 -53.05 -34.12
CA GLY M 167 -19.42 -52.72 -33.88
C GLY M 167 -19.07 -51.25 -34.06
N ALA M 168 -19.87 -50.50 -34.81
CA ALA M 168 -19.59 -49.09 -35.05
C ALA M 168 -19.85 -48.30 -33.77
N LEU M 169 -18.79 -47.77 -33.18
CA LEU M 169 -18.90 -47.01 -31.94
C LEU M 169 -19.61 -45.67 -32.18
N VAL M 173 -17.57 -47.52 -25.26
CA VAL M 173 -18.62 -46.52 -25.43
C VAL M 173 -19.32 -46.24 -24.11
N HIS M 174 -18.67 -46.62 -23.02
CA HIS M 174 -19.18 -46.45 -21.66
C HIS M 174 -20.54 -47.13 -21.50
N THR M 175 -20.50 -48.46 -21.56
CA THR M 175 -21.68 -49.31 -21.50
C THR M 175 -22.39 -49.29 -20.15
N PHE M 176 -21.99 -48.46 -19.18
CA PHE M 176 -22.62 -48.40 -17.87
C PHE M 176 -22.70 -49.76 -17.21
N PRO M 177 -21.58 -50.29 -16.70
CA PRO M 177 -21.60 -51.58 -16.02
C PRO M 177 -22.64 -51.63 -14.91
N ALA M 178 -23.44 -52.69 -14.93
CA ALA M 178 -24.57 -52.82 -14.01
C ALA M 178 -24.08 -53.10 -12.59
N VAL M 179 -25.02 -53.11 -11.65
CA VAL M 179 -24.75 -53.35 -10.24
C VAL M 179 -25.80 -54.33 -9.71
N LEU M 180 -25.42 -55.07 -8.67
CA LEU M 180 -26.33 -56.03 -8.05
C LEU M 180 -27.46 -55.28 -7.36
N GLN M 181 -28.66 -55.35 -7.95
CA GLN M 181 -29.80 -54.62 -7.43
C GLN M 181 -30.39 -55.36 -6.24
N SER M 182 -31.56 -54.91 -5.77
CA SER M 182 -32.17 -55.50 -4.60
C SER M 182 -32.72 -56.90 -4.89
N SER M 183 -33.17 -57.14 -6.12
CA SER M 183 -33.72 -58.44 -6.49
C SER M 183 -32.65 -59.47 -6.82
N GLY M 184 -31.37 -59.12 -6.71
CA GLY M 184 -30.30 -60.05 -7.02
C GLY M 184 -30.00 -60.18 -8.49
N LEU M 185 -30.31 -59.15 -9.29
CA LEU M 185 -30.05 -59.18 -10.72
C LEU M 185 -29.28 -57.94 -11.14
N TYR M 186 -29.15 -57.74 -12.45
CA TYR M 186 -28.41 -56.61 -13.00
C TYR M 186 -29.24 -55.93 -14.09
N SER M 187 -28.90 -54.68 -14.37
CA SER M 187 -29.62 -53.88 -15.36
C SER M 187 -28.62 -53.09 -16.19
N LEU M 188 -28.53 -53.41 -17.48
CA LEU M 188 -27.62 -52.74 -18.40
C LEU M 188 -28.33 -51.57 -19.08
N SER M 189 -27.66 -50.43 -19.10
CA SER M 189 -28.21 -49.20 -19.68
C SER M 189 -27.17 -48.51 -20.56
N SER M 190 -26.53 -49.27 -21.44
CA SER M 190 -25.58 -48.69 -22.37
C SER M 190 -26.27 -47.68 -23.28
N VAL M 191 -25.61 -46.54 -23.48
CA VAL M 191 -26.19 -45.43 -24.23
C VAL M 191 -25.15 -44.86 -25.19
N VAL M 192 -25.64 -44.15 -26.21
CA VAL M 192 -24.80 -43.45 -27.17
C VAL M 192 -25.29 -42.01 -27.26
N THR M 193 -24.53 -41.20 -27.99
CA THR M 193 -24.84 -39.78 -28.15
C THR M 193 -25.04 -39.45 -29.63
N VAL M 194 -25.84 -38.42 -29.88
CA VAL M 194 -26.12 -37.95 -31.23
C VAL M 194 -25.99 -36.43 -31.26
N PRO M 195 -25.57 -35.82 -32.37
CA PRO M 195 -25.45 -34.35 -32.40
C PRO M 195 -26.78 -33.63 -32.44
N SER M 196 -27.84 -34.27 -32.93
CA SER M 196 -29.14 -33.63 -33.00
C SER M 196 -30.21 -34.71 -33.08
N SER M 197 -31.47 -34.29 -32.94
CA SER M 197 -32.58 -35.23 -33.00
C SER M 197 -32.80 -35.79 -34.40
N SER M 198 -32.30 -35.11 -35.44
CA SER M 198 -32.45 -35.62 -36.79
C SER M 198 -31.61 -36.88 -37.01
N LEU M 199 -30.45 -36.97 -36.37
CA LEU M 199 -29.61 -38.15 -36.52
C LEU M 199 -30.21 -39.37 -35.84
N GLY M 200 -31.11 -39.18 -34.87
CA GLY M 200 -31.73 -40.30 -34.19
C GLY M 200 -32.67 -41.11 -35.08
N THR M 201 -33.12 -40.54 -36.19
CA THR M 201 -33.99 -41.26 -37.11
C THR M 201 -33.26 -42.32 -37.91
N GLN M 202 -31.93 -42.31 -37.90
CA GLN M 202 -31.16 -43.31 -38.64
C GLN M 202 -31.31 -44.68 -37.99
N THR M 203 -30.98 -45.71 -38.77
CA THR M 203 -31.10 -47.09 -38.30
C THR M 203 -29.97 -47.40 -37.32
N TYR M 204 -30.31 -47.49 -36.04
CA TYR M 204 -29.37 -47.84 -34.98
C TYR M 204 -29.82 -49.13 -34.32
N ILE M 205 -28.89 -50.05 -34.11
CA ILE M 205 -29.18 -51.36 -33.54
C ILE M 205 -28.36 -51.56 -32.28
N CYS M 206 -28.97 -52.16 -31.27
CA CYS M 206 -28.31 -52.48 -30.01
C CYS M 206 -28.53 -53.97 -29.73
N ASN M 207 -27.48 -54.77 -29.91
CA ASN M 207 -27.54 -56.21 -29.77
C ASN M 207 -26.72 -56.67 -28.58
N VAL M 208 -27.24 -57.65 -27.86
CA VAL M 208 -26.55 -58.26 -26.74
C VAL M 208 -26.51 -59.77 -26.95
N ASN M 209 -25.49 -60.41 -26.38
CA ASN M 209 -25.28 -61.85 -26.53
C ASN M 209 -25.23 -62.50 -25.16
N HIS M 210 -26.04 -63.54 -24.97
CA HIS M 210 -26.04 -64.33 -23.74
C HIS M 210 -24.83 -65.26 -23.77
N LYS M 211 -23.80 -64.92 -23.00
CA LYS M 211 -22.54 -65.67 -23.08
C LYS M 211 -22.68 -67.14 -22.70
N PRO M 212 -23.26 -67.51 -21.56
CA PRO M 212 -23.37 -68.94 -21.23
C PRO M 212 -24.38 -69.70 -22.08
N SER M 213 -25.23 -69.01 -22.84
CA SER M 213 -26.25 -69.66 -23.65
C SER M 213 -26.08 -69.43 -25.15
N ASN M 214 -25.17 -68.55 -25.57
CA ASN M 214 -24.95 -68.25 -26.99
C ASN M 214 -26.24 -67.77 -27.66
N THR M 215 -27.05 -67.03 -26.93
CA THR M 215 -28.33 -66.52 -27.41
C THR M 215 -28.19 -65.03 -27.70
N LYS M 216 -28.49 -64.64 -28.93
CA LYS M 216 -28.42 -63.25 -29.35
C LYS M 216 -29.81 -62.61 -29.30
N VAL M 217 -29.83 -61.33 -28.95
CA VAL M 217 -31.07 -60.56 -28.84
C VAL M 217 -30.90 -59.31 -29.69
N ASP M 218 -31.91 -59.02 -30.52
CA ASP M 218 -31.90 -57.87 -31.42
C ASP M 218 -33.06 -56.95 -31.07
N LYS M 219 -32.83 -55.65 -31.26
CA LYS M 219 -33.86 -54.65 -31.01
C LYS M 219 -33.56 -53.41 -31.84
N ARG M 220 -34.58 -52.91 -32.53
CA ARG M 220 -34.46 -51.70 -33.34
C ARG M 220 -34.78 -50.49 -32.49
N VAL M 221 -33.84 -49.55 -32.41
CA VAL M 221 -34.01 -48.33 -31.63
C VAL M 221 -33.76 -47.12 -32.53
N GLU M 222 -34.47 -46.04 -32.27
CA GLU M 222 -34.34 -44.82 -33.05
C GLU M 222 -34.84 -43.61 -32.27
N GLN N 1 -24.99 -50.35 37.03
CA GLN N 1 -24.26 -49.08 37.05
C GLN N 1 -23.60 -48.85 38.40
N VAL N 2 -22.67 -47.90 38.44
CA VAL N 2 -21.96 -47.58 39.67
C VAL N 2 -22.87 -46.75 40.57
N GLN N 3 -23.00 -47.17 41.82
CA GLN N 3 -23.86 -46.50 42.79
C GLN N 3 -23.03 -46.00 43.96
N LEU N 4 -23.52 -44.94 44.60
CA LEU N 4 -22.85 -44.33 45.75
C LEU N 4 -23.87 -44.15 46.87
N GLN N 5 -23.42 -44.39 48.10
CA GLN N 5 -24.29 -44.28 49.27
C GLN N 5 -23.45 -43.83 50.46
N GLU N 6 -23.99 -42.89 51.23
CA GLU N 6 -23.30 -42.33 52.38
C GLU N 6 -23.87 -42.89 53.68
N SER N 7 -23.07 -42.77 54.74
CA SER N 7 -23.48 -43.21 56.06
C SER N 7 -22.61 -42.51 57.10
N GLY N 8 -23.20 -42.23 58.25
CA GLY N 8 -22.50 -41.56 59.33
C GLY N 8 -23.44 -40.91 60.32
N PRO N 9 -22.87 -40.23 61.32
CA PRO N 9 -23.70 -39.59 62.34
C PRO N 9 -24.40 -38.36 61.77
N GLY N 10 -25.69 -38.23 62.08
CA GLY N 10 -26.48 -37.10 61.65
C GLY N 10 -26.44 -35.90 62.56
N LEU N 11 -25.93 -36.05 63.78
CA LEU N 11 -25.86 -34.96 64.75
C LEU N 11 -24.40 -34.74 65.12
N VAL N 12 -23.89 -33.55 64.80
CA VAL N 12 -22.51 -33.18 65.09
C VAL N 12 -22.51 -31.83 65.80
N ARG N 13 -21.82 -31.77 66.93
CA ARG N 13 -21.73 -30.52 67.68
C ARG N 13 -20.80 -29.54 66.95
N PRO N 14 -21.01 -28.23 67.14
CA PRO N 14 -20.12 -27.25 66.52
C PRO N 14 -18.69 -27.38 67.04
N SER N 15 -17.76 -26.82 66.26
CA SER N 15 -16.32 -26.82 66.54
C SER N 15 -15.73 -28.23 66.56
N GLN N 16 -16.50 -29.24 66.20
CA GLN N 16 -16.03 -30.61 66.14
C GLN N 16 -15.66 -30.98 64.71
N THR N 17 -15.38 -32.25 64.47
CA THR N 17 -15.03 -32.76 63.15
C THR N 17 -16.17 -33.59 62.59
N LEU N 18 -16.36 -33.48 61.27
CA LEU N 18 -17.39 -34.22 60.56
C LEU N 18 -16.74 -35.32 59.74
N SER N 19 -17.15 -36.57 59.97
CA SER N 19 -16.59 -37.73 59.29
C SER N 19 -17.73 -38.51 58.64
N LEU N 20 -17.71 -38.59 57.32
CA LEU N 20 -18.66 -39.38 56.56
C LEU N 20 -17.91 -40.31 55.61
N THR N 21 -18.56 -41.42 55.26
CA THR N 21 -17.99 -42.40 54.36
C THR N 21 -18.92 -42.62 53.17
N CYS N 22 -18.32 -42.79 51.99
CA CYS N 22 -19.06 -42.97 50.74
C CYS N 22 -18.63 -44.30 50.13
N THR N 23 -19.55 -45.27 50.12
CA THR N 23 -19.26 -46.59 49.58
C THR N 23 -19.56 -46.62 48.09
N VAL N 24 -18.56 -47.01 47.30
CA VAL N 24 -18.69 -47.08 45.85
C VAL N 24 -19.05 -48.50 45.48
N SER N 25 -20.28 -48.70 45.02
CA SER N 25 -20.78 -50.00 44.59
C SER N 25 -21.02 -49.99 43.09
N GLY N 26 -20.68 -51.11 42.44
CA GLY N 26 -20.80 -51.23 41.00
C GLY N 26 -19.61 -50.74 40.21
N GLY N 27 -18.63 -50.12 40.86
CA GLY N 27 -17.44 -49.66 40.19
C GLY N 27 -16.18 -49.97 40.97
N SER N 28 -15.16 -49.12 40.85
CA SER N 28 -13.91 -49.33 41.58
C SER N 28 -13.16 -48.02 41.69
N VAL N 29 -12.69 -47.71 42.89
CA VAL N 29 -11.87 -46.52 43.11
C VAL N 29 -10.48 -46.67 42.51
N ARG N 30 -10.12 -47.88 42.09
CA ARG N 30 -8.82 -48.09 41.43
C ARG N 30 -8.74 -47.40 40.09
N ASN N 31 -9.87 -47.04 39.49
CA ASN N 31 -9.88 -46.41 38.18
C ASN N 31 -9.29 -45.01 38.27
N GLU N 32 -8.23 -44.76 37.51
CA GLU N 32 -7.52 -43.49 37.54
C GLU N 32 -8.09 -42.48 36.54
N TYR N 33 -9.28 -42.74 35.99
CA TYR N 33 -9.90 -41.83 35.03
C TYR N 33 -11.15 -41.17 35.60
N TYR N 34 -11.22 -41.04 36.92
CA TYR N 34 -12.36 -40.42 37.58
C TYR N 34 -11.89 -39.72 38.85
N TYR N 35 -12.61 -38.66 39.22
CA TYR N 35 -12.43 -37.98 40.48
C TYR N 35 -13.60 -38.26 41.40
N TRP N 36 -13.37 -38.10 42.70
CA TRP N 36 -14.36 -38.38 43.73
C TRP N 36 -14.58 -37.13 44.55
N SER N 37 -15.75 -36.51 44.41
CA SER N 37 -16.04 -35.20 44.98
C SER N 37 -17.10 -35.30 46.08
N TRP N 38 -17.28 -34.19 46.76
CA TRP N 38 -18.33 -34.03 47.77
C TRP N 38 -19.13 -32.78 47.43
N ILE N 39 -20.46 -32.89 47.50
CA ILE N 39 -21.36 -31.82 47.13
C ILE N 39 -22.29 -31.53 48.30
N ARG N 40 -22.39 -30.26 48.68
CA ARG N 40 -23.31 -29.82 49.71
C ARG N 40 -24.54 -29.15 49.07
N GLN N 41 -25.63 -29.13 49.83
CA GLN N 41 -26.87 -28.50 49.38
C GLN N 41 -27.66 -28.04 50.59
N PRO N 42 -27.51 -26.77 50.99
CA PRO N 42 -28.33 -26.25 52.07
C PRO N 42 -29.79 -26.23 51.65
N PRO N 43 -30.71 -26.30 52.62
CA PRO N 43 -32.14 -26.34 52.26
C PRO N 43 -32.62 -25.05 51.62
N GLY N 44 -32.98 -25.13 50.35
CA GLY N 44 -33.54 -24.00 49.63
C GLY N 44 -32.54 -23.03 49.07
N GLN N 45 -31.24 -23.25 49.24
CA GLN N 45 -30.22 -22.34 48.76
C GLN N 45 -29.68 -22.75 47.40
N GLY N 46 -29.12 -23.95 47.29
CA GLY N 46 -28.56 -24.43 46.05
C GLY N 46 -27.47 -25.46 46.31
N LEU N 47 -26.75 -25.78 45.25
CA LEU N 47 -25.68 -26.77 45.31
C LEU N 47 -24.35 -26.11 45.63
N GLU N 48 -23.54 -26.78 46.45
CA GLU N 48 -22.23 -26.30 46.85
C GLU N 48 -21.20 -27.40 46.64
N TRP N 49 -20.05 -27.02 46.10
CA TRP N 49 -18.98 -27.96 45.76
C TRP N 49 -17.83 -27.80 46.74
N ILE N 50 -17.44 -28.91 47.37
CA ILE N 50 -16.35 -28.90 48.34
C ILE N 50 -15.03 -29.15 47.62
N GLY N 51 -14.91 -30.30 46.97
CA GLY N 51 -13.70 -30.63 46.26
C GLY N 51 -13.62 -32.10 45.96
N TYR N 52 -12.72 -32.45 45.04
CA TYR N 52 -12.47 -33.83 44.65
C TYR N 52 -10.98 -34.12 44.71
N MET N 53 -10.65 -35.41 44.73
CA MET N 53 -9.27 -35.86 44.75
C MET N 53 -9.11 -37.05 43.83
N HIS N 54 -7.89 -37.25 43.35
CA HIS N 54 -7.56 -38.38 42.49
C HIS N 54 -7.04 -39.53 43.33
N ASN N 55 -7.23 -40.75 42.81
CA ASN N 55 -6.70 -41.93 43.49
C ASN N 55 -5.20 -42.04 43.39
N SER N 56 -4.53 -41.12 42.69
CA SER N 56 -3.08 -41.11 42.58
C SER N 56 -2.41 -40.23 43.63
N GLY N 57 -3.17 -39.38 44.32
CA GLY N 57 -2.60 -38.55 45.37
C GLY N 57 -2.98 -37.09 45.27
N ASN N 58 -3.31 -36.62 44.07
CA ASN N 58 -3.66 -35.22 43.88
C ASN N 58 -5.03 -34.92 44.45
N THR N 59 -5.14 -33.77 45.13
CA THR N 59 -6.38 -33.35 45.75
C THR N 59 -6.61 -31.87 45.45
N TYR N 60 -7.85 -31.53 45.11
CA TYR N 60 -8.23 -30.15 44.81
C TYR N 60 -9.38 -29.76 45.73
N TYR N 61 -9.22 -28.63 46.41
CA TYR N 61 -10.22 -28.12 47.35
C TYR N 61 -10.87 -26.86 46.81
N ASN N 62 -11.94 -26.45 47.47
CA ASN N 62 -12.59 -25.20 47.13
C ASN N 62 -11.73 -24.02 47.59
N PRO N 63 -11.64 -22.94 46.81
CA PRO N 63 -10.83 -21.80 47.24
C PRO N 63 -11.26 -21.20 48.56
N SER N 64 -12.58 -21.08 48.78
CA SER N 64 -13.09 -20.53 50.03
C SER N 64 -13.06 -21.52 51.20
N LEU N 65 -12.63 -22.76 50.95
CA LEU N 65 -12.56 -23.78 51.99
C LEU N 65 -11.12 -24.23 52.24
N LYS N 66 -10.17 -23.33 52.09
CA LYS N 66 -8.78 -23.67 52.38
C LYS N 66 -8.59 -23.91 53.87
N SER N 67 -7.86 -24.99 54.19
CA SER N 67 -7.64 -25.41 55.57
C SER N 67 -8.97 -25.67 56.30
N ARG N 68 -9.99 -26.07 55.55
CA ARG N 68 -11.31 -26.31 56.11
C ARG N 68 -11.79 -27.74 55.93
N VAL N 69 -11.41 -28.41 54.84
CA VAL N 69 -11.85 -29.76 54.55
C VAL N 69 -10.63 -30.63 54.25
N ALA N 70 -10.83 -31.94 54.35
CA ALA N 70 -9.80 -32.92 54.07
C ALA N 70 -10.43 -34.15 53.44
N ILE N 71 -9.88 -34.59 52.31
CA ILE N 71 -10.42 -35.73 51.57
C ILE N 71 -9.38 -36.84 51.58
N SER N 72 -9.88 -38.08 51.64
CA SER N 72 -9.02 -39.25 51.65
C SER N 72 -9.71 -40.38 50.91
N VAL N 73 -8.93 -41.16 50.17
CA VAL N 73 -9.42 -42.32 49.43
C VAL N 73 -8.82 -43.58 50.04
N ASP N 74 -9.65 -44.61 50.18
CA ASP N 74 -9.23 -45.90 50.71
C ASP N 74 -9.35 -46.92 49.58
N MET N 75 -8.24 -47.09 48.84
CA MET N 75 -8.23 -48.02 47.72
C MET N 75 -8.39 -49.47 48.16
N SER N 76 -8.09 -49.79 49.41
CA SER N 76 -8.29 -51.14 49.91
C SER N 76 -9.74 -51.41 50.28
N LYS N 77 -10.44 -50.40 50.80
CA LYS N 77 -11.84 -50.53 51.18
C LYS N 77 -12.80 -50.07 50.09
N ASN N 78 -12.28 -49.50 48.99
CA ASN N 78 -13.11 -49.03 47.87
C ASN N 78 -14.07 -47.94 48.33
N GLN N 79 -13.58 -47.04 49.18
CA GLN N 79 -14.39 -45.95 49.71
C GLN N 79 -13.53 -44.70 49.83
N PHE N 80 -14.19 -43.54 49.80
CA PHE N 80 -13.54 -42.26 50.04
C PHE N 80 -14.38 -41.47 51.03
N SER N 81 -13.71 -40.84 51.99
CA SER N 81 -14.37 -40.21 53.13
C SER N 81 -14.29 -38.70 53.02
N LEU N 82 -14.84 -38.03 54.04
CA LEU N 82 -14.87 -36.58 54.12
C LEU N 82 -14.54 -36.16 55.55
N LYS N 83 -13.74 -35.11 55.67
CA LYS N 83 -13.32 -34.58 56.96
C LYS N 83 -13.46 -33.07 56.96
N LEU N 84 -14.26 -32.55 57.89
CA LEU N 84 -14.43 -31.11 58.07
C LEU N 84 -13.85 -30.68 59.42
N SER N 85 -13.31 -29.47 59.46
CA SER N 85 -12.68 -28.92 60.65
C SER N 85 -13.45 -27.68 61.09
N SER N 86 -13.78 -27.63 62.38
CA SER N 86 -14.50 -26.49 62.98
C SER N 86 -15.84 -26.25 62.28
N VAL N 87 -16.71 -27.25 62.39
CA VAL N 87 -18.04 -27.13 61.81
C VAL N 87 -18.86 -26.12 62.59
N THR N 88 -19.82 -25.48 61.91
CA THR N 88 -20.66 -24.46 62.50
C THR N 88 -22.11 -24.78 62.19
N VAL N 89 -23.01 -23.99 62.78
CA VAL N 89 -24.45 -24.21 62.60
C VAL N 89 -24.90 -24.01 61.17
N ALA N 90 -24.12 -23.27 60.36
CA ALA N 90 -24.47 -23.04 58.97
C ALA N 90 -24.16 -24.22 58.07
N ASP N 91 -23.65 -25.32 58.62
CA ASP N 91 -23.28 -26.50 57.84
C ASP N 91 -24.36 -27.58 57.86
N THR N 92 -25.64 -27.17 57.91
CA THR N 92 -26.76 -28.10 57.90
C THR N 92 -27.11 -28.58 56.50
N ALA N 93 -26.21 -28.40 55.53
CA ALA N 93 -26.48 -28.82 54.17
C ALA N 93 -26.45 -30.33 54.04
N VAL N 94 -27.12 -30.82 53.01
CA VAL N 94 -27.12 -32.24 52.69
C VAL N 94 -25.86 -32.56 51.89
N TYR N 95 -25.14 -33.59 52.30
CA TYR N 95 -23.86 -33.94 51.69
C TYR N 95 -24.05 -35.04 50.66
N TYR N 96 -23.48 -34.84 49.47
CA TYR N 96 -23.54 -35.81 48.38
C TYR N 96 -22.13 -36.09 47.90
N CYS N 97 -21.80 -37.37 47.71
CA CYS N 97 -20.56 -37.77 47.07
C CYS N 97 -20.85 -38.17 45.63
N ALA N 98 -20.04 -37.64 44.70
CA ALA N 98 -20.29 -37.84 43.28
C ALA N 98 -18.99 -38.21 42.56
N ARG N 99 -19.14 -38.95 41.47
CA ARG N 99 -18.03 -39.31 40.60
C ARG N 99 -18.14 -38.50 39.31
N VAL N 100 -17.02 -37.90 38.90
CA VAL N 100 -16.97 -37.06 37.72
C VAL N 100 -15.94 -37.63 36.75
N ASP N 101 -16.30 -37.66 35.46
CA ASP N 101 -15.46 -38.25 34.44
C ASP N 101 -14.28 -37.33 34.12
N VAL N 102 -13.07 -37.90 34.12
CA VAL N 102 -11.87 -37.18 33.75
C VAL N 102 -11.14 -37.94 32.65
N GLY N 103 -11.81 -38.95 32.09
CA GLY N 103 -11.19 -39.80 31.09
C GLY N 103 -11.03 -39.16 29.73
N GLY N 104 -11.79 -38.09 29.46
CA GLY N 104 -11.72 -37.39 28.20
C GLY N 104 -10.64 -36.34 28.16
N THR N 105 -10.86 -35.33 27.32
CA THR N 105 -9.89 -34.24 27.22
C THR N 105 -9.94 -33.33 28.45
N LEU N 106 -11.16 -33.00 28.89
CA LEU N 106 -11.35 -32.15 30.05
C LEU N 106 -12.33 -32.81 31.01
N VAL N 107 -12.12 -32.59 32.31
CA VAL N 107 -13.05 -33.07 33.32
C VAL N 107 -14.37 -32.31 33.14
N SER N 108 -15.42 -33.02 32.73
CA SER N 108 -16.66 -32.37 32.32
C SER N 108 -17.85 -32.71 33.21
N THR N 109 -18.22 -33.97 33.35
CA THR N 109 -19.53 -34.33 33.85
C THR N 109 -19.43 -35.21 35.10
N PHE N 110 -20.16 -34.81 36.14
CA PHE N 110 -20.37 -35.65 37.32
C PHE N 110 -21.26 -36.82 36.92
N ASP N 111 -20.66 -38.00 36.77
CA ASP N 111 -21.39 -39.14 36.22
C ASP N 111 -22.51 -39.60 37.15
N HIS N 112 -22.14 -40.01 38.36
CA HIS N 112 -23.10 -40.56 39.32
C HIS N 112 -23.06 -39.75 40.61
N TRP N 113 -24.18 -39.75 41.32
CA TRP N 113 -24.34 -38.98 42.54
C TRP N 113 -24.73 -39.91 43.69
N GLY N 114 -24.33 -39.53 44.91
CA GLY N 114 -24.70 -40.29 46.08
C GLY N 114 -26.16 -40.10 46.45
N GLN N 115 -26.61 -40.93 47.39
CA GLN N 115 -28.01 -40.86 47.82
C GLN N 115 -28.29 -39.60 48.60
N GLY N 116 -27.34 -39.14 49.40
CA GLY N 116 -27.53 -37.93 50.20
C GLY N 116 -27.86 -38.21 51.65
N ILE N 117 -27.08 -37.64 52.55
CA ILE N 117 -27.26 -37.81 53.99
C ILE N 117 -27.49 -36.44 54.61
N LEU N 118 -28.52 -36.33 55.44
CA LEU N 118 -28.81 -35.10 56.16
C LEU N 118 -27.96 -35.04 57.43
N VAL N 119 -27.10 -34.04 57.51
CA VAL N 119 -26.19 -33.87 58.65
C VAL N 119 -26.58 -32.57 59.36
N THR N 120 -27.10 -32.69 60.58
CA THR N 120 -27.46 -31.54 61.39
C THR N 120 -26.27 -31.12 62.24
N VAL N 121 -26.18 -29.82 62.52
CA VAL N 121 -25.06 -29.23 63.25
C VAL N 121 -25.66 -28.42 64.40
N SER N 122 -25.75 -29.05 65.57
CA SER N 122 -26.26 -28.38 66.77
C SER N 122 -25.92 -29.19 68.02
N SER N 123 -25.46 -28.51 69.07
CA SER N 123 -25.10 -29.17 70.32
C SER N 123 -26.17 -28.99 71.40
N ALA N 124 -27.31 -28.38 71.07
CA ALA N 124 -28.35 -28.18 72.06
C ALA N 124 -29.00 -29.50 72.45
N SER N 125 -29.39 -29.59 73.71
CA SER N 125 -30.05 -30.78 74.23
C SER N 125 -31.53 -30.75 73.86
N THR N 126 -32.26 -31.79 74.30
CA THR N 126 -33.69 -31.91 74.00
C THR N 126 -34.48 -30.93 74.86
N LYS N 127 -34.38 -29.66 74.48
CA LYS N 127 -35.08 -28.60 75.19
C LYS N 127 -36.53 -28.52 74.73
N GLY N 128 -37.38 -28.02 75.62
CA GLY N 128 -38.79 -27.88 75.34
C GLY N 128 -39.09 -26.68 74.47
N PRO N 129 -40.07 -26.80 73.58
CA PRO N 129 -40.42 -25.67 72.72
C PRO N 129 -41.17 -24.59 73.48
N SER N 130 -40.81 -23.35 73.20
CA SER N 130 -41.45 -22.19 73.81
C SER N 130 -42.59 -21.70 72.92
N VAL N 131 -43.81 -21.74 73.45
CA VAL N 131 -45.01 -21.36 72.70
C VAL N 131 -45.40 -19.95 73.10
N PHE N 132 -45.66 -19.11 72.10
CA PHE N 132 -46.06 -17.73 72.33
C PHE N 132 -47.36 -17.44 71.62
N PRO N 133 -48.24 -16.64 72.21
CA PRO N 133 -49.52 -16.31 71.54
C PRO N 133 -49.33 -15.39 70.35
N LEU N 134 -49.61 -15.90 69.15
CA LEU N 134 -49.48 -15.13 67.91
C LEU N 134 -50.87 -14.65 67.51
N ALA N 135 -51.23 -13.46 67.97
CA ALA N 135 -52.53 -12.90 67.66
C ALA N 135 -52.62 -12.54 66.18
N PRO N 136 -53.81 -12.59 65.59
CA PRO N 136 -53.95 -12.21 64.18
C PRO N 136 -53.84 -10.70 64.00
N SER N 137 -53.46 -10.31 62.79
CA SER N 137 -53.31 -8.90 62.46
C SER N 137 -54.64 -8.30 62.01
N THR N 145 -60.15 -9.67 57.72
CA THR N 145 -59.60 -11.01 57.52
C THR N 145 -58.12 -11.05 57.85
N ALA N 146 -57.75 -11.90 58.81
CA ALA N 146 -56.36 -12.05 59.22
C ALA N 146 -56.09 -13.52 59.47
N ALA N 147 -54.94 -13.82 60.06
CA ALA N 147 -54.56 -15.20 60.35
C ALA N 147 -53.66 -15.23 61.58
N LEU N 148 -53.81 -16.28 62.38
CA LEU N 148 -53.00 -16.48 63.58
C LEU N 148 -52.20 -17.76 63.45
N GLY N 149 -51.30 -17.99 64.41
CA GLY N 149 -50.45 -19.16 64.37
C GLY N 149 -50.05 -19.60 65.76
N CYS N 150 -49.35 -20.74 65.81
CA CYS N 150 -48.89 -21.29 67.07
C CYS N 150 -47.71 -20.52 67.63
N LEU N 151 -46.80 -20.08 66.76
CA LEU N 151 -45.59 -19.36 67.17
C LEU N 151 -44.75 -20.21 68.13
N VAL N 152 -44.29 -21.34 67.62
CA VAL N 152 -43.48 -22.29 68.38
C VAL N 152 -42.02 -22.10 68.00
N LYS N 153 -41.17 -21.82 68.98
CA LYS N 153 -39.76 -21.59 68.75
C LYS N 153 -38.97 -22.25 69.88
N ASP N 154 -37.64 -22.20 69.75
CA ASP N 154 -36.71 -22.68 70.76
C ASP N 154 -36.93 -24.16 71.07
N TYR N 155 -36.71 -25.00 70.05
CA TYR N 155 -36.79 -26.44 70.21
C TYR N 155 -35.74 -27.10 69.33
N PHE N 156 -34.90 -27.93 69.94
CA PHE N 156 -33.83 -28.64 69.24
C PHE N 156 -34.34 -29.88 68.48
N PRO N 157 -35.15 -30.75 69.08
CA PRO N 157 -35.61 -31.93 68.35
C PRO N 157 -36.42 -31.56 67.12
N GLU N 158 -36.26 -32.35 66.07
CA GLU N 158 -36.88 -32.10 64.77
C GLU N 158 -38.35 -32.50 64.70
N PRO N 159 -38.75 -33.70 65.15
CA PRO N 159 -40.14 -34.14 64.93
C PRO N 159 -41.18 -33.48 65.82
N VAL N 160 -40.84 -32.39 66.52
CA VAL N 160 -41.83 -31.67 67.31
C VAL N 160 -42.85 -31.03 66.37
N THR N 161 -44.10 -31.48 66.45
CA THR N 161 -45.17 -30.99 65.60
C THR N 161 -46.21 -30.26 66.45
N VAL N 162 -47.16 -29.63 65.76
CA VAL N 162 -48.21 -28.85 66.40
C VAL N 162 -49.55 -29.30 65.85
N SER N 163 -50.62 -28.75 66.44
CA SER N 163 -51.99 -29.05 66.03
C SER N 163 -52.88 -27.89 66.45
N TRP N 164 -54.17 -28.01 66.13
CA TRP N 164 -55.14 -26.97 66.45
C TRP N 164 -56.47 -27.62 66.79
N ASN N 165 -56.88 -27.52 68.05
CA ASN N 165 -58.18 -27.98 68.53
C ASN N 165 -58.43 -29.46 68.25
N SER N 166 -57.37 -30.22 67.97
CA SER N 166 -57.47 -31.65 67.69
C SER N 166 -58.46 -31.93 66.56
N GLY N 167 -58.26 -31.26 65.43
CA GLY N 167 -59.10 -31.48 64.27
C GLY N 167 -59.91 -30.26 63.86
N ALA N 168 -59.37 -29.07 64.07
CA ALA N 168 -60.06 -27.84 63.69
C ALA N 168 -60.18 -27.68 62.18
N LEU N 169 -59.42 -28.45 61.40
CA LEU N 169 -59.49 -28.35 59.94
C LEU N 169 -60.80 -28.91 59.40
N VAL N 173 -56.00 -23.04 58.52
CA VAL N 173 -55.22 -24.10 59.16
C VAL N 173 -54.29 -24.77 58.15
N HIS N 174 -53.01 -24.81 58.46
CA HIS N 174 -52.01 -25.40 57.57
C HIS N 174 -50.76 -25.72 58.37
N THR N 175 -50.28 -26.96 58.24
CA THR N 175 -49.06 -27.36 58.91
C THR N 175 -47.86 -26.68 58.26
N PHE N 176 -46.92 -26.22 59.09
CA PHE N 176 -45.80 -25.45 58.55
C PHE N 176 -44.51 -26.23 58.68
N PRO N 177 -43.65 -26.20 57.65
CA PRO N 177 -42.37 -26.88 57.73
C PRO N 177 -41.41 -26.16 58.65
N ALA N 178 -40.45 -26.93 59.18
CA ALA N 178 -39.51 -26.39 60.15
C ALA N 178 -38.44 -25.55 59.46
N VAL N 179 -37.64 -24.86 60.27
CA VAL N 179 -36.55 -24.03 59.78
C VAL N 179 -35.54 -23.88 60.91
N LEU N 180 -34.27 -23.93 60.56
CA LEU N 180 -33.21 -23.85 61.56
C LEU N 180 -32.90 -22.39 61.90
N GLN N 181 -32.23 -22.21 63.04
CA GLN N 181 -31.82 -20.90 63.52
C GLN N 181 -30.31 -20.85 63.71
N SER N 182 -29.78 -19.63 63.72
CA SER N 182 -28.34 -19.45 63.90
C SER N 182 -27.87 -19.86 65.29
N SER N 183 -28.76 -19.85 66.28
CA SER N 183 -28.40 -20.23 67.65
C SER N 183 -28.36 -21.74 67.86
N GLY N 184 -28.58 -22.53 66.82
CA GLY N 184 -28.59 -23.98 66.96
C GLY N 184 -29.93 -24.57 67.30
N LEU N 185 -31.03 -23.87 67.00
CA LEU N 185 -32.37 -24.37 67.31
C LEU N 185 -33.24 -24.33 66.06
N TYR N 186 -34.54 -24.58 66.24
CA TYR N 186 -35.49 -24.58 65.14
C TYR N 186 -36.67 -23.68 65.47
N SER N 187 -37.51 -23.44 64.48
CA SER N 187 -38.68 -22.59 64.63
C SER N 187 -39.80 -23.12 63.74
N LEU N 188 -41.04 -22.89 64.18
CA LEU N 188 -42.20 -23.35 63.43
C LEU N 188 -43.38 -22.45 63.79
N SER N 189 -43.84 -21.66 62.82
CA SER N 189 -44.97 -20.76 63.00
C SER N 189 -46.01 -21.09 61.94
N SER N 190 -47.04 -21.84 62.33
CA SER N 190 -48.10 -22.21 61.40
C SER N 190 -48.97 -21.01 61.05
N VAL N 191 -49.81 -21.19 60.04
CA VAL N 191 -50.73 -20.16 59.58
C VAL N 191 -52.14 -20.73 59.64
N VAL N 192 -53.02 -20.06 60.39
CA VAL N 192 -54.41 -20.47 60.54
C VAL N 192 -55.27 -19.24 60.32
N THR N 193 -56.07 -19.25 59.26
CA THR N 193 -56.93 -18.12 58.95
C THR N 193 -58.01 -17.94 60.01
N VAL N 194 -58.51 -16.72 60.12
CA VAL N 194 -59.53 -16.38 61.12
C VAL N 194 -60.35 -15.20 60.60
N PRO N 195 -61.68 -15.25 60.70
CA PRO N 195 -62.49 -14.11 60.26
C PRO N 195 -62.42 -12.93 61.23
N SER N 196 -63.23 -11.91 61.00
CA SER N 196 -63.21 -10.73 61.82
C SER N 196 -63.59 -11.06 63.27
N SER N 197 -63.40 -10.08 64.16
CA SER N 197 -63.64 -10.29 65.58
C SER N 197 -65.10 -10.58 65.90
N SER N 198 -66.01 -10.32 64.96
CA SER N 198 -67.43 -10.59 65.21
C SER N 198 -67.70 -12.09 65.30
N LEU N 199 -67.08 -12.88 64.41
CA LEU N 199 -67.26 -14.33 64.38
C LEU N 199 -65.92 -15.05 64.36
N GLY N 200 -64.89 -14.43 64.95
CA GLY N 200 -63.57 -15.04 64.95
C GLY N 200 -62.93 -15.10 66.32
N THR N 201 -63.75 -15.15 67.37
CA THR N 201 -63.26 -15.22 68.75
C THR N 201 -63.93 -16.36 69.50
N GLN N 202 -64.24 -17.46 68.81
CA GLN N 202 -64.92 -18.58 69.45
C GLN N 202 -63.93 -19.47 70.21
N THR N 203 -62.98 -20.07 69.49
CA THR N 203 -62.00 -20.96 70.12
C THR N 203 -60.81 -21.11 69.18
N TYR N 204 -59.62 -20.79 69.68
CA TYR N 204 -58.38 -20.97 68.91
C TYR N 204 -57.28 -21.33 69.91
N ILE N 205 -57.03 -22.62 70.06
CA ILE N 205 -56.05 -23.14 71.02
C ILE N 205 -55.00 -23.93 70.25
N CYS N 206 -53.75 -23.52 70.38
CA CYS N 206 -52.65 -24.27 69.77
C CYS N 206 -52.34 -25.51 70.60
N ASN N 207 -51.99 -26.59 69.91
CA ASN N 207 -51.67 -27.86 70.55
C ASN N 207 -50.39 -28.41 69.94
N VAL N 208 -49.26 -28.09 70.56
CA VAL N 208 -47.96 -28.59 70.11
C VAL N 208 -47.76 -29.99 70.67
N ASN N 209 -47.43 -30.93 69.78
CA ASN N 209 -47.29 -32.33 70.19
C ASN N 209 -46.13 -32.51 71.15
N HIS N 210 -44.94 -32.03 70.77
CA HIS N 210 -43.72 -32.16 71.56
C HIS N 210 -43.44 -33.62 71.91
N LYS N 211 -43.18 -34.40 70.87
CA LYS N 211 -42.90 -35.83 71.02
C LYS N 211 -41.79 -36.15 72.02
N PRO N 212 -40.64 -35.47 72.01
CA PRO N 212 -39.61 -35.80 73.00
C PRO N 212 -40.04 -35.42 74.41
N SER N 213 -39.42 -36.09 75.38
CA SER N 213 -39.63 -35.90 76.82
C SER N 213 -41.04 -36.25 77.27
N ASN N 214 -41.90 -36.73 76.36
CA ASN N 214 -43.27 -37.11 76.68
C ASN N 214 -44.02 -35.96 77.35
N THR N 215 -43.81 -34.75 76.84
CA THR N 215 -44.42 -33.55 77.38
C THR N 215 -45.43 -32.99 76.40
N LYS N 216 -46.58 -32.55 76.92
CA LYS N 216 -47.64 -31.98 76.10
C LYS N 216 -47.93 -30.56 76.60
N VAL N 217 -47.97 -29.61 75.68
CA VAL N 217 -48.21 -28.20 76.00
C VAL N 217 -49.40 -27.73 75.18
N ASP N 218 -50.31 -27.01 75.83
CA ASP N 218 -51.49 -26.46 75.18
C ASP N 218 -51.61 -24.99 75.53
N LYS N 219 -51.71 -24.13 74.51
CA LYS N 219 -51.81 -22.69 74.70
C LYS N 219 -52.94 -22.14 73.83
N ARG N 220 -53.60 -21.11 74.34
CA ARG N 220 -54.69 -20.46 73.62
C ARG N 220 -54.15 -19.30 72.80
N VAL N 221 -54.74 -19.08 71.63
CA VAL N 221 -54.34 -18.01 70.72
C VAL N 221 -55.54 -17.09 70.52
N GLU N 222 -55.31 -15.79 70.67
CA GLU N 222 -56.37 -14.80 70.51
C GLU N 222 -56.78 -14.68 69.04
N GLN O 1 34.08 -27.84 -9.48
CA GLN O 1 33.62 -29.01 -10.23
C GLN O 1 34.78 -29.92 -10.61
N VAL O 2 34.47 -31.05 -11.22
CA VAL O 2 35.48 -32.01 -11.64
C VAL O 2 36.18 -31.49 -12.90
N GLN O 3 37.50 -31.42 -12.87
CA GLN O 3 38.30 -30.95 -13.99
C GLN O 3 39.25 -32.06 -14.44
N LEU O 4 39.68 -31.98 -15.69
CA LEU O 4 40.56 -32.97 -16.29
C LEU O 4 41.93 -32.36 -16.56
N GLN O 5 42.96 -33.21 -16.47
CA GLN O 5 44.34 -32.79 -16.66
C GLN O 5 45.00 -33.72 -17.68
N GLU O 6 45.86 -33.15 -18.52
CA GLU O 6 46.51 -33.87 -19.60
C GLU O 6 48.01 -33.99 -19.33
N SER O 7 48.60 -35.06 -19.86
CA SER O 7 50.03 -35.31 -19.72
C SER O 7 50.46 -36.32 -20.76
N GLY O 8 51.69 -36.17 -21.23
CA GLY O 8 52.24 -37.07 -22.23
C GLY O 8 53.35 -36.44 -23.03
N PRO O 9 54.06 -37.25 -23.82
CA PRO O 9 55.15 -36.71 -24.64
C PRO O 9 54.61 -35.88 -25.79
N GLY O 10 55.47 -34.97 -26.27
CA GLY O 10 55.10 -34.08 -27.34
C GLY O 10 55.72 -34.43 -28.68
N LEU O 11 56.67 -35.35 -28.67
CA LEU O 11 57.37 -35.76 -29.89
C LEU O 11 57.53 -37.27 -29.88
N VAL O 12 57.06 -37.92 -30.94
CA VAL O 12 57.16 -39.36 -31.11
C VAL O 12 57.58 -39.66 -32.54
N ARG O 13 57.95 -40.92 -32.78
CA ARG O 13 58.40 -41.37 -34.08
C ARG O 13 57.34 -42.21 -34.76
N PRO O 14 57.29 -42.22 -36.09
CA PRO O 14 56.30 -43.04 -36.80
C PRO O 14 56.55 -44.53 -36.59
N SER O 15 55.52 -45.32 -36.92
CA SER O 15 55.55 -46.78 -36.75
C SER O 15 55.82 -47.18 -35.30
N GLN O 16 55.42 -46.32 -34.36
CA GLN O 16 55.61 -46.57 -32.94
C GLN O 16 54.34 -46.21 -32.19
N THR O 17 54.26 -46.67 -30.94
CA THR O 17 53.10 -46.40 -30.12
C THR O 17 53.14 -44.98 -29.57
N LEU O 18 51.96 -44.44 -29.28
CA LEU O 18 51.81 -43.11 -28.72
C LEU O 18 50.98 -43.21 -27.44
N SER O 19 51.64 -43.05 -26.30
CA SER O 19 50.99 -43.17 -25.00
C SER O 19 50.65 -41.78 -24.47
N LEU O 20 49.36 -41.51 -24.31
CA LEU O 20 48.89 -40.24 -23.78
C LEU O 20 47.84 -40.51 -22.71
N THR O 21 48.00 -39.89 -21.55
CA THR O 21 47.11 -40.09 -20.42
C THR O 21 46.28 -38.84 -20.17
N CYS O 22 45.16 -39.04 -19.46
CA CYS O 22 44.22 -37.96 -19.12
C CYS O 22 43.90 -38.08 -17.63
N THR O 23 44.62 -37.32 -16.81
CA THR O 23 44.42 -37.37 -15.37
C THR O 23 43.12 -36.67 -14.98
N VAL O 24 42.31 -37.34 -14.18
CA VAL O 24 41.03 -36.81 -13.70
C VAL O 24 41.22 -36.33 -12.28
N SER O 25 40.76 -35.11 -12.00
CA SER O 25 40.83 -34.51 -10.67
C SER O 25 39.41 -34.38 -10.14
N GLY O 26 39.06 -35.20 -9.16
CA GLY O 26 37.72 -35.19 -8.59
C GLY O 26 36.78 -36.26 -9.11
N GLY O 27 37.27 -37.21 -9.91
CA GLY O 27 36.43 -38.26 -10.43
C GLY O 27 37.20 -39.56 -10.53
N SER O 28 36.48 -40.61 -10.89
CA SER O 28 37.07 -41.94 -11.01
C SER O 28 36.18 -42.80 -11.90
N VAL O 29 36.76 -43.88 -12.41
CA VAL O 29 36.02 -44.79 -13.27
C VAL O 29 35.13 -45.73 -12.47
N ARG O 30 35.41 -45.93 -11.19
CA ARG O 30 34.58 -46.80 -10.36
C ARG O 30 33.20 -46.20 -10.06
N ASN O 31 32.94 -44.98 -10.50
CA ASN O 31 31.63 -44.35 -10.33
C ASN O 31 30.88 -44.37 -11.65
N GLU O 32 29.58 -44.69 -11.57
CA GLU O 32 28.74 -44.79 -12.75
C GLU O 32 28.28 -43.40 -13.18
N TYR O 33 27.34 -43.36 -14.13
CA TYR O 33 26.69 -42.14 -14.60
C TYR O 33 27.67 -41.18 -15.27
N TYR O 34 28.93 -41.59 -15.41
CA TYR O 34 29.95 -40.73 -16.03
C TYR O 34 30.98 -41.61 -16.72
N TYR O 35 31.06 -41.50 -18.05
CA TYR O 35 32.07 -42.21 -18.81
C TYR O 35 33.33 -41.35 -18.91
N TRP O 36 34.30 -41.79 -19.72
CA TRP O 36 35.54 -41.05 -19.91
C TRP O 36 35.93 -41.16 -21.37
N SER O 37 35.84 -40.04 -22.10
CA SER O 37 36.00 -40.04 -23.55
C SER O 37 37.26 -39.29 -23.96
N TRP O 38 37.64 -39.49 -25.22
CA TRP O 38 38.70 -38.73 -25.87
C TRP O 38 38.13 -38.05 -27.10
N ILE O 39 38.63 -36.84 -27.37
CA ILE O 39 38.10 -36.02 -28.46
C ILE O 39 39.27 -35.40 -29.23
N ARG O 40 39.21 -35.49 -30.55
CA ARG O 40 40.24 -34.95 -31.43
C ARG O 40 39.78 -33.62 -32.00
N GLN O 41 40.66 -32.62 -31.95
CA GLN O 41 40.37 -31.29 -32.50
C GLN O 41 41.68 -30.63 -32.92
N PRO O 42 42.19 -30.95 -34.10
CA PRO O 42 43.42 -30.33 -34.58
C PRO O 42 43.15 -28.92 -35.10
N PRO O 43 44.16 -28.06 -35.17
CA PRO O 43 43.96 -26.73 -35.75
C PRO O 43 43.72 -26.83 -37.25
N GLY O 44 42.56 -26.33 -37.68
CA GLY O 44 42.18 -26.37 -39.07
C GLY O 44 41.28 -27.51 -39.46
N GLN O 45 40.93 -28.40 -38.52
CA GLN O 45 40.06 -29.53 -38.79
C GLN O 45 38.84 -29.45 -37.88
N GLY O 46 37.79 -30.19 -38.27
CA GLY O 46 36.54 -30.18 -37.54
C GLY O 46 36.60 -31.01 -36.26
N LEU O 47 35.49 -30.98 -35.52
CA LEU O 47 35.38 -31.72 -34.28
C LEU O 47 35.24 -33.21 -34.58
N GLU O 48 36.17 -34.01 -34.06
CA GLU O 48 36.19 -35.45 -34.27
C GLU O 48 36.16 -36.17 -32.94
N TRP O 49 35.33 -37.21 -32.85
CA TRP O 49 35.18 -38.01 -31.64
C TRP O 49 35.99 -39.29 -31.76
N ILE O 50 36.64 -39.67 -30.66
CA ILE O 50 37.53 -40.84 -30.66
C ILE O 50 36.84 -42.02 -29.99
N GLY O 51 36.51 -41.89 -28.71
CA GLY O 51 35.87 -42.97 -28.00
C GLY O 51 35.89 -42.83 -26.49
N TYR O 52 34.95 -43.51 -25.82
CA TYR O 52 34.88 -43.51 -24.36
C TYR O 52 34.86 -44.94 -23.85
N MET O 53 35.30 -45.10 -22.61
CA MET O 53 35.37 -46.40 -21.95
C MET O 53 34.56 -46.36 -20.65
N HIS O 54 34.33 -47.54 -20.09
CA HIS O 54 33.60 -47.68 -18.84
C HIS O 54 34.29 -48.74 -17.99
N ASN O 55 33.96 -48.74 -16.70
CA ASN O 55 34.56 -49.71 -15.78
C ASN O 55 34.15 -51.14 -16.11
N SER O 56 33.05 -51.34 -16.84
CA SER O 56 32.63 -52.67 -17.24
C SER O 56 33.30 -53.16 -18.51
N GLY O 57 34.05 -52.29 -19.20
CA GLY O 57 34.70 -52.69 -20.44
C GLY O 57 33.77 -52.64 -21.63
N ASN O 58 33.19 -51.47 -21.90
CA ASN O 58 32.27 -51.33 -23.02
C ASN O 58 32.99 -51.26 -24.36
N THR O 59 34.18 -50.65 -24.39
CA THR O 59 35.03 -50.59 -25.58
C THR O 59 34.30 -49.96 -26.77
N TYR O 60 33.93 -48.69 -26.61
CA TYR O 60 33.34 -47.92 -27.69
C TYR O 60 34.42 -47.05 -28.33
N TYR O 61 34.64 -47.26 -29.63
CA TYR O 61 35.65 -46.53 -30.38
C TYR O 61 35.01 -45.83 -31.57
N ASN O 62 35.85 -45.08 -32.29
CA ASN O 62 35.42 -44.42 -33.51
C ASN O 62 35.45 -45.41 -34.68
N PRO O 63 34.45 -45.36 -35.56
CA PRO O 63 34.42 -46.32 -36.68
C PRO O 63 35.56 -46.14 -37.66
N SER O 64 36.12 -44.94 -37.76
CA SER O 64 37.24 -44.67 -38.65
C SER O 64 38.59 -44.93 -38.01
N LEU O 65 38.62 -45.38 -36.75
CA LEU O 65 39.87 -45.68 -36.05
C LEU O 65 39.88 -47.12 -35.55
N LYS O 66 39.14 -48.01 -36.19
CA LYS O 66 39.07 -49.39 -35.77
C LYS O 66 40.40 -50.09 -36.03
N SER O 67 40.78 -50.98 -35.12
CA SER O 67 42.00 -51.80 -35.22
C SER O 67 43.27 -50.94 -35.31
N ARG O 68 43.19 -49.68 -34.91
CA ARG O 68 44.35 -48.79 -34.94
C ARG O 68 44.56 -48.00 -33.66
N VAL O 69 43.56 -47.85 -32.80
CA VAL O 69 43.68 -47.11 -31.55
C VAL O 69 43.27 -48.03 -30.40
N ALA O 70 43.51 -47.55 -29.19
CA ALA O 70 43.17 -48.30 -27.99
C ALA O 70 43.08 -47.34 -26.82
N ILE O 71 42.11 -47.57 -25.93
CA ILE O 71 41.93 -46.76 -24.74
C ILE O 71 41.48 -47.65 -23.60
N SER O 72 41.93 -47.34 -22.39
CA SER O 72 41.60 -48.12 -21.20
C SER O 72 41.44 -47.17 -20.03
N VAL O 73 41.01 -47.74 -18.89
CA VAL O 73 40.79 -46.98 -17.68
C VAL O 73 41.61 -47.59 -16.55
N ASP O 74 41.85 -46.78 -15.52
CA ASP O 74 42.61 -47.22 -14.36
C ASP O 74 42.17 -46.42 -13.14
N MET O 75 41.62 -47.10 -12.15
CA MET O 75 41.15 -46.45 -10.93
C MET O 75 42.22 -46.36 -9.86
N SER O 76 43.37 -47.00 -10.04
CA SER O 76 44.42 -46.94 -9.03
C SER O 76 45.03 -45.55 -8.94
N LYS O 77 45.21 -44.89 -10.08
CA LYS O 77 45.74 -43.54 -10.13
C LYS O 77 44.70 -42.51 -10.55
N ASN O 78 43.44 -42.92 -10.71
CA ASN O 78 42.34 -42.04 -11.09
C ASN O 78 42.65 -41.32 -12.41
N GLN O 79 43.01 -42.11 -13.42
CA GLN O 79 43.32 -41.56 -14.74
C GLN O 79 43.12 -42.64 -15.79
N PHE O 80 42.83 -42.21 -17.00
CA PHE O 80 42.65 -43.11 -18.13
C PHE O 80 43.50 -42.63 -19.30
N SER O 81 44.16 -43.58 -19.98
CA SER O 81 45.08 -43.27 -21.05
C SER O 81 44.60 -43.88 -22.36
N LEU O 82 45.13 -43.35 -23.46
CA LEU O 82 44.79 -43.81 -24.81
C LEU O 82 46.07 -44.03 -25.59
N LYS O 83 46.07 -45.07 -26.41
CA LYS O 83 47.23 -45.42 -27.23
C LYS O 83 46.78 -45.82 -28.62
N LEU O 84 47.72 -45.78 -29.56
CA LEU O 84 47.43 -46.16 -30.94
C LEU O 84 48.71 -46.65 -31.59
N SER O 85 48.55 -47.33 -32.72
CA SER O 85 49.67 -47.89 -33.48
C SER O 85 49.69 -47.30 -34.88
N SER O 86 50.88 -47.31 -35.48
CA SER O 86 51.11 -46.77 -36.82
C SER O 86 50.67 -45.30 -36.90
N VAL O 87 51.32 -44.48 -36.07
CA VAL O 87 51.00 -43.06 -36.04
C VAL O 87 51.40 -42.41 -37.36
N THR O 88 50.62 -41.40 -37.77
CA THR O 88 50.83 -40.72 -39.04
C THR O 88 50.60 -39.23 -38.83
N VAL O 89 50.47 -38.50 -39.94
CA VAL O 89 50.27 -37.06 -39.91
C VAL O 89 48.81 -36.70 -40.16
N ALA O 90 47.89 -37.61 -39.87
CA ALA O 90 46.46 -37.34 -40.07
C ALA O 90 46.01 -36.15 -39.24
N ASP O 91 46.12 -36.25 -37.92
CA ASP O 91 45.84 -35.14 -37.03
C ASP O 91 47.09 -34.65 -36.32
N THR O 92 47.76 -35.52 -35.56
CA THR O 92 49.15 -35.37 -35.11
C THR O 92 49.42 -34.11 -34.29
N ALA O 93 48.39 -33.30 -34.05
CA ALA O 93 48.60 -31.98 -33.44
C ALA O 93 47.97 -31.85 -32.06
N VAL O 94 46.66 -32.05 -31.93
CA VAL O 94 45.94 -31.72 -30.70
C VAL O 94 44.97 -32.84 -30.38
N TYR O 95 44.86 -33.18 -29.09
CA TYR O 95 43.88 -34.13 -28.60
C TYR O 95 43.24 -33.57 -27.34
N TYR O 96 42.09 -34.13 -26.98
CA TYR O 96 41.36 -33.74 -25.78
C TYR O 96 40.73 -34.96 -25.14
N CYS O 97 40.23 -34.77 -23.91
CA CYS O 97 39.48 -35.80 -23.21
C CYS O 97 38.37 -35.15 -22.41
N ALA O 98 37.22 -35.83 -22.33
CA ALA O 98 36.06 -35.29 -21.64
C ALA O 98 35.24 -36.45 -21.10
N ARG O 99 34.06 -36.13 -20.56
CA ARG O 99 33.16 -37.12 -19.99
C ARG O 99 31.75 -36.88 -20.50
N VAL O 100 30.89 -37.88 -20.29
CA VAL O 100 29.48 -37.80 -20.66
C VAL O 100 28.64 -38.12 -19.42
N ASP O 101 27.33 -38.03 -19.59
CA ASP O 101 26.38 -38.34 -18.52
C ASP O 101 25.31 -39.29 -19.06
N VAL O 102 25.04 -40.35 -18.31
CA VAL O 102 24.03 -41.33 -18.68
C VAL O 102 23.04 -41.48 -17.51
N GLY O 103 22.83 -40.38 -16.78
CA GLY O 103 21.99 -40.41 -15.60
C GLY O 103 20.51 -40.52 -15.89
N GLY O 104 20.08 -41.68 -16.38
CA GLY O 104 18.68 -41.90 -16.67
C GLY O 104 18.32 -41.63 -18.13
N THR O 105 18.48 -40.38 -18.55
CA THR O 105 18.20 -40.01 -19.94
C THR O 105 19.34 -40.51 -20.84
N LEU O 106 19.24 -40.18 -22.12
CA LEU O 106 20.23 -40.59 -23.09
C LEU O 106 21.57 -39.89 -22.82
N VAL O 107 22.63 -40.44 -23.41
CA VAL O 107 23.97 -39.88 -23.24
C VAL O 107 24.04 -38.51 -23.88
N SER O 108 24.53 -37.52 -23.15
CA SER O 108 24.63 -36.14 -23.60
C SER O 108 25.51 -35.38 -22.63
N THR O 109 25.52 -34.05 -22.75
CA THR O 109 26.12 -33.14 -21.78
C THR O 109 27.62 -33.37 -21.61
N PHE O 110 28.36 -33.06 -22.68
CA PHE O 110 29.81 -32.99 -22.60
C PHE O 110 30.21 -31.74 -21.81
N ASP O 111 29.98 -31.77 -20.49
CA ASP O 111 30.15 -30.56 -19.68
C ASP O 111 31.61 -30.31 -19.32
N HIS O 112 32.28 -31.30 -18.76
CA HIS O 112 33.64 -31.11 -18.26
C HIS O 112 34.65 -31.44 -19.34
N TRP O 113 35.69 -30.60 -19.43
CA TRP O 113 36.74 -30.77 -20.42
C TRP O 113 38.11 -30.70 -19.77
N GLY O 114 39.16 -30.65 -20.58
CA GLY O 114 40.53 -30.57 -20.10
C GLY O 114 41.25 -29.37 -20.71
N GLN O 115 42.51 -29.59 -21.06
CA GLN O 115 43.36 -28.54 -21.63
C GLN O 115 43.86 -28.88 -23.02
N GLY O 116 44.31 -30.11 -23.25
CA GLY O 116 44.81 -30.49 -24.56
C GLY O 116 46.21 -31.07 -24.54
N ILE O 117 46.58 -31.79 -25.60
CA ILE O 117 47.88 -32.42 -25.72
C ILE O 117 48.47 -32.04 -27.08
N LEU O 118 49.68 -31.49 -27.06
CA LEU O 118 50.41 -31.14 -28.27
C LEU O 118 51.37 -32.27 -28.62
N VAL O 119 51.14 -32.92 -29.76
CA VAL O 119 51.91 -34.07 -30.18
C VAL O 119 52.64 -33.74 -31.47
N THR O 120 53.60 -34.59 -31.83
CA THR O 120 54.34 -34.47 -33.08
C THR O 120 54.84 -35.85 -33.49
N VAL O 121 54.56 -36.24 -34.72
CA VAL O 121 54.94 -37.56 -35.22
C VAL O 121 56.06 -37.49 -36.27
N SER O 122 56.14 -36.41 -37.04
CA SER O 122 57.16 -36.28 -38.06
C SER O 122 58.55 -36.37 -37.45
N SER O 123 59.37 -37.28 -37.99
CA SER O 123 60.71 -37.54 -37.47
C SER O 123 61.80 -36.78 -38.23
N ALA O 124 61.48 -35.60 -38.77
CA ALA O 124 62.47 -34.81 -39.47
C ALA O 124 63.50 -34.24 -38.50
N SER O 125 64.60 -33.76 -39.05
CA SER O 125 65.67 -33.22 -38.24
C SER O 125 65.29 -31.84 -37.69
N THR O 126 66.08 -31.36 -36.75
CA THR O 126 65.86 -30.07 -36.10
C THR O 126 66.91 -29.04 -36.51
N LYS O 127 67.46 -29.18 -37.71
CA LYS O 127 68.46 -28.25 -38.20
C LYS O 127 67.80 -26.96 -38.70
N GLY O 128 68.63 -26.05 -39.20
CA GLY O 128 68.14 -24.78 -39.70
C GLY O 128 67.52 -24.90 -41.07
N PRO O 129 66.49 -24.10 -41.34
CA PRO O 129 65.81 -24.14 -42.63
C PRO O 129 66.62 -23.38 -43.69
N SER O 130 66.13 -23.45 -44.93
CA SER O 130 66.74 -22.76 -46.05
C SER O 130 65.89 -21.55 -46.43
N VAL O 131 66.56 -20.46 -46.78
CA VAL O 131 65.91 -19.21 -47.13
C VAL O 131 66.09 -18.98 -48.63
N PHE O 132 64.98 -18.68 -49.31
CA PHE O 132 65.00 -18.43 -50.75
C PHE O 132 64.34 -17.08 -51.02
N PRO O 133 64.94 -16.22 -51.84
CA PRO O 133 64.35 -14.91 -52.11
C PRO O 133 63.15 -15.00 -53.03
N LEU O 134 62.57 -13.85 -53.37
CA LEU O 134 61.41 -13.76 -54.26
C LEU O 134 61.66 -12.69 -55.29
N ALA O 135 61.67 -13.07 -56.56
CA ALA O 135 61.91 -12.14 -57.64
C ALA O 135 60.66 -11.29 -57.90
N PRO O 136 60.83 -10.07 -58.40
CA PRO O 136 59.66 -9.23 -58.69
C PRO O 136 58.88 -9.74 -59.89
N SER O 137 57.57 -9.56 -59.84
CA SER O 137 56.69 -10.00 -60.91
C SER O 137 56.49 -8.91 -61.95
N THR O 145 54.35 -1.05 -59.33
CA THR O 145 54.57 -1.51 -57.97
C THR O 145 54.69 -3.03 -57.93
N ALA O 146 55.86 -3.52 -57.51
CA ALA O 146 56.15 -4.94 -57.41
C ALA O 146 56.15 -5.37 -55.94
N ALA O 147 56.44 -6.65 -55.72
CA ALA O 147 56.50 -7.21 -54.38
C ALA O 147 57.73 -8.08 -54.24
N LEU O 148 58.39 -7.97 -53.09
CA LEU O 148 59.59 -8.75 -52.79
C LEU O 148 59.43 -9.39 -51.42
N GLY O 149 60.16 -10.49 -51.23
CA GLY O 149 60.09 -11.19 -49.95
C GLY O 149 61.02 -12.37 -49.94
N CYS O 150 60.83 -13.23 -48.92
CA CYS O 150 61.62 -14.44 -48.76
C CYS O 150 60.70 -15.57 -48.35
N LEU O 151 61.21 -16.79 -48.43
CA LEU O 151 60.45 -18.00 -48.13
C LEU O 151 61.25 -18.89 -47.19
N VAL O 152 60.61 -19.34 -46.11
CA VAL O 152 61.21 -20.27 -45.17
C VAL O 152 60.48 -21.61 -45.31
N LYS O 153 61.26 -22.69 -45.39
CA LYS O 153 60.70 -24.01 -45.67
C LYS O 153 61.40 -25.06 -44.82
N ASP O 154 60.61 -26.02 -44.33
CA ASP O 154 61.12 -27.20 -43.64
C ASP O 154 61.95 -26.85 -42.41
N TYR O 155 61.27 -26.24 -41.43
CA TYR O 155 61.86 -25.99 -40.11
C TYR O 155 60.97 -26.64 -39.07
N PHE O 156 61.59 -27.44 -38.18
CA PHE O 156 60.86 -28.21 -37.18
C PHE O 156 60.42 -27.37 -35.98
N PRO O 157 61.31 -26.66 -35.30
CA PRO O 157 60.91 -26.00 -34.04
C PRO O 157 59.92 -24.87 -34.27
N GLU O 158 59.19 -24.54 -33.20
CA GLU O 158 58.13 -23.54 -33.22
C GLU O 158 58.64 -22.09 -33.17
N PRO O 159 59.54 -21.72 -32.26
CA PRO O 159 59.86 -20.30 -32.08
C PRO O 159 60.75 -19.69 -33.15
N VAL O 160 60.94 -20.36 -34.30
CA VAL O 160 61.72 -19.77 -35.38
C VAL O 160 60.97 -18.57 -35.94
N THR O 161 61.62 -17.42 -35.93
CA THR O 161 61.04 -16.17 -36.40
C THR O 161 61.84 -15.63 -37.58
N VAL O 162 61.21 -14.73 -38.33
CA VAL O 162 61.81 -14.11 -39.50
C VAL O 162 61.82 -12.60 -39.31
N SER O 163 62.94 -11.97 -39.64
CA SER O 163 63.08 -10.52 -39.51
C SER O 163 63.80 -9.99 -40.74
N TRP O 164 63.69 -8.68 -40.94
CA TRP O 164 64.30 -7.99 -42.07
C TRP O 164 65.41 -7.07 -41.56
N ASN O 165 66.61 -7.25 -42.11
CA ASN O 165 67.78 -6.43 -41.79
C ASN O 165 68.14 -6.45 -40.31
N SER O 166 67.63 -7.44 -39.58
CA SER O 166 67.91 -7.61 -38.15
C SER O 166 67.55 -6.34 -37.36
N GLY O 167 66.29 -5.94 -37.48
CA GLY O 167 65.80 -4.78 -36.77
C GLY O 167 64.83 -3.93 -37.55
N ALA O 168 64.83 -4.07 -38.87
CA ALA O 168 63.93 -3.31 -39.73
C ALA O 168 62.58 -3.99 -39.92
N LEU O 169 62.27 -5.02 -39.14
CA LEU O 169 61.00 -5.73 -39.25
C LEU O 169 59.84 -4.84 -38.78
N VAL O 173 56.26 -4.08 -45.11
CA VAL O 173 56.66 -5.35 -44.49
C VAL O 173 55.47 -5.96 -43.75
N HIS O 174 55.27 -7.27 -43.94
CA HIS O 174 54.16 -7.97 -43.32
C HIS O 174 54.59 -9.42 -43.07
N THR O 175 54.02 -10.02 -42.02
CA THR O 175 54.33 -11.39 -41.64
C THR O 175 53.07 -12.24 -41.71
N PHE O 176 53.28 -13.55 -41.85
CA PHE O 176 52.19 -14.51 -41.97
C PHE O 176 52.48 -15.71 -41.07
N PRO O 177 51.43 -16.32 -40.50
CA PRO O 177 51.65 -17.48 -39.63
C PRO O 177 52.15 -18.70 -40.40
N ALA O 178 52.40 -19.79 -39.66
CA ALA O 178 52.93 -21.02 -40.24
C ALA O 178 51.81 -22.06 -40.35
N VAL O 179 52.15 -23.20 -40.95
CA VAL O 179 51.20 -24.29 -41.12
C VAL O 179 52.01 -25.59 -41.27
N LEU O 180 51.46 -26.67 -40.73
CA LEU O 180 52.09 -27.98 -40.81
C LEU O 180 51.82 -28.54 -42.21
N GLN O 181 52.82 -28.48 -43.08
CA GLN O 181 52.67 -28.91 -44.46
C GLN O 181 52.68 -30.43 -44.54
N SER O 182 52.66 -30.96 -45.78
CA SER O 182 52.61 -32.40 -45.96
C SER O 182 53.89 -33.10 -45.53
N SER O 183 55.03 -32.39 -45.59
CA SER O 183 56.30 -32.97 -45.20
C SER O 183 56.47 -33.12 -43.69
N GLY O 184 55.49 -32.65 -42.90
CA GLY O 184 55.56 -32.77 -41.46
C GLY O 184 56.24 -31.63 -40.75
N LEU O 185 56.55 -30.54 -41.45
CA LEU O 185 57.22 -29.38 -40.86
C LEU O 185 56.40 -28.13 -41.15
N TYR O 186 56.96 -26.98 -40.78
CA TYR O 186 56.29 -25.69 -40.94
C TYR O 186 56.96 -24.87 -42.03
N SER O 187 56.33 -23.77 -42.38
CA SER O 187 56.85 -22.87 -43.41
C SER O 187 56.45 -21.44 -43.07
N LEU O 188 57.26 -20.50 -43.55
CA LEU O 188 57.02 -19.07 -43.32
C LEU O 188 57.34 -18.30 -44.59
N SER O 189 56.81 -17.09 -44.66
CA SER O 189 57.03 -16.21 -45.81
C SER O 189 56.84 -14.77 -45.37
N SER O 190 57.33 -13.85 -46.20
CA SER O 190 57.22 -12.43 -45.93
C SER O 190 57.05 -11.69 -47.24
N VAL O 191 56.65 -10.42 -47.14
CA VAL O 191 56.43 -9.58 -48.31
C VAL O 191 56.69 -8.13 -47.93
N VAL O 192 57.35 -7.39 -48.83
CA VAL O 192 57.61 -5.97 -48.64
C VAL O 192 57.10 -5.22 -49.87
N THR O 193 57.03 -3.90 -49.73
CA THR O 193 56.54 -3.02 -50.79
C THR O 193 57.68 -2.23 -51.39
N VAL O 194 57.70 -2.15 -52.73
CA VAL O 194 58.72 -1.39 -53.45
C VAL O 194 58.04 -0.47 -54.44
N PRO O 195 58.62 0.71 -54.74
CA PRO O 195 57.97 1.60 -55.71
C PRO O 195 57.92 1.04 -57.12
N SER O 196 58.91 0.23 -57.51
CA SER O 196 58.94 -0.35 -58.85
C SER O 196 59.73 -1.65 -58.80
N SER O 197 59.62 -2.42 -59.88
CA SER O 197 60.32 -3.69 -59.99
C SER O 197 61.81 -3.54 -60.26
N SER O 198 62.26 -2.35 -60.68
CA SER O 198 63.67 -2.11 -60.94
C SER O 198 64.50 -2.02 -59.67
N LEU O 199 63.87 -1.86 -58.52
CA LEU O 199 64.58 -1.74 -57.25
C LEU O 199 64.86 -3.10 -56.61
N GLY O 200 64.86 -4.17 -57.39
CA GLY O 200 65.15 -5.48 -56.85
C GLY O 200 66.61 -5.71 -56.52
N THR O 201 67.50 -4.87 -57.04
CA THR O 201 68.94 -5.00 -56.80
C THR O 201 69.42 -4.15 -55.63
N GLN O 202 68.52 -3.78 -54.72
CA GLN O 202 68.88 -2.97 -53.56
C GLN O 202 69.48 -3.88 -52.47
N THR O 203 69.64 -3.33 -51.28
CA THR O 203 70.26 -4.04 -50.16
C THR O 203 69.24 -4.65 -49.22
N TYR O 204 68.08 -5.06 -49.73
CA TYR O 204 67.08 -5.72 -48.90
C TYR O 204 67.59 -7.10 -48.49
N ILE O 205 67.75 -7.30 -47.18
CA ILE O 205 68.27 -8.55 -46.63
C ILE O 205 67.22 -9.14 -45.69
N CYS O 206 66.90 -10.41 -45.91
CA CYS O 206 65.95 -11.14 -45.07
C CYS O 206 66.69 -12.24 -44.33
N ASN O 207 66.65 -12.19 -43.00
CA ASN O 207 67.37 -13.12 -42.16
C ASN O 207 66.40 -13.92 -41.29
N VAL O 208 66.89 -15.05 -40.78
CA VAL O 208 66.13 -15.92 -39.89
C VAL O 208 66.99 -16.22 -38.67
N ASN O 209 66.41 -16.98 -37.74
CA ASN O 209 67.09 -17.35 -36.51
C ASN O 209 66.68 -18.76 -36.11
N HIS O 210 67.54 -19.40 -35.33
CA HIS O 210 67.28 -20.76 -34.86
C HIS O 210 67.90 -20.89 -33.47
N LYS O 211 67.07 -21.04 -32.44
CA LYS O 211 67.52 -21.11 -31.06
C LYS O 211 68.08 -22.49 -30.69
N PRO O 212 67.40 -23.61 -31.02
CA PRO O 212 67.95 -24.91 -30.59
C PRO O 212 69.30 -25.25 -31.20
N SER O 213 69.72 -24.57 -32.26
CA SER O 213 71.00 -24.86 -32.88
C SER O 213 71.94 -23.66 -32.94
N ASN O 214 71.47 -22.46 -32.58
CA ASN O 214 72.29 -21.24 -32.60
C ASN O 214 72.91 -21.01 -33.98
N THR O 215 72.07 -21.15 -35.01
CA THR O 215 72.48 -20.98 -36.40
C THR O 215 71.66 -19.87 -37.04
N LYS O 216 72.33 -18.93 -37.69
CA LYS O 216 71.68 -17.82 -38.37
C LYS O 216 72.02 -17.89 -39.85
N VAL O 217 70.97 -17.87 -40.69
CA VAL O 217 71.12 -17.94 -42.13
C VAL O 217 70.84 -16.57 -42.73
N ASP O 218 71.71 -16.12 -43.62
CA ASP O 218 71.59 -14.83 -44.28
C ASP O 218 71.33 -15.04 -45.77
N LYS O 219 70.42 -14.25 -46.32
CA LYS O 219 70.07 -14.34 -47.73
C LYS O 219 69.59 -12.99 -48.22
N ARG O 220 70.22 -12.48 -49.28
CA ARG O 220 69.86 -11.20 -49.86
C ARG O 220 68.78 -11.40 -50.92
N VAL O 221 67.75 -10.57 -50.87
CA VAL O 221 66.64 -10.65 -51.82
C VAL O 221 67.03 -9.83 -53.04
N GLU O 222 67.45 -10.52 -54.10
CA GLU O 222 67.86 -9.86 -55.33
C GLU O 222 66.80 -10.03 -56.42
N GLU P 1 -21.64 -46.81 20.24
CA GLU P 1 -20.88 -47.37 19.13
C GLU P 1 -20.02 -46.29 18.47
N PHE P 2 -18.70 -46.43 18.62
CA PHE P 2 -17.78 -45.46 18.05
C PHE P 2 -17.82 -45.50 16.53
N MET P 3 -17.86 -44.32 15.91
CA MET P 3 -17.96 -44.20 14.47
C MET P 3 -16.90 -43.24 13.96
N LEU P 4 -16.66 -43.31 12.64
CA LEU P 4 -15.70 -42.44 11.97
C LEU P 4 -16.34 -41.89 10.71
N THR P 5 -16.35 -40.57 10.58
CA THR P 5 -16.93 -39.88 9.42
C THR P 5 -15.87 -39.05 8.74
N GLN P 6 -15.68 -39.25 7.45
CA GLN P 6 -14.70 -38.56 6.64
C GLN P 6 -15.37 -38.04 5.38
N PRO P 7 -14.80 -37.01 4.74
CA PRO P 7 -15.42 -36.47 3.53
C PRO P 7 -15.48 -37.51 2.42
N HIS P 8 -16.50 -37.37 1.56
CA HIS P 8 -16.74 -38.37 0.54
C HIS P 8 -15.78 -38.23 -0.64
N SER P 9 -15.42 -36.99 -1.00
CA SER P 9 -14.54 -36.75 -2.13
C SER P 9 -13.62 -35.58 -1.84
N VAL P 10 -12.34 -35.74 -2.18
CA VAL P 10 -11.34 -34.69 -2.03
C VAL P 10 -10.58 -34.59 -3.35
N SER P 11 -10.43 -33.37 -3.86
CA SER P 11 -9.75 -33.14 -5.12
C SER P 11 -8.93 -31.87 -5.03
N GLU P 12 -7.72 -31.91 -5.58
CA GLU P 12 -6.82 -30.76 -5.57
C GLU P 12 -5.80 -30.93 -6.69
N SER P 13 -5.29 -29.81 -7.18
CA SER P 13 -4.32 -29.82 -8.26
C SER P 13 -3.03 -30.50 -7.80
N PRO P 14 -2.30 -31.15 -8.72
CA PRO P 14 -1.02 -31.76 -8.35
C PRO P 14 -0.04 -30.74 -7.81
N GLU P 15 1.00 -31.25 -7.14
CA GLU P 15 2.04 -30.50 -6.45
C GLU P 15 1.51 -29.73 -5.25
N MET P 16 0.21 -29.83 -4.94
CA MET P 16 -0.38 -29.18 -3.80
C MET P 16 -0.59 -30.20 -2.67
N THR P 17 -1.28 -29.79 -1.61
CA THR P 17 -1.49 -30.62 -0.44
C THR P 17 -2.97 -30.79 -0.18
N VAL P 18 -3.39 -32.03 0.07
CA VAL P 18 -4.77 -32.34 0.39
C VAL P 18 -4.85 -32.66 1.89
N THR P 19 -6.08 -32.79 2.38
CA THR P 19 -6.31 -33.09 3.79
C THR P 19 -7.58 -33.91 3.93
N ILE P 20 -7.45 -35.15 4.38
CA ILE P 20 -8.57 -36.04 4.65
C ILE P 20 -8.62 -36.27 6.15
N SER P 21 -9.77 -35.97 6.77
CA SER P 21 -9.91 -36.06 8.21
C SER P 21 -11.13 -36.91 8.56
N CYS P 22 -10.99 -37.72 9.61
CA CYS P 22 -12.08 -38.53 10.14
C CYS P 22 -12.32 -38.15 11.59
N THR P 23 -13.57 -37.85 11.93
CA THR P 23 -13.95 -37.39 13.26
C THR P 23 -14.77 -38.47 13.96
N GLY P 24 -14.39 -38.78 15.19
CA GLY P 24 -15.11 -39.76 15.99
C GLY P 24 -16.24 -39.10 16.75
N SER P 25 -17.44 -39.67 16.62
CA SER P 25 -18.63 -39.08 17.21
C SER P 25 -18.94 -39.68 18.59
N SER P 26 -19.20 -40.98 18.65
CA SER P 26 -19.62 -41.63 19.89
C SER P 26 -18.42 -42.26 20.60
N GLY P 27 -17.46 -41.42 20.94
CA GLY P 27 -16.29 -41.88 21.65
C GLY P 27 -15.11 -40.99 21.36
N SER P 28 -13.96 -41.36 21.94
CA SER P 28 -12.73 -40.60 21.80
C SER P 28 -11.90 -41.15 20.65
N ILE P 29 -11.02 -40.28 20.12
CA ILE P 29 -10.11 -40.67 19.05
C ILE P 29 -8.72 -40.99 19.56
N ALA P 30 -8.39 -40.61 20.80
CA ALA P 30 -7.06 -40.84 21.35
C ALA P 30 -6.96 -42.12 22.17
N ASP P 31 -8.08 -42.79 22.45
CA ASP P 31 -8.04 -44.02 23.22
C ASP P 31 -7.65 -45.24 22.38
N ASN P 32 -7.75 -45.14 21.06
CA ASN P 32 -7.39 -46.24 20.18
C ASN P 32 -6.60 -45.70 19.00
N TYR P 33 -5.83 -46.58 18.37
CA TYR P 33 -5.03 -46.20 17.22
C TYR P 33 -5.91 -45.96 16.00
N VAL P 34 -5.43 -45.08 15.12
CA VAL P 34 -6.11 -44.75 13.87
C VAL P 34 -5.17 -45.07 12.72
N GLN P 35 -5.68 -45.80 11.72
CA GLN P 35 -4.88 -46.23 10.59
C GLN P 35 -5.51 -45.77 9.28
N TRP P 36 -4.66 -45.49 8.31
CA TRP P 36 -5.09 -45.06 6.98
C TRP P 36 -4.64 -46.10 5.96
N TYR P 37 -5.60 -46.60 5.17
CA TYR P 37 -5.35 -47.65 4.20
C TYR P 37 -5.61 -47.09 2.80
N GLN P 38 -4.55 -46.99 2.00
CA GLN P 38 -4.67 -46.55 0.61
C GLN P 38 -5.08 -47.74 -0.24
N GLN P 39 -6.35 -47.79 -0.64
CA GLN P 39 -6.89 -48.87 -1.44
C GLN P 39 -6.99 -48.41 -2.89
N ARG P 40 -6.13 -48.94 -3.75
CA ARG P 40 -6.19 -48.63 -5.16
C ARG P 40 -7.36 -49.37 -5.80
N PRO P 41 -8.15 -48.70 -6.65
CA PRO P 41 -9.32 -49.34 -7.26
C PRO P 41 -8.92 -50.58 -8.05
N GLY P 42 -9.48 -51.72 -7.64
CA GLY P 42 -9.16 -52.99 -8.25
C GLY P 42 -8.14 -53.83 -7.53
N SER P 43 -7.68 -53.39 -6.35
CA SER P 43 -6.69 -54.12 -5.59
C SER P 43 -7.03 -54.02 -4.10
N ALA P 44 -6.31 -54.79 -3.30
CA ALA P 44 -6.53 -54.82 -1.86
C ALA P 44 -5.96 -53.57 -1.20
N PRO P 45 -6.50 -53.18 -0.05
CA PRO P 45 -5.97 -52.02 0.66
C PRO P 45 -4.54 -52.26 1.14
N THR P 46 -3.85 -51.17 1.43
CA THR P 46 -2.47 -51.22 1.89
C THR P 46 -2.25 -50.10 2.91
N THR P 47 -1.59 -50.45 4.01
CA THR P 47 -1.38 -49.48 5.08
C THR P 47 -0.36 -48.43 4.65
N VAL P 48 -0.72 -47.16 4.83
CA VAL P 48 0.20 -46.06 4.60
C VAL P 48 0.47 -45.24 5.85
N ILE P 49 -0.45 -45.21 6.81
CA ILE P 49 -0.24 -44.53 8.09
C ILE P 49 -0.82 -45.42 9.18
N TYR P 50 0.01 -45.86 10.11
CA TYR P 50 -0.42 -46.68 11.24
C TYR P 50 0.12 -46.08 12.53
N GLU P 51 -0.52 -46.45 13.64
CA GLU P 51 -0.20 -45.93 14.97
C GLU P 51 -0.31 -44.42 15.04
N ASN P 52 -1.04 -43.81 14.10
CA ASN P 52 -1.39 -42.40 14.05
C ASN P 52 -0.21 -41.51 13.70
N TYR P 53 1.01 -42.06 13.69
CA TYR P 53 2.18 -41.27 13.36
C TYR P 53 3.22 -42.02 12.55
N GLN P 54 3.02 -43.30 12.24
CA GLN P 54 4.04 -44.12 11.62
C GLN P 54 3.62 -44.50 10.21
N ARG P 55 4.62 -44.56 9.31
CA ARG P 55 4.41 -44.94 7.93
C ARG P 55 5.23 -46.19 7.62
N PRO P 56 4.67 -47.18 6.94
CA PRO P 56 5.43 -48.41 6.64
C PRO P 56 6.59 -48.13 5.70
N SER P 57 7.55 -49.06 5.72
CA SER P 57 8.69 -48.97 4.83
C SER P 57 8.26 -49.19 3.39
N GLY P 58 8.79 -48.38 2.48
CA GLY P 58 8.45 -48.43 1.08
C GLY P 58 7.43 -47.39 0.66
N VAL P 59 6.54 -47.01 1.56
CA VAL P 59 5.56 -45.96 1.26
C VAL P 59 6.28 -44.63 1.17
N PRO P 60 6.02 -43.81 0.14
CA PRO P 60 6.72 -42.52 0.02
C PRO P 60 6.44 -41.63 1.21
N ASN P 61 7.42 -40.78 1.53
CA ASN P 61 7.33 -39.86 2.66
C ASN P 61 6.35 -38.72 2.42
N ARG P 62 5.64 -38.72 1.29
CA ARG P 62 4.65 -37.68 1.02
C ARG P 62 3.45 -37.78 1.94
N PHE P 63 3.27 -38.89 2.63
CA PHE P 63 2.14 -39.11 3.52
C PHE P 63 2.53 -38.87 4.95
N SER P 64 1.61 -38.30 5.74
CA SER P 64 1.85 -38.03 7.14
C SER P 64 0.51 -37.96 7.86
N GLY P 65 0.47 -38.51 9.07
CA GLY P 65 -0.76 -38.53 9.85
C GLY P 65 -0.72 -37.62 11.06
N SER P 66 -1.88 -37.18 11.52
CA SER P 66 -1.96 -36.28 12.65
C SER P 66 -3.20 -36.60 13.47
N ILE P 67 -3.17 -36.19 14.74
CA ILE P 67 -4.26 -36.42 15.68
C ILE P 67 -4.61 -35.09 16.33
N ASP P 68 -5.90 -34.75 16.35
CA ASP P 68 -6.40 -33.53 16.97
C ASP P 68 -7.30 -33.94 18.11
N SER P 69 -6.82 -33.77 19.35
CA SER P 69 -7.59 -34.16 20.52
C SER P 69 -8.66 -33.15 20.88
N SER P 70 -8.46 -31.88 20.52
CA SER P 70 -9.44 -30.86 20.84
C SER P 70 -10.72 -31.03 20.01
N SER P 71 -10.56 -31.43 18.75
CA SER P 71 -11.70 -31.63 17.86
C SER P 71 -12.10 -33.09 17.73
N ASN P 72 -11.35 -34.00 18.36
CA ASN P 72 -11.64 -35.44 18.33
C ASN P 72 -11.68 -35.95 16.89
N SER P 73 -10.62 -35.64 16.13
CA SER P 73 -10.53 -36.02 14.73
C SER P 73 -9.12 -36.46 14.41
N ALA P 74 -8.99 -37.18 13.30
CA ALA P 74 -7.69 -37.65 12.81
C ALA P 74 -7.57 -37.27 11.35
N SER P 75 -6.52 -36.54 11.02
CA SER P 75 -6.32 -36.01 9.67
C SER P 75 -5.17 -36.74 8.99
N LEU P 76 -5.12 -36.58 7.66
CA LEU P 76 -4.08 -37.16 6.82
C LEU P 76 -3.56 -36.10 5.88
N THR P 77 -2.29 -35.74 6.02
CA THR P 77 -1.67 -34.71 5.20
C THR P 77 -0.85 -35.37 4.10
N ILE P 78 -1.19 -35.08 2.85
CA ILE P 78 -0.50 -35.62 1.68
C ILE P 78 -0.01 -34.43 0.86
N SER P 79 1.30 -34.17 0.92
CA SER P 79 1.90 -33.05 0.19
C SER P 79 2.67 -33.57 -1.01
N GLY P 80 2.49 -32.90 -2.15
CA GLY P 80 3.16 -33.30 -3.37
C GLY P 80 2.49 -34.49 -4.04
N LEU P 81 1.26 -34.30 -4.50
CA LEU P 81 0.50 -35.37 -5.11
C LEU P 81 1.23 -35.94 -6.33
N LYS P 82 0.86 -37.17 -6.70
CA LYS P 82 1.43 -37.85 -7.84
C LYS P 82 0.31 -38.56 -8.58
N THR P 83 0.66 -39.16 -9.73
CA THR P 83 -0.33 -39.81 -10.56
C THR P 83 -0.89 -41.07 -9.92
N GLU P 84 -0.09 -41.79 -9.15
CA GLU P 84 -0.55 -43.01 -8.50
C GLU P 84 -1.28 -42.75 -7.20
N ASP P 85 -1.35 -41.50 -6.74
CA ASP P 85 -2.05 -41.16 -5.51
C ASP P 85 -3.54 -40.95 -5.71
N GLU P 86 -4.11 -41.47 -6.81
CA GLU P 86 -5.53 -41.34 -7.09
C GLU P 86 -6.36 -42.44 -6.46
N ALA P 87 -5.84 -43.09 -5.42
CA ALA P 87 -6.53 -44.19 -4.76
C ALA P 87 -7.41 -43.67 -3.63
N ASP P 88 -8.21 -44.58 -3.07
CA ASP P 88 -9.09 -44.26 -1.96
C ASP P 88 -8.35 -44.45 -0.64
N TYR P 89 -8.64 -43.59 0.32
CA TYR P 89 -8.02 -43.63 1.64
C TYR P 89 -9.09 -43.91 2.70
N TYR P 90 -8.86 -44.94 3.50
CA TYR P 90 -9.81 -45.37 4.52
C TYR P 90 -9.22 -45.18 5.90
N CYS P 91 -9.92 -44.45 6.75
CA CYS P 91 -9.51 -44.21 8.13
C CYS P 91 -10.19 -45.23 9.04
N GLN P 92 -9.39 -46.04 9.72
CA GLN P 92 -9.89 -47.13 10.55
C GLN P 92 -9.35 -47.00 11.97
N SER P 93 -10.22 -47.25 12.94
CA SER P 93 -9.86 -47.24 14.35
C SER P 93 -10.61 -48.36 15.05
N TYR P 94 -10.56 -48.36 16.38
CA TYR P 94 -11.17 -49.41 17.18
C TYR P 94 -12.06 -48.81 18.26
N ASP P 95 -13.17 -49.48 18.53
CA ASP P 95 -14.04 -49.09 19.63
C ASP P 95 -13.48 -49.65 20.95
N ASN P 96 -13.99 -49.12 22.06
CA ASN P 96 -13.55 -49.57 23.38
C ASN P 96 -13.93 -51.03 23.64
N SER P 97 -14.95 -51.54 22.97
CA SER P 97 -15.35 -52.94 23.10
C SER P 97 -14.58 -53.85 22.15
N ASN P 98 -13.41 -53.41 21.67
CA ASN P 98 -12.58 -54.17 20.74
C ASN P 98 -13.35 -54.46 19.44
N VAL P 99 -13.93 -53.42 18.87
CA VAL P 99 -14.66 -53.49 17.61
C VAL P 99 -13.96 -52.56 16.62
N ALA P 100 -13.50 -53.13 15.51
CA ALA P 100 -12.81 -52.33 14.50
C ALA P 100 -13.80 -51.43 13.78
N VAL P 101 -13.52 -50.13 13.77
CA VAL P 101 -14.38 -49.13 13.17
C VAL P 101 -13.70 -48.60 11.92
N PHE P 102 -14.35 -48.78 10.77
CA PHE P 102 -13.85 -48.30 9.50
C PHE P 102 -14.55 -47.01 9.11
N GLY P 103 -13.83 -46.14 8.40
CA GLY P 103 -14.38 -44.89 7.92
C GLY P 103 -15.28 -45.10 6.72
N GLY P 104 -15.87 -43.98 6.27
CA GLY P 104 -16.78 -44.04 5.14
C GLY P 104 -16.11 -44.14 3.79
N GLY P 105 -14.82 -43.83 3.71
CA GLY P 105 -14.12 -43.87 2.45
C GLY P 105 -14.05 -42.53 1.76
N THR P 106 -12.85 -42.15 1.30
CA THR P 106 -12.64 -40.87 0.63
C THR P 106 -11.92 -41.11 -0.67
N GLN P 107 -12.50 -40.63 -1.78
CA GLN P 107 -11.90 -40.77 -3.09
C GLN P 107 -11.04 -39.55 -3.38
N LEU P 108 -9.73 -39.75 -3.45
CA LEU P 108 -8.79 -38.67 -3.76
C LEU P 108 -8.30 -38.82 -5.19
N THR P 109 -8.16 -37.69 -5.88
CA THR P 109 -7.68 -37.70 -7.26
C THR P 109 -6.96 -36.40 -7.54
N VAL P 110 -6.04 -36.44 -8.49
CA VAL P 110 -5.31 -35.25 -8.93
C VAL P 110 -6.09 -34.59 -10.06
N LEU P 111 -5.99 -33.26 -10.13
CA LEU P 111 -6.73 -32.49 -11.13
C LEU P 111 -5.88 -32.37 -12.39
N GLY P 112 -5.89 -33.45 -13.18
CA GLY P 112 -5.18 -33.46 -14.44
C GLY P 112 -5.82 -32.55 -15.48
N GLN P 113 -7.03 -32.89 -15.90
CA GLN P 113 -7.78 -32.07 -16.84
C GLN P 113 -8.70 -31.12 -16.09
N PRO P 114 -9.06 -29.98 -16.71
CA PRO P 114 -9.93 -29.03 -16.03
C PRO P 114 -11.29 -29.64 -15.71
N LYS P 115 -11.84 -29.24 -14.56
CA LYS P 115 -13.13 -29.76 -14.12
C LYS P 115 -14.25 -29.19 -14.98
N ALA P 116 -15.20 -30.05 -15.33
CA ALA P 116 -16.35 -29.66 -16.14
C ALA P 116 -17.64 -29.93 -15.37
N ALA P 117 -18.65 -29.12 -15.66
CA ALA P 117 -19.94 -29.29 -14.98
C ALA P 117 -20.62 -30.56 -15.46
N PRO P 118 -21.27 -31.31 -14.56
CA PRO P 118 -21.89 -32.57 -14.96
C PRO P 118 -23.12 -32.34 -15.82
N SER P 119 -23.54 -33.39 -16.51
CA SER P 119 -24.70 -33.37 -17.38
C SER P 119 -25.80 -34.25 -16.81
N VAL P 120 -27.05 -33.92 -17.15
CA VAL P 120 -28.22 -34.64 -16.68
C VAL P 120 -28.97 -35.15 -17.91
N THR P 121 -29.35 -36.43 -17.88
CA THR P 121 -30.04 -37.09 -18.99
C THR P 121 -31.24 -37.88 -18.48
N LEU P 122 -32.07 -37.22 -17.67
CA LEU P 122 -33.28 -37.84 -17.13
C LEU P 122 -34.12 -38.46 -18.24
N PHE P 123 -34.42 -39.75 -18.09
CA PHE P 123 -35.17 -40.50 -19.09
C PHE P 123 -36.41 -41.11 -18.45
N PRO P 124 -37.60 -40.86 -18.98
CA PRO P 124 -38.81 -41.48 -18.43
C PRO P 124 -38.90 -42.93 -18.88
N PRO P 125 -39.81 -43.71 -18.28
CA PRO P 125 -40.00 -45.09 -18.73
C PRO P 125 -40.45 -45.14 -20.19
N SER P 126 -40.02 -46.21 -20.87
CA SER P 126 -40.35 -46.38 -22.27
C SER P 126 -41.73 -47.02 -22.42
N SER P 127 -42.20 -47.12 -23.67
CA SER P 127 -43.50 -47.72 -23.94
C SER P 127 -43.49 -49.21 -23.60
N GLU P 128 -42.52 -49.96 -24.14
CA GLU P 128 -42.41 -51.37 -23.81
C GLU P 128 -42.06 -51.57 -22.34
N GLU P 129 -41.31 -50.63 -21.74
CA GLU P 129 -41.02 -50.71 -20.32
C GLU P 129 -42.29 -50.58 -19.49
N LEU P 130 -43.17 -49.63 -19.86
CA LEU P 130 -44.45 -49.52 -19.17
C LEU P 130 -45.32 -50.73 -19.42
N GLN P 131 -45.26 -51.32 -20.61
CA GLN P 131 -45.99 -52.55 -20.87
C GLN P 131 -45.46 -53.71 -20.03
N ALA P 132 -44.18 -53.67 -19.66
CA ALA P 132 -43.59 -54.67 -18.79
C ALA P 132 -43.88 -54.44 -17.32
N ASN P 133 -44.77 -53.49 -16.99
CA ASN P 133 -45.17 -53.22 -15.62
C ASN P 133 -43.98 -52.80 -14.75
N LYS P 134 -43.07 -52.03 -15.35
CA LYS P 134 -41.90 -51.52 -14.64
C LYS P 134 -41.62 -50.10 -15.12
N ALA P 135 -40.97 -49.33 -14.24
CA ALA P 135 -40.63 -47.94 -14.53
C ALA P 135 -39.17 -47.79 -14.97
N THR P 136 -38.24 -48.20 -14.13
CA THR P 136 -36.81 -48.14 -14.40
C THR P 136 -36.38 -46.72 -14.81
N LEU P 137 -36.53 -45.80 -13.86
CA LEU P 137 -36.11 -44.41 -14.07
C LEU P 137 -34.60 -44.33 -13.87
N VAL P 138 -33.89 -43.82 -14.87
CA VAL P 138 -32.44 -43.75 -14.84
C VAL P 138 -31.98 -42.32 -15.07
N CYS P 139 -30.78 -42.01 -14.60
CA CYS P 139 -30.14 -40.71 -14.78
C CYS P 139 -28.71 -40.97 -15.23
N LEU P 140 -28.51 -41.08 -16.55
CA LEU P 140 -27.20 -41.38 -17.13
C LEU P 140 -26.35 -40.11 -17.14
N ILE P 141 -25.93 -39.72 -15.94
CA ILE P 141 -25.11 -38.52 -15.79
C ILE P 141 -23.76 -38.73 -16.45
N SER P 142 -23.21 -37.66 -17.02
CA SER P 142 -21.95 -37.74 -17.74
C SER P 142 -21.27 -36.36 -17.69
N ASP P 143 -20.08 -36.30 -18.30
CA ASP P 143 -19.30 -35.07 -18.45
C ASP P 143 -18.92 -34.47 -17.09
N PHE P 144 -18.16 -35.25 -16.33
CA PHE P 144 -17.56 -34.76 -15.09
C PHE P 144 -16.29 -35.54 -14.80
N TYR P 145 -15.19 -34.80 -14.60
CA TYR P 145 -13.89 -35.41 -14.34
C TYR P 145 -13.72 -35.88 -12.89
N PRO P 146 -13.97 -35.04 -11.88
CA PRO P 146 -13.73 -35.49 -10.50
C PRO P 146 -14.62 -36.65 -10.11
N GLY P 147 -14.13 -37.47 -9.20
CA GLY P 147 -14.86 -38.65 -8.75
C GLY P 147 -15.88 -38.37 -7.67
N ALA P 148 -16.43 -37.16 -7.66
CA ALA P 148 -17.45 -36.77 -6.68
C ALA P 148 -18.84 -37.15 -7.17
N VAL P 149 -19.01 -38.43 -7.50
CA VAL P 149 -20.29 -38.94 -8.02
C VAL P 149 -21.26 -39.06 -6.85
N THR P 150 -22.28 -38.21 -6.85
CA THR P 150 -23.32 -38.24 -5.83
C THR P 150 -24.68 -38.28 -6.50
N VAL P 151 -25.65 -38.91 -5.83
CA VAL P 151 -27.01 -39.04 -6.34
C VAL P 151 -27.97 -38.81 -5.18
N ALA P 152 -28.86 -37.83 -5.34
CA ALA P 152 -29.88 -37.52 -4.34
C ALA P 152 -31.24 -37.57 -5.03
N TRP P 153 -32.03 -38.60 -4.72
CA TRP P 153 -33.34 -38.76 -5.32
C TRP P 153 -34.39 -37.96 -4.56
N LYS P 154 -35.41 -37.51 -5.30
CA LYS P 154 -36.48 -36.71 -4.73
C LYS P 154 -37.71 -36.83 -5.61
N ALA P 155 -38.86 -37.08 -4.99
CA ALA P 155 -40.12 -37.11 -5.70
C ALA P 155 -40.68 -35.70 -5.84
N ASP P 156 -41.95 -35.58 -6.22
CA ASP P 156 -42.56 -34.27 -6.39
C ASP P 156 -42.56 -33.48 -5.08
N SER P 157 -42.85 -34.15 -3.96
CA SER P 157 -42.91 -33.47 -2.67
C SER P 157 -42.12 -34.22 -1.60
N SER P 158 -41.97 -35.52 -1.77
CA SER P 158 -41.34 -36.39 -0.78
C SER P 158 -39.97 -36.87 -1.26
N PRO P 159 -39.10 -37.25 -0.34
CA PRO P 159 -37.82 -37.84 -0.75
C PRO P 159 -37.99 -39.29 -1.18
N VAL P 160 -36.98 -39.77 -1.91
CA VAL P 160 -36.95 -41.13 -2.42
C VAL P 160 -35.69 -41.80 -1.93
N LYS P 161 -35.84 -42.96 -1.29
CA LYS P 161 -34.70 -43.72 -0.76
C LYS P 161 -34.66 -45.15 -1.26
N ALA P 162 -35.82 -45.79 -1.44
CA ALA P 162 -35.86 -47.15 -1.92
C ALA P 162 -35.67 -47.20 -3.43
N GLY P 163 -34.93 -48.20 -3.90
CA GLY P 163 -34.69 -48.37 -5.31
C GLY P 163 -33.44 -47.72 -5.84
N VAL P 164 -32.66 -47.05 -4.99
CA VAL P 164 -31.44 -46.38 -5.45
C VAL P 164 -30.39 -47.43 -5.75
N GLU P 165 -29.94 -47.46 -7.01
CA GLU P 165 -28.94 -48.42 -7.47
C GLU P 165 -27.85 -47.71 -8.27
N THR P 166 -27.34 -46.61 -7.73
CA THR P 166 -26.29 -45.85 -8.39
C THR P 166 -25.03 -46.70 -8.52
N THR P 167 -24.46 -46.72 -9.72
CA THR P 167 -23.29 -47.54 -10.01
C THR P 167 -22.00 -46.77 -9.70
N THR P 168 -20.90 -47.50 -9.73
CA THR P 168 -19.60 -46.92 -9.47
C THR P 168 -19.20 -45.98 -10.60
N PRO P 169 -18.31 -45.01 -10.32
CA PRO P 169 -17.87 -44.10 -11.39
C PRO P 169 -17.14 -44.85 -12.49
N SER P 170 -17.73 -44.83 -13.68
CA SER P 170 -17.17 -45.49 -14.85
C SER P 170 -16.69 -44.45 -15.85
N LYS P 171 -15.53 -44.71 -16.44
CA LYS P 171 -14.90 -43.77 -17.37
C LYS P 171 -15.36 -44.05 -18.80
N GLN P 172 -15.63 -42.99 -19.55
CA GLN P 172 -16.03 -43.12 -20.94
C GLN P 172 -14.82 -43.41 -21.81
N SER P 173 -15.05 -43.48 -23.13
CA SER P 173 -13.97 -43.70 -24.08
C SER P 173 -13.16 -42.44 -24.32
N ASN P 174 -13.66 -41.27 -23.94
CA ASN P 174 -12.98 -40.00 -24.14
C ASN P 174 -12.28 -39.52 -22.86
N ASN P 175 -11.90 -40.45 -21.99
CA ASN P 175 -11.19 -40.15 -20.75
C ASN P 175 -12.00 -39.18 -19.87
N LYS P 176 -13.22 -39.62 -19.54
CA LYS P 176 -14.10 -38.83 -18.70
C LYS P 176 -15.10 -39.77 -18.03
N TYR P 177 -15.47 -39.42 -16.79
CA TYR P 177 -16.30 -40.30 -15.97
C TYR P 177 -17.78 -40.04 -16.21
N ALA P 178 -18.58 -41.10 -16.05
CA ALA P 178 -20.02 -41.02 -16.19
C ALA P 178 -20.64 -42.14 -15.36
N ALA P 179 -21.81 -41.88 -14.79
CA ALA P 179 -22.48 -42.82 -13.91
C ALA P 179 -23.95 -42.91 -14.28
N SER P 180 -24.65 -43.85 -13.64
CA SER P 180 -26.06 -44.10 -13.87
C SER P 180 -26.78 -44.18 -12.54
N SER P 181 -27.89 -43.46 -12.42
CA SER P 181 -28.72 -43.46 -11.22
C SER P 181 -29.97 -44.27 -11.51
N TYR P 182 -29.88 -45.58 -11.31
CA TYR P 182 -31.03 -46.46 -11.49
C TYR P 182 -32.08 -46.21 -10.41
N LEU P 183 -33.32 -46.57 -10.74
CA LEU P 183 -34.42 -46.49 -9.78
C LEU P 183 -35.55 -47.37 -10.27
N SER P 184 -36.04 -48.23 -9.38
CA SER P 184 -37.15 -49.13 -9.68
C SER P 184 -38.36 -48.68 -8.87
N LEU P 185 -39.46 -48.38 -9.57
CA LEU P 185 -40.67 -47.89 -8.94
C LEU P 185 -41.87 -48.68 -9.43
N THR P 186 -42.87 -48.81 -8.57
CA THR P 186 -44.11 -49.48 -8.94
C THR P 186 -44.84 -48.63 -9.99
N PRO P 187 -45.34 -49.23 -11.06
CA PRO P 187 -46.08 -48.44 -12.06
C PRO P 187 -47.29 -47.73 -11.48
N GLU P 188 -47.91 -48.28 -10.43
CA GLU P 188 -48.99 -47.57 -9.75
C GLU P 188 -48.47 -46.30 -9.10
N GLN P 189 -47.25 -46.34 -8.55
CA GLN P 189 -46.66 -45.14 -7.98
C GLN P 189 -46.32 -44.12 -9.06
N TRP P 190 -45.83 -44.58 -10.21
CA TRP P 190 -45.55 -43.67 -11.31
C TRP P 190 -46.82 -43.04 -11.87
N LYS P 191 -47.93 -43.77 -11.82
CA LYS P 191 -49.20 -43.22 -12.29
C LYS P 191 -49.82 -42.28 -11.26
N SER P 192 -49.59 -42.53 -9.98
CA SER P 192 -50.17 -41.67 -8.94
C SER P 192 -49.33 -40.42 -8.72
N HIS P 193 -48.02 -40.57 -8.61
CA HIS P 193 -47.15 -39.43 -8.38
C HIS P 193 -47.09 -38.54 -9.62
N ARG P 194 -46.74 -37.27 -9.39
CA ARG P 194 -46.68 -36.31 -10.49
C ARG P 194 -45.36 -36.38 -11.23
N SER P 195 -44.25 -36.20 -10.52
CA SER P 195 -42.94 -36.20 -11.14
C SER P 195 -41.88 -36.51 -10.08
N TYR P 196 -40.67 -36.77 -10.55
CA TYR P 196 -39.54 -37.06 -9.69
C TYR P 196 -38.35 -36.20 -10.09
N SER P 197 -37.35 -36.15 -9.21
CA SER P 197 -36.15 -35.36 -9.44
C SER P 197 -34.92 -36.21 -9.17
N CYS P 198 -33.86 -35.93 -9.94
CA CYS P 198 -32.59 -36.65 -9.83
C CYS P 198 -31.50 -35.62 -9.57
N GLN P 199 -31.29 -35.29 -8.30
CA GLN P 199 -30.28 -34.31 -7.92
C GLN P 199 -28.91 -34.95 -7.90
N VAL P 200 -27.95 -34.34 -8.59
CA VAL P 200 -26.60 -34.88 -8.68
C VAL P 200 -25.72 -34.32 -7.57
N THR P 201 -25.62 -33.00 -7.48
CA THR P 201 -24.77 -32.31 -6.49
C THR P 201 -23.33 -32.77 -6.60
N HIS P 202 -22.74 -32.51 -7.77
CA HIS P 202 -21.36 -32.87 -8.06
C HIS P 202 -20.45 -31.70 -7.77
N GLU P 203 -19.50 -31.90 -6.86
CA GLU P 203 -18.54 -30.87 -6.45
C GLU P 203 -19.25 -29.61 -5.94
N GLY P 204 -20.32 -29.82 -5.17
CA GLY P 204 -21.08 -28.72 -4.59
C GLY P 204 -22.17 -28.16 -5.47
N SER P 205 -21.93 -28.11 -6.78
CA SER P 205 -22.92 -27.60 -7.72
C SER P 205 -24.10 -28.56 -7.78
N THR P 206 -25.23 -28.17 -7.16
CA THR P 206 -26.42 -29.02 -7.10
C THR P 206 -27.12 -28.97 -8.44
N VAL P 207 -26.63 -29.77 -9.38
CA VAL P 207 -27.27 -29.90 -10.69
C VAL P 207 -28.51 -30.77 -10.53
N GLU P 208 -29.67 -30.20 -10.87
CA GLU P 208 -30.94 -30.87 -10.66
C GLU P 208 -31.76 -30.83 -11.95
N LYS P 209 -32.35 -31.96 -12.30
CA LYS P 209 -33.25 -32.04 -13.45
C LYS P 209 -34.37 -33.02 -13.12
N THR P 210 -35.60 -32.63 -13.44
CA THR P 210 -36.78 -33.44 -13.15
C THR P 210 -37.29 -34.10 -14.43
N VAL P 211 -38.17 -35.08 -14.23
CA VAL P 211 -38.79 -35.80 -15.33
C VAL P 211 -40.26 -36.02 -14.99
N ALA P 212 -41.14 -35.77 -15.96
CA ALA P 212 -42.57 -35.89 -15.78
C ALA P 212 -43.19 -36.49 -17.02
N PRO P 213 -44.26 -37.30 -16.86
CA PRO P 213 -44.96 -37.92 -17.99
C PRO P 213 -45.52 -36.90 -18.98
N GLU Q 1 27.13 -43.52 -38.82
CA GLU Q 1 27.62 -42.16 -39.02
C GLU Q 1 26.47 -41.16 -39.07
N PHE Q 2 26.31 -40.39 -38.00
CA PHE Q 2 25.27 -39.38 -37.91
C PHE Q 2 25.69 -38.17 -38.74
N MET Q 3 25.23 -38.13 -39.99
CA MET Q 3 25.66 -37.10 -40.92
C MET Q 3 25.19 -35.73 -40.46
N LEU Q 4 26.15 -34.83 -40.19
CA LEU Q 4 25.87 -33.46 -39.82
C LEU Q 4 26.93 -32.56 -40.45
N THR Q 5 26.52 -31.34 -40.78
CA THR Q 5 27.42 -30.39 -41.44
C THR Q 5 26.98 -28.97 -41.11
N GLN Q 6 27.78 -28.27 -40.31
CA GLN Q 6 27.51 -26.88 -40.01
C GLN Q 6 28.02 -25.98 -41.14
N PRO Q 7 27.37 -24.84 -41.36
CA PRO Q 7 27.84 -23.91 -42.40
C PRO Q 7 29.23 -23.39 -42.10
N HIS Q 8 29.82 -22.76 -43.12
CA HIS Q 8 31.19 -22.25 -42.99
C HIS Q 8 31.23 -21.04 -42.07
N SER Q 9 30.54 -19.97 -42.44
CA SER Q 9 30.56 -18.74 -41.65
C SER Q 9 29.29 -17.96 -41.92
N VAL Q 10 28.81 -17.26 -40.88
CA VAL Q 10 27.63 -16.43 -40.97
C VAL Q 10 27.97 -15.04 -40.42
N SER Q 11 27.62 -14.00 -41.18
CA SER Q 11 27.90 -12.63 -40.80
C SER Q 11 26.68 -11.77 -41.05
N GLU Q 12 26.24 -11.05 -40.01
CA GLU Q 12 25.07 -10.18 -40.10
C GLU Q 12 25.34 -8.89 -39.34
N SER Q 13 24.40 -7.96 -39.45
CA SER Q 13 24.52 -6.69 -38.77
C SER Q 13 24.34 -6.88 -37.26
N PRO Q 14 24.89 -5.97 -36.46
CA PRO Q 14 24.74 -6.10 -35.00
C PRO Q 14 23.29 -5.98 -34.56
N GLU Q 15 23.02 -6.54 -33.38
CA GLU Q 15 21.69 -6.51 -32.76
C GLU Q 15 20.63 -7.20 -33.62
N MET Q 16 21.06 -8.13 -34.47
CA MET Q 16 20.15 -8.91 -35.29
C MET Q 16 19.99 -10.32 -34.70
N THR Q 17 19.28 -11.18 -35.43
CA THR Q 17 19.06 -12.56 -35.01
C THR Q 17 19.45 -13.49 -36.14
N VAL Q 18 20.28 -14.49 -35.83
CA VAL Q 18 20.76 -15.44 -36.82
C VAL Q 18 20.20 -16.82 -36.48
N THR Q 19 20.19 -17.69 -37.48
CA THR Q 19 19.69 -19.05 -37.34
C THR Q 19 20.54 -19.99 -38.17
N ILE Q 20 21.09 -21.02 -37.52
CA ILE Q 20 21.92 -22.01 -38.19
C ILE Q 20 21.40 -23.40 -37.85
N SER Q 21 21.77 -24.37 -38.68
CA SER Q 21 21.35 -25.75 -38.50
C SER Q 21 22.55 -26.67 -38.74
N CYS Q 22 22.41 -27.91 -38.28
CA CYS Q 22 23.46 -28.90 -38.42
C CYS Q 22 23.41 -29.65 -39.75
N THR Q 23 22.34 -29.47 -40.53
CA THR Q 23 22.17 -30.11 -41.83
C THR Q 23 22.30 -31.63 -41.72
N GLY Q 24 21.35 -32.23 -40.99
CA GLY Q 24 21.37 -33.67 -40.78
C GLY Q 24 20.89 -34.42 -42.01
N SER Q 25 21.54 -35.56 -42.27
CA SER Q 25 21.17 -36.38 -43.42
C SER Q 25 21.17 -37.88 -43.11
N SER Q 26 21.22 -38.27 -41.85
CA SER Q 26 21.23 -39.67 -41.48
C SER Q 26 20.45 -39.87 -40.19
N GLY Q 27 19.76 -41.01 -40.09
CA GLY Q 27 18.99 -41.31 -38.90
C GLY Q 27 17.77 -40.42 -38.76
N SER Q 28 17.43 -40.10 -37.52
CA SER Q 28 16.30 -39.26 -37.19
C SER Q 28 16.78 -38.07 -36.37
N ILE Q 29 15.83 -37.28 -35.86
CA ILE Q 29 16.14 -36.09 -35.09
C ILE Q 29 15.90 -36.28 -33.59
N ALA Q 30 15.04 -37.22 -33.19
CA ALA Q 30 14.72 -37.43 -31.78
C ALA Q 30 15.31 -38.72 -31.23
N ASP Q 31 16.17 -39.39 -31.99
CA ASP Q 31 16.78 -40.62 -31.49
C ASP Q 31 17.75 -40.36 -30.35
N ASN Q 32 18.38 -39.18 -30.34
CA ASN Q 32 19.33 -38.80 -29.30
C ASN Q 32 19.19 -37.31 -29.01
N TYR Q 33 19.41 -36.95 -27.76
CA TYR Q 33 19.29 -35.55 -27.32
C TYR Q 33 20.46 -34.76 -27.90
N VAL Q 34 20.18 -33.96 -28.93
CA VAL Q 34 21.21 -33.15 -29.56
C VAL Q 34 21.38 -31.86 -28.77
N GLN Q 35 22.63 -31.53 -28.43
CA GLN Q 35 22.94 -30.34 -27.67
C GLN Q 35 23.76 -29.37 -28.52
N TRP Q 36 23.89 -28.15 -28.03
CA TRP Q 36 24.66 -27.10 -28.70
C TRP Q 36 25.87 -26.75 -27.86
N TYR Q 37 27.00 -26.53 -28.53
CA TYR Q 37 28.26 -26.24 -27.87
C TYR Q 37 28.91 -25.02 -28.50
N GLN Q 38 29.76 -24.36 -27.72
CA GLN Q 38 30.47 -23.17 -28.14
C GLN Q 38 31.96 -23.34 -27.81
N GLN Q 39 32.82 -23.02 -28.78
CA GLN Q 39 34.26 -23.17 -28.62
C GLN Q 39 34.97 -21.96 -29.17
N ARG Q 40 36.00 -21.51 -28.43
CA ARG Q 40 36.86 -20.40 -28.82
C ARG Q 40 38.17 -20.92 -29.42
N PRO Q 41 38.76 -20.18 -30.35
CA PRO Q 41 40.03 -20.61 -30.94
C PRO Q 41 41.12 -20.71 -29.89
N GLY Q 42 41.61 -21.93 -29.67
CA GLY Q 42 42.63 -22.18 -28.68
C GLY Q 42 42.13 -22.52 -27.30
N SER Q 43 40.86 -22.91 -27.17
CA SER Q 43 40.28 -23.26 -25.88
C SER Q 43 39.35 -24.45 -26.04
N ALA Q 44 38.99 -25.05 -24.91
CA ALA Q 44 38.11 -26.21 -24.93
C ALA Q 44 36.67 -25.77 -25.19
N PRO Q 45 35.87 -26.60 -25.85
CA PRO Q 45 34.46 -26.25 -26.09
C PRO Q 45 33.69 -26.14 -24.79
N THR Q 46 32.71 -25.24 -24.78
CA THR Q 46 31.86 -25.00 -23.62
C THR Q 46 30.44 -25.44 -23.93
N THR Q 47 29.77 -26.04 -22.94
CA THR Q 47 28.41 -26.53 -23.08
C THR Q 47 27.45 -25.35 -22.87
N VAL Q 48 27.14 -24.64 -23.95
CA VAL Q 48 26.22 -23.52 -23.85
C VAL Q 48 24.79 -24.00 -23.62
N ILE Q 49 24.41 -25.10 -24.28
CA ILE Q 49 23.09 -25.71 -24.10
C ILE Q 49 23.29 -27.22 -24.02
N TYR Q 50 22.80 -27.83 -22.95
CA TYR Q 50 23.02 -29.25 -22.69
C TYR Q 50 21.81 -30.10 -23.05
N GLU Q 51 20.83 -29.56 -23.76
CA GLU Q 51 19.63 -30.32 -24.11
C GLU Q 51 18.99 -29.67 -25.33
N ASN Q 52 17.99 -30.35 -25.88
CA ASN Q 52 17.29 -29.81 -27.04
C ASN Q 52 16.43 -28.61 -26.67
N TYR Q 53 15.88 -28.58 -25.46
CA TYR Q 53 15.02 -27.48 -25.06
C TYR Q 53 15.45 -26.89 -23.71
N GLN Q 54 16.11 -27.70 -22.89
CA GLN Q 54 16.50 -27.25 -21.56
C GLN Q 54 17.82 -26.49 -21.62
N ARG Q 55 18.01 -25.59 -20.66
CA ARG Q 55 19.21 -24.77 -20.54
C ARG Q 55 19.99 -25.16 -19.29
N PRO Q 56 21.33 -25.08 -19.33
CA PRO Q 56 22.12 -25.45 -18.16
C PRO Q 56 22.01 -24.44 -17.02
N SER Q 57 22.75 -24.66 -15.94
CA SER Q 57 22.66 -23.79 -14.78
C SER Q 57 23.21 -22.40 -15.10
N GLY Q 58 24.44 -22.34 -15.59
CA GLY Q 58 25.06 -21.07 -15.91
C GLY Q 58 25.21 -20.82 -17.40
N VAL Q 59 24.41 -19.91 -17.93
CA VAL Q 59 24.42 -19.60 -19.36
C VAL Q 59 23.68 -18.28 -19.59
N PRO Q 60 24.20 -17.38 -20.42
CA PRO Q 60 23.44 -16.17 -20.76
C PRO Q 60 22.17 -16.53 -21.51
N ASN Q 61 21.04 -16.02 -21.01
CA ASN Q 61 19.74 -16.35 -21.58
C ASN Q 61 19.53 -15.62 -22.91
N ARG Q 62 20.25 -16.04 -23.95
CA ARG Q 62 20.10 -15.44 -25.27
C ARG Q 62 20.14 -16.49 -26.37
N PHE Q 63 19.97 -17.77 -26.04
CA PHE Q 63 20.02 -18.84 -27.02
C PHE Q 63 18.76 -19.69 -26.92
N SER Q 64 18.26 -20.15 -28.06
CA SER Q 64 17.09 -21.01 -28.12
C SER Q 64 17.16 -21.85 -29.38
N GLY Q 65 16.94 -23.15 -29.23
CA GLY Q 65 17.04 -24.08 -30.33
C GLY Q 65 15.68 -24.40 -30.93
N SER Q 66 15.58 -24.23 -32.25
CA SER Q 66 14.35 -24.53 -32.98
C SER Q 66 14.40 -26.00 -33.42
N ILE Q 67 14.05 -26.87 -32.48
CA ILE Q 67 14.10 -28.31 -32.75
C ILE Q 67 12.85 -28.75 -33.52
N ASP Q 68 11.73 -28.05 -33.35
CA ASP Q 68 10.47 -28.43 -33.99
C ASP Q 68 10.55 -28.12 -35.47
N SER Q 69 10.89 -29.13 -36.27
CA SER Q 69 10.98 -28.95 -37.72
C SER Q 69 10.38 -30.11 -38.50
N SER Q 70 9.76 -31.08 -37.85
CA SER Q 70 9.13 -32.26 -38.46
C SER Q 70 10.13 -33.11 -39.24
N SER Q 71 11.42 -32.84 -39.10
CA SER Q 71 12.47 -33.59 -39.79
C SER Q 71 13.77 -33.38 -39.03
N ASN Q 72 14.89 -33.76 -39.65
CA ASN Q 72 16.20 -33.59 -39.05
C ASN Q 72 16.65 -32.14 -39.24
N SER Q 73 17.93 -31.87 -38.97
CA SER Q 73 18.54 -30.55 -39.16
C SER Q 73 17.83 -29.50 -38.30
N ALA Q 74 17.88 -29.73 -36.98
CA ALA Q 74 17.29 -28.79 -36.04
C ALA Q 74 18.05 -27.46 -36.08
N SER Q 75 17.32 -26.39 -35.84
CA SER Q 75 17.86 -25.03 -35.93
C SER Q 75 18.15 -24.48 -34.54
N LEU Q 76 18.99 -23.45 -34.51
CA LEU Q 76 19.36 -22.75 -33.29
C LEU Q 76 19.29 -21.25 -33.53
N THR Q 77 18.52 -20.55 -32.71
CA THR Q 77 18.33 -19.12 -32.84
C THR Q 77 19.23 -18.39 -31.83
N ILE Q 78 19.94 -17.37 -32.30
CA ILE Q 78 20.84 -16.58 -31.48
C ILE Q 78 20.41 -15.13 -31.58
N SER Q 79 20.10 -14.52 -30.44
CA SER Q 79 19.66 -13.13 -30.39
C SER Q 79 20.66 -12.30 -29.60
N GLY Q 80 20.79 -11.03 -29.98
CA GLY Q 80 21.69 -10.12 -29.31
C GLY Q 80 23.15 -10.41 -29.58
N LEU Q 81 23.54 -10.42 -30.85
CA LEU Q 81 24.93 -10.70 -31.22
C LEU Q 81 25.79 -9.48 -30.94
N LYS Q 82 26.85 -9.67 -30.17
CA LYS Q 82 27.79 -8.59 -29.84
C LYS Q 82 29.21 -9.13 -30.00
N THR Q 83 30.18 -8.34 -29.52
CA THR Q 83 31.59 -8.70 -29.72
C THR Q 83 31.99 -9.93 -28.93
N GLU Q 84 31.32 -10.21 -27.82
CA GLU Q 84 31.67 -11.35 -26.98
C GLU Q 84 31.00 -12.65 -27.44
N ASP Q 85 30.14 -12.59 -28.46
CA ASP Q 85 29.44 -13.76 -28.96
C ASP Q 85 30.09 -14.34 -30.21
N GLU Q 86 31.13 -13.72 -30.74
CA GLU Q 86 31.83 -14.22 -31.93
C GLU Q 86 32.60 -15.48 -31.56
N ALA Q 87 32.06 -16.63 -31.97
CA ALA Q 87 32.67 -17.92 -31.66
C ALA Q 87 32.14 -18.95 -32.64
N ASP Q 88 32.62 -20.18 -32.49
CA ASP Q 88 32.20 -21.30 -33.33
C ASP Q 88 31.23 -22.19 -32.57
N TYR Q 89 30.09 -22.48 -33.18
CA TYR Q 89 29.06 -23.31 -32.58
C TYR Q 89 29.09 -24.70 -33.21
N TYR Q 90 29.10 -25.73 -32.37
CA TYR Q 90 29.22 -27.11 -32.81
C TYR Q 90 27.97 -27.89 -32.44
N CYS Q 91 27.62 -28.85 -33.29
CA CYS Q 91 26.52 -29.77 -33.03
C CYS Q 91 27.08 -31.08 -32.47
N GLN Q 92 26.28 -31.74 -31.65
CA GLN Q 92 26.69 -33.00 -31.01
C GLN Q 92 25.51 -33.95 -31.01
N SER Q 93 25.69 -35.12 -31.64
CA SER Q 93 24.65 -36.13 -31.70
C SER Q 93 25.30 -37.50 -31.66
N TYR Q 94 24.46 -38.54 -31.59
CA TYR Q 94 24.92 -39.91 -31.54
C TYR Q 94 24.17 -40.74 -32.57
N ASP Q 95 24.89 -41.64 -33.24
CA ASP Q 95 24.27 -42.51 -34.21
C ASP Q 95 23.60 -43.69 -33.50
N ASN Q 96 22.79 -44.45 -34.26
CA ASN Q 96 22.13 -45.63 -33.72
C ASN Q 96 23.13 -46.71 -33.34
N SER Q 97 24.37 -46.64 -33.83
CA SER Q 97 25.41 -47.60 -33.49
C SER Q 97 26.22 -47.16 -32.27
N ASN Q 98 25.68 -46.29 -31.44
CA ASN Q 98 26.37 -45.78 -30.25
C ASN Q 98 27.70 -45.12 -30.64
N VAL Q 99 27.64 -44.23 -31.62
CA VAL Q 99 28.81 -43.52 -32.12
C VAL Q 99 28.51 -42.03 -32.06
N ALA Q 100 29.34 -41.29 -31.33
CA ALA Q 100 29.18 -39.84 -31.22
C ALA Q 100 29.78 -39.17 -32.45
N VAL Q 101 28.97 -38.38 -33.15
CA VAL Q 101 29.40 -37.68 -34.36
C VAL Q 101 29.10 -36.19 -34.19
N PHE Q 102 30.08 -35.36 -34.53
CA PHE Q 102 29.94 -33.92 -34.46
C PHE Q 102 29.66 -33.34 -35.85
N GLY Q 103 29.11 -32.13 -35.87
CA GLY Q 103 28.75 -31.51 -37.12
C GLY Q 103 29.60 -30.31 -37.51
N GLY Q 104 30.77 -30.20 -36.91
CA GLY Q 104 31.66 -29.09 -37.21
C GLY Q 104 31.18 -27.79 -36.59
N GLY Q 105 31.99 -26.75 -36.78
CA GLY Q 105 31.71 -25.44 -36.21
C GLY Q 105 31.55 -24.39 -37.30
N THR Q 106 30.76 -23.37 -36.98
CA THR Q 106 30.50 -22.25 -37.89
C THR Q 106 31.08 -20.99 -37.27
N GLN Q 107 32.02 -20.37 -37.96
CA GLN Q 107 32.66 -19.15 -37.49
C GLN Q 107 31.65 -18.00 -37.56
N LEU Q 108 31.23 -17.49 -36.40
CA LEU Q 108 30.27 -16.40 -36.31
C LEU Q 108 31.01 -15.10 -36.02
N THR Q 109 30.68 -14.05 -36.77
CA THR Q 109 31.29 -12.75 -36.60
C THR Q 109 30.23 -11.66 -36.73
N VAL Q 110 30.51 -10.52 -36.12
CA VAL Q 110 29.61 -9.37 -36.14
C VAL Q 110 30.16 -8.34 -37.12
N LEU Q 111 29.29 -7.82 -37.98
CA LEU Q 111 29.70 -6.85 -39.00
C LEU Q 111 29.75 -5.46 -38.36
N GLY Q 112 30.79 -5.23 -37.58
CA GLY Q 112 31.01 -3.93 -36.96
C GLY Q 112 31.67 -2.91 -37.84
N GLN Q 113 32.23 -3.33 -38.96
CA GLN Q 113 32.91 -2.45 -39.92
C GLN Q 113 32.56 -2.92 -41.32
N PRO Q 114 32.67 -2.02 -42.31
CA PRO Q 114 32.36 -2.42 -43.69
C PRO Q 114 33.32 -3.49 -44.19
N LYS Q 115 32.76 -4.52 -44.82
CA LYS Q 115 33.55 -5.64 -45.29
C LYS Q 115 34.39 -5.23 -46.50
N ALA Q 116 35.59 -5.79 -46.57
CA ALA Q 116 36.53 -5.53 -47.66
C ALA Q 116 36.82 -6.81 -48.42
N ALA Q 117 37.37 -6.66 -49.63
CA ALA Q 117 37.69 -7.81 -50.45
C ALA Q 117 39.08 -8.34 -50.12
N PRO Q 118 39.27 -9.66 -50.13
CA PRO Q 118 40.59 -10.21 -49.82
C PRO Q 118 41.57 -9.99 -50.96
N SER Q 119 42.82 -9.72 -50.58
CA SER Q 119 43.89 -9.48 -51.54
C SER Q 119 44.70 -10.75 -51.76
N VAL Q 120 45.02 -11.02 -53.03
CA VAL Q 120 45.79 -12.19 -53.42
C VAL Q 120 47.08 -11.72 -54.08
N THR Q 121 48.19 -12.35 -53.72
CA THR Q 121 49.51 -12.00 -54.26
C THR Q 121 50.32 -13.27 -54.47
N LEU Q 122 50.85 -13.44 -55.68
CA LEU Q 122 51.67 -14.59 -56.02
C LEU Q 122 53.13 -14.17 -56.17
N PHE Q 123 53.99 -15.18 -56.31
CA PHE Q 123 55.42 -14.96 -56.41
C PHE Q 123 56.00 -16.03 -57.34
N PRO Q 124 57.14 -15.76 -57.95
CA PRO Q 124 57.78 -16.77 -58.82
C PRO Q 124 58.21 -17.98 -58.01
N PRO Q 125 58.51 -19.10 -58.68
CA PRO Q 125 58.84 -20.33 -57.95
C PRO Q 125 60.23 -20.30 -57.31
N SER Q 126 60.90 -19.14 -57.31
CA SER Q 126 62.21 -18.98 -56.68
C SER Q 126 63.23 -19.95 -57.31
N SER Q 127 63.57 -19.65 -58.56
CA SER Q 127 64.39 -20.50 -59.42
C SER Q 127 65.62 -21.07 -58.71
N GLU Q 128 66.12 -20.37 -57.70
CA GLU Q 128 67.17 -20.95 -56.87
C GLU Q 128 66.68 -22.20 -56.16
N GLU Q 129 65.47 -22.15 -55.60
CA GLU Q 129 64.89 -23.34 -54.98
C GLU Q 129 64.58 -24.40 -56.03
N LEU Q 130 64.27 -23.99 -57.26
CA LEU Q 130 64.09 -24.95 -58.34
C LEU Q 130 65.39 -25.68 -58.63
N GLN Q 131 66.52 -24.97 -58.64
CA GLN Q 131 67.81 -25.62 -58.75
C GLN Q 131 68.09 -26.49 -57.52
N ALA Q 132 67.50 -26.14 -56.37
CA ALA Q 132 67.60 -26.95 -55.17
C ALA Q 132 66.65 -28.14 -55.16
N ASN Q 133 66.08 -28.48 -56.33
CA ASN Q 133 65.21 -29.65 -56.47
C ASN Q 133 63.95 -29.53 -55.62
N LYS Q 134 63.38 -28.33 -55.58
CA LYS Q 134 62.12 -28.07 -54.90
C LYS Q 134 61.32 -27.05 -55.68
N ALA Q 135 60.01 -27.23 -55.73
CA ALA Q 135 59.11 -26.35 -56.48
C ALA Q 135 57.91 -25.96 -55.63
N THR Q 136 58.19 -25.54 -54.39
CA THR Q 136 57.12 -25.10 -53.51
C THR Q 136 56.59 -23.73 -53.92
N LEU Q 137 55.30 -23.51 -53.67
CA LEU Q 137 54.64 -22.26 -54.00
C LEU Q 137 54.03 -21.66 -52.74
N VAL Q 138 53.81 -20.35 -52.77
CA VAL Q 138 53.27 -19.61 -51.64
C VAL Q 138 52.24 -18.61 -52.15
N CYS Q 139 51.07 -18.58 -51.51
CA CYS Q 139 50.02 -17.63 -51.81
C CYS Q 139 49.66 -16.86 -50.55
N LEU Q 140 49.58 -15.54 -50.67
CA LEU Q 140 49.32 -14.67 -49.53
C LEU Q 140 47.89 -14.15 -49.59
N ILE Q 141 47.22 -14.18 -48.44
CA ILE Q 141 45.84 -13.72 -48.31
C ILE Q 141 45.78 -12.70 -47.19
N SER Q 142 45.12 -11.57 -47.44
CA SER Q 142 45.02 -10.51 -46.45
C SER Q 142 43.82 -9.63 -46.79
N ASP Q 143 43.52 -8.70 -45.89
CA ASP Q 143 42.43 -7.73 -46.07
C ASP Q 143 41.08 -8.42 -46.21
N PHE Q 144 40.85 -9.46 -45.42
CA PHE Q 144 39.59 -10.18 -45.38
C PHE Q 144 39.05 -10.17 -43.97
N TYR Q 145 37.76 -9.89 -43.83
CA TYR Q 145 37.12 -9.75 -42.51
C TYR Q 145 36.78 -11.09 -41.88
N PRO Q 146 36.19 -12.06 -42.60
CA PRO Q 146 35.88 -13.35 -41.97
C PRO Q 146 37.15 -14.04 -41.46
N GLY Q 147 37.04 -14.61 -40.26
CA GLY Q 147 38.18 -15.25 -39.62
C GLY Q 147 38.51 -16.63 -40.14
N ALA Q 148 37.71 -17.18 -41.04
CA ALA Q 148 37.97 -18.51 -41.59
C ALA Q 148 37.46 -18.55 -43.03
N VAL Q 149 38.38 -18.78 -43.97
CA VAL Q 149 38.04 -18.89 -45.39
C VAL Q 149 38.78 -20.09 -45.97
N THR Q 150 38.12 -20.79 -46.89
CA THR Q 150 38.72 -21.95 -47.52
C THR Q 150 39.65 -21.52 -48.65
N VAL Q 151 40.75 -22.24 -48.82
CA VAL Q 151 41.76 -21.95 -49.83
C VAL Q 151 41.83 -23.13 -50.80
N ALA Q 152 41.89 -22.81 -52.09
CA ALA Q 152 41.97 -23.83 -53.12
C ALA Q 152 42.93 -23.37 -54.21
N TRP Q 153 43.44 -24.34 -54.97
CA TRP Q 153 44.38 -24.09 -56.06
C TRP Q 153 43.81 -24.63 -57.36
N LYS Q 154 44.12 -23.94 -58.46
CA LYS Q 154 43.66 -24.32 -59.78
C LYS Q 154 44.82 -24.27 -60.76
N ALA Q 155 45.04 -25.36 -61.48
CA ALA Q 155 46.10 -25.44 -62.47
C ALA Q 155 45.56 -24.99 -63.83
N ASP Q 156 46.33 -25.23 -64.90
CA ASP Q 156 45.93 -24.77 -66.22
C ASP Q 156 44.75 -25.56 -66.77
N SER Q 157 44.65 -26.85 -66.45
CA SER Q 157 43.59 -27.67 -67.02
C SER Q 157 42.99 -28.66 -66.02
N SER Q 158 43.36 -28.60 -64.74
CA SER Q 158 42.84 -29.53 -63.75
C SER Q 158 42.90 -28.87 -62.38
N PRO Q 159 41.98 -29.20 -61.48
CA PRO Q 159 42.05 -28.65 -60.13
C PRO Q 159 43.16 -29.30 -59.32
N VAL Q 160 43.60 -28.57 -58.30
CA VAL Q 160 44.67 -29.02 -57.41
C VAL Q 160 44.12 -29.13 -56.00
N LYS Q 161 44.25 -30.30 -55.40
CA LYS Q 161 43.77 -30.55 -54.06
C LYS Q 161 44.85 -31.10 -53.13
N ALA Q 162 45.75 -31.93 -53.65
CA ALA Q 162 46.81 -32.51 -52.82
C ALA Q 162 47.89 -31.47 -52.55
N GLY Q 163 48.36 -31.44 -51.31
CA GLY Q 163 49.41 -30.51 -50.92
C GLY Q 163 48.97 -29.10 -50.66
N VAL Q 164 47.69 -28.89 -50.37
CA VAL Q 164 47.15 -27.56 -50.10
C VAL Q 164 47.16 -27.33 -48.59
N GLU Q 165 47.77 -26.23 -48.17
CA GLU Q 165 47.87 -25.87 -46.76
C GLU Q 165 47.31 -24.48 -46.53
N THR Q 166 46.76 -24.27 -45.34
CA THR Q 166 46.16 -22.99 -44.97
C THR Q 166 46.59 -22.62 -43.56
N THR Q 167 47.15 -21.43 -43.40
CA THR Q 167 47.59 -20.97 -42.09
C THR Q 167 46.41 -20.38 -41.30
N THR Q 168 46.52 -20.43 -39.99
CA THR Q 168 45.48 -19.88 -39.13
C THR Q 168 45.53 -18.35 -39.17
N PRO Q 169 44.45 -17.67 -39.53
CA PRO Q 169 44.48 -16.21 -39.61
C PRO Q 169 44.70 -15.58 -38.25
N SER Q 170 45.40 -14.45 -38.26
CA SER Q 170 45.70 -13.69 -37.05
C SER Q 170 45.13 -12.29 -37.16
N LYS Q 171 44.67 -11.76 -36.03
CA LYS Q 171 44.06 -10.43 -36.01
C LYS Q 171 45.12 -9.35 -36.21
N GLN Q 172 44.84 -8.42 -37.10
CA GLN Q 172 45.73 -7.30 -37.36
C GLN Q 172 45.39 -6.14 -36.43
N SER Q 173 46.00 -4.98 -36.68
CA SER Q 173 45.70 -3.80 -35.89
C SER Q 173 44.39 -3.14 -36.30
N ASN Q 174 44.00 -3.30 -37.56
CA ASN Q 174 42.75 -2.73 -38.07
C ASN Q 174 41.58 -3.71 -38.01
N ASN Q 175 41.60 -4.63 -37.05
CA ASN Q 175 40.53 -5.61 -36.86
C ASN Q 175 40.34 -6.50 -38.08
N LYS Q 176 41.42 -6.74 -38.83
CA LYS Q 176 41.39 -7.60 -40.00
C LYS Q 176 42.26 -8.84 -39.74
N TYR Q 177 42.13 -9.81 -40.64
CA TYR Q 177 42.86 -11.07 -40.53
C TYR Q 177 43.76 -11.25 -41.74
N ALA Q 178 44.79 -12.07 -41.56
CA ALA Q 178 45.74 -12.38 -42.63
C ALA Q 178 46.20 -13.81 -42.47
N ALA Q 179 46.27 -14.53 -43.59
CA ALA Q 179 46.69 -15.92 -43.61
C ALA Q 179 47.60 -16.15 -44.80
N SER Q 180 48.13 -17.38 -44.90
CA SER Q 180 49.03 -17.75 -45.97
C SER Q 180 48.67 -19.13 -46.47
N SER Q 181 49.04 -19.40 -47.72
CA SER Q 181 48.79 -20.68 -48.37
C SER Q 181 50.08 -21.18 -49.01
N TYR Q 182 50.32 -22.48 -48.89
CA TYR Q 182 51.52 -23.11 -49.43
C TYR Q 182 51.13 -24.35 -50.24
N LEU Q 183 51.81 -24.56 -51.37
CA LEU Q 183 51.57 -25.69 -52.24
C LEU Q 183 52.90 -26.35 -52.58
N SER Q 184 52.98 -27.65 -52.39
CA SER Q 184 54.18 -28.42 -52.65
C SER Q 184 54.05 -29.11 -54.01
N LEU Q 185 54.93 -28.76 -54.94
CA LEU Q 185 54.92 -29.32 -56.28
C LEU Q 185 56.34 -29.71 -56.67
N THR Q 186 56.44 -30.39 -57.82
CA THR Q 186 57.72 -30.80 -58.39
C THR Q 186 58.05 -29.93 -59.60
N PRO Q 187 59.34 -29.73 -59.88
CA PRO Q 187 59.70 -28.90 -61.04
C PRO Q 187 59.25 -29.48 -62.37
N GLU Q 188 59.10 -30.80 -62.46
CA GLU Q 188 58.61 -31.40 -63.69
C GLU Q 188 57.18 -30.97 -63.99
N GLN Q 189 56.34 -30.88 -62.96
CA GLN Q 189 54.97 -30.44 -63.16
C GLN Q 189 54.92 -28.97 -63.59
N TRP Q 190 55.76 -28.12 -62.99
CA TRP Q 190 55.80 -26.72 -63.40
C TRP Q 190 56.34 -26.56 -64.81
N LYS Q 191 57.25 -27.44 -65.23
CA LYS Q 191 57.74 -27.37 -66.59
C LYS Q 191 56.73 -27.90 -67.60
N SER Q 192 55.92 -28.89 -67.21
CA SER Q 192 54.90 -29.42 -68.11
C SER Q 192 53.66 -28.53 -68.14
N HIS Q 193 53.11 -28.21 -66.98
CA HIS Q 193 51.93 -27.36 -66.93
C HIS Q 193 52.28 -25.92 -67.29
N ARG Q 194 51.27 -25.17 -67.74
CA ARG Q 194 51.49 -23.79 -68.14
C ARG Q 194 51.63 -22.86 -66.94
N SER Q 195 50.59 -22.80 -66.12
CA SER Q 195 50.59 -21.91 -64.96
C SER Q 195 49.57 -22.41 -63.95
N TYR Q 196 49.62 -21.82 -62.75
CA TYR Q 196 48.70 -22.14 -61.67
C TYR Q 196 48.00 -20.87 -61.21
N SER Q 197 47.00 -21.04 -60.34
CA SER Q 197 46.22 -19.92 -59.85
C SER Q 197 45.86 -20.16 -58.39
N CYS Q 198 45.73 -19.06 -57.64
CA CYS Q 198 45.33 -19.10 -56.23
C CYS Q 198 44.02 -18.34 -56.09
N GLN Q 199 43.05 -18.97 -55.41
CA GLN Q 199 41.73 -18.39 -55.23
C GLN Q 199 41.36 -18.41 -53.76
N VAL Q 200 40.60 -17.40 -53.35
CA VAL Q 200 40.13 -17.25 -51.97
C VAL Q 200 38.61 -17.21 -51.98
N THR Q 201 37.99 -17.97 -51.08
CA THR Q 201 36.54 -18.00 -50.98
C THR Q 201 36.05 -16.82 -50.16
N HIS Q 202 35.12 -16.05 -50.72
CA HIS Q 202 34.55 -14.89 -50.06
C HIS Q 202 33.04 -14.92 -50.17
N GLU Q 203 32.38 -14.23 -49.24
CA GLU Q 203 30.93 -14.18 -49.21
C GLU Q 203 30.42 -13.33 -50.36
N GLY Q 204 29.84 -13.97 -51.38
CA GLY Q 204 29.29 -13.26 -52.52
C GLY Q 204 30.31 -12.78 -53.53
N SER Q 205 31.56 -13.17 -53.40
CA SER Q 205 32.60 -12.75 -54.35
C SER Q 205 33.71 -13.79 -54.35
N THR Q 206 34.58 -13.69 -55.34
CA THR Q 206 35.71 -14.61 -55.48
C THR Q 206 36.86 -13.87 -56.14
N VAL Q 207 37.99 -13.78 -55.45
CA VAL Q 207 39.19 -13.13 -55.97
C VAL Q 207 40.19 -14.21 -56.34
N GLU Q 208 40.67 -14.15 -57.59
CA GLU Q 208 41.61 -15.15 -58.11
C GLU Q 208 42.67 -14.45 -58.93
N LYS Q 209 43.93 -14.83 -58.72
CA LYS Q 209 45.06 -14.27 -59.45
C LYS Q 209 45.88 -15.40 -60.05
N THR Q 210 46.66 -15.05 -61.07
CA THR Q 210 47.50 -16.01 -61.77
C THR Q 210 48.97 -15.66 -61.59
N VAL Q 211 49.83 -16.64 -61.89
CA VAL Q 211 51.27 -16.47 -61.78
C VAL Q 211 51.91 -17.09 -63.02
N ALA Q 212 52.82 -16.34 -63.65
CA ALA Q 212 53.49 -16.79 -64.86
C ALA Q 212 54.98 -16.98 -64.61
N PRO Q 213 55.61 -17.99 -65.23
CA PRO Q 213 57.04 -18.25 -65.09
C PRO Q 213 57.91 -17.09 -65.54
N GLU R 1 -11.61 -16.54 39.63
CA GLU R 1 -12.79 -17.28 40.04
C GLU R 1 -13.77 -17.44 38.88
N PHE R 2 -14.91 -18.06 39.16
CA PHE R 2 -15.93 -18.28 38.15
C PHE R 2 -17.29 -18.38 38.83
N MET R 3 -18.34 -18.02 38.11
CA MET R 3 -19.68 -18.03 38.66
C MET R 3 -20.69 -18.08 37.53
N LEU R 4 -21.71 -18.91 37.69
CA LEU R 4 -22.79 -19.06 36.73
C LEU R 4 -24.08 -18.55 37.34
N THR R 5 -24.64 -17.49 36.75
CA THR R 5 -25.87 -16.88 37.23
C THR R 5 -27.03 -17.26 36.33
N GLN R 6 -28.20 -17.47 36.94
CA GLN R 6 -29.40 -17.86 36.21
C GLN R 6 -30.61 -17.37 36.99
N PRO R 7 -31.75 -17.19 36.32
CA PRO R 7 -32.96 -16.79 37.05
C PRO R 7 -33.37 -17.85 38.06
N HIS R 8 -34.10 -17.41 39.09
CA HIS R 8 -34.48 -18.31 40.16
C HIS R 8 -35.50 -19.34 39.68
N SER R 9 -36.37 -18.98 38.75
CA SER R 9 -37.38 -19.90 38.26
C SER R 9 -37.96 -19.36 36.95
N VAL R 10 -38.42 -20.28 36.11
CA VAL R 10 -39.13 -19.95 34.88
C VAL R 10 -40.34 -20.87 34.77
N SER R 11 -41.35 -20.41 34.04
CA SER R 11 -42.59 -21.17 33.90
C SER R 11 -43.19 -20.88 32.53
N GLU R 12 -43.79 -21.92 31.94
CA GLU R 12 -44.48 -21.78 30.67
C GLU R 12 -45.50 -22.90 30.54
N SER R 13 -46.54 -22.65 29.73
CA SER R 13 -47.60 -23.63 29.55
C SER R 13 -47.05 -24.90 28.91
N PRO R 14 -47.71 -26.03 29.10
CA PRO R 14 -47.26 -27.28 28.49
C PRO R 14 -47.24 -27.19 26.97
N GLU R 15 -46.58 -28.19 26.36
CA GLU R 15 -46.43 -28.28 24.91
C GLU R 15 -45.73 -27.05 24.34
N MET R 16 -44.86 -26.43 25.12
CA MET R 16 -44.10 -25.26 24.70
C MET R 16 -42.61 -25.54 24.89
N THR R 17 -41.78 -24.52 24.65
CA THR R 17 -40.34 -24.64 24.71
C THR R 17 -39.79 -23.53 25.58
N VAL R 18 -38.99 -23.91 26.59
CA VAL R 18 -38.32 -22.95 27.46
C VAL R 18 -36.85 -22.92 27.11
N THR R 19 -36.18 -21.84 27.54
CA THR R 19 -34.76 -21.65 27.26
C THR R 19 -34.11 -21.07 28.53
N ILE R 20 -33.48 -21.94 29.31
CA ILE R 20 -32.78 -21.52 30.52
C ILE R 20 -31.32 -21.27 30.16
N SER R 21 -30.84 -20.06 30.43
CA SER R 21 -29.48 -19.66 30.12
C SER R 21 -28.74 -19.28 31.39
N CYS R 22 -27.47 -19.65 31.47
CA CYS R 22 -26.60 -19.31 32.59
C CYS R 22 -25.49 -18.40 32.10
N THR R 23 -25.41 -17.20 32.65
CA THR R 23 -24.38 -16.24 32.26
C THR R 23 -23.04 -16.61 32.87
N GLY R 24 -21.97 -16.32 32.13
CA GLY R 24 -20.64 -16.64 32.58
C GLY R 24 -20.12 -15.72 33.67
N SER R 25 -18.81 -15.54 33.74
CA SER R 25 -18.18 -14.72 34.77
C SER R 25 -16.91 -14.12 34.16
N SER R 26 -16.02 -13.63 35.02
CA SER R 26 -14.76 -13.04 34.56
C SER R 26 -13.91 -14.04 33.79
N GLY R 27 -14.11 -15.33 34.00
CA GLY R 27 -13.37 -16.33 33.26
C GLY R 27 -14.07 -16.70 31.95
N SER R 28 -13.27 -17.17 30.99
CA SER R 28 -13.80 -17.54 29.70
C SER R 28 -14.61 -18.82 29.82
N ILE R 29 -15.88 -18.77 29.40
CA ILE R 29 -16.74 -19.94 29.47
C ILE R 29 -16.36 -20.98 28.42
N ALA R 30 -15.71 -20.57 27.34
CA ALA R 30 -15.32 -21.48 26.26
C ALA R 30 -14.08 -22.29 26.59
N ASP R 31 -13.62 -22.30 27.84
CA ASP R 31 -12.43 -23.05 28.22
C ASP R 31 -12.76 -24.45 28.69
N ASN R 32 -13.88 -24.64 29.37
CA ASN R 32 -14.28 -25.95 29.90
C ASN R 32 -15.73 -26.22 29.56
N TYR R 33 -16.11 -27.49 29.64
CA TYR R 33 -17.46 -27.90 29.34
C TYR R 33 -18.43 -27.43 30.42
N VAL R 34 -19.70 -27.26 30.04
CA VAL R 34 -20.76 -26.85 30.95
C VAL R 34 -21.80 -27.96 30.98
N GLN R 35 -22.23 -28.34 32.18
CA GLN R 35 -23.18 -29.42 32.36
C GLN R 35 -24.45 -28.90 33.02
N TRP R 36 -25.57 -29.56 32.71
CA TRP R 36 -26.87 -29.22 33.27
C TRP R 36 -27.39 -30.41 34.07
N TYR R 37 -27.77 -30.16 35.32
CA TYR R 37 -28.21 -31.20 36.24
C TYR R 37 -29.64 -30.92 36.69
N GLN R 38 -30.51 -31.90 36.49
CA GLN R 38 -31.90 -31.81 36.93
C GLN R 38 -32.04 -32.53 38.27
N GLN R 39 -32.56 -31.81 39.28
CA GLN R 39 -32.72 -32.35 40.62
C GLN R 39 -34.15 -32.12 41.07
N ARG R 40 -34.94 -33.19 41.10
CA ARG R 40 -36.29 -33.11 41.64
C ARG R 40 -36.22 -32.89 43.15
N PRO R 41 -37.23 -32.23 43.73
CA PRO R 41 -37.22 -31.98 45.18
C PRO R 41 -37.17 -33.28 45.96
N GLY R 42 -36.06 -33.47 46.69
CA GLY R 42 -35.89 -34.65 47.50
C GLY R 42 -35.22 -35.80 46.77
N SER R 43 -34.20 -35.49 45.97
CA SER R 43 -33.49 -36.51 45.21
C SER R 43 -32.11 -35.97 44.83
N ALA R 44 -31.26 -36.87 44.36
CA ALA R 44 -29.93 -36.49 43.91
C ALA R 44 -29.99 -35.91 42.49
N PRO R 45 -29.06 -35.03 42.13
CA PRO R 45 -29.07 -34.45 40.79
C PRO R 45 -28.85 -35.50 39.72
N THR R 46 -29.42 -35.25 38.54
CA THR R 46 -29.31 -36.15 37.40
C THR R 46 -28.87 -35.36 36.18
N THR R 47 -27.84 -35.87 35.49
CA THR R 47 -27.31 -35.17 34.32
C THR R 47 -28.27 -35.29 33.15
N VAL R 48 -28.55 -34.16 32.49
CA VAL R 48 -29.42 -34.15 31.33
C VAL R 48 -28.64 -33.71 30.11
N ILE R 49 -27.59 -32.90 30.33
CA ILE R 49 -26.73 -32.41 29.26
C ILE R 49 -25.30 -32.37 29.77
N TYR R 50 -24.38 -32.98 29.01
CA TYR R 50 -22.97 -32.96 29.35
C TYR R 50 -22.16 -32.70 28.09
N GLU R 51 -20.96 -32.16 28.28
CA GLU R 51 -20.05 -31.80 27.19
C GLU R 51 -20.66 -30.77 26.24
N ASN R 52 -21.68 -30.05 26.71
CA ASN R 52 -22.31 -28.91 26.01
C ASN R 52 -23.15 -29.36 24.83
N TYR R 53 -23.07 -30.63 24.45
CA TYR R 53 -23.86 -31.12 23.32
C TYR R 53 -24.43 -32.51 23.52
N GLN R 54 -23.98 -33.28 24.50
CA GLN R 54 -24.32 -34.69 24.60
C GLN R 54 -25.50 -34.90 25.56
N ARG R 55 -26.20 -36.02 25.34
CA ARG R 55 -27.34 -36.41 26.15
C ARG R 55 -27.10 -37.80 26.73
N PRO R 56 -27.19 -37.96 28.05
CA PRO R 56 -26.97 -39.28 28.64
C PRO R 56 -28.03 -40.29 28.20
N SER R 57 -27.74 -41.56 28.49
CA SER R 57 -28.67 -42.63 28.13
C SER R 57 -29.97 -42.49 28.92
N GLY R 58 -31.09 -42.65 28.22
CA GLY R 58 -32.40 -42.52 28.81
C GLY R 58 -32.97 -41.12 28.77
N VAL R 59 -32.16 -40.11 28.52
CA VAL R 59 -32.64 -38.73 28.45
C VAL R 59 -33.34 -38.53 27.11
N PRO R 60 -34.58 -38.04 27.10
CA PRO R 60 -35.29 -37.85 25.84
C PRO R 60 -34.69 -36.70 25.03
N ASN R 61 -35.07 -36.66 23.75
CA ASN R 61 -34.57 -35.65 22.83
C ASN R 61 -35.13 -34.26 23.11
N ARG R 62 -36.05 -34.14 24.07
CA ARG R 62 -36.62 -32.83 24.38
C ARG R 62 -35.57 -31.87 24.92
N PHE R 63 -34.57 -32.39 25.65
CA PHE R 63 -33.53 -31.55 26.22
C PHE R 63 -32.45 -31.26 25.17
N SER R 64 -31.88 -30.07 25.26
CA SER R 64 -30.82 -29.64 24.35
C SER R 64 -30.07 -28.48 24.97
N GLY R 65 -28.86 -28.24 24.46
CA GLY R 65 -28.03 -27.18 24.98
C GLY R 65 -27.05 -26.69 23.93
N SER R 66 -26.51 -25.50 24.19
CA SER R 66 -25.55 -24.89 23.29
C SER R 66 -24.70 -23.91 24.08
N ILE R 67 -23.59 -23.49 23.47
CA ILE R 67 -22.65 -22.54 24.07
C ILE R 67 -22.44 -21.41 23.09
N ASP R 68 -22.69 -20.18 23.55
CA ASP R 68 -22.50 -18.97 22.74
C ASP R 68 -21.32 -18.20 23.29
N SER R 69 -20.21 -18.19 22.54
CA SER R 69 -19.02 -17.49 23.01
C SER R 69 -19.18 -15.98 22.92
N SER R 70 -19.95 -15.49 21.94
CA SER R 70 -20.17 -14.05 21.80
C SER R 70 -20.95 -13.50 22.99
N SER R 71 -21.90 -14.28 23.51
CA SER R 71 -22.68 -13.88 24.67
C SER R 71 -22.06 -14.33 25.99
N ASN R 72 -21.09 -15.26 25.94
CA ASN R 72 -20.42 -15.78 27.13
C ASN R 72 -21.44 -16.35 28.12
N SER R 73 -22.22 -17.32 27.62
CA SER R 73 -23.26 -17.93 28.43
C SER R 73 -23.60 -19.30 27.84
N ALA R 74 -24.36 -20.07 28.61
CA ALA R 74 -24.84 -21.38 28.20
C ALA R 74 -26.33 -21.31 27.91
N SER R 75 -26.92 -22.47 27.61
CA SER R 75 -28.33 -22.54 27.29
C SER R 75 -28.83 -23.96 27.50
N LEU R 76 -30.12 -24.06 27.84
CA LEU R 76 -30.80 -25.35 28.02
C LEU R 76 -32.19 -25.21 27.40
N THR R 77 -32.29 -25.56 26.12
CA THR R 77 -33.54 -25.42 25.36
C THR R 77 -34.36 -26.69 25.55
N ILE R 78 -35.31 -26.65 26.48
CA ILE R 78 -36.19 -27.78 26.75
C ILE R 78 -37.51 -27.53 26.05
N SER R 79 -37.87 -28.43 25.13
CA SER R 79 -39.10 -28.33 24.38
C SER R 79 -40.10 -29.38 24.86
N GLY R 80 -41.38 -29.03 24.84
CA GLY R 80 -42.42 -29.95 25.24
C GLY R 80 -42.41 -30.25 26.73
N LEU R 81 -42.74 -29.24 27.54
CA LEU R 81 -42.74 -29.41 28.99
C LEU R 81 -43.79 -30.45 29.40
N LYS R 82 -43.36 -31.41 30.20
CA LYS R 82 -44.22 -32.49 30.68
C LYS R 82 -44.30 -32.45 32.20
N THR R 83 -45.10 -33.36 32.76
CA THR R 83 -45.27 -33.40 34.20
C THR R 83 -44.00 -33.87 34.92
N GLU R 84 -43.21 -34.72 34.27
CA GLU R 84 -41.96 -35.16 34.87
C GLU R 84 -40.82 -34.17 34.63
N ASP R 85 -40.98 -33.24 33.69
CA ASP R 85 -39.97 -32.23 33.42
C ASP R 85 -40.01 -31.08 34.42
N GLU R 86 -40.97 -31.06 35.33
CA GLU R 86 -41.08 -30.00 36.32
C GLU R 86 -40.13 -30.30 37.47
N ALA R 87 -38.95 -29.68 37.45
CA ALA R 87 -37.94 -29.86 38.49
C ALA R 87 -36.95 -28.72 38.39
N ASP R 88 -35.98 -28.72 39.30
CA ASP R 88 -34.93 -27.70 39.30
C ASP R 88 -33.82 -28.09 38.35
N TYR R 89 -33.20 -27.08 37.74
CA TYR R 89 -32.13 -27.28 36.77
C TYR R 89 -30.94 -26.42 37.18
N TYR R 90 -29.78 -27.05 37.37
CA TYR R 90 -28.56 -26.39 37.79
C TYR R 90 -27.52 -26.52 36.69
N CYS R 91 -26.76 -25.44 36.49
CA CYS R 91 -25.70 -25.40 35.47
C CYS R 91 -24.35 -25.38 36.16
N GLN R 92 -23.47 -26.31 35.76
CA GLN R 92 -22.17 -26.48 36.36
C GLN R 92 -21.09 -26.48 35.29
N SER R 93 -19.96 -25.88 35.60
CA SER R 93 -18.82 -25.83 34.68
C SER R 93 -17.54 -25.84 35.52
N TYR R 94 -16.42 -25.49 34.88
CA TYR R 94 -15.12 -25.49 35.54
C TYR R 94 -14.36 -24.24 35.15
N ASP R 95 -13.67 -23.65 36.13
CA ASP R 95 -12.81 -22.51 35.88
C ASP R 95 -11.48 -22.99 35.29
N ASN R 96 -10.57 -22.05 35.04
CA ASN R 96 -9.24 -22.42 34.55
C ASN R 96 -8.51 -23.30 35.55
N SER R 97 -8.80 -23.15 36.83
CA SER R 97 -8.29 -24.01 37.88
C SER R 97 -9.33 -25.07 38.24
N ASN R 98 -8.93 -26.01 39.09
CA ASN R 98 -9.81 -27.10 39.51
C ASN R 98 -10.82 -26.56 40.52
N VAL R 99 -11.82 -25.85 39.99
CA VAL R 99 -12.89 -25.28 40.80
C VAL R 99 -14.19 -25.60 40.07
N ALA R 100 -14.93 -26.60 40.56
CA ALA R 100 -16.19 -27.00 39.95
C ALA R 100 -17.28 -26.04 40.41
N VAL R 101 -17.52 -25.01 39.60
CA VAL R 101 -18.49 -23.97 39.92
C VAL R 101 -19.87 -24.42 39.46
N PHE R 102 -20.83 -24.38 40.39
CA PHE R 102 -22.21 -24.71 40.09
C PHE R 102 -23.02 -23.43 39.88
N GLY R 103 -24.28 -23.61 39.51
CA GLY R 103 -25.19 -22.50 39.28
C GLY R 103 -26.00 -22.15 40.50
N GLY R 104 -27.09 -21.42 40.27
CA GLY R 104 -27.97 -21.02 41.34
C GLY R 104 -29.20 -21.90 41.46
N GLY R 105 -29.76 -22.29 40.32
CA GLY R 105 -30.95 -23.12 40.30
C GLY R 105 -32.16 -22.42 39.70
N THR R 106 -32.74 -23.01 38.66
CA THR R 106 -33.91 -22.46 37.99
C THR R 106 -35.03 -23.49 38.08
N GLN R 107 -36.04 -23.20 38.89
CA GLN R 107 -37.17 -24.11 39.10
C GLN R 107 -38.13 -23.98 37.94
N LEU R 108 -38.06 -24.91 37.00
CA LEU R 108 -38.97 -24.93 35.85
C LEU R 108 -40.29 -25.53 36.29
N THR R 109 -41.30 -24.70 36.47
CA THR R 109 -42.62 -25.12 36.93
C THR R 109 -43.60 -25.13 35.77
N VAL R 110 -44.33 -26.23 35.61
CA VAL R 110 -45.30 -26.36 34.54
C VAL R 110 -46.58 -25.64 34.92
N LEU R 111 -47.07 -24.78 34.03
CA LEU R 111 -48.27 -24.00 34.28
C LEU R 111 -49.49 -24.92 34.22
N GLY R 112 -50.13 -25.15 35.36
CA GLY R 112 -51.33 -25.95 35.42
C GLY R 112 -52.50 -25.20 36.02
N GLN R 113 -52.21 -24.07 36.66
CA GLN R 113 -53.19 -23.21 37.29
C GLN R 113 -52.87 -21.76 36.96
N PRO R 114 -53.89 -20.89 36.90
CA PRO R 114 -53.62 -19.49 36.58
C PRO R 114 -52.84 -18.81 37.70
N LYS R 115 -51.89 -17.98 37.30
CA LYS R 115 -51.05 -17.27 38.26
C LYS R 115 -51.85 -16.23 39.03
N ALA R 116 -51.50 -16.05 40.30
CA ALA R 116 -52.18 -15.10 41.16
C ALA R 116 -51.16 -14.36 42.00
N ALA R 117 -51.59 -13.22 42.54
CA ALA R 117 -50.71 -12.40 43.37
C ALA R 117 -50.66 -12.95 44.79
N PRO R 118 -49.50 -12.92 45.44
CA PRO R 118 -49.39 -13.45 46.80
C PRO R 118 -50.07 -12.52 47.80
N SER R 119 -50.30 -13.07 49.00
CA SER R 119 -50.91 -12.35 50.11
C SER R 119 -49.92 -12.33 51.27
N VAL R 120 -49.29 -11.18 51.51
CA VAL R 120 -48.29 -11.02 52.54
C VAL R 120 -48.95 -10.47 53.80
N THR R 121 -48.50 -10.94 54.96
CA THR R 121 -49.03 -10.50 56.25
C THR R 121 -47.89 -10.33 57.24
N LEU R 122 -47.88 -9.20 57.94
CA LEU R 122 -46.86 -8.90 58.93
C LEU R 122 -47.52 -8.60 60.26
N PHE R 123 -46.94 -9.15 61.34
CA PHE R 123 -47.47 -8.97 62.68
C PHE R 123 -46.31 -8.71 63.64
N PRO R 124 -46.47 -7.73 64.54
CA PRO R 124 -45.37 -7.38 65.46
C PRO R 124 -45.13 -8.50 66.46
N PRO R 125 -44.01 -8.47 67.19
CA PRO R 125 -43.75 -9.51 68.18
C PRO R 125 -44.80 -9.52 69.27
N SER R 126 -45.00 -10.71 69.85
CA SER R 126 -45.99 -10.89 70.90
C SER R 126 -45.49 -10.32 72.23
N SER R 127 -46.37 -10.30 73.23
CA SER R 127 -46.00 -9.78 74.53
C SER R 127 -45.08 -10.73 75.28
N GLU R 128 -45.36 -12.03 75.22
CA GLU R 128 -44.51 -13.00 75.90
C GLU R 128 -43.12 -13.05 75.30
N GLU R 129 -42.99 -12.77 74.00
CA GLU R 129 -41.66 -12.69 73.39
C GLU R 129 -40.90 -11.47 73.89
N LEU R 130 -41.58 -10.34 74.02
CA LEU R 130 -40.94 -9.15 74.57
C LEU R 130 -40.55 -9.35 76.03
N GLN R 131 -41.34 -10.13 76.77
CA GLN R 131 -40.96 -10.45 78.15
C GLN R 131 -39.69 -11.28 78.20
N ALA R 132 -39.44 -12.10 77.17
CA ALA R 132 -38.24 -12.91 77.09
C ALA R 132 -37.07 -12.16 76.43
N ASN R 133 -37.22 -10.87 76.17
CA ASN R 133 -36.18 -10.04 75.58
C ASN R 133 -35.76 -10.58 74.21
N LYS R 134 -36.75 -10.74 73.33
CA LYS R 134 -36.52 -11.20 71.97
C LYS R 134 -37.73 -10.86 71.11
N ALA R 135 -37.48 -10.27 69.95
CA ALA R 135 -38.58 -9.89 69.06
C ALA R 135 -39.05 -11.09 68.24
N THR R 136 -38.19 -11.61 67.38
CA THR R 136 -38.47 -12.78 66.53
C THR R 136 -39.82 -12.65 65.83
N LEU R 137 -39.95 -11.59 65.02
CA LEU R 137 -41.18 -11.38 64.28
C LEU R 137 -41.33 -12.41 63.16
N VAL R 138 -42.57 -12.64 62.77
CA VAL R 138 -42.91 -13.67 61.79
C VAL R 138 -43.71 -13.04 60.66
N CYS R 139 -43.37 -13.41 59.43
CA CYS R 139 -44.11 -12.98 58.25
C CYS R 139 -44.97 -14.12 57.73
N LEU R 140 -46.09 -13.76 57.11
CA LEU R 140 -47.06 -14.73 56.60
C LEU R 140 -47.35 -14.41 55.13
N ILE R 141 -46.89 -15.27 54.24
CA ILE R 141 -47.14 -15.14 52.80
C ILE R 141 -47.77 -16.43 52.30
N SER R 142 -48.66 -16.30 51.32
CA SER R 142 -49.33 -17.45 50.73
C SER R 142 -50.01 -16.99 49.43
N ASP R 143 -50.70 -17.92 48.80
CA ASP R 143 -51.52 -17.65 47.61
C ASP R 143 -50.68 -17.16 46.43
N PHE R 144 -49.64 -17.93 46.10
CA PHE R 144 -48.86 -17.71 44.88
C PHE R 144 -48.48 -19.06 44.30
N TYR R 145 -49.11 -19.42 43.18
CA TYR R 145 -49.00 -20.73 42.55
C TYR R 145 -47.71 -20.95 41.75
N PRO R 146 -47.35 -20.08 40.78
CA PRO R 146 -46.32 -20.45 39.81
C PRO R 146 -44.97 -20.83 40.41
N GLY R 147 -44.36 -19.95 41.18
CA GLY R 147 -43.04 -20.20 41.71
C GLY R 147 -42.83 -19.55 43.06
N ALA R 148 -41.65 -19.81 43.64
CA ALA R 148 -41.29 -19.25 44.92
C ALA R 148 -40.95 -17.76 44.76
N VAL R 149 -40.59 -17.14 45.88
CA VAL R 149 -40.29 -15.71 45.91
C VAL R 149 -39.40 -15.43 47.11
N THR R 150 -38.40 -14.56 46.90
CA THR R 150 -37.52 -14.11 47.96
C THR R 150 -38.02 -12.82 48.56
N VAL R 151 -37.62 -12.57 49.81
CA VAL R 151 -38.05 -11.39 50.54
C VAL R 151 -36.82 -10.63 51.02
N ALA R 152 -37.02 -9.33 51.24
CA ALA R 152 -35.95 -8.46 51.72
C ALA R 152 -36.55 -7.39 52.61
N TRP R 153 -36.09 -7.32 53.86
CA TRP R 153 -36.65 -6.39 54.84
C TRP R 153 -36.18 -4.97 54.49
N LYS R 154 -37.02 -4.23 53.78
CA LYS R 154 -36.73 -2.85 53.41
C LYS R 154 -37.10 -1.94 54.57
N ALA R 155 -36.24 -1.93 55.59
CA ALA R 155 -36.48 -1.13 56.77
C ALA R 155 -36.30 0.36 56.46
N ASP R 156 -36.70 1.20 57.43
CA ASP R 156 -36.61 2.64 57.23
C ASP R 156 -35.16 3.11 57.24
N SER R 157 -34.32 2.49 58.07
CA SER R 157 -32.93 2.90 58.16
C SER R 157 -32.10 2.32 57.01
N SER R 158 -32.07 1.00 56.91
CA SER R 158 -31.30 0.31 55.87
C SER R 158 -31.91 -1.06 55.65
N PRO R 159 -31.79 -1.62 54.44
CA PRO R 159 -32.32 -2.97 54.20
C PRO R 159 -31.61 -4.04 55.02
N VAL R 160 -32.34 -4.65 55.95
CA VAL R 160 -31.76 -5.64 56.84
C VAL R 160 -31.67 -6.98 56.12
N LYS R 161 -30.48 -7.57 56.11
CA LYS R 161 -30.26 -8.87 55.46
C LYS R 161 -29.58 -9.89 56.36
N ALA R 162 -28.81 -9.47 57.36
CA ALA R 162 -28.14 -10.41 58.24
C ALA R 162 -29.10 -10.94 59.30
N GLY R 163 -28.86 -12.17 59.73
CA GLY R 163 -29.71 -12.79 60.73
C GLY R 163 -31.13 -13.07 60.26
N VAL R 164 -31.31 -13.37 58.99
CA VAL R 164 -32.62 -13.65 58.41
C VAL R 164 -32.73 -15.15 58.14
N GLU R 165 -33.80 -15.75 58.63
CA GLU R 165 -34.09 -17.17 58.40
C GLU R 165 -35.37 -17.28 57.58
N THR R 166 -35.26 -17.90 56.41
CA THR R 166 -36.38 -18.03 55.49
C THR R 166 -36.72 -19.51 55.32
N THR R 167 -38.01 -19.83 55.45
CA THR R 167 -38.47 -21.19 55.27
C THR R 167 -38.50 -21.57 53.80
N THR R 168 -38.32 -22.85 53.54
CA THR R 168 -38.42 -23.35 52.17
C THR R 168 -39.88 -23.32 51.73
N PRO R 169 -40.21 -22.64 50.64
CA PRO R 169 -41.61 -22.60 50.17
C PRO R 169 -42.13 -23.99 49.86
N SER R 170 -43.11 -24.42 50.63
CA SER R 170 -43.70 -25.75 50.50
C SER R 170 -45.13 -25.65 49.99
N LYS R 171 -45.54 -26.68 49.25
CA LYS R 171 -46.87 -26.71 48.68
C LYS R 171 -47.93 -26.83 49.76
N GLN R 172 -49.10 -26.27 49.49
CA GLN R 172 -50.24 -26.30 50.42
C GLN R 172 -51.40 -27.04 49.76
N SER R 173 -52.54 -27.06 50.47
CA SER R 173 -53.72 -27.72 49.94
C SER R 173 -54.29 -27.01 48.73
N ASN R 174 -54.16 -25.68 48.67
CA ASN R 174 -54.64 -24.89 47.55
C ASN R 174 -53.58 -24.73 46.46
N ASN R 175 -52.58 -25.62 46.42
CA ASN R 175 -51.51 -25.58 45.42
C ASN R 175 -50.75 -24.26 45.47
N LYS R 176 -50.44 -23.79 46.68
CA LYS R 176 -49.71 -22.56 46.88
C LYS R 176 -48.54 -22.82 47.82
N TYR R 177 -47.59 -21.88 47.82
CA TYR R 177 -46.44 -21.94 48.70
C TYR R 177 -46.63 -20.99 49.88
N ALA R 178 -45.67 -21.01 50.80
CA ALA R 178 -45.71 -20.14 51.98
C ALA R 178 -44.59 -19.10 51.96
N ALA R 179 -43.33 -19.55 51.88
CA ALA R 179 -42.17 -18.67 51.81
C ALA R 179 -42.16 -17.64 52.94
N SER R 180 -42.14 -18.15 54.16
CA SER R 180 -42.08 -17.30 55.34
C SER R 180 -40.64 -16.96 55.69
N SER R 181 -40.47 -15.88 56.44
CA SER R 181 -39.16 -15.40 56.85
C SER R 181 -39.16 -15.09 58.33
N TYR R 182 -37.96 -14.99 58.89
CA TYR R 182 -37.78 -14.67 60.31
C TYR R 182 -36.58 -13.76 60.47
N LEU R 183 -36.75 -12.72 61.28
CA LEU R 183 -35.67 -11.77 61.59
C LEU R 183 -35.64 -11.59 63.11
N SER R 184 -34.78 -12.35 63.77
CA SER R 184 -34.66 -12.31 65.23
C SER R 184 -33.72 -11.18 65.62
N LEU R 185 -34.20 -10.30 66.51
CA LEU R 185 -33.40 -9.18 66.98
C LEU R 185 -33.85 -8.81 68.38
N THR R 186 -33.04 -8.01 69.05
CA THR R 186 -33.35 -7.59 70.41
C THR R 186 -34.42 -6.50 70.40
N PRO R 187 -35.34 -6.52 71.37
CA PRO R 187 -36.40 -5.50 71.39
C PRO R 187 -35.91 -4.09 71.62
N GLU R 188 -34.68 -3.90 72.10
CA GLU R 188 -34.17 -2.56 72.33
C GLU R 188 -33.97 -1.79 71.03
N GLN R 189 -33.83 -2.49 69.90
CA GLN R 189 -33.74 -1.84 68.60
C GLN R 189 -35.11 -1.68 67.93
N TRP R 190 -36.15 -2.31 68.46
CA TRP R 190 -37.48 -2.20 67.86
C TRP R 190 -38.06 -0.80 68.04
N LYS R 191 -37.72 -0.12 69.12
CA LYS R 191 -38.25 1.21 69.38
C LYS R 191 -37.63 2.29 68.49
N SER R 192 -36.49 2.00 67.85
CA SER R 192 -35.82 2.96 67.00
C SER R 192 -35.97 2.66 65.52
N HIS R 193 -36.70 1.60 65.16
CA HIS R 193 -36.91 1.24 63.76
C HIS R 193 -38.36 0.83 63.58
N ARG R 194 -39.00 1.34 62.53
CA ARG R 194 -40.39 1.05 62.25
C ARG R 194 -40.56 0.68 60.78
N SER R 195 -41.64 -0.06 60.50
CA SER R 195 -42.05 -0.41 59.14
C SER R 195 -40.94 -1.17 58.40
N TYR R 196 -40.65 -2.37 58.92
CA TYR R 196 -39.72 -3.26 58.25
C TYR R 196 -40.23 -3.62 56.86
N SER R 197 -41.37 -4.30 56.78
CA SER R 197 -42.11 -4.52 55.54
C SER R 197 -41.23 -5.22 54.48
N CYS R 198 -40.89 -6.47 54.78
CA CYS R 198 -40.15 -7.29 53.84
C CYS R 198 -40.93 -7.43 52.53
N GLN R 199 -40.39 -6.89 51.45
CA GLN R 199 -41.08 -6.83 50.18
C GLN R 199 -40.78 -8.05 49.33
N VAL R 200 -41.81 -8.58 48.67
CA VAL R 200 -41.67 -9.74 47.80
C VAL R 200 -41.41 -9.26 46.38
N THR R 201 -40.91 -10.19 45.55
CA THR R 201 -40.63 -9.93 44.14
C THR R 201 -41.19 -11.07 43.29
N HIS R 202 -42.42 -11.48 43.59
CA HIS R 202 -43.05 -12.59 42.90
C HIS R 202 -43.63 -12.12 41.57
N GLU R 203 -43.22 -12.77 40.48
CA GLU R 203 -43.68 -12.43 39.13
C GLU R 203 -43.43 -10.95 38.80
N GLY R 204 -42.34 -10.40 39.34
CA GLY R 204 -42.05 -9.00 39.14
C GLY R 204 -42.96 -8.05 39.87
N SER R 205 -43.77 -8.54 40.82
CA SER R 205 -44.70 -7.72 41.58
C SER R 205 -44.21 -7.61 43.02
N THR R 206 -44.45 -6.44 43.61
CA THR R 206 -44.03 -6.14 44.98
C THR R 206 -45.26 -5.86 45.83
N VAL R 207 -45.36 -6.54 46.97
CA VAL R 207 -46.46 -6.37 47.90
C VAL R 207 -45.93 -5.66 49.13
N GLU R 208 -46.45 -4.46 49.40
CA GLU R 208 -46.01 -3.65 50.53
C GLU R 208 -46.93 -3.92 51.71
N LYS R 209 -46.39 -4.54 52.76
CA LYS R 209 -47.13 -4.87 53.97
C LYS R 209 -46.27 -4.47 55.18
N THR R 210 -46.57 -3.31 55.76
CA THR R 210 -45.82 -2.81 56.90
C THR R 210 -46.23 -3.53 58.17
N VAL R 211 -45.63 -3.14 59.29
CA VAL R 211 -45.90 -3.73 60.59
C VAL R 211 -46.24 -2.62 61.57
N ALA R 212 -47.24 -2.88 62.43
CA ALA R 212 -47.67 -1.91 63.41
C ALA R 212 -48.22 -2.64 64.62
N PRO R 213 -47.94 -2.15 65.84
CA PRO R 213 -48.43 -2.78 67.07
C PRO R 213 -49.93 -2.61 67.27
C1 NAG S . -14.93 63.72 -90.51
C2 NAG S . -13.97 62.92 -91.42
C3 NAG S . -14.53 61.54 -91.73
C4 NAG S . -14.94 60.82 -90.45
C5 NAG S . -15.88 61.68 -89.63
C6 NAG S . -16.24 61.08 -88.29
C7 NAG S . -14.57 63.93 -93.59
C8 NAG S . -14.05 64.68 -94.79
N2 NAG S . -13.67 63.65 -92.65
O3 NAG S . -13.56 60.77 -92.43
O4 NAG S . -15.54 59.55 -90.71
O5 NAG S . -15.26 62.95 -89.34
O6 NAG S . -15.07 60.75 -87.55
O7 NAG S . -15.75 63.61 -93.50
C1 NAG S . -16.47 59.56 -91.82
C2 NAG S . -16.64 58.11 -92.28
C3 NAG S . -17.64 58.03 -93.43
C4 NAG S . -18.94 58.73 -93.07
C5 NAG S . -18.67 60.15 -92.59
C6 NAG S . -19.91 60.84 -92.09
C7 NAG S . -14.84 56.48 -92.00
C8 NAG S . -13.52 55.99 -92.51
N2 NAG S . -15.37 57.51 -92.65
O3 NAG S . -17.87 56.67 -93.76
O4 NAG S . -19.81 58.76 -94.20
O5 NAG S . -17.74 60.12 -91.49
O6 NAG S . -19.94 60.91 -90.67
O7 NAG S . -15.39 55.96 -91.04
C1 NAG T . -2.56 68.63 -63.05
C2 NAG T . -2.63 68.44 -61.54
C3 NAG T . -1.38 69.01 -60.88
C4 NAG T . -0.12 68.45 -61.51
C5 NAG T . -0.17 68.58 -63.04
C6 NAG T . 0.97 67.86 -63.73
C7 NAG T . -4.14 70.33 -61.05
C8 NAG T . -5.43 70.73 -60.40
N2 NAG T . -3.83 69.03 -60.98
O3 NAG T . -1.41 68.72 -59.49
O4 NAG T . 1.02 69.18 -61.07
O5 NAG T . -1.38 67.99 -63.55
O6 NAG T . 1.40 68.57 -64.89
O7 NAG T . -3.42 71.15 -61.61
C1 NAG T . 1.69 68.48 -60.00
C2 NAG T . 3.20 68.65 -60.19
C3 NAG T . 3.95 67.97 -59.04
C4 NAG T . 3.45 68.49 -57.71
C5 NAG T . 1.93 68.32 -57.62
C6 NAG T . 1.35 68.93 -56.36
C7 NAG T . 4.31 68.82 -62.37
C8 NAG T . 4.67 68.10 -63.64
N2 NAG T . 3.64 68.10 -61.47
O3 NAG T . 5.34 68.25 -59.17
O4 NAG T . 4.05 67.77 -56.64
O5 NAG T . 1.30 68.99 -58.73
O6 NAG T . 0.98 70.29 -56.56
O7 NAG T . 4.62 69.99 -62.18
C1 NAG U . 16.10 78.40 -23.58
C2 NAG U . 16.55 79.31 -22.44
C3 NAG U . 17.67 80.23 -22.92
C4 NAG U . 18.80 79.42 -23.54
C5 NAG U . 18.25 78.51 -24.64
C6 NAG U . 19.29 77.59 -25.22
C7 NAG U . 14.73 79.70 -20.85
C8 NAG U . 13.62 80.62 -20.43
N2 NAG U . 15.44 80.07 -21.91
O3 NAG U . 18.17 80.99 -21.83
O4 NAG U . 19.77 80.28 -24.11
O5 NAG U . 17.22 77.67 -24.10
O6 NAG U . 18.75 76.76 -26.24
O7 NAG U . 14.96 78.66 -20.25
C1 NAG U . 20.96 80.24 -23.29
C2 NAG U . 22.18 80.41 -24.18
C3 NAG U . 23.45 80.42 -23.34
C4 NAG U . 23.35 81.47 -22.23
C5 NAG U . 22.08 81.25 -21.42
C6 NAG U . 21.85 82.34 -20.39
C7 NAG U . 22.16 79.61 -26.50
C8 NAG U . 22.24 78.40 -27.40
N2 NAG U . 22.25 79.36 -25.19
O3 NAG U . 24.57 80.70 -24.17
O4 NAG U . 24.48 81.38 -21.38
O5 NAG U . 20.94 81.28 -22.29
O6 NAG U . 20.55 82.25 -19.83
O7 NAG U . 22.01 80.74 -26.94
C1 NAG V . 8.92 90.68 -71.38
C2 NAG V . 9.84 91.82 -70.94
C3 NAG V . 11.27 91.57 -71.43
C4 NAG V . 11.75 90.19 -70.99
C5 NAG V . 10.76 89.13 -71.43
C6 NAG V . 11.12 87.75 -70.93
C7 NAG V . 9.19 93.45 -72.69
C8 NAG V . 8.67 94.84 -72.94
N2 NAG V . 9.35 93.11 -71.40
O3 NAG V . 12.12 92.59 -70.89
O4 NAG V . 13.02 89.91 -71.56
O5 NAG V . 9.46 89.43 -70.92
O6 NAG V . 10.11 86.80 -71.25
O7 NAG V . 9.47 92.69 -73.61
C1 NAG V . 14.06 90.13 -70.60
C2 NAG V . 15.23 89.19 -70.91
C3 NAG V . 16.40 89.45 -69.96
C4 NAG V . 16.78 90.92 -69.97
C5 NAG V . 15.55 91.78 -69.68
C6 NAG V . 15.83 93.26 -69.78
C7 NAG V . 14.36 87.17 -69.77
C8 NAG V . 14.01 85.73 -69.94
N2 NAG V . 14.83 87.80 -70.87
O3 NAG V . 17.52 88.66 -70.35
O4 NAG V . 17.78 91.18 -68.99
O5 NAG V . 14.52 91.49 -70.63
O6 NAG V . 15.10 93.86 -70.86
O7 NAG V . 14.24 87.74 -68.70
C1 NAG W . 8.63 103.26 -11.26
C2 NAG W . 9.50 103.28 -12.52
C3 NAG W . 10.95 103.50 -12.15
C4 NAG W . 11.11 104.75 -11.28
C5 NAG W . 10.17 104.67 -10.08
C6 NAG W . 10.17 105.93 -9.24
C7 NAG W . 8.70 101.99 -14.45
C8 NAG W . 8.63 100.65 -15.09
N2 NAG W . 9.34 102.05 -13.28
O3 NAG W . 11.73 103.64 -13.34
O4 NAG W . 12.45 104.84 -10.81
O5 NAG W . 8.82 104.47 -10.52
O6 NAG W . 9.62 107.03 -9.95
O7 NAG W . 8.19 102.99 -14.96
C1 NAG W . 13.11 105.94 -11.46
C2 NAG W . 14.25 106.42 -10.56
C3 NAG W . 15.01 107.55 -11.24
C4 NAG W . 15.49 107.12 -12.62
C5 NAG W . 14.31 106.61 -13.44
C6 NAG W . 14.73 106.05 -14.79
C7 NAG W . 13.59 106.04 -8.23
C8 NAG W . 13.05 106.65 -6.97
N2 NAG W . 13.74 106.87 -9.27
O3 NAG W . 16.13 107.91 -10.44
O4 NAG W . 16.10 108.22 -13.29
O5 NAG W . 13.64 105.55 -12.74
O6 NAG W . 15.30 104.75 -14.66
O7 NAG W . 13.87 104.84 -8.30
C1 NAG X . -62.04 74.92 -2.49
C2 NAG X . -63.53 75.23 -2.59
C3 NAG X . -63.90 76.35 -1.63
C4 NAG X . -63.45 76.02 -0.21
C5 NAG X . -61.97 75.67 -0.20
C6 NAG X . -61.48 75.21 1.15
C7 NAG X . -64.67 74.82 -4.72
C8 NAG X . -64.94 75.34 -6.10
N2 NAG X . -63.90 75.58 -3.95
O3 NAG X . -65.31 76.57 -1.66
O4 NAG X . -63.69 77.11 0.65
O5 NAG X . -61.71 74.61 -1.12
O6 NAG X . -62.33 74.23 1.70
O7 NAG X . -65.13 73.75 -4.33
C1 NAG X . -64.78 76.79 1.55
C2 NAG X . -64.61 77.61 2.83
C3 NAG X . -65.78 77.34 3.77
C4 NAG X . -67.11 77.57 3.07
C5 NAG X . -67.17 76.76 1.77
C6 NAG X . -68.42 77.04 0.96
C7 NAG X . -62.33 78.19 3.53
C8 NAG X . -61.10 77.71 4.23
N2 NAG X . -63.35 77.31 3.47
O3 NAG X . -65.67 78.18 4.91
O4 NAG X . -68.19 77.18 3.92
O5 NAG X . -66.05 77.09 0.94
O6 NAG X . -68.95 75.85 0.42
O7 NAG X . -62.41 79.30 3.03
C1 BMA X . -68.90 78.36 4.35
C2 BMA X . -70.28 77.91 4.88
C3 BMA X . -71.01 79.10 5.51
C4 BMA X . -70.10 79.86 6.51
C5 BMA X . -68.79 80.25 5.82
C6 BMA X . -67.83 80.97 6.75
O2 BMA X . -70.14 76.93 5.89
O3 BMA X . -72.21 78.70 6.16
O4 BMA X . -70.76 81.02 6.98
O5 BMA X . -68.16 79.05 5.35
O6 BMA X . -67.34 80.04 7.69
C1 NAG Y . -23.71 156.83 -16.66
C2 NAG Y . -23.54 158.32 -16.40
C3 NAG Y . -22.07 158.70 -16.48
C4 NAG Y . -21.23 157.82 -15.55
C5 NAG Y . -21.53 156.34 -15.82
C6 NAG Y . -20.85 155.42 -14.84
C7 NAG Y . -25.44 159.77 -16.99
C8 NAG Y . -26.12 160.53 -18.08
N2 NAG Y . -24.32 159.10 -17.33
O3 NAG Y . -21.92 160.07 -16.11
O4 NAG Y . -19.85 158.06 -15.79
O5 NAG Y . -22.93 156.09 -15.72
O6 NAG Y . -21.06 154.05 -15.17
O7 NAG Y . -25.87 159.76 -15.84
C1 NAG Y . -19.28 158.77 -14.67
C2 NAG Y . -17.76 158.68 -14.78
C3 NAG Y . -17.10 159.46 -13.64
C4 NAG Y . -17.62 160.89 -13.63
C5 NAG Y . -19.15 160.89 -13.56
C6 NAG Y . -19.74 162.28 -13.65
C7 NAG Y . -17.50 156.42 -13.78
C8 NAG Y . -16.95 155.04 -13.99
N2 NAG Y . -17.31 157.29 -14.78
O3 NAG Y . -15.69 159.46 -13.83
O4 NAG Y . -17.11 161.57 -12.48
O5 NAG Y . -19.68 160.15 -14.66
O6 NAG Y . -19.26 162.97 -14.79
O7 NAG Y . -18.11 156.73 -12.75
C1 NAG Z . -5.33 146.50 -25.14
C2 NAG Z . -4.30 147.42 -24.48
C3 NAG Z . -2.98 146.67 -24.27
C4 NAG Z . -3.22 145.38 -23.50
C5 NAG Z . -4.29 144.55 -24.19
C6 NAG Z . -4.67 143.30 -23.42
C7 NAG Z . -4.68 149.77 -25.03
C8 NAG Z . -4.34 150.91 -25.96
N2 NAG Z . -4.08 148.61 -25.28
O3 NAG Z . -2.06 147.50 -23.57
O4 NAG Z . -2.01 144.62 -23.43
O5 NAG Z . -5.50 145.32 -24.34
O6 NAG Z . -5.64 143.58 -22.42
O7 NAG Z . -5.46 149.92 -24.09
C1 NAG Z . -1.56 144.61 -22.05
C2 NAG Z . -0.53 143.49 -21.90
C3 NAG Z . 0.00 143.47 -20.47
C4 NAG Z . 0.52 144.84 -20.07
C5 NAG Z . -0.56 145.90 -20.30
C6 NAG Z . -0.07 147.31 -20.04
C7 NAG Z . -0.89 141.62 -23.45
C8 NAG Z . -1.54 140.29 -23.64
N2 NAG Z . -1.09 142.20 -22.26
O3 NAG Z . 1.05 142.51 -20.37
O4 NAG Z . 0.89 144.84 -18.70
O5 NAG Z . -0.99 145.86 -21.66
O6 NAG Z . -1.15 148.18 -19.73
O7 NAG Z . -0.21 142.15 -24.32
C1 NAG AA . -39.09 169.88 -14.70
C2 NAG AA . -38.61 170.53 -13.39
C3 NAG AA . -38.39 172.02 -13.59
C4 NAG AA . -37.47 172.28 -14.77
C5 NAG AA . -38.00 171.57 -16.02
C6 NAG AA . -37.07 171.69 -17.20
C7 NAG AA . -39.40 169.29 -11.42
C8 NAG AA . -40.45 169.18 -10.36
N2 NAG AA . -39.55 170.27 -12.31
O3 NAG AA . -37.85 172.58 -12.41
O4 NAG AA . -37.36 173.67 -15.02
O5 NAG AA . -38.16 170.17 -15.75
O6 NAG AA . -35.78 171.16 -16.90
O7 NAG AA . -38.44 168.52 -11.46
C1 NAG AA . -36.00 174.08 -14.73
C2 NAG AA . -35.79 175.48 -15.30
C3 NAG AA . -34.39 175.98 -14.97
C4 NAG AA . -34.13 175.88 -13.48
C5 NAG AA . -34.41 174.47 -12.98
C6 NAG AA . -34.28 174.34 -11.48
C7 NAG AA . -37.21 175.80 -17.28
C8 NAG AA . -37.27 175.77 -18.78
N2 NAG AA . -36.02 175.51 -16.74
O3 NAG AA . -34.25 177.33 -15.41
O4 NAG AA . -32.77 176.22 -13.20
O5 NAG AA . -35.75 174.09 -13.31
O6 NAG AA . -34.98 175.38 -10.80
O7 NAG AA . -38.19 176.07 -16.60
C1 NAG BA . -63.84 139.60 -20.38
C2 NAG BA . -64.88 140.34 -19.53
C3 NAG BA . -65.68 139.36 -18.68
C4 NAG BA . -66.26 138.26 -19.55
C5 NAG BA . -65.16 137.58 -20.34
C6 NAG BA . -65.67 136.53 -21.31
C7 NAG BA . -64.40 142.66 -18.90
C8 NAG BA . -63.68 143.56 -17.95
N2 NAG BA . -64.26 141.35 -18.70
O3 NAG BA . -66.71 140.05 -18.00
O4 NAG BA . -66.94 137.29 -18.74
O5 NAG BA . -64.47 138.56 -21.14
O6 NAG BA . -64.95 136.56 -22.53
O7 NAG BA . -65.08 143.10 -19.83
C1 NAG BA . -68.35 137.35 -19.05
C2 NAG BA . -68.98 136.01 -18.69
C3 NAG BA . -70.48 136.05 -18.96
C4 NAG BA . -71.12 137.24 -18.27
C5 NAG BA . -70.39 138.53 -18.65
C6 NAG BA . -70.90 139.74 -17.90
C7 NAG BA . -67.62 133.98 -18.81
C8 NAG BA . -67.05 132.92 -19.71
N2 NAG BA . -68.36 134.91 -19.41
O3 NAG BA . -71.08 134.84 -18.51
O4 NAG BA . -72.49 137.36 -18.64
O5 NAG BA . -69.00 138.41 -18.34
O6 NAG BA . -70.85 140.91 -18.70
O7 NAG BA . -67.42 133.98 -17.60
C1 NAG CA . -80.62 61.09 -17.31
C2 NAG CA . -80.99 59.68 -16.85
C3 NAG CA . -80.50 59.43 -15.42
C4 NAG CA . -79.03 59.75 -15.31
C5 NAG CA . -78.71 61.13 -15.87
C6 NAG CA . -77.23 61.42 -15.93
C7 NAG CA . -83.37 60.13 -16.30
C8 NAG CA . -84.78 59.71 -16.55
N2 NAG CA . -82.43 59.43 -16.96
O3 NAG CA . -80.74 58.08 -15.06
O4 NAG CA . -78.65 59.72 -13.94
O5 NAG CA . -79.21 61.26 -17.21
O6 NAG CA . -76.72 61.79 -14.65
O7 NAG CA . -83.09 61.04 -15.53
C1 NAG CA . -77.72 58.64 -13.68
C2 NAG CA . -77.63 58.46 -12.16
C3 NAG CA . -76.70 57.29 -11.83
C4 NAG CA . -77.12 56.03 -12.58
C5 NAG CA . -77.24 56.33 -14.07
C6 NAG CA . -77.77 55.16 -14.86
C7 NAG CA . -76.04 60.28 -11.69
C8 NAG CA . -75.80 61.53 -10.89
N2 NAG CA . -77.21 59.67 -11.49
O3 NAG CA . -76.73 57.05 -10.42
O4 NAG CA . -76.17 55.00 -12.37
O5 NAG CA . -78.14 57.42 -14.29
O6 NAG CA . -78.86 54.52 -14.20
O7 NAG CA . -75.20 59.85 -12.48
C1 BMA CA . -76.74 53.98 -11.53
C2 BMA CA . -75.80 52.74 -11.57
C3 BMA CA . -76.25 51.70 -10.55
C4 BMA CA . -76.50 52.32 -9.17
C5 BMA CA . -77.48 53.49 -9.29
C6 BMA CA . -77.76 54.18 -7.97
O2 BMA CA . -74.47 53.11 -11.22
O3 BMA CA . -75.32 50.64 -10.44
O4 BMA CA . -77.03 51.35 -8.29
O5 BMA CA . -76.91 54.46 -10.19
O6 BMA CA . -78.84 55.08 -8.16
C1 NAG DA . -24.32 -89.24 63.21
C2 NAG DA . -24.84 -88.04 64.00
C3 NAG DA . -26.35 -87.89 63.83
C4 NAG DA . -26.73 -87.87 62.35
C5 NAG DA . -26.15 -89.09 61.64
C6 NAG DA . -26.38 -89.06 60.15
C7 NAG DA . -24.87 -89.08 66.24
C8 NAG DA . -24.37 -88.96 67.65
N2 NAG DA . -24.47 -88.10 65.40
O3 NAG DA . -26.79 -86.70 64.46
O4 NAG DA . -28.15 -87.84 62.20
O5 NAG DA . -24.73 -89.13 61.83
O6 NAG DA . -25.90 -87.85 59.57
O7 NAG DA . -25.58 -90.00 65.88
C1 NAG DA . -28.78 -88.96 62.85
C2 NAG DA . -30.00 -88.46 63.61
C3 NAG DA . -30.73 -89.62 64.28
C4 NAG DA . -31.05 -90.70 63.25
C5 NAG DA . -29.79 -91.11 62.50
C6 NAG DA . -30.05 -92.10 61.39
C7 NAG DA . -30.10 -86.21 64.59
C8 NAG DA . -29.61 -85.32 65.68
N2 NAG DA . -29.62 -87.46 64.60
O3 NAG DA . -31.92 -89.15 64.89
O4 NAG DA . -31.61 -91.84 63.91
O5 NAG DA . -29.18 -89.97 61.90
O6 NAG DA . -28.98 -92.14 60.46
O7 NAG DA . -30.90 -85.82 63.74
C1 NAG EA . -1.42 -69.32 61.82
C2 NAG EA . -0.48 -68.46 60.97
C3 NAG EA . 0.39 -67.59 61.88
C4 NAG EA . -0.47 -66.78 62.83
C5 NAG EA . -1.41 -67.70 63.60
C6 NAG EA . -2.38 -66.96 64.50
C7 NAG EA . -0.01 -69.60 58.86
C8 NAG EA . 0.96 -70.46 58.10
N2 NAG EA . 0.34 -69.28 60.10
O3 NAG EA . 1.17 -66.72 61.06
O4 NAG EA . 0.35 -66.07 63.75
O5 NAG EA . -2.19 -68.48 62.68
O6 NAG EA . -2.98 -67.83 65.45
O7 NAG EA . -1.06 -69.22 58.36
C1 NAG EA . 0.34 -64.67 63.42
C2 NAG EA . 0.33 -63.85 64.71
C3 NAG EA . 0.38 -62.36 64.40
C4 NAG EA . 1.57 -62.05 63.49
C5 NAG EA . 1.53 -62.94 62.25
C6 NAG EA . 2.74 -62.76 61.37
C7 NAG EA . -0.81 -64.30 66.83
C8 NAG EA . -2.11 -64.63 67.51
N2 NAG EA . -0.85 -64.17 65.50
O3 NAG EA . 0.48 -61.62 65.60
O4 NAG EA . 1.53 -60.69 63.09
O5 NAG EA . 1.49 -64.32 62.64
O6 NAG EA . 3.91 -63.32 61.97
O7 NAG EA . 0.23 -64.17 67.48
C1 NAG FA . 33.97 -43.33 59.78
C2 NAG FA . 35.44 -42.97 59.91
C3 NAG FA . 35.89 -43.10 61.36
C4 NAG FA . 35.00 -42.28 62.27
C5 NAG FA . 33.53 -42.64 62.05
C6 NAG FA . 32.57 -41.78 62.82
C7 NAG FA . 36.65 -43.43 57.82
C8 NAG FA . 37.48 -44.43 57.06
N2 NAG FA . 36.26 -43.81 59.04
O3 NAG FA . 37.25 -42.66 61.48
O4 NAG FA . 35.34 -42.51 63.64
O5 NAG FA . 33.19 -42.50 60.66
O6 NAG FA . 32.73 -40.40 62.49
O7 NAG FA . 36.32 -42.36 57.33
C1 NAG FA . 35.95 -41.33 64.17
C2 NAG FA . 35.73 -41.31 65.69
C3 NAG FA . 36.42 -40.09 66.31
C4 NAG FA . 37.89 -40.06 65.91
C5 NAG FA . 38.03 -40.13 64.39
C6 NAG FA . 39.47 -40.23 63.94
C7 NAG FA . 33.63 -42.40 66.33
C8 NAG FA . 32.17 -42.23 66.62
N2 NAG FA . 34.31 -41.30 66.00
O3 NAG FA . 36.30 -40.15 67.72
O4 NAG FA . 38.49 -38.85 66.38
O5 NAG FA . 37.37 -41.31 63.90
O6 NAG FA . 39.60 -39.87 62.57
O7 NAG FA . 34.17 -43.51 66.38
C1 NAG GA . 12.58 -30.67 48.52
C2 NAG GA . 12.38 -29.23 48.09
C3 NAG GA . 11.88 -28.38 49.25
C4 NAG GA . 10.64 -29.02 49.87
C5 NAG GA . 10.90 -30.48 50.21
C6 NAG GA . 9.67 -31.20 50.71
C7 NAG GA . 14.76 -28.52 48.20
C8 NAG GA . 15.90 -27.92 47.43
N2 NAG GA . 13.61 -28.66 47.52
O3 NAG GA . 11.57 -27.07 48.78
O4 NAG GA . 10.29 -28.32 51.06
O5 NAG GA . 11.36 -31.19 49.05
O6 NAG GA . 9.17 -32.11 49.73
O7 NAG GA . 14.88 -28.87 49.37
C1 NAG GA . 9.05 -27.63 50.87
C2 NAG GA . 8.59 -27.07 52.23
C3 NAG GA . 7.30 -26.28 52.07
C4 NAG GA . 7.46 -25.21 50.99
C5 NAG GA . 7.96 -25.83 49.70
C6 NAG GA . 8.26 -24.80 48.63
C7 NAG GA . 9.37 -28.49 54.07
C8 NAG GA . 9.03 -29.62 55.00
N2 NAG GA . 8.42 -28.14 53.20
O3 NAG GA . 6.96 -25.68 53.31
O4 NAG GA . 6.21 -24.57 50.76
O5 NAG GA . 9.18 -26.54 49.93
O6 NAG GA . 9.60 -24.34 48.71
O7 NAG GA . 10.46 -27.92 54.11
C1 NAG HA . 42.56 -74.94 78.09
C2 NAG HA . 44.04 -74.84 77.71
C3 NAG HA . 44.88 -74.46 78.92
C4 NAG HA . 44.33 -73.20 79.57
C5 NAG HA . 42.85 -73.37 79.89
C6 NAG HA . 42.21 -72.12 80.43
C7 NAG HA . 44.55 -77.26 77.72
C8 NAG HA . 45.09 -78.41 76.92
N2 NAG HA . 44.52 -76.07 77.10
O3 NAG HA . 46.23 -74.26 78.53
O4 NAG HA . 45.04 -72.92 80.78
O5 NAG HA . 42.13 -73.71 78.69
O6 NAG HA . 42.54 -70.98 79.65
O7 NAG HA . 44.15 -77.42 78.88
C1 NAG HA . 45.86 -71.76 80.57
C2 NAG HA . 46.23 -71.18 81.95
C3 NAG HA . 47.15 -69.97 81.77
C4 NAG HA . 48.37 -70.34 80.92
C5 NAG HA . 47.90 -70.96 79.60
C6 NAG HA . 49.05 -71.46 78.75
C7 NAG HA . 44.87 -71.14 83.98
C8 NAG HA . 43.58 -70.68 84.60
N2 NAG HA . 45.05 -70.82 82.69
O3 NAG HA . 47.59 -69.53 83.05
O4 NAG HA . 49.14 -69.19 80.66
O5 NAG HA . 47.05 -72.08 79.84
O6 NAG HA . 49.97 -72.22 79.52
O7 NAG HA . 45.70 -71.79 84.61
C1 NAG IA . 57.63 -129.96 88.14
C2 NAG IA . 57.63 -130.53 89.56
C3 NAG IA . 56.60 -131.66 89.67
C4 NAG IA . 55.23 -131.18 89.19
C5 NAG IA . 55.34 -130.58 87.79
C6 NAG IA . 54.04 -130.00 87.30
C7 NAG IA . 59.64 -131.96 89.35
C8 NAG IA . 60.99 -132.27 89.93
N2 NAG IA . 58.95 -130.99 89.96
O3 NAG IA . 56.53 -132.09 91.02
O4 NAG IA . 54.32 -132.28 89.17
O5 NAG IA . 56.31 -129.53 87.79
O6 NAG IA . 54.28 -128.93 86.38
O7 NAG IA . 59.21 -132.56 88.37
C1 NAG IA . 53.36 -132.11 90.22
C2 NAG IA . 52.09 -132.88 89.85
C3 NAG IA . 51.06 -132.77 90.98
C4 NAG IA . 51.67 -133.21 92.30
C5 NAG IA . 52.96 -132.43 92.57
C6 NAG IA . 53.68 -132.91 93.81
C7 NAG IA . 51.37 -133.16 87.53
C8 NAG IA . 50.78 -132.49 86.32
N2 NAG IA . 51.53 -132.39 88.60
O3 NAG IA . 49.94 -133.57 90.66
O4 NAG IA . 50.75 -132.97 93.36
O5 NAG IA . 53.87 -132.60 91.47
O6 NAG IA . 54.63 -131.95 94.26
O7 NAG IA . 51.68 -134.35 87.52
C1 NAG JA . 41.65 -137.75 75.47
C2 NAG JA . 41.24 -139.04 76.20
C3 NAG JA . 39.73 -139.24 76.08
C4 NAG JA . 38.99 -138.00 76.56
C5 NAG JA . 39.49 -136.76 75.80
C6 NAG JA . 38.89 -135.48 76.31
C7 NAG JA . 42.44 -141.15 76.47
C8 NAG JA . 43.15 -142.27 75.77
N2 NAG JA . 41.96 -140.19 75.69
O3 NAG JA . 39.35 -140.36 76.86
O4 NAG JA . 37.58 -138.15 76.32
O5 NAG JA . 40.91 -136.65 75.98
O6 NAG JA . 39.25 -135.21 77.65
O7 NAG JA . 42.31 -141.12 77.69
C1 NAG JA . 36.91 -138.26 77.59
C2 NAG JA . 35.43 -137.94 77.38
C3 NAG JA . 34.67 -138.10 78.69
C4 NAG JA . 34.91 -139.48 79.29
C5 NAG JA . 36.41 -139.74 79.42
C6 NAG JA . 36.72 -141.14 79.89
C7 NAG JA . 35.10 -136.35 75.54
C8 NAG JA . 34.93 -134.90 75.17
N2 NAG JA . 35.26 -136.60 76.85
O3 NAG JA . 33.28 -137.91 78.45
O4 NAG JA . 34.31 -139.57 80.57
O5 NAG JA . 37.05 -139.58 78.14
O6 NAG JA . 35.93 -142.11 79.21
O7 NAG JA . 35.08 -137.24 74.70
C1 NAG KA . 75.50 -129.46 96.96
C2 NAG KA . 74.87 -129.81 98.30
C3 NAG KA . 75.65 -130.93 98.97
C4 NAG KA . 75.76 -132.12 98.04
C5 NAG KA . 76.36 -131.69 96.71
C6 NAG KA . 76.39 -132.81 95.68
C7 NAG KA . 73.72 -127.90 99.32
C8 NAG KA . 73.84 -126.73 100.25
N2 NAG KA . 74.82 -128.63 99.17
O3 NAG KA . 74.99 -131.31 100.18
O4 NAG KA . 76.59 -133.12 98.63
O5 NAG KA . 75.56 -130.64 96.14
O6 NAG KA . 75.09 -133.27 95.37
O7 NAG KA . 72.67 -128.15 98.74
C1 NAG KA . 75.78 -134.26 98.99
C2 NAG KA . 76.69 -135.44 99.29
C3 NAG KA . 75.87 -136.65 99.72
C4 NAG KA . 74.96 -136.29 100.89
C5 NAG KA . 74.12 -135.06 100.53
C6 NAG KA . 73.28 -134.57 101.68
C7 NAG KA . 78.85 -135.79 98.15
C8 NAG KA . 79.53 -136.15 96.87
N2 NAG KA . 77.51 -135.78 98.13
O3 NAG KA . 76.74 -137.71 100.11
O4 NAG KA . 74.11 -137.37 101.20
O5 NAG KA . 74.97 -133.98 100.14
O6 NAG KA . 74.00 -134.60 102.90
O7 NAG KA . 79.48 -135.51 99.17
C1 NAG LA . 94.91 -122.03 91.33
C2 NAG LA . 95.18 -120.77 92.14
C3 NAG LA . 96.46 -120.09 91.65
C4 NAG LA . 97.62 -121.08 91.66
C5 NAG LA . 97.25 -122.33 90.88
C6 NAG LA . 98.31 -123.41 90.95
C7 NAG LA . 93.67 -119.07 93.08
C8 NAG LA . 92.49 -118.19 92.82
N2 NAG LA . 94.05 -119.85 92.06
O3 NAG LA . 96.76 -118.98 92.49
O4 NAG LA . 98.78 -120.49 91.09
O5 NAG LA . 96.04 -122.90 91.40
O6 NAG LA . 97.90 -124.47 91.80
O7 NAG LA . 94.24 -119.09 94.16
C1 NAG LA . 99.73 -120.20 92.13
C2 NAG LA . 101.14 -120.45 91.59
C3 NAG LA . 102.18 -120.11 92.65
C4 NAG LA . 101.96 -118.69 93.18
C5 NAG LA . 100.52 -118.53 93.65
C6 NAG LA . 100.21 -117.10 94.07
C7 NAG LA . 101.91 -122.16 90.01
C8 NAG LA . 101.98 -123.63 89.71
N2 NAG LA . 101.29 -121.83 91.15
O3 NAG LA . 103.49 -120.24 92.10
O4 NAG LA . 102.85 -118.44 94.26
O5 NAG LA . 99.62 -118.86 92.59
O6 NAG LA . 98.94 -116.69 93.57
O7 NAG LA . 102.40 -121.32 89.27
C1 NAG MA . 7.92 -79.26 83.71
C2 NAG MA . 9.01 -79.31 84.79
C3 NAG MA . 8.58 -78.49 86.01
C4 NAG MA . 8.20 -77.08 85.60
C5 NAG MA . 7.13 -77.13 84.51
C6 NAG MA . 6.78 -75.75 83.96
C7 NAG MA . 8.46 -81.54 85.71
C8 NAG MA . 9.00 -82.90 86.02
N2 NAG MA . 9.33 -80.67 85.16
O3 NAG MA . 9.66 -78.44 86.94
O4 NAG MA . 7.69 -76.36 86.72
O5 NAG MA . 7.62 -77.89 83.39
O6 NAG MA . 6.04 -74.99 84.92
O7 NAG MA . 7.29 -81.23 85.94
C1 NAG MA . 8.61 -75.28 87.04
C2 NAG MA . 8.19 -74.67 88.38
C3 NAG MA . 9.16 -73.56 88.78
C4 NAG MA . 10.59 -74.08 88.77
C5 NAG MA . 10.90 -74.71 87.41
C6 NAG MA . 12.27 -75.34 87.36
C7 NAG MA . 6.38 -73.21 87.52
C8 NAG MA . 4.93 -72.85 87.64
N2 NAG MA . 6.82 -74.18 88.34
O3 NAG MA . 8.82 -73.10 90.09
O4 NAG MA . 11.49 -73.01 89.01
O5 NAG MA . 9.95 -75.75 87.12
O6 NAG MA . 12.33 -76.40 86.41
O7 NAG MA . 7.12 -72.65 86.71
C1 NAG NA . 47.66 -28.26 40.15
C2 NAG NA . 48.17 -26.86 40.47
C3 NAG NA . 47.15 -25.82 40.03
C4 NAG NA . 46.77 -26.02 38.57
C5 NAG NA . 46.35 -27.47 38.32
C6 NAG NA . 46.10 -27.76 36.86
C7 NAG NA . 49.69 -26.88 42.40
C8 NAG NA . 49.81 -26.71 43.88
N2 NAG NA . 48.46 -26.73 41.89
O3 NAG NA . 47.71 -24.51 40.21
O4 NAG NA . 45.70 -25.14 38.20
O5 NAG NA . 47.38 -28.36 38.76
O6 NAG NA . 45.39 -28.97 36.68
O7 NAG NA . 50.65 -27.17 41.70
C1 NAG NA . 44.68 -25.04 39.21
C2 NAG NA . 44.04 -23.66 39.11
C3 NAG NA . 42.92 -23.51 40.14
C4 NAG NA . 41.93 -24.67 40.03
C5 NAG NA . 42.66 -26.00 40.09
C6 NAG NA . 41.75 -27.19 39.87
C7 NAG NA . 45.32 -21.73 38.31
C8 NAG NA . 46.37 -20.71 38.65
N2 NAG NA . 45.03 -22.61 39.28
O3 NAG NA . 42.25 -22.28 39.96
O4 NAG NA . 40.98 -24.60 41.09
O5 NAG NA . 43.68 -26.06 39.07
O6 NAG NA . 41.07 -27.10 38.62
O7 NAG NA . 44.77 -21.76 37.21
C1 BMA NA . 39.67 -24.33 40.53
C2 BMA NA . 38.66 -24.30 41.71
C3 BMA NA . 37.28 -23.86 41.20
C4 BMA NA . 37.37 -22.60 40.33
C5 BMA NA . 38.39 -22.81 39.20
C6 BMA NA . 38.56 -21.59 38.32
O2 BMA NA . 39.05 -23.34 42.68
O3 BMA NA . 36.37 -23.66 42.27
O4 BMA NA . 36.10 -22.31 39.77
O5 BMA NA . 39.66 -23.11 39.81
O6 BMA NA . 39.33 -21.96 37.18
C1 NAG OA . 39.49 -51.86 22.32
C2 NAG OA . 38.03 -51.52 22.04
C3 NAG OA . 37.25 -52.78 21.67
C4 NAG OA . 37.93 -53.53 20.53
C5 NAG OA . 39.40 -53.79 20.88
C6 NAG OA . 40.17 -54.42 19.75
C7 NAG OA . 37.27 -51.35 24.38
C8 NAG OA . 36.61 -50.47 25.39
N2 NAG OA . 37.41 -50.83 23.16
O3 NAG OA . 35.93 -52.43 21.30
O4 NAG OA . 37.27 -54.75 20.25
O5 NAG OA . 40.06 -52.56 21.19
O6 NAG OA . 41.33 -53.67 19.43
O7 NAG OA . 37.67 -52.47 24.67
C1 NAG OA . 37.12 -55.56 21.43
C2 NAG OA . 35.70 -56.14 21.44
C3 NAG OA . 35.49 -57.04 22.65
C4 NAG OA . 36.59 -58.10 22.70
C5 NAG OA . 37.98 -57.46 22.65
C6 NAG OA . 39.10 -58.46 22.57
C7 NAG OA . 33.93 -54.83 20.36
C8 NAG OA . 32.96 -53.70 20.52
N2 NAG OA . 34.70 -55.09 21.42
O3 NAG OA . 34.22 -57.66 22.57
O4 NAG OA . 36.48 -58.86 23.91
O5 NAG OA . 38.07 -56.64 21.47
O6 NAG OA . 39.67 -58.51 21.27
O7 NAG OA . 34.01 -55.47 19.32
C1 NAG PA . 59.53 -56.17 60.40
C2 NAG PA . 58.83 -56.65 61.68
C3 NAG PA . 59.22 -55.77 62.85
C4 NAG PA . 60.74 -55.67 62.98
C5 NAG PA . 61.37 -55.26 61.65
C6 NAG PA . 62.87 -55.28 61.67
C7 NAG PA . 56.60 -57.58 62.05
C8 NAG PA . 55.13 -57.46 61.77
N2 NAG PA . 57.39 -56.67 61.50
O3 NAG PA . 58.66 -56.29 64.05
O4 NAG PA . 61.08 -54.72 63.97
O5 NAG PA . 60.94 -56.16 60.60
O6 NAG PA . 63.35 -56.39 62.41
O7 NAG PA . 57.04 -58.49 62.76
C1 NAG PA . 61.61 -55.39 65.13
C2 NAG PA . 62.31 -54.35 66.00
C3 NAG PA . 62.85 -55.01 67.27
C4 NAG PA . 61.74 -55.76 67.99
C5 NAG PA . 61.06 -56.74 67.04
C6 NAG PA . 59.86 -57.43 67.65
C7 NAG PA . 63.31 -52.44 64.83
C8 NAG PA . 64.50 -51.91 64.09
N2 NAG PA . 63.39 -53.69 65.28
O3 NAG PA . 63.40 -54.01 68.13
O4 NAG PA . 62.27 -56.48 69.09
O5 NAG PA . 60.57 -56.03 65.87
O6 NAG PA . 59.00 -56.50 68.29
O7 NAG PA . 62.31 -51.75 65.01
C1 NAG QA . 47.25 -85.28 -9.59
C2 NAG QA . 47.48 -86.68 -10.16
C3 NAG QA . 48.97 -86.97 -10.27
C4 NAG QA . 49.68 -85.87 -11.06
C5 NAG QA . 49.36 -84.51 -10.47
C6 NAG QA . 49.92 -83.37 -11.27
C7 NAG QA . 45.61 -88.17 -9.62
C8 NAG QA . 45.08 -89.21 -8.67
N2 NAG QA . 46.81 -87.69 -9.35
O3 NAG QA . 49.16 -88.23 -10.91
O4 NAG QA . 51.09 -86.08 -11.02
O5 NAG QA . 47.94 -84.32 -10.40
O6 NAG QA . 49.33 -83.31 -12.57
O7 NAG QA . 44.96 -87.79 -10.60
C1 NAG QA . 51.55 -86.51 -12.31
C2 NAG QA . 53.07 -86.65 -12.23
C3 NAG QA . 53.63 -87.17 -13.57
C4 NAG QA . 52.91 -88.46 -13.97
C5 NAG QA . 51.39 -88.24 -13.98
C6 NAG QA . 50.61 -89.51 -14.26
C7 NAG QA . 53.89 -85.00 -10.63
C8 NAG QA . 54.56 -83.66 -10.45
N2 NAG QA . 53.70 -85.39 -11.89
O3 NAG QA . 55.02 -87.42 -13.43
O4 NAG QA . 53.34 -89.00 -15.22
O5 NAG QA . 50.97 -87.77 -12.69
O6 NAG QA . 51.02 -90.56 -13.39
O7 NAG QA . 53.56 -85.69 -9.67
C1 BMA QA . 53.88 -88.26 -16.37
C2 BMA QA . 52.79 -87.32 -17.07
C3 BMA QA . 53.41 -86.67 -18.30
C4 BMA QA . 54.72 -85.95 -17.93
C5 BMA QA . 55.71 -86.92 -17.25
C6 BMA QA . 57.01 -86.25 -16.82
O2 BMA QA . 52.38 -86.25 -16.24
O3 BMA QA . 52.52 -85.77 -18.93
O4 BMA QA . 55.34 -85.42 -19.11
O5 BMA QA . 55.08 -87.46 -16.07
O6 BMA QA . 57.90 -87.25 -16.35
C1 NAG RA . 80.30 -94.78 77.69
C2 NAG RA . 81.10 -94.33 78.91
C3 NAG RA . 80.72 -92.89 79.28
C4 NAG RA . 80.86 -91.97 78.09
C5 NAG RA . 80.08 -92.52 76.89
C6 NAG RA . 80.27 -91.73 75.63
C7 NAG RA . 81.85 -95.56 80.89
C8 NAG RA . 81.44 -96.49 82.00
N2 NAG RA . 80.88 -95.22 80.04
O3 NAG RA . 81.55 -92.45 80.34
O4 NAG RA . 80.38 -90.68 78.40
O5 NAG RA . 80.50 -93.86 76.61
O6 NAG RA . 80.25 -92.56 74.48
O7 NAG RA . 82.99 -95.14 80.79
C1 NAG RA . 81.48 -89.75 78.39
C2 NAG RA . 80.92 -88.33 78.50
C3 NAG RA . 82.06 -87.31 78.54
C4 NAG RA . 83.04 -87.66 79.65
C5 NAG RA . 83.51 -89.10 79.50
C6 NAG RA . 84.40 -89.55 80.64
C7 NAG RA . 78.69 -88.16 77.48
C8 NAG RA . 77.92 -87.82 76.25
N2 NAG RA . 80.02 -88.04 77.40
O3 NAG RA . 81.52 -86.01 78.76
O4 NAG RA . 84.17 -86.80 79.59
O5 NAG RA . 82.39 -89.99 79.48
O6 NAG RA . 85.52 -90.29 80.17
O7 NAG RA . 78.14 -88.52 78.52
C1 NAG SA . 104.40 -125.42 60.75
C2 NAG SA . 105.78 -124.77 60.84
C3 NAG SA . 106.72 -125.63 61.68
C4 NAG SA . 106.10 -125.93 63.04
C5 NAG SA . 104.71 -126.54 62.86
C6 NAG SA . 103.98 -126.75 64.17
C7 NAG SA . 106.24 -123.37 58.88
C8 NAG SA . 106.87 -123.32 57.52
N2 NAG SA . 106.33 -124.54 59.52
O3 NAG SA . 107.95 -124.95 61.85
O4 NAG SA . 106.92 -126.83 63.75
O5 NAG SA . 103.89 -125.66 62.07
O6 NAG SA . 104.10 -125.62 65.02
O7 NAG SA . 105.67 -122.40 59.37
C1 NAG SA . 107.45 -126.18 64.92
C2 NAG SA . 107.76 -127.24 65.98
C3 NAG SA . 108.37 -126.58 67.22
C4 NAG SA . 109.57 -125.73 66.84
C5 NAG SA . 109.18 -124.74 65.75
C6 NAG SA . 110.36 -123.94 65.24
C7 NAG SA . 106.19 -129.11 65.70
C8 NAG SA . 104.94 -129.76 66.19
N2 NAG SA . 106.57 -127.99 66.32
O3 NAG SA . 108.75 -127.60 68.14
O4 NAG SA . 110.04 -125.02 67.98
O5 NAG SA . 108.64 -125.43 64.62
O6 NAG SA . 111.59 -124.60 65.50
O7 NAG SA . 106.85 -129.58 64.77
C1 NAG TA . 101.53 -142.18 52.09
C2 NAG TA . 101.51 -143.61 52.63
C3 NAG TA . 101.69 -144.61 51.49
C4 NAG TA . 100.68 -144.35 50.39
C5 NAG TA . 100.70 -142.88 49.96
C6 NAG TA . 99.62 -142.54 48.97
C7 NAG TA . 103.83 -143.66 53.48
C8 NAG TA . 104.70 -143.92 54.68
N2 NAG TA . 102.51 -143.81 53.67
O3 NAG TA . 101.54 -145.93 52.00
O4 NAG TA . 100.97 -145.17 49.26
O5 NAG TA . 100.51 -142.03 51.11
O6 NAG TA . 98.33 -142.78 49.50
O7 NAG TA . 104.32 -143.36 52.39
C1 NAG TA . 100.01 -146.23 49.17
C2 NAG TA . 100.12 -146.86 47.78
C3 NAG TA . 99.16 -148.03 47.65
C4 NAG TA . 99.38 -149.03 48.78
C5 NAG TA . 99.30 -148.32 50.13
C6 NAG TA . 99.62 -149.23 51.30
C7 NAG TA . 100.86 -145.28 46.05
C8 NAG TA . 100.41 -144.30 45.01
N2 NAG TA . 99.87 -145.87 46.74
O3 NAG TA . 99.36 -148.68 46.40
O4 NAG TA . 98.38 -150.05 48.73
O5 NAG TA . 100.23 -147.23 50.17
O6 NAG TA . 100.95 -149.02 51.76
O7 NAG TA . 102.04 -145.53 46.25
C1 NAG UA . 15.03 -119.82 7.96
C2 NAG UA . 14.99 -121.11 8.77
C3 NAG UA . 13.93 -122.05 8.21
C4 NAG UA . 12.58 -121.36 8.12
C5 NAG UA . 12.73 -120.05 7.33
C6 NAG UA . 11.44 -119.25 7.29
C7 NAG UA . 17.15 -121.63 9.83
C8 NAG UA . 18.44 -122.37 9.69
N2 NAG UA . 16.29 -121.74 8.80
O3 NAG UA . 13.84 -123.21 9.04
O4 NAG UA . 11.64 -122.20 7.47
O5 NAG UA . 13.73 -119.23 7.93
O6 NAG UA . 11.71 -117.86 7.39
O7 NAG UA . 16.87 -120.97 10.83
C1 NAG UA . 10.68 -122.64 8.45
C2 NAG UA . 9.38 -123.00 7.72
C3 NAG UA . 8.34 -123.52 8.72
C4 NAG UA . 8.92 -124.67 9.53
C5 NAG UA . 10.23 -124.25 10.18
C6 NAG UA . 10.92 -125.38 10.91
C7 NAG UA . 8.97 -121.73 5.67
C8 NAG UA . 8.37 -120.48 5.08
N2 NAG UA . 8.86 -121.85 6.99
O3 NAG UA . 7.18 -123.96 8.01
O4 NAG UA . 7.99 -125.06 10.54
O5 NAG UA . 11.15 -123.78 9.18
O6 NAG UA . 11.78 -124.90 11.93
O7 NAG UA . 9.51 -122.57 4.98
C1 NAG VA . 25.69 -97.34 -22.20
C2 NAG VA . 26.78 -97.71 -23.20
C3 NAG VA . 26.60 -96.89 -24.48
C4 NAG VA . 25.16 -96.95 -25.00
C5 NAG VA . 24.16 -96.70 -23.88
C6 NAG VA . 22.73 -96.96 -24.30
C7 NAG VA . 28.61 -96.37 -22.24
C8 NAG VA . 30.01 -96.41 -21.71
N2 NAG VA . 28.11 -97.53 -22.65
O3 NAG VA . 27.49 -97.38 -25.48
O4 NAG VA . 24.97 -95.96 -26.01
O5 NAG VA . 24.41 -97.56 -22.76
O6 NAG VA . 21.98 -97.58 -23.27
O7 NAG VA . 27.97 -95.33 -22.29
C1 NAG VA . 25.65 -94.72 -25.67
C2 NAG VA . 26.04 -94.01 -26.96
C3 NAG VA . 26.74 -92.69 -26.65
C4 NAG VA . 25.91 -91.85 -25.69
C5 NAG VA . 25.50 -92.66 -24.46
C6 NAG VA . 24.56 -91.92 -23.54
C7 NAG VA . 26.61 -95.13 -29.08
C8 NAG VA . 27.58 -96.01 -29.79
N2 NAG VA . 26.88 -94.85 -27.80
O3 NAG VA . 26.99 -91.98 -27.85
O4 NAG VA . 26.67 -90.71 -25.26
O5 NAG VA . 24.82 -93.86 -24.87
O6 NAG VA . 23.78 -92.82 -22.77
O7 NAG VA . 25.61 -94.67 -29.63
C1 BMA VA . 26.09 -89.50 -25.79
C2 BMA VA . 25.69 -88.60 -24.60
C3 BMA VA . 25.25 -87.23 -25.08
C4 BMA VA . 26.25 -86.64 -26.09
C5 BMA VA . 26.50 -87.63 -27.23
C6 BMA VA . 27.51 -87.13 -28.24
O2 BMA VA . 26.81 -88.39 -23.73
O3 BMA VA . 25.05 -86.32 -24.01
O4 BMA VA . 25.77 -85.42 -26.61
O5 BMA VA . 27.01 -88.85 -26.66
O6 BMA VA . 27.49 -88.02 -29.35
C1 NAG WA . 52.30 -109.16 1.41
C2 NAG WA . 52.15 -110.61 0.98
C3 NAG WA . 53.51 -111.21 0.63
C4 NAG WA . 54.23 -110.33 -0.40
C5 NAG WA . 54.28 -108.88 0.08
C6 NAG WA . 54.86 -107.95 -0.96
C7 NAG WA . 50.48 -112.22 1.78
C8 NAG WA . 49.94 -112.96 2.97
N2 NAG WA . 51.50 -111.39 2.02
O3 NAG WA . 53.34 -112.52 0.13
O4 NAG WA . 55.54 -110.81 -0.62
O5 NAG WA . 52.96 -108.41 0.37
O6 NAG WA . 54.17 -108.04 -2.19
O7 NAG WA . 50.02 -112.38 0.66
C1 NAG WA . 55.62 -111.43 -1.92
C2 NAG WA . 57.06 -111.33 -2.42
C3 NAG WA . 57.20 -112.02 -3.78
C4 NAG WA . 56.67 -113.44 -3.71
C5 NAG WA . 55.24 -113.45 -3.15
C6 NAG WA . 54.70 -114.84 -2.95
C7 NAG WA . 58.73 -109.54 -2.19
C8 NAG WA . 59.01 -108.08 -2.33
N2 NAG WA . 57.50 -109.94 -2.50
O3 NAG WA . 58.57 -112.02 -4.17
O4 NAG WA . 56.67 -114.02 -5.00
O5 NAG WA . 55.21 -112.80 -1.87
O6 NAG WA . 55.37 -115.51 -1.88
O7 NAG WA . 59.60 -110.34 -1.82
C1 NAG XA . 52.89 -151.05 72.11
C2 NAG XA . 52.79 -150.24 73.40
C3 NAG XA . 51.47 -150.54 74.10
C4 NAG XA . 50.29 -150.34 73.15
C5 NAG XA . 50.52 -151.12 71.85
C6 NAG XA . 49.47 -150.85 70.81
C7 NAG XA . 54.75 -149.57 74.72
C8 NAG XA . 55.86 -150.03 75.62
N2 NAG XA . 53.92 -150.52 74.28
O3 NAG XA . 51.33 -149.70 75.23
O4 NAG XA . 49.10 -150.80 73.75
O5 NAG XA . 51.78 -150.76 71.27
O6 NAG XA . 49.87 -151.32 69.53
O7 NAG XA . 54.63 -148.40 74.39
C1 NAG XA . 48.29 -149.66 74.15
C2 NAG XA . 46.82 -150.04 74.00
C3 NAG XA . 45.94 -148.89 74.47
C4 NAG XA . 46.32 -148.45 75.88
C5 NAG XA . 47.81 -148.14 75.94
C6 NAG XA . 48.28 -147.82 77.34
C7 NAG XA . 45.89 -151.55 72.32
C8 NAG XA . 45.63 -151.78 70.86
N2 NAG XA . 46.50 -150.42 72.64
O3 NAG XA . 44.57 -149.29 74.44
O4 NAG XA . 45.58 -147.29 76.25
O5 NAG XA . 48.57 -149.27 75.50
O6 NAG XA . 48.02 -148.88 78.24
O7 NAG XA . 45.53 -152.37 73.17
C1 NAG YA . 72.39 -144.68 45.28
C2 NAG YA . 73.12 -146.01 45.14
C3 NAG YA . 74.02 -146.00 43.91
C4 NAG YA . 73.23 -145.61 42.67
C5 NAG YA . 72.50 -144.30 42.90
C6 NAG YA . 71.59 -143.92 41.76
C7 NAG YA . 73.45 -147.14 47.30
C8 NAG YA . 74.38 -147.32 48.47
N2 NAG YA . 73.88 -146.31 46.34
O3 NAG YA . 74.61 -147.28 43.74
O4 NAG YA . 74.10 -145.48 41.55
O5 NAG YA . 71.67 -144.41 44.07
O6 NAG YA . 70.26 -144.38 41.97
O7 NAG YA . 72.37 -147.69 47.23
C1 NAG YA . 73.87 -146.57 40.64
C2 NAG YA . 74.19 -146.09 39.23
C3 NAG YA . 74.01 -147.23 38.23
C4 NAG YA . 74.82 -148.45 38.65
C5 NAG YA . 74.48 -148.83 40.10
C6 NAG YA . 75.34 -149.95 40.63
C7 NAG YA . 73.80 -143.69 38.88
C8 NAG YA . 72.81 -142.65 38.47
N2 NAG YA . 73.36 -144.95 38.86
O3 NAG YA . 74.42 -146.81 36.94
O4 NAG YA . 74.54 -149.55 37.80
O5 NAG YA . 74.69 -147.70 40.96
O6 NAG YA . 76.71 -149.58 40.70
O7 NAG YA . 74.95 -143.41 39.21
C1 NAG ZA . 79.50 -129.23 30.83
C2 NAG ZA . 80.74 -129.80 30.14
C3 NAG ZA . 80.76 -129.37 28.67
C4 NAG ZA . 79.45 -129.74 27.99
C5 NAG ZA . 78.27 -129.16 28.77
C6 NAG ZA . 76.93 -129.59 28.21
C7 NAG ZA . 82.89 -130.25 31.21
C8 NAG ZA . 84.09 -129.66 31.89
N2 NAG ZA . 81.95 -129.39 30.82
O3 NAG ZA . 81.85 -129.99 28.02
O4 NAG ZA . 79.42 -129.26 26.65
O5 NAG ZA . 78.32 -129.61 30.13
O6 NAG ZA . 76.05 -130.00 29.25
O7 NAG ZA . 82.79 -131.46 31.02
C1 NAG ZA . 79.75 -127.85 26.58
C2 NAG ZA . 80.70 -127.64 25.39
C3 NAG ZA . 81.04 -126.16 25.25
C4 NAG ZA . 79.76 -125.32 25.17
C5 NAG ZA . 78.85 -125.63 26.36
C6 NAG ZA . 77.52 -124.92 26.28
C7 NAG ZA . 82.14 -129.55 24.84
C8 NAG ZA . 83.44 -130.24 25.12
N2 NAG ZA . 81.91 -128.43 25.54
O3 NAG ZA . 81.82 -125.96 24.08
O4 NAG ZA . 80.09 -123.93 25.18
O5 NAG ZA . 78.58 -127.04 26.41
O6 NAG ZA . 76.83 -124.96 27.52
O7 NAG ZA . 81.33 -129.98 24.03
C1 NAG AB . 72.59 -158.27 61.23
C2 NAG AB . 72.72 -159.41 60.22
C3 NAG AB . 73.72 -160.44 60.72
C4 NAG AB . 75.05 -159.77 61.04
C5 NAG AB . 74.84 -158.61 62.01
C6 NAG AB . 76.09 -157.83 62.29
C7 NAG AB . 70.72 -159.84 58.86
C8 NAG AB . 69.41 -160.55 58.77
N2 NAG AB . 71.42 -160.03 59.97
O3 NAG AB . 73.91 -161.44 59.72
O4 NAG AB . 75.95 -160.71 61.63
O5 NAG AB . 73.89 -157.69 61.47
O6 NAG AB . 76.66 -157.31 61.09
O7 NAG AB . 71.13 -159.11 57.95
C1 NAG AB . 77.03 -160.96 60.72
C2 NAG AB . 77.97 -162.01 61.35
C3 NAG AB . 79.11 -162.35 60.40
C4 NAG AB . 78.57 -162.76 59.04
C5 NAG AB . 77.62 -161.69 58.51
C6 NAG AB . 76.96 -162.08 57.21
C7 NAG AB . 79.23 -160.46 62.82
C8 NAG AB . 79.65 -160.18 64.24
N2 NAG AB . 78.47 -161.56 62.65
O3 NAG AB . 79.89 -163.40 60.95
O4 NAG AB . 79.64 -162.94 58.12
O5 NAG AB . 76.57 -161.45 59.46
O6 NAG AB . 76.66 -163.47 57.18
O7 NAG AB . 79.56 -159.74 61.90
C1 NAG BB . 67.11 -156.91 81.03
C2 NAG BB . 65.81 -157.70 81.21
C3 NAG BB . 65.32 -157.61 82.66
C4 NAG BB . 66.43 -158.01 83.62
C5 NAG BB . 67.69 -157.20 83.35
C6 NAG BB . 68.87 -157.63 84.20
C7 NAG BB . 64.57 -157.79 79.09
C8 NAG BB . 63.48 -157.19 78.28
N2 NAG BB . 64.79 -157.23 80.30
O3 NAG BB . 64.19 -158.44 82.83
O4 NAG BB . 66.01 -157.81 84.96
O5 NAG BB . 68.09 -157.36 81.98
O6 NAG BB . 69.67 -158.60 83.52
O7 NAG BB . 65.24 -158.74 78.70
C1 NAG BB . 65.82 -159.08 85.61
C2 NAG BB . 66.25 -158.97 87.06
C3 NAG BB . 66.01 -160.30 87.79
C4 NAG BB . 64.57 -160.75 87.60
C5 NAG BB . 64.21 -160.79 86.12
C6 NAG BB . 62.75 -161.12 85.87
C7 NAG BB . 68.04 -157.52 87.90
C8 NAG BB . 69.51 -157.25 87.90
N2 NAG BB . 67.63 -158.57 87.18
O3 NAG BB . 66.30 -160.14 89.17
O4 NAG BB . 64.39 -162.05 88.16
O5 NAG BB . 64.44 -159.51 85.52
O6 NAG BB . 61.92 -159.99 86.08
O7 NAG BB . 67.25 -156.81 88.51
C1 NAG CB . -3.74 50.43 -71.63
C2 NAG CB . -2.58 50.47 -70.64
C3 NAG CB . -2.80 49.47 -69.52
C4 NAG CB . -4.15 49.72 -68.85
C5 NAG CB . -5.26 49.71 -69.91
C6 NAG CB . -6.62 50.07 -69.33
C7 NAG CB . -0.39 51.12 -71.55
C8 NAG CB . 0.85 50.67 -72.27
N2 NAG CB . -1.32 50.20 -71.34
O3 NAG CB . -1.76 49.59 -68.55
O4 NAG CB . -4.42 48.70 -67.89
O5 NAG CB . -4.97 50.68 -70.92
O6 NAG CB . -6.59 51.32 -68.68
O7 NAG CB . -0.52 52.29 -71.18
C1 NAG DB . 17.08 50.20 -26.32
C2 NAG DB . 17.52 49.41 -25.09
C3 NAG DB . 18.92 48.85 -25.28
C4 NAG DB . 19.00 48.06 -26.57
C5 NAG DB . 18.50 48.89 -27.75
C6 NAG DB . 18.45 48.12 -29.05
C7 NAG DB . 18.13 51.35 -23.67
C8 NAG DB . 17.91 52.04 -22.36
N2 NAG DB . 17.44 50.23 -23.89
O3 NAG DB . 19.27 48.03 -24.17
O4 NAG DB . 20.35 47.66 -26.81
O5 NAG DB . 17.17 49.36 -27.48
O6 NAG DB . 18.98 48.88 -30.13
O7 NAG DB . 18.91 51.80 -24.51
C1 NAG EB . 8.38 108.56 -42.17
C2 NAG EB . 8.24 109.39 -40.89
C3 NAG EB . 9.50 110.21 -40.65
C4 NAG EB . 10.74 109.32 -40.65
C5 NAG EB . 10.78 108.50 -41.95
C6 NAG EB . 11.91 107.51 -41.99
C7 NAG EB . 6.85 111.21 -41.83
C8 NAG EB . 5.57 111.97 -41.68
N2 NAG EB . 7.06 110.24 -40.93
O3 NAG EB . 9.40 110.87 -39.39
O4 NAG EB . 11.92 110.11 -40.56
O5 NAG EB . 9.57 107.75 -42.10
O6 NAG EB . 11.60 106.33 -41.26
O7 NAG EB . 7.65 111.46 -42.72
C1 NAG FB . -23.25 154.08 -63.77
C2 NAG FB . -22.75 155.22 -64.66
C3 NAG FB . -23.51 155.25 -65.98
C4 NAG FB . -23.46 153.88 -66.65
C5 NAG FB . -23.93 152.81 -65.69
C6 NAG FB . -23.79 151.40 -66.24
C7 NAG FB . -23.98 157.07 -63.56
C8 NAG FB . -23.84 158.40 -62.88
N2 NAG FB . -22.83 156.52 -63.98
O3 NAG FB . -22.94 156.24 -66.83
O4 NAG FB . -24.29 153.87 -67.81
O5 NAG FB . -23.15 152.84 -64.48
O6 NAG FB . -23.92 150.42 -65.23
O7 NAG FB . -25.07 156.53 -63.71
C1 NAG GB . -38.08 140.93 -73.16
C2 NAG GB . -38.70 141.72 -74.31
C3 NAG GB . -38.93 140.80 -75.51
C4 NAG GB . -37.64 140.09 -75.88
C5 NAG GB . -37.06 139.37 -74.67
C6 NAG GB . -35.70 138.74 -74.94
C7 NAG GB . -40.07 143.67 -73.74
C8 NAG GB . -41.42 144.15 -73.32
N2 NAG GB . -39.94 142.35 -73.91
O3 NAG GB . -39.39 141.57 -76.61
O4 NAG GB . -37.89 139.14 -76.92
O5 NAG GB . -36.86 140.31 -73.59
O6 NAG GB . -34.66 139.70 -74.86
O7 NAG GB . -39.13 144.44 -73.92
C1 NAG HB . -16.33 170.69 -54.69
C2 NAG HB . -15.28 171.29 -55.62
C3 NAG HB . -15.48 172.79 -55.75
C4 NAG HB . -16.91 173.11 -56.17
C5 NAG HB . -17.89 172.43 -55.22
C6 NAG HB . -19.33 172.60 -55.65
C7 NAG HB . -13.19 169.99 -55.64
C8 NAG HB . -11.83 169.83 -55.04
N2 NAG HB . -13.93 171.00 -55.15
O3 NAG HB . -14.57 173.32 -56.71
O4 NAG HB . -17.12 174.52 -56.15
O5 NAG HB . -17.64 171.03 -55.18
O6 NAG HB . -19.59 171.92 -56.88
O7 NAG HB . -13.60 169.25 -56.53
C1 NAG IB . -14.83 176.87 -35.02
C2 NAG IB . -13.37 176.48 -34.73
C3 NAG IB . -13.05 176.71 -33.25
C4 NAG IB . -13.39 178.14 -32.85
C5 NAG IB . -14.83 178.46 -33.22
C6 NAG IB . -15.20 179.90 -32.95
C7 NAG IB . -12.63 174.74 -36.30
C8 NAG IB . -12.44 173.27 -36.51
N2 NAG IB . -13.13 175.09 -35.10
O3 NAG IB . -11.66 176.45 -33.03
O4 NAG IB . -13.20 178.30 -31.45
O5 NAG IB . -15.05 178.23 -34.61
O6 NAG IB . -16.33 180.29 -33.71
O7 NAG IB . -12.37 175.56 -37.16
C1 NAG JB . -6.65 160.83 -36.30
C2 NAG JB . -6.69 161.91 -35.23
C3 NAG JB . -5.35 162.66 -35.19
C4 NAG JB . -4.21 161.66 -35.02
C5 NAG JB . -4.27 160.58 -36.08
C6 NAG JB . -3.23 159.49 -35.89
C7 NAG JB . -8.72 163.12 -34.57
C8 NAG JB . -9.77 164.11 -34.98
N2 NAG JB . -7.78 162.85 -35.47
O3 NAG JB . -5.36 163.59 -34.12
O4 NAG JB . -2.96 162.34 -35.10
O5 NAG JB . -5.55 159.93 -36.05
O6 NAG JB . -2.96 159.29 -34.51
O7 NAG JB . -8.72 162.60 -33.45
C1 NAG KB . -27.07 97.45 -81.88
C2 NAG KB . -26.01 98.21 -82.68
C3 NAG KB . -26.66 99.28 -83.54
C4 NAG KB . -27.76 98.68 -84.40
C5 NAG KB . -28.75 97.91 -83.53
C6 NAG KB . -29.80 97.19 -84.35
C7 NAG KB . -23.74 98.35 -81.75
C8 NAG KB . -22.84 99.07 -80.78
N2 NAG KB . -25.01 98.78 -81.80
O3 NAG KB . -25.67 99.90 -84.37
O4 NAG KB . -28.46 99.72 -85.09
O5 NAG KB . -28.05 96.91 -82.78
O6 NAG KB . -30.11 97.88 -85.55
O7 NAG KB . -23.34 97.44 -82.45
C1 NAG LB . -17.29 91.44 13.60
C2 NAG LB . -17.57 92.71 14.41
C3 NAG LB . -17.59 92.41 15.90
C4 NAG LB . -18.58 91.28 16.19
C5 NAG LB . -18.27 90.08 15.32
C6 NAG LB . -19.28 88.96 15.47
C7 NAG LB . -16.89 94.98 13.74
C8 NAG LB . -15.75 95.90 13.47
N2 NAG LB . -16.57 93.73 14.11
O3 NAG LB . -17.96 93.58 16.62
O4 NAG LB . -18.50 90.91 17.57
O5 NAG LB . -18.27 90.45 13.94
O6 NAG LB . -19.89 88.64 14.22
O7 NAG LB . -18.06 95.34 13.61
C1 NAG MB . -59.17 48.73 4.15
C2 NAG MB . -59.04 49.92 5.10
C3 NAG MB . -59.53 49.54 6.50
C4 NAG MB . -60.94 48.95 6.43
C5 NAG MB . -60.98 47.80 5.43
C6 NAG MB . -62.36 47.23 5.22
C7 NAG MB . -56.62 49.73 5.57
C8 NAG MB . -55.31 50.45 5.54
N2 NAG MB . -57.69 50.44 5.15
O3 NAG MB . -59.54 50.70 7.33
O4 NAG MB . -61.34 48.47 7.71
O5 NAG MB . -60.52 48.24 4.14
O6 NAG MB . -62.44 46.44 4.05
O7 NAG MB . -56.72 48.56 5.94
C1 NAG NB . -11.93 122.34 -6.98
C2 NAG NB . -11.39 122.81 -5.62
C3 NAG NB . -10.49 124.02 -5.80
C4 NAG NB . -9.40 123.73 -6.82
C5 NAG NB . -10.02 123.22 -8.13
C6 NAG NB . -8.99 122.79 -9.14
C7 NAG NB . -12.42 122.84 -3.39
C8 NAG NB . -13.63 123.22 -2.60
N2 NAG NB . -12.47 123.12 -4.70
O3 NAG NB . -9.91 124.38 -4.55
O4 NAG NB . -8.65 124.91 -7.09
O5 NAG NB . -10.84 122.07 -7.86
O6 NAG NB . -8.36 121.57 -8.78
O7 NAG NB . -11.44 122.32 -2.88
C1 NAG OB . -47.23 105.80 -1.15
C2 NAG OB . -47.25 107.32 -1.00
C3 NAG OB . -48.66 107.86 -1.22
C4 NAG OB . -49.21 107.37 -2.56
C5 NAG OB . -49.11 105.84 -2.64
C6 NAG OB . -49.52 105.30 -4.00
C7 NAG OB . -47.28 107.40 1.48
C8 NAG OB . -46.60 107.94 2.70
N2 NAG OB . -46.75 107.75 0.31
O3 NAG OB . -48.63 109.28 -1.21
O4 NAG OB . -50.58 107.76 -2.70
O5 NAG OB . -47.75 105.43 -2.43
O6 NAG OB . -48.98 106.08 -5.05
O7 NAG OB . -48.29 106.69 1.56
C1 NAG PB . -56.37 154.36 -14.91
C2 NAG PB . -57.82 154.74 -15.23
C3 NAG PB . -58.63 154.81 -13.95
C4 NAG PB . -58.51 153.52 -13.15
C5 NAG PB . -57.03 153.20 -12.91
C6 NAG PB . -56.83 151.87 -12.23
C7 NAG PB . -58.80 156.25 -16.89
C8 NAG PB . -58.71 157.59 -17.54
N2 NAG PB . -57.88 155.99 -15.96
O3 NAG PB . -60.00 155.04 -14.28
O4 NAG PB . -59.16 153.66 -11.89
O5 NAG PB . -56.34 153.14 -14.17
O6 NAG PB . -55.66 151.21 -12.71
O7 NAG PB . -59.66 155.43 -17.20
C1 NAG QB . -58.39 171.31 -21.67
C2 NAG QB . -59.15 172.46 -22.33
C3 NAG QB . -60.62 172.10 -22.49
C4 NAG QB . -60.77 170.78 -23.23
C5 NAG QB . -59.95 169.70 -22.53
C6 NAG QB . -59.95 168.38 -23.27
C7 NAG QB . -59.39 173.88 -20.32
C8 NAG QB . -59.13 175.24 -19.73
N2 NAG QB . -58.99 173.70 -21.59
O3 NAG QB . -61.29 173.14 -23.21
O4 NAG QB . -62.14 170.39 -23.26
O5 NAG QB . -58.58 170.11 -22.44
O6 NAG QB . -59.94 168.58 -24.68
O7 NAG QB . -59.93 172.99 -19.66
C1 NAG RB . 14.47 70.96 4.43
C2 NAG RB . 14.73 69.67 3.65
C3 NAG RB . 15.95 68.95 4.22
C4 NAG RB . 17.15 69.90 4.27
C5 NAG RB . 16.80 71.18 5.01
C6 NAG RB . 17.90 72.20 4.98
C7 NAG RB . 12.71 68.69 2.65
C8 NAG RB . 11.57 67.75 2.85
N2 NAG RB . 13.57 68.81 3.68
O3 NAG RB . 16.25 67.82 3.42
O4 NAG RB . 18.24 69.26 4.92
O5 NAG RB . 15.65 71.79 4.40
O6 NAG RB . 17.62 73.29 5.86
O7 NAG RB . 12.87 69.33 1.61
C1 NAG SB . -4.73 55.31 -5.55
C2 NAG SB . -6.13 55.26 -4.96
C3 NAG SB . -6.83 53.96 -5.35
C4 NAG SB . -6.80 53.78 -6.87
C5 NAG SB . -5.37 53.90 -7.39
C6 NAG SB . -5.28 53.86 -8.89
C7 NAG SB . -7.09 55.94 -2.79
C8 NAG SB . -6.88 55.99 -1.31
N2 NAG SB . -6.09 55.39 -3.51
O3 NAG SB . -8.17 53.97 -4.90
O4 NAG SB . -7.32 52.51 -7.22
O5 NAG SB . -4.80 55.15 -6.97
O6 NAG SB . -5.92 54.98 -9.48
O7 NAG SB . -8.11 56.36 -3.32
C1 NAG TB . -16.16 67.23 -5.53
C2 NAG TB . -17.02 68.43 -5.94
C3 NAG TB . -18.01 68.01 -7.02
C4 NAG TB . -17.28 67.36 -8.19
C5 NAG TB . -16.40 66.21 -7.69
C6 NAG TB . -15.56 65.59 -8.77
C7 NAG TB . -18.60 68.35 -4.03
C8 NAG TB . -19.18 69.15 -2.90
N2 NAG TB . -17.71 69.01 -4.80
O3 NAG TB . -18.71 69.16 -7.48
O4 NAG TB . -18.22 66.85 -9.12
O5 NAG TB . -15.49 66.70 -6.68
O6 NAG TB . -15.53 64.17 -8.65
O7 NAG TB . -18.90 67.19 -4.23
C1 NAG UB . -75.31 78.87 -50.97
C2 NAG UB . -75.93 79.91 -51.91
C3 NAG UB . -76.94 79.25 -52.83
C4 NAG UB . -76.31 78.06 -53.56
C5 NAG UB . -75.68 77.11 -52.56
C6 NAG UB . -74.93 75.97 -53.22
C7 NAG UB . -76.36 82.29 -51.46
C8 NAG UB . -77.08 83.27 -50.59
N2 NAG UB . -76.54 81.00 -51.17
O3 NAG UB . -77.41 80.21 -53.78
O4 NAG UB . -77.30 77.37 -54.32
O5 NAG UB . -74.74 77.80 -51.74
O6 NAG UB . -73.84 75.54 -52.42
O7 NAG UB . -75.66 82.64 -52.40
C1 NAG VB . -55.60 61.17 -37.12
C2 NAG VB . -55.03 62.38 -37.85
C3 NAG VB . -53.52 62.25 -38.01
C4 NAG VB . -52.87 62.00 -36.65
C5 NAG VB . -53.53 60.81 -35.96
C6 NAG VB . -53.02 60.59 -34.55
C7 NAG VB . -56.63 63.45 -39.39
C8 NAG VB . -57.17 63.48 -40.78
N2 NAG VB . -55.66 62.56 -39.15
O3 NAG VB . -52.99 63.44 -38.58
O4 NAG VB . -51.48 61.75 -36.81
O5 NAG VB . -54.95 61.02 -35.86
O6 NAG VB . -53.22 59.24 -34.13
O7 NAG VB . -57.05 64.19 -38.51
C1 NAG WB . -71.73 96.41 -16.32
C2 NAG WB . -73.06 96.83 -16.94
C3 NAG WB . -73.68 97.97 -16.13
C4 NAG WB . -73.80 97.56 -14.66
C5 NAG WB . -72.44 97.09 -14.13
C6 NAG WB . -72.51 96.56 -12.72
C7 NAG WB . -73.11 96.44 -19.37
C8 NAG WB . -72.88 97.02 -20.72
N2 NAG WB . -72.88 97.24 -18.33
O3 NAG WB . -74.97 98.28 -16.64
O4 NAG WB . -74.24 98.67 -13.89
O5 NAG WB . -71.94 96.03 -14.95
O6 NAG WB . -73.77 95.94 -12.46
O7 NAG WB . -73.50 95.29 -19.21
C1 NAG XB . -26.99 44.29 -63.07
C2 NAG XB . -28.51 44.16 -63.06
C3 NAG XB . -28.91 42.69 -63.21
C4 NAG XB . -28.24 42.08 -64.44
C5 NAG XB . -26.74 42.30 -64.39
C6 NAG XB . -26.03 41.84 -65.65
C7 NAG XB . -30.21 45.45 -61.85
C8 NAG XB . -30.66 45.96 -60.51
N2 NAG XB . -29.09 44.72 -61.86
O3 NAG XB . -30.33 42.59 -63.32
O4 NAG XB . -28.51 40.68 -64.49
O5 NAG XB . -26.46 43.70 -64.26
O6 NAG XB . -24.67 42.23 -65.64
O7 NAG XB . -30.83 45.70 -62.87
C1 NAG YB . -53.99 102.14 -68.74
C2 NAG YB . -54.28 101.26 -69.96
C3 NAG YB . -54.73 102.13 -71.13
C4 NAG YB . -55.91 103.02 -70.72
C5 NAG YB . -55.55 103.81 -69.47
C6 NAG YB . -56.71 104.62 -68.94
C7 NAG YB . -53.14 99.14 -70.42
C8 NAG YB . -51.85 98.49 -70.81
N2 NAG YB . -53.13 100.47 -70.33
O3 NAG YB . -55.11 101.30 -72.22
O4 NAG YB . -56.24 103.91 -71.77
O5 NAG YB . -55.14 102.92 -68.42
O6 NAG YB . -57.87 103.82 -68.80
O7 NAG YB . -54.16 98.49 -70.20
C1 NAG ZB . -49.36 153.47 -70.04
C2 NAG ZB . -47.86 153.63 -70.24
C3 NAG ZB . -47.45 153.19 -71.64
C4 NAG ZB . -47.96 151.78 -71.91
C5 NAG ZB . -49.46 151.69 -71.64
C6 NAG ZB . -50.00 150.29 -71.78
C7 NAG ZB . -46.30 155.33 -69.39
C8 NAG ZB . -46.03 156.80 -69.24
N2 NAG ZB . -47.45 155.01 -70.00
O3 NAG ZB . -46.04 153.23 -71.76
O4 NAG ZB . -47.71 151.42 -73.27
O5 NAG ZB . -49.75 152.11 -70.30
O6 NAG ZB . -51.29 150.29 -72.41
O7 NAG ZB . -45.52 154.48 -68.99
C1 NAG AC . -64.24 150.33 -39.76
C2 NAG AC . -64.73 151.74 -39.41
C3 NAG AC . -65.45 151.73 -38.07
C4 NAG AC . -66.56 150.68 -38.07
C5 NAG AC . -66.00 149.32 -38.47
C6 NAG AC . -67.06 148.26 -38.60
C7 NAG AC . -63.60 153.78 -40.17
C8 NAG AC . -62.37 154.65 -40.02
N2 NAG AC . -63.63 152.68 -39.40
O3 NAG AC . -66.00 153.02 -37.82
O4 NAG AC . -67.13 150.59 -36.77
O5 NAG AC . -65.34 149.42 -39.74
O6 NAG AC . -66.49 146.99 -38.92
O7 NAG AC . -64.50 154.06 -40.93
C1 NAG BC . -61.59 149.23 -57.84
C2 NAG BC . -61.65 148.54 -59.21
C3 NAG BC . -62.49 147.26 -59.11
C4 NAG BC . -61.96 146.36 -58.01
C5 NAG BC . -61.88 147.14 -56.69
C6 NAG BC . -61.26 146.34 -55.57
C7 NAG BC . -61.49 149.87 -61.26
C8 NAG BC . -62.21 150.79 -62.21
N2 NAG BC . -62.21 149.43 -60.21
O3 NAG BC . -62.45 146.58 -60.36
O4 NAG BC . -62.83 145.25 -57.83
O5 NAG BC . -61.07 148.32 -56.87
O6 NAG BC . -61.62 146.86 -54.29
O7 NAG BC . -60.32 149.55 -61.43
C1 NAG CC . -62.13 165.31 -54.06
C2 NAG CC . -63.64 165.52 -54.28
C3 NAG CC . -63.97 167.00 -54.32
C4 NAG CC . -63.44 167.69 -53.07
C5 NAG CC . -61.94 167.40 -52.89
C6 NAG CC . -61.38 167.95 -51.60
C7 NAG CC . -65.22 164.18 -55.58
C8 NAG CC . -65.53 163.57 -56.92
N2 NAG CC . -64.08 164.86 -55.50
O3 NAG CC . -65.37 167.17 -54.41
O4 NAG CC . -63.62 169.10 -53.18
O5 NAG CC . -61.73 165.98 -52.86
O6 NAG CC . -62.12 167.50 -50.48
O7 NAG CC . -65.98 164.06 -54.62
C1 NAG DC . -46.52 170.61 -66.98
C2 NAG DC . -47.10 170.85 -68.37
C3 NAG DC . -45.98 170.91 -69.41
C4 NAG DC . -44.94 171.94 -69.01
C5 NAG DC . -44.44 171.67 -67.59
C6 NAG DC . -43.50 172.73 -67.07
C7 NAG DC . -49.37 169.95 -68.56
C8 NAG DC . -50.21 168.78 -68.97
N2 NAG DC . -48.05 169.80 -68.72
O3 NAG DC . -46.52 171.25 -70.68
O4 NAG DC . -43.83 171.91 -69.90
O5 NAG DC . -45.55 171.64 -66.69
O6 NAG DC . -44.18 173.94 -66.78
O7 NAG DC . -49.87 170.98 -68.11
C1 NAG EC . -59.20 49.95 -27.51
C2 NAG EC . -57.74 50.43 -27.51
C3 NAG EC . -56.88 49.50 -28.36
C4 NAG EC . -57.04 48.06 -27.89
C5 NAG EC . -58.52 47.68 -27.88
C6 NAG EC . -58.76 46.30 -27.32
C7 NAG EC . -57.60 52.86 -27.18
C8 NAG EC . -57.50 54.20 -27.84
N2 NAG EC . -57.65 51.81 -27.99
O3 NAG EC . -55.52 49.90 -28.25
O4 NAG EC . -56.32 47.19 -28.76
O5 NAG EC . -59.26 48.59 -27.06
O6 NAG EC . -59.41 45.46 -28.28
O7 NAG EC . -57.64 52.74 -25.95
C1 NAG FC . -19.53 -67.80 56.05
C2 NAG FC . -18.85 -66.50 56.48
C3 NAG FC . -18.96 -65.45 55.37
C4 NAG FC . -18.44 -66.01 54.05
C5 NAG FC . -19.14 -67.33 53.72
C6 NAG FC . -18.59 -67.99 52.49
C7 NAG FC . -18.67 -65.38 58.65
C8 NAG FC . -19.42 -64.94 59.88
N2 NAG FC . -19.41 -66.01 57.72
O3 NAG FC . -18.21 -64.30 55.75
O4 NAG FC . -18.68 -65.07 53.01
O5 NAG FC . -18.97 -68.26 54.81
O6 NAG FC . -17.22 -67.66 52.29
O7 NAG FC . -17.47 -65.20 58.52
C1 NAG GC . 4.95 -112.92 66.91
C2 NAG GC . 5.35 -112.92 68.39
C3 NAG GC . 5.34 -114.35 68.93
C4 NAG GC . 4.00 -115.02 68.65
C5 NAG GC . 3.66 -114.92 67.17
C6 NAG GC . 2.29 -115.46 66.84
C7 NAG GC . 6.93 -111.52 69.64
C8 NAG GC . 8.33 -110.97 69.68
N2 NAG GC . 6.65 -112.30 68.59
O3 NAG GC . 5.60 -114.33 70.33
O4 NAG GC . 4.06 -116.39 69.03
O5 NAG GC . 3.68 -113.55 66.76
O6 NAG GC . 1.33 -115.05 67.81
O7 NAG GC . 6.11 -111.27 70.50
C1 NAG HC . 25.92 -110.26 79.95
C2 NAG HC . 27.02 -111.28 79.67
C3 NAG HC . 26.75 -112.58 80.42
C4 NAG HC . 26.52 -112.31 81.90
C5 NAG HC . 25.44 -111.24 82.09
C6 NAG HC . 25.26 -110.83 83.53
C7 NAG HC . 28.19 -111.07 77.52
C8 NAG HC . 28.18 -111.42 76.07
N2 NAG HC . 27.17 -111.53 78.24
O3 NAG HC . 27.84 -113.47 80.25
O4 NAG HC . 26.13 -113.50 82.56
O5 NAG HC . 25.79 -110.05 81.36
O6 NAG HC . 26.40 -111.15 84.31
O7 NAG HC . 29.09 -110.41 78.02
C1 NAG IC . 82.10 -108.35 89.28
C2 NAG IC . 83.62 -108.31 89.19
C3 NAG IC . 84.20 -107.64 90.42
C4 NAG IC . 83.57 -106.28 90.65
C5 NAG IC . 82.05 -106.39 90.68
C6 NAG IC . 81.36 -105.06 90.77
C7 NAG IC . 85.20 -109.90 88.20
C8 NAG IC . 85.63 -111.34 88.14
N2 NAG IC . 84.17 -109.64 89.01
O3 NAG IC . 85.61 -107.51 90.27
O4 NAG IC . 84.02 -105.73 91.87
O5 NAG IC . 81.58 -107.03 89.47
O6 NAG IC . 81.66 -104.24 89.66
O7 NAG IC . 85.76 -109.03 87.55
C1 NAG JC . 69.92 -118.32 95.52
C2 NAG JC . 71.12 -118.87 96.30
C3 NAG JC . 70.74 -119.03 97.77
C4 NAG JC . 70.20 -117.72 98.33
C5 NAG JC . 69.05 -117.22 97.46
C6 NAG JC . 68.53 -115.87 97.89
C7 NAG JC . 72.86 -120.44 95.59
C8 NAG JC . 73.15 -121.78 94.99
N2 NAG JC . 71.57 -120.13 95.74
O3 NAG JC . 71.90 -119.43 98.50
O4 NAG JC . 69.74 -117.92 99.66
O5 NAG JC . 69.48 -117.10 96.10
O6 NAG JC . 67.88 -115.20 96.81
O7 NAG JC . 73.75 -119.65 95.89
C1 NAG KC . 69.36 -55.40 23.18
C2 NAG KC . 70.75 -56.04 23.24
C3 NAG KC . 71.73 -55.27 22.36
C4 NAG KC . 71.17 -55.14 20.94
C5 NAG KC . 69.77 -54.55 20.98
C6 NAG KC . 69.10 -54.51 19.61
C7 NAG KC . 71.86 -57.17 25.12
C8 NAG KC . 72.31 -57.06 26.54
N2 NAG KC . 71.24 -56.10 24.61
O3 NAG KC . 72.98 -55.94 22.33
O4 NAG KC . 72.01 -54.31 20.16
O5 NAG KC . 68.92 -55.34 21.83
O6 NAG KC . 68.07 -55.48 19.52
O7 NAG KC . 72.05 -58.19 24.45
C1 NAG LC . 33.76 -35.52 22.30
C2 NAG LC . 33.95 -35.17 20.82
C3 NAG LC . 32.70 -35.55 20.02
C4 NAG LC . 32.34 -37.01 20.26
C5 NAG LC . 32.23 -37.29 21.75
C6 NAG LC . 32.00 -38.75 22.06
C7 NAG LC . 35.48 -33.29 20.41
C8 NAG LC . 35.60 -31.80 20.28
N2 NAG LC . 34.25 -33.75 20.66
O3 NAG LC . 32.94 -35.32 18.64
O4 NAG LC . 31.11 -37.32 19.63
O5 NAG LC . 33.45 -36.91 22.42
O6 NAG LC . 30.80 -38.93 22.82
O7 NAG LC . 36.44 -34.04 20.32
C1 NAG MC . 32.82 -67.86 -23.43
C2 NAG MC . 34.32 -68.12 -23.29
C3 NAG MC . 35.04 -67.81 -24.60
C4 NAG MC . 34.40 -68.56 -25.76
C5 NAG MC . 32.90 -68.27 -25.79
C6 NAG MC . 32.17 -69.08 -26.84
C7 NAG MC . 34.91 -66.02 -22.10
C8 NAG MC . 35.55 -65.45 -20.87
N2 NAG MC . 34.90 -67.36 -22.18
O3 NAG MC . 36.41 -68.18 -24.48
O4 NAG MC . 34.98 -68.16 -26.98
O5 NAG MC . 32.31 -68.62 -24.53
O6 NAG MC . 30.76 -69.04 -26.65
O7 NAG MC . 34.42 -65.32 -22.98
C1 NAG NC . 77.27 -76.10 52.39
C2 NAG NC . 78.28 -74.96 52.18
C3 NAG NC . 79.11 -74.75 53.45
C4 NAG NC . 78.20 -74.54 54.65
C5 NAG NC . 77.20 -75.69 54.76
C6 NAG NC . 76.20 -75.49 55.87
C7 NAG NC . 79.77 -74.29 50.35
C8 NAG NC . 80.62 -74.76 49.21
N2 NAG NC . 79.14 -75.24 51.04
O3 NAG NC . 79.95 -73.61 53.28
O4 NAG NC . 78.98 -74.47 55.83
O5 NAG NC . 76.46 -75.81 53.54
O6 NAG NC . 75.35 -74.38 55.61
O7 NAG NC . 79.65 -73.09 50.62
C1 NAG OC . 69.15 -91.05 16.99
C2 NAG OC . 70.34 -91.80 17.61
C3 NAG OC . 70.35 -93.25 17.16
C4 NAG OC . 69.00 -93.91 17.42
C5 NAG OC . 67.88 -93.09 16.81
C6 NAG OC . 66.51 -93.62 17.13
C7 NAG OC . 72.09 -90.96 16.08
C8 NAG OC . 73.41 -90.25 16.00
N2 NAG OC . 71.60 -91.14 17.31
O3 NAG OC . 71.38 -93.95 17.85
O4 NAG OC . 68.99 -95.22 16.86
O5 NAG OC . 67.93 -91.75 17.31
O6 NAG OC . 66.51 -94.36 18.35
O7 NAG OC . 71.49 -91.35 15.08
C1 NAG PC . 94.40 -129.81 41.40
C2 NAG PC . 94.77 -131.30 41.35
C3 NAG PC . 96.09 -131.49 40.59
C4 NAG PC . 96.00 -130.85 39.22
C5 NAG PC . 95.58 -129.39 39.34
C6 NAG PC . 95.35 -128.73 38.00
C7 NAG PC . 93.99 -132.73 43.19
C8 NAG PC . 94.25 -133.20 44.59
N2 NAG PC . 94.87 -131.85 42.70
O3 NAG PC . 96.36 -132.88 40.47
O4 NAG PC . 97.27 -130.91 38.58
O5 NAG PC . 94.34 -129.30 40.06
O6 NAG PC . 94.11 -129.12 37.43
O7 NAG PC . 93.05 -133.14 42.53
C1 NAG QC . 93.12 -108.01 65.79
C2 NAG QC . 94.52 -107.77 66.32
C3 NAG QC . 94.49 -106.71 67.42
C4 NAG QC . 93.81 -105.44 66.92
C5 NAG QC . 92.43 -105.79 66.35
C6 NAG QC . 91.74 -104.59 65.72
C7 NAG QC . 96.07 -109.67 66.17
C8 NAG QC . 96.57 -110.92 66.82
N2 NAG QC . 95.12 -109.00 66.82
O3 NAG QC . 95.83 -106.41 67.82
O4 NAG QC . 93.66 -104.51 67.98
O5 NAG QC . 92.56 -106.77 65.33
O6 NAG QC . 91.98 -104.53 64.32
O7 NAG QC . 96.51 -109.28 65.09
C1 NAG RC . 100.07 -118.93 50.99
C2 NAG RC . 100.93 -120.17 51.17
C3 NAG RC . 102.41 -119.83 50.96
C4 NAG RC . 102.60 -119.15 49.61
C5 NAG RC . 101.67 -117.95 49.49
C6 NAG RC . 101.72 -117.28 48.12
C7 NAG RC . 100.71 -122.08 52.69
C8 NAG RC . 100.50 -122.52 54.12
N2 NAG RC . 100.74 -120.76 52.48
O3 NAG RC . 103.18 -121.02 51.01
O4 NAG RC . 103.95 -118.70 49.48
O5 NAG RC . 100.31 -118.36 49.70
O6 NAG RC . 101.23 -118.15 47.12
O7 NAG RC . 100.87 -122.89 51.79
C1 NAG SC . 12.40 -92.72 6.43
C2 NAG SC . 11.19 -93.62 6.20
C3 NAG SC . 10.66 -94.14 7.53
C4 NAG SC . 11.78 -94.82 8.32
C5 NAG SC . 12.97 -93.87 8.46
C6 NAG SC . 14.16 -94.52 9.12
C7 NAG SC . 9.34 -93.50 4.58
C8 NAG SC . 8.32 -92.62 3.93
N2 NAG SC . 10.14 -92.92 5.47
O3 NAG SC . 9.61 -95.07 7.29
O4 NAG SC . 11.31 -95.19 9.61
O5 NAG SC . 13.40 -93.44 7.16
O6 NAG SC . 14.82 -93.62 10.01
O7 NAG SC . 9.45 -94.69 4.30
C1 NAG TC . -12.86 -104.08 42.53
C2 NAG TC . -13.26 -104.88 43.76
C3 NAG TC . -13.14 -106.37 43.48
C4 NAG TC . -13.93 -106.74 42.23
C5 NAG TC . -13.51 -105.86 41.06
C6 NAG TC . -14.34 -106.10 39.83
C7 NAG TC . -12.91 -103.79 45.93
C8 NAG TC . -11.93 -103.49 47.03
N2 NAG TC . -12.44 -104.51 44.91
O3 NAG TC . -13.61 -107.10 44.61
O4 NAG TC . -13.70 -108.11 41.91
O5 NAG TC . -13.66 -104.48 41.41
O6 NAG TC . -14.55 -107.49 39.58
O7 NAG TC . -14.08 -103.39 45.97
C1 NAG UC . -17.62 -74.27 31.15
C2 NAG UC . -17.98 -75.21 30.00
C3 NAG UC . -19.09 -74.62 29.15
C4 NAG UC . -20.28 -74.25 30.03
C5 NAG UC . -19.83 -73.34 31.17
C6 NAG UC . -20.94 -73.03 32.15
C7 NAG UC . -16.51 -76.73 28.74
C8 NAG UC . -15.26 -76.84 27.91
N2 NAG UC . -16.80 -75.51 29.19
O3 NAG UC . -19.49 -75.56 28.16
O4 NAG UC . -21.25 -73.57 29.25
O5 NAG UC . -18.79 -73.98 31.92
O6 NAG UC . -20.44 -72.53 33.37
O7 NAG UC . -17.20 -77.70 29.01
C1 NAG VC . 49.57 -128.42 21.10
C2 NAG VC . 49.09 -129.82 20.69
C3 NAG VC . 50.29 -130.70 20.32
C4 NAG VC . 51.13 -130.01 19.25
C5 NAG VC . 51.52 -128.60 19.71
C6 NAG VC . 52.26 -127.82 18.65
C7 NAG VC . 47.23 -131.18 21.54
C8 NAG VC . 46.56 -131.74 22.75
N2 NAG VC . 48.32 -130.44 21.76
O3 NAG VC . 49.82 -131.95 19.83
O4 NAG VC . 52.31 -130.77 19.01
O5 NAG VC . 50.34 -127.85 20.04
O6 NAG VC . 53.27 -127.00 19.24
O7 NAG VC . 46.80 -131.39 20.41
C1 NAG WC . 16.92 -126.37 42.18
C2 NAG WC . 17.20 -126.49 43.68
C3 NAG WC . 16.80 -127.88 44.17
C4 NAG WC . 15.36 -128.19 43.79
C5 NAG WC . 15.15 -127.99 42.29
C6 NAG WC . 13.71 -128.16 41.86
C7 NAG WC . 19.00 -125.52 45.03
C8 NAG WC . 20.49 -125.35 45.18
N2 NAG WC . 18.60 -126.23 43.98
O3 NAG WC . 16.96 -127.95 45.58
O4 NAG WC . 15.04 -129.53 44.14
O5 NAG WC . 15.55 -126.66 41.92
O6 NAG WC . 13.14 -126.91 41.49
O7 NAG WC . 18.21 -125.04 45.83
C1 NAG XC . 58.36 -150.85 55.88
C2 NAG XC . 57.31 -151.95 55.71
C3 NAG XC . 56.26 -151.52 54.68
C4 NAG XC . 55.68 -150.16 55.04
C5 NAG XC . 56.79 -149.14 55.26
C6 NAG XC . 56.28 -147.81 55.74
C7 NAG XC . 58.23 -154.17 56.18
C8 NAG XC . 58.87 -155.41 55.61
N2 NAG XC . 57.93 -153.20 55.31
O3 NAG XC . 55.24 -152.50 54.61
O4 NAG XC . 54.81 -149.72 54.01
O5 NAG XC . 57.71 -149.62 56.25
O6 NAG XC . 54.91 -147.62 55.41
O7 NAG XC . 57.99 -154.06 57.39
#